data_7D6E
#
_entry.id   7D6E
#
_cell.length_a   1.00
_cell.length_b   1.00
_cell.length_c   1.00
_cell.angle_alpha   90.00
_cell.angle_beta   90.00
_cell.angle_gamma   90.00
#
_symmetry.space_group_name_H-M   'P 1'
#
_entity_poly.entity_id   1
_entity_poly.type   'polypeptide(L)'
_entity_poly.pdbx_seq_one_letter_code
;GPLGSPEFMASGGGGCSASERLPPPFPGMDPESEGAAGGSEPEAGDSDTEGEDIFTGAAAATKPQSPKKTTSLFPIKNGS
KENGIHEDQDQEPQDLFADATVELSLDSTQNNQKTMPGKTLTSHPPQEATNSPKPQPSYEELEEEQEDQFDLTVGITDPE
KIGDGMNAYVAYKVTTQTSLPMFRSRQFAVKRRFSDFLGLYEKLSEKHSQNGFIVPPPPEKSLIGMTKVKVGKEDSSSAE
FLEKRRAALERYLQRIVNHPTMLQDPDVREFLEKEELPRAVGTQALSGAGLLKMFNKATDAVSKMTIKMNESDIWFEEKL
QEVECEEQRLRKLHAVVETLVNHRKELALNTALFAKSLAMLGSSEDNTALSRALSQLAEVEEKIEQLHQEQANNDFFLLA
ELLSDYIRLLAIVRAAFDQRMKTWQRWQDAQATLQKKRESEARLLWANKPDKLQQAKDEITEWESRVTQYERDFERISTV
VRKEVTRFEKEKSKDFKNHVMKYLETLLHSQQQLAKYWEAFLPEAKAIS
;
_entity_poly.pdbx_strand_id   A,B,C,D,E,F,G,H,I,J,K,L,M,N,O,P,Q,R
#
# COMPACT_ATOMS: atom_id res chain seq x y z
N PHE A 150 -117.66 32.89 131.38
CA PHE A 150 -117.71 31.46 131.07
C PHE A 150 -116.59 30.73 131.82
N ASP A 151 -116.79 29.43 132.04
CA ASP A 151 -115.90 28.58 132.83
C ASP A 151 -114.49 28.46 132.25
N LEU A 152 -114.32 28.66 130.96
CA LEU A 152 -113.02 28.60 130.30
C LEU A 152 -112.36 29.96 130.47
N THR A 153 -111.45 30.07 131.42
CA THR A 153 -110.67 31.28 131.66
C THR A 153 -109.19 30.94 131.50
N VAL A 154 -108.60 31.35 130.38
CA VAL A 154 -107.23 31.01 130.06
C VAL A 154 -106.44 32.29 129.79
N GLY A 155 -105.12 32.13 129.65
CA GLY A 155 -104.24 33.23 129.30
C GLY A 155 -103.00 32.74 128.59
N ILE A 156 -102.72 33.29 127.40
CA ILE A 156 -101.62 32.81 126.55
C ILE A 156 -100.68 33.98 126.32
N THR A 157 -99.44 33.86 126.80
CA THR A 157 -98.46 34.93 126.70
C THR A 157 -97.13 34.35 126.22
N ASP A 158 -96.11 35.23 126.20
CA ASP A 158 -94.69 34.97 126.01
C ASP A 158 -94.36 34.17 124.76
N PRO A 159 -94.37 34.80 123.58
CA PRO A 159 -93.92 34.10 122.37
C PRO A 159 -92.41 33.85 122.36
N GLU A 160 -92.00 32.78 123.04
CA GLU A 160 -90.58 32.47 123.26
C GLU A 160 -90.07 31.62 122.10
N LYS A 161 -89.03 32.09 121.43
CA LYS A 161 -88.46 31.42 120.27
C LYS A 161 -87.54 30.28 120.69
N ILE A 162 -87.32 29.35 119.76
CA ILE A 162 -86.59 28.12 120.06
C ILE A 162 -85.30 28.16 119.24
N GLY A 163 -84.78 29.37 119.02
CA GLY A 163 -83.53 29.57 118.33
C GLY A 163 -83.72 30.26 117.00
N ASP A 164 -82.82 29.97 116.07
CA ASP A 164 -82.79 30.61 114.77
C ASP A 164 -83.27 29.67 113.67
N GLY A 165 -83.97 30.24 112.71
CA GLY A 165 -84.51 29.51 111.57
C GLY A 165 -85.58 30.33 110.90
N MET A 166 -86.35 29.68 110.03
CA MET A 166 -87.49 30.30 109.36
C MET A 166 -88.69 29.39 109.51
N ASN A 167 -89.68 29.86 110.30
CA ASN A 167 -91.02 29.28 110.41
C ASN A 167 -90.99 27.85 110.98
N ALA A 168 -90.41 27.70 112.17
CA ALA A 168 -90.35 26.38 112.79
C ALA A 168 -91.12 26.27 114.09
N TYR A 169 -90.75 27.02 115.14
CA TYR A 169 -91.24 26.72 116.49
C TYR A 169 -91.10 27.96 117.38
N VAL A 170 -92.18 28.30 118.08
CA VAL A 170 -92.19 29.34 119.10
C VAL A 170 -92.99 28.83 120.29
N ALA A 171 -92.40 28.89 121.48
CA ALA A 171 -93.06 28.42 122.69
C ALA A 171 -94.11 29.43 123.17
N TYR A 172 -95.15 28.92 123.81
CA TYR A 172 -96.28 29.71 124.29
C TYR A 172 -96.46 29.49 125.79
N LYS A 173 -96.35 30.56 126.57
CA LYS A 173 -96.75 30.50 127.97
C LYS A 173 -98.26 30.56 128.05
N VAL A 174 -98.90 29.43 128.35
CA VAL A 174 -100.34 29.31 128.36
C VAL A 174 -100.77 29.03 129.80
N THR A 175 -101.40 30.02 130.43
CA THR A 175 -101.92 29.85 131.78
C THR A 175 -103.42 29.63 131.73
N THR A 176 -103.86 28.52 132.33
CA THR A 176 -105.26 28.09 132.26
C THR A 176 -105.83 28.06 133.68
N GLN A 177 -106.89 28.84 133.90
CA GLN A 177 -107.57 28.94 135.19
C GLN A 177 -109.01 28.44 135.09
N THR A 178 -109.20 27.31 134.43
CA THR A 178 -110.52 26.88 134.00
C THR A 178 -111.32 26.30 135.17
N SER A 179 -112.63 26.53 135.16
CA SER A 179 -113.59 25.87 136.03
C SER A 179 -113.92 24.48 135.49
N LEU A 180 -115.05 23.90 135.96
CA LEU A 180 -115.59 22.62 135.50
C LEU A 180 -114.62 21.47 135.77
N PRO A 181 -114.66 20.88 136.98
CA PRO A 181 -113.50 20.16 137.57
C PRO A 181 -112.92 18.96 136.81
N MET A 182 -113.40 18.69 135.60
CA MET A 182 -112.61 17.89 134.66
C MET A 182 -111.26 18.54 134.38
N PHE A 183 -111.19 19.88 134.36
CA PHE A 183 -109.92 20.55 134.54
C PHE A 183 -109.48 20.38 136.00
N ARG A 184 -108.19 20.06 136.19
CA ARG A 184 -107.77 19.36 137.40
C ARG A 184 -107.84 20.23 138.65
N SER A 185 -107.06 21.31 138.69
CA SER A 185 -106.82 21.98 139.98
C SER A 185 -106.88 23.50 139.91
N ARG A 186 -107.61 24.07 138.95
CA ARG A 186 -107.94 25.50 138.84
C ARG A 186 -106.75 26.43 138.61
N GLN A 187 -105.53 25.88 138.56
CA GLN A 187 -104.33 26.69 138.44
C GLN A 187 -103.29 25.84 137.71
N PHE A 188 -103.29 25.94 136.37
CA PHE A 188 -102.28 25.36 135.53
C PHE A 188 -101.67 26.45 134.65
N ALA A 189 -100.41 26.23 134.29
CA ALA A 189 -99.65 27.15 133.44
C ALA A 189 -98.75 26.30 132.54
N VAL A 190 -99.24 25.97 131.35
CA VAL A 190 -98.54 25.05 130.47
C VAL A 190 -97.72 25.83 129.46
N LYS A 191 -96.55 25.29 129.12
CA LYS A 191 -95.71 25.81 128.07
C LYS A 191 -95.83 24.87 126.87
N ARG A 192 -96.49 25.35 125.81
CA ARG A 192 -96.81 24.51 124.67
C ARG A 192 -96.21 25.10 123.41
N ARG A 193 -95.50 24.27 122.65
CA ARG A 193 -94.95 24.66 121.36
C ARG A 193 -95.86 24.16 120.24
N PHE A 194 -96.22 25.04 119.32
CA PHE A 194 -97.05 24.65 118.20
C PHE A 194 -96.20 23.96 117.14
N SER A 195 -96.86 23.59 116.03
CA SER A 195 -96.36 22.69 114.98
C SER A 195 -95.96 21.33 115.53
N ASP A 196 -96.53 20.94 116.66
CA ASP A 196 -96.33 19.64 117.27
C ASP A 196 -97.65 18.97 117.61
N PHE A 197 -98.61 19.73 118.12
CA PHE A 197 -99.94 19.20 118.39
C PHE A 197 -100.92 19.43 117.25
N LEU A 198 -100.48 19.98 116.12
CA LEU A 198 -101.31 19.86 114.94
C LEU A 198 -101.19 18.46 114.36
N GLY A 199 -100.09 17.76 114.62
CA GLY A 199 -100.05 16.33 114.35
C GLY A 199 -100.99 15.56 115.26
N LEU A 200 -101.12 16.02 116.51
CA LEU A 200 -102.15 15.48 117.40
C LEU A 200 -103.54 15.79 116.87
N TYR A 201 -103.72 16.98 116.28
CA TYR A 201 -104.97 17.33 115.64
C TYR A 201 -105.24 16.47 114.41
N GLU A 202 -104.20 16.04 113.71
CA GLU A 202 -104.42 15.14 112.59
C GLU A 202 -104.67 13.72 113.04
N LYS A 203 -104.14 13.33 114.21
CA LYS A 203 -104.57 12.09 114.83
C LYS A 203 -106.04 12.17 115.23
N LEU A 204 -106.46 13.33 115.72
CA LEU A 204 -107.88 13.60 115.96
C LEU A 204 -108.68 13.56 114.66
N SER A 205 -108.08 14.01 113.56
CA SER A 205 -108.75 14.03 112.27
C SER A 205 -109.02 12.62 111.77
N GLU A 206 -107.99 11.77 111.79
CA GLU A 206 -108.19 10.38 111.39
C GLU A 206 -109.06 9.63 112.40
N LYS A 207 -109.01 10.04 113.68
CA LYS A 207 -109.85 9.42 114.71
C LYS A 207 -111.32 9.67 114.43
N HIS A 208 -111.71 10.94 114.22
CA HIS A 208 -113.11 11.18 113.90
C HIS A 208 -113.45 10.78 112.47
N SER A 209 -112.45 10.49 111.63
CA SER A 209 -112.77 9.82 110.38
C SER A 209 -113.24 8.40 110.65
N GLN A 210 -112.58 7.68 111.56
CA GLN A 210 -113.00 6.30 111.80
C GLN A 210 -114.22 6.20 112.72
N ASN A 211 -114.49 7.22 113.56
CA ASN A 211 -115.61 7.03 114.48
C ASN A 211 -116.63 8.17 114.47
N GLY A 212 -116.50 9.15 113.58
CA GLY A 212 -117.53 10.16 113.43
C GLY A 212 -117.64 11.15 114.58
N PHE A 213 -116.52 11.56 115.15
CA PHE A 213 -116.54 12.53 116.24
C PHE A 213 -116.42 13.94 115.66
N ILE A 214 -116.16 14.91 116.54
CA ILE A 214 -116.16 16.33 116.18
C ILE A 214 -114.90 16.99 116.73
N VAL A 215 -114.13 17.61 115.83
CA VAL A 215 -112.87 18.30 116.22
C VAL A 215 -113.15 19.81 116.26
N PRO A 216 -112.34 20.62 116.96
CA PRO A 216 -112.52 22.07 117.01
C PRO A 216 -111.68 22.84 115.96
N PRO A 217 -111.84 24.17 115.80
CA PRO A 217 -111.00 24.99 114.90
C PRO A 217 -109.49 24.69 114.89
N PRO A 218 -108.74 25.05 113.82
CA PRO A 218 -107.34 24.65 113.71
C PRO A 218 -106.34 25.19 114.75
N PRO A 219 -105.40 24.36 115.25
CA PRO A 219 -104.34 24.85 116.12
C PRO A 219 -103.25 25.23 115.10
N GLU A 220 -103.50 26.24 114.26
CA GLU A 220 -102.57 26.61 113.14
C GLU A 220 -101.10 26.42 113.47
N LYS A 221 -100.37 25.75 112.57
CA LYS A 221 -98.93 25.45 112.81
C LYS A 221 -98.05 26.50 112.11
N SER A 222 -96.77 26.17 111.91
CA SER A 222 -95.82 27.11 111.25
C SER A 222 -95.46 26.58 109.86
N LEU A 223 -94.21 26.76 109.43
CA LEU A 223 -93.82 26.45 108.04
C LEU A 223 -94.84 27.06 107.09
N ILE A 224 -95.22 28.30 107.40
CA ILE A 224 -96.22 29.03 106.63
C ILE A 224 -95.71 30.36 106.10
N GLY A 225 -94.63 30.90 106.63
CA GLY A 225 -94.19 32.22 106.22
C GLY A 225 -93.54 32.22 104.85
N MET A 226 -92.76 31.19 104.56
CA MET A 226 -92.08 31.07 103.28
C MET A 226 -92.57 29.90 102.45
N THR A 227 -93.45 29.06 103.00
CA THR A 227 -94.01 27.93 102.29
C THR A 227 -95.53 27.92 102.44
N LYS A 228 -96.21 27.38 101.41
CA LYS A 228 -97.61 26.93 101.42
C LYS A 228 -98.63 28.07 101.47
N VAL A 229 -98.16 29.31 101.68
CA VAL A 229 -99.00 30.48 101.76
C VAL A 229 -98.52 31.47 100.70
N LYS A 230 -99.46 32.20 100.09
CA LYS A 230 -99.18 33.03 98.93
C LYS A 230 -99.47 34.52 99.10
N VAL A 231 -98.91 35.22 100.09
CA VAL A 231 -97.73 34.87 100.91
C VAL A 231 -97.96 35.28 102.36
N GLY A 232 -96.95 35.08 103.20
CA GLY A 232 -96.99 35.52 104.59
C GLY A 232 -95.78 36.31 105.03
N LYS A 233 -95.97 37.30 105.90
CA LYS A 233 -94.89 38.19 106.35
C LYS A 233 -94.64 37.99 107.84
N GLU A 234 -93.37 38.01 108.22
CA GLU A 234 -92.97 37.66 109.59
C GLU A 234 -92.89 38.85 110.52
N ASP A 235 -92.61 40.05 110.03
CA ASP A 235 -92.62 41.22 110.90
C ASP A 235 -94.04 41.55 111.34
N SER A 236 -95.02 41.34 110.48
CA SER A 236 -96.42 41.36 110.88
C SER A 236 -96.80 40.12 111.68
N SER A 237 -96.03 39.04 111.59
CA SER A 237 -96.35 37.85 112.36
C SER A 237 -95.85 37.93 113.79
N SER A 238 -94.73 38.65 114.00
CA SER A 238 -93.83 38.61 115.15
C SER A 238 -94.50 38.57 116.52
N ALA A 239 -95.65 39.23 116.65
CA ALA A 239 -96.53 38.98 117.78
C ALA A 239 -97.95 38.80 117.28
N GLU A 240 -98.26 39.39 116.13
CA GLU A 240 -99.65 39.58 115.77
C GLU A 240 -100.25 38.33 115.13
N PHE A 241 -99.51 37.64 114.26
CA PHE A 241 -100.06 36.37 113.77
C PHE A 241 -100.00 35.32 114.84
N LEU A 242 -99.14 35.49 115.83
CA LEU A 242 -99.18 34.65 117.02
C LEU A 242 -100.45 34.93 117.83
N GLU A 243 -100.90 36.18 117.83
CA GLU A 243 -102.23 36.48 118.38
C GLU A 243 -103.34 35.89 117.53
N LYS A 244 -103.11 35.76 116.23
CA LYS A 244 -104.10 35.06 115.39
C LYS A 244 -104.11 33.57 115.69
N ARG A 245 -102.94 33.00 116.02
CA ARG A 245 -102.88 31.64 116.55
C ARG A 245 -103.65 31.54 117.86
N ARG A 246 -103.54 32.58 118.70
CA ARG A 246 -104.28 32.62 119.95
C ARG A 246 -105.79 32.70 119.72
N ALA A 247 -106.20 33.38 118.64
CA ALA A 247 -107.62 33.47 118.32
C ALA A 247 -108.15 32.13 117.82
N ALA A 248 -107.39 31.47 116.92
CA ALA A 248 -107.77 30.14 116.47
C ALA A 248 -107.74 29.13 117.61
N LEU A 249 -106.82 29.30 118.55
CA LEU A 249 -106.76 28.45 119.73
C LEU A 249 -107.88 28.74 120.71
N GLU A 250 -108.36 29.98 120.77
CA GLU A 250 -109.51 30.26 121.61
C GLU A 250 -110.77 29.64 121.04
N ARG A 251 -110.90 29.67 119.71
CA ARG A 251 -112.02 28.97 119.08
C ARG A 251 -111.89 27.46 119.21
N TYR A 252 -110.64 26.97 119.17
CA TYR A 252 -110.32 25.58 119.50
C TYR A 252 -110.82 25.22 120.89
N LEU A 253 -110.54 26.07 121.88
CA LEU A 253 -110.95 25.81 123.25
C LEU A 253 -112.46 25.84 123.40
N GLN A 254 -113.12 26.82 122.77
CA GLN A 254 -114.56 26.93 122.91
C GLN A 254 -115.28 25.75 122.26
N ARG A 255 -114.85 25.34 121.07
CA ARG A 255 -115.54 24.23 120.45
C ARG A 255 -115.08 22.87 120.96
N ILE A 256 -113.92 22.79 121.62
CA ILE A 256 -113.59 21.53 122.29
C ILE A 256 -114.38 21.44 123.60
N VAL A 257 -114.92 22.57 124.06
CA VAL A 257 -115.84 22.50 125.23
C VAL A 257 -117.23 22.17 124.65
N ASN A 258 -117.47 22.56 123.39
CA ASN A 258 -118.81 22.37 122.76
C ASN A 258 -119.15 20.88 122.58
N HIS A 259 -118.17 20.00 122.43
CA HIS A 259 -118.48 18.54 122.42
C HIS A 259 -118.09 18.05 123.83
N PRO A 260 -118.91 18.12 124.91
CA PRO A 260 -118.41 17.81 126.27
C PRO A 260 -118.21 16.33 126.54
N THR A 261 -119.03 15.48 125.91
CA THR A 261 -118.79 14.04 126.01
C THR A 261 -117.56 13.64 125.23
N MET A 262 -117.37 14.24 124.05
CA MET A 262 -116.16 14.03 123.27
C MET A 262 -114.98 14.81 123.82
N LEU A 263 -115.25 15.87 124.60
CA LEU A 263 -114.21 16.45 125.44
C LEU A 263 -113.74 15.48 126.51
N GLN A 264 -114.60 14.57 126.95
CA GLN A 264 -114.20 13.51 127.87
C GLN A 264 -113.64 12.31 127.13
N ASP A 265 -112.72 12.60 126.20
CA ASP A 265 -111.69 11.67 125.74
C ASP A 265 -110.45 12.18 126.44
N PRO A 266 -110.19 11.72 127.68
CA PRO A 266 -109.28 12.47 128.58
C PRO A 266 -107.82 12.40 128.20
N ASP A 267 -107.44 11.52 127.28
CA ASP A 267 -106.05 11.41 126.86
C ASP A 267 -105.56 12.69 126.20
N VAL A 268 -106.35 13.22 125.26
CA VAL A 268 -105.94 14.45 124.57
C VAL A 268 -106.14 15.69 125.44
N ARG A 269 -107.06 15.64 126.40
CA ARG A 269 -107.19 16.74 127.36
C ARG A 269 -105.97 16.81 128.27
N GLU A 270 -105.50 15.66 128.75
CA GLU A 270 -104.26 15.64 129.51
C GLU A 270 -103.06 15.93 128.63
N PHE A 271 -103.15 15.65 127.33
CA PHE A 271 -102.09 16.06 126.41
C PHE A 271 -102.00 17.57 126.31
N LEU A 272 -103.15 18.23 126.28
CA LEU A 272 -103.17 19.68 126.21
C LEU A 272 -102.75 20.34 127.52
N GLU A 273 -103.21 19.82 128.66
CA GLU A 273 -102.95 20.48 129.93
C GLU A 273 -101.69 19.98 130.63
N LYS A 274 -100.84 19.23 129.94
CA LYS A 274 -99.54 18.85 130.48
C LYS A 274 -98.46 19.17 129.43
N GLU A 275 -97.21 18.87 129.80
CA GLU A 275 -96.05 19.19 128.99
C GLU A 275 -95.23 17.92 128.80
N GLU A 276 -95.32 17.35 127.60
CA GLU A 276 -94.56 16.16 127.24
C GLU A 276 -94.01 16.29 125.83
N LEU A 277 -93.81 17.55 125.39
CA LEU A 277 -93.68 18.10 124.04
C LEU A 277 -92.84 17.25 123.10
N PRO A 278 -93.31 17.02 121.88
CA PRO A 278 -92.53 16.23 120.92
C PRO A 278 -91.32 17.00 120.40
N ARG A 279 -90.46 16.28 119.69
CA ARG A 279 -89.22 16.83 119.15
C ARG A 279 -89.51 17.59 117.86
N ALA A 280 -88.46 18.08 117.20
CA ALA A 280 -88.56 19.03 116.11
C ALA A 280 -88.62 18.38 114.73
N VAL A 281 -89.20 17.18 114.61
CA VAL A 281 -89.25 16.47 113.34
C VAL A 281 -90.56 16.74 112.62
N GLY A 282 -91.27 17.79 113.02
CA GLY A 282 -92.61 18.05 112.50
C GLY A 282 -92.71 18.71 111.15
N THR A 283 -91.68 18.62 110.31
CA THR A 283 -91.68 19.16 108.95
C THR A 283 -91.37 18.02 107.98
N GLN A 284 -92.41 17.36 107.48
CA GLN A 284 -92.24 16.29 106.52
C GLN A 284 -93.48 16.23 105.64
N ALA A 285 -93.45 15.32 104.65
CA ALA A 285 -94.58 15.13 103.73
C ALA A 285 -94.83 13.63 103.60
N LEU A 286 -95.96 13.18 104.14
CA LEU A 286 -96.40 11.79 104.05
C LEU A 286 -97.90 11.69 103.78
N SER A 287 -98.38 12.50 102.83
CA SER A 287 -99.81 12.64 102.56
C SER A 287 -100.33 11.60 101.58
N GLY A 288 -99.69 10.43 101.55
CA GLY A 288 -100.09 9.33 100.69
C GLY A 288 -101.51 8.82 100.92
N ALA A 289 -102.07 9.07 102.10
CA ALA A 289 -103.50 8.84 102.30
C ALA A 289 -104.33 9.73 101.39
N GLY A 290 -104.00 11.02 101.32
CA GLY A 290 -104.65 11.90 100.37
C GLY A 290 -104.36 11.54 98.92
N LEU A 291 -103.19 10.96 98.66
CA LEU A 291 -102.91 10.40 97.34
C LEU A 291 -103.86 9.25 97.00
N LEU A 292 -104.10 8.34 97.95
CA LEU A 292 -105.07 7.26 97.71
C LEU A 292 -106.50 7.80 97.60
N LYS A 293 -106.81 8.91 98.25
CA LYS A 293 -108.10 9.56 98.01
C LYS A 293 -108.20 10.06 96.59
N MET A 294 -107.12 10.66 96.07
CA MET A 294 -107.08 11.08 94.67
C MET A 294 -107.16 9.90 93.71
N PHE A 295 -106.62 8.73 94.11
CA PHE A 295 -106.82 7.53 93.31
C PHE A 295 -108.27 7.06 93.31
N ASN A 296 -108.92 7.08 94.48
CA ASN A 296 -110.28 6.57 94.58
C ASN A 296 -111.32 7.56 94.07
N LYS A 297 -110.90 8.79 93.75
CA LYS A 297 -111.79 9.78 93.14
C LYS A 297 -112.37 9.30 91.81
N ALA A 298 -111.65 8.44 91.08
CA ALA A 298 -112.17 7.89 89.84
C ALA A 298 -113.35 6.94 90.10
N THR A 299 -113.28 6.16 91.18
CA THR A 299 -114.42 5.33 91.56
C THR A 299 -115.56 6.17 92.11
N ASP A 300 -115.22 7.29 92.78
CA ASP A 300 -116.24 8.22 93.25
C ASP A 300 -117.04 8.81 92.09
N ALA A 301 -116.33 9.16 91.00
CA ALA A 301 -116.95 9.80 89.85
C ALA A 301 -117.88 8.87 89.08
N VAL A 302 -117.75 7.56 89.24
CA VAL A 302 -118.68 6.62 88.60
C VAL A 302 -119.70 6.06 89.57
N SER A 303 -119.49 6.20 90.88
CA SER A 303 -120.49 5.71 91.84
C SER A 303 -121.41 6.79 92.37
N LYS A 304 -121.12 8.07 92.09
CA LYS A 304 -121.84 9.19 92.72
C LYS A 304 -123.35 9.20 92.43
N MET A 305 -123.79 8.63 91.31
CA MET A 305 -125.22 8.54 91.03
C MET A 305 -125.92 7.56 91.98
N THR A 306 -125.32 6.38 92.17
CA THR A 306 -125.81 5.41 93.13
C THR A 306 -125.72 5.91 94.56
N ILE A 307 -124.82 6.86 94.82
CA ILE A 307 -124.94 7.62 96.07
C ILE A 307 -126.18 8.51 96.03
N LYS A 308 -126.41 9.22 94.93
CA LYS A 308 -127.49 10.21 94.84
C LYS A 308 -128.88 9.61 94.84
N MET A 309 -129.04 8.29 94.79
CA MET A 309 -130.39 7.73 94.85
C MET A 309 -131.01 7.72 96.25
N ASN A 310 -130.30 8.21 97.27
CA ASN A 310 -130.76 8.15 98.65
C ASN A 310 -131.77 9.26 98.96
N GLU A 311 -132.03 9.49 100.25
CA GLU A 311 -133.00 10.47 100.73
C GLU A 311 -132.40 11.51 101.66
N SER A 312 -131.36 11.18 102.43
CA SER A 312 -130.75 12.16 103.32
C SER A 312 -130.01 13.23 102.52
N ASP A 313 -129.39 12.84 101.40
CA ASP A 313 -128.76 13.83 100.54
C ASP A 313 -129.78 14.68 99.81
N ILE A 314 -131.03 14.22 99.72
CA ILE A 314 -132.11 15.08 99.24
C ILE A 314 -132.40 16.16 100.27
N TRP A 315 -132.15 15.88 101.55
CA TRP A 315 -132.17 16.92 102.55
C TRP A 315 -130.89 17.76 102.53
N PHE A 316 -129.80 17.21 101.99
CA PHE A 316 -128.49 17.83 102.18
C PHE A 316 -128.00 18.66 101.00
N GLU A 317 -128.36 18.33 99.77
CA GLU A 317 -127.64 18.87 98.61
C GLU A 317 -127.99 20.33 98.34
N GLU A 318 -129.10 20.82 98.91
CA GLU A 318 -129.41 22.24 98.88
C GLU A 318 -128.32 23.03 99.59
N LYS A 319 -127.86 22.50 100.72
CA LYS A 319 -126.74 23.11 101.42
C LYS A 319 -125.46 23.01 100.61
N LEU A 320 -125.32 21.97 99.79
CA LEU A 320 -124.13 21.81 98.96
C LEU A 320 -124.04 22.89 97.89
N GLN A 321 -125.12 23.06 97.12
CA GLN A 321 -125.12 24.09 96.08
C GLN A 321 -125.11 25.49 96.68
N GLU A 322 -125.80 25.66 97.81
CA GLU A 322 -125.81 26.94 98.52
C GLU A 322 -124.42 27.30 99.02
N VAL A 323 -123.71 26.34 99.61
CA VAL A 323 -122.38 26.64 100.11
C VAL A 323 -121.39 26.74 98.96
N GLU A 324 -121.71 26.19 97.79
CA GLU A 324 -120.87 26.41 96.62
C GLU A 324 -120.93 27.86 96.15
N CYS A 325 -122.15 28.40 96.02
CA CYS A 325 -122.22 29.81 95.62
C CYS A 325 -121.72 30.73 96.73
N GLU A 326 -121.90 30.32 97.99
CA GLU A 326 -121.34 31.09 99.11
C GLU A 326 -119.82 31.08 99.09
N GLU A 327 -119.19 29.93 98.83
CA GLU A 327 -117.73 29.89 98.86
C GLU A 327 -117.15 30.63 97.68
N GLN A 328 -117.83 30.61 96.52
CA GLN A 328 -117.39 31.41 95.38
C GLN A 328 -117.42 32.90 95.70
N ARG A 329 -118.54 33.36 96.27
CA ARG A 329 -118.69 34.82 96.54
C ARG A 329 -117.88 35.24 97.77
N LEU A 330 -117.50 34.31 98.66
CA LEU A 330 -116.64 34.74 99.79
C LEU A 330 -115.16 34.68 99.40
N ARG A 331 -114.78 33.82 98.46
CA ARG A 331 -113.36 33.81 98.00
C ARG A 331 -113.14 35.06 97.14
N LYS A 332 -114.17 35.52 96.42
CA LYS A 332 -114.05 36.76 95.67
C LYS A 332 -114.02 37.97 96.59
N LEU A 333 -114.90 38.01 97.59
CA LEU A 333 -114.88 39.09 98.57
C LEU A 333 -113.59 39.09 99.40
N HIS A 334 -112.97 37.80 99.78
CA HIS A 334 -111.64 37.65 100.40
C HIS A 334 -110.57 38.36 99.58
N ALA A 335 -110.58 38.12 98.26
CA ALA A 335 -109.58 38.71 97.37
C ALA A 335 -109.72 40.23 97.32
N VAL A 336 -110.95 40.75 97.24
CA VAL A 336 -111.12 42.20 97.15
C VAL A 336 -110.86 42.88 98.51
N VAL A 337 -111.14 42.18 99.62
CA VAL A 337 -110.79 42.67 100.96
C VAL A 337 -109.27 42.78 101.12
N GLU A 338 -108.54 41.76 100.69
CA GLU A 338 -107.08 41.84 100.78
C GLU A 338 -106.51 42.84 99.77
N THR A 339 -107.24 43.09 98.68
CA THR A 339 -106.87 44.18 97.79
C THR A 339 -107.00 45.54 98.49
N LEU A 340 -108.03 45.71 99.32
CA LEU A 340 -108.11 46.92 100.13
C LEU A 340 -107.01 46.97 101.20
N VAL A 341 -106.62 45.81 101.72
CA VAL A 341 -105.55 45.76 102.73
C VAL A 341 -104.23 46.19 102.11
N ASN A 342 -103.97 45.78 100.86
CA ASN A 342 -102.83 46.31 100.10
C ASN A 342 -103.01 47.82 99.83
N HIS A 343 -104.35 48.29 99.36
CA HIS A 343 -104.71 49.66 98.97
C HIS A 343 -104.40 50.68 100.06
N ARG A 344 -104.73 50.34 101.31
CA ARG A 344 -104.62 51.29 102.41
C ARG A 344 -103.18 51.67 102.70
N LYS A 345 -102.22 50.81 102.32
CA LYS A 345 -100.82 51.09 102.63
C LYS A 345 -100.29 52.26 101.82
N GLU A 346 -100.54 52.25 100.51
CA GLU A 346 -100.18 53.42 99.73
C GLU A 346 -101.13 54.59 99.97
N LEU A 347 -102.35 54.33 100.46
CA LEU A 347 -103.19 55.42 100.98
C LEU A 347 -102.48 56.15 102.12
N ALA A 348 -101.99 55.38 103.09
CA ALA A 348 -101.37 55.94 104.28
C ALA A 348 -100.04 56.61 103.96
N LEU A 349 -99.25 56.00 103.07
CA LEU A 349 -98.00 56.62 102.64
C LEU A 349 -98.26 57.89 101.83
N ASN A 350 -99.32 57.90 101.01
CA ASN A 350 -99.67 59.07 100.22
C ASN A 350 -100.10 60.24 101.10
N THR A 351 -100.96 59.98 102.08
CA THR A 351 -101.39 61.06 102.98
C THR A 351 -100.32 61.45 103.99
N ALA A 352 -99.43 60.53 104.38
CA ALA A 352 -98.30 60.88 105.23
C ALA A 352 -97.31 61.77 104.48
N LEU A 353 -97.03 61.47 103.21
CA LEU A 353 -96.20 62.34 102.41
C LEU A 353 -96.90 63.64 102.07
N PHE A 354 -98.24 63.66 102.08
CA PHE A 354 -98.97 64.93 102.02
C PHE A 354 -98.71 65.79 103.23
N ALA A 355 -98.74 65.20 104.43
CA ALA A 355 -98.44 65.97 105.64
C ALA A 355 -96.98 66.42 105.66
N LYS A 356 -96.08 65.57 105.17
CA LYS A 356 -94.69 65.97 105.01
C LYS A 356 -94.51 67.09 104.00
N SER A 357 -95.29 67.08 102.93
CA SER A 357 -95.21 68.16 101.94
C SER A 357 -95.87 69.43 102.44
N LEU A 358 -96.85 69.30 103.33
CA LEU A 358 -97.35 70.46 104.08
C LEU A 358 -96.23 71.07 104.89
N ALA A 359 -95.48 70.23 105.61
CA ALA A 359 -94.34 70.70 106.39
C ALA A 359 -93.24 71.29 105.50
N MET A 360 -93.11 70.77 104.29
CA MET A 360 -92.14 71.32 103.34
C MET A 360 -92.58 72.70 102.86
N LEU A 361 -93.75 72.77 102.22
CA LEU A 361 -94.18 73.99 101.55
C LEU A 361 -94.68 75.05 102.54
N GLY A 362 -94.80 74.72 103.82
CA GLY A 362 -95.03 75.73 104.82
C GLY A 362 -93.80 76.47 105.25
N SER A 363 -92.65 76.16 104.65
CA SER A 363 -91.45 76.96 104.85
C SER A 363 -91.46 78.15 103.90
N SER A 364 -90.48 79.04 104.09
CA SER A 364 -90.24 80.23 103.26
C SER A 364 -91.45 81.16 103.22
N GLU A 365 -92.15 81.26 104.36
CA GLU A 365 -93.34 82.09 104.46
C GLU A 365 -93.52 82.51 105.91
N ASP A 366 -94.08 83.71 106.09
CA ASP A 366 -94.43 84.21 107.42
C ASP A 366 -95.93 84.52 107.40
N ASN A 367 -96.73 83.50 107.59
CA ASN A 367 -98.18 83.60 107.81
C ASN A 367 -98.56 82.68 108.95
N THR A 368 -97.87 82.82 110.08
CA THR A 368 -97.68 81.84 111.16
C THR A 368 -98.92 81.07 111.63
N ALA A 369 -100.12 81.61 111.38
CA ALA A 369 -101.33 80.81 111.42
C ALA A 369 -101.23 79.61 110.49
N LEU A 370 -100.60 79.77 109.32
CA LEU A 370 -100.35 78.63 108.45
C LEU A 370 -99.37 77.65 109.08
N SER A 371 -98.42 78.13 109.89
CA SER A 371 -97.48 77.24 110.56
C SER A 371 -98.18 76.41 111.64
N ARG A 372 -99.07 77.04 112.41
CA ARG A 372 -99.90 76.30 113.37
C ARG A 372 -100.85 75.34 112.65
N ALA A 373 -101.32 75.72 111.45
CA ALA A 373 -102.17 74.84 110.66
C ALA A 373 -101.41 73.60 110.21
N LEU A 374 -100.15 73.76 109.79
CA LEU A 374 -99.25 72.65 109.54
C LEU A 374 -99.11 71.74 110.76
N SER A 375 -98.76 72.35 111.90
CA SER A 375 -98.46 71.58 113.11
C SER A 375 -99.68 70.86 113.68
N GLN A 376 -100.88 71.32 113.36
CA GLN A 376 -102.11 70.64 113.77
C GLN A 376 -102.61 69.64 112.73
N LEU A 377 -102.52 69.99 111.44
CA LEU A 377 -102.98 69.14 110.36
C LEU A 377 -102.14 67.88 110.17
N ALA A 378 -100.81 67.97 110.33
CA ALA A 378 -99.98 66.79 110.18
C ALA A 378 -100.32 65.74 111.21
N GLU A 379 -100.49 66.15 112.47
CA GLU A 379 -100.79 65.18 113.51
C GLU A 379 -102.23 64.67 113.45
N VAL A 380 -103.21 65.49 113.03
CA VAL A 380 -104.55 64.90 112.92
C VAL A 380 -104.66 64.00 111.68
N GLU A 381 -103.89 64.29 110.63
CA GLU A 381 -103.78 63.35 109.52
C GLU A 381 -103.18 62.04 109.99
N GLU A 382 -102.18 62.10 110.87
CA GLU A 382 -101.60 60.85 111.37
C GLU A 382 -102.57 60.11 112.29
N LYS A 383 -103.44 60.83 112.99
CA LYS A 383 -104.51 60.18 113.77
C LYS A 383 -105.47 59.42 112.86
N ILE A 384 -105.93 60.06 111.78
CA ILE A 384 -106.80 59.40 110.81
C ILE A 384 -106.08 58.24 110.15
N GLU A 385 -104.77 58.41 109.91
CA GLU A 385 -103.93 57.40 109.29
C GLU A 385 -103.88 56.13 110.15
N GLN A 386 -103.49 56.28 111.42
CA GLN A 386 -103.42 55.12 112.30
C GLN A 386 -104.79 54.53 112.58
N LEU A 387 -105.84 55.35 112.59
CA LEU A 387 -107.19 54.87 112.86
C LEU A 387 -107.66 53.91 111.76
N HIS A 388 -107.72 54.40 110.52
CA HIS A 388 -108.19 53.52 109.46
C HIS A 388 -107.15 52.46 109.12
N GLN A 389 -105.89 52.68 109.49
CA GLN A 389 -104.87 51.65 109.31
C GLN A 389 -105.10 50.46 110.23
N GLU A 390 -105.36 50.72 111.52
CA GLU A 390 -105.56 49.61 112.44
C GLU A 390 -106.87 48.89 112.15
N GLN A 391 -107.92 49.63 111.76
CA GLN A 391 -109.16 48.96 111.34
C GLN A 391 -108.91 48.10 110.10
N ALA A 392 -108.37 48.75 109.04
CA ALA A 392 -108.15 48.21 107.71
C ALA A 392 -107.25 46.98 107.70
N ASN A 393 -106.27 46.89 108.61
CA ASN A 393 -105.65 45.57 108.67
C ASN A 393 -106.48 44.65 109.55
N ASN A 394 -106.58 44.93 110.87
CA ASN A 394 -106.77 43.85 111.83
C ASN A 394 -108.10 43.14 111.64
N ASP A 395 -109.17 43.91 111.38
CA ASP A 395 -110.44 43.20 111.31
C ASP A 395 -110.64 42.54 109.96
N PHE A 396 -110.09 43.14 108.91
CA PHE A 396 -110.22 42.59 107.57
C PHE A 396 -109.48 41.27 107.45
N PHE A 397 -108.24 41.23 107.93
CA PHE A 397 -107.44 39.97 107.78
C PHE A 397 -107.91 38.93 108.81
N LEU A 398 -108.59 39.37 109.87
CA LEU A 398 -109.13 38.39 110.85
C LEU A 398 -110.39 37.77 110.25
N LEU A 399 -111.26 38.59 109.67
CA LEU A 399 -112.46 38.05 108.99
C LEU A 399 -112.00 37.17 107.83
N ALA A 400 -110.82 37.48 107.26
CA ALA A 400 -110.27 36.67 106.19
C ALA A 400 -109.79 35.31 106.69
N GLU A 401 -109.11 35.28 107.84
CA GLU A 401 -108.74 34.02 108.48
C GLU A 401 -109.97 33.23 108.91
N LEU A 402 -111.01 33.94 109.35
CA LEU A 402 -112.27 33.32 109.74
C LEU A 402 -112.91 32.58 108.57
N LEU A 403 -113.04 33.26 107.43
CA LEU A 403 -113.58 32.58 106.25
C LEU A 403 -112.61 31.53 105.72
N SER A 404 -111.30 31.69 105.95
CA SER A 404 -110.32 30.74 105.41
C SER A 404 -110.39 29.40 106.14
N ASP A 405 -110.31 29.42 107.47
CA ASP A 405 -110.48 28.13 108.15
C ASP A 405 -111.93 27.68 108.19
N TYR A 406 -112.88 28.57 107.88
CA TYR A 406 -114.24 28.12 107.58
C TYR A 406 -114.27 27.29 106.30
N ILE A 407 -113.55 27.73 105.27
CA ILE A 407 -113.40 26.95 104.04
C ILE A 407 -112.67 25.63 104.33
N ARG A 408 -111.72 25.66 105.26
CA ARG A 408 -111.05 24.43 105.69
C ARG A 408 -112.05 23.47 106.33
N LEU A 409 -112.94 24.00 107.17
CA LEU A 409 -113.99 23.20 107.78
C LEU A 409 -114.95 22.65 106.73
N LEU A 410 -115.23 23.45 105.69
CA LEU A 410 -116.07 22.97 104.60
C LEU A 410 -115.40 21.84 103.84
N ALA A 411 -114.09 21.95 103.61
CA ALA A 411 -113.36 20.90 102.90
C ALA A 411 -113.31 19.61 103.71
N ILE A 412 -113.11 19.73 105.03
CA ILE A 412 -113.06 18.51 105.83
C ILE A 412 -114.45 17.91 106.03
N VAL A 413 -115.53 18.68 105.95
CA VAL A 413 -116.83 18.00 105.98
C VAL A 413 -117.22 17.44 104.61
N ARG A 414 -116.69 18.01 103.52
CA ARG A 414 -116.74 17.32 102.21
C ARG A 414 -116.09 15.95 102.33
N ALA A 415 -114.89 15.91 102.90
CA ALA A 415 -114.19 14.64 103.11
C ALA A 415 -114.92 13.74 104.10
N ALA A 416 -115.68 14.34 105.03
CA ALA A 416 -116.44 13.54 105.99
C ALA A 416 -117.55 12.74 105.31
N PHE A 417 -118.39 13.41 104.49
CA PHE A 417 -119.35 12.55 103.80
C PHE A 417 -118.74 11.82 102.61
N ASP A 418 -117.52 12.16 102.19
CA ASP A 418 -116.81 11.27 101.28
C ASP A 418 -116.42 9.97 101.97
N GLN A 419 -116.05 10.04 103.24
CA GLN A 419 -115.81 8.81 104.00
C GLN A 419 -117.11 8.04 104.24
N ARG A 420 -118.21 8.77 104.44
CA ARG A 420 -119.52 8.14 104.48
C ARG A 420 -119.86 7.44 103.16
N MET A 421 -119.49 8.07 102.05
CA MET A 421 -119.63 7.47 100.72
C MET A 421 -118.79 6.20 100.58
N LYS A 422 -117.56 6.23 101.07
CA LYS A 422 -116.67 5.09 100.95
C LYS A 422 -117.18 3.92 101.78
N THR A 423 -117.63 4.18 102.99
CA THR A 423 -118.23 3.12 103.80
C THR A 423 -119.59 2.68 103.24
N TRP A 424 -120.30 3.57 102.55
CA TRP A 424 -121.51 3.20 101.85
C TRP A 424 -121.23 2.15 100.78
N GLN A 425 -120.26 2.43 99.91
CA GLN A 425 -119.93 1.44 98.89
C GLN A 425 -119.24 0.21 99.47
N ARG A 426 -118.62 0.33 100.66
CA ARG A 426 -118.13 -0.85 101.38
C ARG A 426 -119.25 -1.82 101.73
N TRP A 427 -120.30 -1.33 102.39
CA TRP A 427 -121.38 -2.28 102.70
C TRP A 427 -122.17 -2.64 101.44
N GLN A 428 -122.15 -1.77 100.42
CA GLN A 428 -122.84 -2.05 99.17
C GLN A 428 -122.23 -3.24 98.44
N ASP A 429 -120.92 -3.19 98.16
CA ASP A 429 -120.33 -4.35 97.51
C ASP A 429 -120.13 -5.52 98.46
N ALA A 430 -120.16 -5.26 99.78
CA ALA A 430 -120.18 -6.36 100.75
C ALA A 430 -121.45 -7.19 100.61
N GLN A 431 -122.63 -6.54 100.59
CA GLN A 431 -123.87 -7.30 100.44
C GLN A 431 -124.01 -7.85 99.02
N ALA A 432 -123.43 -7.17 98.02
CA ALA A 432 -123.45 -7.69 96.65
C ALA A 432 -122.70 -9.01 96.55
N THR A 433 -121.42 -9.01 96.98
CA THR A 433 -120.62 -10.22 96.97
C THR A 433 -121.18 -11.27 97.92
N LEU A 434 -121.80 -10.85 99.03
CA LEU A 434 -122.53 -11.74 99.92
C LEU A 434 -123.56 -12.56 99.18
N GLN A 435 -124.50 -11.87 98.51
CA GLN A 435 -125.57 -12.52 97.79
C GLN A 435 -125.01 -13.44 96.70
N LYS A 436 -124.05 -12.94 95.92
CA LYS A 436 -123.52 -13.70 94.79
C LYS A 436 -122.79 -14.96 95.23
N LYS A 437 -121.68 -14.81 95.98
CA LYS A 437 -120.89 -15.99 96.26
C LYS A 437 -121.53 -16.87 97.33
N ARG A 438 -122.38 -16.30 98.20
CA ARG A 438 -123.02 -17.12 99.20
C ARG A 438 -124.16 -17.93 98.60
N GLU A 439 -124.88 -17.41 97.59
CA GLU A 439 -125.81 -18.30 96.92
C GLU A 439 -125.11 -19.27 95.98
N SER A 440 -123.92 -18.91 95.45
CA SER A 440 -123.16 -19.90 94.69
C SER A 440 -122.68 -21.04 95.57
N GLU A 441 -122.38 -20.76 96.84
CA GLU A 441 -122.15 -21.82 97.81
C GLU A 441 -123.42 -22.60 98.11
N ALA A 442 -124.56 -21.90 98.21
CA ALA A 442 -125.81 -22.53 98.64
C ALA A 442 -126.40 -23.46 97.59
N ARG A 443 -126.22 -23.15 96.31
CA ARG A 443 -126.88 -23.91 95.25
C ARG A 443 -126.23 -25.27 95.00
N LEU A 444 -125.09 -25.56 95.61
CA LEU A 444 -124.42 -26.86 95.44
C LEU A 444 -124.69 -27.81 96.59
N LEU A 445 -125.91 -27.78 97.15
CA LEU A 445 -126.26 -28.52 98.35
C LEU A 445 -126.36 -30.02 98.12
N TRP A 446 -126.71 -30.48 96.93
CA TRP A 446 -126.90 -31.91 96.69
C TRP A 446 -125.58 -32.66 96.51
N ALA A 447 -124.47 -31.95 96.32
CA ALA A 447 -123.19 -32.52 96.66
C ALA A 447 -123.19 -32.67 98.17
N ASN A 448 -123.38 -33.90 98.66
CA ASN A 448 -123.87 -34.15 100.01
C ASN A 448 -122.77 -33.85 101.04
N LYS A 449 -122.61 -32.56 101.30
CA LYS A 449 -121.73 -32.07 102.37
C LYS A 449 -122.44 -30.88 103.01
N PRO A 450 -123.17 -31.09 104.10
CA PRO A 450 -123.94 -29.99 104.70
C PRO A 450 -123.10 -28.98 105.45
N ASP A 451 -121.79 -29.23 105.62
CA ASP A 451 -120.93 -28.28 106.32
C ASP A 451 -120.77 -26.99 105.53
N LYS A 452 -120.78 -27.11 104.20
CA LYS A 452 -120.78 -25.93 103.34
C LYS A 452 -122.06 -25.13 103.53
N LEU A 453 -123.19 -25.83 103.70
CA LEU A 453 -124.45 -25.15 103.97
C LEU A 453 -124.43 -24.47 105.33
N GLN A 454 -123.79 -25.09 106.33
CA GLN A 454 -123.70 -24.51 107.65
C GLN A 454 -122.84 -23.25 107.66
N GLN A 455 -121.68 -23.31 106.99
CA GLN A 455 -120.81 -22.13 106.96
C GLN A 455 -121.41 -21.03 106.08
N ALA A 456 -122.13 -21.39 105.02
CA ALA A 456 -122.82 -20.38 104.21
C ALA A 456 -123.95 -19.73 104.99
N LYS A 457 -124.64 -20.50 105.83
CA LYS A 457 -125.68 -19.94 106.69
C LYS A 457 -125.09 -18.99 107.72
N ASP A 458 -123.94 -19.36 108.30
CA ASP A 458 -123.27 -18.48 109.25
C ASP A 458 -122.79 -17.20 108.58
N GLU A 459 -122.27 -17.34 107.35
CA GLU A 459 -121.85 -16.19 106.55
C GLU A 459 -123.00 -15.24 106.29
N ILE A 460 -124.11 -15.74 105.74
CA ILE A 460 -125.23 -14.87 105.40
C ILE A 460 -125.82 -14.25 106.66
N THR A 461 -125.89 -15.01 107.77
CA THR A 461 -126.54 -14.52 108.98
C THR A 461 -125.72 -13.41 109.65
N GLU A 462 -124.48 -13.72 110.04
CA GLU A 462 -123.68 -12.73 110.76
C GLU A 462 -123.28 -11.57 109.86
N TRP A 463 -123.07 -11.84 108.57
CA TRP A 463 -122.68 -10.80 107.65
C TRP A 463 -123.83 -9.84 107.36
N GLU A 464 -125.07 -10.34 107.24
CA GLU A 464 -126.19 -9.43 107.07
C GLU A 464 -126.48 -8.66 108.36
N SER A 465 -126.25 -9.29 109.52
CA SER A 465 -126.47 -8.60 110.79
C SER A 465 -125.52 -7.43 110.93
N ARG A 466 -124.23 -7.65 110.61
CA ARG A 466 -123.28 -6.56 110.75
C ARG A 466 -123.46 -5.50 109.65
N VAL A 467 -123.90 -5.89 108.44
CA VAL A 467 -124.10 -4.89 107.38
C VAL A 467 -125.32 -4.01 107.67
N THR A 468 -126.41 -4.61 108.15
CA THR A 468 -127.57 -3.82 108.56
C THR A 468 -127.22 -2.94 109.76
N GLN A 469 -126.41 -3.48 110.68
CA GLN A 469 -125.86 -2.67 111.77
C GLN A 469 -125.07 -1.49 111.24
N TYR A 470 -124.29 -1.71 110.18
CA TYR A 470 -123.50 -0.65 109.57
C TYR A 470 -124.40 0.43 108.99
N GLU A 471 -125.46 0.06 108.27
CA GLU A 471 -126.21 1.15 107.62
C GLU A 471 -127.11 1.91 108.60
N ARG A 472 -127.63 1.28 109.66
CA ARG A 472 -128.36 2.17 110.57
C ARG A 472 -127.42 2.91 111.52
N ASP A 473 -126.19 2.41 111.71
CA ASP A 473 -125.17 3.26 112.33
C ASP A 473 -124.76 4.39 111.42
N PHE A 474 -124.89 4.22 110.09
CA PHE A 474 -124.64 5.33 109.18
C PHE A 474 -125.78 6.33 109.24
N GLU A 475 -126.99 5.85 109.50
CA GLU A 475 -128.08 6.75 109.86
C GLU A 475 -127.77 7.51 111.16
N ARG A 476 -127.17 6.82 112.13
CA ARG A 476 -126.79 7.47 113.38
C ARG A 476 -125.72 8.54 113.18
N ILE A 477 -124.73 8.26 112.34
CA ILE A 477 -123.70 9.26 112.13
C ILE A 477 -124.23 10.38 111.24
N SER A 478 -125.25 10.11 110.41
CA SER A 478 -125.92 11.18 109.68
C SER A 478 -126.65 12.10 110.64
N THR A 479 -127.29 11.53 111.66
CA THR A 479 -127.96 12.36 112.67
C THR A 479 -126.96 13.19 113.47
N VAL A 480 -125.82 12.61 113.83
CA VAL A 480 -124.87 13.41 114.62
C VAL A 480 -124.18 14.44 113.74
N VAL A 481 -124.08 14.17 112.43
CA VAL A 481 -123.63 15.18 111.48
C VAL A 481 -124.65 16.32 111.39
N ARG A 482 -125.94 16.00 111.42
CA ARG A 482 -126.95 17.05 111.37
C ARG A 482 -126.99 17.88 112.65
N LYS A 483 -126.74 17.25 113.80
CA LYS A 483 -126.57 18.04 115.03
C LYS A 483 -125.33 18.90 114.97
N GLU A 484 -124.26 18.40 114.34
CA GLU A 484 -123.09 19.24 114.09
C GLU A 484 -123.39 20.35 113.09
N VAL A 485 -124.34 20.11 112.17
CA VAL A 485 -124.75 21.13 111.21
C VAL A 485 -125.46 22.26 111.94
N THR A 486 -126.35 21.90 112.86
CA THR A 486 -126.98 22.88 113.74
C THR A 486 -125.92 23.62 114.57
N ARG A 487 -124.87 22.91 114.99
CA ARG A 487 -123.78 23.54 115.72
C ARG A 487 -123.02 24.54 114.84
N PHE A 488 -122.82 24.24 113.57
CA PHE A 488 -122.08 25.26 112.85
C PHE A 488 -122.97 26.32 112.21
N GLU A 489 -124.30 26.13 112.16
CA GLU A 489 -125.11 27.33 112.00
C GLU A 489 -125.13 28.17 113.27
N LYS A 490 -124.92 27.55 114.43
CA LYS A 490 -124.72 28.34 115.63
C LYS A 490 -123.42 29.13 115.56
N GLU A 491 -122.37 28.55 114.98
CA GLU A 491 -121.19 29.40 114.82
C GLU A 491 -121.30 30.35 113.62
N LYS A 492 -122.22 30.09 112.68
CA LYS A 492 -122.61 31.14 111.75
C LYS A 492 -123.19 32.33 112.48
N SER A 493 -124.07 32.06 113.44
CA SER A 493 -124.57 33.12 114.32
C SER A 493 -123.44 33.76 115.13
N LYS A 494 -122.45 32.97 115.52
CA LYS A 494 -121.35 33.48 116.35
C LYS A 494 -120.42 34.40 115.55
N ASP A 495 -120.06 34.01 114.32
CA ASP A 495 -119.13 34.87 113.60
C ASP A 495 -119.83 36.01 112.87
N PHE A 496 -121.13 35.84 112.56
CA PHE A 496 -121.93 37.00 112.23
C PHE A 496 -122.03 37.96 113.40
N LYS A 497 -122.14 37.43 114.63
CA LYS A 497 -122.07 38.24 115.83
C LYS A 497 -120.69 38.85 116.00
N ASN A 498 -119.63 38.18 115.52
CA ASN A 498 -118.30 38.79 115.54
C ASN A 498 -118.23 40.00 114.63
N HIS A 499 -118.86 39.92 113.46
CA HIS A 499 -118.94 41.13 112.63
C HIS A 499 -119.88 42.17 113.25
N VAL A 500 -120.91 41.73 113.98
CA VAL A 500 -121.81 42.66 114.65
C VAL A 500 -121.07 43.42 115.74
N MET A 501 -120.32 42.72 116.60
CA MET A 501 -119.51 43.39 117.61
C MET A 501 -118.35 44.15 116.99
N LYS A 502 -117.89 43.75 115.79
CA LYS A 502 -116.94 44.55 115.04
C LYS A 502 -117.50 45.92 114.71
N TYR A 503 -118.70 45.96 114.11
CA TYR A 503 -119.24 47.28 113.79
C TYR A 503 -119.70 48.00 115.05
N LEU A 504 -119.99 47.25 116.12
CA LEU A 504 -120.29 47.86 117.41
C LEU A 504 -119.09 48.64 117.94
N GLU A 505 -117.92 47.98 118.02
CA GLU A 505 -116.71 48.70 118.41
C GLU A 505 -116.26 49.69 117.35
N THR A 506 -116.63 49.49 116.08
CA THR A 506 -116.26 50.42 115.04
C THR A 506 -116.97 51.75 115.23
N LEU A 507 -118.30 51.71 115.36
CA LEU A 507 -119.08 52.89 115.67
C LEU A 507 -118.66 53.50 117.00
N LEU A 508 -118.42 52.67 118.02
CA LEU A 508 -117.95 53.13 119.32
C LEU A 508 -116.63 53.90 119.25
N HIS A 509 -115.54 53.24 118.82
CA HIS A 509 -114.25 53.89 118.90
C HIS A 509 -114.12 54.98 117.85
N SER A 510 -114.78 54.81 116.70
CA SER A 510 -114.81 55.83 115.67
C SER A 510 -115.49 57.10 116.19
N GLN A 511 -116.66 56.94 116.79
CA GLN A 511 -117.39 58.08 117.32
C GLN A 511 -116.66 58.73 118.48
N GLN A 512 -116.19 57.93 119.45
CA GLN A 512 -115.60 58.52 120.65
C GLN A 512 -114.25 59.16 120.34
N GLN A 513 -113.39 58.50 119.55
CA GLN A 513 -112.09 59.08 119.23
C GLN A 513 -112.24 60.25 118.29
N LEU A 514 -113.02 60.07 117.20
CA LEU A 514 -113.25 61.09 116.21
C LEU A 514 -113.86 62.35 116.80
N ALA A 515 -115.06 62.21 117.40
CA ALA A 515 -115.71 63.34 118.04
C ALA A 515 -114.97 63.82 119.28
N LYS A 516 -114.09 63.00 119.87
CA LYS A 516 -113.27 63.45 120.97
C LYS A 516 -112.24 64.47 120.51
N TYR A 517 -111.54 64.17 119.41
CA TYR A 517 -110.64 65.22 118.95
C TYR A 517 -111.38 66.31 118.18
N TRP A 518 -112.63 66.09 117.75
CA TRP A 518 -113.46 67.21 117.31
C TRP A 518 -113.72 68.19 118.45
N GLU A 519 -114.20 67.69 119.59
CA GLU A 519 -114.50 68.54 120.73
C GLU A 519 -113.26 68.97 121.49
N ALA A 520 -112.10 68.41 121.16
CA ALA A 520 -110.85 68.86 121.74
C ALA A 520 -110.08 69.78 120.81
N PHE A 521 -110.41 69.79 119.51
CA PHE A 521 -109.67 70.60 118.56
C PHE A 521 -110.49 71.73 117.95
N LEU A 522 -111.81 71.72 118.07
CA LEU A 522 -112.58 72.93 117.82
C LEU A 522 -112.37 74.03 118.88
N PRO A 523 -112.31 73.77 120.19
CA PRO A 523 -112.01 74.89 121.12
C PRO A 523 -110.61 75.46 120.97
N GLU A 524 -109.66 74.74 120.39
CA GLU A 524 -108.44 75.42 119.99
C GLU A 524 -108.57 76.04 118.61
N ALA A 525 -109.50 75.55 117.77
CA ALA A 525 -109.78 76.19 116.49
C ALA A 525 -110.90 77.21 116.58
N LYS A 526 -111.10 77.83 117.74
CA LYS A 526 -111.92 79.02 117.80
C LYS A 526 -111.32 80.13 116.92
N ALA A 527 -110.12 80.62 117.29
CA ALA A 527 -109.23 81.18 116.28
C ALA A 527 -107.78 80.95 116.75
N ILE A 528 -107.28 79.73 116.48
CA ILE A 528 -105.88 79.30 116.44
C ILE A 528 -105.90 78.10 115.49
N SER A 529 -105.03 78.09 114.48
CA SER A 529 -105.05 76.98 113.54
C SER A 529 -104.19 75.82 114.03
N PHE B 150 -117.95 93.73 97.85
CA PHE B 150 -117.08 94.47 96.95
C PHE B 150 -117.88 94.95 95.73
N ASP B 151 -117.40 96.02 95.10
CA ASP B 151 -118.07 96.68 93.98
C ASP B 151 -118.24 95.80 92.75
N LEU B 152 -117.41 94.77 92.58
CA LEU B 152 -117.50 93.84 91.46
C LEU B 152 -118.53 92.78 91.83
N THR B 153 -119.75 92.92 91.31
CA THR B 153 -120.82 91.95 91.52
C THR B 153 -121.26 91.44 90.14
N VAL B 154 -120.84 90.22 89.80
CA VAL B 154 -121.11 89.64 88.49
C VAL B 154 -121.83 88.32 88.65
N GLY B 155 -122.28 87.77 87.53
CA GLY B 155 -122.89 86.46 87.50
C GLY B 155 -122.73 85.79 86.14
N ILE B 156 -122.19 84.58 86.12
CA ILE B 156 -121.86 83.88 84.88
C ILE B 156 -122.63 82.56 84.86
N THR B 157 -123.53 82.42 83.89
CA THR B 157 -124.39 81.24 83.80
C THR B 157 -124.41 80.75 82.35
N ASP B 158 -125.25 79.73 82.12
CA ASP B 158 -125.67 79.17 80.84
C ASP B 158 -124.52 78.76 79.92
N PRO B 159 -123.88 77.61 80.18
CA PRO B 159 -122.87 77.12 79.24
C PRO B 159 -123.48 76.63 77.93
N GLU B 160 -123.74 77.58 77.01
CA GLU B 160 -124.45 77.30 75.77
C GLU B 160 -123.44 76.92 74.69
N LYS B 161 -123.63 75.74 74.10
CA LYS B 161 -122.72 75.21 73.09
C LYS B 161 -122.99 75.82 71.73
N ILE B 162 -121.98 75.75 70.86
CA ILE B 162 -122.04 76.42 69.56
C ILE B 162 -122.05 75.32 68.49
N GLY B 163 -122.65 74.19 68.83
CA GLY B 163 -122.79 73.09 67.89
C GLY B 163 -121.98 71.88 68.31
N ASP B 164 -121.55 71.10 67.32
CA ASP B 164 -120.85 69.85 67.53
C ASP B 164 -119.39 69.99 67.17
N GLY B 165 -118.54 69.31 67.94
CA GLY B 165 -117.11 69.30 67.76
C GLY B 165 -116.43 68.81 69.01
N MET B 166 -115.12 69.01 69.07
CA MET B 166 -114.33 68.67 70.25
C MET B 166 -113.49 69.88 70.63
N ASN B 167 -113.81 70.49 71.77
CA ASN B 167 -113.02 71.51 72.46
C ASN B 167 -112.85 72.78 71.61
N ALA B 168 -113.99 73.38 71.23
CA ALA B 168 -113.93 74.60 70.43
C ALA B 168 -114.51 75.83 71.12
N TYR B 169 -115.81 75.84 71.43
CA TYR B 169 -116.49 77.08 71.80
C TYR B 169 -117.76 76.78 72.58
N VAL B 170 -117.93 77.45 73.71
CA VAL B 170 -119.16 77.43 74.51
C VAL B 170 -119.47 78.84 74.95
N ALA B 171 -120.69 79.30 74.69
CA ALA B 171 -121.10 80.64 75.06
C ALA B 171 -121.40 80.74 76.56
N TYR B 172 -121.18 81.93 77.12
CA TYR B 172 -121.35 82.19 78.54
C TYR B 172 -122.31 83.34 78.73
N LYS B 173 -123.43 83.09 79.42
CA LYS B 173 -124.29 84.18 79.87
C LYS B 173 -123.65 84.85 81.08
N VAL B 174 -123.11 86.04 80.88
CA VAL B 174 -122.36 86.75 81.92
C VAL B 174 -123.14 88.01 82.26
N THR B 175 -123.75 88.03 83.44
CA THR B 175 -124.47 89.21 83.91
C THR B 175 -123.62 89.97 84.92
N THR B 176 -123.39 91.26 84.64
CA THR B 176 -122.49 92.09 85.43
C THR B 176 -123.30 93.24 86.04
N GLN B 177 -123.30 93.33 87.36
CA GLN B 177 -124.01 94.37 88.10
C GLN B 177 -123.03 95.25 88.89
N THR B 178 -121.94 95.65 88.24
CA THR B 178 -120.80 96.21 88.93
C THR B 178 -121.07 97.67 89.33
N SER B 179 -120.53 98.07 90.48
CA SER B 179 -120.47 99.46 90.91
C SER B 179 -119.30 100.17 90.23
N LEU B 180 -118.87 101.33 90.79
CA LEU B 180 -117.71 102.10 90.33
C LEU B 180 -117.89 102.60 88.91
N PRO B 181 -118.55 103.76 88.72
CA PRO B 181 -119.25 104.10 87.45
C PRO B 181 -118.44 104.16 86.16
N MET B 182 -117.16 103.79 86.19
CA MET B 182 -116.47 103.37 84.98
C MET B 182 -117.19 102.19 84.31
N PHE B 183 -117.76 101.28 85.10
CA PHE B 183 -118.81 100.42 84.56
C PHE B 183 -120.05 101.25 84.31
N ARG B 184 -120.68 101.04 83.14
CA ARG B 184 -121.52 102.07 82.53
C ARG B 184 -122.81 102.32 83.30
N SER B 185 -123.69 101.30 83.38
CA SER B 185 -125.07 101.57 83.77
C SER B 185 -125.64 100.58 84.77
N ARG B 186 -124.80 99.91 85.57
CA ARG B 186 -125.16 99.05 86.71
C ARG B 186 -125.94 97.80 86.34
N GLN B 187 -126.26 97.60 85.06
CA GLN B 187 -127.09 96.48 84.62
C GLN B 187 -126.65 96.13 83.20
N PHE B 188 -125.67 95.22 83.10
CA PHE B 188 -125.26 94.64 81.84
C PHE B 188 -125.34 93.12 81.95
N ALA B 189 -125.57 92.50 80.79
CA ALA B 189 -125.67 91.04 80.69
C ALA B 189 -125.05 90.64 79.35
N VAL B 190 -123.76 90.33 79.37
CA VAL B 190 -123.02 90.07 78.14
C VAL B 190 -122.97 88.57 77.86
N LYS B 191 -123.03 88.22 76.59
CA LYS B 191 -122.85 86.85 76.13
C LYS B 191 -121.48 86.76 75.49
N ARG B 192 -120.56 86.07 76.16
CA ARG B 192 -119.16 86.04 75.73
C ARG B 192 -118.74 84.60 75.48
N ARG B 193 -118.13 84.37 74.32
CA ARG B 193 -117.57 83.07 73.97
C ARG B 193 -116.07 83.08 74.20
N PHE B 194 -115.57 82.08 74.92
CA PHE B 194 -114.14 81.99 75.18
C PHE B 194 -113.44 81.41 73.95
N SER B 195 -112.11 81.23 74.09
CA SER B 195 -111.16 80.95 73.00
C SER B 195 -111.18 82.00 71.91
N ASP B 196 -111.63 83.21 72.25
CA ASP B 196 -111.62 84.36 71.35
C ASP B 196 -110.97 85.57 71.99
N PHE B 197 -111.23 85.82 73.27
CA PHE B 197 -110.58 86.89 73.99
C PHE B 197 -109.33 86.45 74.74
N LEU B 198 -108.92 85.19 74.61
CA LEU B 198 -107.56 84.88 75.03
C LEU B 198 -106.57 85.38 73.98
N GLY B 199 -106.99 85.53 72.72
CA GLY B 199 -106.20 86.27 71.77
C GLY B 199 -106.12 87.75 72.11
N LEU B 200 -107.22 88.29 72.66
CA LEU B 200 -107.18 89.63 73.23
C LEU B 200 -106.24 89.70 74.42
N TYR B 201 -106.21 88.63 75.23
CA TYR B 201 -105.26 88.53 76.33
C TYR B 201 -103.83 88.43 75.85
N GLU B 202 -103.61 87.83 74.69
CA GLU B 202 -102.25 87.81 74.16
C GLU B 202 -101.87 89.13 73.51
N LYS B 203 -102.86 89.88 73.01
CA LYS B 203 -102.59 91.27 72.62
C LYS B 203 -102.24 92.09 73.85
N LEU B 204 -102.91 91.83 74.98
CA LEU B 204 -102.54 92.40 76.26
C LEU B 204 -101.14 91.96 76.69
N SER B 205 -100.78 90.72 76.37
CA SER B 205 -99.47 90.18 76.73
C SER B 205 -98.36 90.90 75.99
N GLU B 206 -98.50 91.02 74.66
CA GLU B 206 -97.50 91.77 73.91
C GLU B 206 -97.54 93.26 74.22
N LYS B 207 -98.73 93.78 74.60
CA LYS B 207 -98.85 95.18 74.99
C LYS B 207 -98.04 95.47 76.25
N HIS B 208 -98.23 94.69 77.30
CA HIS B 208 -97.42 94.93 78.49
C HIS B 208 -95.99 94.43 78.32
N SER B 209 -95.70 93.67 77.26
CA SER B 209 -94.30 93.47 76.94
C SER B 209 -93.68 94.76 76.44
N GLN B 210 -94.39 95.51 75.58
CA GLN B 210 -93.78 96.74 75.08
C GLN B 210 -93.87 97.90 76.07
N ASN B 211 -94.81 97.88 77.02
CA ASN B 211 -94.91 99.06 77.89
C ASN B 211 -94.89 98.75 79.38
N GLY B 212 -94.70 97.50 79.78
CA GLY B 212 -94.52 97.19 81.19
C GLY B 212 -95.77 97.32 82.05
N PHE B 213 -96.92 96.93 81.51
CA PHE B 213 -98.16 96.98 82.27
C PHE B 213 -98.38 95.65 83.00
N ILE B 214 -99.59 95.46 83.53
CA ILE B 214 -99.93 94.32 84.37
C ILE B 214 -101.23 93.69 83.87
N VAL B 215 -101.17 92.40 83.56
CA VAL B 215 -102.36 91.65 83.08
C VAL B 215 -102.90 90.81 84.24
N PRO B 216 -104.17 90.37 84.23
CA PRO B 216 -104.73 89.53 85.29
C PRO B 216 -104.66 88.02 84.99
N PRO B 217 -105.03 87.12 85.93
CA PRO B 217 -105.09 85.66 85.68
C PRO B 217 -105.68 85.21 84.33
N PRO B 218 -105.37 84.00 83.84
CA PRO B 218 -105.79 83.59 82.50
C PRO B 218 -107.29 83.47 82.22
N PRO B 219 -107.77 83.91 81.03
CA PRO B 219 -109.16 83.68 80.63
C PRO B 219 -109.03 82.34 79.90
N GLU B 220 -108.72 81.25 80.62
CA GLU B 220 -108.44 79.92 80.01
C GLU B 220 -109.33 79.61 78.80
N LYS B 221 -108.71 79.16 77.71
CA LYS B 221 -109.46 78.89 76.44
C LYS B 221 -109.78 77.39 76.33
N SER B 222 -110.10 76.94 75.12
CA SER B 222 -110.44 75.50 74.89
C SER B 222 -109.31 74.82 74.10
N LEU B 223 -109.66 73.90 73.20
CA LEU B 223 -108.65 73.06 72.53
C LEU B 223 -107.69 72.51 73.58
N ILE B 224 -108.28 72.05 74.69
CA ILE B 224 -107.52 71.53 75.81
C ILE B 224 -107.92 70.11 76.19
N GLY B 225 -109.09 69.63 75.76
CA GLY B 225 -109.53 68.33 76.21
C GLY B 225 -108.80 67.19 75.53
N MET B 226 -108.51 67.34 74.24
CA MET B 226 -107.80 66.33 73.48
C MET B 226 -106.42 66.78 73.04
N THR B 227 -106.07 68.04 73.25
CA THR B 227 -104.76 68.57 72.88
C THR B 227 -104.15 69.33 74.05
N LYS B 228 -102.81 69.32 74.11
CA LYS B 228 -101.96 70.23 74.89
C LYS B 228 -102.00 69.94 76.40
N VAL B 229 -102.90 69.07 76.84
CA VAL B 229 -103.07 68.72 78.24
C VAL B 229 -102.91 67.21 78.36
N LYS B 230 -102.31 66.76 79.46
CA LYS B 230 -101.90 65.36 79.61
C LYS B 230 -102.53 64.62 80.80
N VAL B 231 -103.86 64.55 80.93
CA VAL B 231 -104.90 64.79 79.92
C VAL B 231 -106.08 65.53 80.53
N GLY B 232 -107.13 65.75 79.74
CA GLY B 232 -108.35 66.36 80.23
C GLY B 232 -109.61 65.60 79.84
N LYS B 233 -110.61 65.58 80.72
CA LYS B 233 -111.85 64.83 80.51
C LYS B 233 -113.03 65.78 80.38
N GLU B 234 -113.94 65.46 79.46
CA GLU B 234 -115.03 66.38 79.11
C GLU B 234 -116.30 66.17 79.92
N ASP B 235 -116.56 64.95 80.40
CA ASP B 235 -117.71 64.73 81.26
C ASP B 235 -117.53 65.41 82.60
N SER B 236 -116.30 65.43 83.11
CA SER B 236 -115.95 66.27 84.25
C SER B 236 -115.85 67.73 83.87
N SER B 237 -115.69 68.05 82.58
CA SER B 237 -115.63 69.44 82.18
C SER B 237 -117.00 70.07 82.04
N SER B 238 -118.00 69.26 81.66
CA SER B 238 -119.29 69.61 81.08
C SER B 238 -120.01 70.78 81.75
N ALA B 239 -119.84 70.93 83.06
CA ALA B 239 -120.19 72.18 83.72
C ALA B 239 -119.06 72.59 84.64
N GLU B 240 -118.27 71.62 85.10
CA GLU B 240 -117.41 71.87 86.24
C GLU B 240 -116.09 72.54 85.83
N PHE B 241 -115.49 72.12 84.72
CA PHE B 241 -114.31 72.87 84.28
C PHE B 241 -114.71 74.21 83.70
N LEU B 242 -115.96 74.35 83.28
CA LEU B 242 -116.49 75.66 82.94
C LEU B 242 -116.62 76.52 84.19
N GLU B 243 -116.94 75.91 85.33
CA GLU B 243 -116.87 76.63 86.60
C GLU B 243 -115.43 76.96 86.97
N LYS B 244 -114.48 76.12 86.55
CA LYS B 244 -113.06 76.47 86.76
C LYS B 244 -112.65 77.64 85.87
N ARG B 245 -113.22 77.71 84.66
CA ARG B 245 -113.07 78.90 83.83
C ARG B 245 -113.67 80.12 84.53
N ARG B 246 -114.81 79.93 85.20
CA ARG B 246 -115.44 81.01 85.95
C ARG B 246 -114.57 81.44 87.14
N ALA B 247 -113.85 80.51 87.74
CA ALA B 247 -112.95 80.86 88.85
C ALA B 247 -111.75 81.64 88.34
N ALA B 248 -111.13 81.17 87.24
CA ALA B 248 -110.03 81.92 86.64
C ALA B 248 -110.49 83.28 86.12
N LEU B 249 -111.74 83.37 85.65
CA LEU B 249 -112.30 84.64 85.21
C LEU B 249 -112.64 85.55 86.38
N GLU B 250 -112.99 84.98 87.54
CA GLU B 250 -113.21 85.81 88.71
C GLU B 250 -111.90 86.40 89.20
N ARG B 251 -110.83 85.61 89.14
CA ARG B 251 -109.52 86.13 89.50
C ARG B 251 -109.04 87.14 88.46
N TYR B 252 -109.38 86.90 87.20
CA TYR B 252 -109.20 87.87 86.12
C TYR B 252 -109.88 89.20 86.44
N LEU B 253 -111.14 89.14 86.89
CA LEU B 253 -111.89 90.36 87.22
C LEU B 253 -111.30 91.08 88.42
N GLN B 254 -110.91 90.32 89.45
CA GLN B 254 -110.38 90.95 90.66
C GLN B 254 -109.03 91.62 90.38
N ARG B 255 -108.14 90.96 89.64
CA ARG B 255 -106.87 91.59 89.40
C ARG B 255 -106.90 92.59 88.25
N ILE B 256 -107.92 92.56 87.39
CA ILE B 256 -108.06 93.67 86.44
C ILE B 256 -108.65 94.88 87.14
N VAL B 257 -109.23 94.67 88.33
CA VAL B 257 -109.66 95.85 89.14
C VAL B 257 -108.41 96.28 89.92
N ASN B 258 -107.49 95.35 90.20
CA ASN B 258 -106.29 95.66 91.02
C ASN B 258 -105.35 96.65 90.33
N HIS B 259 -105.32 96.71 89.00
CA HIS B 259 -104.55 97.78 88.32
C HIS B 259 -105.61 98.82 87.88
N PRO B 260 -106.08 99.80 88.71
CA PRO B 260 -107.22 100.64 88.30
C PRO B 260 -106.90 101.70 87.26
N THR B 261 -105.66 102.21 87.27
CA THR B 261 -105.24 103.10 86.20
C THR B 261 -105.06 102.34 84.90
N MET B 262 -104.49 101.13 84.98
CA MET B 262 -104.37 100.26 83.82
C MET B 262 -105.70 99.59 83.48
N LEU B 263 -106.63 99.51 84.44
CA LEU B 263 -108.01 99.21 84.12
C LEU B 263 -108.65 100.32 83.29
N GLN B 264 -108.18 101.55 83.43
CA GLN B 264 -108.64 102.64 82.58
C GLN B 264 -107.82 102.72 81.30
N ASP B 265 -107.67 101.56 80.65
CA ASP B 265 -107.41 101.43 79.22
C ASP B 265 -108.77 101.01 78.68
N PRO B 266 -109.64 101.97 78.35
CA PRO B 266 -111.07 101.67 78.25
C PRO B 266 -111.45 100.85 77.03
N ASP B 267 -110.55 100.68 76.07
CA ASP B 267 -110.84 99.90 74.87
C ASP B 267 -111.11 98.43 75.22
N VAL B 268 -110.25 97.83 76.04
CA VAL B 268 -110.44 96.43 76.40
C VAL B 268 -111.54 96.26 77.44
N ARG B 269 -111.82 97.29 78.25
CA ARG B 269 -112.96 97.22 79.15
C ARG B 269 -114.27 97.22 78.39
N GLU B 270 -114.37 98.08 77.36
CA GLU B 270 -115.54 98.04 76.49
C GLU B 270 -115.57 96.78 75.64
N PHE B 271 -114.41 96.19 75.37
CA PHE B 271 -114.38 94.89 74.69
C PHE B 271 -114.99 93.81 75.56
N LEU B 272 -114.70 93.85 76.86
CA LEU B 272 -115.25 92.87 77.78
C LEU B 272 -116.74 93.09 78.03
N GLU B 273 -117.17 94.34 78.21
CA GLU B 273 -118.56 94.59 78.59
C GLU B 273 -119.48 94.81 77.39
N LYS B 274 -119.03 94.51 76.17
CA LYS B 274 -119.91 94.53 75.00
C LYS B 274 -119.75 93.22 74.25
N GLU B 275 -120.50 93.10 73.15
CA GLU B 275 -120.58 91.88 72.36
C GLU B 275 -120.28 92.24 70.90
N GLU B 276 -119.07 91.90 70.46
CA GLU B 276 -118.64 92.13 69.08
C GLU B 276 -117.88 90.91 68.56
N LEU B 277 -118.17 89.75 69.15
CA LEU B 277 -117.43 88.48 69.21
C LEU B 277 -116.76 88.08 67.91
N PRO B 278 -115.48 87.66 67.97
CA PRO B 278 -114.79 87.24 66.76
C PRO B 278 -115.30 85.90 66.25
N ARG B 279 -114.85 85.55 65.04
CA ARG B 279 -115.27 84.33 64.38
C ARG B 279 -114.46 83.14 64.92
N ALA B 280 -114.67 81.96 64.32
CA ALA B 280 -114.19 80.70 64.87
C ALA B 280 -112.82 80.29 64.32
N VAL B 281 -111.94 81.24 64.00
CA VAL B 281 -110.63 80.92 63.43
C VAL B 281 -109.57 80.87 64.51
N GLY B 282 -109.98 80.72 65.77
CA GLY B 282 -109.06 80.81 66.89
C GLY B 282 -108.25 79.57 67.22
N THR B 283 -108.07 78.67 66.26
CA THR B 283 -107.25 77.47 66.43
C THR B 283 -106.17 77.46 65.35
N GLN B 284 -105.00 78.01 65.67
CA GLN B 284 -103.89 78.05 64.74
C GLN B 284 -102.59 78.05 65.54
N ALA B 285 -101.47 78.02 64.82
CA ALA B 285 -100.15 78.05 65.45
C ALA B 285 -99.28 79.05 64.70
N LEU B 286 -98.96 80.17 65.34
CA LEU B 286 -98.09 81.20 64.79
C LEU B 286 -97.12 81.74 65.84
N SER B 287 -96.51 80.83 66.61
CA SER B 287 -95.68 81.17 67.76
C SER B 287 -94.23 81.45 67.38
N GLY B 288 -94.01 81.93 66.14
CA GLY B 288 -92.70 82.28 65.66
C GLY B 288 -91.98 83.35 66.45
N ALA B 289 -92.73 84.18 67.20
CA ALA B 289 -92.10 85.06 68.17
C ALA B 289 -91.38 84.27 69.26
N GLY B 290 -92.03 83.23 69.79
CA GLY B 290 -91.36 82.34 70.73
C GLY B 290 -90.24 81.56 70.09
N LEU B 291 -90.35 81.27 68.80
CA LEU B 291 -89.24 80.68 68.06
C LEU B 291 -88.03 81.62 68.02
N LEU B 292 -88.25 82.91 67.77
CA LEU B 292 -87.16 83.88 67.80
C LEU B 292 -86.61 84.07 69.21
N LYS B 293 -87.45 83.89 70.24
CA LYS B 293 -86.92 83.88 71.61
C LYS B 293 -85.98 82.68 71.82
N MET B 294 -86.36 81.52 71.28
CA MET B 294 -85.49 80.35 71.35
C MET B 294 -84.20 80.55 70.54
N PHE B 295 -84.27 81.33 69.45
CA PHE B 295 -83.05 81.68 68.74
C PHE B 295 -82.16 82.61 69.56
N ASN B 296 -82.75 83.61 70.23
CA ASN B 296 -81.96 84.59 70.96
C ASN B 296 -81.50 84.07 72.33
N LYS B 297 -81.98 82.89 72.73
CA LYS B 297 -81.50 82.25 73.96
C LYS B 297 -80.00 81.98 73.93
N ALA B 298 -79.42 81.76 72.75
CA ALA B 298 -77.98 81.58 72.64
C ALA B 298 -77.22 82.85 72.98
N THR B 299 -77.75 84.01 72.58
CA THR B 299 -77.13 85.27 72.97
C THR B 299 -77.38 85.56 74.45
N ASP B 300 -78.52 85.11 74.97
CA ASP B 300 -78.80 85.24 76.40
C ASP B 300 -77.78 84.47 77.23
N ALA B 301 -77.44 83.26 76.78
CA ALA B 301 -76.53 82.37 77.51
C ALA B 301 -75.10 82.90 77.55
N VAL B 302 -74.72 83.81 76.63
CA VAL B 302 -73.39 84.40 76.67
C VAL B 302 -73.40 85.82 77.23
N SER B 303 -74.57 86.46 77.33
CA SER B 303 -74.61 87.80 77.91
C SER B 303 -75.05 87.83 79.37
N LYS B 304 -75.51 86.69 79.91
CA LYS B 304 -76.14 86.67 81.24
C LYS B 304 -75.20 87.12 82.37
N MET B 305 -73.88 86.98 82.21
CA MET B 305 -72.96 87.48 83.23
C MET B 305 -72.92 89.01 83.25
N THR B 306 -72.86 89.64 82.08
CA THR B 306 -72.94 91.09 81.97
C THR B 306 -74.30 91.61 82.40
N ILE B 307 -75.34 90.78 82.33
CA ILE B 307 -76.56 91.11 83.06
C ILE B 307 -76.32 91.05 84.57
N LYS B 308 -75.67 89.99 85.05
CA LYS B 308 -75.50 89.75 86.49
C LYS B 308 -74.59 90.75 87.19
N MET B 309 -73.91 91.64 86.47
CA MET B 309 -73.06 92.62 87.17
C MET B 309 -73.86 93.76 87.81
N ASN B 310 -75.18 93.78 87.70
CA ASN B 310 -76.00 94.88 88.20
C ASN B 310 -76.23 94.78 89.71
N GLU B 311 -77.19 95.56 90.21
CA GLU B 311 -77.51 95.63 91.64
C GLU B 311 -78.97 95.29 91.95
N SER B 312 -79.90 95.55 91.04
CA SER B 312 -81.29 95.20 91.30
C SER B 312 -81.49 93.69 91.30
N ASP B 313 -80.76 92.97 90.44
CA ASP B 313 -80.83 91.52 90.47
C ASP B 313 -80.15 90.94 91.70
N ILE B 314 -79.28 91.73 92.35
CA ILE B 314 -78.77 91.32 93.66
C ILE B 314 -79.88 91.39 94.69
N TRP B 315 -80.86 92.27 94.49
CA TRP B 315 -82.07 92.23 95.29
C TRP B 315 -83.02 91.13 94.82
N PHE B 316 -82.89 90.68 93.57
CA PHE B 316 -83.92 89.83 92.98
C PHE B 316 -83.62 88.34 92.98
N GLU B 317 -82.34 87.93 92.88
CA GLU B 317 -82.02 86.54 92.53
C GLU B 317 -82.28 85.58 93.67
N GLU B 318 -82.40 86.09 94.91
CA GLU B 318 -82.83 85.28 96.04
C GLU B 318 -84.23 84.75 95.79
N LYS B 319 -85.10 85.60 95.24
CA LYS B 319 -86.44 85.17 94.85
C LYS B 319 -86.39 84.18 93.71
N LEU B 320 -85.37 84.28 92.84
CA LEU B 320 -85.23 83.36 91.72
C LEU B 320 -84.91 81.94 92.20
N GLN B 321 -83.88 81.81 93.03
CA GLN B 321 -83.52 80.49 93.56
C GLN B 321 -84.59 79.95 94.50
N GLU B 322 -85.20 80.85 95.28
CA GLU B 322 -86.28 80.46 96.18
C GLU B 322 -87.48 79.95 95.40
N VAL B 323 -87.86 80.64 94.32
CA VAL B 323 -89.01 80.19 93.56
C VAL B 323 -88.64 78.98 92.72
N GLU B 324 -87.35 78.73 92.47
CA GLU B 324 -86.95 77.50 91.81
C GLU B 324 -87.18 76.29 92.71
N CYS B 325 -86.74 76.37 93.97
CA CYS B 325 -86.99 75.24 94.86
C CYS B 325 -88.48 75.12 95.19
N GLU B 326 -89.19 76.25 95.23
CA GLU B 326 -90.63 76.23 95.43
C GLU B 326 -91.35 75.56 94.26
N GLU B 327 -90.96 75.88 93.02
CA GLU B 327 -91.64 75.30 91.87
C GLU B 327 -91.35 73.82 91.74
N GLN B 328 -90.13 73.41 92.12
CA GLN B 328 -89.79 71.99 92.12
C GLN B 328 -90.65 71.22 93.13
N ARG B 329 -90.75 71.74 94.36
CA ARG B 329 -91.50 70.99 95.40
C ARG B 329 -93.02 71.14 95.20
N LEU B 330 -93.47 72.15 94.45
CA LEU B 330 -94.94 72.23 94.20
C LEU B 330 -95.32 71.40 92.97
N ARG B 331 -94.41 71.22 92.01
CA ARG B 331 -94.75 70.33 90.86
C ARG B 331 -94.71 68.88 91.36
N LYS B 332 -93.88 68.58 92.36
CA LYS B 332 -93.89 67.25 92.95
C LYS B 332 -95.14 67.02 93.81
N LEU B 333 -95.50 68.01 94.63
CA LEU B 333 -96.72 67.91 95.43
C LEU B 333 -97.98 67.87 94.54
N HIS B 334 -98.01 68.70 93.30
CA HIS B 334 -99.06 68.61 92.26
C HIS B 334 -99.24 67.18 91.79
N ALA B 335 -98.12 66.52 91.47
CA ALA B 335 -98.17 65.14 90.98
C ALA B 335 -98.71 64.18 92.02
N VAL B 336 -98.28 64.31 93.28
CA VAL B 336 -98.76 63.39 94.31
C VAL B 336 -100.22 63.68 94.71
N VAL B 337 -100.64 64.95 94.64
CA VAL B 337 -102.04 65.32 94.84
C VAL B 337 -102.93 64.71 93.76
N GLU B 338 -102.51 64.79 92.50
CA GLU B 338 -103.31 64.17 91.45
C GLU B 338 -103.24 62.65 91.51
N THR B 339 -102.17 62.11 92.10
CA THR B 339 -102.12 60.68 92.38
C THR B 339 -103.16 60.29 93.42
N LEU B 340 -103.40 61.15 94.41
CA LEU B 340 -104.50 60.90 95.34
C LEU B 340 -105.86 61.06 94.66
N VAL B 341 -105.95 61.99 93.71
CA VAL B 341 -107.22 62.18 92.98
C VAL B 341 -107.55 60.95 92.16
N ASN B 342 -106.55 60.33 91.54
CA ASN B 342 -106.73 59.03 90.91
C ASN B 342 -107.09 57.95 91.96
N HIS B 343 -106.29 57.92 93.23
CA HIS B 343 -106.40 56.93 94.31
C HIS B 343 -107.81 56.83 94.86
N ARG B 344 -108.47 57.97 95.05
CA ARG B 344 -109.77 58.00 95.71
C ARG B 344 -110.85 57.32 94.87
N LYS B 345 -110.65 57.22 93.55
CA LYS B 345 -111.67 56.64 92.69
C LYS B 345 -111.80 55.15 92.92
N GLU B 346 -110.67 54.43 92.92
CA GLU B 346 -110.75 53.02 93.28
C GLU B 346 -110.98 52.82 94.78
N LEU B 347 -110.66 53.82 95.63
CA LEU B 347 -111.13 53.80 97.01
C LEU B 347 -112.65 53.74 97.08
N ALA B 348 -113.30 54.64 96.34
CA ALA B 348 -114.75 54.75 96.37
C ALA B 348 -115.42 53.54 95.73
N LEU B 349 -114.86 53.04 94.63
CA LEU B 349 -115.38 51.84 94.01
C LEU B 349 -115.19 50.62 94.89
N ASN B 350 -114.06 50.55 95.60
CA ASN B 350 -113.78 49.44 96.51
C ASN B 350 -114.75 49.43 97.69
N THR B 351 -114.98 50.57 98.32
CA THR B 351 -115.92 50.62 99.43
C THR B 351 -117.39 50.54 98.98
N ALA B 352 -117.70 51.00 97.77
CA ALA B 352 -119.05 50.82 97.24
C ALA B 352 -119.33 49.35 96.94
N LEU B 353 -118.36 48.63 96.37
CA LEU B 353 -118.52 47.20 96.18
C LEU B 353 -118.48 46.44 97.50
N PHE B 354 -117.85 47.01 98.54
CA PHE B 354 -117.99 46.46 99.88
C PHE B 354 -119.43 46.55 100.38
N ALA B 355 -120.07 47.70 100.18
CA ALA B 355 -121.48 47.83 100.59
C ALA B 355 -122.38 46.92 99.76
N LYS B 356 -122.07 46.77 98.47
CA LYS B 356 -122.79 45.83 97.64
C LYS B 356 -122.57 44.40 98.07
N SER B 357 -121.36 44.05 98.52
CA SER B 357 -121.11 42.70 99.00
C SER B 357 -121.72 42.47 100.38
N LEU B 358 -121.88 43.53 101.17
CA LEU B 358 -122.71 43.46 102.37
C LEU B 358 -124.14 43.09 102.01
N ALA B 359 -124.68 43.77 100.99
CA ALA B 359 -126.03 43.47 100.51
C ALA B 359 -126.12 42.06 99.92
N MET B 360 -125.03 41.57 99.33
CA MET B 360 -125.00 40.21 98.83
C MET B 360 -125.00 39.20 99.97
N LEU B 361 -123.98 39.24 100.82
CA LEU B 361 -123.80 38.22 101.84
C LEU B 361 -124.76 38.36 103.01
N GLY B 362 -125.54 39.44 103.06
CA GLY B 362 -126.64 39.51 104.01
C GLY B 362 -127.88 38.76 103.57
N SER B 363 -127.83 38.10 102.42
CA SER B 363 -128.89 37.19 102.03
C SER B 363 -128.66 35.83 102.66
N SER B 364 -129.67 34.95 102.49
CA SER B 364 -129.64 33.55 102.95
C SER B 364 -129.44 33.45 104.46
N GLU B 365 -130.02 34.39 105.20
CA GLU B 365 -129.88 34.42 106.65
C GLU B 365 -131.08 35.13 107.24
N ASP B 366 -131.47 34.71 108.44
CA ASP B 366 -132.54 35.36 109.19
C ASP B 366 -131.95 35.78 110.54
N ASN B 367 -131.28 36.92 110.54
CA ASN B 367 -130.79 37.60 111.73
C ASN B 367 -131.09 39.09 111.59
N THR B 368 -132.35 39.41 111.30
CA THR B 368 -132.85 40.64 110.68
C THR B 368 -132.29 41.97 111.20
N ALA B 369 -131.76 41.96 112.43
CA ALA B 369 -130.87 43.04 112.86
C ALA B 369 -129.69 43.19 111.92
N LEU B 370 -129.17 42.08 111.39
CA LEU B 370 -128.14 42.17 110.36
C LEU B 370 -128.67 42.79 109.08
N SER B 371 -129.94 42.58 108.75
CA SER B 371 -130.53 43.19 107.56
C SER B 371 -130.67 44.69 107.72
N ARG B 372 -131.11 45.14 108.90
CA ARG B 372 -131.12 46.58 109.18
C ARG B 372 -129.71 47.16 109.22
N ALA B 373 -128.73 46.37 109.67
CA ALA B 373 -127.34 46.79 109.66
C ALA B 373 -126.82 46.99 108.25
N LEU B 374 -127.17 46.08 107.33
CA LEU B 374 -126.94 46.28 105.90
C LEU B 374 -127.56 47.57 105.38
N SER B 375 -128.86 47.75 105.64
CA SER B 375 -129.60 48.87 105.08
C SER B 375 -129.16 50.22 105.64
N GLN B 376 -128.52 50.24 106.80
CA GLN B 376 -127.97 51.46 107.38
C GLN B 376 -126.50 51.67 107.00
N LEU B 377 -125.70 50.60 106.99
CA LEU B 377 -124.29 50.68 106.66
C LEU B 377 -124.00 51.01 105.21
N ALA B 378 -124.79 50.48 104.27
CA ALA B 378 -124.58 50.79 102.87
C ALA B 378 -124.76 52.29 102.60
N GLU B 379 -125.82 52.87 103.15
CA GLU B 379 -126.05 54.29 102.91
C GLU B 379 -125.10 55.19 103.68
N VAL B 380 -124.67 54.82 104.90
CA VAL B 380 -123.69 55.71 105.54
C VAL B 380 -122.31 55.57 104.91
N GLU B 381 -122.00 54.39 104.35
CA GLU B 381 -120.79 54.26 103.54
C GLU B 381 -120.87 55.14 102.31
N GLU B 382 -122.06 55.23 101.70
CA GLU B 382 -122.18 56.10 100.54
C GLU B 382 -122.11 57.58 100.93
N LYS B 383 -122.55 57.93 102.14
CA LYS B 383 -122.36 59.29 102.64
C LYS B 383 -120.88 59.63 102.80
N ILE B 384 -120.10 58.73 103.41
CA ILE B 384 -118.66 58.92 103.54
C ILE B 384 -117.99 58.96 102.17
N GLU B 385 -118.51 58.13 101.25
CA GLU B 385 -118.00 58.05 99.89
C GLU B 385 -118.15 59.38 99.16
N GLN B 386 -119.36 59.92 99.13
CA GLN B 386 -119.59 61.19 98.45
C GLN B 386 -118.89 62.34 99.16
N LEU B 387 -118.75 62.27 100.49
CA LEU B 387 -118.10 63.33 101.26
C LEU B 387 -116.63 63.46 100.88
N HIS B 388 -115.86 62.39 101.07
CA HIS B 388 -114.44 62.49 100.74
C HIS B 388 -114.23 62.52 99.23
N GLN B 389 -115.21 62.07 98.45
CA GLN B 389 -115.11 62.19 97.00
C GLN B 389 -115.20 63.64 96.56
N GLU B 390 -116.18 64.40 97.08
CA GLU B 390 -116.31 65.78 96.65
C GLU B 390 -115.16 66.63 97.17
N GLN B 391 -114.67 66.36 98.38
CA GLN B 391 -113.48 67.05 98.86
C GLN B 391 -112.27 66.73 97.97
N ALA B 392 -112.00 65.41 97.83
CA ALA B 392 -110.85 64.84 97.16
C ALA B 392 -110.75 65.24 95.70
N ASN B 393 -111.87 65.45 95.01
CA ASN B 393 -111.65 66.07 93.71
C ASN B 393 -111.54 67.59 93.87
N ASN B 394 -112.62 68.27 94.30
CA ASN B 394 -112.81 69.67 93.89
C ASN B 394 -111.72 70.58 94.44
N ASP B 395 -111.35 70.38 95.70
CA ASP B 395 -110.38 71.33 96.22
C ASP B 395 -108.97 71.00 95.79
N PHE B 396 -108.68 69.71 95.62
CA PHE B 396 -107.35 69.29 95.20
C PHE B 396 -107.04 69.76 93.78
N PHE B 397 -107.98 69.55 92.86
CA PHE B 397 -107.71 69.93 91.45
C PHE B 397 -107.84 71.45 91.28
N LEU B 398 -108.53 72.13 92.21
CA LEU B 398 -108.61 73.62 92.15
C LEU B 398 -107.27 74.18 92.64
N LEU B 399 -106.76 73.65 93.75
CA LEU B 399 -105.44 74.09 94.25
C LEU B 399 -104.39 73.73 93.19
N ALA B 400 -104.65 72.68 92.41
CA ALA B 400 -103.74 72.29 91.34
C ALA B 400 -103.77 73.28 90.18
N GLU B 401 -104.97 73.73 89.79
CA GLU B 401 -105.09 74.80 88.79
C GLU B 401 -104.50 76.11 89.29
N LEU B 402 -104.65 76.37 90.59
CA LEU B 402 -104.09 77.56 91.22
C LEU B 402 -102.57 77.58 91.10
N LEU B 403 -101.92 76.48 91.48
CA LEU B 403 -100.47 76.41 91.32
C LEU B 403 -100.07 76.34 89.85
N SER B 404 -100.93 75.82 88.98
CA SER B 404 -100.59 75.69 87.56
C SER B 404 -100.54 77.04 86.86
N ASP B 405 -101.60 77.83 86.98
CA ASP B 405 -101.51 79.16 86.39
C ASP B 405 -100.64 80.11 87.22
N TYR B 406 -100.34 79.75 88.47
CA TYR B 406 -99.27 80.43 89.19
C TYR B 406 -97.91 80.18 88.54
N ILE B 407 -97.65 78.94 88.12
CA ILE B 407 -96.44 78.61 87.35
C ILE B 407 -96.45 79.34 86.02
N ARG B 408 -97.63 79.49 85.41
CA ARG B 408 -97.75 80.28 84.19
C ARG B 408 -97.36 81.73 84.43
N LEU B 409 -97.81 82.29 85.56
CA LEU B 409 -97.44 83.65 85.94
C LEU B 409 -95.93 83.76 86.20
N LEU B 410 -95.35 82.72 86.78
CA LEU B 410 -93.90 82.68 86.99
C LEU B 410 -93.16 82.66 85.66
N ALA B 411 -93.64 81.89 84.70
CA ALA B 411 -93.00 81.82 83.39
C ALA B 411 -93.11 83.14 82.64
N ILE B 412 -94.26 83.80 82.74
CA ILE B 412 -94.38 85.08 82.03
C ILE B 412 -93.62 86.19 82.74
N VAL B 413 -93.36 86.10 84.05
CA VAL B 413 -92.48 87.12 84.62
C VAL B 413 -91.00 86.79 84.39
N ARG B 414 -90.65 85.50 84.20
CA ARG B 414 -89.35 85.16 83.65
C ARG B 414 -89.15 85.84 82.31
N ALA B 415 -90.15 85.71 81.43
CA ALA B 415 -90.10 86.37 80.12
C ALA B 415 -90.13 87.89 80.25
N ALA B 416 -90.73 88.42 81.32
CA ALA B 416 -90.76 89.86 81.52
C ALA B 416 -89.37 90.42 81.79
N PHE B 417 -88.63 89.83 82.75
CA PHE B 417 -87.28 90.38 82.85
C PHE B 417 -86.34 89.84 81.79
N ASP B 418 -86.75 88.83 81.00
CA ASP B 418 -86.00 88.54 79.78
C ASP B 418 -86.17 89.65 78.76
N GLN B 419 -87.35 90.25 78.67
CA GLN B 419 -87.52 91.42 77.81
C GLN B 419 -86.75 92.62 78.35
N ARG B 420 -86.70 92.74 79.69
CA ARG B 420 -85.83 93.75 80.30
C ARG B 420 -84.36 93.51 79.96
N MET B 421 -83.95 92.25 79.92
CA MET B 421 -82.60 91.86 79.49
C MET B 421 -82.35 92.24 78.03
N LYS B 422 -83.33 91.99 77.17
CA LYS B 422 -83.17 92.29 75.75
C LYS B 422 -83.07 93.79 75.51
N THR B 423 -83.90 94.57 76.18
CA THR B 423 -83.77 96.02 76.07
C THR B 423 -82.51 96.55 76.76
N TRP B 424 -82.03 95.83 77.79
CA TRP B 424 -80.74 96.15 78.40
C TRP B 424 -79.62 96.04 77.39
N GLN B 425 -79.53 94.91 76.70
CA GLN B 425 -78.48 94.76 75.70
C GLN B 425 -78.74 95.64 74.47
N ARG B 426 -79.99 96.04 74.22
CA ARG B 426 -80.27 97.04 73.20
C ARG B 426 -79.60 98.37 73.49
N TRP B 427 -79.81 98.93 74.69
CA TRP B 427 -79.12 100.20 74.96
C TRP B 427 -77.63 99.98 75.18
N GLN B 428 -77.22 98.76 75.58
CA GLN B 428 -75.82 98.45 75.77
C GLN B 428 -75.04 98.51 74.46
N ASP B 429 -75.47 97.75 73.46
CA ASP B 429 -74.75 97.83 72.20
C ASP B 429 -75.09 99.11 71.43
N ALA B 430 -76.19 99.78 71.78
CA ALA B 430 -76.46 101.11 71.23
C ALA B 430 -75.40 102.11 71.67
N GLN B 431 -75.10 102.17 72.97
CA GLN B 431 -74.06 103.10 73.42
C GLN B 431 -72.67 102.65 73.01
N ALA B 432 -72.45 101.32 72.87
CA ALA B 432 -71.18 100.81 72.39
C ALA B 432 -70.90 101.28 70.96
N THR B 433 -71.83 100.99 70.04
CA THR B 433 -71.70 101.44 68.66
C THR B 433 -71.70 102.96 68.55
N LEU B 434 -72.44 103.64 69.43
CA LEU B 434 -72.41 105.10 69.54
C LEU B 434 -70.99 105.60 69.73
N GLN B 435 -70.33 105.14 70.80
CA GLN B 435 -68.98 105.57 71.11
C GLN B 435 -68.02 105.25 69.98
N LYS B 436 -68.09 104.02 69.46
CA LYS B 436 -67.15 103.57 68.42
C LYS B 436 -67.30 104.36 67.13
N LYS B 437 -68.46 104.26 66.47
CA LYS B 437 -68.57 104.87 65.15
C LYS B 437 -68.70 106.38 65.23
N ARG B 438 -69.21 106.92 66.34
CA ARG B 438 -69.32 108.36 66.45
C ARG B 438 -67.96 109.00 66.74
N GLU B 439 -67.07 108.33 67.48
CA GLU B 439 -65.73 108.88 67.57
C GLU B 439 -64.93 108.63 66.29
N SER B 440 -65.25 107.56 65.54
CA SER B 440 -64.60 107.39 64.25
C SER B 440 -65.02 108.49 63.26
N GLU B 441 -66.26 108.96 63.38
CA GLU B 441 -66.65 110.16 62.65
C GLU B 441 -65.95 111.41 63.19
N ALA B 442 -65.79 111.51 64.51
CA ALA B 442 -65.26 112.71 65.12
C ALA B 442 -63.77 112.91 64.86
N ARG B 443 -62.99 111.84 64.75
CA ARG B 443 -61.54 111.95 64.64
C ARG B 443 -61.07 112.40 63.27
N LEU B 444 -61.97 112.48 62.28
CA LEU B 444 -61.60 112.92 60.94
C LEU B 444 -61.96 114.38 60.69
N LEU B 445 -61.81 115.23 61.71
CA LEU B 445 -62.24 116.62 61.67
C LEU B 445 -61.39 117.51 60.77
N TRP B 446 -60.11 117.19 60.60
CA TRP B 446 -59.23 118.06 59.82
C TRP B 446 -59.39 117.87 58.31
N ALA B 447 -60.07 116.81 57.89
CA ALA B 447 -60.70 116.85 56.58
C ALA B 447 -61.80 117.89 56.69
N ASN B 448 -61.57 119.08 56.12
CA ASN B 448 -62.27 120.31 56.51
C ASN B 448 -63.70 120.28 56.00
N LYS B 449 -64.54 119.54 56.71
CA LYS B 449 -65.98 119.52 56.48
C LYS B 449 -66.65 119.44 57.85
N PRO B 450 -67.04 120.58 58.42
CA PRO B 450 -67.61 120.57 59.78
C PRO B 450 -69.02 120.03 59.86
N ASP B 451 -69.67 119.75 58.73
CA ASP B 451 -71.01 119.20 58.74
C ASP B 451 -71.03 117.79 59.33
N LYS B 452 -69.96 117.03 59.09
CA LYS B 452 -69.80 115.73 59.73
C LYS B 452 -69.68 115.87 61.25
N LEU B 453 -68.98 116.91 61.70
CA LEU B 453 -68.88 117.19 63.12
C LEU B 453 -70.22 117.58 63.70
N GLN B 454 -71.02 118.34 62.94
CA GLN B 454 -72.33 118.76 63.42
C GLN B 454 -73.28 117.57 63.54
N GLN B 455 -73.30 116.70 62.53
CA GLN B 455 -74.19 115.54 62.61
C GLN B 455 -73.70 114.53 63.64
N ALA B 456 -72.39 114.41 63.83
CA ALA B 456 -71.87 113.53 64.89
C ALA B 456 -72.20 114.08 66.27
N LYS B 457 -72.19 115.42 66.42
CA LYS B 457 -72.59 116.02 67.68
C LYS B 457 -74.08 115.80 67.95
N ASP B 458 -74.91 115.91 66.92
CA ASP B 458 -76.35 115.66 67.08
C ASP B 458 -76.60 114.20 67.42
N GLU B 459 -75.84 113.29 66.79
CA GLU B 459 -75.92 111.87 67.08
C GLU B 459 -75.57 111.57 68.52
N ILE B 460 -74.40 112.02 68.99
CA ILE B 460 -73.99 111.72 70.35
C ILE B 460 -74.93 112.37 71.36
N THR B 461 -75.44 113.58 71.08
CA THR B 461 -76.27 114.31 72.03
C THR B 461 -77.64 113.66 72.19
N GLU B 462 -78.40 113.57 71.09
CA GLU B 462 -79.76 113.04 71.19
C GLU B 462 -79.76 111.55 71.50
N TRP B 463 -78.74 110.82 71.00
CA TRP B 463 -78.67 109.40 71.23
C TRP B 463 -78.31 109.09 72.69
N GLU B 464 -77.41 109.88 73.31
CA GLU B 464 -77.13 109.64 74.73
C GLU B 464 -78.31 110.08 75.59
N SER B 465 -79.05 111.12 75.16
CA SER B 465 -80.22 111.56 75.93
C SER B 465 -81.27 110.48 75.96
N ARG B 466 -81.55 109.87 74.79
CA ARG B 466 -82.58 108.85 74.76
C ARG B 466 -82.10 107.54 75.41
N VAL B 467 -80.80 107.22 75.36
CA VAL B 467 -80.31 106.00 76.00
C VAL B 467 -80.33 106.13 77.52
N THR B 468 -79.92 107.29 78.05
CA THR B 468 -80.03 107.52 79.49
C THR B 468 -81.48 107.57 79.93
N GLN B 469 -82.34 108.13 79.09
CA GLN B 469 -83.78 108.06 79.31
C GLN B 469 -84.26 106.62 79.39
N TYR B 470 -83.73 105.77 78.50
CA TYR B 470 -84.08 104.35 78.49
C TYR B 470 -83.68 103.67 79.78
N GLU B 471 -82.45 103.91 80.28
CA GLU B 471 -82.07 103.13 81.45
C GLU B 471 -82.71 103.62 82.74
N ARG B 472 -83.02 104.93 82.88
CA ARG B 472 -83.75 105.22 84.12
C ARG B 472 -85.23 104.94 83.97
N ASP B 473 -85.75 104.86 82.74
CA ASP B 473 -87.08 104.26 82.59
C ASP B 473 -87.05 102.76 82.86
N PHE B 474 -85.91 102.11 82.69
CA PHE B 474 -85.79 100.71 83.07
C PHE B 474 -85.74 100.58 84.59
N GLU B 475 -85.15 101.58 85.24
CA GLU B 475 -85.29 101.69 86.69
C GLU B 475 -86.75 101.87 87.09
N ARG B 476 -87.49 102.67 86.32
CA ARG B 476 -88.92 102.87 86.60
C ARG B 476 -89.72 101.59 86.43
N ILE B 477 -89.43 100.83 85.38
CA ILE B 477 -90.19 99.59 85.19
C ILE B 477 -89.73 98.54 86.19
N SER B 478 -88.49 98.63 86.69
CA SER B 478 -88.07 97.76 87.78
C SER B 478 -88.84 98.08 89.06
N THR B 479 -89.10 99.36 89.31
CA THR B 479 -89.90 99.75 90.47
C THR B 479 -91.34 99.29 90.34
N VAL B 480 -91.92 99.40 89.14
CA VAL B 480 -93.31 98.97 89.02
C VAL B 480 -93.40 97.44 89.01
N VAL B 481 -92.33 96.76 88.60
CA VAL B 481 -92.26 95.31 88.78
C VAL B 481 -92.18 94.95 90.26
N ARG B 482 -91.46 95.74 91.05
CA ARG B 482 -91.38 95.44 92.49
C ARG B 482 -92.70 95.73 93.20
N LYS B 483 -93.44 96.75 92.76
CA LYS B 483 -94.80 96.95 93.28
C LYS B 483 -95.71 95.79 92.86
N GLU B 484 -95.52 95.28 91.64
CA GLU B 484 -96.25 94.08 91.24
C GLU B 484 -95.81 92.86 92.04
N VAL B 485 -94.55 92.84 92.49
CA VAL B 485 -94.05 91.76 93.34
C VAL B 485 -94.76 91.78 94.68
N THR B 486 -94.89 92.97 95.26
CA THR B 486 -95.69 93.15 96.47
C THR B 486 -97.14 92.74 96.24
N ARG B 487 -97.66 93.02 95.03
CA ARG B 487 -99.01 92.60 94.67
C ARG B 487 -99.12 91.08 94.62
N PHE B 488 -98.11 90.38 94.11
CA PHE B 488 -98.34 88.94 94.09
C PHE B 488 -97.89 88.24 95.36
N GLU B 489 -97.14 88.89 96.25
CA GLU B 489 -97.14 88.36 97.61
C GLU B 489 -98.46 88.62 98.31
N LYS B 490 -99.19 89.67 97.91
CA LYS B 490 -100.54 89.83 98.41
C LYS B 490 -101.45 88.71 97.90
N GLU B 491 -101.25 88.26 96.65
CA GLU B 491 -102.06 87.10 96.25
C GLU B 491 -101.49 85.79 96.78
N LYS B 492 -100.21 85.76 97.21
CA LYS B 492 -99.75 84.65 98.05
C LYS B 492 -100.57 84.59 99.33
N SER B 493 -100.77 85.75 99.96
CA SER B 493 -101.65 85.83 101.12
C SER B 493 -103.07 85.42 100.76
N LYS B 494 -103.52 85.77 99.55
CA LYS B 494 -104.89 85.48 99.14
C LYS B 494 -105.11 83.99 98.90
N ASP B 495 -104.18 83.32 98.23
CA ASP B 495 -104.43 81.90 97.95
C ASP B 495 -104.03 81.01 99.12
N PHE B 496 -103.11 81.48 99.97
CA PHE B 496 -102.96 80.86 101.27
C PHE B 496 -104.22 81.01 102.10
N LYS B 497 -104.88 82.17 102.00
CA LYS B 497 -106.19 82.37 102.60
C LYS B 497 -107.25 81.49 101.95
N ASN B 498 -107.09 81.17 100.67
CA ASN B 498 -108.00 80.23 100.04
C ASN B 498 -107.85 78.83 100.62
N HIS B 499 -106.62 78.41 100.90
CA HIS B 499 -106.46 77.15 101.62
C HIS B 499 -106.94 77.25 103.07
N VAL B 500 -106.81 78.44 103.67
CA VAL B 500 -107.30 78.65 105.04
C VAL B 500 -108.81 78.52 105.09
N MET B 501 -109.53 79.19 104.18
CA MET B 501 -110.97 79.04 104.12
C MET B 501 -111.37 77.66 103.61
N LYS B 502 -110.50 76.98 102.86
CA LYS B 502 -110.73 75.58 102.54
C LYS B 502 -110.77 74.72 103.79
N TYR B 503 -109.77 74.83 104.65
CA TYR B 503 -109.83 74.00 105.85
C TYR B 503 -110.89 74.52 106.83
N LEU B 504 -111.24 75.81 106.72
CA LEU B 504 -112.36 76.34 107.49
C LEU B 504 -113.66 75.66 107.12
N GLU B 505 -114.01 75.64 105.82
CA GLU B 505 -115.19 74.90 105.39
C GLU B 505 -115.01 73.39 105.53
N THR B 506 -113.78 72.89 105.54
CA THR B 506 -113.55 71.47 105.71
C THR B 506 -113.92 71.02 107.10
N LEU B 507 -113.38 71.71 108.11
CA LEU B 507 -113.75 71.46 109.50
C LEU B 507 -115.24 71.72 109.73
N LEU B 508 -115.77 72.80 109.15
CA LEU B 508 -117.19 73.11 109.25
C LEU B 508 -118.09 72.01 108.71
N HIS B 509 -118.00 71.70 107.41
CA HIS B 509 -118.96 70.77 106.83
C HIS B 509 -118.68 69.35 107.28
N SER B 510 -117.40 69.02 107.53
CA SER B 510 -117.04 67.72 108.07
C SER B 510 -117.66 67.51 109.45
N GLN B 511 -117.50 68.50 110.33
CA GLN B 511 -118.03 68.40 111.68
C GLN B 511 -119.55 68.39 111.67
N GLN B 512 -120.18 69.32 110.93
CA GLN B 512 -121.63 69.43 111.00
C GLN B 512 -122.32 68.25 110.33
N GLN B 513 -121.84 67.81 109.16
CA GLN B 513 -122.46 66.68 108.48
C GLN B 513 -122.16 65.38 109.20
N LEU B 514 -120.89 65.16 109.55
CA LEU B 514 -120.45 63.96 110.24
C LEU B 514 -121.14 63.79 111.58
N ALA B 515 -120.97 64.76 112.48
CA ALA B 515 -121.64 64.72 113.78
C ALA B 515 -123.15 64.85 113.67
N LYS B 516 -123.67 65.39 112.55
CA LYS B 516 -125.10 65.43 112.35
C LYS B 516 -125.66 64.04 112.14
N TYR B 517 -125.04 63.25 111.27
CA TYR B 517 -125.56 61.89 111.19
C TYR B 517 -125.09 61.01 112.33
N TRP B 518 -124.06 61.42 113.10
CA TRP B 518 -123.81 60.76 114.38
C TRP B 518 -124.98 60.96 115.35
N GLU B 519 -125.41 62.20 115.55
CA GLU B 519 -126.50 62.49 116.47
C GLU B 519 -127.86 62.17 115.87
N ALA B 520 -127.93 61.84 114.59
CA ALA B 520 -129.15 61.36 113.99
C ALA B 520 -129.20 59.85 113.85
N PHE B 521 -128.06 59.16 113.96
CA PHE B 521 -128.01 57.73 113.77
C PHE B 521 -127.65 56.95 115.02
N LEU B 522 -127.10 57.61 116.04
CA LEU B 522 -127.07 56.99 117.37
C LEU B 522 -128.44 56.85 118.04
N PRO B 523 -129.37 57.82 117.99
CA PRO B 523 -130.70 57.54 118.59
C PRO B 523 -131.50 56.48 117.85
N GLU B 524 -131.19 56.18 116.60
CA GLU B 524 -131.76 54.96 116.03
C GLU B 524 -130.90 53.75 116.34
N ALA B 525 -129.61 53.95 116.64
CA ALA B 525 -128.77 52.84 117.09
C ALA B 525 -128.73 52.72 118.61
N LYS B 526 -129.79 53.12 119.30
CA LYS B 526 -129.96 52.74 120.70
C LYS B 526 -130.04 51.21 120.82
N ALA B 527 -131.10 50.61 120.25
CA ALA B 527 -131.00 49.22 119.77
C ALA B 527 -131.95 49.05 118.58
N ILE B 528 -131.46 49.46 117.40
CA ILE B 528 -131.91 49.11 116.05
C ILE B 528 -130.67 49.31 115.20
N SER B 529 -130.30 48.32 114.40
CA SER B 529 -129.10 48.45 113.59
C SER B 529 -129.38 49.14 112.26
N PHE C 150 -11.40 161.78 61.00
CA PHE C 150 -12.15 160.73 61.66
C PHE C 150 -11.27 160.05 62.71
N ASP C 151 -11.91 159.44 63.71
CA ASP C 151 -11.27 158.83 64.87
C ASP C 151 -10.35 157.67 64.52
N LEU C 152 -10.57 157.01 63.37
CA LEU C 152 -9.74 155.90 62.92
C LEU C 152 -8.54 156.51 62.18
N THR C 153 -7.40 156.57 62.87
CA THR C 153 -6.14 157.06 62.28
C THR C 153 -5.12 155.94 62.40
N VAL C 154 -4.84 155.26 61.28
CA VAL C 154 -3.95 154.12 61.25
C VAL C 154 -2.83 154.36 60.24
N GLY C 155 -1.86 153.46 60.25
CA GLY C 155 -0.78 153.48 59.27
C GLY C 155 -0.19 152.10 59.05
N ILE C 156 -0.13 151.67 57.79
CA ILE C 156 0.29 150.31 57.44
C ILE C 156 1.49 150.41 56.52
N THR C 157 2.63 149.90 56.98
CA THR C 157 3.89 150.00 56.23
C THR C 157 4.58 148.64 56.24
N ASP C 158 5.79 148.63 55.67
CA ASP C 158 6.80 147.58 55.71
C ASP C 158 6.30 146.21 55.25
N PRO C 159 6.15 145.99 53.94
CA PRO C 159 5.81 144.64 53.46
C PRO C 159 6.96 143.66 53.63
N GLU C 160 7.08 143.10 54.83
CA GLU C 160 8.20 142.23 55.21
C GLU C 160 7.86 140.79 54.86
N LYS C 161 8.70 140.16 54.05
CA LYS C 161 8.49 138.79 53.59
C LYS C 161 8.91 137.78 54.65
N ILE C 162 8.36 136.57 54.53
CA ILE C 162 8.55 135.54 55.55
C ILE C 162 9.37 134.42 54.89
N GLY C 163 10.25 134.80 53.96
CA GLY C 163 11.14 133.84 53.32
C GLY C 163 10.81 133.69 51.84
N ASP C 164 11.11 132.50 51.32
CA ASP C 164 10.97 132.21 49.90
C ASP C 164 9.78 131.28 49.67
N GLY C 165 9.11 131.52 48.55
CA GLY C 165 7.96 130.74 48.14
C GLY C 165 7.17 131.50 47.09
N MET C 166 5.95 131.03 46.82
CA MET C 166 5.04 131.71 45.91
C MET C 166 3.70 131.88 46.59
N ASN C 167 3.34 133.14 46.89
CA ASN C 167 2.02 133.56 47.34
C ASN C 167 1.63 132.93 48.68
N ALA C 168 2.46 133.17 49.70
CA ALA C 168 2.16 132.61 51.02
C ALA C 168 1.92 133.67 52.10
N TYR C 169 2.91 134.50 52.43
CA TYR C 169 2.85 135.30 53.65
C TYR C 169 3.79 136.49 53.55
N VAL C 170 3.29 137.68 53.86
CA VAL C 170 4.08 138.89 53.98
C VAL C 170 3.61 139.65 55.23
N ALA C 171 4.54 139.99 56.10
CA ALA C 171 4.20 140.71 57.32
C ALA C 171 3.93 142.19 57.05
N TYR C 172 3.06 142.78 57.87
CA TYR C 172 2.63 144.17 57.72
C TYR C 172 2.90 144.92 59.01
N LYS C 173 3.72 145.97 58.92
CA LYS C 173 3.85 146.90 60.05
C LYS C 173 2.64 147.82 60.07
N VAL C 174 1.74 147.59 61.01
CA VAL C 174 0.47 148.33 61.09
C VAL C 174 0.50 149.15 62.36
N THR C 175 0.62 150.46 62.21
CA THR C 175 0.58 151.36 63.35
C THR C 175 -0.79 152.04 63.45
N THR C 176 -1.43 151.88 64.61
CA THR C 176 -2.80 152.35 64.82
C THR C 176 -2.80 153.40 65.93
N GLN C 177 -3.27 154.60 65.60
CA GLN C 177 -3.35 155.73 66.53
C GLN C 177 -4.79 156.15 66.75
N THR C 178 -5.67 155.17 66.96
CA THR C 178 -7.10 155.40 66.90
C THR C 178 -7.61 156.10 68.15
N SER C 179 -8.62 156.97 67.98
CA SER C 179 -9.39 157.53 69.08
C SER C 179 -10.46 156.55 69.54
N LEU C 180 -11.49 157.04 70.27
CA LEU C 180 -12.64 156.27 70.73
C LEU C 180 -12.24 155.14 71.67
N PRO C 181 -12.10 155.44 72.98
CA PRO C 181 -11.24 154.64 73.90
C PRO C 181 -11.53 153.16 74.09
N MET C 182 -12.47 152.60 73.33
CA MET C 182 -12.48 151.16 73.11
C MET C 182 -11.17 150.67 72.49
N PHE C 183 -10.54 151.48 71.63
CA PHE C 183 -9.12 151.32 71.34
C PHE C 183 -8.34 151.73 72.59
N ARG C 184 -7.34 150.92 72.95
CA ARG C 184 -6.86 150.88 74.33
C ARG C 184 -6.11 152.15 74.73
N SER C 185 -4.98 152.44 74.09
CA SER C 185 -4.05 153.42 74.65
C SER C 185 -3.47 154.39 73.63
N ARG C 186 -4.17 154.65 72.52
CA ARG C 186 -3.88 155.68 71.52
C ARG C 186 -2.56 155.49 70.77
N GLN C 187 -1.79 154.45 71.09
CA GLN C 187 -0.48 154.24 70.49
C GLN C 187 -0.24 152.73 70.46
N PHE C 188 -0.66 152.09 69.38
CA PHE C 188 -0.35 150.69 69.11
C PHE C 188 0.32 150.59 67.75
N ALA C 189 1.15 149.56 67.61
CA ALA C 189 1.88 149.28 66.37
C ALA C 189 1.96 147.76 66.23
N VAL C 190 1.00 147.19 65.52
CA VAL C 190 0.88 145.73 65.43
C VAL C 190 1.55 145.23 64.16
N LYS C 191 2.17 144.06 64.26
CA LYS C 191 2.74 143.36 63.12
C LYS C 191 1.82 142.21 62.79
N ARG C 192 1.11 142.30 61.67
CA ARG C 192 0.09 141.34 61.32
C ARG C 192 0.40 140.70 59.98
N ARG C 193 0.37 139.38 59.92
CA ARG C 193 0.54 138.63 58.69
C ARG C 193 -0.81 138.20 58.15
N PHE C 194 -1.05 138.48 56.87
CA PHE C 194 -2.30 138.09 56.24
C PHE C 194 -2.25 136.61 55.86
N SER C 195 -3.34 136.15 55.25
CA SER C 195 -3.67 134.74 55.01
C SER C 195 -3.74 133.93 56.30
N ASP C 196 -3.98 134.61 57.43
CA ASP C 196 -4.17 133.98 58.73
C ASP C 196 -5.45 134.47 59.40
N PHE C 197 -5.75 135.76 59.31
CA PHE C 197 -6.99 136.30 59.84
C PHE C 197 -8.10 136.38 58.82
N LEU C 198 -7.88 135.89 57.59
CA LEU C 198 -9.04 135.64 56.74
C LEU C 198 -9.75 134.36 57.19
N GLY C 199 -9.04 133.45 57.84
CA GLY C 199 -9.71 132.37 58.55
C GLY C 199 -10.50 132.88 59.74
N LEU C 200 -9.98 133.92 60.41
CA LEU C 200 -10.76 134.61 61.44
C LEU C 200 -11.98 135.29 60.81
N TYR C 201 -11.81 135.84 59.60
CA TYR C 201 -12.94 136.40 58.86
C TYR C 201 -13.96 135.35 58.47
N GLU C 202 -13.51 134.13 58.22
CA GLU C 202 -14.48 133.08 57.92
C GLU C 202 -15.15 132.54 59.18
N LYS C 203 -14.46 132.63 60.32
CA LYS C 203 -15.13 132.39 61.60
C LYS C 203 -16.19 133.47 61.84
N LEU C 204 -15.87 134.71 61.48
CA LEU C 204 -16.85 135.79 61.47
C LEU C 204 -17.99 135.52 60.49
N SER C 205 -17.68 134.89 59.36
CA SER C 205 -18.68 134.58 58.35
C SER C 205 -19.67 133.56 58.86
N GLU C 206 -19.18 132.45 59.42
CA GLU C 206 -20.08 131.46 60.01
C GLU C 206 -20.77 132.00 61.25
N LYS C 207 -20.11 132.92 61.98
CA LYS C 207 -20.71 133.54 63.15
C LYS C 207 -21.94 134.36 62.76
N HIS C 208 -21.79 135.27 61.80
CA HIS C 208 -22.97 136.02 61.39
C HIS C 208 -23.91 135.19 60.54
N SER C 209 -23.50 134.01 60.09
CA SER C 209 -24.49 133.09 59.55
C SER C 209 -25.40 132.59 60.66
N GLN C 210 -24.84 132.24 61.82
CA GLN C 210 -25.70 131.72 62.88
C GLN C 210 -26.43 132.83 63.64
N ASN C 211 -25.94 134.07 63.64
CA ASN C 211 -26.64 135.07 64.45
C ASN C 211 -27.01 136.35 63.71
N GLY C 212 -26.78 136.43 62.41
CA GLY C 212 -27.26 137.57 61.64
C GLY C 212 -26.53 138.88 61.89
N PHE C 213 -25.21 138.83 62.08
CA PHE C 213 -24.44 140.03 62.30
C PHE C 213 -23.93 140.57 60.96
N ILE C 214 -23.00 141.52 61.01
CA ILE C 214 -22.51 142.23 59.84
C ILE C 214 -20.99 142.25 59.85
N VAL C 215 -20.39 141.74 58.77
CA VAL C 215 -18.90 141.70 58.64
C VAL C 215 -18.48 142.83 57.70
N PRO C 216 -17.21 143.28 57.74
CA PRO C 216 -16.72 144.34 56.84
C PRO C 216 -16.06 143.80 55.56
N PRO C 217 -15.67 144.66 54.58
CA PRO C 217 -14.93 144.24 53.37
C PRO C 217 -13.81 143.20 53.57
N PRO C 218 -13.40 142.45 52.53
CA PRO C 218 -12.43 141.36 52.71
C PRO C 218 -11.02 141.71 53.17
N PRO C 219 -10.41 140.94 54.09
CA PRO C 219 -9.01 141.13 54.46
C PRO C 219 -8.31 140.22 53.44
N GLU C 220 -8.35 140.55 52.14
CA GLU C 220 -7.82 139.69 51.05
C GLU C 220 -6.55 138.93 51.44
N LYS C 221 -6.54 137.62 51.18
CA LYS C 221 -5.39 136.77 51.57
C LYS C 221 -4.44 136.57 50.37
N SER C 222 -3.60 135.55 50.43
CA SER C 222 -2.63 135.27 49.34
C SER C 222 -3.03 133.99 48.60
N LEU C 223 -2.06 133.19 48.16
CA LEU C 223 -2.35 132.03 47.30
C LEU C 223 -3.28 132.48 46.17
N ILE C 224 -2.95 133.64 45.60
CA ILE C 224 -3.74 134.26 44.55
C ILE C 224 -2.93 134.54 43.29
N GLY C 225 -1.60 134.58 43.37
CA GLY C 225 -0.81 134.96 42.21
C GLY C 225 -0.74 133.86 41.16
N MET C 226 -0.63 132.62 41.60
CA MET C 226 -0.56 131.48 40.69
C MET C 226 -1.77 130.56 40.79
N THR C 227 -2.67 130.81 41.74
CA THR C 227 -3.88 130.01 41.91
C THR C 227 -5.09 130.92 42.02
N LYS C 228 -6.24 130.41 41.57
CA LYS C 228 -7.60 130.89 41.86
C LYS C 228 -7.94 132.21 41.15
N VAL C 229 -6.95 132.84 40.54
CA VAL C 229 -7.13 134.12 39.85
C VAL C 229 -6.67 133.91 38.41
N LYS C 230 -7.35 134.57 37.46
CA LYS C 230 -7.16 134.32 36.03
C LYS C 230 -6.70 135.53 35.21
N VAL C 231 -5.58 136.20 35.54
CA VAL C 231 -4.48 135.76 36.40
C VAL C 231 -3.99 136.93 37.26
N GLY C 232 -2.92 136.70 38.04
CA GLY C 232 -2.30 137.75 38.83
C GLY C 232 -0.80 137.82 38.67
N LYS C 233 -0.23 139.02 38.71
CA LYS C 233 1.20 139.22 38.50
C LYS C 233 1.84 139.76 39.77
N GLU C 234 3.05 139.28 40.08
CA GLU C 234 3.71 139.56 41.34
C GLU C 234 4.61 140.78 41.32
N ASP C 235 5.18 141.13 40.17
CA ASP C 235 5.98 142.35 40.09
C ASP C 235 5.09 143.58 40.22
N SER C 236 3.88 143.52 39.68
CA SER C 236 2.86 144.52 39.97
C SER C 236 2.28 144.37 41.36
N SER C 237 2.44 143.21 41.99
CA SER C 237 1.93 143.04 43.34
C SER C 237 2.87 143.58 44.39
N SER C 238 4.18 143.54 44.11
CA SER C 238 5.32 143.62 45.03
C SER C 238 5.22 144.70 46.09
N ALA C 239 4.59 145.82 45.77
CA ALA C 239 4.15 146.75 46.79
C ALA C 239 2.71 147.16 46.51
N GLU C 240 2.31 147.09 45.25
CA GLU C 240 1.10 147.79 44.84
C GLU C 240 -0.16 146.97 45.13
N PHE C 241 -0.14 145.66 44.91
CA PHE C 241 -1.32 144.90 45.34
C PHE C 241 -1.35 144.75 46.84
N LEU C 242 -0.21 144.92 47.50
CA LEU C 242 -0.20 145.04 48.95
C LEU C 242 -0.85 146.34 49.38
N GLU C 243 -0.69 147.40 48.58
CA GLU C 243 -1.47 148.61 48.80
C GLU C 243 -2.96 148.40 48.52
N LYS C 244 -3.28 147.49 47.60
CA LYS C 244 -4.68 147.14 47.39
C LYS C 244 -5.23 146.34 48.57
N ARG C 245 -4.38 145.52 49.20
CA ARG C 245 -4.74 144.90 50.47
C ARG C 245 -4.97 145.97 51.54
N ARG C 246 -4.14 147.01 51.52
CA ARG C 246 -4.31 148.12 52.47
C ARG C 246 -5.61 148.87 52.22
N ALA C 247 -6.03 148.97 50.95
CA ALA C 247 -7.29 149.63 50.63
C ALA C 247 -8.48 148.80 51.10
N ALA C 248 -8.44 147.48 50.83
CA ALA C 248 -9.49 146.59 51.32
C ALA C 248 -9.50 146.53 52.84
N LEU C 249 -8.33 146.66 53.47
CA LEU C 249 -8.24 146.69 54.92
C LEU C 249 -8.72 148.02 55.49
N GLU C 250 -8.56 149.12 54.74
CA GLU C 250 -9.10 150.39 55.19
C GLU C 250 -10.62 150.36 55.14
N ARG C 251 -11.17 149.75 54.11
CA ARG C 251 -12.62 149.59 54.04
C ARG C 251 -13.12 148.62 55.12
N TYR C 252 -12.31 147.59 55.40
CA TYR C 252 -12.52 146.70 56.55
C TYR C 252 -12.61 147.49 57.85
N LEU C 253 -11.66 148.41 58.06
CA LEU C 253 -11.65 149.21 59.29
C LEU C 253 -12.84 150.14 59.38
N GLN C 254 -13.19 150.79 58.26
CA GLN C 254 -14.30 151.73 58.28
C GLN C 254 -15.62 151.03 58.52
N ARG C 255 -15.86 149.88 57.88
CA ARG C 255 -17.13 149.23 58.10
C ARG C 255 -17.15 148.37 59.36
N ILE C 256 -15.99 148.03 59.93
CA ILE C 256 -16.02 147.41 61.26
C ILE C 256 -16.27 148.48 62.32
N VAL C 257 -16.07 149.75 61.95
CA VAL C 257 -16.46 150.84 62.89
C VAL C 257 -17.95 151.08 62.64
N ASN C 258 -18.43 150.80 61.41
CA ASN C 258 -19.86 151.07 61.05
C ASN C 258 -20.84 150.22 61.85
N HIS C 259 -20.45 149.03 62.30
CA HIS C 259 -21.34 148.25 63.22
C HIS C 259 -20.74 148.47 64.62
N PRO C 260 -21.01 149.56 65.41
CA PRO C 260 -20.26 149.81 66.65
C PRO C 260 -20.64 148.91 67.81
N THR C 261 -21.90 148.48 67.86
CA THR C 261 -22.28 147.48 68.85
C THR C 261 -21.69 146.12 68.51
N MET C 262 -21.70 145.77 67.23
CA MET C 262 -21.05 144.54 66.76
C MET C 262 -19.53 144.70 66.70
N LEU C 263 -19.03 145.93 66.64
CA LEU C 263 -17.62 146.19 66.91
C LEU C 263 -17.28 145.87 68.35
N GLN C 264 -18.24 146.01 69.27
CA GLN C 264 -18.03 145.60 70.66
C GLN C 264 -18.34 144.12 70.86
N ASP C 265 -17.76 143.31 69.98
CA ASP C 265 -17.47 141.90 70.21
C ASP C 265 -15.96 141.91 70.44
N PRO C 266 -15.52 142.14 71.68
CA PRO C 266 -14.14 142.60 71.91
C PRO C 266 -13.08 141.54 71.67
N ASP C 267 -13.46 140.27 71.53
CA ASP C 267 -12.49 139.21 71.28
C ASP C 267 -11.77 139.42 69.96
N VAL C 268 -12.51 139.69 68.89
CA VAL C 268 -11.88 139.87 67.59
C VAL C 268 -11.21 141.24 67.47
N ARG C 269 -11.68 142.24 68.24
CA ARG C 269 -10.99 143.51 68.26
C ARG C 269 -9.62 143.38 68.93
N GLU C 270 -9.56 142.65 70.04
CA GLU C 270 -8.26 142.35 70.65
C GLU C 270 -7.44 141.41 69.79
N PHE C 271 -8.08 140.58 68.96
CA PHE C 271 -7.34 139.76 68.02
C PHE C 271 -6.66 140.62 66.96
N LEU C 272 -7.35 141.68 66.52
CA LEU C 272 -6.76 142.57 65.53
C LEU C 272 -5.68 143.46 66.14
N GLU C 273 -5.89 144.00 67.33
CA GLU C 273 -4.94 144.96 67.89
C GLU C 273 -3.87 144.31 68.76
N LYS C 274 -3.73 142.99 68.72
CA LYS C 274 -2.62 142.31 69.38
C LYS C 274 -1.95 141.37 68.38
N GLU C 275 -0.90 140.69 68.86
CA GLU C 275 -0.06 139.82 68.04
C GLU C 275 -0.01 138.45 68.72
N GLU C 276 -0.74 137.49 68.16
CA GLU C 276 -0.74 136.12 68.64
C GLU C 276 -0.71 135.15 67.48
N LEU C 277 -0.17 135.60 66.34
CA LEU C 277 -0.28 135.16 64.95
C LEU C 277 -0.27 133.65 64.77
N PRO C 278 -1.19 133.11 63.97
CA PRO C 278 -1.20 131.66 63.74
C PRO C 278 -0.04 131.21 62.86
N ARG C 279 0.12 129.89 62.77
CA ARG C 279 1.20 129.29 62.02
C ARG C 279 0.84 129.24 60.54
N ALA C 280 1.70 128.61 59.73
CA ALA C 280 1.64 128.70 58.27
C ALA C 280 0.84 127.58 57.63
N VAL C 281 -0.20 127.07 58.30
CA VAL C 281 -0.99 125.96 57.77
C VAL C 281 -2.22 126.46 57.03
N GLY C 282 -2.23 127.75 56.67
CA GLY C 282 -3.41 128.36 56.10
C GLY C 282 -3.68 128.12 54.61
N THR C 283 -3.14 127.05 54.05
CA THR C 283 -3.39 126.68 52.66
C THR C 283 -3.95 125.25 52.64
N GLN C 284 -5.28 125.13 52.65
CA GLN C 284 -5.93 123.84 52.60
C GLN C 284 -7.30 124.01 51.95
N ALA C 285 -8.00 122.89 51.78
CA ALA C 285 -9.33 122.90 51.17
C ALA C 285 -10.24 122.01 52.03
N LEU C 286 -11.19 122.63 52.72
CA LEU C 286 -12.18 121.94 53.54
C LEU C 286 -13.57 122.56 53.38
N SER C 287 -13.95 122.84 52.13
CA SER C 287 -15.17 123.56 51.82
C SER C 287 -16.39 122.65 51.72
N GLY C 288 -16.38 121.55 52.45
CA GLY C 288 -17.49 120.60 52.49
C GLY C 288 -18.79 121.19 52.98
N ALA C 289 -18.75 122.29 53.72
CA ALA C 289 -19.98 123.03 54.02
C ALA C 289 -20.61 123.57 52.74
N GLY C 290 -19.79 124.17 51.86
CA GLY C 290 -20.29 124.59 50.56
C GLY C 290 -20.71 123.42 49.69
N LEU C 291 -20.07 122.27 49.86
CA LEU C 291 -20.54 121.05 49.20
C LEU C 291 -21.94 120.65 49.67
N LEU C 292 -22.20 120.71 50.98
CA LEU C 292 -23.54 120.44 51.47
C LEU C 292 -24.56 121.49 51.03
N LYS C 293 -24.11 122.74 50.83
CA LYS C 293 -24.99 123.73 50.21
C LYS C 293 -25.35 123.35 48.79
N MET C 294 -24.37 122.85 48.03
CA MET C 294 -24.64 122.36 46.68
C MET C 294 -25.54 121.12 46.69
N PHE C 295 -25.46 120.30 47.74
CA PHE C 295 -26.42 119.21 47.89
C PHE C 295 -27.83 119.71 48.18
N ASN C 296 -27.96 120.71 49.06
CA ASN C 296 -29.28 121.18 49.45
C ASN C 296 -29.90 122.12 48.42
N LYS C 297 -29.13 122.51 47.39
CA LYS C 297 -29.66 123.31 46.28
C LYS C 297 -30.82 122.61 45.57
N ALA C 298 -30.83 121.27 45.56
CA ALA C 298 -31.94 120.53 44.95
C ALA C 298 -33.23 120.72 45.74
N THR C 299 -33.13 120.77 47.08
CA THR C 299 -34.31 121.05 47.89
C THR C 299 -34.71 122.52 47.77
N ASP C 300 -33.72 123.40 47.57
CA ASP C 300 -34.01 124.81 47.34
C ASP C 300 -34.82 125.01 46.05
N ALA C 301 -34.45 124.28 45.00
CA ALA C 301 -35.09 124.40 43.70
C ALA C 301 -36.54 123.91 43.69
N VAL C 302 -36.94 123.09 44.66
CA VAL C 302 -38.33 122.65 44.74
C VAL C 302 -39.10 123.37 45.85
N SER C 303 -38.40 124.05 46.77
CA SER C 303 -39.11 124.79 47.81
C SER C 303 -39.23 126.29 47.52
N LYS C 304 -38.55 126.80 46.48
CA LYS C 304 -38.44 128.24 46.27
C LYS C 304 -39.79 128.92 46.02
N MET C 305 -40.80 128.20 45.52
CA MET C 305 -42.13 128.79 45.35
C MET C 305 -42.81 129.05 46.70
N THR C 306 -42.74 128.07 47.60
CA THR C 306 -43.24 128.24 48.96
C THR C 306 -42.44 129.27 49.74
N ILE C 307 -41.19 129.52 49.34
CA ILE C 307 -40.54 130.74 49.82
C ILE C 307 -41.20 131.97 49.22
N LYS C 308 -41.47 131.97 47.91
CA LYS C 308 -41.97 133.15 47.20
C LYS C 308 -43.40 133.54 47.57
N MET C 309 -44.12 132.76 48.38
CA MET C 309 -45.47 133.17 48.76
C MET C 309 -45.49 134.25 49.85
N ASN C 310 -44.34 134.72 50.33
CA ASN C 310 -44.27 135.67 51.43
C ASN C 310 -44.53 137.11 50.94
N GLU C 311 -44.21 138.08 51.80
CA GLU C 311 -44.43 139.50 51.52
C GLU C 311 -43.15 140.34 51.59
N SER C 312 -42.16 139.96 52.41
CA SER C 312 -40.93 140.73 52.46
C SER C 312 -40.12 140.57 51.17
N ASP C 313 -40.17 139.38 50.56
CA ASP C 313 -39.51 139.21 49.28
C ASP C 313 -40.25 139.93 48.17
N ILE C 314 -41.52 140.28 48.39
CA ILE C 314 -42.21 141.16 47.46
C ILE C 314 -41.64 142.57 47.56
N TRP C 315 -41.12 142.94 48.73
CA TRP C 315 -40.33 144.15 48.83
C TRP C 315 -38.91 143.96 48.30
N PHE C 316 -38.42 142.72 48.24
CA PHE C 316 -37.00 142.50 48.00
C PHE C 316 -36.64 142.14 46.56
N GLU C 317 -37.52 141.45 45.82
CA GLU C 317 -37.09 140.79 44.58
C GLU C 317 -36.84 141.77 43.45
N GLU C 318 -37.37 143.00 43.57
CA GLU C 318 -37.02 144.07 42.63
C GLU C 318 -35.53 144.35 42.68
N LYS C 319 -34.98 144.36 43.90
CA LYS C 319 -33.53 144.51 44.07
C LYS C 319 -32.78 143.31 43.52
N LEU C 320 -33.41 142.13 43.54
CA LEU C 320 -32.78 140.93 43.02
C LEU C 320 -32.61 141.00 41.50
N GLN C 321 -33.70 141.29 40.79
CA GLN C 321 -33.62 141.40 39.33
C GLN C 321 -32.79 142.60 38.91
N GLU C 322 -32.90 143.70 39.66
CA GLU C 322 -32.13 144.89 39.39
C GLU C 322 -30.64 144.62 39.56
N VAL C 323 -30.26 143.94 40.64
CA VAL C 323 -28.85 143.66 40.84
C VAL C 323 -28.37 142.57 39.90
N GLU C 324 -29.28 141.76 39.34
CA GLU C 324 -28.89 140.81 38.30
C GLU C 324 -28.48 141.52 37.03
N CYS C 325 -29.30 142.48 36.56
CA CYS C 325 -28.90 143.20 35.35
C CYS C 325 -27.71 144.11 35.63
N GLU C 326 -27.59 144.63 36.86
CA GLU C 326 -26.41 145.40 37.24
C GLU C 326 -25.15 144.56 37.24
N GLU C 327 -25.21 143.32 37.78
CA GLU C 327 -24.01 142.50 37.84
C GLU C 327 -23.60 142.03 36.45
N GLN C 328 -24.59 141.79 35.58
CA GLN C 328 -24.27 141.44 34.19
C GLN C 328 -23.55 142.58 33.49
N ARG C 329 -24.09 143.80 33.62
CA ARG C 329 -23.50 144.96 32.90
C ARG C 329 -22.21 145.44 33.59
N LEU C 330 -21.98 145.10 34.86
CA LEU C 330 -20.69 145.51 35.47
C LEU C 330 -19.61 144.45 35.23
N ARG C 331 -19.99 143.18 35.04
CA ARG C 331 -18.97 142.16 34.71
C ARG C 331 -18.55 142.35 33.25
N LYS C 332 -19.46 142.84 32.40
CA LYS C 332 -19.09 143.16 31.03
C LYS C 332 -18.22 144.42 30.96
N LEU C 333 -18.59 145.47 31.71
CA LEU C 333 -17.78 146.67 31.77
C LEU C 333 -16.41 146.40 32.42
N HIS C 334 -16.31 145.43 33.55
CA HIS C 334 -15.06 144.93 34.13
C HIS C 334 -14.15 144.37 33.05
N ALA C 335 -14.70 143.51 32.19
CA ALA C 335 -13.94 142.87 31.13
C ALA C 335 -13.41 143.89 30.13
N VAL C 336 -14.25 144.85 29.73
CA VAL C 336 -13.79 145.82 28.73
C VAL C 336 -12.81 146.85 29.35
N VAL C 337 -12.97 147.15 30.64
CA VAL C 337 -12.00 147.98 31.37
C VAL C 337 -10.63 147.30 31.43
N GLU C 338 -10.61 146.01 31.76
CA GLU C 338 -9.33 145.31 31.78
C GLU C 338 -8.77 145.09 30.38
N THR C 339 -9.64 145.08 29.37
CA THR C 339 -9.18 145.10 27.99
C THR C 339 -8.47 146.41 27.66
N LEU C 340 -8.96 147.53 28.19
CA LEU C 340 -8.22 148.79 28.04
C LEU C 340 -6.92 148.78 28.83
N VAL C 341 -6.91 148.10 29.99
CA VAL C 341 -5.69 148.02 30.79
C VAL C 341 -4.61 147.23 30.06
N ASN C 342 -5.01 146.16 29.36
CA ASN C 342 -4.10 145.47 28.45
C ASN C 342 -3.69 146.39 27.28
N HIS C 343 -4.77 147.17 26.60
CA HIS C 343 -4.62 148.05 25.42
C HIS C 343 -3.54 149.11 25.62
N ARG C 344 -3.54 149.74 26.80
CA ARG C 344 -2.65 150.88 27.05
C ARG C 344 -1.19 150.48 27.04
N LYS C 345 -0.88 149.20 27.29
CA LYS C 345 0.51 148.77 27.37
C LYS C 345 1.17 148.79 26.01
N GLU C 346 0.51 148.22 25.00
CA GLU C 346 1.04 148.35 23.65
C GLU C 346 0.83 149.76 23.09
N LEU C 347 -0.13 150.53 23.62
CA LEU C 347 -0.18 151.97 23.32
C LEU C 347 1.13 152.66 23.74
N ALA C 348 1.54 152.41 24.98
CA ALA C 348 2.71 153.07 25.55
C ALA C 348 3.98 152.59 24.88
N LEU C 349 4.07 151.28 24.58
CA LEU C 349 5.24 150.76 23.87
C LEU C 349 5.29 151.28 22.44
N ASN C 350 4.13 151.43 21.79
CA ASN C 350 4.05 151.96 20.43
C ASN C 350 4.52 153.41 20.37
N THR C 351 4.02 154.25 21.27
CA THR C 351 4.44 155.65 21.29
C THR C 351 5.85 155.86 21.82
N ALA C 352 6.32 154.98 22.71
CA ALA C 352 7.71 155.04 23.15
C ALA C 352 8.66 154.67 22.02
N LEU C 353 8.33 153.64 21.24
CA LEU C 353 9.12 153.32 20.07
C LEU C 353 8.97 154.36 18.97
N PHE C 354 7.86 155.10 18.95
CA PHE C 354 7.78 156.28 18.10
C PHE C 354 8.79 157.34 18.48
N ALA C 355 8.94 157.61 19.78
CA ALA C 355 9.93 158.59 20.23
C ALA C 355 11.34 158.09 19.96
N LYS C 356 11.56 156.78 20.13
CA LYS C 356 12.84 156.18 19.78
C LYS C 356 13.11 156.26 18.28
N SER C 357 12.09 156.11 17.45
CA SER C 357 12.28 156.22 16.01
C SER C 357 12.45 157.67 15.58
N LEU C 358 11.88 158.62 16.33
CA LEU C 358 12.22 160.03 16.17
C LEU C 358 13.71 160.24 16.41
N ALA C 359 14.21 159.67 17.51
CA ALA C 359 15.63 159.76 17.82
C ALA C 359 16.50 159.06 16.77
N MET C 360 15.97 157.99 16.17
CA MET C 360 16.69 157.32 15.08
C MET C 360 16.74 158.19 13.84
N LEU C 361 15.58 158.53 13.28
CA LEU C 361 15.50 159.19 11.99
C LEU C 361 15.89 160.67 12.07
N GLY C 362 16.09 161.21 13.28
CA GLY C 362 16.67 162.53 13.40
C GLY C 362 18.18 162.54 13.27
N SER C 363 18.79 161.39 13.02
CA SER C 363 20.20 161.35 12.67
C SER C 363 20.38 161.61 11.17
N SER C 364 21.64 161.74 10.76
CA SER C 364 22.06 161.92 9.36
C SER C 364 21.44 163.17 8.74
N GLU C 365 21.29 164.22 9.54
CA GLU C 365 20.69 165.46 9.08
C GLU C 365 21.22 166.60 9.93
N ASP C 366 21.34 167.78 9.30
CA ASP C 366 21.72 169.01 10.00
C ASP C 366 20.60 170.03 9.77
N ASN C 367 19.55 169.91 10.58
CA ASN C 367 18.46 170.89 10.66
C ASN C 367 18.13 171.12 12.12
N THR C 368 19.18 171.44 12.92
CA THR C 368 19.28 171.29 14.36
C THR C 368 18.08 171.72 15.22
N ALA C 369 17.23 172.60 14.67
CA ALA C 369 15.88 172.77 15.20
C ALA C 369 15.13 171.45 15.25
N LEU C 370 15.33 170.58 14.25
CA LEU C 370 14.75 169.24 14.31
C LEU C 370 15.36 168.43 15.43
N SER C 371 16.64 168.64 15.75
CA SER C 371 17.27 167.91 16.85
C SER C 371 16.70 168.34 18.20
N ARG C 372 16.50 169.65 18.38
CA ARG C 372 15.82 170.14 19.59
C ARG C 372 14.37 169.67 19.64
N ALA C 373 13.73 169.53 18.47
CA ALA C 373 12.37 169.01 18.41
C ALA C 373 12.31 167.55 18.86
N LEU C 374 13.29 166.74 18.44
CA LEU C 374 13.47 165.39 18.97
C LEU C 374 13.62 165.40 20.49
N SER C 375 14.57 166.20 20.99
CA SER C 375 14.91 166.19 22.41
C SER C 375 13.78 166.71 23.29
N GLN C 376 12.86 167.49 22.75
CA GLN C 376 11.69 167.96 23.49
C GLN C 376 10.48 167.04 23.32
N LEU C 377 10.26 166.52 22.10
CA LEU C 377 9.14 165.65 21.82
C LEU C 377 9.23 164.28 22.47
N ALA C 378 10.42 163.69 22.54
CA ALA C 378 10.57 162.39 23.18
C ALA C 378 10.19 162.47 24.65
N GLU C 379 10.66 163.49 25.35
CA GLU C 379 10.35 163.59 26.78
C GLU C 379 8.91 164.03 27.04
N VAL C 380 8.30 164.87 26.19
CA VAL C 380 6.89 165.17 26.48
C VAL C 380 5.99 164.00 26.09
N GLU C 381 6.38 163.19 25.10
CA GLU C 381 5.69 161.93 24.85
C GLU C 381 5.79 161.01 26.05
N GLU C 382 6.95 160.97 26.69
CA GLU C 382 7.08 160.12 27.87
C GLU C 382 6.27 160.67 29.04
N LYS C 383 6.09 162.00 29.12
CA LYS C 383 5.20 162.57 30.13
C LYS C 383 3.76 162.14 29.91
N ILE C 384 3.28 162.22 28.67
CA ILE C 384 1.93 161.76 28.33
C ILE C 384 1.80 160.26 28.57
N GLU C 385 2.88 159.53 28.28
CA GLU C 385 2.93 158.08 28.47
C GLU C 385 2.73 157.70 29.92
N GLN C 386 3.55 158.27 30.82
CA GLN C 386 3.43 157.96 32.24
C GLN C 386 2.13 158.48 32.82
N LEU C 387 1.60 159.60 32.29
CA LEU C 387 0.35 160.18 32.80
C LEU C 387 -0.83 159.24 32.56
N HIS C 388 -1.09 158.92 31.29
CA HIS C 388 -2.23 158.04 31.03
C HIS C 388 -1.93 156.61 31.44
N GLN C 389 -0.65 156.25 31.60
CA GLN C 389 -0.31 154.93 32.12
C GLN C 389 -0.70 154.80 33.58
N GLU C 390 -0.35 155.80 34.42
CA GLU C 390 -0.69 155.68 35.83
C GLU C 390 -2.19 155.79 36.05
N GLN C 391 -2.88 156.63 35.28
CA GLN C 391 -4.33 156.65 35.37
C GLN C 391 -4.93 155.31 34.97
N ALA C 392 -4.57 154.87 33.74
CA ALA C 392 -5.07 153.69 33.06
C ALA C 392 -4.86 152.41 33.85
N ASN C 393 -3.76 152.28 34.60
CA ASN C 393 -3.80 151.13 35.49
C ASN C 393 -4.58 151.47 36.76
N ASN C 394 -4.09 152.41 37.59
CA ASN C 394 -4.37 152.34 39.03
C ASN C 394 -5.85 152.51 39.31
N ASP C 395 -6.50 153.46 38.63
CA ASP C 395 -7.90 153.67 39.01
C ASP C 395 -8.81 152.63 38.39
N PHE C 396 -8.46 152.15 37.19
CA PHE C 396 -9.27 151.16 36.52
C PHE C 396 -9.26 149.84 37.28
N PHE C 397 -8.08 149.37 37.68
CA PHE C 397 -8.01 148.06 38.37
C PHE C 397 -8.48 148.19 39.82
N LEU C 398 -8.49 149.42 40.36
CA LEU C 398 -9.02 149.62 41.73
C LEU C 398 -10.54 149.60 41.65
N LEU C 399 -11.12 150.29 40.67
CA LEU C 399 -12.60 150.25 40.49
C LEU C 399 -12.99 148.81 40.16
N ALA C 400 -12.07 148.05 39.53
CA ALA C 400 -12.34 146.65 39.23
C ALA C 400 -12.34 145.78 40.48
N GLU C 401 -11.38 146.01 41.39
CA GLU C 401 -11.39 145.34 42.69
C GLU C 401 -12.61 145.74 43.51
N LEU C 402 -13.03 147.00 43.39
CA LEU C 402 -14.21 147.51 44.08
C LEU C 402 -15.46 146.77 43.64
N LEU C 403 -15.68 146.66 42.34
CA LEU C 403 -16.81 145.90 41.85
C LEU C 403 -16.65 144.41 42.12
N SER C 404 -15.41 143.91 42.20
CA SER C 404 -15.19 142.48 42.40
C SER C 404 -15.57 142.04 43.82
N ASP C 405 -15.04 142.72 44.84
CA ASP C 405 -15.48 142.35 46.17
C ASP C 405 -16.87 142.88 46.48
N TYR C 406 -17.39 143.82 45.67
CA TYR C 406 -18.82 144.12 45.72
C TYR C 406 -19.65 142.92 45.26
N ILE C 407 -19.22 142.25 44.19
CA ILE C 407 -19.85 141.00 43.74
C ILE C 407 -19.72 139.91 44.80
N ARG C 408 -18.58 139.91 45.52
CA ARG C 408 -18.41 138.97 46.63
C ARG C 408 -19.44 139.25 47.73
N LEU C 409 -19.65 140.54 48.03
CA LEU C 409 -20.67 140.94 49.00
C LEU C 409 -22.06 140.55 48.53
N LEU C 410 -22.32 140.66 47.24
CA LEU C 410 -23.59 140.24 46.69
C LEU C 410 -23.79 138.73 46.83
N ALA C 411 -22.73 137.96 46.59
CA ALA C 411 -22.82 136.51 46.71
C ALA C 411 -23.04 136.09 48.16
N ILE C 412 -22.37 136.77 49.10
CA ILE C 412 -22.58 136.38 50.49
C ILE C 412 -23.92 136.87 51.03
N VAL C 413 -24.53 137.91 50.46
CA VAL C 413 -25.88 138.21 50.90
C VAL C 413 -26.92 137.32 50.21
N ARG C 414 -26.63 136.82 49.00
CA ARG C 414 -27.40 135.71 48.44
C ARG C 414 -27.41 134.54 49.40
N ALA C 415 -26.23 134.16 49.89
CA ALA C 415 -26.11 133.07 50.86
C ALA C 415 -26.77 133.43 52.19
N ALA C 416 -26.83 134.72 52.52
CA ALA C 416 -27.48 135.15 53.77
C ALA C 416 -28.98 134.89 53.73
N PHE C 417 -29.67 135.34 52.68
CA PHE C 417 -31.08 134.95 52.68
C PHE C 417 -31.30 133.52 52.23
N ASP C 418 -30.28 132.83 51.71
CA ASP C 418 -30.39 131.39 51.58
C ASP C 418 -30.39 130.70 52.94
N GLN C 419 -29.60 131.22 53.88
CA GLN C 419 -29.66 130.71 55.25
C GLN C 419 -31.00 131.05 55.91
N ARG C 420 -31.53 132.24 55.59
CA ARG C 420 -32.88 132.58 56.02
C ARG C 420 -33.91 131.61 55.44
N MET C 421 -33.72 131.21 54.18
CA MET C 421 -34.56 130.20 53.54
C MET C 421 -34.46 128.85 54.25
N LYS C 422 -33.25 128.46 54.61
CA LYS C 422 -33.04 127.16 55.26
C LYS C 422 -33.67 127.14 56.64
N THR C 423 -33.53 128.21 57.41
CA THR C 423 -34.21 128.29 58.69
C THR C 423 -35.72 128.45 58.54
N TRP C 424 -36.16 129.06 57.43
CA TRP C 424 -37.58 129.11 57.12
C TRP C 424 -38.16 127.71 56.96
N GLN C 425 -37.54 126.89 56.13
CA GLN C 425 -38.04 125.54 55.97
C GLN C 425 -37.79 124.67 57.21
N ARG C 426 -36.81 125.05 58.05
CA ARG C 426 -36.65 124.41 59.36
C ARG C 426 -37.88 124.59 60.23
N TRP C 427 -38.33 125.84 60.44
CA TRP C 427 -39.53 125.98 61.27
C TRP C 427 -40.77 125.52 60.52
N GLN C 428 -40.74 125.52 59.18
CA GLN C 428 -41.86 125.05 58.39
C GLN C 428 -42.12 123.56 58.60
N ASP C 429 -41.11 122.73 58.36
CA ASP C 429 -41.33 121.31 58.58
C ASP C 429 -41.34 120.96 60.07
N ALA C 430 -40.80 121.84 60.93
CA ALA C 430 -40.95 121.68 62.37
C ALA C 430 -42.42 121.77 62.78
N GLN C 431 -43.13 122.81 62.35
CA GLN C 431 -44.53 122.93 62.70
C GLN C 431 -45.39 121.90 61.97
N ALA C 432 -44.97 121.49 60.77
CA ALA C 432 -45.68 120.44 60.04
C ALA C 432 -45.63 119.12 60.81
N THR C 433 -44.43 118.65 61.14
CA THR C 433 -44.29 117.41 61.92
C THR C 433 -44.88 117.55 63.31
N LEU C 434 -44.82 118.77 63.89
CA LEU C 434 -45.50 119.08 65.15
C LEU C 434 -46.97 118.72 65.08
N GLN C 435 -47.69 119.33 64.13
CA GLN C 435 -49.12 119.11 63.97
C GLN C 435 -49.42 117.64 63.73
N LYS C 436 -48.67 117.00 62.81
CA LYS C 436 -48.96 115.62 62.42
C LYS C 436 -48.73 114.65 63.57
N LYS C 437 -47.49 114.53 64.06
CA LYS C 437 -47.23 113.49 65.05
C LYS C 437 -47.77 113.86 66.42
N ARG C 438 -47.93 115.15 66.72
CA ARG C 438 -48.49 115.52 68.01
C ARG C 438 -49.99 115.31 68.06
N GLU C 439 -50.70 115.49 66.94
CA GLU C 439 -52.10 115.09 66.98
C GLU C 439 -52.25 113.57 66.89
N SER C 440 -51.29 112.86 66.27
CA SER C 440 -51.35 111.41 66.30
C SER C 440 -51.13 110.88 67.72
N GLU C 441 -50.32 111.58 68.51
CA GLU C 441 -50.25 111.29 69.95
C GLU C 441 -51.54 111.65 70.66
N ALA C 442 -52.15 112.78 70.28
CA ALA C 442 -53.31 113.29 71.01
C ALA C 442 -54.57 112.47 70.78
N ARG C 443 -54.74 111.88 69.60
CA ARG C 443 -55.98 111.19 69.27
C ARG C 443 -56.11 109.83 69.94
N LEU C 444 -55.07 109.32 70.61
CA LEU C 444 -55.12 108.05 71.30
C LEU C 444 -55.36 108.21 72.80
N LEU C 445 -56.17 109.19 73.19
CA LEU C 445 -56.37 109.55 74.59
C LEU C 445 -57.17 108.53 75.38
N TRP C 446 -58.07 107.78 74.74
CA TRP C 446 -58.92 106.85 75.47
C TRP C 446 -58.22 105.55 75.82
N ALA C 447 -57.05 105.29 75.23
CA ALA C 447 -56.11 104.39 75.87
C ALA C 447 -55.65 105.12 77.12
N ASN C 448 -56.16 104.69 78.28
CA ASN C 448 -56.21 105.52 79.48
C ASN C 448 -54.82 105.67 80.08
N LYS C 449 -54.03 106.53 79.47
CA LYS C 449 -52.72 106.93 79.98
C LYS C 449 -52.58 108.43 79.71
N PRO C 450 -52.90 109.28 80.68
CA PRO C 450 -52.86 110.73 80.45
C PRO C 450 -51.46 111.32 80.39
N ASP C 451 -50.43 110.53 80.69
CA ASP C 451 -49.05 111.03 80.63
C ASP C 451 -48.65 111.34 79.20
N LYS C 452 -49.17 110.55 78.25
CA LYS C 452 -48.96 110.86 76.83
C LYS C 452 -49.62 112.18 76.46
N LEU C 453 -50.79 112.45 77.03
CA LEU C 453 -51.46 113.72 76.80
C LEU C 453 -50.68 114.87 77.41
N GLN C 454 -50.07 114.66 78.58
CA GLN C 454 -49.28 115.69 79.23
C GLN C 454 -48.03 116.02 78.44
N GLN C 455 -47.31 114.98 77.97
CA GLN C 455 -46.11 115.24 77.20
C GLN C 455 -46.42 115.81 75.82
N ALA C 456 -47.55 115.41 75.22
CA ALA C 456 -47.97 116.00 73.96
C ALA C 456 -48.37 117.47 74.12
N LYS C 457 -48.98 117.80 75.26
CA LYS C 457 -49.31 119.19 75.56
C LYS C 457 -48.05 120.03 75.75
N ASP C 458 -47.05 119.46 76.44
CA ASP C 458 -45.78 120.16 76.63
C ASP C 458 -45.06 120.36 75.30
N GLU C 459 -45.12 119.33 74.44
CA GLU C 459 -44.55 119.40 73.10
C GLU C 459 -45.19 120.51 72.28
N ILE C 460 -46.53 120.50 72.16
CA ILE C 460 -47.20 121.50 71.33
C ILE C 460 -47.00 122.89 71.91
N THR C 461 -46.99 123.03 73.24
CA THR C 461 -46.90 124.35 73.86
C THR C 461 -45.52 124.97 73.69
N GLU C 462 -44.48 124.30 74.19
CA GLU C 462 -43.14 124.87 74.13
C GLU C 462 -42.62 124.92 72.69
N TRP C 463 -43.01 123.93 71.87
CA TRP C 463 -42.55 123.89 70.50
C TRP C 463 -43.20 124.99 69.66
N GLU C 464 -44.50 125.29 69.88
CA GLU C 464 -45.08 126.41 69.15
C GLU C 464 -44.56 127.74 69.65
N SER C 465 -44.23 127.83 70.95
CA SER C 465 -43.68 129.08 71.49
C SER C 465 -42.33 129.38 70.86
N ARG C 466 -41.47 128.36 70.77
CA ARG C 466 -40.15 128.61 70.18
C ARG C 466 -40.23 128.78 68.66
N VAL C 467 -41.18 128.13 67.97
CA VAL C 467 -41.29 128.31 66.52
C VAL C 467 -41.82 129.70 66.17
N THR C 468 -42.83 130.18 66.91
CA THR C 468 -43.31 131.55 66.71
C THR C 468 -42.24 132.56 67.09
N GLN C 469 -41.46 132.26 68.14
CA GLN C 469 -40.29 133.05 68.48
C GLN C 469 -39.31 133.09 67.32
N TYR C 470 -39.11 131.96 66.65
CA TYR C 470 -38.22 131.87 65.50
C TYR C 470 -38.70 132.75 64.36
N GLU C 471 -39.99 132.71 64.03
CA GLU C 471 -40.38 133.48 62.85
C GLU C 471 -40.46 134.98 63.11
N ARG C 472 -40.79 135.44 64.32
CA ARG C 472 -40.71 136.90 64.45
C ARG C 472 -39.28 137.34 64.71
N ASP C 473 -38.39 136.46 65.19
CA ASP C 473 -36.98 136.77 65.13
C ASP C 473 -36.46 136.79 63.70
N PHE C 474 -37.10 136.04 62.80
CA PHE C 474 -36.74 136.12 61.39
C PHE C 474 -37.22 137.43 60.79
N GLU C 475 -38.35 137.92 61.29
CA GLU C 475 -38.75 139.30 60.98
C GLU C 475 -37.73 140.30 61.50
N ARG C 476 -37.17 140.04 62.69
CA ARG C 476 -36.15 140.92 63.25
C ARG C 476 -34.87 140.91 62.41
N ILE C 477 -34.45 139.73 61.96
CA ILE C 477 -33.24 139.70 61.16
C ILE C 477 -33.51 140.23 59.76
N SER C 478 -34.76 140.17 59.29
CA SER C 478 -35.11 140.83 58.04
C SER C 478 -35.00 142.35 58.17
N THR C 479 -35.42 142.87 59.33
CA THR C 479 -35.28 144.31 59.57
C THR C 479 -33.82 144.73 59.67
N VAL C 480 -32.97 143.92 60.34
CA VAL C 480 -31.57 144.33 60.43
C VAL C 480 -30.86 144.13 59.10
N VAL C 481 -31.35 143.20 58.26
CA VAL C 481 -30.86 143.10 56.89
C VAL C 481 -31.25 144.34 56.10
N ARG C 482 -32.46 144.86 56.31
CA ARG C 482 -32.86 146.07 55.59
C ARG C 482 -32.10 147.31 56.05
N LYS C 483 -31.77 147.39 57.33
CA LYS C 483 -30.86 148.45 57.78
C LYS C 483 -29.47 148.28 57.18
N GLU C 484 -29.02 147.03 57.04
CA GLU C 484 -27.76 146.79 56.32
C GLU C 484 -27.90 147.13 54.84
N VAL C 485 -29.09 147.00 54.28
CA VAL C 485 -29.34 147.38 52.88
C VAL C 485 -29.19 148.88 52.72
N THR C 486 -29.77 149.64 53.65
CA THR C 486 -29.56 151.08 53.71
C THR C 486 -28.08 151.43 53.88
N ARG C 487 -27.37 150.61 54.66
CA ARG C 487 -25.93 150.80 54.83
C ARG C 487 -25.18 150.56 53.53
N PHE C 488 -25.57 149.56 52.73
CA PHE C 488 -24.77 149.43 51.54
C PHE C 488 -25.28 150.26 50.36
N GLU C 489 -26.48 150.84 50.42
CA GLU C 489 -26.70 151.97 49.53
C GLU C 489 -25.92 153.20 49.98
N LYS C 490 -25.61 153.30 51.28
CA LYS C 490 -24.69 154.35 51.70
C LYS C 490 -23.29 154.10 51.15
N GLU C 491 -22.86 152.83 51.07
CA GLU C 491 -21.57 152.64 50.42
C GLU C 491 -21.67 152.67 48.89
N LYS C 492 -22.87 152.51 48.32
CA LYS C 492 -23.07 152.89 46.93
C LYS C 492 -22.78 154.36 46.74
N SER C 493 -23.31 155.20 47.65
CA SER C 493 -22.96 156.62 47.65
C SER C 493 -21.47 156.84 47.85
N LYS C 494 -20.84 156.00 48.67
CA LYS C 494 -19.43 156.17 49.00
C LYS C 494 -18.54 155.80 47.81
N ASP C 495 -18.82 154.71 47.10
CA ASP C 495 -17.92 154.35 46.01
C ASP C 495 -18.27 155.08 44.72
N PHE C 496 -19.53 155.53 44.58
CA PHE C 496 -19.83 156.54 43.57
C PHE C 496 -19.09 157.83 43.87
N LYS C 497 -18.98 158.20 45.15
CA LYS C 497 -18.15 159.32 45.56
C LYS C 497 -16.68 159.04 45.32
N ASN C 498 -16.25 157.78 45.38
CA ASN C 498 -14.88 157.44 45.03
C ASN C 498 -14.61 157.68 43.55
N HIS C 499 -15.57 157.36 42.68
CA HIS C 499 -15.41 157.74 41.28
C HIS C 499 -15.53 159.25 41.08
N VAL C 500 -16.34 159.93 41.91
CA VAL C 500 -16.45 161.37 41.85
C VAL C 500 -15.13 162.04 42.21
N MET C 501 -14.50 161.63 43.31
CA MET C 501 -13.20 162.16 43.66
C MET C 501 -12.11 161.67 42.72
N LYS C 502 -12.32 160.53 42.06
CA LYS C 502 -11.44 160.11 40.98
C LYS C 502 -11.44 161.12 39.84
N TYR C 503 -12.62 161.49 39.34
CA TYR C 503 -12.62 162.46 38.26
C TYR C 503 -12.26 163.85 38.77
N LEU C 504 -12.46 164.11 40.05
CA LEU C 504 -12.00 165.35 40.67
C LEU C 504 -10.48 165.46 40.59
N GLU C 505 -9.76 164.45 41.07
CA GLU C 505 -8.30 164.44 40.93
C GLU C 505 -7.87 164.26 39.49
N THR C 506 -8.71 163.67 38.64
CA THR C 506 -8.36 163.50 37.24
C THR C 506 -8.31 164.84 36.53
N LEU C 507 -9.39 165.62 36.65
CA LEU C 507 -9.42 166.97 36.13
C LEU C 507 -8.35 167.84 36.76
N LEU C 508 -8.16 167.71 38.08
CA LEU C 508 -7.12 168.45 38.80
C LEU C 508 -5.71 168.17 38.27
N HIS C 509 -5.24 166.93 38.36
CA HIS C 509 -3.84 166.66 38.02
C HIS C 509 -3.64 166.73 36.51
N SER C 510 -4.67 166.38 35.73
CA SER C 510 -4.61 166.49 34.28
C SER C 510 -4.44 167.95 33.88
N GLN C 511 -5.28 168.82 34.44
CA GLN C 511 -5.23 170.25 34.11
C GLN C 511 -3.93 170.88 34.58
N GLN C 512 -3.55 170.62 35.86
CA GLN C 512 -2.39 171.32 36.41
C GLN C 512 -1.09 170.82 35.77
N GLN C 513 -0.93 169.50 35.59
CA GLN C 513 0.28 168.98 34.99
C GLN C 513 0.34 169.30 33.51
N LEU C 514 -0.75 169.05 32.79
CA LEU C 514 -0.86 169.29 31.36
C LEU C 514 -0.63 170.75 31.02
N ALA C 515 -1.47 171.64 31.55
CA ALA C 515 -1.32 173.07 31.33
C ALA C 515 -0.06 173.63 31.98
N LYS C 516 0.52 172.94 32.96
CA LYS C 516 1.79 173.36 33.53
C LYS C 516 2.92 173.19 32.53
N TYR C 517 2.99 172.03 31.88
CA TYR C 517 4.04 171.96 30.87
C TYR C 517 3.63 172.65 29.57
N TRP C 518 2.33 172.97 29.38
CA TRP C 518 1.98 173.91 28.31
C TRP C 518 2.57 175.29 28.57
N GLU C 519 2.34 175.85 29.75
CA GLU C 519 2.86 177.17 30.09
C GLU C 519 4.34 177.17 30.42
N ALA C 520 4.95 175.99 30.53
CA ALA C 520 6.40 175.90 30.69
C ALA C 520 7.11 175.56 29.40
N PHE C 521 6.39 175.06 28.39
CA PHE C 521 7.01 174.65 27.15
C PHE C 521 6.62 175.51 25.95
N LEU C 522 5.55 176.29 26.04
CA LEU C 522 5.34 177.36 25.06
C LEU C 522 6.34 178.52 25.18
N PRO C 523 6.75 179.02 26.37
CA PRO C 523 7.80 180.06 26.37
C PRO C 523 9.16 179.58 25.90
N GLU C 524 9.44 178.28 25.91
CA GLU C 524 10.62 177.82 25.18
C GLU C 524 10.29 177.56 23.73
N ALA C 525 9.02 177.31 23.38
CA ALA C 525 8.62 177.19 21.99
C ALA C 525 8.14 178.50 21.40
N LYS C 526 8.65 179.64 21.90
CA LYS C 526 8.50 180.89 21.16
C LYS C 526 9.16 180.80 19.81
N ALA C 527 10.50 180.64 19.78
CA ALA C 527 11.14 179.96 18.66
C ALA C 527 12.41 179.27 19.17
N ILE C 528 12.21 178.07 19.74
CA ILE C 528 13.18 177.00 20.00
C ILE C 528 12.32 175.75 20.02
N SER C 529 12.69 174.73 19.27
CA SER C 529 11.88 173.51 19.25
C SER C 529 12.26 172.56 20.36
N PHE D 150 2.87 182.95 -3.62
CA PHE D 150 3.61 182.47 -4.79
C PHE D 150 2.72 182.57 -6.03
N ASP D 151 3.35 182.64 -7.20
CA ASP D 151 2.70 182.84 -8.48
C ASP D 151 1.75 181.72 -8.87
N LEU D 152 1.95 180.51 -8.34
CA LEU D 152 1.08 179.37 -8.61
C LEU D 152 -0.10 179.45 -7.66
N THR D 153 -1.24 179.93 -8.16
CA THR D 153 -2.47 180.02 -7.39
C THR D 153 -3.54 179.20 -8.12
N VAL D 154 -3.84 178.00 -7.60
CA VAL D 154 -4.76 177.09 -8.25
C VAL D 154 -5.88 176.71 -7.29
N GLY D 155 -6.88 176.01 -7.81
CA GLY D 155 -7.96 175.49 -7.00
C GLY D 155 -8.58 174.25 -7.62
N ILE D 156 -8.67 173.16 -6.86
CA ILE D 156 -9.12 171.87 -7.38
C ILE D 156 -10.32 171.44 -6.56
N THR D 157 -11.48 171.33 -7.22
CA THR D 157 -12.73 171.01 -6.55
C THR D 157 -13.46 169.92 -7.33
N ASP D 158 -14.68 169.61 -6.88
CA ASP D 158 -15.71 168.80 -7.52
C ASP D 158 -15.25 167.41 -7.94
N PRO D 159 -15.12 166.46 -7.02
CA PRO D 159 -14.82 165.09 -7.42
C PRO D 159 -15.99 164.41 -8.13
N GLU D 160 -16.11 164.67 -9.42
CA GLU D 160 -17.25 164.22 -10.22
C GLU D 160 -16.94 162.84 -10.80
N LYS D 161 -17.81 161.88 -10.51
CA LYS D 161 -17.63 160.50 -10.93
C LYS D 161 -18.07 160.30 -12.38
N ILE D 162 -17.56 159.24 -13.00
CA ILE D 162 -17.77 159.00 -14.43
C ILE D 162 -18.62 157.74 -14.55
N GLY D 163 -19.49 157.52 -13.57
CA GLY D 163 -20.41 156.39 -13.60
C GLY D 163 -20.10 155.40 -12.49
N ASP D 164 -20.43 154.14 -12.77
CA ASP D 164 -20.31 153.06 -11.79
C ASP D 164 -19.14 152.15 -12.15
N GLY D 165 -18.47 151.66 -11.12
CA GLY D 165 -17.35 150.76 -11.23
C GLY D 165 -16.55 150.75 -9.95
N MET D 166 -15.35 150.19 -10.02
CA MET D 166 -14.43 150.16 -8.90
C MET D 166 -13.07 150.67 -9.37
N ASN D 167 -12.69 151.85 -8.87
CA ASN D 167 -11.35 152.43 -8.99
C ASN D 167 -10.96 152.70 -10.45
N ALA D 168 -11.78 153.51 -11.14
CA ALA D 168 -11.48 153.83 -12.53
C ALA D 168 -11.21 155.30 -12.79
N TYR D 169 -12.17 156.19 -12.57
CA TYR D 169 -12.08 157.56 -13.08
C TYR D 169 -13.00 158.48 -12.29
N VAL D 170 -12.46 159.62 -11.85
CA VAL D 170 -13.22 160.70 -11.23
C VAL D 170 -12.72 162.01 -11.80
N ALA D 171 -13.63 162.85 -12.30
CA ALA D 171 -13.27 164.13 -12.87
C ALA D 171 -12.96 165.16 -11.78
N TYR D 172 -12.07 166.09 -12.11
CA TYR D 172 -11.61 167.12 -11.18
C TYR D 172 -11.85 168.50 -11.77
N LYS D 173 -12.64 169.32 -11.08
CA LYS D 173 -12.75 170.72 -11.44
C LYS D 173 -11.51 171.45 -10.94
N VAL D 174 -10.61 171.80 -11.84
CA VAL D 174 -9.32 172.41 -11.49
C VAL D 174 -9.32 173.82 -12.03
N THR D 175 -9.40 174.81 -11.14
CA THR D 175 -9.34 176.21 -11.53
C THR D 175 -7.95 176.77 -11.24
N THR D 176 -7.31 177.31 -12.26
CA THR D 176 -5.93 177.77 -12.18
C THR D 176 -5.89 179.28 -12.45
N GLN D 177 -5.39 180.04 -11.49
CA GLN D 177 -5.28 181.49 -11.58
C GLN D 177 -3.82 181.94 -11.54
N THR D 178 -2.97 181.24 -12.28
CA THR D 178 -1.53 181.35 -12.10
C THR D 178 -0.99 182.64 -12.72
N SER D 179 0.03 183.22 -12.08
CA SER D 179 0.82 184.31 -12.64
C SER D 179 1.87 183.75 -13.61
N LEU D 180 2.91 184.56 -13.91
CA LEU D 180 4.06 184.16 -14.75
C LEU D 180 3.63 183.82 -16.17
N PRO D 181 3.51 184.83 -17.06
CA PRO D 181 2.63 184.75 -18.25
C PRO D 181 2.89 183.65 -19.29
N MET D 182 3.82 182.73 -19.00
CA MET D 182 3.77 181.43 -19.67
C MET D 182 2.45 180.71 -19.44
N PHE D 183 1.84 180.87 -18.26
CA PHE D 183 0.42 180.60 -18.12
C PHE D 183 -0.35 181.69 -18.87
N ARG D 184 -1.37 181.28 -19.63
CA ARG D 184 -1.83 182.07 -20.77
C ARG D 184 -2.54 183.35 -20.34
N SER D 185 -3.67 183.23 -19.65
CA SER D 185 -4.57 184.37 -19.52
C SER D 185 -5.14 184.58 -18.12
N ARG D 186 -4.44 184.12 -17.07
CA ARG D 186 -4.71 184.38 -15.65
C ARG D 186 -6.05 183.82 -15.14
N GLN D 187 -6.83 183.17 -16.01
CA GLN D 187 -8.16 182.68 -15.64
C GLN D 187 -8.44 181.45 -16.51
N PHE D 188 -8.03 180.28 -16.00
CA PHE D 188 -8.38 179.01 -16.60
C PHE D 188 -9.06 178.14 -15.55
N ALA D 189 -9.93 177.25 -16.03
CA ALA D 189 -10.67 176.31 -15.19
C ALA D 189 -10.78 175.00 -15.97
N VAL D 190 -9.85 174.10 -15.73
CA VAL D 190 -9.76 172.87 -16.52
C VAL D 190 -10.46 171.73 -15.77
N LYS D 191 -11.10 170.86 -16.53
CA LYS D 191 -11.71 169.64 -16.01
C LYS D 191 -10.82 168.48 -16.44
N ARG D 192 -10.11 167.88 -15.48
CA ARG D 192 -9.11 166.87 -15.78
C ARG D 192 -9.45 165.58 -15.05
N ARG D 193 -9.45 164.48 -15.80
CA ARG D 193 -9.66 163.15 -15.22
C ARG D 193 -8.32 162.46 -15.05
N PHE D 194 -8.08 161.93 -13.84
CA PHE D 194 -6.85 161.22 -13.59
C PHE D 194 -6.93 159.80 -14.15
N SER D 195 -5.86 159.03 -13.92
CA SER D 195 -5.56 157.74 -14.56
C SER D 195 -5.50 157.84 -16.09
N ASP D 196 -5.25 159.04 -16.60
CA ASP D 196 -5.06 159.30 -18.03
C ASP D 196 -3.77 160.05 -18.30
N PHE D 197 -3.43 161.04 -17.47
CA PHE D 197 -2.19 161.75 -17.59
C PHE D 197 -1.07 161.19 -16.72
N LEU D 198 -1.31 160.09 -16.02
CA LEU D 198 -0.17 159.36 -15.49
C LEU D 198 0.51 158.57 -16.61
N GLY D 199 -0.22 158.23 -17.67
CA GLY D 199 0.43 157.75 -18.88
C GLY D 199 1.25 158.84 -19.56
N LEU D 200 0.77 160.09 -19.48
CA LEU D 200 1.56 161.23 -19.90
C LEU D 200 2.78 161.39 -19.01
N TYR D 201 2.63 161.12 -17.71
CA TYR D 201 3.76 161.13 -16.79
C TYR D 201 4.75 160.01 -17.10
N GLU D 202 4.28 158.88 -17.61
CA GLU D 202 5.22 157.84 -17.99
C GLU D 202 5.87 158.12 -19.33
N LYS D 203 5.20 158.89 -20.20
CA LYS D 203 5.88 159.42 -21.37
C LYS D 203 6.96 160.41 -20.95
N LEU D 204 6.68 161.21 -19.92
CA LEU D 204 7.68 162.06 -19.29
C LEU D 204 8.80 161.24 -18.67
N SER D 205 8.47 160.06 -18.12
CA SER D 205 9.45 159.20 -17.49
C SER D 205 10.43 158.65 -18.51
N GLU D 206 9.91 158.10 -19.61
CA GLU D 206 10.79 157.61 -20.67
C GLU D 206 11.50 158.77 -21.38
N LYS D 207 10.88 159.95 -21.42
CA LYS D 207 11.50 161.12 -22.01
C LYS D 207 12.74 161.54 -21.22
N HIS D 208 12.61 161.70 -19.91
CA HIS D 208 13.80 162.05 -19.15
C HIS D 208 14.72 160.85 -18.95
N SER D 209 14.28 159.64 -19.27
CA SER D 209 15.24 158.55 -19.39
C SER D 209 16.14 158.77 -20.59
N GLN D 210 15.58 159.18 -21.73
CA GLN D 210 16.44 159.37 -22.90
C GLN D 210 17.20 160.69 -22.87
N ASN D 211 16.73 161.72 -22.14
CA ASN D 211 17.46 162.98 -22.22
C ASN D 211 17.87 163.57 -20.87
N GLY D 212 17.62 162.89 -19.76
CA GLY D 212 18.13 163.34 -18.48
C GLY D 212 17.43 164.56 -17.91
N PHE D 213 16.12 164.67 -18.09
CA PHE D 213 15.38 165.79 -17.55
C PHE D 213 14.87 165.44 -16.14
N ILE D 214 13.97 166.28 -15.62
CA ILE D 214 13.49 166.18 -14.25
C ILE D 214 11.97 166.24 -14.23
N VAL D 215 11.33 165.24 -13.61
CA VAL D 215 9.88 165.16 -13.48
C VAL D 215 9.44 165.40 -12.03
N PRO D 216 8.21 165.89 -11.74
CA PRO D 216 7.81 166.20 -10.36
C PRO D 216 7.09 165.05 -9.64
N PRO D 217 6.71 165.18 -8.34
CA PRO D 217 5.90 164.15 -7.63
C PRO D 217 4.76 163.51 -8.42
N PRO D 218 4.31 162.29 -8.07
CA PRO D 218 3.32 161.57 -8.89
C PRO D 218 1.92 162.16 -9.04
N PRO D 219 1.31 162.08 -10.23
CA PRO D 219 -0.09 162.48 -10.40
C PRO D 219 -0.82 161.16 -10.12
N GLU D 220 -0.77 160.67 -8.86
CA GLU D 220 -1.32 159.34 -8.50
C GLU D 220 -2.61 158.97 -9.24
N LYS D 221 -2.66 157.76 -9.80
CA LYS D 221 -3.84 157.32 -10.60
C LYS D 221 -4.79 156.48 -9.74
N SER D 222 -5.66 155.71 -10.38
CA SER D 222 -6.64 154.87 -9.65
C SER D 222 -6.28 153.39 -9.81
N LEU D 223 -7.27 152.51 -9.91
CA LEU D 223 -7.02 151.06 -9.89
C LEU D 223 -6.10 150.73 -8.72
N ILE D 224 -6.39 151.36 -7.58
CA ILE D 224 -5.59 151.21 -6.37
C ILE D 224 -6.40 150.72 -5.19
N GLY D 225 -7.73 150.83 -5.22
CA GLY D 225 -8.51 150.48 -4.04
C GLY D 225 -8.62 148.98 -3.84
N MET D 226 -8.76 148.23 -4.92
CA MET D 226 -8.87 146.78 -4.86
C MET D 226 -7.67 146.07 -5.48
N THR D 227 -6.77 146.80 -6.12
CA THR D 227 -5.58 146.22 -6.74
C THR D 227 -4.34 147.00 -6.30
N LYS D 228 -3.20 146.29 -6.25
CA LYS D 228 -1.84 146.81 -6.21
C LYS D 228 -1.47 147.46 -4.86
N VAL D 229 -2.44 147.63 -3.98
CA VAL D 229 -2.25 148.26 -2.67
C VAL D 229 -2.72 147.26 -1.63
N LYS D 230 -2.03 147.23 -0.48
CA LYS D 230 -2.24 146.19 0.53
C LYS D 230 -2.67 146.69 1.91
N VAL D 231 -3.77 147.46 2.05
CA VAL D 231 -4.88 147.64 1.10
C VAL D 231 -5.33 149.10 1.10
N GLY D 232 -6.39 149.39 0.33
CA GLY D 232 -6.98 150.72 0.31
C GLY D 232 -8.49 150.72 0.49
N LYS D 233 -9.03 151.74 1.18
CA LYS D 233 -10.45 151.82 1.48
C LYS D 233 -11.07 153.00 0.76
N GLU D 234 -12.29 152.82 0.25
CA GLU D 234 -12.92 153.81 -0.61
C GLU D 234 -13.80 154.81 0.14
N ASP D 235 -14.37 154.42 1.29
CA ASP D 235 -15.13 155.39 2.06
C ASP D 235 -14.22 156.45 2.68
N SER D 236 -13.01 156.04 3.07
CA SER D 236 -11.97 157.00 3.41
C SER D 236 -11.39 157.68 2.18
N SER D 237 -11.57 157.11 1.00
CA SER D 237 -11.06 157.75 -0.20
C SER D 237 -11.98 158.83 -0.72
N SER D 238 -13.29 158.66 -0.51
CA SER D 238 -14.41 159.30 -1.20
C SER D 238 -14.28 160.80 -1.43
N ALA D 239 -13.62 161.50 -0.51
CA ALA D 239 -13.15 162.84 -0.79
C ALA D 239 -11.70 162.98 -0.34
N GLU D 240 -11.31 162.17 0.63
CA GLU D 240 -10.08 162.45 1.36
C GLU D 240 -8.84 161.94 0.64
N PHE D 241 -8.90 160.75 0.05
CA PHE D 241 -7.74 160.35 -0.76
C PHE D 241 -7.70 161.11 -2.06
N LEU D 242 -8.84 161.66 -2.49
CA LEU D 242 -8.83 162.61 -3.59
C LEU D 242 -8.14 163.90 -3.18
N GLU D 243 -8.28 164.30 -1.90
CA GLU D 243 -7.47 165.39 -1.39
C GLU D 243 -5.99 165.01 -1.29
N LYS D 244 -5.70 163.72 -1.07
CA LYS D 244 -4.31 163.28 -1.13
C LYS D 244 -3.77 163.32 -2.56
N ARG D 245 -4.63 163.04 -3.54
CA ARG D 245 -4.29 163.28 -4.94
C ARG D 245 -4.02 164.76 -5.18
N ARG D 246 -4.82 165.62 -4.54
CA ARG D 246 -4.61 167.07 -4.66
C ARG D 246 -3.30 167.49 -4.02
N ALA D 247 -2.88 166.82 -2.95
CA ALA D 247 -1.61 167.14 -2.32
C ALA D 247 -0.44 166.71 -3.20
N ALA D 248 -0.51 165.49 -3.74
CA ALA D 248 0.52 165.03 -4.68
C ALA D 248 0.54 165.88 -5.94
N LEU D 249 -0.63 166.37 -6.36
CA LEU D 249 -0.70 167.26 -7.53
C LEU D 249 -0.20 168.65 -7.20
N GLU D 250 -0.32 169.10 -5.96
CA GLU D 250 0.26 170.38 -5.58
C GLU D 250 1.77 170.30 -5.57
N ARG D 251 2.30 169.17 -5.10
CA ARG D 251 3.75 168.97 -5.15
C ARG D 251 4.22 168.81 -6.59
N TYR D 252 3.39 168.16 -7.42
CA TYR D 252 3.59 168.11 -8.86
C TYR D 252 3.70 169.51 -9.46
N LEU D 253 2.78 170.40 -9.09
CA LEU D 253 2.80 171.76 -9.62
C LEU D 253 4.01 172.55 -9.14
N GLN D 254 4.37 172.41 -7.86
CA GLN D 254 5.51 173.15 -7.34
C GLN D 254 6.82 172.70 -7.96
N ARG D 255 7.01 171.39 -8.11
CA ARG D 255 8.27 170.95 -8.69
C ARG D 255 8.28 171.00 -10.21
N ILE D 256 7.11 171.09 -10.86
CA ILE D 256 7.15 171.36 -12.29
C ILE D 256 7.42 172.84 -12.53
N VAL D 257 7.25 173.66 -11.50
CA VAL D 257 7.68 175.08 -11.61
C VAL D 257 9.18 175.09 -11.29
N ASN D 258 9.64 174.14 -10.47
CA ASN D 258 11.06 174.11 -10.02
C ASN D 258 12.04 173.86 -11.17
N HIS D 259 11.62 173.17 -12.24
CA HIS D 259 12.49 173.06 -13.44
C HIS D 259 11.90 174.08 -14.44
N PRO D 260 12.22 175.41 -14.44
CA PRO D 260 11.48 176.37 -15.29
C PRO D 260 11.84 176.29 -16.77
N THR D 261 13.09 175.95 -17.07
CA THR D 261 13.46 175.71 -18.47
C THR D 261 12.83 174.42 -18.98
N MET D 262 12.81 173.39 -18.15
CA MET D 262 12.14 172.15 -18.49
C MET D 262 10.63 172.27 -18.34
N LEU D 263 10.16 173.24 -17.55
CA LEU D 263 8.76 173.64 -17.61
C LEU D 263 8.41 174.25 -18.97
N GLN D 264 9.38 174.87 -19.63
CA GLN D 264 9.18 175.35 -20.99
C GLN D 264 9.44 174.26 -22.02
N ASP D 265 8.84 173.11 -21.79
CA ASP D 265 8.52 172.11 -22.80
C ASP D 265 7.02 172.30 -22.96
N PRO D 266 6.58 173.21 -23.83
CA PRO D 266 5.22 173.76 -23.74
C PRO D 266 4.13 172.79 -24.15
N ASP D 267 4.48 171.67 -24.78
CA ASP D 267 3.48 170.69 -25.20
C ASP D 267 2.76 170.10 -24.00
N VAL D 268 3.50 169.67 -22.98
CA VAL D 268 2.86 169.07 -21.81
C VAL D 268 2.24 170.13 -20.91
N ARG D 269 2.72 171.37 -20.95
CA ARG D 269 2.06 172.44 -20.21
C ARG D 269 0.70 172.76 -20.82
N GLU D 270 0.62 172.81 -22.15
CA GLU D 270 -0.67 172.96 -22.81
C GLU D 270 -1.53 171.71 -22.66
N PHE D 271 -0.91 170.54 -22.48
CA PHE D 271 -1.67 169.35 -22.19
C PHE D 271 -2.35 169.45 -20.82
N LEU D 272 -1.64 170.01 -19.85
CA LEU D 272 -2.21 170.18 -18.52
C LEU D 272 -3.26 171.28 -18.48
N GLU D 273 -3.02 172.41 -19.14
CA GLU D 273 -3.95 173.54 -19.02
C GLU D 273 -5.03 173.55 -20.09
N LYS D 274 -5.21 172.47 -20.83
CA LYS D 274 -6.33 172.32 -21.75
C LYS D 274 -7.03 171.00 -21.50
N GLU D 275 -8.09 170.75 -22.28
CA GLU D 275 -8.95 169.59 -22.11
C GLU D 275 -9.04 168.88 -23.46
N GLU D 276 -8.34 167.76 -23.57
CA GLU D 276 -8.36 166.93 -24.77
C GLU D 276 -8.43 165.46 -24.40
N LEU D 277 -8.96 165.18 -23.20
CA LEU D 277 -8.87 164.00 -22.33
C LEU D 277 -8.93 162.66 -23.08
N PRO D 278 -8.04 161.74 -22.76
CA PRO D 278 -8.06 160.43 -23.42
C PRO D 278 -9.23 159.59 -22.97
N ARG D 279 -9.42 158.47 -23.66
CA ARG D 279 -10.53 157.56 -23.40
C ARG D 279 -10.18 156.63 -22.23
N ALA D 280 -11.06 155.68 -21.93
CA ALA D 280 -11.01 154.90 -20.71
C ALA D 280 -10.24 153.59 -20.85
N VAL D 281 -9.20 153.55 -21.70
CA VAL D 281 -8.45 152.32 -21.92
C VAL D 281 -7.21 152.26 -21.05
N GLY D 282 -7.18 153.09 -20.00
CA GLY D 282 -5.99 153.23 -19.17
C GLY D 282 -5.73 152.16 -18.12
N THR D 283 -6.30 150.97 -18.30
CA THR D 283 -6.07 149.84 -17.39
C THR D 283 -5.55 148.66 -18.21
N GLN D 284 -4.23 148.55 -18.31
CA GLN D 284 -3.61 147.45 -19.03
C GLN D 284 -2.24 147.17 -18.41
N ALA D 285 -1.56 146.15 -18.94
CA ALA D 285 -0.24 145.77 -18.45
C ALA D 285 0.66 145.53 -19.67
N LEU D 286 1.63 146.41 -19.88
CA LEU D 286 2.60 146.30 -20.96
C LEU D 286 4.00 146.68 -20.47
N SER D 287 4.39 146.17 -19.31
CA SER D 287 5.63 146.54 -18.63
C SER D 287 6.82 145.72 -19.10
N GLY D 288 6.78 145.25 -20.35
CA GLY D 288 7.87 144.48 -20.94
C GLY D 288 9.20 145.20 -20.99
N ALA D 289 9.19 146.53 -20.96
CA ALA D 289 10.43 147.28 -20.78
C ALA D 289 11.06 146.95 -19.43
N GLY D 290 10.27 146.94 -18.35
CA GLY D 290 10.75 146.51 -17.06
C GLY D 290 11.14 145.04 -17.03
N LEU D 291 10.47 144.22 -17.86
CA LEU D 291 10.90 142.83 -18.04
C LEU D 291 12.29 142.75 -18.65
N LEU D 292 12.57 143.56 -19.69
CA LEU D 292 13.92 143.59 -20.26
C LEU D 292 14.94 144.17 -19.29
N LYS D 293 14.52 145.07 -18.39
CA LYS D 293 15.43 145.50 -17.33
C LYS D 293 15.77 144.33 -16.40
N MET D 294 14.77 143.52 -16.07
CA MET D 294 15.03 142.32 -15.26
C MET D 294 15.89 141.30 -16.01
N PHE D 295 15.80 141.25 -17.34
CA PHE D 295 16.73 140.43 -18.11
C PHE D 295 18.15 140.97 -18.06
N ASN D 296 18.31 142.29 -18.19
CA ASN D 296 19.66 142.88 -18.24
C ASN D 296 20.29 143.02 -16.85
N LYS D 297 19.52 142.75 -15.79
CA LYS D 297 20.06 142.73 -14.44
C LYS D 297 21.19 141.71 -14.27
N ALA D 298 21.17 140.62 -15.04
CA ALA D 298 22.26 139.65 -14.99
C ALA D 298 23.56 140.23 -15.54
N THR D 299 23.48 141.05 -16.58
CA THR D 299 24.66 141.73 -17.09
C THR D 299 25.10 142.84 -16.14
N ASP D 300 24.13 143.46 -15.45
CA ASP D 300 24.45 144.46 -14.43
C ASP D 300 25.26 143.84 -13.29
N ALA D 301 24.87 142.64 -12.87
CA ALA D 301 25.51 141.97 -11.74
C ALA D 301 26.93 141.52 -12.03
N VAL D 302 27.31 141.41 -13.30
CA VAL D 302 28.69 141.08 -13.65
C VAL D 302 29.49 142.29 -14.11
N SER D 303 28.83 143.40 -14.46
CA SER D 303 29.56 144.59 -14.87
C SER D 303 29.72 145.62 -13.77
N LYS D 304 29.03 145.45 -12.62
CA LYS D 304 28.97 146.50 -11.59
C LYS D 304 30.32 146.87 -11.01
N MET D 305 31.31 145.96 -11.04
CA MET D 305 32.65 146.31 -10.56
C MET D 305 33.34 147.29 -11.50
N THR D 306 33.26 147.03 -12.82
CA THR D 306 33.77 147.94 -13.82
C THR D 306 33.02 149.27 -13.83
N ILE D 307 31.77 149.26 -13.36
CA ILE D 307 31.14 150.54 -13.02
C ILE D 307 31.84 151.18 -11.83
N LYS D 308 32.09 150.41 -10.76
CA LYS D 308 32.63 150.92 -9.50
C LYS D 308 34.06 151.42 -9.59
N MET D 309 34.77 151.25 -10.71
CA MET D 309 36.13 151.77 -10.79
C MET D 309 36.19 153.29 -11.03
N ASN D 310 35.05 153.97 -11.13
CA ASN D 310 35.01 155.40 -11.47
C ASN D 310 35.30 156.26 -10.23
N GLU D 311 35.01 157.56 -10.35
CA GLU D 311 35.26 158.54 -9.30
C GLU D 311 34.01 159.29 -8.85
N SER D 312 33.02 159.49 -9.73
CA SER D 312 31.80 160.17 -9.32
C SER D 312 30.99 159.31 -8.36
N ASP D 313 31.00 157.99 -8.55
CA ASP D 313 30.32 157.12 -7.61
C ASP D 313 31.08 157.03 -6.30
N ILE D 314 32.36 157.41 -6.28
CA ILE D 314 33.07 157.56 -5.01
C ILE D 314 32.53 158.77 -4.27
N TRP D 315 32.02 159.77 -4.99
CA TRP D 315 31.26 160.83 -4.36
C TRP D 315 29.84 160.41 -4.02
N PHE D 316 29.32 159.37 -4.70
CA PHE D 316 27.89 159.09 -4.62
C PHE D 316 27.51 157.97 -3.66
N GLU D 317 28.36 156.94 -3.47
CA GLU D 317 27.91 155.70 -2.86
C GLU D 317 27.68 155.84 -1.36
N GLU D 318 28.23 156.89 -0.74
CA GLU D 318 27.90 157.20 0.64
C GLU D 318 26.43 157.51 0.78
N LYS D 319 25.88 158.24 -0.20
CA LYS D 319 24.45 158.49 -0.24
C LYS D 319 23.66 157.22 -0.48
N LEU D 320 24.26 156.26 -1.20
CA LEU D 320 23.59 155.00 -1.48
C LEU D 320 23.41 154.17 -0.21
N GLN D 321 24.50 153.95 0.54
CA GLN D 321 24.42 153.19 1.78
C GLN D 321 23.61 153.94 2.84
N GLU D 322 23.76 155.27 2.86
CA GLU D 322 23.01 156.10 3.80
C GLU D 322 21.52 156.01 3.51
N VAL D 323 21.13 156.10 2.25
CA VAL D 323 19.71 156.03 1.92
C VAL D 323 19.20 154.61 2.05
N GLU D 324 20.09 153.61 2.03
CA GLU D 324 19.67 152.24 2.31
C GLU D 324 19.26 152.07 3.77
N CYS D 325 20.11 152.55 4.70
CA CYS D 325 19.71 152.45 6.10
C CYS D 325 18.54 153.36 6.42
N GLU D 326 18.45 154.51 5.73
CA GLU D 326 17.30 155.39 5.88
C GLU D 326 16.02 154.74 5.39
N GLU D 327 16.05 154.05 4.23
CA GLU D 327 14.82 153.45 3.72
C GLU D 327 14.40 152.27 4.56
N GLN D 328 15.36 151.53 5.13
CA GLN D 328 15.04 150.45 6.05
C GLN D 328 14.34 150.97 7.29
N ARG D 329 14.90 152.00 7.91
CA ARG D 329 14.31 152.49 9.18
C ARG D 329 13.05 153.33 8.92
N LEU D 330 12.85 153.83 7.70
CA LEU D 330 11.57 154.55 7.44
C LEU D 330 10.47 153.58 7.03
N ARG D 331 10.81 152.44 6.41
CA ARG D 331 9.76 151.44 6.09
C ARG D 331 9.32 150.76 7.40
N LYS D 332 10.25 150.65 8.36
CA LYS D 332 9.88 150.12 9.67
C LYS D 332 9.04 151.12 10.46
N LEU D 333 9.44 152.40 10.47
CA LEU D 333 8.65 153.43 11.13
C LEU D 333 7.29 153.62 10.46
N HIS D 334 7.18 153.50 8.97
CA HIS D 334 5.91 153.46 8.23
C HIS D 334 4.98 152.40 8.78
N ALA D 335 5.52 151.18 8.96
CA ALA D 335 4.71 150.07 9.46
C ALA D 335 4.21 150.31 10.88
N VAL D 336 5.07 150.83 11.75
CA VAL D 336 4.63 151.06 13.14
C VAL D 336 3.68 152.26 13.24
N VAL D 337 3.85 153.27 12.38
CA VAL D 337 2.90 154.39 12.28
C VAL D 337 1.53 153.91 11.84
N GLU D 338 1.47 153.05 10.82
CA GLU D 338 0.17 152.54 10.40
C GLU D 338 -0.39 151.55 11.41
N THR D 339 0.47 150.93 12.22
CA THR D 339 -0.01 150.14 13.35
C THR D 339 -0.68 151.03 14.39
N LEU D 340 -0.16 152.24 14.61
CA LEU D 340 -0.87 153.18 15.48
C LEU D 340 -2.17 153.68 14.84
N VAL D 341 -2.18 153.81 13.51
CA VAL D 341 -3.40 154.24 12.82
C VAL D 341 -4.51 153.20 12.96
N ASN D 342 -4.14 151.91 12.89
CA ASN D 342 -5.08 150.84 13.23
C ASN D 342 -5.47 150.91 14.72
N HIS D 343 -4.37 151.13 15.72
CA HIS D 343 -4.52 151.14 17.19
C HIS D 343 -5.56 152.14 17.67
N ARG D 344 -5.54 153.35 17.08
CA ARG D 344 -6.39 154.43 17.56
C ARG D 344 -7.88 154.13 17.34
N LYS D 345 -8.20 153.26 16.39
CA LYS D 345 -9.61 152.99 16.08
C LYS D 345 -10.27 152.23 17.21
N GLU D 346 -9.64 151.15 17.68
CA GLU D 346 -10.17 150.49 18.86
C GLU D 346 -9.94 151.29 20.13
N LEU D 347 -8.95 152.20 20.15
CA LEU D 347 -8.88 153.18 21.24
C LEU D 347 -10.15 154.02 21.31
N ALA D 348 -10.56 154.56 20.16
CA ALA D 348 -11.71 155.45 20.10
C ALA D 348 -13.00 154.70 20.37
N LEU D 349 -13.13 153.48 19.85
CA LEU D 349 -14.30 152.67 20.13
C LEU D 349 -14.36 152.25 21.59
N ASN D 350 -13.20 151.97 22.20
CA ASN D 350 -13.12 151.59 23.61
C ASN D 350 -13.54 152.75 24.51
N THR D 351 -13.01 153.94 24.27
CA THR D 351 -13.41 155.09 25.09
C THR D 351 -14.80 155.61 24.78
N ALA D 352 -15.30 155.42 23.55
CA ALA D 352 -16.68 155.77 23.25
C ALA D 352 -17.65 154.83 23.95
N LEU D 353 -17.35 153.53 23.97
CA LEU D 353 -18.15 152.59 24.74
C LEU D 353 -17.99 152.79 26.24
N PHE D 354 -16.86 153.36 26.68
CA PHE D 354 -16.75 153.81 28.06
C PHE D 354 -17.74 154.93 28.38
N ALA D 355 -17.86 155.91 27.49
CA ALA D 355 -18.83 156.98 27.71
C ALA D 355 -20.26 156.46 27.65
N LYS D 356 -20.51 155.51 26.74
CA LYS D 356 -21.81 154.84 26.69
C LYS D 356 -22.08 154.03 27.95
N SER D 357 -21.07 153.40 28.53
CA SER D 357 -21.27 152.66 29.76
C SER D 357 -21.40 153.58 30.96
N LEU D 358 -20.81 154.77 30.89
CA LEU D 358 -21.11 155.82 31.86
C LEU D 358 -22.59 156.18 31.80
N ALA D 359 -23.10 156.37 30.58
CA ALA D 359 -24.52 156.66 30.39
C ALA D 359 -25.40 155.50 30.84
N MET D 360 -24.91 154.27 30.70
CA MET D 360 -25.65 153.11 31.19
C MET D 360 -25.69 153.07 32.71
N LEU D 361 -24.52 153.00 33.34
CA LEU D 361 -24.45 152.78 34.78
C LEU D 361 -24.79 154.03 35.59
N GLY D 362 -24.97 155.18 34.93
CA GLY D 362 -25.52 156.34 35.61
C GLY D 362 -27.03 156.31 35.74
N SER D 363 -27.67 155.24 35.27
CA SER D 363 -29.08 155.04 35.54
C SER D 363 -29.26 154.37 36.90
N SER D 364 -30.52 154.28 37.33
CA SER D 364 -30.95 153.61 38.57
C SER D 364 -30.31 154.24 39.80
N GLU D 365 -30.12 155.56 39.76
CA GLU D 365 -29.50 156.28 40.86
C GLU D 365 -29.98 157.71 40.85
N ASP D 366 -30.08 158.30 42.05
CA ASP D 366 -30.43 159.72 42.20
C ASP D 366 -29.28 160.38 42.98
N ASN D 367 -28.24 160.73 42.25
CA ASN D 367 -27.13 161.54 42.74
C ASN D 367 -26.78 162.58 41.69
N THR D 368 -27.81 163.32 41.25
CA THR D 368 -27.91 164.06 39.98
C THR D 368 -26.68 164.87 39.54
N ALA D 369 -25.82 165.25 40.49
CA ALA D 369 -24.46 165.67 40.15
C ALA D 369 -23.74 164.60 39.32
N LEU D 370 -23.96 163.32 39.64
CA LEU D 370 -23.42 162.26 38.80
C LEU D 370 -24.04 162.26 37.41
N SER D 371 -25.31 162.66 37.29
CA SER D 371 -25.96 162.73 35.97
C SER D 371 -25.38 163.86 35.13
N ARG D 372 -25.13 165.02 35.75
CA ARG D 372 -24.43 166.10 35.04
C ARG D 372 -22.99 165.71 34.72
N ALA D 373 -22.36 164.91 35.58
CA ALA D 373 -21.02 164.41 35.31
C ALA D 373 -21.00 163.50 34.10
N LEU D 374 -21.99 162.62 33.96
CA LEU D 374 -22.20 161.84 32.75
C LEU D 374 -22.34 162.74 31.52
N SER D 375 -23.28 163.71 31.60
CA SER D 375 -23.60 164.54 30.44
C SER D 375 -22.45 165.45 30.02
N GLN D 376 -21.52 165.74 30.92
CA GLN D 376 -20.33 166.52 30.58
C GLN D 376 -19.15 165.64 30.16
N LEU D 377 -18.95 164.51 30.85
CA LEU D 377 -17.84 163.62 30.55
C LEU D 377 -17.96 162.89 29.23
N ALA D 378 -19.18 162.48 28.84
CA ALA D 378 -19.35 161.81 27.55
C ALA D 378 -18.95 162.72 26.40
N GLU D 379 -19.40 163.98 26.44
CA GLU D 379 -19.07 164.89 25.34
C GLU D 379 -17.63 165.36 25.37
N VAL D 380 -17.00 165.53 26.55
CA VAL D 380 -15.58 165.90 26.48
C VAL D 380 -14.71 164.71 26.10
N GLU D 381 -15.14 163.48 26.43
CA GLU D 381 -14.48 162.30 25.90
C GLU D 381 -14.58 162.25 24.39
N GLU D 382 -15.74 162.63 23.84
CA GLU D 382 -15.88 162.65 22.39
C GLU D 382 -15.05 163.75 21.76
N LYS D 383 -14.84 164.87 22.47
CA LYS D 383 -13.93 165.91 21.99
C LYS D 383 -12.50 165.39 21.90
N ILE D 384 -12.03 164.71 22.95
CA ILE D 384 -10.69 164.10 22.95
C ILE D 384 -10.60 163.03 21.87
N GLU D 385 -11.70 162.29 21.68
CA GLU D 385 -11.79 161.23 20.68
C GLU D 385 -11.58 161.77 19.28
N GLN D 386 -12.38 162.78 18.89
CA GLN D 386 -12.25 163.35 17.56
C GLN D 386 -10.93 164.09 17.38
N LEU D 387 -10.39 164.67 18.46
CA LEU D 387 -9.12 165.40 18.38
C LEU D 387 -7.97 164.47 18.02
N HIS D 388 -7.73 163.46 18.85
CA HIS D 388 -6.61 162.57 18.54
C HIS D 388 -6.94 161.66 17.37
N GLN D 389 -8.23 161.50 17.03
CA GLN D 389 -8.60 160.75 15.84
C GLN D 389 -8.20 161.49 14.58
N GLU D 390 -8.51 162.79 14.48
CA GLU D 390 -8.17 163.52 13.28
C GLU D 390 -6.67 163.70 13.15
N GLN D 391 -5.96 163.91 14.26
CA GLN D 391 -4.50 163.95 14.19
C GLN D 391 -3.95 162.60 13.72
N ALA D 392 -4.32 161.54 14.46
CA ALA D 392 -3.86 160.17 14.31
C ALA D 392 -4.10 159.60 12.93
N ASN D 393 -5.18 159.98 12.25
CA ASN D 393 -5.18 159.56 10.86
C ASN D 393 -4.38 160.56 10.02
N ASN D 394 -4.84 161.82 9.90
CA ASN D 394 -4.55 162.60 8.70
C ASN D 394 -3.07 162.87 8.55
N ASP D 395 -2.40 163.22 9.66
CA ASP D 395 -0.99 163.57 9.46
C ASP D 395 -0.11 162.35 9.34
N PHE D 396 -0.48 161.28 10.04
CA PHE D 396 0.30 160.04 9.99
C PHE D 396 0.27 159.42 8.61
N PHE D 397 -0.93 159.32 8.01
CA PHE D 397 -1.03 158.65 6.69
C PHE D 397 -0.54 159.61 5.59
N LEU D 398 -0.50 160.91 5.88
CA LEU D 398 0.06 161.87 4.88
C LEU D 398 1.58 161.77 4.91
N LEU D 399 2.17 161.74 6.11
CA LEU D 399 3.64 161.56 6.22
C LEU D 399 3.98 160.19 5.64
N ALA D 400 3.04 159.24 5.70
CA ALA D 400 3.27 157.91 5.13
C ALA D 400 3.26 157.95 3.60
N GLU D 401 2.31 158.68 3.01
CA GLU D 401 2.33 158.90 1.56
C GLU D 401 3.56 159.68 1.12
N LEU D 402 4.00 160.63 1.95
CA LEU D 402 5.20 161.41 1.69
C LEU D 402 6.43 160.53 1.59
N LEU D 403 6.64 159.66 2.59
CA LEU D 403 7.75 158.73 2.52
C LEU D 403 7.55 157.69 1.44
N SER D 404 6.30 157.36 1.08
CA SER D 404 6.05 156.33 0.09
C SER D 404 6.42 156.79 -1.32
N ASP D 405 5.91 157.95 -1.74
CA ASP D 405 6.36 158.43 -3.04
C ASP D 405 7.77 159.00 -2.99
N TYR D 406 8.30 159.28 -1.80
CA TYR D 406 9.74 159.51 -1.67
C TYR D 406 10.54 158.25 -2.01
N ILE D 407 10.09 157.09 -1.52
CA ILE D 407 10.68 155.80 -1.91
C ILE D 407 10.52 155.56 -3.40
N ARG D 408 9.39 155.99 -3.98
CA ARG D 408 9.20 155.90 -5.42
C ARG D 408 10.25 156.74 -6.16
N LEU D 409 10.50 157.95 -5.65
CA LEU D 409 11.53 158.81 -6.21
C LEU D 409 12.91 158.19 -6.08
N LEU D 410 13.16 157.52 -4.95
CA LEU D 410 14.42 156.81 -4.77
C LEU D 410 14.58 155.68 -5.76
N ALA D 411 13.50 154.94 -6.02
CA ALA D 411 13.56 153.84 -6.98
C ALA D 411 13.78 154.35 -8.40
N ILE D 412 13.14 155.46 -8.76
CA ILE D 412 13.34 155.96 -10.11
C ILE D 412 14.70 156.62 -10.27
N VAL D 413 15.32 157.12 -9.20
CA VAL D 413 16.70 157.60 -9.40
C VAL D 413 17.70 156.45 -9.37
N ARG D 414 17.39 155.34 -8.68
CA ARG D 414 18.13 154.09 -8.88
C ARG D 414 18.12 153.71 -10.35
N ALA D 415 16.92 153.71 -10.95
CA ALA D 415 16.80 153.41 -12.37
C ALA D 415 17.46 154.46 -13.25
N ALA D 416 17.56 155.70 -12.76
CA ALA D 416 18.23 156.76 -13.53
C ALA D 416 19.72 156.49 -13.66
N PHE D 417 20.42 156.21 -12.55
CA PHE D 417 21.82 155.88 -12.79
C PHE D 417 22.00 154.44 -13.28
N ASP D 418 20.96 153.60 -13.23
CA ASP D 418 21.02 152.35 -13.98
C ASP D 418 21.02 152.60 -15.48
N GLN D 419 20.25 153.59 -15.95
CA GLN D 419 20.32 153.98 -17.35
C GLN D 419 21.65 154.61 -17.69
N ARG D 420 22.22 155.37 -16.74
CA ARG D 420 23.59 155.87 -16.90
C ARG D 420 24.59 154.72 -17.00
N MET D 421 24.38 153.66 -16.23
CA MET D 421 25.19 152.44 -16.31
C MET D 421 25.06 151.77 -17.67
N LYS D 422 23.83 151.69 -18.19
CA LYS D 422 23.61 151.03 -19.46
C LYS D 422 24.24 151.80 -20.60
N THR D 423 24.12 153.13 -20.59
CA THR D 423 24.82 153.92 -21.59
C THR D 423 26.33 153.94 -21.39
N TRP D 424 26.78 153.76 -20.15
CA TRP D 424 28.20 153.58 -19.86
C TRP D 424 28.75 152.35 -20.56
N GLN D 425 28.10 151.21 -20.37
CA GLN D 425 28.56 150.00 -21.04
C GLN D 425 28.30 150.04 -22.54
N ARG D 426 27.34 150.86 -23.00
CA ARG D 426 27.17 151.11 -24.43
C ARG D 426 28.42 151.75 -25.05
N TRP D 427 28.89 152.86 -24.48
CA TRP D 427 30.10 153.43 -25.08
C TRP D 427 31.33 152.59 -24.76
N GLN D 428 31.28 151.80 -23.68
CA GLN D 428 32.39 150.93 -23.31
C GLN D 428 32.60 149.84 -24.35
N ASP D 429 31.58 149.05 -24.64
CA ASP D 429 31.77 148.03 -25.67
C ASP D 429 31.78 148.63 -27.07
N ALA D 430 31.26 149.85 -27.24
CA ALA D 430 31.42 150.56 -28.52
C ALA D 430 32.89 150.84 -28.81
N GLN D 431 33.62 151.42 -27.84
CA GLN D 431 35.03 151.68 -28.07
C GLN D 431 35.86 150.40 -28.08
N ALA D 432 35.42 149.37 -27.35
CA ALA D 432 36.09 148.07 -27.39
C ALA D 432 36.03 147.46 -28.79
N THR D 433 34.81 147.29 -29.32
CA THR D 433 34.64 146.77 -30.67
C THR D 433 35.25 147.68 -31.72
N LEU D 434 35.23 149.00 -31.48
CA LEU D 434 35.92 149.97 -32.32
C LEU D 434 37.39 149.61 -32.49
N GLN D 435 38.11 149.53 -31.37
CA GLN D 435 39.54 149.23 -31.38
C GLN D 435 39.81 147.88 -32.05
N LYS D 436 39.03 146.86 -31.67
CA LYS D 436 39.27 145.50 -32.17
C LYS D 436 39.03 145.40 -33.67
N LYS D 437 37.79 145.62 -34.13
CA LYS D 437 37.52 145.36 -35.53
C LYS D 437 38.07 146.44 -36.44
N ARG D 438 38.27 147.67 -35.92
CA ARG D 438 38.84 148.70 -36.75
C ARG D 438 40.34 148.52 -36.94
N GLU D 439 41.05 148.00 -35.92
CA GLU D 439 42.44 147.66 -36.21
C GLU D 439 42.55 146.37 -37.02
N SER D 440 41.57 145.47 -36.92
CA SER D 440 41.59 144.30 -37.81
C SER D 440 41.37 144.71 -39.26
N GLU D 441 40.59 145.76 -39.49
CA GLU D 441 40.51 146.36 -40.82
C GLU D 441 41.82 147.05 -41.19
N ALA D 442 42.46 147.73 -40.23
CA ALA D 442 43.63 148.54 -40.53
C ALA D 442 44.88 147.71 -40.84
N ARG D 443 45.01 146.53 -40.23
CA ARG D 443 46.23 145.75 -40.38
C ARG D 443 46.34 145.03 -41.73
N LEU D 444 45.29 145.05 -42.54
CA LEU D 444 45.31 144.42 -43.86
C LEU D 444 45.57 145.42 -44.98
N LEU D 445 46.41 146.43 -44.72
CA LEU D 445 46.63 147.53 -45.65
C LEU D 445 47.41 147.14 -46.90
N TRP D 446 48.29 146.15 -46.83
CA TRP D 446 49.12 145.80 -47.97
C TRP D 446 48.38 144.97 -49.01
N ALA D 447 47.21 144.44 -48.68
CA ALA D 447 46.24 144.11 -49.71
C ALA D 447 45.81 145.44 -50.31
N ASN D 448 46.32 145.76 -51.49
CA ASN D 448 46.40 147.15 -51.97
C ASN D 448 45.02 147.64 -52.38
N LYS D 449 44.24 148.01 -51.35
CA LYS D 449 42.95 148.67 -51.52
C LYS D 449 42.84 149.71 -50.42
N PRO D 450 43.19 150.98 -50.72
CA PRO D 450 43.19 152.01 -49.68
C PRO D 450 41.81 152.49 -49.27
N ASP D 451 40.76 152.05 -49.97
CA ASP D 451 39.40 152.46 -49.62
C ASP D 451 38.99 151.87 -48.26
N LYS D 452 39.47 150.67 -47.96
CA LYS D 452 39.26 150.09 -46.64
C LYS D 452 39.96 150.93 -45.57
N LEU D 453 41.14 151.45 -45.88
CA LEU D 453 41.84 152.33 -44.95
C LEU D 453 41.09 153.64 -44.75
N GLN D 454 40.49 154.16 -45.83
CA GLN D 454 39.73 155.40 -45.75
C GLN D 454 38.47 155.23 -44.91
N GLN D 455 37.73 154.14 -45.12
CA GLN D 455 36.52 153.92 -44.34
C GLN D 455 36.85 153.57 -42.89
N ALA D 456 37.97 152.87 -42.65
CA ALA D 456 38.39 152.59 -41.28
C ALA D 456 38.82 153.87 -40.57
N LYS D 457 39.45 154.79 -41.30
CA LYS D 457 39.82 156.08 -40.72
C LYS D 457 38.58 156.90 -40.38
N ASP D 458 37.57 156.87 -41.26
CA ASP D 458 36.32 157.58 -40.99
C ASP D 458 35.60 156.97 -39.79
N GLU D 459 35.63 155.64 -39.70
CA GLU D 459 35.05 154.92 -38.57
C GLU D 459 35.71 155.32 -37.26
N ILE D 460 37.04 155.21 -37.18
CA ILE D 460 37.74 155.52 -35.94
C ILE D 460 37.58 157.00 -35.57
N THR D 461 37.58 157.89 -36.57
CA THR D 461 37.53 159.33 -36.30
C THR D 461 36.15 159.75 -35.78
N GLU D 462 35.10 159.53 -36.58
CA GLU D 462 33.78 159.99 -36.17
C GLU D 462 33.25 159.20 -34.99
N TRP D 463 33.60 157.91 -34.90
CA TRP D 463 33.13 157.09 -33.81
C TRP D 463 33.81 157.47 -32.49
N GLU D 464 35.11 157.80 -32.50
CA GLU D 464 35.74 158.27 -31.26
C GLU D 464 35.23 159.66 -30.88
N SER D 465 34.92 160.50 -31.88
CA SER D 465 34.41 161.83 -31.58
C SER D 465 33.07 161.74 -30.88
N ARG D 466 32.18 160.88 -31.39
CA ARG D 466 30.87 160.77 -30.76
C ARG D 466 30.93 160.02 -29.43
N VAL D 467 31.86 159.07 -29.26
CA VAL D 467 31.96 158.36 -27.98
C VAL D 467 32.53 159.27 -26.88
N THR D 468 33.55 160.07 -27.22
CA THR D 468 34.06 161.04 -26.26
C THR D 468 33.02 162.12 -25.96
N GLN D 469 32.25 162.50 -26.98
CA GLN D 469 31.10 163.37 -26.77
C GLN D 469 30.11 162.75 -25.80
N TYR D 470 29.88 161.44 -25.93
CA TYR D 470 28.97 160.72 -25.04
C TYR D 470 29.46 160.74 -23.61
N GLU D 471 30.76 160.49 -23.37
CA GLU D 471 31.15 160.40 -21.97
C GLU D 471 31.28 161.77 -21.30
N ARG D 472 31.63 162.85 -22.02
CA ARG D 472 31.58 164.10 -21.27
C ARG D 472 30.16 164.66 -21.20
N ASP D 473 29.27 164.25 -22.10
CA ASP D 473 27.85 164.50 -21.85
C ASP D 473 27.33 163.68 -20.69
N PHE D 474 27.94 162.54 -20.40
CA PHE D 474 27.56 161.79 -19.20
C PHE D 474 28.08 162.48 -17.96
N GLU D 475 29.23 163.15 -18.08
CA GLU D 475 29.66 164.06 -17.03
C GLU D 475 28.66 165.20 -16.85
N ARG D 476 28.11 165.71 -17.96
CA ARG D 476 27.11 166.77 -17.90
C ARG D 476 25.83 166.31 -17.20
N ILE D 477 25.38 165.10 -17.53
CA ILE D 477 24.15 164.63 -16.89
C ILE D 477 24.43 164.23 -15.45
N SER D 478 25.68 163.88 -15.11
CA SER D 478 26.04 163.67 -13.71
C SER D 478 25.97 164.98 -12.94
N THR D 479 26.40 166.08 -13.57
CA THR D 479 26.30 167.38 -12.92
C THR D 479 24.84 167.82 -12.74
N VAL D 480 23.99 167.57 -13.74
CA VAL D 480 22.60 168.00 -13.58
C VAL D 480 21.88 167.07 -12.60
N VAL D 481 22.33 165.82 -12.48
CA VAL D 481 21.84 164.94 -11.42
C VAL D 481 22.25 165.46 -10.05
N ARG D 482 23.47 165.99 -9.93
CA ARG D 482 23.91 166.53 -8.64
C ARG D 482 23.18 167.83 -8.28
N LYS D 483 22.84 168.65 -9.27
CA LYS D 483 21.98 169.80 -9.00
C LYS D 483 20.58 169.34 -8.61
N GLU D 484 20.09 168.26 -9.21
CA GLU D 484 18.83 167.67 -8.77
C GLU D 484 18.95 167.08 -7.37
N VAL D 485 20.15 166.61 -7.00
CA VAL D 485 20.40 166.09 -5.65
C VAL D 485 20.27 167.22 -4.64
N THR D 486 20.88 168.36 -4.95
CA THR D 486 20.71 169.57 -4.14
C THR D 486 19.25 169.98 -4.07
N ARG D 487 18.52 169.80 -5.18
CA ARG D 487 17.08 170.08 -5.19
C ARG D 487 16.31 169.15 -4.27
N PHE D 488 16.69 167.87 -4.21
CA PHE D 488 15.86 167.07 -3.31
C PHE D 488 16.39 167.04 -1.88
N GLU D 489 17.60 167.52 -1.61
CA GLU D 489 17.84 167.92 -0.22
C GLU D 489 17.09 169.18 0.15
N LYS D 490 16.80 170.04 -0.84
CA LYS D 490 15.91 171.16 -0.56
C LYS D 490 14.50 170.67 -0.25
N GLU D 491 14.04 169.61 -0.93
CA GLU D 491 12.73 169.10 -0.50
C GLU D 491 12.83 168.23 0.75
N LYS D 492 14.02 167.73 1.11
CA LYS D 492 14.22 167.21 2.46
C LYS D 492 13.96 168.31 3.48
N SER D 493 14.51 169.50 3.22
CA SER D 493 14.21 170.66 4.06
C SER D 493 12.72 170.99 4.04
N LYS D 494 12.08 170.81 2.88
CA LYS D 494 10.67 171.17 2.74
C LYS D 494 9.76 170.20 3.49
N ASP D 495 10.02 168.90 3.42
CA ASP D 495 9.10 167.98 4.10
C ASP D 495 9.46 167.81 5.57
N PHE D 496 10.73 168.06 5.93
CA PHE D 496 11.04 168.28 7.35
C PHE D 496 10.33 169.52 7.87
N LYS D 497 10.25 170.57 7.05
CA LYS D 497 9.45 171.74 7.38
C LYS D 497 7.96 171.41 7.42
N ASN D 498 7.51 170.44 6.64
CA ASN D 498 6.13 169.99 6.75
C ASN D 498 5.86 169.32 8.08
N HIS D 499 6.80 168.53 8.58
CA HIS D 499 6.64 168.02 9.94
C HIS D 499 6.79 169.12 10.99
N VAL D 500 7.62 170.14 10.70
CA VAL D 500 7.77 171.27 11.61
C VAL D 500 6.47 172.06 11.72
N MET D 501 5.85 172.39 10.59
CA MET D 501 4.55 173.05 10.62
C MET D 501 3.45 172.13 11.12
N LYS D 502 3.63 170.81 10.97
CA LYS D 502 2.72 169.86 11.61
C LYS D 502 2.75 170.01 13.13
N TYR D 503 3.94 169.98 13.73
CA TYR D 503 3.95 170.13 15.18
C TYR D 503 3.63 171.57 15.59
N LEU D 504 3.84 172.53 14.70
CA LEU D 504 3.41 173.90 14.93
C LEU D 504 1.90 173.98 15.07
N GLU D 505 1.16 173.46 14.09
CA GLU D 505 -0.30 173.41 14.22
C GLU D 505 -0.75 172.43 15.29
N THR D 506 0.07 171.43 15.61
CA THR D 506 -0.29 170.48 16.66
C THR D 506 -0.31 171.16 18.02
N LEU D 507 0.79 171.83 18.36
CA LEU D 507 0.85 172.62 19.58
C LEU D 507 -0.20 173.72 19.58
N LEU D 508 -0.38 174.39 18.44
CA LEU D 508 -1.41 175.43 18.31
C LEU D 508 -2.81 174.94 18.59
N HIS D 509 -3.32 173.99 17.78
CA HIS D 509 -4.72 173.62 17.92
C HIS D 509 -4.93 172.79 19.18
N SER D 510 -3.93 172.02 19.59
CA SER D 510 -3.99 171.27 20.84
C SER D 510 -4.13 172.22 22.02
N GLN D 511 -3.25 173.23 22.08
CA GLN D 511 -3.28 174.18 23.18
C GLN D 511 -4.55 175.01 23.16
N GLN D 512 -4.94 175.55 21.99
CA GLN D 512 -6.07 176.47 21.97
C GLN D 512 -7.39 175.73 22.20
N GLN D 513 -7.58 174.56 21.58
CA GLN D 513 -8.82 173.82 21.77
C GLN D 513 -8.88 173.21 23.16
N LEU D 514 -7.79 172.55 23.58
CA LEU D 514 -7.69 171.90 24.88
C LEU D 514 -7.89 172.89 26.02
N ALA D 515 -7.02 173.91 26.10
CA ALA D 515 -7.14 174.93 27.11
C ALA D 515 -8.37 175.80 26.93
N LYS D 516 -8.97 175.83 25.73
CA LYS D 516 -10.22 176.55 25.53
C LYS D 516 -11.36 175.85 26.25
N TYR D 517 -11.47 174.53 26.09
CA TYR D 517 -12.52 173.90 26.89
C TYR D 517 -12.10 173.69 28.34
N TRP D 518 -10.81 173.80 28.67
CA TRP D 518 -10.43 173.93 30.08
C TRP D 518 -11.00 175.22 30.69
N GLU D 519 -10.75 176.35 30.05
CA GLU D 519 -11.22 177.64 30.56
C GLU D 519 -12.70 177.87 30.31
N ALA D 520 -13.34 176.99 29.53
CA ALA D 520 -14.78 177.04 29.36
C ALA D 520 -15.51 176.03 30.22
N PHE D 521 -14.81 175.02 30.74
CA PHE D 521 -15.46 173.97 31.51
C PHE D 521 -15.05 173.95 32.97
N LEU D 522 -13.97 174.62 33.34
CA LEU D 522 -13.74 174.91 34.76
C LEU D 522 -14.71 175.93 35.36
N PRO D 523 -15.09 177.04 34.69
CA PRO D 523 -16.11 177.91 35.32
C PRO D 523 -17.50 177.28 35.43
N GLU D 524 -17.80 176.24 34.65
CA GLU D 524 -18.99 175.49 34.98
C GLU D 524 -18.68 174.40 36.01
N ALA D 525 -17.42 173.97 36.13
CA ALA D 525 -17.04 173.04 37.19
C ALA D 525 -16.54 173.75 38.43
N LYS D 526 -17.01 174.98 38.70
CA LYS D 526 -16.83 175.56 40.02
C LYS D 526 -17.51 174.69 41.08
N ALA D 527 -18.85 174.59 41.01
CA ALA D 527 -19.52 173.39 41.53
C ALA D 527 -20.80 173.17 40.72
N ILE D 528 -20.63 172.53 39.55
CA ILE D 528 -21.62 171.83 38.72
C ILE D 528 -20.79 170.82 37.96
N SER D 529 -21.19 169.55 37.97
CA SER D 529 -20.41 168.54 37.27
C SER D 529 -20.81 168.44 35.80
N PHE E 150 108.11 148.01 -74.54
CA PHE E 150 107.26 148.11 -73.36
C PHE E 150 108.07 147.75 -72.11
N ASP E 151 107.62 148.25 -70.96
CA ASP E 151 108.29 148.11 -69.67
C ASP E 151 108.44 146.67 -69.19
N LEU E 152 107.58 145.77 -69.65
CA LEU E 152 107.65 144.36 -69.29
C LEU E 152 108.64 143.69 -70.23
N THR E 153 109.86 143.46 -69.74
CA THR E 153 110.90 142.78 -70.49
C THR E 153 111.33 141.56 -69.69
N VAL E 154 110.88 140.37 -70.12
CA VAL E 154 111.13 139.13 -69.40
C VAL E 154 111.81 138.13 -70.33
N GLY E 155 112.24 137.02 -69.74
CA GLY E 155 112.81 135.91 -70.49
C GLY E 155 112.63 134.59 -69.78
N ILE E 156 112.06 133.61 -70.48
CA ILE E 156 111.71 132.32 -69.87
C ILE E 156 112.43 131.23 -70.64
N THR E 157 113.33 130.52 -69.96
CA THR E 157 114.15 129.50 -70.58
C THR E 157 114.16 128.25 -69.71
N ASP E 158 114.97 127.26 -70.12
CA ASP E 158 115.37 126.05 -69.42
C ASP E 158 114.21 125.21 -68.90
N PRO E 159 113.53 124.44 -69.77
CA PRO E 159 112.51 123.51 -69.29
C PRO E 159 113.10 122.34 -68.52
N GLU E 160 113.37 122.57 -67.24
CA GLU E 160 114.07 121.59 -66.40
C GLU E 160 113.05 120.66 -65.74
N LYS E 161 113.21 119.36 -65.96
CA LYS E 161 112.27 118.36 -65.45
C LYS E 161 112.55 118.04 -63.98
N ILE E 162 111.54 117.51 -63.31
CA ILE E 162 111.61 117.29 -61.87
C ILE E 162 111.59 115.78 -61.64
N GLY E 163 112.15 115.03 -62.59
CA GLY E 163 112.27 113.59 -62.48
C GLY E 163 111.43 112.88 -63.52
N ASP E 164 110.98 111.68 -63.16
CA ASP E 164 110.24 110.81 -64.06
C ASP E 164 108.77 110.75 -63.67
N GLY E 165 107.92 110.66 -64.69
CA GLY E 165 106.49 110.59 -64.53
C GLY E 165 105.79 110.95 -65.82
N MET E 166 104.49 111.18 -65.73
CA MET E 166 103.69 111.61 -66.88
C MET E 166 102.88 112.83 -66.47
N ASN E 167 103.24 113.99 -67.04
CA ASN E 167 102.47 115.24 -66.97
C ASN E 167 102.34 115.77 -65.55
N ALA E 168 103.49 116.00 -64.90
CA ALA E 168 103.45 116.52 -63.53
C ALA E 168 104.07 117.91 -63.38
N TYR E 169 105.37 118.06 -63.64
CA TYR E 169 106.09 119.27 -63.21
C TYR E 169 107.36 119.45 -64.05
N VAL E 170 107.55 120.66 -64.56
CA VAL E 170 108.78 121.07 -65.24
C VAL E 170 109.13 122.48 -64.76
N ALA E 171 110.37 122.66 -64.30
CA ALA E 171 110.80 123.95 -63.82
C ALA E 171 111.12 124.90 -64.98
N TYR E 172 110.93 126.20 -64.73
CA TYR E 172 111.12 127.25 -65.73
C TYR E 172 112.12 128.27 -65.22
N LYS E 173 113.22 128.44 -65.93
CA LYS E 173 114.12 129.57 -65.68
C LYS E 173 113.50 130.83 -66.25
N VAL E 174 112.99 131.69 -65.38
CA VAL E 174 112.27 132.89 -65.80
C VAL E 174 113.09 134.09 -65.34
N THR E 175 113.69 134.80 -66.30
CA THR E 175 114.45 135.99 -65.99
C THR E 175 113.63 137.23 -66.35
N THR E 176 113.43 138.11 -65.37
CA THR E 176 112.56 139.28 -65.51
C THR E 176 113.39 140.55 -65.33
N GLN E 177 113.40 141.40 -66.36
CA GLN E 177 114.14 142.65 -66.35
C GLN E 177 113.20 143.84 -66.46
N THR E 178 112.11 143.81 -65.68
CA THR E 178 110.99 144.71 -65.89
C THR E 178 111.31 146.11 -65.37
N SER E 179 110.79 147.12 -66.06
CA SER E 179 110.76 148.51 -65.58
C SER E 179 109.62 148.71 -64.60
N LEU E 180 109.21 149.98 -64.37
CA LEU E 180 108.07 150.37 -63.53
C LEU E 180 108.26 149.93 -62.08
N PRO E 181 108.96 150.74 -61.25
CA PRO E 181 109.65 150.25 -60.05
C PRO E 181 108.84 149.57 -58.95
N MET E 182 107.55 149.31 -59.18
CA MET E 182 106.85 148.28 -58.44
C MET E 182 107.52 146.91 -58.60
N PHE E 183 108.08 146.63 -59.78
CA PHE E 183 109.09 145.59 -59.87
C PHE E 183 110.36 146.09 -59.17
N ARG E 184 110.97 145.21 -58.37
CA ARG E 184 111.83 145.66 -57.28
C ARG E 184 113.15 146.27 -57.78
N SER E 185 114.00 145.49 -58.44
CA SER E 185 115.38 145.90 -58.63
C SER E 185 115.93 145.67 -60.03
N ARG E 186 115.07 145.62 -61.05
CA ARG E 186 115.42 145.59 -62.48
C ARG E 186 116.17 144.34 -62.93
N GLN E 187 116.47 143.42 -62.01
CA GLN E 187 117.27 142.24 -62.34
C GLN E 187 116.82 141.12 -61.38
N PHE E 188 115.81 140.37 -61.82
CA PHE E 188 115.38 139.15 -61.13
C PHE E 188 115.42 137.98 -62.11
N ALA E 189 115.63 136.80 -61.56
CA ALA E 189 115.68 135.56 -62.33
C ALA E 189 115.06 134.47 -61.47
N VAL E 190 113.75 134.25 -61.65
CA VAL E 190 113.00 133.34 -60.80
C VAL E 190 112.90 131.97 -61.45
N LYS E 191 112.96 130.93 -60.63
CA LYS E 191 112.75 129.56 -61.06
C LYS E 191 111.36 129.15 -60.58
N ARG E 192 110.42 129.00 -61.51
CA ARG E 192 109.02 128.76 -61.16
C ARG E 192 108.55 127.46 -61.80
N ARG E 193 107.93 126.60 -61.00
CA ARG E 193 107.34 125.37 -61.47
C ARG E 193 105.84 125.55 -61.63
N PHE E 194 105.32 125.18 -62.80
CA PHE E 194 103.89 125.28 -63.03
C PHE E 194 103.16 124.11 -62.38
N SER E 195 101.84 124.08 -62.57
CA SER E 195 100.88 123.23 -61.86
C SER E 195 100.92 123.45 -60.35
N ASP E 196 101.40 124.61 -59.91
CA ASP E 196 101.43 125.01 -58.52
C ASP E 196 100.81 126.39 -58.32
N PHE E 197 101.08 127.33 -59.21
CA PHE E 197 100.46 128.65 -59.15
C PHE E 197 99.21 128.75 -60.01
N LEU E 198 98.75 127.66 -60.64
CA LEU E 198 97.39 127.70 -61.14
C LEU E 198 96.41 127.51 -59.99
N GLY E 199 96.83 126.87 -58.89
CA GLY E 199 96.05 126.93 -57.67
C GLY E 199 96.03 128.33 -57.07
N LEU E 200 97.13 129.07 -57.21
CA LEU E 200 97.14 130.50 -56.89
C LEU E 200 96.21 131.27 -57.81
N TYR E 201 96.15 130.87 -59.08
CA TYR E 201 95.21 131.47 -60.03
C TYR E 201 93.76 131.14 -59.66
N GLU E 202 93.52 129.98 -59.08
CA GLU E 202 92.16 129.67 -58.64
C GLU E 202 91.82 130.38 -57.34
N LYS E 203 92.82 130.67 -56.51
CA LYS E 203 92.59 131.57 -55.38
C LYS E 203 92.26 132.97 -55.89
N LEU E 204 92.93 133.40 -56.96
CA LEU E 204 92.58 134.63 -57.66
C LEU E 204 91.17 134.56 -58.24
N SER E 205 90.77 133.38 -58.71
CA SER E 205 89.45 133.18 -59.31
C SER E 205 88.36 133.35 -58.26
N GLU E 206 88.49 132.68 -57.12
CA GLU E 206 87.52 132.85 -56.05
C GLU E 206 87.60 134.25 -55.44
N LYS E 207 88.80 134.85 -55.45
CA LYS E 207 88.96 136.21 -54.95
C LYS E 207 88.17 137.21 -55.78
N HIS E 208 88.34 137.19 -57.11
CA HIS E 208 87.54 138.11 -57.91
C HIS E 208 86.10 137.64 -58.05
N SER E 209 85.78 136.41 -57.64
CA SER E 209 84.37 136.08 -57.47
C SER E 209 83.78 136.85 -56.30
N GLN E 210 84.51 136.93 -55.17
CA GLN E 210 83.94 137.65 -54.04
C GLN E 210 84.06 139.16 -54.16
N ASN E 211 85.01 139.70 -54.96
CA ASN E 211 85.14 141.14 -54.97
C ASN E 211 85.12 141.79 -56.35
N GLY E 212 84.89 141.01 -57.42
CA GLY E 212 84.72 141.59 -58.73
C GLY E 212 85.97 142.16 -59.36
N PHE E 213 87.11 141.50 -59.17
CA PHE E 213 88.36 141.96 -59.77
C PHE E 213 88.54 141.31 -61.14
N ILE E 214 89.75 141.44 -61.69
CA ILE E 214 90.06 141.00 -63.06
C ILE E 214 91.33 140.17 -63.05
N VAL E 215 91.24 138.94 -63.55
CA VAL E 215 92.42 138.02 -63.62
C VAL E 215 92.93 138.02 -65.06
N PRO E 216 94.20 137.62 -65.31
CA PRO E 216 94.74 137.55 -66.66
C PRO E 216 94.62 136.15 -67.31
N PRO E 217 94.97 135.96 -68.61
CA PRO E 217 95.00 134.65 -69.25
C PRO E 217 95.56 133.47 -68.44
N PRO E 218 95.22 132.20 -68.76
CA PRO E 218 95.62 131.07 -67.92
C PRO E 218 97.12 130.77 -67.78
N PRO E 219 97.60 130.42 -66.57
CA PRO E 219 98.98 129.96 -66.41
C PRO E 219 98.83 128.45 -66.60
N GLU E 220 98.48 128.00 -67.82
CA GLU E 220 98.17 126.57 -68.10
C GLU E 220 99.04 125.60 -67.31
N LYS E 221 98.40 124.60 -66.67
CA LYS E 221 99.13 123.63 -65.82
C LYS E 221 99.42 122.35 -66.61
N SER E 222 99.71 121.26 -65.91
CA SER E 222 100.02 119.96 -66.57
C SER E 222 98.87 118.97 -66.32
N LEU E 223 99.19 117.68 -66.14
CA LEU E 223 98.15 116.65 -66.07
C LEU E 223 97.18 116.83 -67.24
N ILE E 224 97.75 117.10 -68.40
CA ILE E 224 96.99 117.36 -69.62
C ILE E 224 97.35 116.43 -70.76
N GLY E 225 98.51 115.76 -70.71
CA GLY E 225 98.92 114.95 -71.84
C GLY E 225 98.15 113.65 -71.96
N MET E 226 97.86 113.02 -70.82
CA MET E 226 97.12 111.77 -70.79
C MET E 226 95.76 111.91 -70.14
N THR E 227 95.43 113.07 -69.57
CA THR E 227 94.14 113.31 -68.94
C THR E 227 93.56 114.62 -69.44
N LYS E 228 92.22 114.69 -69.47
CA LYS E 228 91.39 115.89 -69.57
C LYS E 228 91.43 116.55 -70.95
N VAL E 229 92.32 116.09 -71.83
CA VAL E 229 92.48 116.63 -73.18
C VAL E 229 92.28 115.47 -74.16
N LYS E 230 91.67 115.77 -75.31
CA LYS E 230 91.22 114.75 -76.24
C LYS E 230 91.84 114.82 -77.64
N VAL E 231 93.17 114.81 -77.81
CA VAL E 231 94.21 114.37 -76.86
C VAL E 231 95.42 115.31 -76.94
N GLY E 232 96.46 114.99 -76.18
CA GLY E 232 97.71 115.75 -76.24
C GLY E 232 98.94 114.87 -76.39
N LYS E 233 99.95 115.35 -77.12
CA LYS E 233 101.16 114.59 -77.40
C LYS E 233 102.35 115.26 -76.75
N GLU E 234 103.26 114.44 -76.21
CA GLU E 234 104.37 114.94 -75.41
C GLU E 234 105.64 115.21 -76.20
N ASP E 235 105.87 114.50 -77.30
CA ASP E 235 107.03 114.80 -78.13
C ASP E 235 106.86 116.15 -78.83
N SER E 236 105.64 116.49 -79.22
CA SER E 236 105.31 117.84 -79.63
C SER E 236 105.26 118.81 -78.47
N SER E 237 105.11 118.32 -77.24
CA SER E 237 105.07 119.21 -76.10
C SER E 237 106.46 119.60 -75.62
N SER E 238 107.43 118.70 -75.81
CA SER E 238 108.74 118.62 -75.15
C SER E 238 109.49 119.94 -75.01
N ALA E 239 109.32 120.83 -75.98
CA ALA E 239 109.71 122.22 -75.79
C ALA E 239 108.59 123.12 -76.27
N GLU E 240 107.78 122.63 -77.21
CA GLU E 240 106.93 123.52 -77.98
C GLU E 240 105.64 123.85 -77.24
N PHE E 241 105.01 122.87 -76.58
CA PHE E 241 103.86 123.26 -75.77
C PHE E 241 104.28 123.98 -74.51
N LEU E 242 105.54 123.82 -74.10
CA LEU E 242 106.10 124.67 -73.06
C LEU E 242 106.26 126.10 -73.57
N GLU E 243 106.57 126.26 -74.86
CA GLU E 243 106.52 127.59 -75.46
C GLU E 243 105.09 128.11 -75.56
N LYS E 244 104.11 127.21 -75.69
CA LYS E 244 102.72 127.64 -75.64
C LYS E 244 102.33 128.08 -74.22
N ARG E 245 102.90 127.42 -73.21
CA ARG E 245 102.78 127.90 -71.84
C ARG E 245 103.41 129.27 -71.70
N ARG E 246 104.55 129.49 -72.37
CA ARG E 246 105.21 130.79 -72.35
C ARG E 246 104.36 131.85 -73.04
N ALA E 247 103.61 131.47 -74.08
CA ALA E 247 102.74 132.42 -74.75
C ALA E 247 101.55 132.79 -73.87
N ALA E 248 100.92 131.79 -73.24
CA ALA E 248 99.83 132.05 -72.30
C ALA E 248 100.33 132.84 -71.09
N LEU E 249 101.57 132.61 -70.67
CA LEU E 249 102.17 133.36 -69.58
C LEU E 249 102.54 134.78 -70.00
N GLU E 250 102.88 134.99 -71.27
CA GLU E 250 103.13 136.35 -71.73
C GLU E 250 101.83 137.14 -71.77
N ARG E 251 100.74 136.50 -72.17
CA ARG E 251 99.45 137.15 -72.14
C ARG E 251 98.99 137.38 -70.70
N TYR E 252 99.32 136.43 -69.81
CA TYR E 252 99.16 136.59 -68.37
C TYR E 252 99.88 137.84 -67.87
N LEU E 253 101.14 138.03 -68.28
CA LEU E 253 101.91 139.18 -67.84
C LEU E 253 101.35 140.48 -68.38
N GLN E 254 100.95 140.49 -69.66
CA GLN E 254 100.43 141.72 -70.25
C GLN E 254 99.11 142.13 -69.62
N ARG E 255 98.21 141.18 -69.39
CA ARG E 255 96.94 141.58 -68.81
C ARG E 255 97.00 141.72 -67.30
N ILE E 256 98.01 141.16 -66.63
CA ILE E 256 98.18 141.49 -65.22
C ILE E 256 98.80 142.88 -65.08
N VAL E 257 99.38 143.39 -66.17
CA VAL E 257 99.84 144.80 -66.14
C VAL E 257 98.61 145.65 -66.50
N ASN E 258 97.67 145.08 -67.27
CA ASN E 258 96.48 145.84 -67.73
C ASN E 258 95.57 146.26 -66.59
N HIS E 259 95.54 145.52 -65.47
CA HIS E 259 94.79 146.02 -64.28
C HIS E 259 95.87 146.57 -63.33
N PRO E 260 96.38 147.85 -63.42
CA PRO E 260 97.54 148.25 -62.62
C PRO E 260 97.24 148.50 -61.14
N THR E 261 96.02 148.95 -60.84
CA THR E 261 95.61 149.05 -59.45
C THR E 261 95.40 147.66 -58.84
N MET E 262 94.81 146.76 -59.61
CA MET E 262 94.66 145.38 -59.18
C MET E 262 95.96 144.60 -59.31
N LEU E 263 96.89 145.09 -60.15
CA LEU E 263 98.27 144.61 -60.09
C LEU E 263 98.93 145.01 -58.77
N GLN E 264 98.50 146.10 -58.16
CA GLN E 264 98.98 146.47 -56.83
C GLN E 264 98.16 145.80 -55.73
N ASP E 265 97.98 144.48 -55.89
CA ASP E 265 97.70 143.55 -54.82
C ASP E 265 99.05 142.86 -54.63
N PRO E 266 99.94 143.41 -53.81
CA PRO E 266 101.37 143.07 -53.92
C PRO E 266 101.72 141.69 -53.43
N ASP E 267 100.81 141.01 -52.73
CA ASP E 267 101.09 139.66 -52.23
C ASP E 267 101.31 138.68 -53.38
N VAL E 268 100.43 138.70 -54.38
CA VAL E 268 100.59 137.77 -55.50
C VAL E 268 101.69 138.22 -56.45
N ARG E 269 102.00 139.52 -56.51
CA ARG E 269 103.13 139.97 -57.30
C ARG E 269 104.44 139.49 -56.69
N GLU E 270 104.57 139.57 -55.36
CA GLU E 270 105.73 139.00 -54.69
C GLU E 270 105.73 137.48 -54.74
N PHE E 271 104.53 136.87 -54.86
CA PHE E 271 104.48 135.42 -55.07
C PHE E 271 105.06 135.04 -56.42
N LEU E 272 104.77 135.85 -57.44
CA LEU E 272 105.32 135.57 -58.76
C LEU E 272 106.81 135.87 -58.86
N GLU E 273 107.27 136.98 -58.28
CA GLU E 273 108.66 137.36 -58.45
C GLU E 273 109.59 136.83 -57.37
N LYS E 274 109.13 135.88 -56.55
CA LYS E 274 109.99 135.18 -55.60
C LYS E 274 109.80 133.68 -55.76
N GLU E 275 110.54 132.92 -54.95
CA GLU E 275 110.59 131.46 -55.02
C GLU E 275 110.28 130.91 -53.63
N GLU E 276 109.07 130.41 -53.46
CA GLU E 276 108.65 129.79 -52.21
C GLU E 276 107.85 128.52 -52.49
N LEU E 277 108.10 127.92 -53.66
CA LEU E 277 107.33 126.95 -54.44
C LEU E 277 106.63 125.88 -53.61
N PRO E 278 105.36 125.61 -53.89
CA PRO E 278 104.65 124.57 -53.14
C PRO E 278 105.11 123.17 -53.53
N ARG E 279 104.65 122.20 -52.76
CA ARG E 279 105.03 120.80 -52.94
C ARG E 279 104.20 120.18 -54.06
N ALA E 280 104.37 118.87 -54.28
CA ALA E 280 103.86 118.17 -55.45
C ALA E 280 102.48 117.57 -55.24
N VAL E 281 101.62 118.16 -54.41
CA VAL E 281 100.30 117.60 -54.12
C VAL E 281 99.24 118.21 -55.01
N GLY E 282 99.67 118.83 -56.12
CA GLY E 282 98.74 119.58 -56.96
C GLY E 282 97.91 118.79 -57.94
N THR E 283 97.69 117.50 -57.70
CA THR E 283 96.85 116.65 -58.53
C THR E 283 95.76 116.04 -57.65
N GLN E 284 94.61 116.71 -57.57
CA GLN E 284 93.49 116.21 -56.78
C GLN E 284 92.20 116.72 -57.40
N ALA E 285 91.06 116.30 -56.84
CA ALA E 285 89.75 116.72 -57.31
C ALA E 285 88.91 117.11 -56.09
N LEU E 286 88.63 118.39 -55.97
CA LEU E 286 87.78 118.93 -54.91
C LEU E 286 86.83 120.01 -55.43
N SER E 287 86.20 119.73 -56.57
CA SER E 287 85.38 120.71 -57.29
C SER E 287 83.94 120.75 -56.80
N GLY E 288 83.74 120.42 -55.52
CA GLY E 288 82.42 120.44 -54.90
C GLY E 288 81.74 121.80 -54.91
N ALA E 289 82.51 122.88 -55.03
CA ALA E 289 81.91 124.19 -55.29
C ALA E 289 81.18 124.20 -56.63
N GLY E 290 81.80 123.67 -57.67
CA GLY E 290 81.12 123.51 -58.95
C GLY E 290 79.97 122.53 -58.89
N LEU E 291 80.07 121.53 -58.01
CA LEU E 291 78.93 120.65 -57.74
C LEU E 291 77.75 121.42 -57.15
N LEU E 292 78.01 122.30 -56.18
CA LEU E 292 76.94 123.13 -55.62
C LEU E 292 76.40 124.13 -56.64
N LYS E 293 77.23 124.57 -57.60
CA LYS E 293 76.72 125.37 -58.71
C LYS E 293 75.75 124.56 -59.56
N MET E 294 76.10 123.30 -59.82
CA MET E 294 75.19 122.41 -60.55
C MET E 294 73.91 122.13 -59.76
N PHE E 295 73.99 122.11 -58.42
CA PHE E 295 72.77 122.02 -57.62
C PHE E 295 71.92 123.27 -57.73
N ASN E 296 72.53 124.45 -57.69
CA ASN E 296 71.78 125.69 -57.70
C ASN E 296 71.31 126.09 -59.10
N LYS E 297 71.76 125.36 -60.14
CA LYS E 297 71.27 125.57 -61.49
C LYS E 297 69.76 125.38 -61.62
N ALA E 298 69.17 124.52 -60.77
CA ALA E 298 67.72 124.34 -60.78
C ALA E 298 67.00 125.59 -60.29
N THR E 299 67.56 126.28 -59.30
CA THR E 299 66.98 127.55 -58.87
C THR E 299 67.24 128.65 -59.89
N ASP E 300 68.37 128.55 -60.60
CA ASP E 300 68.66 129.50 -61.68
C ASP E 300 67.63 129.38 -62.80
N ALA E 301 67.25 128.15 -63.14
CA ALA E 301 66.31 127.89 -64.23
C ALA E 301 64.89 128.36 -63.94
N VAL E 302 64.54 128.57 -62.66
CA VAL E 302 63.22 129.10 -62.33
C VAL E 302 63.28 130.58 -61.94
N SER E 303 64.46 131.13 -61.67
CA SER E 303 64.55 132.55 -61.34
C SER E 303 64.99 133.42 -62.52
N LYS E 304 65.43 132.81 -63.63
CA LYS E 304 66.05 133.57 -64.72
C LYS E 304 65.14 134.61 -65.36
N MET E 305 63.81 134.44 -65.29
CA MET E 305 62.90 135.46 -65.81
C MET E 305 62.92 136.72 -64.95
N THR E 306 62.86 136.53 -63.61
CA THR E 306 62.98 137.64 -62.68
C THR E 306 64.36 138.28 -62.74
N ILE E 307 65.37 137.55 -63.19
CA ILE E 307 66.61 138.21 -63.59
C ILE E 307 66.38 139.06 -64.84
N LYS E 308 65.70 138.50 -65.86
CA LYS E 308 65.53 139.14 -67.15
C LYS E 308 64.64 140.39 -67.13
N MET E 309 63.99 140.70 -66.02
CA MET E 309 63.17 141.92 -65.99
C MET E 309 64.00 143.21 -65.85
N ASN E 310 65.31 143.13 -65.77
CA ASN E 310 66.17 144.30 -65.53
C ASN E 310 66.40 145.10 -66.82
N GLU E 311 67.38 146.00 -66.77
CA GLU E 311 67.72 146.88 -67.89
C GLU E 311 69.16 146.75 -68.37
N SER E 312 70.10 146.40 -67.48
CA SER E 312 71.49 146.24 -67.92
C SER E 312 71.65 145.01 -68.81
N ASP E 313 70.89 143.95 -68.53
CA ASP E 313 70.92 142.78 -69.40
C ASP E 313 70.22 143.06 -70.72
N ILE E 314 69.38 144.10 -70.79
CA ILE E 314 68.86 144.55 -72.07
C ILE E 314 69.99 145.19 -72.89
N TRP E 315 70.99 145.76 -72.21
CA TRP E 315 72.20 146.16 -72.90
C TRP E 315 73.11 144.98 -73.18
N PHE E 316 72.97 143.88 -72.43
CA PHE E 316 73.97 142.83 -72.46
C PHE E 316 73.62 141.62 -73.34
N GLU E 317 72.34 141.27 -73.48
CA GLU E 317 71.98 139.95 -74.00
C GLU E 317 72.23 139.84 -75.51
N GLU E 318 72.35 140.98 -76.20
CA GLU E 318 72.78 140.97 -77.60
C GLU E 318 74.16 140.35 -77.72
N LYS E 319 75.05 140.71 -76.79
CA LYS E 319 76.37 140.10 -76.75
C LYS E 319 76.29 138.63 -76.41
N LEU E 320 75.27 138.22 -75.63
CA LEU E 320 75.10 136.82 -75.26
C LEU E 320 74.74 135.96 -76.47
N GLN E 321 73.71 136.37 -77.22
CA GLN E 321 73.32 135.61 -78.41
C GLN E 321 74.38 135.70 -79.51
N GLU E 322 75.03 136.87 -79.62
CA GLU E 322 76.09 137.07 -80.59
C GLU E 322 77.27 136.16 -80.27
N VAL E 323 77.67 136.08 -79.00
CA VAL E 323 78.80 135.25 -78.66
C VAL E 323 78.41 133.78 -78.68
N GLU E 324 77.10 133.47 -78.61
CA GLU E 324 76.66 132.09 -78.80
C GLU E 324 76.86 131.63 -80.24
N CYS E 325 76.42 132.45 -81.21
CA CYS E 325 76.65 132.05 -82.59
C CYS E 325 78.13 132.11 -82.95
N GLU E 326 78.88 133.04 -82.32
CA GLU E 326 80.33 133.09 -82.52
C GLU E 326 81.02 131.85 -81.97
N GLU E 327 80.63 131.39 -80.77
CA GLU E 327 81.30 130.23 -80.20
C GLU E 327 80.95 128.97 -80.96
N GLN E 328 79.73 128.88 -81.49
CA GLN E 328 79.36 127.74 -82.33
C GLN E 328 80.20 127.70 -83.59
N ARG E 329 80.33 128.84 -84.27
CA ARG E 329 81.07 128.88 -85.56
C ARG E 329 82.59 128.85 -85.33
N LEU E 330 83.07 129.18 -84.13
CA LEU E 330 84.54 129.05 -83.92
C LEU E 330 84.89 127.65 -83.41
N ARG E 331 83.97 126.95 -82.75
CA ARG E 331 84.26 125.56 -82.34
C ARG E 331 84.21 124.67 -83.60
N LYS E 332 83.34 125.02 -84.57
CA LYS E 332 83.33 124.30 -85.83
C LYS E 332 84.57 124.59 -86.67
N LEU E 333 84.96 125.87 -86.76
CA LEU E 333 86.18 126.23 -87.48
C LEU E 333 87.43 125.64 -86.79
N HIS E 334 87.48 125.57 -85.32
CA HIS E 334 88.52 124.86 -84.53
C HIS E 334 88.67 123.43 -85.00
N ALA E 335 87.53 122.73 -85.11
CA ALA E 335 87.54 121.33 -85.52
C ALA E 335 88.06 121.15 -86.94
N VAL E 336 87.65 122.01 -87.87
CA VAL E 336 88.09 121.85 -89.25
C VAL E 336 89.56 122.29 -89.42
N VAL E 337 90.01 123.26 -88.62
CA VAL E 337 91.43 123.65 -88.58
C VAL E 337 92.30 122.50 -88.09
N GLU E 338 91.87 121.83 -87.01
CA GLU E 338 92.65 120.69 -86.54
C GLU E 338 92.54 119.49 -87.47
N THR E 339 91.46 119.43 -88.25
CA THR E 339 91.38 118.44 -89.33
C THR E 339 92.41 118.72 -90.41
N LEU E 340 92.66 120.00 -90.71
CA LEU E 340 93.77 120.31 -91.63
C LEU E 340 95.12 120.01 -91.00
N VAL E 341 95.25 120.19 -89.68
CA VAL E 341 96.50 119.90 -89.00
C VAL E 341 96.82 118.40 -89.06
N ASN E 342 95.78 117.56 -88.91
CA ASN E 342 95.93 116.14 -89.16
C ASN E 342 96.27 115.86 -90.65
N HIS E 343 95.46 116.60 -91.68
CA HIS E 343 95.56 116.44 -93.14
C HIS E 343 96.97 116.64 -93.67
N ARG E 344 97.66 117.67 -93.16
CA ARG E 344 98.97 118.05 -93.70
C ARG E 344 100.02 116.98 -93.43
N LYS E 345 99.81 116.13 -92.41
CA LYS E 345 100.82 115.13 -92.06
C LYS E 345 100.91 114.05 -93.13
N GLU E 346 99.76 113.50 -93.55
CA GLU E 346 99.79 112.58 -94.67
C GLU E 346 100.03 113.29 -96.00
N LEU E 347 99.73 114.60 -96.09
CA LEU E 347 100.21 115.38 -97.23
C LEU E 347 101.73 115.33 -97.34
N ALA E 348 102.41 115.61 -96.22
CA ALA E 348 103.86 115.69 -96.19
C ALA E 348 104.49 114.32 -96.39
N LEU E 349 103.90 113.29 -95.79
CA LEU E 349 104.40 111.92 -96.00
C LEU E 349 104.18 111.46 -97.44
N ASN E 350 103.04 111.85 -98.04
CA ASN E 350 102.74 111.50 -99.42
C ASN E 350 103.72 112.15 -100.39
N THR E 351 103.98 113.44 -100.23
CA THR E 351 104.93 114.11 -101.11
C THR E 351 106.39 113.75 -100.82
N ALA E 352 106.71 113.40 -99.57
CA ALA E 352 108.05 112.91 -99.27
C ALA E 352 108.30 111.54 -99.89
N LEU E 353 107.30 110.66 -99.83
CA LEU E 353 107.42 109.38 -100.52
C LEU E 353 107.36 109.54 -102.04
N PHE E 354 106.75 110.63 -102.54
CA PHE E 354 106.89 110.96 -103.95
C PHE E 354 108.32 111.29 -104.31
N ALA E 355 109.01 112.09 -103.48
CA ALA E 355 110.41 112.40 -103.76
C ALA E 355 111.29 111.16 -103.64
N LYS E 356 110.96 110.29 -102.67
CA LYS E 356 111.66 109.02 -102.55
C LYS E 356 111.40 108.11 -103.75
N SER E 357 110.19 108.14 -104.31
CA SER E 357 109.90 107.33 -105.49
C SER E 357 110.51 107.94 -106.74
N LEU E 358 110.70 109.26 -106.77
CA LEU E 358 111.53 109.88 -107.78
C LEU E 358 112.94 109.34 -107.72
N ALA E 359 113.51 109.28 -106.51
CA ALA E 359 114.84 108.72 -106.31
C ALA E 359 114.89 107.23 -106.66
N MET E 360 113.78 106.52 -106.46
CA MET E 360 113.72 105.12 -106.85
C MET E 360 113.70 104.97 -108.37
N LEU E 361 112.69 105.53 -109.02
CA LEU E 361 112.47 105.32 -110.45
C LEU E 361 113.45 106.08 -111.32
N GLY E 362 114.26 106.97 -110.74
CA GLY E 362 115.36 107.55 -111.47
C GLY E 362 116.58 106.66 -111.58
N SER E 363 116.51 105.45 -111.03
CA SER E 363 117.55 104.47 -111.27
C SER E 363 117.28 103.73 -112.57
N SER E 364 118.26 102.90 -112.97
CA SER E 364 118.20 102.04 -114.16
C SER E 364 118.00 102.85 -115.44
N GLU E 365 118.59 104.03 -115.49
CA GLU E 365 118.48 104.91 -116.65
C GLU E 365 119.70 105.80 -116.72
N ASP E 366 120.08 106.16 -117.95
CA ASP E 366 121.18 107.11 -118.18
C ASP E 366 120.59 108.25 -119.02
N ASN E 367 119.96 109.19 -118.33
CA ASN E 367 119.50 110.46 -118.90
C ASN E 367 119.83 111.57 -117.92
N THR E 368 121.10 111.61 -117.51
CA THR E 368 121.64 112.24 -116.29
C THR E 368 121.10 113.63 -115.92
N ALA E 369 120.58 114.37 -116.91
CA ALA E 369 119.72 115.51 -116.63
C ALA E 369 118.54 115.11 -115.75
N LEU E 370 117.99 113.91 -115.97
CA LEU E 370 116.95 113.41 -115.08
C LEU E 370 117.50 113.14 -113.67
N SER E 371 118.76 112.75 -113.56
CA SER E 371 119.36 112.52 -112.24
C SER E 371 119.54 113.83 -111.49
N ARG E 372 120.00 114.88 -112.18
CA ARG E 372 120.05 116.20 -111.56
C ARG E 372 118.66 116.73 -111.24
N ALA E 373 117.67 116.37 -112.05
CA ALA E 373 116.28 116.76 -111.78
C ALA E 373 115.77 116.10 -110.50
N LEU E 374 116.09 114.81 -110.31
CA LEU E 374 115.86 114.14 -109.04
C LEU E 374 116.50 114.86 -107.87
N SER E 375 117.81 115.12 -107.98
CA SER E 375 118.59 115.69 -106.88
C SER E 375 118.18 117.12 -106.53
N GLN E 376 117.54 117.83 -107.46
CA GLN E 376 117.03 119.16 -107.20
C GLN E 376 115.57 119.16 -106.75
N LEU E 377 114.74 118.30 -107.36
CA LEU E 377 113.33 118.21 -107.04
C LEU E 377 113.04 117.63 -105.67
N ALA E 378 113.81 116.63 -105.23
CA ALA E 378 113.60 116.06 -103.89
C ALA E 378 113.82 117.11 -102.81
N GLU E 379 114.90 117.89 -102.93
CA GLU E 379 115.18 118.87 -101.90
C GLU E 379 114.25 120.09 -101.97
N VAL E 380 113.81 120.51 -103.18
CA VAL E 380 112.86 121.63 -103.17
C VAL E 380 111.48 121.18 -102.72
N GLU E 381 111.12 119.90 -102.96
CA GLU E 381 109.91 119.35 -102.37
C GLU E 381 110.01 119.35 -100.85
N GLU E 382 111.19 119.02 -100.31
CA GLU E 382 111.34 119.04 -98.86
C GLU E 382 111.31 120.47 -98.31
N LYS E 383 111.76 121.46 -99.10
CA LYS E 383 111.61 122.86 -98.70
C LYS E 383 110.14 123.26 -98.60
N ILE E 384 109.34 122.91 -99.62
CA ILE E 384 107.91 123.17 -99.60
C ILE E 384 107.24 122.41 -98.46
N GLU E 385 107.73 121.19 -98.20
CA GLU E 385 107.21 120.34 -97.14
C GLU E 385 107.39 120.99 -95.78
N GLN E 386 108.62 121.37 -95.44
CA GLN E 386 108.88 122.01 -94.16
C GLN E 386 108.22 123.37 -94.05
N LEU E 387 108.07 124.09 -95.17
CA LEU E 387 107.46 125.42 -95.15
C LEU E 387 105.99 125.34 -94.76
N HIS E 388 105.19 124.60 -95.53
CA HIS E 388 103.78 124.53 -95.18
C HIS E 388 103.56 123.67 -93.95
N GLN E 389 104.52 122.82 -93.58
CA GLN E 389 104.42 122.07 -92.35
C GLN E 389 104.55 122.99 -91.13
N GLU E 390 105.55 123.87 -91.12
CA GLU E 390 105.72 124.74 -89.96
C GLU E 390 104.59 125.76 -89.87
N GLN E 391 104.10 126.25 -91.01
CA GLN E 391 102.92 127.13 -90.96
C GLN E 391 101.71 126.38 -90.43
N ALA E 392 101.40 125.24 -91.08
CA ALA E 392 100.24 124.40 -90.85
C ALA E 392 100.14 123.88 -89.44
N ASN E 393 101.26 123.61 -88.77
CA ASN E 393 101.05 123.35 -87.35
C ASN E 393 100.98 124.68 -86.59
N ASN E 394 102.08 125.46 -86.55
CA ASN E 394 102.31 126.34 -85.40
C ASN E 394 101.25 127.42 -85.29
N ASP E 395 100.87 128.02 -86.43
CA ASP E 395 99.94 129.12 -86.28
C ASP E 395 98.51 128.64 -86.11
N PHE E 396 98.19 127.50 -86.73
CA PHE E 396 96.85 126.94 -86.61
C PHE E 396 96.55 126.50 -85.19
N PHE E 397 97.48 125.76 -84.57
CA PHE E 397 97.21 125.25 -83.21
C PHE E 397 97.38 126.38 -82.18
N LEU E 398 98.08 127.45 -82.54
CA LEU E 398 98.20 128.61 -81.62
C LEU E 398 96.89 129.39 -81.67
N LEU E 399 96.37 129.63 -82.88
CA LEU E 399 95.06 130.32 -83.01
C LEU E 399 94.00 129.43 -82.34
N ALA E 400 94.23 128.11 -82.33
CA ALA E 400 93.30 127.19 -81.68
C ALA E 400 93.36 127.31 -80.16
N GLU E 401 94.57 127.41 -79.60
CA GLU E 401 94.71 127.69 -78.17
C GLU E 401 94.16 129.05 -77.80
N LEU E 402 94.32 130.03 -78.70
CA LEU E 402 93.78 131.37 -78.50
C LEU E 402 92.26 131.35 -78.37
N LEU E 403 91.59 130.70 -79.32
CA LEU E 403 90.14 130.59 -79.21
C LEU E 403 89.74 129.68 -78.05
N SER E 404 90.58 128.72 -77.67
CA SER E 404 90.23 127.80 -76.60
C SER E 404 90.22 128.48 -75.23
N ASP E 405 91.31 129.16 -74.87
CA ASP E 405 91.24 129.89 -73.61
C ASP E 405 90.40 131.17 -73.72
N TYR E 406 90.09 131.61 -74.94
CA TYR E 406 89.04 132.61 -75.11
C TYR E 406 87.68 132.07 -74.71
N ILE E 407 87.38 130.82 -75.11
CA ILE E 407 86.16 130.13 -74.66
C ILE E 407 86.18 129.93 -73.15
N ARG E 408 87.37 129.67 -72.58
CA ARG E 408 87.50 129.59 -71.12
C ARG E 408 87.15 130.92 -70.47
N LEU E 409 87.62 132.03 -71.06
CA LEU E 409 87.28 133.36 -70.57
C LEU E 409 85.79 133.63 -70.68
N LEU E 410 85.18 133.14 -71.77
CA LEU E 410 83.74 133.27 -71.93
C LEU E 410 82.98 132.49 -70.87
N ALA E 411 83.45 131.29 -70.55
CA ALA E 411 82.79 130.48 -69.53
C ALA E 411 82.93 131.11 -68.14
N ILE E 412 84.10 131.68 -67.84
CA ILE E 412 84.25 132.28 -66.53
C ILE E 412 83.52 133.63 -66.44
N VAL E 413 83.27 134.32 -67.55
CA VAL E 413 82.42 135.51 -67.40
C VAL E 413 80.93 135.14 -67.38
N ARG E 414 80.55 134.00 -68.00
CA ARG E 414 79.23 133.42 -67.73
C ARG E 414 79.05 133.19 -66.24
N ALA E 415 80.04 132.55 -65.61
CA ALA E 415 80.00 132.32 -64.17
C ALA E 415 80.08 133.61 -63.38
N ALA E 416 80.70 134.66 -63.94
CA ALA E 416 80.76 135.95 -63.26
C ALA E 416 79.39 136.60 -63.13
N PHE E 417 78.64 136.69 -64.24
CA PHE E 417 77.30 137.23 -64.00
C PHE E 417 76.34 136.19 -63.43
N ASP E 418 76.72 134.91 -63.39
CA ASP E 418 75.97 133.97 -62.57
C ASP E 418 76.15 134.27 -61.09
N GLN E 419 77.35 134.66 -60.68
CA GLN E 419 77.55 135.11 -59.30
C GLN E 419 76.82 136.41 -59.03
N ARG E 420 76.77 137.30 -60.04
CA ARG E 420 75.94 138.49 -59.92
C ARG E 420 74.46 138.14 -59.77
N MET E 421 74.01 137.10 -60.48
CA MET E 421 72.66 136.58 -60.34
C MET E 421 72.40 136.03 -58.93
N LYS E 422 73.38 135.30 -58.39
CA LYS E 422 73.21 134.71 -57.07
C LYS E 422 73.15 135.77 -55.99
N THR E 423 74.00 136.79 -56.08
CA THR E 423 73.91 137.90 -55.14
C THR E 423 72.68 138.76 -55.38
N TRP E 424 72.17 138.80 -56.62
CA TRP E 424 70.91 139.45 -56.91
C TRP E 424 69.77 138.80 -56.15
N GLN E 425 69.64 137.47 -56.25
CA GLN E 425 68.59 136.80 -55.52
C GLN E 425 68.87 136.77 -54.01
N ARG E 426 70.13 136.92 -53.59
CA ARG E 426 70.44 137.12 -52.17
C ARG E 426 69.80 138.39 -51.63
N TRP E 427 70.03 139.54 -52.27
CA TRP E 427 69.38 140.73 -51.74
C TRP E 427 67.88 140.73 -52.02
N GLN E 428 67.44 139.99 -53.05
CA GLN E 428 66.03 139.88 -53.37
C GLN E 428 65.25 139.18 -52.27
N ASP E 429 65.65 137.96 -51.91
CA ASP E 429 64.93 137.31 -50.83
C ASP E 429 65.30 137.88 -49.47
N ALA E 430 66.43 138.61 -49.36
CA ALA E 430 66.73 139.36 -48.15
C ALA E 430 65.69 140.43 -47.89
N GLN E 431 65.40 141.27 -48.90
CA GLN E 431 64.39 142.31 -48.72
C GLN E 431 62.98 141.72 -48.64
N ALA E 432 62.74 140.59 -49.30
CA ALA E 432 61.44 139.92 -49.20
C ALA E 432 61.18 139.46 -47.76
N THR E 433 62.10 138.67 -47.20
CA THR E 433 61.97 138.22 -45.81
C THR E 433 62.01 139.38 -44.83
N LEU E 434 62.78 140.44 -45.15
CA LEU E 434 62.78 141.68 -44.39
C LEU E 434 61.37 142.23 -44.23
N GLN E 435 60.71 142.50 -45.36
CA GLN E 435 59.37 143.07 -45.34
C GLN E 435 58.39 142.17 -44.60
N LYS E 436 58.43 140.85 -44.89
CA LYS E 436 57.47 139.92 -44.31
C LYS E 436 57.64 139.79 -42.80
N LYS E 437 58.80 139.30 -42.35
CA LYS E 437 58.90 139.00 -40.92
C LYS E 437 59.09 140.27 -40.10
N ARG E 438 59.61 141.35 -40.69
CA ARG E 438 59.76 142.58 -39.93
C ARG E 438 58.43 143.30 -39.77
N GLU E 439 57.52 143.21 -40.76
CA GLU E 439 56.19 143.75 -40.49
C GLU E 439 55.38 142.81 -39.59
N SER E 440 55.67 141.50 -39.62
CA SER E 440 55.01 140.61 -38.65
C SER E 440 55.45 140.91 -37.23
N GLU E 441 56.71 141.34 -37.05
CA GLU E 441 57.13 141.87 -35.76
C GLU E 441 56.46 143.20 -35.46
N ALA E 442 56.30 144.07 -36.47
CA ALA E 442 55.81 145.43 -36.24
C ALA E 442 54.33 145.47 -35.90
N ARG E 443 53.53 144.55 -36.44
CA ARG E 443 52.08 144.61 -36.26
C ARG E 443 51.62 144.18 -34.88
N LEU E 444 52.50 143.64 -34.04
CA LEU E 444 52.15 143.22 -32.69
C LEU E 444 52.54 144.25 -31.64
N LEU E 445 52.42 145.54 -31.97
CA LEU E 445 52.89 146.62 -31.12
C LEU E 445 52.06 146.83 -29.87
N TRP E 446 50.76 146.52 -29.89
CA TRP E 446 49.91 146.78 -28.74
C TRP E 446 50.06 145.74 -27.64
N ALA E 447 50.71 144.62 -27.92
CA ALA E 447 51.34 143.86 -26.85
C ALA E 447 52.46 144.75 -26.34
N ASN E 448 52.26 145.37 -25.17
CA ASN E 448 53.00 146.57 -24.78
C ASN E 448 54.42 146.22 -24.39
N LYS E 449 55.25 146.01 -25.42
CA LYS E 449 56.69 145.82 -25.27
C LYS E 449 57.35 146.55 -26.43
N PRO E 450 57.79 147.80 -26.22
CA PRO E 450 58.36 148.58 -27.34
C PRO E 450 59.75 148.15 -27.74
N ASP E 451 60.39 147.24 -27.00
CA ASP E 451 61.72 146.78 -27.35
C ASP E 451 61.70 145.98 -28.65
N LYS E 452 60.61 145.25 -28.89
CA LYS E 452 60.42 144.58 -30.17
C LYS E 452 60.30 145.59 -31.31
N LEU E 453 59.63 146.71 -31.05
CA LEU E 453 59.55 147.77 -32.04
C LEU E 453 60.90 148.40 -32.30
N GLN E 454 61.71 148.56 -31.25
CA GLN E 454 63.05 149.13 -31.40
C GLN E 454 63.96 148.22 -32.21
N GLN E 455 63.95 146.92 -31.91
CA GLN E 455 64.80 146.00 -32.66
C GLN E 455 64.31 145.81 -34.08
N ALA E 456 62.98 145.85 -34.30
CA ALA E 456 62.45 145.79 -35.66
C ALA E 456 62.80 147.04 -36.46
N LYS E 457 62.83 148.20 -35.80
CA LYS E 457 63.26 149.42 -36.47
C LYS E 457 64.73 149.37 -36.84
N ASP E 458 65.56 148.82 -35.94
CA ASP E 458 66.98 148.68 -36.24
C ASP E 458 67.21 147.69 -37.37
N GLU E 459 66.42 146.61 -37.38
CA GLU E 459 66.46 145.63 -38.46
C GLU E 459 66.12 146.24 -39.80
N ILE E 460 64.96 146.91 -39.89
CA ILE E 460 64.54 147.48 -41.17
C ILE E 460 65.50 148.57 -41.63
N THR E 461 66.04 149.37 -40.68
CA THR E 461 66.89 150.49 -41.04
C THR E 461 68.24 150.03 -41.57
N GLU E 462 69.01 149.30 -40.74
CA GLU E 462 70.34 148.90 -41.15
C GLU E 462 70.30 147.87 -42.27
N TRP E 463 69.28 147.01 -42.28
CA TRP E 463 69.17 146.00 -43.31
C TRP E 463 68.80 146.62 -44.66
N GLU E 464 67.92 147.64 -44.69
CA GLU E 464 67.65 148.29 -45.98
C GLU E 464 68.84 149.12 -46.43
N SER E 465 69.60 149.69 -45.48
CA SER E 465 70.78 150.47 -45.85
C SER E 465 71.82 149.58 -46.52
N ARG E 466 72.07 148.40 -45.95
CA ARG E 466 73.06 147.54 -46.54
C ARG E 466 72.55 146.87 -47.82
N VAL E 467 71.25 146.62 -47.94
CA VAL E 467 70.73 146.01 -49.18
C VAL E 467 70.76 147.01 -50.34
N THR E 468 70.38 148.27 -50.08
CA THR E 468 70.50 149.30 -51.11
C THR E 468 71.96 149.56 -51.46
N GLN E 469 72.83 149.50 -50.45
CA GLN E 469 74.28 149.54 -50.69
C GLN E 469 74.71 148.41 -51.61
N TYR E 470 74.15 147.21 -51.38
CA TYR E 470 74.47 146.05 -52.21
C TYR E 470 74.04 146.26 -53.66
N GLU E 471 72.83 146.77 -53.89
CA GLU E 471 72.42 146.84 -55.30
C GLU E 471 73.10 148.00 -56.06
N ARG E 472 73.43 149.12 -55.41
CA ARG E 472 74.18 150.07 -56.25
C ARG E 472 75.66 149.72 -56.32
N ASP E 473 76.17 148.92 -55.38
CA ASP E 473 77.47 148.30 -55.61
C ASP E 473 77.41 147.26 -56.71
N PHE E 474 76.25 146.66 -56.95
CA PHE E 474 76.10 145.76 -58.08
C PHE E 474 76.05 146.54 -59.37
N GLU E 475 75.48 147.75 -59.31
CA GLU E 475 75.63 148.68 -60.43
C GLU E 475 77.10 149.04 -60.66
N ARG E 476 77.86 149.21 -59.58
CA ARG E 476 79.29 149.50 -59.70
C ARG E 476 80.06 148.34 -60.33
N ILE E 477 79.75 147.11 -59.92
CA ILE E 477 80.47 145.98 -60.50
C ILE E 477 79.99 145.73 -61.92
N SER E 478 78.75 146.13 -62.26
CA SER E 478 78.31 146.09 -63.65
C SER E 478 79.10 147.07 -64.51
N THR E 479 79.38 148.25 -63.96
CA THR E 479 80.20 149.22 -64.69
C THR E 479 81.63 148.74 -64.86
N VAL E 480 82.22 148.10 -63.83
CA VAL E 480 83.60 147.66 -64.00
C VAL E 480 83.64 146.42 -64.90
N VAL E 481 82.56 145.65 -64.96
CA VAL E 481 82.44 144.58 -65.95
C VAL E 481 82.36 145.16 -67.35
N ARG E 482 81.66 146.28 -67.53
CA ARG E 482 81.59 146.89 -68.86
C ARG E 482 82.91 147.51 -69.29
N LYS E 483 83.67 148.06 -68.34
CA LYS E 483 85.04 148.49 -68.66
C LYS E 483 85.92 147.29 -69.01
N GLU E 484 85.71 146.16 -68.32
CA GLU E 484 86.40 144.93 -68.71
C GLU E 484 85.93 144.43 -70.07
N VAL E 485 84.68 144.70 -70.43
CA VAL E 485 84.15 144.35 -71.75
C VAL E 485 84.87 145.13 -72.84
N THR E 486 85.03 146.43 -72.60
CA THR E 486 85.84 147.28 -73.48
C THR E 486 87.28 146.76 -73.55
N ARG E 487 87.80 146.26 -72.43
CA ARG E 487 89.14 145.69 -72.40
C ARG E 487 89.21 144.42 -73.25
N PHE E 488 88.18 143.58 -73.23
CA PHE E 488 88.38 142.41 -74.06
C PHE E 488 87.90 142.59 -75.50
N GLU E 489 87.17 143.66 -75.83
CA GLU E 489 87.16 144.03 -77.24
C GLU E 489 88.50 144.62 -77.67
N LYS E 490 89.25 145.22 -76.73
CA LYS E 490 90.61 145.60 -77.08
C LYS E 490 91.49 144.38 -77.32
N GLU E 491 91.28 143.29 -76.57
CA GLU E 491 92.04 142.10 -76.94
C GLU E 491 91.43 141.37 -78.13
N LYS E 492 90.17 141.62 -78.48
CA LYS E 492 89.68 141.23 -79.81
C LYS E 492 90.49 141.92 -80.89
N SER E 493 90.73 143.21 -80.72
CA SER E 493 91.62 143.93 -81.62
C SER E 493 93.04 143.37 -81.59
N LYS E 494 93.48 142.91 -80.41
CA LYS E 494 94.85 142.41 -80.27
C LYS E 494 95.02 141.06 -80.94
N ASP E 495 94.07 140.13 -80.79
CA ASP E 495 94.29 138.83 -81.40
C ASP E 495 93.86 138.80 -82.86
N PHE E 496 92.95 139.70 -83.27
CA PHE E 496 92.79 139.97 -84.69
C PHE E 496 94.06 140.56 -85.27
N LYS E 497 94.76 141.42 -84.53
CA LYS E 497 96.08 141.89 -84.92
C LYS E 497 97.10 140.78 -84.92
N ASN E 498 96.93 139.77 -84.06
CA ASN E 498 97.82 138.61 -84.11
C ASN E 498 97.63 137.82 -85.40
N HIS E 499 96.39 137.69 -85.86
CA HIS E 499 96.20 137.09 -87.18
C HIS E 499 96.68 138.02 -88.30
N VAL E 500 96.59 139.34 -88.10
CA VAL E 500 97.08 140.30 -89.08
C VAL E 500 98.60 140.19 -89.22
N MET E 501 99.33 140.17 -88.10
CA MET E 501 100.77 139.98 -88.15
C MET E 501 101.13 138.56 -88.56
N LYS E 502 100.25 137.59 -88.33
CA LYS E 502 100.43 136.26 -88.90
C LYS E 502 100.46 136.29 -90.42
N TYR E 503 99.46 136.91 -91.04
CA TYR E 503 99.50 136.95 -92.50
C TYR E 503 100.58 137.92 -92.99
N LEU E 504 100.97 138.88 -92.16
CA LEU E 504 102.10 139.75 -92.48
C LEU E 504 103.39 138.94 -92.60
N GLU E 505 103.72 138.16 -91.57
CA GLU E 505 104.89 137.27 -91.67
C GLU E 505 104.66 136.14 -92.67
N THR E 506 103.41 135.77 -92.95
CA THR E 506 103.15 134.73 -93.92
C THR E 506 103.51 135.18 -95.31
N LEU E 507 103.00 136.34 -95.72
CA LEU E 507 103.36 136.95 -97.00
C LEU E 507 104.85 137.25 -97.04
N LEU E 508 105.42 137.77 -95.95
CA LEU E 508 106.84 138.04 -95.86
C LEU E 508 107.72 136.82 -96.08
N HIS E 509 107.61 135.80 -95.21
CA HIS E 509 108.54 134.68 -95.30
C HIS E 509 108.22 133.81 -96.50
N SER E 510 106.94 133.72 -96.88
CA SER E 510 106.54 132.99 -98.08
C SER E 510 107.16 133.62 -99.32
N GLN E 511 107.03 134.94 -99.45
CA GLN E 511 107.57 135.65 -100.61
C GLN E 511 109.09 135.59 -100.62
N GLN E 512 109.74 135.89 -99.48
CA GLN E 512 111.19 135.99 -99.50
C GLN E 512 111.85 134.63 -99.66
N GLN E 513 111.35 133.59 -98.96
CA GLN E 513 111.94 132.27 -99.07
C GLN E 513 111.61 131.64 -100.43
N LEU E 514 110.33 131.70 -100.82
CA LEU E 514 109.86 131.14 -102.08
C LEU E 514 110.56 131.78 -103.27
N ALA E 515 110.42 133.10 -103.43
CA ALA E 515 111.08 133.81 -104.51
C ALA E 515 112.60 133.82 -104.37
N LYS E 516 113.12 133.59 -103.16
CA LYS E 516 114.56 133.46 -102.97
C LYS E 516 115.08 132.20 -103.63
N TYR E 517 114.43 131.06 -103.39
CA TYR E 517 114.91 129.90 -104.12
C TYR E 517 114.42 129.88 -105.57
N TRP E 518 113.41 130.69 -105.92
CA TRP E 518 113.15 130.91 -107.35
C TRP E 518 114.33 131.61 -108.03
N GLU E 519 114.79 132.72 -107.47
CA GLU E 519 115.90 133.47 -108.06
C GLU E 519 117.25 132.83 -107.79
N ALA E 520 117.30 131.80 -106.94
CA ALA E 520 118.51 131.04 -106.75
C ALA E 520 118.51 129.73 -107.52
N PHE E 521 117.36 129.27 -108.00
CA PHE E 521 117.26 127.99 -108.69
C PHE E 521 116.89 128.11 -110.15
N LEU E 522 116.37 129.25 -110.58
CA LEU E 522 116.32 129.53 -112.02
C LEU E 522 117.69 129.79 -112.67
N PRO E 523 118.66 130.52 -112.07
CA PRO E 523 119.97 130.60 -112.73
C PRO E 523 120.74 129.30 -112.77
N GLU E 524 120.41 128.32 -111.93
CA GLU E 524 120.96 127.00 -112.18
C GLU E 524 120.05 126.22 -113.15
N ALA E 525 118.78 126.58 -113.26
CA ALA E 525 117.91 125.97 -114.27
C ALA E 525 117.88 126.77 -115.56
N LYS E 526 118.95 127.47 -115.90
CA LYS E 526 119.11 127.97 -117.26
C LYS E 526 119.15 126.82 -118.24
N ALA E 527 120.20 125.96 -118.16
CA ALA E 527 120.05 124.57 -118.58
C ALA E 527 120.99 123.71 -117.73
N ILE E 528 120.51 123.36 -116.53
CA ILE E 528 120.94 122.27 -115.64
C ILE E 528 119.70 121.96 -114.83
N SER E 529 119.31 120.69 -114.76
CA SER E 529 118.10 120.36 -114.01
C SER E 529 118.39 120.14 -112.53
N PHE F 150 106.72 119.14 -137.71
CA PHE F 150 106.72 117.80 -138.30
C PHE F 150 105.59 117.69 -139.32
N ASP F 151 105.75 116.76 -140.27
CA ASP F 151 104.84 116.56 -141.39
C ASP F 151 103.43 116.15 -140.98
N LEU F 152 103.26 115.56 -139.80
CA LEU F 152 101.95 115.16 -139.30
C LEU F 152 101.33 116.38 -138.62
N THR F 153 100.42 117.04 -139.31
CA THR F 153 99.69 118.19 -138.79
C THR F 153 98.19 117.86 -138.84
N VAL F 154 97.61 117.53 -137.69
CA VAL F 154 96.22 117.11 -137.61
C VAL F 154 95.47 118.00 -136.63
N GLY F 155 94.15 117.83 -136.60
CA GLY F 155 93.31 118.51 -135.65
C GLY F 155 92.03 117.75 -135.34
N ILE F 156 91.77 117.49 -134.06
CA ILE F 156 90.66 116.64 -133.64
C ILE F 156 89.75 117.47 -132.75
N THR F 157 88.51 117.68 -133.18
CA THR F 157 87.56 118.52 -132.47
C THR F 157 86.21 117.81 -132.40
N ASP F 158 85.23 118.53 -131.86
CA ASP F 158 83.79 118.23 -131.84
C ASP F 158 83.43 116.86 -131.29
N PRO F 159 83.45 116.68 -129.96
CA PRO F 159 82.98 115.41 -129.40
C PRO F 159 81.47 115.24 -129.52
N GLU F 160 81.03 114.79 -130.69
CA GLU F 160 79.60 114.70 -131.03
C GLU F 160 79.06 113.35 -130.58
N LYS F 161 78.03 113.36 -129.75
CA LYS F 161 77.44 112.15 -129.20
C LYS F 161 76.49 111.49 -130.19
N ILE F 162 76.24 110.20 -129.99
CA ILE F 162 75.48 109.41 -130.94
C ILE F 162 74.18 109.00 -130.24
N GLY F 163 73.70 109.86 -129.34
CA GLY F 163 72.45 109.63 -128.65
C GLY F 163 72.66 109.41 -127.17
N ASP F 164 71.74 108.64 -126.58
CA ASP F 164 71.73 108.40 -125.14
C ASP F 164 72.18 106.98 -124.83
N GLY F 165 72.89 106.85 -123.71
CA GLY F 165 73.40 105.60 -123.24
C GLY F 165 74.51 105.83 -122.23
N MET F 166 75.24 104.77 -121.91
CA MET F 166 76.39 104.85 -121.02
C MET F 166 77.58 104.18 -121.69
N ASN F 167 78.57 105.00 -122.07
CA ASN F 167 79.90 104.55 -122.52
C ASN F 167 79.83 103.74 -123.81
N ALA F 168 79.26 104.34 -124.86
CA ALA F 168 79.16 103.63 -126.13
C ALA F 168 79.93 104.28 -127.26
N TYR F 169 79.59 105.52 -127.67
CA TYR F 169 80.07 106.06 -128.94
C TYR F 169 79.98 107.58 -128.92
N VAL F 170 81.07 108.25 -129.31
CA VAL F 170 81.11 109.69 -129.53
C VAL F 170 81.89 109.96 -130.80
N ALA F 171 81.31 110.72 -131.71
CA ALA F 171 81.98 111.03 -132.97
C ALA F 171 83.04 112.10 -132.78
N TYR F 172 84.07 112.04 -133.63
CA TYR F 172 85.22 112.95 -133.56
C TYR F 172 85.41 113.64 -134.90
N LYS F 173 85.33 114.96 -134.90
CA LYS F 173 85.73 115.73 -136.07
C LYS F 173 87.25 115.78 -136.13
N VAL F 174 87.84 115.03 -137.05
CA VAL F 174 89.29 114.90 -137.15
C VAL F 174 89.72 115.51 -138.47
N THR F 175 90.38 116.67 -138.40
CA THR F 175 90.90 117.31 -139.60
C THR F 175 92.39 117.07 -139.72
N THR F 176 92.81 116.52 -140.85
CA THR F 176 94.19 116.09 -141.08
C THR F 176 94.77 116.89 -142.25
N GLN F 177 95.85 117.62 -141.98
CA GLN F 177 96.54 118.44 -142.98
C GLN F 177 97.96 117.95 -143.22
N THR F 178 98.11 116.63 -143.35
CA THR F 178 99.42 116.00 -143.26
C THR F 178 100.20 116.21 -144.56
N SER F 179 101.53 116.36 -144.42
CA SER F 179 102.47 116.30 -145.55
C SER F 179 102.77 114.86 -145.93
N LEU F 180 103.88 114.63 -146.67
CA LEU F 180 104.37 113.31 -147.06
C LEU F 180 103.38 112.56 -147.93
N PRO F 181 103.40 112.80 -149.26
CA PRO F 181 102.23 112.60 -150.13
C PRO F 181 101.61 111.20 -150.23
N MET F 182 102.07 110.24 -149.42
CA MET F 182 101.26 109.07 -149.11
C MET F 182 99.92 109.47 -148.48
N PHE F 183 99.90 110.53 -147.68
CA PHE F 183 98.65 111.23 -147.41
C PHE F 183 98.21 111.95 -148.69
N ARG F 184 96.92 111.83 -149.02
CA ARG F 184 96.47 111.99 -150.40
C ARG F 184 96.58 113.43 -150.90
N SER F 185 95.81 114.35 -150.29
CA SER F 185 95.60 115.65 -150.93
C SER F 185 95.71 116.84 -149.99
N ARG F 186 96.45 116.72 -148.88
CA ARG F 186 96.83 117.79 -147.96
C ARG F 186 95.66 118.44 -147.21
N GLN F 187 94.42 118.01 -147.48
CA GLN F 187 93.23 118.62 -146.89
C GLN F 187 92.18 117.51 -146.77
N PHE F 188 92.18 116.82 -145.64
CA PHE F 188 91.14 115.87 -145.28
C PHE F 188 90.56 116.26 -143.93
N ALA F 189 89.29 115.90 -143.74
CA ALA F 189 88.57 116.17 -142.50
C ALA F 189 87.64 114.97 -142.26
N VAL F 190 88.11 114.00 -141.51
CA VAL F 190 87.38 112.74 -141.32
C VAL F 190 86.57 112.80 -140.03
N LYS F 191 85.40 112.19 -140.07
CA LYS F 191 84.55 112.01 -138.90
C LYS F 191 84.65 110.56 -138.48
N ARG F 192 85.31 110.30 -137.35
CA ARG F 192 85.61 108.94 -136.93
C ARG F 192 85.03 108.69 -135.55
N ARG F 193 84.29 107.59 -135.41
CA ARG F 193 83.75 107.17 -134.14
C ARG F 193 84.63 106.07 -133.54
N PHE F 194 85.02 106.25 -132.29
CA PHE F 194 85.84 105.25 -131.62
C PHE F 194 84.95 104.08 -131.15
N SER F 195 85.60 103.12 -130.48
CA SER F 195 85.07 101.79 -130.15
C SER F 195 84.63 101.01 -131.39
N ASP F 196 85.19 101.35 -132.55
CA ASP F 196 84.97 100.66 -133.81
C ASP F 196 86.27 100.29 -134.49
N PHE F 197 87.26 101.18 -134.48
CA PHE F 197 88.57 100.88 -135.02
C PHE F 197 89.55 100.37 -133.97
N LEU F 198 89.12 100.17 -132.73
CA LEU F 198 89.95 99.35 -131.85
C LEU F 198 89.78 97.88 -132.21
N GLY F 199 88.66 97.49 -132.80
CA GLY F 199 88.59 96.19 -133.44
C GLY F 199 89.50 96.07 -134.64
N LEU F 200 89.65 97.17 -135.39
CA LEU F 200 90.67 97.25 -136.43
C LEU F 200 92.07 97.14 -135.84
N TYR F 201 92.27 97.75 -134.67
CA TYR F 201 93.53 97.62 -133.95
C TYR F 201 93.77 96.20 -133.46
N GLU F 202 92.72 95.47 -133.15
CA GLU F 202 92.92 94.08 -132.76
C GLU F 202 93.13 93.18 -133.98
N LYS F 203 92.59 93.57 -135.14
CA LYS F 203 92.98 92.92 -136.38
C LYS F 203 94.45 93.18 -136.68
N LEU F 204 94.92 94.40 -136.39
CA LEU F 204 96.34 94.73 -136.44
C LEU F 204 97.13 93.91 -135.43
N SER F 205 96.54 93.64 -134.27
CA SER F 205 97.21 92.88 -133.22
C SER F 205 97.44 91.44 -133.64
N GLU F 206 96.38 90.79 -134.14
CA GLU F 206 96.55 89.43 -134.65
C GLU F 206 97.39 89.40 -135.92
N LYS F 207 97.35 90.48 -136.72
CA LYS F 207 98.18 90.56 -137.92
C LYS F 207 99.67 90.57 -137.57
N HIS F 208 100.08 91.45 -136.66
CA HIS F 208 101.49 91.43 -136.28
C HIS F 208 101.82 90.25 -135.36
N SER F 209 100.80 89.55 -134.84
CA SER F 209 101.11 88.26 -134.23
C SER F 209 101.53 87.26 -135.29
N GLN F 210 100.84 87.23 -136.43
CA GLN F 210 101.23 86.25 -137.45
C GLN F 210 102.45 86.68 -138.26
N ASN F 211 102.76 87.99 -138.35
CA ASN F 211 103.88 88.36 -139.21
C ASN F 211 104.93 89.24 -138.55
N GLY F 212 104.82 89.52 -137.26
CA GLY F 212 105.88 90.22 -136.55
C GLY F 212 106.02 91.68 -136.90
N PHE F 213 104.91 92.38 -137.11
CA PHE F 213 104.97 93.81 -137.41
C PHE F 213 104.88 94.61 -136.12
N ILE F 214 104.66 95.92 -136.25
CA ILE F 214 104.70 96.86 -135.13
C ILE F 214 103.46 97.74 -135.18
N VAL F 215 102.70 97.73 -134.07
CA VAL F 215 101.46 98.56 -133.96
C VAL F 215 101.78 99.79 -133.10
N PRO F 216 101.00 100.89 -133.19
CA PRO F 216 101.22 102.07 -132.36
C PRO F 216 100.40 102.10 -131.06
N PRO F 217 100.60 103.08 -130.15
CA PRO F 217 99.77 103.23 -128.93
C PRO F 217 98.25 103.02 -129.09
N PRO F 218 97.51 102.70 -128.01
CA PRO F 218 96.09 102.35 -128.13
C PRO F 218 95.12 103.42 -128.64
N PRO F 219 94.16 103.08 -129.51
CA PRO F 219 93.11 104.01 -129.91
C PRO F 219 92.04 103.73 -128.86
N GLU F 220 92.31 104.05 -127.58
CA GLU F 220 91.39 103.71 -126.45
C GLU F 220 89.91 103.79 -126.81
N LYS F 221 89.15 102.75 -126.47
CA LYS F 221 87.71 102.69 -126.81
C LYS F 221 86.86 103.14 -125.62
N SER F 222 85.56 102.78 -125.63
CA SER F 222 84.64 103.17 -124.54
C SER F 222 84.26 101.94 -123.71
N LEU F 223 83.01 101.87 -123.24
CA LEU F 223 82.61 100.81 -122.30
C LEU F 223 83.65 100.72 -121.19
N ILE F 224 84.06 101.89 -120.70
CA ILE F 224 85.09 102.00 -119.68
C ILE F 224 84.61 102.77 -118.45
N GLY F 225 83.54 103.56 -118.56
CA GLY F 225 83.13 104.40 -117.44
C GLY F 225 82.48 103.61 -116.33
N MET F 226 81.67 102.62 -116.69
CA MET F 226 80.98 101.79 -115.71
C MET F 226 81.45 100.34 -115.72
N THR F 227 82.30 99.96 -116.68
CA THR F 227 82.83 98.61 -116.78
C THR F 227 84.35 98.65 -116.93
N LYS F 228 85.01 97.61 -116.42
CA LYS F 228 86.38 97.21 -116.72
C LYS F 228 87.43 98.13 -116.09
N VAL F 229 87.01 99.26 -115.53
CA VAL F 229 87.89 100.25 -114.92
C VAL F 229 87.43 100.43 -113.48
N LYS F 230 88.38 100.64 -112.57
CA LYS F 230 88.12 100.63 -111.14
C LYS F 230 88.45 101.93 -110.40
N VAL F 231 87.91 103.10 -110.78
CA VAL F 231 86.73 103.32 -111.64
C VAL F 231 86.98 104.50 -112.58
N GLY F 232 85.96 104.86 -113.36
CA GLY F 232 86.03 106.03 -114.22
C GLY F 232 84.83 106.96 -114.10
N LYS F 233 85.06 108.27 -114.22
CA LYS F 233 84.01 109.27 -114.05
C LYS F 233 83.76 109.99 -115.36
N GLU F 234 82.48 110.27 -115.65
CA GLU F 234 82.08 110.80 -116.95
C GLU F 234 82.03 112.32 -117.01
N ASP F 235 81.79 112.99 -115.90
CA ASP F 235 81.83 114.46 -115.90
C ASP F 235 83.27 114.95 -116.11
N SER F 236 84.24 114.24 -115.54
CA SER F 236 85.63 114.46 -115.88
C SER F 236 86.00 113.92 -117.25
N SER F 237 85.18 113.01 -117.80
CA SER F 237 85.47 112.50 -119.12
C SER F 237 84.99 113.43 -120.23
N SER F 238 83.89 114.15 -119.96
CA SER F 238 82.98 114.82 -120.90
C SER F 238 83.66 115.58 -122.04
N ALA F 239 84.83 116.15 -121.77
CA ALA F 239 85.70 116.60 -122.85
C ALA F 239 87.12 116.13 -122.57
N GLU F 240 87.44 115.92 -121.29
CA GLU F 240 88.84 115.82 -120.92
C GLU F 240 89.41 114.42 -121.13
N PHE F 241 88.63 113.37 -120.83
CA PHE F 241 89.15 112.05 -121.18
C PHE F 241 89.07 111.82 -122.68
N LEU F 242 88.20 112.56 -123.37
CA LEU F 242 88.24 112.57 -124.82
C LEU F 242 89.51 113.25 -125.32
N GLU F 243 90.00 114.26 -124.59
CA GLU F 243 91.33 114.79 -124.88
C GLU F 243 92.43 113.78 -124.55
N LYS F 244 92.20 112.91 -123.57
CA LYS F 244 93.15 111.83 -123.32
C LYS F 244 93.12 110.79 -124.44
N ARG F 245 91.94 110.56 -125.03
CA ARG F 245 91.85 109.78 -126.25
C ARG F 245 92.62 110.46 -127.38
N ARG F 246 92.54 111.78 -127.45
CA ARG F 246 93.29 112.53 -128.45
C ARG F 246 94.79 112.42 -128.22
N ALA F 247 95.22 112.34 -126.97
CA ALA F 247 96.64 112.18 -126.67
C ALA F 247 97.13 110.79 -127.06
N ALA F 248 96.36 109.76 -126.71
CA ALA F 248 96.69 108.39 -127.13
C ALA F 248 96.63 108.25 -128.64
N LEU F 249 95.74 108.98 -129.29
CA LEU F 249 95.65 108.97 -130.75
C LEU F 249 96.78 109.76 -131.39
N GLU F 250 97.30 110.78 -130.71
CA GLU F 250 98.46 111.48 -131.25
C GLU F 250 99.70 110.61 -131.16
N ARG F 251 99.82 109.83 -130.07
CA ARG F 251 100.92 108.88 -129.98
C ARG F 251 100.75 107.74 -130.98
N TYR F 252 99.49 107.35 -131.22
CA TYR F 252 99.13 106.44 -132.30
C TYR F 252 99.62 106.95 -133.64
N LEU F 253 99.37 108.22 -133.93
CA LEU F 253 99.78 108.80 -135.21
C LEU F 253 101.29 108.89 -135.33
N GLN F 254 101.97 109.28 -134.26
CA GLN F 254 103.42 109.42 -134.31
C GLN F 254 104.10 108.08 -134.50
N ARG F 255 103.65 107.05 -133.77
CA ARG F 255 104.32 105.77 -133.93
C ARG F 255 103.81 104.99 -135.13
N ILE F 256 102.65 105.32 -135.70
CA ILE F 256 102.30 104.72 -136.99
C ILE F 256 103.08 105.39 -138.10
N VAL F 257 103.65 106.56 -137.82
CA VAL F 257 104.58 107.17 -138.83
C VAL F 257 105.95 106.52 -138.57
N ASN F 258 106.21 106.10 -137.32
CA ASN F 258 107.54 105.54 -136.95
C ASN F 258 107.84 104.22 -137.67
N HIS F 259 106.83 103.43 -138.05
CA HIS F 259 107.10 102.25 -138.91
C HIS F 259 106.69 102.69 -140.33
N PRO F 260 107.52 103.37 -141.18
CA PRO F 260 107.03 103.93 -142.45
C PRO F 260 106.79 102.90 -143.54
N THR F 261 107.57 101.82 -143.55
CA THR F 261 107.30 100.72 -144.46
C THR F 261 106.04 99.97 -144.04
N MET F 262 105.87 99.76 -142.74
CA MET F 262 104.66 99.16 -142.22
C MET F 262 103.50 100.15 -142.18
N LEU F 263 103.80 101.45 -142.21
CA LEU F 263 102.79 102.45 -142.52
C LEU F 263 102.29 102.31 -143.95
N GLN F 264 103.13 101.81 -144.85
CA GLN F 264 102.70 101.50 -146.22
C GLN F 264 102.10 100.10 -146.31
N ASP F 265 101.19 99.82 -145.39
CA ASP F 265 100.13 98.83 -145.54
C ASP F 265 98.91 99.68 -145.80
N PRO F 266 98.64 100.05 -147.05
CA PRO F 266 97.76 101.19 -147.35
C PRO F 266 96.29 100.96 -147.05
N ASP F 267 95.89 99.71 -146.82
CA ASP F 267 94.49 99.41 -146.53
C ASP F 267 94.04 100.07 -145.23
N VAL F 268 94.84 99.93 -144.17
CA VAL F 268 94.45 100.53 -142.89
C VAL F 268 94.69 102.03 -142.87
N ARG F 269 95.62 102.54 -143.69
CA ARG F 269 95.78 103.98 -143.81
C ARG F 269 94.57 104.60 -144.48
N GLU F 270 94.07 103.97 -145.55
CA GLU F 270 92.83 104.43 -146.17
C GLU F 270 91.63 104.19 -145.27
N PHE F 271 91.71 103.19 -144.38
CA PHE F 271 90.65 103.00 -143.38
C PHE F 271 90.61 104.17 -142.41
N LEU F 272 91.78 104.65 -142.01
CA LEU F 272 91.84 105.79 -141.10
C LEU F 272 91.44 107.09 -141.77
N GLU F 273 91.90 107.34 -143.00
CA GLU F 273 91.66 108.63 -143.64
C GLU F 273 90.39 108.67 -144.47
N LYS F 274 89.52 107.67 -144.35
CA LYS F 274 88.20 107.70 -144.98
C LYS F 274 87.14 107.38 -143.95
N GLU F 275 85.89 107.39 -144.40
CA GLU F 275 84.71 107.21 -143.54
C GLU F 275 83.87 106.09 -144.13
N GLU F 276 83.93 104.91 -143.49
CA GLU F 276 83.14 103.75 -143.89
C GLU F 276 82.59 103.05 -142.66
N LEU F 277 82.43 103.81 -141.57
CA LEU F 277 82.31 103.46 -140.16
C LEU F 277 81.43 102.25 -139.88
N PRO F 278 81.89 101.33 -139.03
CA PRO F 278 81.08 100.14 -138.71
C PRO F 278 79.89 100.49 -137.83
N ARG F 279 79.02 99.52 -137.66
CA ARG F 279 77.79 99.68 -136.88
C ARG F 279 78.10 99.52 -135.39
N ALA F 280 77.05 99.56 -134.56
CA ALA F 280 77.18 99.68 -133.12
C ALA F 280 77.22 98.34 -132.39
N VAL F 281 77.77 97.29 -133.01
CA VAL F 281 77.78 95.97 -132.38
C VAL F 281 79.11 95.73 -131.67
N GLY F 282 79.84 96.79 -131.38
CA GLY F 282 81.19 96.66 -130.83
C GLY F 282 81.30 96.40 -129.34
N THR F 283 80.26 95.86 -128.71
CA THR F 283 80.28 95.50 -127.29
C THR F 283 79.92 94.02 -127.18
N GLN F 284 80.95 93.16 -127.16
CA GLN F 284 80.75 91.73 -127.02
C GLN F 284 81.98 91.13 -126.36
N ALA F 285 81.93 89.82 -126.10
CA ALA F 285 83.03 89.11 -125.48
C ALA F 285 83.25 87.81 -126.26
N LEU F 286 84.36 87.73 -126.97
CA LEU F 286 84.77 86.54 -127.72
C LEU F 286 86.26 86.27 -127.58
N SER F 287 86.77 86.36 -126.35
CA SER F 287 88.19 86.27 -126.07
C SER F 287 88.68 84.84 -125.89
N GLY F 288 88.01 83.89 -126.55
CA GLY F 288 88.39 82.49 -126.50
C GLY F 288 89.78 82.18 -127.01
N ALA F 289 90.35 83.06 -127.83
CA ALA F 289 91.78 82.95 -128.15
C ALA F 289 92.64 83.11 -126.90
N GLY F 290 92.33 84.12 -126.07
CA GLY F 290 93.01 84.26 -124.78
C GLY F 290 92.70 83.12 -123.83
N LEU F 291 91.51 82.54 -123.95
CA LEU F 291 91.21 81.31 -123.20
C LEU F 291 92.12 80.16 -123.61
N LEU F 292 92.34 79.97 -124.92
CA LEU F 292 93.29 78.95 -125.38
C LEU F 292 94.72 79.26 -124.99
N LYS F 293 95.07 80.56 -124.86
CA LYS F 293 96.38 80.90 -124.31
C LYS F 293 96.49 80.47 -122.85
N MET F 294 95.42 80.66 -122.09
CA MET F 294 95.39 80.19 -120.71
C MET F 294 95.42 78.66 -120.62
N PHE F 295 94.86 77.97 -121.62
CA PHE F 295 95.02 76.52 -121.68
C PHE F 295 96.46 76.11 -121.97
N ASN F 296 97.11 76.79 -122.92
CA ASN F 296 98.46 76.40 -123.32
C ASN F 296 99.53 76.89 -122.34
N LYS F 297 99.14 77.71 -121.34
CA LYS F 297 100.06 78.13 -120.28
C LYS F 297 100.62 76.93 -119.50
N ALA F 298 99.86 75.83 -119.40
CA ALA F 298 100.37 74.63 -118.73
C ALA F 298 101.52 74.00 -119.52
N THR F 299 101.44 74.01 -120.85
CA THR F 299 102.54 73.53 -121.66
C THR F 299 103.72 74.50 -121.63
N ASP F 300 103.41 75.80 -121.50
CA ASP F 300 104.46 76.81 -121.35
C ASP F 300 105.27 76.58 -120.08
N ALA F 301 104.56 76.25 -118.98
CA ALA F 301 105.20 76.08 -117.68
C ALA F 301 106.10 74.85 -117.62
N VAL F 302 105.94 73.88 -118.52
CA VAL F 302 106.83 72.73 -118.56
C VAL F 302 107.84 72.81 -119.69
N SER F 303 107.65 73.70 -120.66
CA SER F 303 108.63 73.84 -121.74
C SER F 303 109.58 75.02 -121.55
N LYS F 304 109.33 75.89 -120.56
CA LYS F 304 110.08 77.15 -120.44
C LYS F 304 111.59 76.94 -120.21
N MET F 305 112.00 75.80 -119.65
CA MET F 305 113.44 75.55 -119.49
C MET F 305 114.11 75.29 -120.84
N THR F 306 113.47 74.47 -121.67
CA THR F 306 113.94 74.22 -123.04
C THR F 306 113.87 75.48 -123.89
N ILE F 307 113.00 76.42 -123.54
CA ILE F 307 113.14 77.77 -124.09
C ILE F 307 114.41 78.43 -123.58
N LYS F 308 114.65 78.37 -122.26
CA LYS F 308 115.76 79.08 -121.61
C LYS F 308 117.14 78.57 -121.99
N MET F 309 117.27 77.45 -122.73
CA MET F 309 118.60 77.01 -123.12
C MET F 309 119.22 77.81 -124.27
N ASN F 310 118.52 78.82 -124.80
CA ASN F 310 118.99 79.58 -125.96
C ASN F 310 120.03 80.63 -125.56
N GLU F 311 120.30 81.56 -126.48
CA GLU F 311 121.30 82.62 -126.29
C GLU F 311 120.73 84.02 -126.44
N SER F 312 119.69 84.23 -127.24
CA SER F 312 119.11 85.56 -127.36
C SER F 312 118.39 85.97 -126.09
N ASP F 313 117.76 85.02 -125.40
CA ASP F 313 117.15 85.33 -124.11
C ASP F 313 118.20 85.55 -123.04
N ILE F 314 119.44 85.10 -123.26
CA ILE F 314 120.53 85.48 -122.37
C ILE F 314 120.86 86.97 -122.59
N TRP F 315 120.61 87.49 -123.78
CA TRP F 315 120.66 88.93 -123.97
C TRP F 315 119.40 89.62 -123.46
N PHE F 316 118.30 88.89 -123.32
CA PHE F 316 117.00 89.53 -123.10
C PHE F 316 116.53 89.53 -121.64
N GLU F 317 116.88 88.51 -120.84
CA GLU F 317 116.18 88.29 -119.58
C GLU F 317 116.55 89.31 -118.51
N GLU F 318 117.69 90.00 -118.69
CA GLU F 318 118.03 91.13 -117.83
C GLU F 318 116.97 92.21 -117.93
N LYS F 319 116.50 92.46 -119.15
CA LYS F 319 115.40 93.39 -119.35
C LYS F 319 114.11 92.87 -118.74
N LEU F 320 113.94 91.55 -118.68
CA LEU F 320 112.74 90.96 -118.09
C LEU F 320 112.69 91.20 -116.58
N GLN F 321 113.76 90.87 -115.87
CA GLN F 321 113.80 91.09 -114.43
C GLN F 321 113.82 92.58 -114.09
N GLU F 322 114.52 93.37 -114.92
CA GLU F 322 114.57 94.80 -114.74
C GLU F 322 113.18 95.42 -114.91
N VAL F 323 112.46 95.01 -115.95
CA VAL F 323 111.14 95.58 -116.16
C VAL F 323 110.15 95.02 -115.15
N GLU F 324 110.44 93.88 -114.53
CA GLU F 324 109.60 93.38 -113.44
C GLU F 324 109.70 94.28 -112.22
N CYS F 325 110.94 94.62 -111.80
CA CYS F 325 111.05 95.51 -110.66
C CYS F 325 110.57 96.92 -111.00
N GLU F 326 110.75 97.33 -112.27
CA GLU F 326 110.21 98.61 -112.72
C GLU F 326 108.70 98.64 -112.69
N GLU F 327 108.04 97.57 -113.14
CA GLU F 327 106.58 97.59 -113.16
C GLU F 327 106.00 97.51 -111.77
N GLN F 328 106.69 96.81 -110.86
CA GLN F 328 106.26 96.79 -109.46
C GLN F 328 106.34 98.17 -108.84
N ARG F 329 107.48 98.85 -109.02
CA ARG F 329 107.64 100.17 -108.35
C ARG F 329 106.84 101.27 -109.10
N LEU F 330 106.47 101.04 -110.36
CA LEU F 330 105.62 102.07 -111.03
C LEU F 330 104.14 101.83 -110.73
N ARG F 331 103.73 100.58 -110.48
CA ARG F 331 102.30 100.35 -110.11
C ARG F 331 102.12 100.86 -108.67
N LYS F 332 103.16 100.79 -107.83
CA LYS F 332 103.07 101.36 -106.50
C LYS F 332 103.08 102.88 -106.54
N LEU F 333 103.97 103.48 -107.34
CA LEU F 333 103.98 104.93 -107.48
C LEU F 333 102.69 105.45 -108.14
N HIS F 334 102.04 104.65 -109.21
CA HIS F 334 100.70 104.91 -109.78
C HIS F 334 99.65 105.03 -108.68
N ALA F 335 99.65 104.07 -107.76
CA ALA F 335 98.67 104.06 -106.68
C ALA F 335 98.85 105.25 -105.74
N VAL F 336 100.09 105.58 -105.39
CA VAL F 336 100.30 106.71 -104.47
C VAL F 336 100.06 108.07 -105.16
N VAL F 337 100.33 108.14 -106.46
CA VAL F 337 100.00 109.33 -107.27
C VAL F 337 98.49 109.55 -107.31
N GLU F 338 97.72 108.49 -107.55
CA GLU F 338 96.27 108.65 -107.55
C GLU F 338 95.72 108.88 -106.15
N THR F 339 96.46 108.43 -105.12
CA THR F 339 96.12 108.80 -103.76
C THR F 339 96.30 110.29 -103.52
N LEU F 340 97.32 110.89 -104.12
CA LEU F 340 97.43 112.35 -104.06
C LEU F 340 96.34 113.04 -104.87
N VAL F 341 95.93 112.43 -105.98
CA VAL F 341 94.86 113.00 -106.80
C VAL F 341 93.54 113.02 -106.03
N ASN F 342 93.27 111.96 -105.27
CA ASN F 342 92.14 111.97 -104.33
C ASN F 342 92.36 113.03 -103.22
N HIS F 343 93.72 113.10 -102.58
CA HIS F 343 94.11 113.97 -101.46
C HIS F 343 93.84 115.44 -101.74
N ARG F 344 94.17 115.89 -102.96
CA ARG F 344 94.09 117.31 -103.29
C ARG F 344 92.65 117.82 -103.28
N LYS F 345 91.67 116.93 -103.46
CA LYS F 345 90.28 117.37 -103.54
C LYS F 345 89.79 117.85 -102.19
N GLU F 346 90.01 117.07 -101.13
CA GLU F 346 89.69 117.56 -99.81
C GLU F 346 90.67 118.62 -99.34
N LEU F 347 91.89 118.67 -99.90
CA LEU F 347 92.76 119.85 -99.68
C LEU F 347 92.08 121.12 -100.17
N ALA F 348 91.56 121.09 -101.40
CA ALA F 348 90.96 122.26 -102.02
C ALA F 348 89.66 122.63 -101.36
N LEU F 349 88.85 121.64 -100.97
CA LEU F 349 87.62 121.92 -100.25
C LEU F 349 87.91 122.47 -98.86
N ASN F 350 88.96 121.96 -98.20
CA ASN F 350 89.34 122.44 -96.88
C ASN F 350 89.81 123.89 -96.92
N THR F 351 90.67 124.24 -97.86
CA THR F 351 91.13 125.62 -97.96
C THR F 351 90.07 126.57 -98.54
N ALA F 352 89.16 126.06 -99.37
CA ALA F 352 88.05 126.88 -99.84
C ALA F 352 87.08 127.19 -98.71
N LEU F 353 86.79 126.20 -97.86
CA LEU F 353 85.97 126.46 -96.68
C LEU F 353 86.72 127.29 -95.64
N PHE F 354 88.05 127.27 -95.67
CA PHE F 354 88.81 128.25 -94.88
C PHE F 354 88.58 129.67 -95.35
N ALA F 355 88.59 129.89 -96.67
CA ALA F 355 88.32 131.23 -97.19
C ALA F 355 86.88 131.64 -96.92
N LYS F 356 85.95 130.69 -97.01
CA LYS F 356 84.57 130.96 -96.64
C LYS F 356 84.42 131.26 -95.15
N SER F 357 85.20 130.60 -94.30
CA SER F 357 85.14 130.90 -92.87
C SER F 357 85.84 132.21 -92.54
N LEU F 358 86.83 132.61 -93.34
CA LEU F 358 87.35 133.97 -93.27
C LEU F 358 86.26 134.97 -93.55
N ALA F 359 85.49 134.73 -94.62
CA ALA F 359 84.37 135.60 -94.96
C ALA F 359 83.28 135.58 -93.88
N MET F 360 83.12 134.45 -93.20
CA MET F 360 82.17 134.37 -92.09
C MET F 360 82.65 135.18 -90.90
N LEU F 361 83.81 134.83 -90.36
CA LEU F 361 84.28 135.42 -89.10
C LEU F 361 84.81 136.84 -89.29
N GLY F 362 84.93 137.32 -90.52
CA GLY F 362 85.20 138.72 -90.74
C GLY F 362 83.97 139.61 -90.64
N SER F 363 82.82 139.03 -90.32
CA SER F 363 81.65 139.83 -89.99
C SER F 363 81.69 140.22 -88.52
N SER F 364 80.73 141.09 -88.14
CA SER F 364 80.52 141.55 -86.77
C SER F 364 81.75 142.26 -86.21
N GLU F 365 82.46 142.99 -87.07
CA GLU F 365 83.67 143.68 -86.69
C GLU F 365 83.88 144.87 -87.61
N ASP F 366 84.47 145.94 -87.06
CA ASP F 366 84.84 147.12 -87.85
C ASP F 366 86.33 147.33 -87.66
N ASN F 367 87.12 146.59 -88.44
CA ASN F 367 88.56 146.77 -88.57
C ASN F 367 88.93 146.67 -90.04
N THR F 368 88.24 147.48 -90.86
CA THR F 368 88.04 147.33 -92.31
C THR F 368 89.25 146.94 -93.15
N ALA F 369 90.46 147.21 -92.65
CA ALA F 369 91.65 146.55 -93.18
C ALA F 369 91.52 145.03 -93.13
N LEU F 370 90.88 144.50 -92.08
CA LEU F 370 90.60 143.07 -92.04
C LEU F 370 89.60 142.67 -93.12
N SER F 371 88.67 143.56 -93.47
CA SER F 371 87.71 143.26 -94.53
C SER F 371 88.39 143.21 -95.90
N ARG F 372 89.29 144.15 -96.17
CA ARG F 372 90.10 144.07 -97.38
C ARG F 372 91.03 142.86 -97.37
N ALA F 373 91.50 142.46 -96.20
CA ALA F 373 92.32 141.26 -96.07
C ALA F 373 91.52 140.01 -96.43
N LEU F 374 90.27 139.93 -95.98
CA LEU F 374 89.33 138.90 -96.43
C LEU F 374 89.17 138.90 -97.94
N SER F 375 88.84 140.06 -98.51
CA SER F 375 88.53 140.16 -99.93
C SER F 375 89.73 139.88 -100.83
N GLN F 376 90.95 140.03 -100.32
CA GLN F 376 92.15 139.70 -101.06
C GLN F 376 92.62 138.26 -100.82
N LEU F 377 92.53 137.79 -99.57
CA LEU F 377 92.97 136.45 -99.22
C LEU F 377 92.10 135.34 -99.77
N ALA F 378 90.78 135.55 -99.83
CA ALA F 378 89.90 134.52 -100.39
C ALA F 378 90.23 134.27 -101.86
N GLU F 379 90.41 135.35 -102.63
CA GLU F 379 90.69 135.16 -104.05
C GLU F 379 92.11 134.67 -104.32
N VAL F 380 93.11 135.07 -103.51
CA VAL F 380 94.43 134.49 -103.78
C VAL F 380 94.51 133.04 -103.32
N GLU F 381 93.74 132.67 -102.29
CA GLU F 381 93.61 131.26 -101.94
C GLU F 381 92.97 130.49 -103.08
N GLU F 382 91.98 131.08 -103.74
CA GLU F 382 91.36 130.39 -104.87
C GLU F 382 92.31 130.29 -106.06
N LYS F 383 93.21 131.27 -106.22
CA LYS F 383 94.26 131.17 -107.25
C LYS F 383 95.19 130.01 -106.98
N ILE F 384 95.66 129.89 -105.73
CA ILE F 384 96.51 128.75 -105.34
C ILE F 384 95.75 127.44 -105.49
N GLU F 385 94.46 127.47 -105.17
CA GLU F 385 93.59 126.31 -105.26
C GLU F 385 93.51 125.80 -106.69
N GLN F 386 93.13 126.67 -107.63
CA GLN F 386 93.02 126.25 -109.02
C GLN F 386 94.38 125.90 -109.61
N LEU F 387 95.46 126.54 -109.15
CA LEU F 387 96.80 126.27 -109.67
C LEU F 387 97.24 124.85 -109.35
N HIS F 388 97.30 124.52 -108.05
CA HIS F 388 97.74 123.17 -107.73
C HIS F 388 96.67 122.14 -108.06
N GLN F 389 95.41 122.56 -108.22
CA GLN F 389 94.37 121.65 -108.65
C GLN F 389 94.58 121.23 -110.10
N GLU F 390 94.85 122.19 -111.00
CA GLU F 390 95.01 121.82 -112.40
C GLU F 390 96.31 121.03 -112.61
N GLN F 391 97.37 121.38 -111.87
CA GLN F 391 98.58 120.56 -111.94
C GLN F 391 98.31 119.15 -111.43
N ALA F 392 97.78 119.07 -110.20
CA ALA F 392 97.54 117.85 -109.43
C ALA F 392 96.62 116.88 -110.14
N ASN F 393 95.64 117.35 -110.90
CA ASN F 393 94.98 116.34 -111.71
C ASN F 393 95.78 116.09 -112.98
N ASN F 394 95.90 117.09 -113.89
CA ASN F 394 96.06 116.78 -115.31
C ASN F 394 97.37 116.06 -115.59
N ASP F 395 98.46 116.51 -114.95
CA ASP F 395 99.71 115.86 -115.32
C ASP F 395 99.89 114.53 -114.62
N PHE F 396 99.35 114.41 -113.41
CA PHE F 396 99.46 113.17 -112.65
C PHE F 396 98.68 112.05 -113.32
N PHE F 397 97.43 112.32 -113.72
CA PHE F 397 96.61 111.24 -114.32
C PHE F 397 97.05 110.99 -115.77
N LEU F 398 97.74 111.96 -116.38
CA LEU F 398 98.26 111.74 -117.76
C LEU F 398 99.50 110.84 -117.65
N LEU F 399 100.40 111.15 -116.70
CA LEU F 399 101.58 110.28 -116.49
C LEU F 399 101.08 108.90 -116.06
N ALA F 400 99.91 108.84 -115.42
CA ALA F 400 99.34 107.57 -115.01
C ALA F 400 98.81 106.77 -116.21
N GLU F 401 98.14 107.45 -117.15
CA GLU F 401 97.74 106.81 -118.40
C GLU F 401 98.95 106.39 -119.23
N LEU F 402 100.01 107.20 -119.18
CA LEU F 402 101.26 106.90 -119.88
C LEU F 402 101.86 105.60 -119.38
N LEU F 403 102.01 105.47 -118.06
CA LEU F 403 102.52 104.22 -117.50
C LEU F 403 101.53 103.08 -117.68
N SER F 404 100.22 103.38 -117.76
CA SER F 404 99.22 102.32 -117.87
C SER F 404 99.25 101.67 -119.25
N ASP F 405 99.17 102.46 -120.32
CA ASP F 405 99.31 101.82 -121.62
C ASP F 405 100.74 101.43 -121.94
N TYR F 406 101.72 101.95 -121.18
CA TYR F 406 103.06 101.38 -121.22
C TYR F 406 103.07 99.96 -120.68
N ILE F 407 102.37 99.72 -119.57
CA ILE F 407 102.17 98.37 -119.03
C ILE F 407 101.42 97.49 -120.02
N ARG F 408 100.46 98.08 -120.75
CA ARG F 408 99.77 97.35 -121.82
C ARG F 408 100.75 96.94 -122.91
N LEU F 409 101.65 97.84 -123.29
CA LEU F 409 102.69 97.52 -124.27
C LEU F 409 103.63 96.43 -123.76
N LEU F 410 103.93 96.47 -122.46
CA LEU F 410 104.74 95.42 -121.86
C LEU F 410 104.04 94.07 -121.90
N ALA F 411 102.73 94.05 -121.63
CA ALA F 411 101.98 92.81 -121.67
C ALA F 411 101.88 92.25 -123.08
N ILE F 412 101.71 93.12 -124.08
CA ILE F 412 101.61 92.60 -125.44
C ILE F 412 102.99 92.20 -125.97
N VAL F 413 104.09 92.75 -125.46
CA VAL F 413 105.37 92.19 -125.91
C VAL F 413 105.73 90.92 -125.14
N ARG F 414 105.22 90.75 -123.91
CA ARG F 414 105.23 89.43 -123.26
C ARG F 414 104.56 88.41 -124.15
N ALA F 415 103.36 88.74 -124.62
CA ALA F 415 102.63 87.85 -125.52
C ALA F 415 103.33 87.70 -126.87
N ALA F 416 104.11 88.70 -127.28
CA ALA F 416 104.86 88.60 -128.54
C ALA F 416 105.94 87.53 -128.47
N PHE F 417 106.80 87.57 -127.43
CA PHE F 417 107.73 86.44 -127.39
C PHE F 417 107.10 85.17 -126.85
N ASP F 418 105.88 85.22 -126.28
CA ASP F 418 105.14 83.99 -126.07
C ASP F 418 104.72 83.35 -127.38
N GLN F 419 104.36 84.16 -128.37
CA GLN F 419 104.09 83.63 -129.70
C GLN F 419 105.36 83.11 -130.36
N ARG F 420 106.48 83.79 -130.11
CA ARG F 420 107.78 83.26 -130.53
C ARG F 420 108.09 81.93 -129.88
N MET F 421 107.73 81.78 -128.59
CA MET F 421 107.85 80.52 -127.88
C MET F 421 106.98 79.43 -128.50
N LYS F 422 105.75 79.77 -128.86
CA LYS F 422 104.84 78.79 -129.43
C LYS F 422 105.31 78.32 -130.79
N THR F 423 105.78 79.24 -131.63
CA THR F 423 106.35 78.84 -132.91
C THR F 423 107.69 78.12 -132.74
N TRP F 424 108.42 78.42 -131.66
CA TRP F 424 109.62 77.68 -131.33
C TRP F 424 109.31 76.21 -131.08
N GLN F 425 108.34 75.95 -130.20
CA GLN F 425 107.98 74.56 -129.95
C GLN F 425 107.25 73.93 -131.14
N ARG F 426 106.65 74.74 -132.02
CA ARG F 426 106.12 74.22 -133.29
C ARG F 426 107.22 73.61 -134.15
N TRP F 427 108.29 74.37 -134.42
CA TRP F 427 109.34 73.75 -135.23
C TRP F 427 110.11 72.70 -134.44
N GLN F 428 110.11 72.81 -133.11
CA GLN F 428 110.79 71.83 -132.27
C GLN F 428 110.14 70.45 -132.37
N ASP F 429 108.83 70.37 -132.10
CA ASP F 429 108.21 69.06 -132.24
C ASP F 429 107.99 68.68 -133.70
N ALA F 430 108.03 69.66 -134.62
CA ALA F 430 108.02 69.35 -136.04
C ALA F 430 109.26 68.55 -136.44
N GLN F 431 110.45 69.04 -136.05
CA GLN F 431 111.67 68.30 -136.39
C GLN F 431 111.79 67.02 -135.58
N ALA F 432 111.25 66.99 -134.36
CA ALA F 432 111.24 65.77 -133.55
C ALA F 432 110.44 64.67 -134.24
N THR F 433 109.17 64.95 -134.56
CA THR F 433 108.33 63.98 -135.27
C THR F 433 108.87 63.67 -136.65
N LEU F 434 109.50 64.65 -137.31
CA LEU F 434 110.21 64.45 -138.57
C LEU F 434 111.21 63.32 -138.46
N GLN F 435 112.16 63.47 -137.53
CA GLN F 435 113.22 62.48 -137.34
C GLN F 435 112.64 61.12 -137.00
N LYS F 436 111.68 61.09 -136.05
CA LYS F 436 111.13 59.82 -135.58
C LYS F 436 110.36 59.07 -136.67
N LYS F 437 109.27 59.67 -137.17
CA LYS F 437 108.43 58.90 -138.08
C LYS F 437 109.06 58.81 -139.47
N ARG F 438 109.92 59.74 -139.86
CA ARG F 438 110.55 59.65 -141.15
C ARG F 438 111.67 58.61 -141.17
N GLU F 439 112.39 58.42 -140.05
CA GLU F 439 113.29 57.30 -140.03
C GLU F 439 112.56 55.97 -139.84
N SER F 440 111.39 55.98 -139.19
CA SER F 440 110.59 54.76 -139.14
C SER F 440 110.08 54.36 -140.52
N GLU F 441 109.80 55.35 -141.37
CA GLU F 441 109.55 55.06 -142.78
C GLU F 441 110.80 54.58 -143.50
N ALA F 442 111.95 55.17 -143.18
CA ALA F 442 113.18 54.89 -143.92
C ALA F 442 113.75 53.50 -143.63
N ARG F 443 113.58 53.01 -142.40
CA ARG F 443 114.19 51.75 -142.01
C ARG F 443 113.51 50.52 -142.59
N LEU F 444 112.36 50.66 -143.24
CA LEU F 444 111.66 49.54 -143.85
C LEU F 444 111.91 49.45 -145.36
N LEU F 445 113.13 49.76 -145.80
CA LEU F 445 113.46 49.86 -147.21
C LEU F 445 113.52 48.51 -147.92
N TRP F 446 113.85 47.42 -147.22
CA TRP F 446 114.00 46.13 -147.87
C TRP F 446 112.67 45.45 -148.15
N ALA F 447 111.58 45.94 -147.56
CA ALA F 447 110.27 45.70 -148.15
C ALA F 447 110.28 46.48 -149.46
N ASN F 448 110.43 45.76 -150.58
CA ASN F 448 110.92 46.35 -151.84
C ASN F 448 109.85 47.22 -152.47
N LYS F 449 109.71 48.43 -151.92
CA LYS F 449 108.85 49.46 -152.48
C LYS F 449 109.59 50.79 -152.30
N PRO F 450 110.33 51.24 -153.33
CA PRO F 450 111.13 52.46 -153.18
C PRO F 450 110.32 53.75 -153.19
N ASP F 451 109.02 53.67 -153.46
CA ASP F 451 108.17 54.87 -153.46
C ASP F 451 108.06 55.45 -152.05
N LYS F 452 108.04 54.57 -151.04
CA LYS F 452 108.09 55.03 -149.65
C LYS F 452 109.38 55.75 -149.35
N LEU F 453 110.50 55.27 -149.92
CA LEU F 453 111.77 55.94 -149.76
C LEU F 453 111.78 57.30 -150.45
N GLN F 454 111.12 57.38 -151.61
CA GLN F 454 111.06 58.65 -152.34
C GLN F 454 110.22 59.68 -151.59
N GLN F 455 109.07 59.27 -151.07
CA GLN F 455 108.24 60.22 -150.35
C GLN F 455 108.86 60.58 -149.00
N ALA F 456 109.57 59.65 -148.35
CA ALA F 456 110.27 59.97 -147.12
C ALA F 456 111.44 60.93 -147.38
N LYS F 457 112.10 60.79 -148.53
CA LYS F 457 113.17 61.72 -148.90
C LYS F 457 112.60 63.11 -149.18
N ASP F 458 111.45 63.17 -149.84
CA ASP F 458 110.80 64.47 -150.09
C ASP F 458 110.35 65.12 -148.79
N GLU F 459 109.84 64.29 -147.87
CA GLU F 459 109.44 64.76 -146.54
C GLU F 459 110.61 65.35 -145.77
N ILE F 460 111.69 64.59 -145.64
CA ILE F 460 112.84 65.07 -144.87
C ILE F 460 113.46 66.30 -145.53
N THR F 461 113.51 66.33 -146.88
CA THR F 461 114.17 67.42 -147.58
C THR F 461 113.40 68.73 -147.46
N GLU F 462 112.15 68.75 -147.94
CA GLU F 462 111.38 69.99 -147.93
C GLU F 462 111.01 70.40 -146.52
N TRP F 463 110.78 69.44 -145.64
CA TRP F 463 110.42 69.74 -144.27
C TRP F 463 111.59 70.33 -143.49
N GLU F 464 112.82 69.81 -143.71
CA GLU F 464 113.97 70.43 -143.04
C GLU F 464 114.28 71.80 -143.63
N SER F 465 114.04 71.98 -144.94
CA SER F 465 114.28 73.27 -145.57
C SER F 465 113.37 74.33 -144.98
N ARG F 466 112.08 74.00 -144.83
CA ARG F 466 111.16 74.99 -144.29
C ARG F 466 111.34 75.18 -142.78
N VAL F 467 111.77 74.15 -142.04
CA VAL F 467 112.00 74.32 -140.61
C VAL F 467 113.24 75.18 -140.33
N THR F 468 114.32 74.94 -141.08
CA THR F 468 115.50 75.80 -140.97
C THR F 468 115.19 77.23 -141.42
N GLN F 469 114.36 77.36 -142.46
CA GLN F 469 113.84 78.66 -142.86
C GLN F 469 113.09 79.33 -141.73
N TYR F 470 112.29 78.54 -140.99
CA TYR F 470 111.53 79.06 -139.87
C TYR F 470 112.45 79.57 -138.77
N GLU F 471 113.51 78.82 -138.41
CA GLU F 471 114.28 79.29 -137.27
C GLU F 471 115.21 80.47 -137.62
N ARG F 472 115.71 80.57 -138.86
CA ARG F 472 116.47 81.80 -139.08
C ARG F 472 115.55 82.98 -139.40
N ASP F 473 114.31 82.72 -139.84
CA ASP F 473 113.32 83.80 -139.82
C ASP F 473 112.94 84.19 -138.40
N PHE F 474 113.06 83.27 -137.44
CA PHE F 474 112.84 83.63 -136.05
C PHE F 474 114.00 84.46 -135.53
N GLU F 475 115.20 84.19 -136.04
CA GLU F 475 116.32 85.10 -135.80
C GLU F 475 116.03 86.48 -136.41
N ARG F 476 115.41 86.51 -137.58
CA ARG F 476 115.06 87.78 -138.22
C ARG F 476 114.02 88.55 -137.41
N ILE F 477 113.01 87.86 -136.89
CA ILE F 477 112.01 88.57 -136.10
C ILE F 477 112.57 88.93 -134.74
N SER F 478 113.57 88.20 -134.25
CA SER F 478 114.27 88.63 -133.04
C SER F 478 115.04 89.91 -133.28
N THR F 479 115.66 90.04 -134.44
CA THR F 479 116.36 91.28 -134.78
C THR F 479 115.40 92.45 -134.93
N VAL F 480 114.23 92.23 -135.56
CA VAL F 480 113.32 93.36 -135.71
C VAL F 480 112.65 93.69 -134.37
N VAL F 481 112.53 92.70 -133.47
CA VAL F 481 112.10 92.97 -132.11
C VAL F 481 113.16 93.81 -131.38
N ARG F 482 114.45 93.55 -131.61
CA ARG F 482 115.48 94.34 -130.95
C ARG F 482 115.55 95.77 -131.51
N LYS F 483 115.29 95.94 -132.80
CA LYS F 483 115.15 97.29 -133.34
C LYS F 483 113.92 97.99 -132.75
N GLU F 484 112.84 97.24 -132.53
CA GLU F 484 111.69 97.80 -131.82
C GLU F 484 112.02 98.11 -130.36
N VAL F 485 112.95 97.35 -129.77
CA VAL F 485 113.40 97.60 -128.41
C VAL F 485 114.13 98.92 -128.34
N THR F 486 115.02 99.16 -129.31
CA THR F 486 115.68 100.45 -129.45
C THR F 486 114.65 101.57 -129.67
N ARG F 487 113.58 101.26 -130.42
CA ARG F 487 112.51 102.23 -130.62
C ARG F 487 111.78 102.54 -129.32
N PHE F 488 111.56 101.54 -128.45
CA PHE F 488 110.85 101.96 -127.26
C PHE F 488 111.77 102.43 -126.13
N GLU F 489 113.08 102.22 -126.22
CA GLU F 489 113.94 103.07 -125.40
C GLU F 489 113.98 104.50 -125.93
N LYS F 490 113.76 104.68 -127.24
CA LYS F 490 113.59 106.03 -127.74
C LYS F 490 112.31 106.66 -127.21
N GLU F 491 111.23 105.88 -127.06
CA GLU F 491 110.08 106.50 -126.40
C GLU F 491 110.22 106.56 -124.89
N LYS F 492 111.12 105.77 -124.29
CA LYS F 492 111.53 106.06 -122.92
C LYS F 492 112.15 107.44 -122.83
N SER F 493 113.03 107.77 -123.78
CA SER F 493 113.57 109.12 -123.87
C SER F 493 112.46 110.14 -124.13
N LYS F 494 111.44 109.76 -124.89
CA LYS F 494 110.36 110.70 -125.25
C LYS F 494 109.46 110.98 -124.05
N ASP F 495 109.08 109.96 -123.29
CA ASP F 495 108.16 110.24 -122.18
C ASP F 495 108.91 110.72 -120.93
N PHE F 496 110.19 110.38 -120.80
CA PHE F 496 111.03 111.10 -119.85
C PHE F 496 111.16 112.56 -120.24
N LYS F 497 111.25 112.85 -121.55
CA LYS F 497 111.21 114.21 -122.04
C LYS F 497 109.84 114.85 -121.80
N ASN F 498 108.77 114.05 -121.80
CA ASN F 498 107.46 114.59 -121.45
C ASN F 498 107.41 115.03 -119.99
N HIS F 499 108.03 114.27 -119.09
CA HIS F 499 108.15 114.76 -117.72
C HIS F 499 109.12 115.94 -117.62
N VAL F 500 110.14 115.97 -118.48
CA VAL F 500 111.07 117.10 -118.49
C VAL F 500 110.36 118.38 -118.92
N MET F 501 109.59 118.33 -120.01
CA MET F 501 108.80 119.49 -120.42
C MET F 501 107.66 119.77 -119.46
N LYS F 502 107.19 118.75 -118.72
CA LYS F 502 106.26 118.98 -117.63
C LYS F 502 106.86 119.87 -116.56
N TYR F 503 108.05 119.52 -116.07
CA TYR F 503 108.63 120.39 -115.04
C TYR F 503 109.11 121.71 -115.64
N LEU F 504 109.40 121.72 -116.95
CA LEU F 504 109.71 122.97 -117.65
C LEU F 504 108.53 123.94 -117.60
N GLU F 505 107.35 123.48 -118.03
CA GLU F 505 106.15 124.32 -117.91
C GLU F 505 105.73 124.50 -116.46
N THR F 506 106.09 123.59 -115.57
CA THR F 506 105.75 123.75 -114.16
C THR F 506 106.49 124.91 -113.54
N LEU F 507 107.82 124.92 -113.71
CA LEU F 507 108.64 126.04 -113.26
C LEU F 507 108.23 127.32 -113.97
N LEU F 508 107.97 127.26 -115.29
CA LEU F 508 107.52 128.41 -116.05
C LEU F 508 106.23 129.01 -115.54
N HIS F 509 105.13 128.27 -115.56
CA HIS F 509 103.84 128.86 -115.23
C HIS F 509 103.75 129.13 -113.73
N SER F 510 104.39 128.29 -112.91
CA SER F 510 104.44 128.52 -111.47
C SER F 510 105.16 129.83 -111.17
N GLN F 511 106.33 130.04 -111.77
CA GLN F 511 107.10 131.24 -111.52
C GLN F 511 106.39 132.47 -112.08
N GLN F 512 105.90 132.40 -113.32
CA GLN F 512 105.33 133.61 -113.93
C GLN F 512 104.00 133.97 -113.29
N GLN F 513 103.13 133.00 -113.03
CA GLN F 513 101.84 133.31 -112.41
C GLN F 513 102.01 133.70 -110.96
N LEU F 514 102.78 132.90 -110.20
CA LEU F 514 103.03 133.13 -108.80
C LEU F 514 103.69 134.48 -108.54
N ALA F 515 104.88 134.69 -109.12
CA ALA F 515 105.57 135.96 -109.00
C ALA F 515 104.84 137.09 -109.70
N LYS F 516 103.95 136.80 -110.65
CA LYS F 516 103.13 137.84 -111.27
C LYS F 516 102.14 138.41 -110.28
N TYR F 517 101.42 137.55 -109.56
CA TYR F 517 100.55 138.14 -108.56
C TYR F 517 101.31 138.56 -107.30
N TRP F 518 102.56 138.09 -107.10
CA TRP F 518 103.41 138.73 -106.10
C TRP F 518 103.70 140.17 -106.45
N GLU F 519 104.19 140.43 -107.66
CA GLU F 519 104.52 141.78 -108.08
C GLU F 519 103.28 142.61 -108.44
N ALA F 520 102.12 141.99 -108.50
CA ALA F 520 100.88 142.72 -108.67
C ALA F 520 100.12 142.94 -107.37
N PHE F 521 100.46 142.18 -106.32
CA PHE F 521 99.74 142.28 -105.06
C PHE F 521 100.57 142.83 -103.91
N LEU F 522 101.89 142.86 -104.05
CA LEU F 522 102.70 143.67 -103.14
C LEU F 522 102.53 145.18 -103.34
N PRO F 523 102.46 145.76 -104.55
CA PRO F 523 102.20 147.20 -104.64
C PRO F 523 100.82 147.62 -104.16
N GLU F 524 99.85 146.71 -104.10
CA GLU F 524 98.64 147.06 -103.37
C GLU F 524 98.79 146.74 -101.89
N ALA F 525 99.70 145.83 -101.52
CA ALA F 525 99.98 145.60 -100.11
C ALA F 525 101.14 146.43 -99.59
N LYS F 526 101.36 147.62 -100.17
CA LYS F 526 102.22 148.60 -99.52
C LYS F 526 101.65 148.99 -98.16
N ALA F 527 100.47 149.63 -98.16
CA ALA F 527 99.56 149.51 -96.99
C ALA F 527 98.13 149.64 -97.50
N ILE F 528 97.59 148.50 -97.98
CA ILE F 528 96.18 148.17 -98.19
C ILE F 528 96.16 146.65 -98.12
N SER F 529 95.29 146.07 -97.31
CA SER F 529 95.27 144.61 -97.19
C SER F 529 94.39 143.98 -98.26
N PHE G 150 154.92 0.69 -169.32
CA PHE G 150 154.66 1.85 -168.48
C PHE G 150 155.62 1.85 -167.28
N ASP G 151 155.85 3.03 -166.71
CA ASP G 151 156.80 3.26 -165.64
C ASP G 151 156.47 2.52 -164.35
N LEU G 152 155.20 2.17 -164.13
CA LEU G 152 154.78 1.42 -162.95
C LEU G 152 155.00 -0.05 -163.24
N THR G 153 156.09 -0.61 -162.71
CA THR G 153 156.41 -2.02 -162.84
C THR G 153 156.50 -2.61 -161.44
N VAL G 154 155.47 -3.35 -161.02
CA VAL G 154 155.40 -3.90 -159.67
C VAL G 154 155.22 -5.41 -159.74
N GLY G 155 155.31 -6.04 -158.58
CA GLY G 155 155.04 -7.46 -158.45
C GLY G 155 154.57 -7.83 -157.06
N ILE G 156 153.43 -8.51 -156.97
CA ILE G 156 152.79 -8.81 -155.69
C ILE G 156 152.67 -10.33 -155.57
N THR G 157 153.35 -10.91 -154.58
CA THR G 157 153.38 -12.36 -154.40
C THR G 157 153.13 -12.69 -152.93
N ASP G 158 153.25 -13.98 -152.63
CA ASP G 158 153.31 -14.60 -151.30
C ASP G 158 152.15 -14.23 -150.38
N PRO G 159 150.97 -14.81 -150.57
CA PRO G 159 149.88 -14.58 -149.61
C PRO G 159 150.14 -15.24 -148.26
N GLU G 160 150.91 -14.56 -147.42
CA GLU G 160 151.36 -15.12 -146.14
C GLU G 160 150.34 -14.80 -145.06
N LYS G 161 149.84 -15.83 -144.39
CA LYS G 161 148.81 -15.67 -143.37
C LYS G 161 149.42 -15.25 -142.04
N ILE G 162 148.57 -14.67 -141.18
CA ILE G 162 149.04 -14.09 -139.93
C ILE G 162 148.44 -14.92 -138.79
N GLY G 163 148.26 -16.22 -139.05
CA GLY G 163 147.78 -17.13 -138.04
C GLY G 163 146.41 -17.68 -138.40
N ASP G 164 145.64 -18.02 -137.36
CA ASP G 164 144.34 -18.64 -137.51
C ASP G 164 143.23 -17.66 -137.18
N GLY G 165 142.13 -17.79 -137.91
CA GLY G 165 140.95 -16.97 -137.74
C GLY G 165 140.09 -17.05 -138.98
N MET G 166 139.13 -16.13 -139.08
CA MET G 166 138.26 -16.02 -140.23
C MET G 166 138.25 -14.58 -140.71
N ASN G 167 138.84 -14.34 -141.88
CA ASN G 167 138.76 -13.08 -142.64
C ASN G 167 139.38 -11.91 -141.88
N ALA G 168 140.66 -12.05 -141.51
CA ALA G 168 141.33 -10.96 -140.80
C ALA G 168 142.49 -10.34 -141.55
N TYR G 169 143.55 -11.09 -141.85
CA TYR G 169 144.81 -10.49 -142.28
C TYR G 169 145.65 -11.52 -143.02
N VAL G 170 146.16 -11.13 -144.19
CA VAL G 170 147.13 -11.91 -144.97
C VAL G 170 148.19 -10.95 -145.49
N ALA G 171 149.46 -11.27 -145.25
CA ALA G 171 150.55 -10.42 -145.70
C ALA G 171 150.82 -10.62 -147.19
N TYR G 172 151.30 -9.55 -147.82
CA TYR G 172 151.56 -9.52 -149.26
C TYR G 172 153.01 -9.14 -149.52
N LYS G 173 153.76 -10.03 -150.17
CA LYS G 173 155.08 -9.66 -150.67
C LYS G 173 154.91 -8.82 -151.93
N VAL G 174 155.15 -7.52 -151.82
CA VAL G 174 154.92 -6.58 -152.91
C VAL G 174 156.28 -6.03 -153.32
N THR G 175 156.76 -6.42 -154.49
CA THR G 175 158.01 -5.90 -155.02
C THR G 175 157.72 -4.85 -156.09
N THR G 176 158.28 -3.66 -155.89
CA THR G 176 158.01 -2.50 -156.75
C THR G 176 159.31 -2.07 -157.42
N GLN G 177 159.32 -2.07 -158.75
CA GLN G 177 160.48 -1.68 -159.55
C GLN G 177 160.17 -0.45 -160.39
N THR G 178 159.53 0.54 -159.78
CA THR G 178 158.90 1.62 -160.53
C THR G 178 159.94 2.62 -161.01
N SER G 179 159.71 3.20 -162.21
CA SER G 179 160.45 4.34 -162.71
C SER G 179 159.91 5.63 -162.10
N LEU G 180 160.21 6.79 -162.73
CA LEU G 180 159.71 8.12 -162.35
C LEU G 180 160.18 8.51 -160.95
N PRO G 181 161.40 9.09 -160.82
CA PRO G 181 162.19 9.04 -159.58
C PRO G 181 161.59 9.63 -158.30
N MET G 182 160.33 10.07 -158.33
CA MET G 182 159.56 10.18 -157.09
C MET G 182 159.48 8.86 -156.35
N PHE G 183 159.42 7.74 -157.07
CA PHE G 183 159.79 6.45 -156.47
C PHE G 183 161.29 6.45 -156.24
N ARG G 184 161.71 5.98 -155.07
CA ARG G 184 163.00 6.37 -154.50
C ARG G 184 164.18 5.78 -155.27
N SER G 185 164.32 4.46 -155.27
CA SER G 185 165.59 3.86 -155.65
C SER G 185 165.46 2.65 -156.58
N ARG G 186 164.37 2.55 -157.36
CA ARG G 186 164.15 1.57 -158.43
C ARG G 186 164.09 0.11 -157.97
N GLN G 187 164.26 -0.14 -156.67
CA GLN G 187 164.30 -1.52 -156.15
C GLN G 187 163.78 -1.47 -154.72
N PHE G 188 162.47 -1.63 -154.58
CA PHE G 188 161.81 -1.79 -153.28
C PHE G 188 161.02 -3.09 -153.29
N ALA G 189 160.87 -3.67 -152.10
CA ALA G 189 160.11 -4.90 -151.91
C ALA G 189 159.41 -4.79 -150.56
N VAL G 190 158.17 -4.31 -150.57
CA VAL G 190 157.46 -4.02 -149.33
C VAL G 190 156.56 -5.20 -148.97
N LYS G 191 156.44 -5.45 -147.67
CA LYS G 191 155.52 -6.44 -147.13
C LYS G 191 154.36 -5.68 -146.51
N ARG G 192 153.19 -5.76 -147.13
CA ARG G 192 152.05 -4.95 -146.73
C ARG G 192 150.88 -5.86 -146.40
N ARG G 193 150.28 -5.63 -145.24
CA ARG G 193 149.07 -6.36 -144.82
C ARG G 193 147.85 -5.49 -145.07
N PHE G 194 146.85 -6.07 -145.73
CA PHE G 194 145.63 -5.35 -146.00
C PHE G 194 144.75 -5.34 -144.75
N SER G 195 143.56 -4.73 -144.90
CA SER G 195 142.64 -4.36 -143.81
C SER G 195 143.29 -3.43 -142.79
N ASP G 196 144.34 -2.72 -143.19
CA ASP G 196 145.02 -1.74 -142.37
C ASP G 196 145.16 -0.41 -143.10
N PHE G 197 145.48 -0.43 -144.38
CA PHE G 197 145.55 0.78 -145.18
C PHE G 197 144.25 1.09 -145.92
N LEU G 198 143.20 0.30 -145.72
CA LEU G 198 141.90 0.81 -146.14
C LEU G 198 141.39 1.85 -145.13
N GLY G 199 141.86 1.80 -143.88
CA GLY G 199 141.66 2.92 -142.98
C GLY G 199 142.44 4.14 -143.42
N LEU G 200 143.62 3.92 -144.00
CA LEU G 200 144.36 5.02 -144.64
C LEU G 200 143.60 5.52 -145.86
N TYR G 201 142.94 4.62 -146.59
CA TYR G 201 142.08 5.02 -147.70
C TYR G 201 140.87 5.80 -147.22
N GLU G 202 140.36 5.51 -146.03
CA GLU G 202 139.25 6.29 -145.52
C GLU G 202 139.72 7.63 -144.96
N LYS G 203 140.97 7.71 -144.50
CA LYS G 203 141.56 9.02 -144.21
C LYS G 203 141.71 9.82 -145.50
N LEU G 204 142.08 9.15 -146.58
CA LEU G 204 142.07 9.76 -147.91
C LEU G 204 140.66 10.18 -148.34
N SER G 205 139.66 9.39 -147.94
CA SER G 205 138.27 9.67 -148.29
C SER G 205 137.79 10.94 -147.61
N GLU G 206 138.00 11.05 -146.29
CA GLU G 206 137.65 12.28 -145.59
C GLU G 206 138.52 13.45 -146.01
N LYS G 207 139.78 13.16 -146.39
CA LYS G 207 140.67 14.22 -146.87
C LYS G 207 140.15 14.84 -148.16
N HIS G 208 139.83 14.03 -149.16
CA HIS G 208 139.28 14.62 -150.37
C HIS G 208 137.83 15.04 -150.19
N SER G 209 137.17 14.66 -149.09
CA SER G 209 135.92 15.32 -148.76
C SER G 209 136.17 16.76 -148.37
N GLN G 210 137.19 17.01 -147.55
CA GLN G 210 137.42 18.39 -147.13
C GLN G 210 138.13 19.23 -148.19
N ASN G 211 138.87 18.62 -149.13
CA ASN G 211 139.60 19.47 -150.07
C ASN G 211 139.38 19.14 -151.54
N GLY G 212 138.49 18.21 -151.87
CA GLY G 212 138.13 17.96 -153.25
C GLY G 212 139.21 17.30 -154.09
N PHE G 213 139.94 16.36 -153.52
CA PHE G 213 140.96 15.64 -154.26
C PHE G 213 140.37 14.39 -154.90
N ILE G 214 141.24 13.51 -155.40
CA ILE G 214 140.83 12.33 -156.17
C ILE G 214 141.55 11.11 -155.62
N VAL G 215 140.76 10.09 -155.22
CA VAL G 215 141.33 8.83 -154.67
C VAL G 215 141.25 7.76 -155.77
N PRO G 216 142.06 6.68 -155.71
CA PRO G 216 142.00 5.61 -156.70
C PRO G 216 141.09 4.44 -156.30
N PRO G 217 140.85 3.43 -157.19
CA PRO G 217 140.07 2.22 -156.84
C PRO G 217 140.32 1.59 -155.45
N PRO G 218 139.39 0.80 -154.90
CA PRO G 218 139.52 0.31 -153.52
C PRO G 218 140.68 -0.64 -153.21
N PRO G 219 141.36 -0.47 -152.05
CA PRO G 219 142.38 -1.43 -151.62
C PRO G 219 141.52 -2.43 -150.81
N GLU G 220 140.62 -3.16 -151.46
CA GLU G 220 139.65 -4.07 -150.77
C GLU G 220 140.23 -4.75 -149.52
N LYS G 221 139.49 -4.68 -148.42
CA LYS G 221 139.97 -5.25 -147.13
C LYS G 221 139.39 -6.66 -146.92
N SER G 222 139.41 -7.14 -145.67
CA SER G 222 138.88 -8.49 -145.35
C SER G 222 137.59 -8.37 -144.55
N LEU G 223 137.36 -9.27 -143.58
CA LEU G 223 136.07 -9.32 -142.87
C LEU G 223 134.94 -9.29 -143.91
N ILE G 224 135.13 -10.06 -144.97
CA ILE G 224 134.18 -10.12 -146.07
C ILE G 224 133.69 -11.53 -146.35
N GLY G 225 134.38 -12.57 -145.87
CA GLY G 225 133.99 -13.92 -146.23
C GLY G 225 132.75 -14.39 -145.49
N MET G 226 132.64 -14.02 -144.22
CA MET G 226 131.49 -14.39 -143.41
C MET G 226 130.62 -13.21 -143.00
N THR G 227 131.06 -11.98 -143.31
CA THR G 227 130.31 -10.78 -142.99
C THR G 227 130.21 -9.88 -144.22
N LYS G 228 129.11 -9.12 -144.30
CA LYS G 228 128.90 -7.94 -145.15
C LYS G 228 128.74 -8.29 -146.63
N VAL G 229 128.97 -9.55 -147.00
CA VAL G 229 128.87 -10.01 -148.39
C VAL G 229 127.87 -11.16 -148.40
N LYS G 230 127.09 -11.25 -149.48
CA LYS G 230 125.95 -12.16 -149.55
C LYS G 230 126.01 -13.20 -150.67
N VAL G 231 127.06 -14.04 -150.79
CA VAL G 231 128.07 -14.38 -149.77
C VAL G 231 129.45 -14.48 -150.42
N GLY G 232 130.46 -14.85 -149.63
CA GLY G 232 131.80 -15.09 -150.13
C GLY G 232 132.39 -16.42 -149.68
N LYS G 233 133.18 -17.06 -150.55
CA LYS G 233 133.77 -18.37 -150.26
C LYS G 233 135.28 -18.25 -150.18
N GLU G 234 135.87 -18.98 -149.22
CA GLU G 234 137.30 -18.84 -148.93
C GLU G 234 138.20 -19.80 -149.70
N ASP G 235 137.69 -20.97 -150.09
CA ASP G 235 138.50 -21.86 -150.91
C ASP G 235 138.70 -21.28 -152.31
N SER G 236 137.70 -20.59 -152.83
CA SER G 236 137.86 -19.77 -154.02
C SER G 236 138.63 -18.49 -153.74
N SER G 237 138.72 -18.07 -152.48
CA SER G 237 139.47 -16.87 -152.17
C SER G 237 140.96 -17.13 -152.04
N SER G 238 141.32 -18.34 -151.60
CA SER G 238 142.61 -18.76 -151.03
C SER G 238 143.85 -18.26 -151.76
N ALA G 239 143.75 -18.12 -153.08
CA ALA G 239 144.73 -17.35 -153.81
C ALA G 239 144.03 -16.41 -154.77
N GLU G 240 142.81 -16.78 -155.18
CA GLU G 240 142.22 -16.15 -156.35
C GLU G 240 141.54 -14.83 -156.00
N PHE G 241 140.83 -14.75 -154.88
CA PHE G 241 140.31 -13.44 -154.51
C PHE G 241 141.42 -12.54 -154.01
N LEU G 242 142.54 -13.11 -153.57
CA LEU G 242 143.72 -12.32 -153.31
C LEU G 242 144.30 -11.77 -154.61
N GLU G 243 144.18 -12.53 -155.70
CA GLU G 243 144.50 -11.97 -157.02
C GLU G 243 143.49 -10.91 -157.43
N LYS G 244 142.25 -11.01 -156.97
CA LYS G 244 141.29 -9.93 -157.23
C LYS G 244 141.64 -8.69 -156.42
N ARG G 245 142.19 -8.88 -155.21
CA ARG G 245 142.77 -7.77 -154.46
C ARG G 245 143.94 -7.16 -155.22
N ARG G 246 144.74 -8.01 -155.86
CA ARG G 246 145.86 -7.54 -156.67
C ARG G 246 145.37 -6.75 -157.88
N ALA G 247 144.23 -7.15 -158.45
CA ALA G 247 143.67 -6.42 -159.58
C ALA G 247 143.14 -5.04 -159.15
N ALA G 248 142.40 -5.00 -158.03
CA ALA G 248 141.94 -3.73 -157.49
C ALA G 248 143.10 -2.86 -157.04
N LEU G 249 144.19 -3.47 -156.57
CA LEU G 249 145.39 -2.73 -156.20
C LEU G 249 146.16 -2.26 -157.42
N GLU G 250 146.09 -2.99 -158.53
CA GLU G 250 146.72 -2.50 -159.75
C GLU G 250 145.98 -1.31 -160.30
N ARG G 251 144.64 -1.33 -160.22
CA ARG G 251 143.87 -0.17 -160.62
C ARG G 251 144.08 0.99 -159.66
N TYR G 252 144.25 0.68 -158.37
CA TYR G 252 144.69 1.64 -157.36
C TYR G 252 146.00 2.31 -157.76
N LEU G 253 146.98 1.51 -158.19
CA LEU G 253 148.28 2.06 -158.57
C LEU G 253 148.18 2.91 -159.84
N GLN G 254 147.41 2.45 -160.81
CA GLN G 254 147.30 3.21 -162.07
C GLN G 254 146.60 4.54 -161.85
N ARG G 255 145.51 4.55 -161.09
CA ARG G 255 144.83 5.82 -160.91
C ARG G 255 145.46 6.68 -159.82
N ILE G 256 146.29 6.13 -158.94
CA ILE G 256 147.07 7.01 -158.07
C ILE G 256 148.23 7.62 -158.84
N VAL G 257 148.55 7.04 -160.00
CA VAL G 257 149.56 7.71 -160.88
C VAL G 257 148.77 8.74 -161.70
N ASN G 258 147.48 8.48 -161.94
CA ASN G 258 146.65 9.37 -162.80
C ASN G 258 146.46 10.76 -162.19
N HIS G 259 146.51 10.91 -160.85
CA HIS G 259 146.51 12.27 -160.26
C HIS G 259 147.98 12.53 -159.88
N PRO G 260 148.92 13.02 -160.75
CA PRO G 260 150.34 13.07 -160.39
C PRO G 260 150.70 14.18 -159.42
N THR G 261 149.99 15.30 -159.47
CA THR G 261 150.18 16.34 -158.47
C THR G 261 149.61 15.90 -157.12
N MET G 262 148.46 15.23 -157.15
CA MET G 262 147.90 14.66 -155.92
C MET G 262 148.60 13.38 -155.53
N LEU G 263 149.29 12.72 -156.47
CA LEU G 263 150.26 11.70 -156.11
C LEU G 263 151.44 12.29 -155.34
N GLN G 264 151.77 13.56 -155.58
CA GLN G 264 152.78 14.24 -154.78
C GLN G 264 152.19 14.84 -153.51
N ASP G 265 151.42 14.03 -152.80
CA ASP G 265 151.16 14.15 -151.38
C ASP G 265 152.05 13.07 -150.79
N PRO G 266 153.32 13.37 -150.49
CA PRO G 266 154.33 12.31 -150.35
C PRO G 266 154.20 11.49 -149.08
N ASP G 267 153.38 11.93 -148.12
CA ASP G 267 153.20 11.19 -146.87
C ASP G 267 152.57 9.82 -147.14
N VAL G 268 151.50 9.77 -147.92
CA VAL G 268 150.85 8.50 -148.19
C VAL G 268 151.63 7.66 -149.20
N ARG G 269 152.42 8.30 -150.07
CA ARG G 269 153.29 7.54 -150.96
C ARG G 269 154.39 6.83 -150.17
N GLU G 270 154.98 7.53 -149.20
CA GLU G 270 155.94 6.88 -148.30
C GLU G 270 155.26 5.89 -147.39
N PHE G 271 153.97 6.08 -147.09
CA PHE G 271 153.23 5.08 -146.32
C PHE G 271 153.08 3.80 -147.12
N LEU G 272 152.84 3.92 -148.42
CA LEU G 272 152.71 2.74 -149.26
C LEU G 272 154.05 2.06 -149.50
N GLU G 273 155.11 2.82 -149.77
CA GLU G 273 156.38 2.20 -150.14
C GLU G 273 157.30 1.93 -148.95
N LYS G 274 156.79 2.01 -147.72
CA LYS G 274 157.54 1.60 -146.54
C LYS G 274 156.68 0.66 -145.70
N GLU G 275 157.26 0.20 -144.59
CA GLU G 275 156.64 -0.80 -143.71
C GLU G 275 156.63 -0.23 -142.30
N GLU G 276 155.46 0.21 -141.84
CA GLU G 276 155.28 0.72 -140.49
C GLU G 276 153.97 0.20 -139.91
N LEU G 277 153.52 -0.96 -140.41
CA LEU G 277 152.19 -1.57 -140.41
C LEU G 277 151.43 -1.43 -139.10
N PRO G 278 150.15 -1.05 -139.15
CA PRO G 278 149.37 -0.92 -137.92
C PRO G 278 149.04 -2.28 -137.32
N ARG G 279 148.49 -2.24 -136.11
CA ARG G 279 148.15 -3.44 -135.35
C ARG G 279 146.79 -3.96 -135.82
N ALA G 280 146.31 -5.01 -135.16
CA ALA G 280 145.17 -5.80 -135.63
C ALA G 280 143.82 -5.32 -135.08
N VAL G 281 143.66 -4.02 -134.84
CA VAL G 281 142.42 -3.49 -134.26
C VAL G 281 141.49 -2.99 -135.35
N GLY G 282 141.73 -3.42 -136.59
CA GLY G 282 140.99 -2.88 -137.73
C GLY G 282 139.61 -3.47 -137.99
N THR G 283 138.96 -4.04 -136.97
CA THR G 283 137.60 -4.56 -137.08
C THR G 283 136.75 -3.88 -136.02
N GLN G 284 136.09 -2.77 -136.39
CA GLN G 284 135.22 -2.05 -135.48
C GLN G 284 134.14 -1.34 -136.30
N ALA G 285 133.22 -0.68 -135.61
CA ALA G 285 132.14 0.06 -136.25
C ALA G 285 132.02 1.42 -135.57
N LEU G 286 132.39 2.47 -136.29
CA LEU G 286 132.28 3.85 -135.82
C LEU G 286 131.77 4.78 -136.92
N SER G 287 130.73 4.34 -137.63
CA SER G 287 130.23 5.03 -138.82
C SER G 287 129.21 6.11 -138.47
N GLY G 288 129.33 6.70 -137.28
CA GLY G 288 128.46 7.78 -136.83
C GLY G 288 128.47 9.02 -137.71
N ALA G 289 129.54 9.21 -138.49
CA ALA G 289 129.51 10.25 -139.53
C ALA G 289 128.44 9.94 -140.56
N GLY G 290 128.37 8.69 -141.03
CA GLY G 290 127.30 8.29 -141.91
C GLY G 290 125.92 8.32 -141.25
N LEU G 291 125.89 8.10 -139.93
CA LEU G 291 124.65 8.31 -139.18
C LEU G 291 124.21 9.78 -139.23
N LEU G 292 125.14 10.72 -139.04
CA LEU G 292 124.80 12.13 -139.15
C LEU G 292 124.43 12.53 -140.58
N LYS G 293 124.97 11.83 -141.59
CA LYS G 293 124.51 12.04 -142.95
C LYS G 293 123.05 11.59 -143.11
N MET G 294 122.71 10.46 -142.50
CA MET G 294 121.32 10.00 -142.50
C MET G 294 120.40 10.93 -141.72
N PHE G 295 120.93 11.60 -140.69
CA PHE G 295 120.15 12.65 -140.01
C PHE G 295 119.94 13.86 -140.90
N ASN G 296 120.98 14.30 -141.63
CA ASN G 296 120.87 15.51 -142.43
C ASN G 296 120.16 15.27 -143.77
N LYS G 297 119.87 14.00 -144.09
CA LYS G 297 119.09 13.67 -145.28
C LYS G 297 117.69 14.33 -145.26
N ALA G 298 117.13 14.54 -144.07
CA ALA G 298 115.84 15.23 -143.97
C ALA G 298 115.94 16.69 -144.39
N THR G 299 117.05 17.35 -144.07
CA THR G 299 117.27 18.71 -144.54
C THR G 299 117.59 18.72 -146.04
N ASP G 300 118.25 17.66 -146.52
CA ASP G 300 118.52 17.52 -147.95
C ASP G 300 117.23 17.42 -148.74
N ALA G 301 116.26 16.66 -148.21
CA ALA G 301 114.99 16.43 -148.90
C ALA G 301 114.12 17.67 -148.99
N VAL G 302 114.35 18.68 -148.14
CA VAL G 302 113.61 19.93 -148.24
C VAL G 302 114.41 21.04 -148.89
N SER G 303 115.74 20.89 -149.01
CA SER G 303 116.53 21.93 -149.67
C SER G 303 116.87 21.61 -151.12
N LYS G 304 116.58 20.38 -151.59
CA LYS G 304 117.05 19.93 -152.90
C LYS G 304 116.52 20.77 -154.07
N MET G 305 115.35 21.43 -153.92
CA MET G 305 114.86 22.29 -154.98
C MET G 305 115.71 23.56 -155.11
N THR G 306 116.04 24.18 -153.97
CA THR G 306 116.94 25.33 -153.96
C THR G 306 118.35 24.94 -154.40
N ILE G 307 118.72 23.67 -154.27
CA ILE G 307 119.91 23.19 -155.00
C ILE G 307 119.63 23.20 -156.50
N LYS G 308 118.48 22.67 -156.93
CA LYS G 308 118.16 22.48 -158.35
C LYS G 308 117.97 23.78 -159.12
N MET G 309 117.94 24.95 -158.48
CA MET G 309 117.80 26.18 -159.24
C MET G 309 119.08 26.63 -159.94
N ASN G 310 120.18 25.89 -159.82
CA ASN G 310 121.47 26.29 -160.37
C ASN G 310 121.56 25.99 -161.87
N GLU G 311 122.79 26.05 -162.41
CA GLU G 311 123.06 25.82 -163.82
C GLU G 311 124.04 24.69 -164.09
N SER G 312 124.98 24.42 -163.18
CA SER G 312 125.92 23.31 -163.41
C SER G 312 125.21 21.97 -163.30
N ASP G 313 124.22 21.86 -162.42
CA ASP G 313 123.45 20.63 -162.34
C ASP G 313 122.53 20.49 -163.54
N ILE G 314 122.24 21.58 -164.26
CA ILE G 314 121.56 21.47 -165.55
C ILE G 314 122.50 20.82 -166.57
N TRP G 315 123.81 21.00 -166.41
CA TRP G 315 124.75 20.21 -167.18
C TRP G 315 124.91 18.80 -166.63
N PHE G 316 124.57 18.58 -165.37
CA PHE G 316 124.95 17.33 -164.70
C PHE G 316 123.84 16.29 -164.62
N GLU G 317 122.56 16.69 -164.51
CA GLU G 317 121.51 15.77 -164.08
C GLU G 317 121.15 14.75 -165.15
N GLU G 318 121.51 15.04 -166.41
CA GLU G 318 121.37 14.05 -167.48
C GLU G 318 122.21 12.84 -167.19
N LYS G 319 123.43 13.06 -166.68
CA LYS G 319 124.29 11.98 -166.25
C LYS G 319 123.70 11.26 -165.04
N LEU G 320 122.95 11.98 -164.20
CA LEU G 320 122.34 11.37 -163.02
C LEU G 320 121.25 10.37 -163.41
N GLN G 321 120.30 10.80 -164.25
CA GLN G 321 119.24 9.90 -164.70
C GLN G 321 119.78 8.79 -165.58
N GLU G 322 120.78 9.12 -166.41
CA GLU G 322 121.42 8.14 -167.27
C GLU G 322 122.12 7.07 -166.44
N VAL G 323 122.87 7.48 -165.41
CA VAL G 323 123.57 6.50 -164.60
C VAL G 323 122.60 5.77 -163.69
N GLU G 324 121.40 6.33 -163.44
CA GLU G 324 120.38 5.59 -162.71
C GLU G 324 119.85 4.42 -163.52
N CYS G 325 119.50 4.66 -164.79
CA CYS G 325 119.04 3.54 -165.61
C CYS G 325 120.18 2.57 -165.91
N GLU G 326 121.41 3.08 -166.02
CA GLU G 326 122.57 2.22 -166.19
C GLU G 326 122.81 1.34 -164.96
N GLU G 327 122.70 1.90 -163.75
CA GLU G 327 122.96 1.09 -162.56
C GLU G 327 121.86 0.07 -162.34
N GLN G 328 120.62 0.41 -162.71
CA GLN G 328 119.53 -0.57 -162.63
C GLN G 328 119.78 -1.74 -163.57
N ARG G 329 120.14 -1.44 -164.82
CA ARG G 329 120.33 -2.51 -165.83
C ARG G 329 121.66 -3.25 -165.62
N LEU G 330 122.63 -2.66 -164.91
CA LEU G 330 123.88 -3.43 -164.65
C LEU G 330 123.73 -4.25 -163.37
N ARG G 331 122.90 -3.84 -162.41
CA ARG G 331 122.68 -4.68 -161.20
C ARG G 331 121.82 -5.88 -161.61
N LYS G 332 120.92 -5.70 -162.58
CA LYS G 332 120.15 -6.83 -163.10
C LYS G 332 121.03 -7.78 -163.92
N LEU G 333 121.87 -7.23 -164.80
CA LEU G 333 122.80 -8.07 -165.57
C LEU G 333 123.82 -8.76 -164.66
N HIS G 334 124.35 -8.04 -163.48
CA HIS G 334 125.17 -8.64 -162.42
C HIS G 334 124.53 -9.89 -161.85
N ALA G 335 123.23 -9.78 -161.51
CA ALA G 335 122.50 -10.89 -160.93
C ALA G 335 122.37 -12.05 -161.90
N VAL G 336 122.06 -11.76 -163.17
CA VAL G 336 121.89 -12.85 -164.13
C VAL G 336 123.24 -13.48 -164.53
N VAL G 337 124.32 -12.68 -164.53
CA VAL G 337 125.68 -13.19 -164.74
C VAL G 337 126.08 -14.14 -163.62
N GLU G 338 125.81 -13.76 -162.36
CA GLU G 338 126.14 -14.66 -161.26
C GLU G 338 125.21 -15.86 -161.22
N THR G 339 124.00 -15.73 -161.80
CA THR G 339 123.13 -16.89 -161.99
C THR G 339 123.74 -17.86 -162.99
N LEU G 340 124.39 -17.35 -164.04
CA LEU G 340 125.14 -18.25 -164.93
C LEU G 340 126.36 -18.85 -164.24
N VAL G 341 126.99 -18.10 -163.34
CA VAL G 341 128.16 -18.61 -162.62
C VAL G 341 127.74 -19.77 -161.71
N ASN G 342 126.57 -19.66 -161.07
CA ASN G 342 126.00 -20.79 -160.35
C ASN G 342 125.64 -21.94 -161.32
N HIS G 343 124.94 -21.58 -162.59
CA HIS G 343 124.44 -22.52 -163.62
C HIS G 343 125.52 -23.45 -164.14
N ARG G 344 126.72 -22.90 -164.39
CA ARG G 344 127.78 -23.67 -165.03
C ARG G 344 128.29 -24.80 -164.13
N LYS G 345 128.11 -24.68 -162.81
CA LYS G 345 128.64 -25.69 -161.90
C LYS G 345 127.88 -26.99 -162.03
N GLU G 346 126.54 -26.94 -162.01
CA GLU G 346 125.78 -28.14 -162.28
C GLU G 346 125.82 -28.52 -163.76
N LEU G 347 126.12 -27.58 -164.67
CA LEU G 347 126.45 -27.95 -166.04
C LEU G 347 127.66 -28.89 -166.08
N ALA G 348 128.73 -28.48 -165.39
CA ALA G 348 129.99 -29.22 -165.41
C ALA G 348 129.85 -30.55 -164.69
N LEU G 349 129.13 -30.57 -163.56
CA LEU G 349 128.88 -31.82 -162.86
C LEU G 349 128.00 -32.76 -163.68
N ASN G 350 127.01 -32.21 -164.39
CA ASN G 350 126.13 -33.01 -165.23
C ASN G 350 126.89 -33.65 -166.38
N THR G 351 127.72 -32.88 -167.09
CA THR G 351 128.49 -33.45 -168.18
C THR G 351 129.65 -34.32 -167.72
N ALA G 352 130.21 -34.06 -166.53
CA ALA G 352 131.22 -34.95 -165.97
C ALA G 352 130.61 -36.29 -165.57
N LEU G 353 129.43 -36.28 -164.97
CA LEU G 353 128.74 -37.54 -164.69
C LEU G 353 128.23 -38.20 -165.96
N PHE G 354 128.02 -37.45 -167.04
CA PHE G 354 127.80 -38.07 -168.34
C PHE G 354 129.00 -38.84 -168.82
N ALA G 355 130.20 -38.27 -168.68
CA ALA G 355 131.41 -38.98 -169.08
C ALA G 355 131.64 -40.19 -168.18
N LYS G 356 131.34 -40.05 -166.89
CA LYS G 356 131.41 -41.19 -165.98
C LYS G 356 130.39 -42.27 -166.33
N SER G 357 129.20 -41.88 -166.79
CA SER G 357 128.21 -42.87 -167.18
C SER G 357 128.54 -43.49 -168.54
N LEU G 358 129.26 -42.77 -169.39
CA LEU G 358 129.87 -43.37 -170.57
C LEU G 358 130.83 -44.47 -170.16
N ALA G 359 131.70 -44.16 -169.18
CA ALA G 359 132.64 -45.16 -168.66
C ALA G 359 131.92 -46.32 -167.98
N MET G 360 130.76 -46.06 -167.39
CA MET G 360 129.97 -47.13 -166.79
C MET G 360 129.37 -48.03 -167.87
N LEU G 361 128.54 -47.45 -168.73
CA LEU G 361 127.76 -48.24 -169.69
C LEU G 361 128.61 -48.75 -170.85
N GLY G 362 129.87 -48.32 -170.96
CA GLY G 362 130.78 -48.95 -171.89
C GLY G 362 131.38 -50.25 -171.39
N SER G 363 130.99 -50.69 -170.19
CA SER G 363 131.34 -52.02 -169.74
C SER G 363 130.36 -53.04 -170.29
N SER G 364 130.68 -54.32 -170.05
CA SER G 364 129.84 -55.47 -170.41
C SER G 364 129.58 -55.54 -171.91
N GLU G 365 130.57 -55.14 -172.70
CA GLU G 365 130.44 -55.13 -174.16
C GLU G 365 131.83 -55.27 -174.77
N ASP G 366 131.87 -55.92 -175.94
CA ASP G 366 133.11 -56.03 -176.72
C ASP G 366 132.83 -55.44 -178.10
N ASN G 367 132.93 -54.12 -178.18
CA ASN G 367 132.90 -53.35 -179.42
C ASN G 367 133.99 -52.30 -179.37
N THR G 368 135.22 -52.75 -179.07
CA THR G 368 136.36 -52.00 -178.54
C THR G 368 136.64 -50.63 -179.15
N ALA G 369 136.17 -50.39 -180.38
CA ALA G 369 136.05 -49.03 -180.89
C ALA G 369 135.20 -48.17 -179.97
N LEU G 370 134.14 -48.75 -179.38
CA LEU G 370 133.38 -48.01 -178.38
C LEU G 370 134.20 -47.73 -177.12
N SER G 371 135.13 -48.63 -176.77
CA SER G 371 135.98 -48.39 -175.62
C SER G 371 136.96 -47.26 -175.86
N ARG G 372 137.55 -47.20 -177.06
CA ARG G 372 138.38 -46.06 -177.43
C ARG G 372 137.56 -44.78 -177.53
N ALA G 373 136.29 -44.89 -177.94
CA ALA G 373 135.39 -43.74 -177.98
C ALA G 373 135.13 -43.20 -176.59
N LEU G 374 134.91 -44.08 -175.62
CA LEU G 374 134.86 -43.71 -174.21
C LEU G 374 136.13 -42.97 -173.76
N SER G 375 137.29 -43.59 -174.01
CA SER G 375 138.55 -43.07 -173.51
C SER G 375 138.94 -41.74 -174.16
N GLN G 376 138.41 -41.44 -175.34
CA GLN G 376 138.64 -40.16 -176.00
C GLN G 376 137.57 -39.12 -175.65
N LEU G 377 136.31 -39.54 -175.58
CA LEU G 377 135.20 -38.64 -175.28
C LEU G 377 135.19 -38.12 -173.86
N ALA G 378 135.55 -38.95 -172.88
CA ALA G 378 135.59 -38.48 -171.49
C ALA G 378 136.60 -37.35 -171.33
N GLU G 379 137.80 -37.51 -171.89
CA GLU G 379 138.81 -36.48 -171.74
C GLU G 379 138.53 -35.25 -172.58
N VAL G 380 137.93 -35.37 -173.78
CA VAL G 380 137.62 -34.13 -174.49
C VAL G 380 136.43 -33.40 -173.87
N GLU G 381 135.51 -34.16 -173.25
CA GLU G 381 134.46 -33.52 -172.45
C GLU G 381 135.07 -32.77 -171.27
N GLU G 382 136.10 -33.34 -170.64
CA GLU G 382 136.74 -32.63 -169.54
C GLU G 382 137.51 -31.41 -170.03
N LYS G 383 138.04 -31.44 -171.26
CA LYS G 383 138.65 -30.26 -171.84
C LYS G 383 137.63 -29.14 -172.04
N ILE G 384 136.47 -29.47 -172.60
CA ILE G 384 135.39 -28.49 -172.78
C ILE G 384 134.91 -28.00 -171.41
N GLU G 385 134.87 -28.91 -170.44
CA GLU G 385 134.45 -28.60 -169.08
C GLU G 385 135.34 -27.55 -168.44
N GLN G 386 136.65 -27.81 -168.42
CA GLN G 386 137.58 -26.85 -167.82
C GLN G 386 137.65 -25.56 -168.62
N LEU G 387 137.46 -25.62 -169.94
CA LEU G 387 137.52 -24.43 -170.78
C LEU G 387 136.40 -23.45 -170.44
N HIS G 388 135.15 -23.90 -170.57
CA HIS G 388 134.07 -22.98 -170.27
C HIS G 388 133.94 -22.75 -168.77
N GLN G 389 134.50 -23.63 -167.95
CA GLN G 389 134.52 -23.39 -166.51
C GLN G 389 135.45 -22.23 -166.16
N GLU G 390 136.66 -22.20 -166.71
CA GLU G 390 137.58 -21.12 -166.37
C GLU G 390 137.10 -19.80 -166.95
N GLN G 391 136.52 -19.82 -168.17
CA GLN G 391 135.93 -18.58 -168.69
C GLN G 391 134.78 -18.11 -167.81
N ALA G 392 133.81 -19.02 -167.59
CA ALA G 392 132.56 -18.79 -166.89
C ALA G 392 132.74 -18.31 -165.46
N ASN G 393 133.78 -18.74 -164.76
CA ASN G 393 134.00 -18.02 -163.52
C ASN G 393 134.77 -16.73 -163.78
N ASN G 394 136.04 -16.82 -164.23
CA ASN G 394 137.00 -15.77 -163.90
C ASN G 394 136.63 -14.44 -164.53
N ASP G 395 136.17 -14.47 -165.79
CA ASP G 395 135.92 -13.16 -166.38
C ASP G 395 134.58 -12.59 -165.95
N PHE G 396 133.61 -13.46 -165.70
CA PHE G 396 132.29 -13.03 -165.27
C PHE G 396 132.34 -12.39 -163.90
N PHE G 397 133.02 -13.04 -162.95
CA PHE G 397 133.05 -12.49 -161.57
C PHE G 397 134.03 -11.31 -161.49
N LEU G 398 134.95 -11.20 -162.46
CA LEU G 398 135.87 -10.04 -162.48
C LEU G 398 135.09 -8.83 -163.03
N LEU G 399 134.33 -9.04 -164.11
CA LEU G 399 133.49 -7.95 -164.66
C LEU G 399 132.47 -7.57 -163.60
N ALA G 400 132.09 -8.54 -162.74
CA ALA G 400 131.15 -8.27 -161.67
C ALA G 400 131.77 -7.40 -160.57
N GLU G 401 133.03 -7.70 -160.19
CA GLU G 401 133.76 -6.85 -159.26
C GLU G 401 134.01 -5.47 -159.85
N LEU G 402 134.25 -5.41 -161.17
CA LEU G 402 134.46 -4.16 -161.88
C LEU G 402 133.22 -3.26 -161.78
N LEU G 403 132.05 -3.81 -162.10
CA LEU G 403 130.83 -3.03 -161.95
C LEU G 403 130.51 -2.76 -160.49
N SER G 404 130.93 -3.64 -159.57
CA SER G 404 130.61 -3.46 -158.16
C SER G 404 131.36 -2.28 -157.55
N ASP G 405 132.69 -2.26 -157.69
CA ASP G 405 133.38 -1.08 -157.19
C ASP G 405 133.20 0.13 -158.09
N TYR G 406 132.71 -0.06 -159.33
CA TYR G 406 132.21 1.07 -160.10
C TYR G 406 130.98 1.69 -159.45
N ILE G 407 130.05 0.85 -158.97
CA ILE G 407 128.89 1.32 -158.19
C ILE G 407 129.35 1.98 -156.91
N ARG G 408 130.42 1.48 -156.30
CA ARG G 408 131.00 2.12 -155.12
C ARG G 408 131.51 3.52 -155.47
N LEU G 409 132.16 3.65 -156.62
CA LEU G 409 132.63 4.95 -157.09
C LEU G 409 131.46 5.89 -157.37
N LEU G 410 130.37 5.33 -157.90
CA LEU G 410 129.17 6.13 -158.12
C LEU G 410 128.57 6.62 -156.81
N ALA G 411 128.55 5.76 -155.79
CA ALA G 411 128.01 6.16 -154.50
C ALA G 411 128.88 7.21 -153.83
N ILE G 412 130.21 7.10 -153.96
CA ILE G 412 131.05 8.11 -153.33
C ILE G 412 131.04 9.41 -154.12
N VAL G 413 130.75 9.41 -155.41
CA VAL G 413 130.60 10.71 -156.06
C VAL G 413 129.21 11.30 -155.84
N ARG G 414 128.18 10.46 -155.57
CA ARG G 414 126.93 10.97 -155.02
C ARG G 414 127.20 11.71 -153.73
N ALA G 415 127.97 11.08 -152.82
CA ALA G 415 128.33 11.73 -151.56
C ALA G 415 129.23 12.94 -151.78
N ALA G 416 129.99 12.97 -152.88
CA ALA G 416 130.84 14.12 -153.18
C ALA G 416 130.02 15.36 -153.50
N PHE G 417 129.06 15.25 -154.42
CA PHE G 417 128.25 16.46 -154.59
C PHE G 417 127.20 16.62 -153.50
N ASP G 418 126.98 15.62 -152.65
CA ASP G 418 126.23 15.87 -151.42
C ASP G 418 127.02 16.76 -150.46
N GLN G 419 128.34 16.57 -150.40
CA GLN G 419 129.18 17.47 -149.62
C GLN G 419 129.22 18.86 -150.24
N ARG G 420 129.21 18.92 -151.58
CA ARG G 420 129.07 20.20 -152.28
C ARG G 420 127.73 20.87 -151.94
N MET G 421 126.67 20.07 -151.83
CA MET G 421 125.37 20.56 -151.39
C MET G 421 125.41 21.10 -149.97
N LYS G 422 126.09 20.39 -149.08
CA LYS G 422 126.15 20.81 -147.68
C LYS G 422 126.94 22.11 -147.53
N THR G 423 128.06 22.23 -148.24
CA THR G 423 128.79 23.49 -148.23
C THR G 423 128.04 24.60 -148.96
N TRP G 424 127.21 24.24 -149.94
CA TRP G 424 126.33 25.20 -150.60
C TRP G 424 125.36 25.82 -149.60
N GLN G 425 124.66 24.98 -148.84
CA GLN G 425 123.74 25.53 -147.85
C GLN G 425 124.48 26.16 -146.68
N ARG G 426 125.75 25.79 -146.45
CA ARG G 426 126.58 26.51 -145.47
C ARG G 426 126.78 27.97 -145.86
N TRP G 427 127.24 28.23 -147.09
CA TRP G 427 127.40 29.64 -147.45
C TRP G 427 126.05 30.31 -147.68
N GLN G 428 125.02 29.52 -148.00
CA GLN G 428 123.68 30.06 -148.20
C GLN G 428 123.11 30.63 -146.91
N ASP G 429 123.04 29.82 -145.85
CA ASP G 429 122.54 30.38 -144.61
C ASP G 429 123.56 31.28 -143.92
N ALA G 430 124.85 31.18 -144.30
CA ALA G 430 125.84 32.14 -143.83
C ALA G 430 125.53 33.54 -144.34
N GLN G 431 125.29 33.69 -145.65
CA GLN G 431 124.96 35.01 -146.17
C GLN G 431 123.56 35.46 -145.75
N ALA G 432 122.64 34.51 -145.54
CA ALA G 432 121.32 34.85 -145.03
C ALA G 432 121.39 35.49 -143.64
N THR G 433 122.02 34.77 -142.69
CA THR G 433 122.19 35.30 -141.35
C THR G 433 123.06 36.54 -141.34
N LEU G 434 124.05 36.62 -142.24
CA LEU G 434 124.85 37.82 -142.46
C LEU G 434 123.97 39.04 -142.69
N GLN G 435 123.15 38.97 -143.74
CA GLN G 435 122.27 40.08 -144.11
C GLN G 435 121.33 40.44 -142.96
N LYS G 436 120.70 39.42 -142.35
CA LYS G 436 119.70 39.66 -141.31
C LYS G 436 120.31 40.30 -140.07
N LYS G 437 121.22 39.58 -139.39
CA LYS G 437 121.67 40.10 -138.11
C LYS G 437 122.66 41.26 -138.29
N ARG G 438 123.35 41.33 -139.42
CA ARG G 438 124.26 42.45 -139.63
C ARG G 438 123.52 43.73 -139.97
N GLU G 439 122.38 43.64 -140.69
CA GLU G 439 121.61 44.86 -140.82
C GLU G 439 120.83 45.19 -139.55
N SER G 440 120.49 44.18 -138.72
CA SER G 440 119.90 44.50 -137.42
C SER G 440 120.90 45.20 -136.51
N GLU G 441 122.19 44.88 -136.64
CA GLU G 441 123.22 45.67 -135.99
C GLU G 441 123.34 47.06 -136.61
N ALA G 442 123.22 47.16 -137.94
CA ALA G 442 123.47 48.42 -138.63
C ALA G 442 122.38 49.45 -138.40
N ARG G 443 121.12 49.02 -138.24
CA ARG G 443 120.01 49.95 -138.16
C ARG G 443 119.91 50.67 -136.81
N LEU G 444 120.71 50.28 -135.83
CA LEU G 444 120.70 50.93 -134.52
C LEU G 444 121.84 51.94 -134.37
N LEU G 445 122.17 52.65 -135.44
CA LEU G 445 123.33 53.54 -135.47
C LEU G 445 123.16 54.80 -134.65
N TRP G 446 121.94 55.30 -134.48
CA TRP G 446 121.74 56.56 -133.76
C TRP G 446 121.79 56.40 -132.26
N ALA G 447 121.76 55.17 -131.75
CA ALA G 447 122.33 54.92 -130.43
C ALA G 447 123.83 55.13 -130.60
N ASN G 448 124.32 56.27 -130.11
CA ASN G 448 125.59 56.84 -130.57
C ASN G 448 126.77 56.04 -130.03
N LYS G 449 127.01 54.90 -130.68
CA LYS G 449 128.18 54.07 -130.43
C LYS G 449 128.64 53.55 -131.78
N PRO G 450 129.61 54.22 -132.41
CA PRO G 450 130.04 53.80 -133.76
C PRO G 450 130.88 52.55 -133.79
N ASP G 451 131.27 52.01 -132.63
CA ASP G 451 132.06 50.78 -132.59
C ASP G 451 131.25 49.59 -133.09
N LYS G 452 129.94 49.61 -132.82
CA LYS G 452 129.06 48.59 -133.38
C LYS G 452 129.00 48.69 -134.89
N LEU G 453 129.02 49.91 -135.42
CA LEU G 453 129.05 50.11 -136.86
C LEU G 453 130.37 49.62 -137.45
N GLN G 454 131.47 49.84 -136.74
CA GLN G 454 132.78 49.39 -137.21
C GLN G 454 132.86 47.87 -137.24
N GLN G 455 132.41 47.21 -136.18
CA GLN G 455 132.47 45.74 -136.16
C GLN G 455 131.47 45.14 -137.14
N ALA G 456 130.30 45.78 -137.35
CA ALA G 456 129.37 45.30 -138.35
C ALA G 456 129.91 45.48 -139.76
N LYS G 457 130.66 46.55 -140.00
CA LYS G 457 131.32 46.75 -141.29
C LYS G 457 132.40 45.70 -141.53
N ASP G 458 133.17 45.38 -140.48
CA ASP G 458 134.19 44.33 -140.60
C ASP G 458 133.55 42.98 -140.85
N GLU G 459 132.43 42.71 -140.18
CA GLU G 459 131.67 41.48 -140.37
C GLU G 459 131.19 41.35 -141.79
N ILE G 460 130.48 42.37 -142.31
CA ILE G 460 129.93 42.28 -143.66
C ILE G 460 131.04 42.20 -144.70
N THR G 461 132.15 42.92 -144.48
CA THR G 461 133.23 42.97 -145.46
C THR G 461 133.98 41.65 -145.57
N GLU G 462 134.58 41.21 -144.45
CA GLU G 462 135.38 39.99 -144.50
C GLU G 462 134.51 38.75 -144.70
N TRP G 463 133.29 38.77 -144.18
CA TRP G 463 132.40 37.64 -144.32
C TRP G 463 131.90 37.51 -145.76
N GLU G 464 131.59 38.62 -146.44
CA GLU G 464 131.21 38.50 -147.84
C GLU G 464 132.39 38.13 -148.72
N SER G 465 133.60 38.59 -148.35
CA SER G 465 134.79 38.23 -149.12
C SER G 465 135.05 36.74 -149.06
N ARG G 466 134.95 36.15 -147.86
CA ARG G 466 135.20 34.73 -147.75
C ARG G 466 134.05 33.90 -148.33
N VAL G 467 132.79 34.39 -148.27
CA VAL G 467 131.68 33.64 -148.84
C VAL G 467 131.73 33.64 -150.37
N THR G 468 132.05 34.78 -150.98
CA THR G 468 132.23 34.83 -152.42
C THR G 468 133.44 34.00 -152.84
N GLN G 469 134.49 34.02 -152.03
CA GLN G 469 135.63 33.12 -152.22
C GLN G 469 135.19 31.66 -152.20
N TYR G 470 134.28 31.33 -151.28
CA TYR G 470 133.77 29.97 -151.17
C TYR G 470 133.00 29.57 -152.42
N GLU G 471 132.12 30.44 -152.94
CA GLU G 471 131.33 29.95 -154.07
C GLU G 471 132.12 29.91 -155.38
N ARG G 472 133.11 30.79 -155.60
CA ARG G 472 133.85 30.54 -156.84
C ARG G 472 134.90 29.46 -156.66
N ASP G 473 135.32 29.16 -155.42
CA ASP G 473 136.06 27.93 -155.20
C ASP G 473 135.18 26.71 -155.38
N PHE G 474 133.87 26.84 -155.18
CA PHE G 474 132.96 25.74 -155.48
C PHE G 474 132.81 25.57 -156.98
N GLU G 475 132.88 26.68 -157.72
CA GLU G 475 133.01 26.60 -159.16
C GLU G 475 134.31 25.90 -159.56
N ARG G 476 135.40 26.16 -158.81
CA ARG G 476 136.67 25.50 -159.08
C ARG G 476 136.60 24.00 -158.83
N ILE G 477 135.95 23.60 -157.74
CA ILE G 477 135.87 22.17 -157.47
C ILE G 477 134.86 21.52 -158.39
N SER G 478 133.89 22.27 -158.91
CA SER G 478 133.02 21.74 -159.96
C SER G 478 133.80 21.48 -161.24
N THR G 479 134.74 22.37 -161.57
CA THR G 479 135.58 22.15 -162.74
C THR G 479 136.51 20.95 -162.56
N VAL G 480 137.08 20.78 -161.36
CA VAL G 480 137.98 19.64 -161.19
C VAL G 480 137.17 18.34 -161.09
N VAL G 481 135.92 18.42 -160.65
CA VAL G 481 135.01 17.28 -160.73
C VAL G 481 134.71 16.93 -162.19
N ARG G 482 134.55 17.94 -163.05
CA ARG G 482 134.28 17.66 -164.46
C ARG G 482 135.51 17.09 -165.18
N LYS G 483 136.71 17.53 -164.78
CA LYS G 483 137.92 16.88 -165.30
C LYS G 483 138.02 15.44 -164.79
N GLU G 484 137.59 15.20 -163.55
CA GLU G 484 137.52 13.83 -163.05
C GLU G 484 136.43 13.03 -163.79
N VAL G 485 135.38 13.72 -164.26
CA VAL G 485 134.33 13.06 -165.03
C VAL G 485 134.89 12.59 -166.37
N THR G 486 135.67 13.47 -167.02
CA THR G 486 136.40 13.08 -168.23
C THR G 486 137.36 11.92 -167.94
N ARG G 487 137.97 11.93 -166.75
CA ARG G 487 138.84 10.83 -166.35
C ARG G 487 138.07 9.52 -166.20
N PHE G 488 136.85 9.57 -165.65
CA PHE G 488 136.22 8.26 -165.54
C PHE G 488 135.40 7.87 -166.77
N GLU G 489 135.14 8.78 -167.72
CA GLU G 489 134.81 8.26 -169.04
C GLU G 489 136.02 7.68 -169.73
N LYS G 490 137.23 8.14 -169.39
CA LYS G 490 138.41 7.45 -169.88
C LYS G 490 138.52 6.06 -169.28
N GLU G 491 138.15 5.89 -168.02
CA GLU G 491 138.15 4.50 -167.54
C GLU G 491 136.92 3.73 -167.99
N LYS G 492 135.85 4.40 -168.43
CA LYS G 492 134.81 3.71 -169.20
C LYS G 492 135.41 3.12 -170.47
N SER G 493 136.22 3.91 -171.17
CA SER G 493 136.97 3.40 -172.32
C SER G 493 137.91 2.27 -171.91
N LYS G 494 138.50 2.36 -170.72
CA LYS G 494 139.47 1.37 -170.27
C LYS G 494 138.80 0.05 -169.93
N ASP G 495 137.67 0.07 -169.23
CA ASP G 495 137.07 -1.22 -168.86
C ASP G 495 136.20 -1.78 -169.97
N PHE G 496 135.68 -0.92 -170.87
CA PHE G 496 135.18 -1.43 -172.13
C PHE G 496 136.28 -2.07 -172.95
N LYS G 497 137.49 -1.50 -172.92
CA LYS G 497 138.66 -2.12 -173.51
C LYS G 497 139.03 -3.41 -172.79
N ASN G 498 138.76 -3.50 -171.48
CA ASN G 498 138.98 -4.76 -170.78
C ASN G 498 138.03 -5.84 -171.27
N HIS G 499 136.78 -5.50 -171.54
CA HIS G 499 135.92 -6.49 -172.19
C HIS G 499 136.33 -6.75 -173.63
N VAL G 500 136.88 -5.76 -174.32
CA VAL G 500 137.37 -5.94 -175.68
C VAL G 500 138.54 -6.93 -175.71
N MET G 501 139.53 -6.73 -174.83
CA MET G 501 140.63 -7.68 -174.73
C MET G 501 140.18 -9.01 -174.14
N LYS G 502 139.09 -9.02 -173.36
CA LYS G 502 138.48 -10.27 -172.95
C LYS G 502 137.99 -11.08 -174.13
N TYR G 503 137.22 -10.46 -175.02
CA TYR G 503 136.76 -11.24 -176.17
C TYR G 503 137.91 -11.49 -177.15
N LEU G 504 138.93 -10.64 -177.13
CA LEU G 504 140.13 -10.88 -177.92
C LEU G 504 140.81 -12.17 -177.48
N GLU G 505 141.12 -12.31 -176.19
CA GLU G 505 141.68 -13.56 -175.69
C GLU G 505 140.66 -14.70 -175.73
N THR G 506 139.37 -14.40 -175.72
CA THR G 506 138.36 -15.45 -175.80
C THR G 506 138.38 -16.11 -177.17
N LEU G 507 138.29 -15.29 -178.23
CA LEU G 507 138.43 -15.79 -179.59
C LEU G 507 139.78 -16.44 -179.80
N LEU G 508 140.85 -15.83 -179.30
CA LEU G 508 142.19 -16.40 -179.39
C LEU G 508 142.31 -17.79 -178.77
N HIS G 509 142.10 -17.90 -177.45
CA HIS G 509 142.36 -19.18 -176.80
C HIS G 509 141.30 -20.21 -177.16
N SER G 510 140.06 -19.76 -177.42
CA SER G 510 139.00 -20.65 -177.87
C SER G 510 139.36 -21.25 -179.22
N GLN G 511 139.77 -20.41 -180.17
CA GLN G 511 140.12 -20.88 -181.50
C GLN G 511 141.36 -21.76 -181.48
N GLN G 512 142.42 -21.32 -180.78
CA GLN G 512 143.68 -22.07 -180.84
C GLN G 512 143.58 -23.38 -180.08
N GLN G 513 142.96 -23.39 -178.89
CA GLN G 513 142.84 -24.63 -178.14
C GLN G 513 141.84 -25.57 -178.78
N LEU G 514 140.66 -25.04 -179.13
CA LEU G 514 139.58 -25.80 -179.76
C LEU G 514 140.02 -26.42 -181.07
N ALA G 515 140.42 -25.59 -182.04
CA ALA G 515 140.91 -26.08 -183.32
C ALA G 515 142.23 -26.83 -183.19
N LYS G 516 142.98 -26.63 -182.11
CA LYS G 516 144.19 -27.40 -181.88
C LYS G 516 143.86 -28.85 -181.57
N TYR G 517 142.91 -29.09 -180.66
CA TYR G 517 142.56 -30.48 -180.49
C TYR G 517 141.63 -31.00 -181.59
N TRP G 518 141.02 -30.12 -182.39
CA TRP G 518 140.41 -30.59 -183.64
C TRP G 518 141.45 -31.16 -184.59
N GLU G 519 142.51 -30.40 -184.87
CA GLU G 519 143.54 -30.85 -185.78
C GLU G 519 144.49 -31.87 -185.16
N ALA G 520 144.38 -32.09 -183.85
CA ALA G 520 145.13 -33.16 -183.20
C ALA G 520 144.30 -34.40 -182.96
N PHE G 521 142.98 -34.31 -183.05
CA PHE G 521 142.12 -35.45 -182.77
C PHE G 521 141.35 -35.94 -183.97
N LEU G 522 141.25 -35.16 -185.04
CA LEU G 522 140.83 -35.72 -186.33
C LEU G 522 141.86 -36.66 -186.96
N PRO G 523 143.18 -36.41 -186.97
CA PRO G 523 144.09 -37.43 -187.52
C PRO G 523 144.16 -38.72 -186.72
N GLU G 524 143.76 -38.71 -185.44
CA GLU G 524 143.55 -40.00 -184.80
C GLU G 524 142.14 -40.51 -185.05
N ALA G 525 141.18 -39.63 -185.37
CA ALA G 525 139.86 -40.08 -185.76
C ALA G 525 139.71 -40.25 -187.28
N LYS G 526 140.80 -40.57 -187.97
CA LYS G 526 140.68 -41.06 -189.33
C LYS G 526 139.87 -42.36 -189.36
N ALA G 527 140.41 -43.43 -188.74
CA ALA G 527 139.54 -44.46 -188.18
C ALA G 527 140.25 -45.08 -186.97
N ILE G 528 140.11 -44.39 -185.82
CA ILE G 528 140.31 -44.86 -184.45
C ILE G 528 139.42 -43.94 -183.62
N SER G 529 138.58 -44.49 -182.77
CA SER G 529 137.68 -43.63 -181.99
C SER G 529 138.35 -43.15 -180.70
N PHE H 150 119.45 -50.84 -199.56
CA PHE H 150 118.69 -52.00 -199.16
C PHE H 150 117.33 -52.00 -199.88
N ASP H 151 116.74 -53.18 -200.01
CA ASP H 151 115.50 -53.42 -200.76
C ASP H 151 114.30 -52.68 -200.20
N LEU H 152 114.31 -52.33 -198.91
CA LEU H 152 113.23 -51.59 -198.27
C LEU H 152 113.46 -50.11 -198.54
N THR H 153 112.74 -49.55 -199.51
CA THR H 153 112.81 -48.14 -199.84
C THR H 153 111.41 -47.55 -199.68
N VAL H 154 111.19 -46.81 -198.59
CA VAL H 154 109.87 -46.28 -198.27
C VAL H 154 109.96 -44.77 -198.10
N GLY H 155 108.80 -44.14 -197.96
CA GLY H 155 108.72 -42.72 -197.69
C GLY H 155 107.44 -42.35 -196.96
N ILE H 156 107.55 -41.67 -195.82
CA ILE H 156 106.41 -41.38 -194.96
C ILE H 156 106.32 -39.87 -194.81
N THR H 157 105.22 -39.28 -195.29
CA THR H 157 105.03 -37.84 -195.29
C THR H 157 103.63 -37.51 -194.79
N ASP H 158 103.30 -36.21 -194.84
CA ASP H 158 101.99 -35.61 -194.65
C ASP H 158 101.29 -35.99 -193.35
N PRO H 159 101.69 -35.41 -192.23
CA PRO H 159 100.94 -35.65 -190.97
C PRO H 159 99.57 -34.99 -190.99
N GLU H 160 98.59 -35.67 -191.59
CA GLU H 160 97.26 -35.11 -191.81
C GLU H 160 96.38 -35.45 -190.61
N LYS H 161 95.81 -34.42 -189.99
CA LYS H 161 95.00 -34.58 -188.79
C LYS H 161 93.57 -35.01 -189.15
N ILE H 162 92.89 -35.59 -188.16
CA ILE H 162 91.57 -36.19 -188.40
C ILE H 162 90.56 -35.35 -187.61
N GLY H 163 90.84 -34.06 -187.48
CA GLY H 163 89.93 -33.14 -186.81
C GLY H 163 90.52 -32.60 -185.52
N ASP H 164 89.65 -32.27 -184.59
CA ASP H 164 90.02 -31.65 -183.33
C ASP H 164 89.90 -32.64 -182.18
N GLY H 165 90.82 -32.51 -181.23
CA GLY H 165 90.87 -33.33 -180.05
C GLY H 165 92.25 -33.26 -179.41
N MET H 166 92.52 -34.18 -178.49
CA MET H 166 93.81 -34.28 -177.84
C MET H 166 94.28 -35.72 -177.93
N ASN H 167 95.34 -35.96 -178.73
CA ASN H 167 96.10 -37.21 -178.79
C ASN H 167 95.24 -38.39 -179.26
N ALA H 168 94.65 -38.24 -180.45
CA ALA H 168 93.83 -39.32 -180.99
C ALA H 168 94.36 -39.95 -182.27
N TYR H 169 94.46 -39.19 -183.37
CA TYR H 169 94.66 -39.77 -184.69
C TYR H 169 95.23 -38.74 -185.64
N VAL H 170 96.30 -39.13 -186.36
CA VAL H 170 96.88 -38.35 -187.44
C VAL H 170 97.20 -39.29 -188.58
N ALA H 171 96.73 -38.97 -189.79
CA ALA H 171 96.98 -39.81 -190.95
C ALA H 171 98.40 -39.62 -191.48
N TYR H 172 98.94 -40.68 -192.08
CA TYR H 172 100.31 -40.71 -192.59
C TYR H 172 100.30 -41.08 -194.06
N LYS H 173 100.80 -40.18 -194.91
CA LYS H 173 101.06 -40.55 -196.30
C LYS H 173 102.33 -41.38 -196.36
N VAL H 174 102.18 -42.68 -196.58
CA VAL H 174 103.30 -43.62 -196.57
C VAL H 174 103.46 -44.17 -197.98
N THR H 175 104.52 -43.76 -198.66
CA THR H 175 104.82 -44.27 -199.98
C THR H 175 105.92 -45.33 -199.90
N THR H 176 105.63 -46.52 -200.42
CA THR H 176 106.53 -47.66 -200.31
C THR H 176 106.96 -48.10 -201.72
N GLN H 177 108.25 -48.09 -201.97
CA GLN H 177 108.83 -48.48 -203.26
C GLN H 177 109.73 -49.70 -203.10
N THR H 178 109.25 -50.70 -202.37
CA THR H 178 110.10 -51.78 -201.89
C THR H 178 110.39 -52.77 -203.01
N SER H 179 111.60 -53.35 -203.00
CA SER H 179 111.97 -54.49 -203.82
C SER H 179 111.47 -55.78 -203.18
N LEU H 180 112.04 -56.94 -203.60
CA LEU H 180 111.76 -58.27 -203.05
C LEU H 180 110.29 -58.66 -203.26
N PRO H 181 109.96 -59.24 -204.44
CA PRO H 181 108.59 -59.18 -204.99
C PRO H 181 107.44 -59.79 -204.17
N MET H 182 107.70 -60.22 -202.93
CA MET H 182 106.63 -60.35 -201.95
C MET H 182 105.91 -59.03 -201.73
N PHE H 183 106.61 -57.90 -201.81
CA PHE H 183 105.96 -56.62 -202.05
C PHE H 183 105.46 -56.61 -203.49
N ARG H 184 104.22 -56.15 -203.68
CA ARG H 184 103.45 -56.54 -204.86
C ARG H 184 103.98 -55.94 -206.15
N SER H 185 103.95 -54.61 -206.28
CA SER H 185 104.10 -54.01 -207.60
C SER H 185 105.03 -52.80 -207.63
N ARG H 186 105.99 -52.70 -206.70
CA ARG H 186 107.08 -51.72 -206.67
C ARG H 186 106.64 -50.26 -206.52
N GLN H 187 105.33 -50.00 -206.47
CA GLN H 187 104.81 -48.64 -206.40
C GLN H 187 103.50 -48.70 -205.63
N PHE H 188 103.59 -48.53 -204.31
CA PHE H 188 102.44 -48.37 -203.44
C PHE H 188 102.59 -47.08 -202.65
N ALA H 189 101.44 -46.51 -202.29
CA ALA H 189 101.38 -45.28 -201.50
C ALA H 189 100.18 -45.40 -200.57
N VAL H 190 100.41 -45.87 -199.36
CA VAL H 190 99.34 -46.17 -198.43
C VAL H 190 99.13 -45.01 -197.47
N LYS H 191 97.88 -44.76 -197.13
CA LYS H 191 97.51 -43.78 -196.11
C LYS H 191 97.10 -44.55 -194.86
N ARG H 192 97.94 -44.47 -193.83
CA ARG H 192 97.75 -45.28 -192.63
C ARG H 192 97.63 -44.37 -191.42
N ARG H 193 96.59 -44.60 -190.61
CA ARG H 193 96.39 -43.89 -189.36
C ARG H 193 96.87 -44.76 -188.21
N PHE H 194 97.70 -44.19 -187.34
CA PHE H 194 98.19 -44.91 -186.18
C PHE H 194 97.12 -44.93 -185.08
N SER H 195 97.48 -45.54 -183.95
CA SER H 195 96.57 -45.92 -182.85
C SER H 195 95.45 -46.84 -183.32
N ASP H 196 95.66 -47.55 -184.42
CA ASP H 196 94.73 -48.54 -184.94
C ASP H 196 95.42 -49.86 -185.23
N PHE H 197 96.64 -49.83 -185.77
CA PHE H 197 97.41 -51.04 -185.99
C PHE H 197 98.37 -51.35 -184.85
N LEU H 198 98.36 -50.57 -183.77
CA LEU H 198 99.01 -51.08 -182.57
C LEU H 198 98.12 -52.12 -181.90
N GLY H 199 96.80 -52.07 -182.12
CA GLY H 199 95.96 -53.20 -181.77
C GLY H 199 96.25 -54.43 -182.62
N LEU H 200 96.60 -54.20 -183.89
CA LEU H 200 97.11 -55.28 -184.74
C LEU H 200 98.44 -55.80 -184.21
N TYR H 201 99.28 -54.89 -183.69
CA TYR H 201 100.53 -55.29 -183.05
C TYR H 201 100.28 -56.07 -181.76
N GLU H 202 99.20 -55.78 -181.06
CA GLU H 202 98.90 -56.57 -179.87
C GLU H 202 98.27 -57.92 -180.24
N LYS H 203 97.59 -57.99 -181.38
CA LYS H 203 97.20 -59.29 -181.92
C LYS H 203 98.43 -60.09 -182.30
N LEU H 204 99.45 -59.42 -182.86
CA LEU H 204 100.75 -60.03 -183.10
C LEU H 204 101.42 -60.44 -181.79
N SER H 205 101.21 -59.67 -180.73
CA SER H 205 101.80 -59.95 -179.43
C SER H 205 101.22 -61.23 -178.83
N GLU H 206 99.90 -61.34 -178.81
CA GLU H 206 99.27 -62.57 -178.33
C GLU H 206 99.53 -63.73 -179.28
N LYS H 207 99.69 -63.44 -180.59
CA LYS H 207 99.99 -64.48 -181.56
C LYS H 207 101.35 -65.11 -181.28
N HIS H 208 102.40 -64.30 -181.13
CA HIS H 208 103.69 -64.88 -180.81
C HIS H 208 103.77 -65.31 -179.36
N SER H 209 102.81 -64.94 -178.51
CA SER H 209 102.72 -65.60 -177.23
C SER H 209 102.29 -67.04 -177.40
N GLN H 210 101.29 -67.29 -178.26
CA GLN H 210 100.85 -68.68 -178.42
C GLN H 210 101.77 -69.51 -179.31
N ASN H 211 102.56 -68.89 -180.21
CA ASN H 211 103.35 -69.74 -181.10
C ASN H 211 104.83 -69.41 -181.14
N GLY H 212 105.31 -68.47 -180.32
CA GLY H 212 106.74 -68.23 -180.22
C GLY H 212 107.37 -67.55 -181.42
N PHE H 213 106.67 -66.61 -182.05
CA PHE H 213 107.21 -65.89 -183.18
C PHE H 213 107.94 -64.63 -182.70
N ILE H 214 108.28 -63.75 -183.64
CA ILE H 214 109.09 -62.57 -183.37
C ILE H 214 108.42 -61.34 -183.98
N VAL H 215 108.17 -60.33 -183.13
CA VAL H 215 107.53 -59.07 -183.58
C VAL H 215 108.62 -58.00 -183.70
N PRO H 216 108.40 -56.92 -184.48
CA PRO H 216 109.39 -55.83 -184.59
C PRO H 216 109.16 -54.67 -183.62
N PRO H 217 110.07 -53.66 -183.54
CA PRO H 217 109.87 -52.46 -182.71
C PRO H 217 108.47 -51.83 -182.70
N PRO H 218 108.08 -51.06 -181.67
CA PRO H 218 106.70 -50.56 -181.56
C PRO H 218 106.19 -49.62 -182.64
N PRO H 219 104.92 -49.77 -183.10
CA PRO H 219 104.31 -48.80 -184.02
C PRO H 219 103.66 -47.83 -183.03
N GLU H 220 104.47 -47.09 -182.26
CA GLU H 220 103.95 -46.19 -181.17
C GLU H 220 102.63 -45.52 -181.51
N LYS H 221 101.66 -45.59 -180.59
CA LYS H 221 100.32 -45.01 -180.83
C LYS H 221 100.21 -43.62 -180.22
N SER H 222 98.98 -43.14 -180.00
CA SER H 222 98.76 -41.79 -179.42
C SER H 222 98.20 -41.93 -178.00
N LEU H 223 97.28 -41.03 -177.60
CA LEU H 223 96.83 -40.98 -176.21
C LEU H 223 98.04 -41.02 -175.27
N ILE H 224 99.05 -40.24 -175.65
CA ILE H 224 100.31 -40.18 -174.92
C ILE H 224 100.67 -38.78 -174.48
N GLY H 225 100.07 -37.73 -175.07
CA GLY H 225 100.48 -36.37 -174.74
C GLY H 225 99.99 -35.93 -173.39
N MET H 226 98.75 -36.30 -173.05
CA MET H 226 98.16 -35.93 -171.77
C MET H 226 97.93 -37.12 -170.85
N THR H 227 98.15 -38.34 -171.34
CA THR H 227 97.98 -39.55 -170.55
C THR H 227 99.20 -40.44 -170.68
N LYS H 228 99.48 -41.21 -169.61
CA LYS H 228 100.36 -42.38 -169.57
C LYS H 228 101.84 -42.03 -169.67
N VAL H 229 102.17 -40.77 -169.96
CA VAL H 229 103.54 -40.30 -170.12
C VAL H 229 103.73 -39.16 -169.13
N LYS H 230 104.93 -39.07 -168.55
CA LYS H 230 105.21 -38.16 -167.44
C LYS H 230 106.30 -37.12 -167.70
N VAL H 231 106.22 -36.27 -168.75
CA VAL H 231 105.03 -35.94 -169.56
C VAL H 231 105.42 -35.82 -171.03
N GLY H 232 104.45 -35.45 -171.87
CA GLY H 232 104.72 -35.20 -173.28
C GLY H 232 104.16 -33.88 -173.79
N LYS H 233 104.87 -33.23 -174.71
CA LYS H 233 104.48 -31.92 -175.23
C LYS H 233 104.12 -32.03 -176.71
N GLU H 234 103.08 -31.30 -177.12
CA GLU H 234 102.53 -31.44 -178.46
C GLU H 234 103.12 -30.48 -179.48
N ASP H 235 103.59 -29.31 -179.05
CA ASP H 235 104.26 -28.41 -179.99
C ASP H 235 105.59 -28.99 -180.44
N SER H 236 106.29 -29.67 -179.55
CA SER H 236 107.44 -30.49 -179.94
C SER H 236 107.02 -31.76 -180.65
N SER H 237 105.77 -32.19 -180.50
CA SER H 237 105.33 -33.39 -181.19
C SER H 237 104.95 -33.13 -182.63
N SER H 238 104.44 -31.91 -182.90
CA SER H 238 103.64 -31.48 -184.06
C SER H 238 104.14 -31.98 -185.42
N ALA H 239 105.44 -32.12 -185.56
CA ALA H 239 105.99 -32.89 -186.67
C ALA H 239 107.07 -33.83 -186.14
N GLU H 240 107.69 -33.46 -185.03
CA GLU H 240 108.95 -34.09 -184.65
C GLU H 240 108.73 -35.41 -183.92
N PHE H 241 107.76 -35.49 -183.02
CA PHE H 241 107.49 -36.81 -182.46
C PHE H 241 106.80 -37.71 -183.46
N LEU H 242 106.18 -37.13 -184.48
CA LEU H 242 105.70 -37.91 -185.60
C LEU H 242 106.88 -38.46 -186.40
N GLU H 243 107.97 -37.70 -186.48
CA GLU H 243 109.21 -38.25 -187.03
C GLU H 243 109.80 -39.31 -186.13
N LYS H 244 109.57 -39.22 -184.82
CA LYS H 244 110.00 -40.30 -183.93
C LYS H 244 109.13 -41.55 -184.13
N ARG H 245 107.85 -41.36 -184.45
CA ARG H 245 107.01 -42.47 -184.89
C ARG H 245 107.56 -43.06 -186.18
N ARG H 246 108.03 -42.20 -187.08
CA ARG H 246 108.63 -42.68 -188.34
C ARG H 246 109.92 -43.46 -188.07
N ALA H 247 110.67 -43.08 -187.05
CA ALA H 247 111.90 -43.80 -186.70
C ALA H 247 111.57 -45.17 -186.11
N ALA H 248 110.60 -45.22 -185.18
CA ALA H 248 110.15 -46.50 -184.64
C ALA H 248 109.51 -47.37 -185.71
N LEU H 249 108.85 -46.75 -186.69
CA LEU H 249 108.27 -47.49 -187.80
C LEU H 249 109.34 -47.95 -188.78
N GLU H 250 110.43 -47.22 -188.91
CA GLU H 250 111.52 -47.70 -189.76
C GLU H 250 112.20 -48.90 -189.12
N ARG H 251 112.35 -48.87 -187.80
CA ARG H 251 112.89 -50.04 -187.11
C ARG H 251 111.91 -51.21 -187.14
N TYR H 252 110.61 -50.90 -187.09
CA TYR H 252 109.55 -51.86 -187.34
C TYR H 252 109.71 -52.53 -188.71
N LEU H 253 109.95 -51.72 -189.75
CA LEU H 253 110.10 -52.26 -191.10
C LEU H 253 111.35 -53.12 -191.23
N GLN H 254 112.45 -52.65 -190.65
CA GLN H 254 113.71 -53.40 -190.76
C GLN H 254 113.63 -54.73 -190.05
N ARG H 255 113.07 -54.75 -188.84
CA ARG H 255 113.02 -56.03 -188.13
C ARG H 255 111.85 -56.90 -188.56
N ILE H 256 110.83 -56.34 -189.23
CA ILE H 256 109.83 -57.22 -189.83
C ILE H 256 110.39 -57.82 -191.11
N VAL H 257 111.46 -57.24 -191.65
CA VAL H 257 112.15 -57.89 -192.79
C VAL H 257 113.10 -58.93 -192.17
N ASN H 258 113.57 -58.67 -190.94
CA ASN H 258 114.56 -59.57 -190.29
C ASN H 258 114.00 -60.96 -190.00
N HIS H 259 112.69 -61.10 -189.81
CA HIS H 259 112.10 -62.47 -189.70
C HIS H 259 111.46 -62.74 -191.08
N PRO H 260 112.15 -63.21 -192.16
CA PRO H 260 111.53 -63.26 -193.50
C PRO H 260 110.51 -64.36 -193.68
N THR H 261 110.71 -65.49 -192.99
CA THR H 261 109.69 -66.53 -193.00
C THR H 261 108.46 -66.10 -192.20
N MET H 262 108.69 -65.44 -191.07
CA MET H 262 107.59 -64.88 -190.30
C MET H 262 107.07 -63.59 -190.92
N LEU H 263 107.87 -62.93 -191.76
CA LEU H 263 107.34 -61.90 -192.65
C LEU H 263 106.37 -62.49 -193.66
N GLN H 264 106.54 -63.75 -194.03
CA GLN H 264 105.58 -64.43 -194.89
C GLN H 264 104.44 -65.05 -194.07
N ASP H 265 103.88 -64.23 -193.20
CA ASP H 265 102.53 -64.37 -192.68
C ASP H 265 101.78 -63.28 -193.44
N PRO H 266 101.27 -63.58 -194.64
CA PRO H 266 100.94 -62.51 -195.60
C PRO H 266 99.72 -61.71 -195.24
N ASP H 267 98.92 -62.15 -194.26
CA ASP H 267 97.73 -61.41 -193.86
C ASP H 267 98.08 -60.05 -193.29
N VAL H 268 99.06 -60.00 -192.37
CA VAL H 268 99.44 -58.73 -191.77
C VAL H 268 100.29 -57.89 -192.72
N ARG H 269 101.00 -58.52 -193.67
CA ARG H 269 101.71 -57.75 -194.67
C ARG H 269 100.73 -57.04 -195.60
N GLU H 270 99.68 -57.74 -196.02
CA GLU H 270 98.63 -57.09 -196.80
C GLU H 270 97.84 -56.11 -195.95
N PHE H 271 97.78 -56.31 -194.64
CA PHE H 271 97.16 -55.31 -193.77
C PHE H 271 97.97 -54.02 -193.75
N LEU H 272 99.29 -54.14 -193.76
CA LEU H 272 100.14 -52.96 -193.78
C LEU H 272 100.14 -52.27 -195.13
N GLU H 273 100.20 -53.02 -196.22
CA GLU H 273 100.33 -52.41 -197.55
C GLU H 273 99.00 -52.13 -198.22
N LYS H 274 97.88 -52.23 -197.51
CA LYS H 274 96.59 -51.81 -198.02
C LYS H 274 95.91 -50.88 -197.02
N GLU H 275 94.71 -50.42 -197.39
CA GLU H 275 93.96 -49.43 -196.62
C GLU H 275 92.57 -49.99 -196.36
N GLU H 276 92.34 -50.44 -195.13
CA GLU H 276 91.05 -50.96 -194.70
C GLU H 276 90.71 -50.44 -193.30
N LEU H 277 91.28 -49.29 -192.96
CA LEU H 277 91.51 -48.68 -191.65
C LEU H 277 90.36 -48.83 -190.66
N PRO H 278 90.64 -49.22 -189.42
CA PRO H 278 89.57 -49.35 -188.43
C PRO H 278 89.04 -48.00 -187.98
N ARG H 279 87.94 -48.05 -187.23
CA ARG H 279 87.27 -46.86 -186.75
C ARG H 279 87.97 -46.33 -185.50
N ALA H 280 87.40 -45.28 -184.89
CA ALA H 280 88.06 -44.50 -183.87
C ALA H 280 87.77 -44.99 -182.44
N VAL H 281 87.56 -46.29 -182.24
CA VAL H 281 87.22 -46.82 -180.92
C VAL H 281 88.46 -47.32 -180.20
N GLY H 282 89.64 -46.89 -180.66
CA GLY H 282 90.90 -47.41 -180.14
C GLY H 282 91.40 -46.85 -178.83
N THR H 283 90.51 -46.28 -178.01
CA THR H 283 90.87 -45.76 -176.68
C THR H 283 89.98 -46.46 -175.65
N GLN H 284 90.46 -47.55 -175.09
CA GLN H 284 89.74 -48.29 -174.06
C GLN H 284 90.73 -48.99 -173.16
N ALA H 285 90.22 -49.66 -172.12
CA ALA H 285 91.04 -50.40 -171.18
C ALA H 285 90.40 -51.76 -170.95
N LEU H 286 91.05 -52.81 -171.45
CA LEU H 286 90.61 -54.20 -171.26
C LEU H 286 91.79 -55.12 -170.96
N SER H 287 92.67 -54.68 -170.06
CA SER H 287 93.93 -55.37 -169.78
C SER H 287 93.78 -56.46 -168.72
N GLY H 288 92.58 -57.05 -168.64
CA GLY H 288 92.30 -58.13 -167.70
C GLY H 288 93.16 -59.36 -167.88
N ALA H 289 93.74 -59.55 -169.07
CA ALA H 289 94.77 -60.58 -169.23
C ALA H 289 95.99 -60.29 -168.36
N GLY H 290 96.45 -59.03 -168.37
CA GLY H 290 97.52 -58.63 -167.47
C GLY H 290 97.11 -58.67 -166.01
N LEU H 291 95.82 -58.45 -165.73
CA LEU H 291 95.30 -58.67 -164.38
C LEU H 291 95.43 -60.14 -163.95
N LEU H 292 95.09 -61.07 -164.85
CA LEU H 292 95.27 -62.49 -164.53
C LEU H 292 96.73 -62.88 -164.42
N LYS H 293 97.62 -62.19 -165.14
CA LYS H 293 99.05 -62.38 -164.93
C LYS H 293 99.47 -61.95 -163.53
N MET H 294 98.92 -60.81 -163.08
CA MET H 294 99.18 -60.35 -161.71
C MET H 294 98.58 -61.31 -160.67
N PHE H 295 97.46 -61.97 -161.00
CA PHE H 295 96.94 -63.02 -160.12
C PHE H 295 97.86 -64.23 -160.08
N ASN H 296 98.39 -64.66 -161.23
CA ASN H 296 99.20 -65.86 -161.28
C ASN H 296 100.64 -65.62 -160.82
N LYS H 297 101.01 -64.36 -160.59
CA LYS H 297 102.32 -64.03 -160.02
C LYS H 297 102.56 -64.69 -158.66
N ALA H 298 101.48 -64.92 -157.89
CA ALA H 298 101.63 -65.60 -156.61
C ALA H 298 102.03 -67.06 -156.80
N THR H 299 101.51 -67.72 -157.82
CA THR H 299 101.94 -69.08 -158.14
C THR H 299 103.36 -69.08 -158.72
N ASP H 300 103.70 -68.02 -159.45
CA ASP H 300 105.06 -67.88 -159.97
C ASP H 300 106.08 -67.78 -158.84
N ALA H 301 105.73 -67.02 -157.80
CA ALA H 301 106.63 -66.79 -156.67
C ALA H 301 106.88 -68.03 -155.84
N VAL H 302 106.01 -69.04 -155.91
CA VAL H 302 106.24 -70.29 -155.20
C VAL H 302 106.74 -71.41 -156.12
N SER H 303 106.62 -71.25 -157.43
CA SER H 303 107.12 -72.28 -158.34
C SER H 303 108.49 -71.95 -158.94
N LYS H 304 109.00 -70.72 -158.73
CA LYS H 304 110.21 -70.27 -159.44
C LYS H 304 111.46 -71.10 -159.12
N MET H 305 111.51 -71.76 -157.95
CA MET H 305 112.65 -72.63 -157.66
C MET H 305 112.63 -73.90 -158.53
N THR H 306 111.45 -74.52 -158.66
CA THR H 306 111.28 -75.66 -159.54
C THR H 306 111.46 -75.28 -161.00
N ILE H 307 111.26 -74.00 -161.34
CA ILE H 307 111.76 -73.52 -162.63
C ILE H 307 113.29 -73.52 -162.64
N LYS H 308 113.91 -72.99 -161.58
CA LYS H 308 115.36 -72.80 -161.52
C LYS H 308 116.17 -74.10 -161.47
N MET H 309 115.54 -75.26 -161.33
CA MET H 309 116.32 -76.50 -161.34
C MET H 309 116.78 -76.94 -162.73
N ASN H 310 116.46 -76.19 -163.79
CA ASN H 310 116.77 -76.59 -165.16
C ASN H 310 118.23 -76.28 -165.52
N GLU H 311 118.54 -76.33 -166.82
CA GLU H 311 119.88 -76.11 -167.34
C GLU H 311 119.97 -74.97 -168.35
N SER H 312 118.90 -74.69 -169.11
CA SER H 312 118.95 -73.59 -170.06
C SER H 312 118.97 -72.24 -169.35
N ASP H 313 118.28 -72.14 -168.21
CA ASP H 313 118.34 -70.91 -167.42
C ASP H 313 119.68 -70.77 -166.74
N ILE H 314 120.44 -71.86 -166.60
CA ILE H 314 121.83 -71.74 -166.16
C ILE H 314 122.67 -71.10 -167.26
N TRP H 315 122.27 -71.26 -168.52
CA TRP H 315 122.87 -70.48 -169.58
C TRP H 315 122.30 -69.06 -169.63
N PHE H 316 121.10 -68.85 -169.07
CA PHE H 316 120.38 -67.60 -169.31
C PHE H 316 120.49 -66.57 -168.20
N GLU H 317 120.63 -66.97 -166.94
CA GLU H 317 120.38 -66.05 -165.83
C GLU H 317 121.50 -65.04 -165.65
N GLU H 318 122.68 -65.31 -166.23
CA GLU H 318 123.75 -64.33 -166.29
C GLU H 318 123.29 -63.11 -167.06
N LYS H 319 122.58 -63.33 -168.16
CA LYS H 319 122.00 -62.24 -168.92
C LYS H 319 120.91 -61.53 -168.13
N LEU H 320 120.22 -62.26 -167.24
CA LEU H 320 119.18 -61.65 -166.42
C LEU H 320 119.75 -60.66 -165.42
N GLN H 321 120.75 -61.08 -164.64
CA GLN H 321 121.38 -60.19 -163.67
C GLN H 321 122.15 -59.07 -164.36
N GLU H 322 122.79 -59.40 -165.48
CA GLU H 322 123.51 -58.40 -166.28
C GLU H 322 122.57 -57.34 -166.81
N VAL H 323 121.42 -57.75 -167.35
CA VAL H 323 120.49 -56.78 -167.90
C VAL H 323 119.77 -56.05 -166.77
N GLU H 324 119.75 -56.61 -165.55
CA GLU H 324 119.21 -55.88 -164.41
C GLU H 324 120.11 -54.71 -164.04
N CYS H 325 121.42 -54.95 -163.92
CA CYS H 325 122.30 -53.83 -163.61
C CYS H 325 122.39 -52.85 -164.79
N GLU H 326 122.27 -53.36 -166.01
CA GLU H 326 122.23 -52.50 -167.18
C GLU H 326 120.98 -51.61 -167.20
N GLU H 327 119.81 -52.18 -166.87
CA GLU H 327 118.59 -51.38 -166.90
C GLU H 327 118.56 -50.36 -165.79
N GLN H 328 119.15 -50.70 -164.63
CA GLN H 328 119.27 -49.73 -163.55
C GLN H 328 120.15 -48.55 -163.95
N ARG H 329 121.31 -48.85 -164.53
CA ARG H 329 122.24 -47.73 -164.87
C ARG H 329 121.76 -46.99 -166.13
N LEU H 330 120.94 -47.62 -166.98
CA LEU H 330 120.42 -46.85 -168.15
C LEU H 330 119.18 -46.03 -167.76
N ARG H 331 118.39 -46.46 -166.77
CA ARG H 331 117.26 -45.58 -166.34
C ARG H 331 117.84 -44.39 -165.58
N LYS H 332 118.96 -44.59 -164.88
CA LYS H 332 119.60 -43.47 -164.20
C LYS H 332 120.24 -42.51 -165.21
N LEU H 333 120.97 -43.04 -166.20
CA LEU H 333 121.55 -42.21 -167.24
C LEU H 333 120.46 -41.51 -168.08
N HIS H 334 119.21 -42.24 -168.40
CA HIS H 334 118.02 -41.64 -169.02
C HIS H 334 117.57 -40.39 -168.27
N ALA H 335 117.47 -40.51 -166.94
CA ALA H 335 117.03 -39.40 -166.11
C ALA H 335 118.01 -38.23 -166.14
N VAL H 336 119.31 -38.52 -166.07
CA VAL H 336 120.28 -37.42 -166.07
C VAL H 336 120.43 -36.80 -167.48
N VAL H 337 120.24 -37.59 -168.54
CA VAL H 337 120.20 -37.08 -169.90
C VAL H 337 119.02 -36.12 -170.09
N GLU H 338 117.83 -36.51 -169.61
CA GLU H 338 116.69 -35.61 -169.73
C GLU H 338 116.82 -34.42 -168.79
N THR H 339 117.59 -34.55 -167.72
CA THR H 339 117.94 -33.40 -166.90
C THR H 339 118.81 -32.41 -167.68
N LEU H 340 119.73 -32.92 -168.51
CA LEU H 340 120.46 -32.02 -169.40
C LEU H 340 119.57 -31.41 -170.46
N VAL H 341 118.57 -32.16 -170.93
CA VAL H 341 117.65 -31.65 -171.94
C VAL H 341 116.82 -30.50 -171.37
N ASN H 342 116.41 -30.62 -170.10
CA ASN H 342 115.80 -29.49 -169.40
C ASN H 342 116.82 -28.33 -169.23
N HIS H 343 118.19 -28.70 -168.76
CA HIS H 343 119.29 -27.75 -168.46
C HIS H 343 119.60 -26.81 -169.60
N ARG H 344 119.64 -27.36 -170.83
CA ARG H 344 120.08 -26.59 -171.99
C ARG H 344 119.09 -25.47 -172.32
N LYS H 345 117.83 -25.59 -171.90
CA LYS H 345 116.83 -24.57 -172.26
C LYS H 345 117.10 -23.27 -171.52
N GLU H 346 117.32 -23.33 -170.21
CA GLU H 346 117.72 -22.14 -169.51
C GLU H 346 119.16 -21.74 -169.81
N LEU H 347 120.01 -22.69 -170.27
CA LEU H 347 121.30 -22.30 -170.84
C LEU H 347 121.12 -21.37 -172.04
N ALA H 348 120.24 -21.77 -172.97
CA ALA H 348 120.03 -21.03 -174.20
C ALA H 348 119.34 -19.70 -173.93
N LEU H 349 118.37 -19.70 -173.01
CA LEU H 349 117.71 -18.44 -172.64
C LEU H 349 118.67 -17.51 -171.91
N ASN H 350 119.55 -18.05 -171.09
CA ASN H 350 120.54 -17.26 -170.36
C ASN H 350 121.54 -16.61 -171.31
N THR H 351 122.08 -17.37 -172.25
CA THR H 351 123.02 -16.79 -173.22
C THR H 351 122.35 -15.91 -174.27
N ALA H 352 121.08 -16.18 -174.60
CA ALA H 352 120.34 -15.29 -175.49
C ALA H 352 120.06 -13.95 -174.82
N LEU H 353 119.68 -13.97 -173.54
CA LEU H 353 119.53 -12.73 -172.81
C LEU H 353 120.86 -12.05 -172.53
N PHE H 354 121.96 -12.80 -172.53
CA PHE H 354 123.28 -12.18 -172.54
C PHE H 354 123.54 -11.40 -173.81
N ALA H 355 123.19 -11.97 -174.96
CA ALA H 355 123.36 -11.25 -176.23
C ALA H 355 122.43 -10.03 -176.29
N LYS H 356 121.21 -10.19 -175.76
CA LYS H 356 120.31 -9.05 -175.65
C LYS H 356 120.82 -7.98 -174.71
N SER H 357 121.49 -8.36 -173.62
CA SER H 357 122.07 -7.38 -172.71
C SER H 357 123.33 -6.75 -173.28
N LEU H 358 124.03 -7.47 -174.15
CA LEU H 358 125.09 -6.86 -174.96
C LEU H 358 124.50 -5.76 -175.82
N ALA H 359 123.39 -6.07 -176.51
CA ALA H 359 122.71 -5.08 -177.33
C ALA H 359 122.16 -3.91 -176.49
N MET H 360 121.78 -4.18 -175.24
CA MET H 360 121.34 -3.12 -174.35
C MET H 360 122.51 -2.21 -173.96
N LEU H 361 123.51 -2.79 -173.30
CA LEU H 361 124.59 -2.00 -172.71
C LEU H 361 125.57 -1.48 -173.75
N GLY H 362 125.45 -1.91 -175.00
CA GLY H 362 126.20 -1.27 -176.07
C GLY H 362 125.60 0.03 -176.56
N SER H 363 124.50 0.46 -175.96
CA SER H 363 123.99 1.79 -176.22
C SER H 363 124.69 2.81 -175.34
N SER H 364 124.40 4.09 -175.61
CA SER H 364 124.91 5.25 -174.85
C SER H 364 126.43 5.32 -174.86
N GLU H 365 127.03 4.92 -175.99
CA GLU H 365 128.48 4.91 -176.12
C GLU H 365 128.83 5.06 -177.60
N ASP H 366 129.97 5.72 -177.84
CA ASP H 366 130.52 5.84 -179.20
C ASP H 366 131.92 5.25 -179.18
N ASN H 367 131.99 3.92 -179.30
CA ASN H 367 133.22 3.17 -179.50
C ASN H 367 132.98 2.12 -180.56
N THR H 368 132.46 2.58 -181.72
CA THR H 368 131.73 1.82 -182.74
C THR H 368 132.28 0.45 -183.13
N ALA H 369 133.57 0.22 -182.90
CA ALA H 369 134.11 -1.14 -182.88
C ALA H 369 133.36 -2.00 -181.88
N LEU H 370 132.97 -1.44 -180.73
CA LEU H 370 132.12 -2.17 -179.79
C LEU H 370 130.75 -2.45 -180.38
N SER H 371 130.23 -1.55 -181.23
CA SER H 371 128.94 -1.79 -181.86
C SER H 371 129.00 -2.93 -182.87
N ARG H 372 130.08 -2.97 -183.67
CA ARG H 372 130.30 -4.11 -184.55
C ARG H 372 130.54 -5.40 -183.77
N ALA H 373 131.17 -5.29 -182.59
CA ALA H 373 131.39 -6.44 -181.73
C ALA H 373 130.06 -6.99 -181.21
N LEU H 374 129.13 -6.11 -180.82
CA LEU H 374 127.75 -6.50 -180.52
C LEU H 374 127.10 -7.22 -181.68
N SER H 375 127.13 -6.59 -182.87
CA SER H 375 126.42 -7.12 -184.04
C SER H 375 126.98 -8.44 -184.53
N GLN H 376 128.24 -8.74 -184.22
CA GLN H 376 128.85 -10.02 -184.58
C GLN H 376 128.71 -11.07 -183.48
N LEU H 377 128.86 -10.66 -182.21
CA LEU H 377 128.78 -11.55 -181.07
C LEU H 377 127.38 -12.08 -180.81
N ALA H 378 126.34 -11.25 -180.99
CA ALA H 378 124.98 -11.72 -180.77
C ALA H 378 124.63 -12.85 -181.75
N GLU H 379 124.98 -12.69 -183.01
CA GLU H 379 124.64 -13.71 -183.99
C GLU H 379 125.53 -14.95 -183.88
N VAL H 380 126.81 -14.82 -183.49
CA VAL H 380 127.57 -16.06 -183.33
C VAL H 380 127.18 -16.79 -182.05
N GLU H 381 126.73 -16.05 -181.02
CA GLU H 381 126.13 -16.68 -179.85
C GLU H 381 124.87 -17.44 -180.25
N GLU H 382 124.07 -16.87 -181.14
CA GLU H 382 122.87 -17.57 -181.58
C GLU H 382 123.21 -18.79 -182.42
N LYS H 383 124.33 -18.75 -183.17
CA LYS H 383 124.80 -19.94 -183.88
C LYS H 383 125.17 -21.06 -182.93
N ILE H 384 125.94 -20.73 -181.88
CA ILE H 384 126.30 -21.71 -180.85
C ILE H 384 125.06 -22.22 -180.13
N GLU H 385 124.10 -21.31 -179.91
CA GLU H 385 122.84 -21.62 -179.26
C GLU H 385 122.05 -22.67 -180.02
N GLN H 386 121.80 -22.40 -181.31
CA GLN H 386 121.04 -23.35 -182.12
C GLN H 386 121.82 -24.65 -182.35
N LEU H 387 123.15 -24.58 -182.39
CA LEU H 387 123.97 -25.77 -182.61
C LEU H 387 123.83 -26.75 -181.44
N HIS H 388 124.19 -26.31 -180.23
CA HIS H 388 124.09 -27.24 -179.12
C HIS H 388 122.65 -27.48 -178.72
N GLN H 389 121.73 -26.59 -179.13
CA GLN H 389 120.31 -26.84 -178.90
C GLN H 389 119.80 -28.00 -179.74
N GLU H 390 120.12 -28.01 -181.04
CA GLU H 390 119.63 -29.10 -181.87
C GLU H 390 120.29 -30.42 -181.53
N GLN H 391 121.58 -30.39 -181.16
CA GLN H 391 122.22 -31.62 -180.69
C GLN H 391 121.55 -32.11 -179.39
N ALA H 392 121.51 -31.21 -178.40
CA ALA H 392 121.05 -31.44 -177.03
C ALA H 392 119.62 -31.93 -176.96
N ASN H 393 118.74 -31.50 -177.87
CA ASN H 393 117.48 -32.21 -177.86
C ASN H 393 117.60 -33.50 -178.66
N ASN H 394 117.81 -33.40 -180.00
CA ASN H 394 117.32 -34.45 -180.89
C ASN H 394 118.00 -35.79 -180.64
N ASP H 395 119.33 -35.76 -180.42
CA ASP H 395 119.96 -37.06 -180.27
C ASP H 395 119.78 -37.63 -178.88
N PHE H 396 119.70 -36.77 -177.88
CA PHE H 396 119.53 -37.22 -176.51
C PHE H 396 118.17 -37.86 -176.31
N PHE H 397 117.11 -37.21 -176.81
CA PHE H 397 115.74 -37.77 -176.59
C PHE H 397 115.49 -38.94 -177.54
N LEU H 398 116.28 -39.04 -178.63
CA LEU H 398 116.14 -40.20 -179.54
C LEU H 398 116.82 -41.40 -178.89
N LEU H 399 118.02 -41.20 -178.33
CA LEU H 399 118.72 -42.29 -177.61
C LEU H 399 117.86 -42.67 -176.41
N ALA H 400 117.09 -41.71 -175.88
CA ALA H 400 116.20 -41.99 -174.75
C ALA H 400 115.01 -42.86 -175.18
N GLU H 401 114.41 -42.55 -176.34
CA GLU H 401 113.36 -43.41 -176.89
C GLU H 401 113.91 -44.78 -177.25
N LEU H 402 115.16 -44.83 -177.73
CA LEU H 402 115.83 -46.08 -178.06
C LEU H 402 115.96 -46.99 -176.84
N LEU H 403 116.48 -46.44 -175.74
CA LEU H 403 116.56 -47.22 -174.52
C LEU H 403 115.17 -47.50 -173.93
N SER H 404 114.19 -46.63 -174.19
CA SER H 404 112.86 -46.81 -173.61
C SER H 404 112.13 -47.99 -174.26
N ASP H 405 112.03 -48.01 -175.59
CA ASP H 405 111.41 -49.19 -176.18
C ASP H 405 112.34 -50.40 -176.16
N TYR H 406 113.64 -50.20 -175.91
CA TYR H 406 114.50 -51.32 -175.56
C TYR H 406 114.08 -51.95 -174.22
N ILE H 407 113.77 -51.12 -173.23
CA ILE H 407 113.22 -51.59 -171.96
C ILE H 407 111.87 -52.26 -172.17
N ARG H 408 111.08 -51.75 -173.12
CA ARG H 408 109.81 -52.40 -173.48
C ARG H 408 110.06 -53.80 -174.04
N LEU H 409 111.08 -53.92 -174.90
CA LEU H 409 111.48 -55.21 -175.45
C LEU H 409 111.97 -56.15 -174.35
N LEU H 410 112.68 -55.61 -173.37
CA LEU H 410 113.11 -56.40 -172.23
C LEU H 410 111.93 -56.90 -171.41
N ALA H 411 110.93 -56.04 -171.21
CA ALA H 411 109.76 -56.45 -170.44
C ALA H 411 108.95 -57.50 -171.18
N ILE H 412 108.82 -57.38 -172.51
CA ILE H 412 108.06 -58.39 -173.22
C ILE H 412 108.84 -59.70 -173.37
N VAL H 413 110.18 -59.68 -173.31
CA VAL H 413 110.84 -60.99 -173.29
C VAL H 413 110.87 -61.59 -171.88
N ARG H 414 110.80 -60.75 -170.82
CA ARG H 414 110.47 -61.26 -169.49
C ARG H 414 109.16 -62.01 -169.53
N ALA H 415 108.13 -61.39 -170.11
CA ALA H 415 106.83 -62.03 -170.25
C ALA H 415 106.88 -63.24 -171.17
N ALA H 416 107.82 -63.26 -172.13
CA ALA H 416 107.97 -64.41 -173.02
C ALA H 416 108.44 -65.65 -172.27
N PHE H 417 109.52 -65.53 -171.49
CA PHE H 417 109.83 -66.75 -170.74
C PHE H 417 108.95 -66.92 -169.51
N ASP H 418 108.15 -65.92 -169.13
CA ASP H 418 107.08 -66.18 -168.18
C ASP H 418 106.00 -67.06 -168.79
N GLN H 419 105.69 -66.87 -170.06
CA GLN H 419 104.78 -67.78 -170.76
C GLN H 419 105.39 -69.16 -170.91
N ARG H 420 106.71 -69.22 -171.15
CA ARG H 420 107.41 -70.49 -171.14
C ARG H 420 107.33 -71.17 -169.77
N MET H 421 107.41 -70.38 -168.70
CA MET H 421 107.22 -70.88 -167.34
C MET H 421 105.82 -71.42 -167.12
N LYS H 422 104.81 -70.71 -167.64
CA LYS H 422 103.43 -71.14 -167.45
C LYS H 422 103.14 -72.43 -168.20
N THR H 423 103.64 -72.55 -169.43
CA THR H 423 103.50 -73.80 -170.15
C THR H 423 104.36 -74.91 -169.55
N TRP H 424 105.48 -74.55 -168.91
CA TRP H 424 106.28 -75.50 -168.17
C TRP H 424 105.47 -76.14 -167.04
N GLN H 425 104.86 -75.30 -166.20
CA GLN H 425 104.05 -75.86 -165.13
C GLN H 425 102.76 -76.50 -165.64
N ARG H 426 102.30 -76.12 -166.84
CA ARG H 426 101.20 -76.84 -167.49
C ARG H 426 101.55 -78.29 -167.76
N TRP H 427 102.67 -78.54 -168.45
CA TRP H 427 103.00 -79.96 -168.67
C TRP H 427 103.47 -80.63 -167.38
N GLN H 428 103.98 -79.84 -166.42
CA GLN H 428 104.41 -80.39 -165.14
C GLN H 428 103.25 -80.98 -164.36
N ASP H 429 102.21 -80.17 -164.09
CA ASP H 429 101.08 -80.73 -163.38
C ASP H 429 100.23 -81.63 -164.26
N ALA H 430 100.36 -81.51 -165.59
CA ALA H 430 99.73 -82.48 -166.48
C ALA H 430 100.29 -83.88 -166.28
N GLN H 431 101.63 -84.02 -166.28
CA GLN H 431 102.21 -85.34 -166.06
C GLN H 431 102.04 -85.80 -164.61
N ALA H 432 101.99 -84.85 -163.67
CA ALA H 432 101.74 -85.20 -162.26
C ALA H 432 100.36 -85.83 -162.10
N THR H 433 99.31 -85.12 -162.54
CA THR H 433 97.96 -85.66 -162.47
C THR H 433 97.79 -86.90 -163.33
N LEU H 434 98.51 -86.97 -164.46
CA LEU H 434 98.57 -88.16 -165.30
C LEU H 434 98.97 -89.39 -164.48
N GLN H 435 100.15 -89.32 -163.86
CA GLN H 435 100.67 -90.43 -163.06
C GLN H 435 99.71 -90.80 -161.93
N LYS H 436 99.23 -89.79 -161.20
CA LYS H 436 98.39 -90.03 -160.02
C LYS H 436 97.05 -90.67 -160.40
N LYS H 437 96.22 -89.96 -161.18
CA LYS H 437 94.88 -90.48 -161.39
C LYS H 437 94.88 -91.62 -162.40
N ARG H 438 95.87 -91.71 -163.29
CA ARG H 438 95.91 -92.81 -164.23
C ARG H 438 96.38 -94.09 -163.56
N GLU H 439 97.29 -94.01 -162.57
CA GLU H 439 97.57 -95.23 -161.83
C GLU H 439 96.45 -95.56 -160.85
N SER H 440 95.70 -94.56 -160.36
CA SER H 440 94.54 -94.88 -159.54
C SER H 440 93.46 -95.59 -160.36
N GLU H 441 93.35 -95.26 -161.65
CA GLU H 441 92.53 -96.05 -162.56
C GLU H 441 93.12 -97.44 -162.78
N ALA H 442 94.45 -97.53 -162.92
CA ALA H 442 95.08 -98.78 -163.29
C ALA H 442 95.07 -99.82 -162.17
N ARG H 443 95.13 -99.39 -160.91
CA ARG H 443 95.25 -100.33 -159.80
C ARG H 443 93.95 -101.06 -159.47
N LEU H 444 92.83 -100.67 -160.08
CA LEU H 444 91.55 -101.33 -159.84
C LEU H 444 91.20 -102.33 -160.93
N LEU H 445 92.20 -103.03 -161.46
CA LEU H 445 92.03 -103.91 -162.61
C LEU H 445 91.25 -105.19 -162.30
N TRP H 446 91.30 -105.69 -161.06
CA TRP H 446 90.64 -106.94 -160.74
C TRP H 446 89.15 -106.80 -160.52
N ALA H 447 88.65 -105.57 -160.40
CA ALA H 447 87.25 -105.32 -160.72
C ALA H 447 87.14 -105.53 -162.22
N ASN H 448 86.58 -106.67 -162.62
CA ASN H 448 86.81 -107.23 -163.95
C ASN H 448 86.05 -106.42 -165.01
N LYS H 449 86.64 -105.28 -165.35
CA LYS H 449 86.18 -104.45 -166.46
C LYS H 449 87.43 -103.91 -167.16
N PRO H 450 87.88 -104.58 -168.23
CA PRO H 450 89.13 -104.16 -168.89
C PRO H 450 89.00 -102.90 -169.72
N ASP H 451 87.79 -102.37 -169.89
CA ASP H 451 87.61 -101.14 -170.66
C ASP H 451 88.24 -99.95 -169.95
N LYS H 452 88.21 -99.96 -168.61
CA LYS H 452 88.91 -98.95 -167.83
C LYS H 452 90.42 -99.04 -168.06
N LEU H 453 90.93 -100.27 -168.17
CA LEU H 453 92.35 -100.46 -168.46
C LEU H 453 92.70 -99.97 -169.87
N GLN H 454 91.78 -100.17 -170.82
CA GLN H 454 92.02 -99.72 -172.19
C GLN H 454 92.02 -98.20 -172.28
N GLN H 455 91.06 -97.55 -171.64
CA GLN H 455 91.03 -96.09 -171.68
C GLN H 455 92.16 -95.47 -170.87
N ALA H 456 92.58 -96.13 -169.78
CA ALA H 456 93.74 -95.64 -169.03
C ALA H 456 95.03 -95.81 -169.83
N LYS H 457 95.13 -96.89 -170.61
CA LYS H 457 96.28 -97.07 -171.49
C LYS H 457 96.31 -96.02 -172.58
N ASP H 458 95.15 -95.70 -173.16
CA ASP H 458 95.08 -94.65 -174.17
C ASP H 458 95.44 -93.30 -173.58
N GLU H 459 94.97 -93.04 -172.36
CA GLU H 459 95.30 -91.81 -171.65
C GLU H 459 96.80 -91.67 -171.42
N ILE H 460 97.42 -92.69 -170.81
CA ILE H 460 98.86 -92.61 -170.52
C ILE H 460 99.67 -92.52 -171.81
N THR H 461 99.25 -93.23 -172.86
CA THR H 461 100.03 -93.29 -174.10
C THR H 461 99.99 -91.96 -174.85
N GLU H 462 98.79 -91.52 -175.24
CA GLU H 462 98.68 -90.29 -176.04
C GLU H 462 99.04 -89.06 -175.21
N TRP H 463 98.75 -89.08 -173.91
CA TRP H 463 99.04 -87.95 -173.06
C TRP H 463 100.54 -87.82 -172.82
N GLU H 464 101.28 -88.93 -172.65
CA GLU H 464 102.73 -88.81 -172.52
C GLU H 464 103.37 -88.43 -173.84
N SER H 465 102.79 -88.89 -174.97
CA SER H 465 103.33 -88.53 -176.27
C SER H 465 103.23 -87.02 -176.51
N ARG H 466 102.07 -86.44 -176.20
CA ARG H 466 101.91 -85.02 -176.41
C ARG H 466 102.68 -84.20 -175.38
N VAL H 467 102.85 -84.69 -174.15
CA VAL H 467 103.61 -83.93 -173.15
C VAL H 467 105.10 -83.93 -173.48
N THR H 468 105.64 -85.08 -173.90
CA THR H 468 107.04 -85.11 -174.34
C THR H 468 107.23 -84.28 -175.60
N GLN H 469 106.24 -84.29 -176.49
CA GLN H 469 106.22 -83.39 -177.63
C GLN H 469 106.27 -81.94 -177.20
N TYR H 470 105.53 -81.61 -176.13
CA TYR H 470 105.51 -80.26 -175.60
C TYR H 470 106.87 -79.84 -175.08
N GLU H 471 107.55 -80.72 -174.32
CA GLU H 471 108.80 -80.23 -173.73
C GLU H 471 109.94 -80.18 -174.74
N ARG H 472 109.99 -81.06 -175.77
CA ARG H 472 111.07 -80.80 -176.70
C ARG H 472 110.70 -79.71 -177.71
N ASP H 473 109.41 -79.42 -177.89
CA ASP H 473 109.05 -78.19 -178.57
C ASP H 473 109.39 -76.96 -177.74
N PHE H 474 109.43 -77.11 -176.42
CA PHE H 474 109.88 -76.01 -175.57
C PHE H 474 111.39 -75.84 -175.68
N GLU H 475 112.10 -76.95 -175.90
CA GLU H 475 113.50 -76.86 -176.30
C GLU H 475 113.65 -76.14 -177.63
N ARG H 476 112.73 -76.41 -178.57
CA ARG H 476 112.76 -75.74 -179.87
C ARG H 476 112.51 -74.25 -179.75
N ILE H 477 111.56 -73.86 -178.91
CA ILE H 477 111.29 -72.43 -178.77
C ILE H 477 112.39 -71.77 -177.95
N SER H 478 113.09 -72.53 -177.09
CA SER H 478 114.27 -71.99 -176.42
C SER H 478 115.38 -71.72 -177.42
N THR H 479 115.55 -72.61 -178.40
CA THR H 479 116.55 -72.39 -179.44
C THR H 479 116.19 -71.19 -180.31
N VAL H 480 114.90 -71.02 -180.66
CA VAL H 480 114.58 -69.87 -181.51
C VAL H 480 114.62 -68.58 -180.69
N VAL H 481 114.42 -68.66 -179.38
CA VAL H 481 114.66 -67.52 -178.50
C VAL H 481 116.14 -67.17 -178.47
N ARG H 482 117.01 -68.18 -178.47
CA ARG H 482 118.45 -67.90 -178.46
C ARG H 482 118.93 -67.32 -179.79
N LYS H 483 118.34 -67.75 -180.90
CA LYS H 483 118.62 -67.10 -182.18
C LYS H 483 118.10 -65.66 -182.19
N GLU H 484 116.95 -65.42 -181.54
CA GLU H 484 116.48 -64.06 -181.37
C GLU H 484 117.39 -63.27 -180.42
N VAL H 485 118.04 -63.95 -179.49
CA VAL H 485 119.00 -63.30 -178.60
C VAL H 485 120.21 -62.82 -179.38
N THR H 486 120.71 -63.69 -180.26
CA THR H 486 121.76 -63.30 -181.20
C THR H 486 121.31 -62.14 -182.09
N ARG H 487 120.03 -62.14 -182.47
CA ARG H 487 119.47 -61.04 -183.26
C ARG H 487 119.46 -59.74 -182.45
N PHE H 488 119.15 -59.78 -181.16
CA PHE H 488 119.14 -58.48 -180.51
C PHE H 488 120.50 -58.09 -179.93
N GLU H 489 121.48 -59.00 -179.86
CA GLU H 489 122.84 -58.48 -179.76
C GLU H 489 123.30 -57.88 -181.08
N LYS H 490 122.75 -58.35 -182.20
CA LYS H 490 123.02 -57.65 -183.46
C LYS H 490 122.39 -56.26 -183.46
N GLU H 491 121.22 -56.09 -182.86
CA GLU H 491 120.75 -54.71 -182.76
C GLU H 491 121.41 -53.94 -181.62
N LYS H 492 122.04 -54.61 -180.65
CA LYS H 492 122.98 -53.92 -179.78
C LYS H 492 124.12 -53.33 -180.59
N SER H 493 124.67 -54.12 -181.52
CA SER H 493 125.65 -53.59 -182.45
C SER H 493 125.09 -52.47 -183.30
N LYS H 494 123.81 -52.56 -183.67
CA LYS H 494 123.19 -51.56 -184.53
C LYS H 494 122.97 -50.24 -183.81
N ASP H 495 122.49 -50.27 -182.57
CA ASP H 495 122.23 -48.99 -181.91
C ASP H 495 123.48 -48.42 -181.25
N PHE H 496 124.45 -49.28 -180.92
CA PHE H 496 125.79 -48.77 -180.65
C PHE H 496 126.39 -48.13 -181.88
N LYS H 497 126.14 -48.69 -183.06
CA LYS H 497 126.51 -48.06 -184.31
C LYS H 497 125.73 -46.77 -184.54
N ASN H 498 124.50 -46.69 -184.03
CA ASN H 498 123.76 -45.44 -184.12
C ASN H 498 124.41 -44.35 -183.28
N HIS H 499 124.91 -44.70 -182.10
CA HIS H 499 125.69 -43.72 -181.35
C HIS H 499 127.05 -43.44 -182.02
N VAL H 500 127.62 -44.43 -182.69
CA VAL H 500 128.87 -44.24 -183.42
C VAL H 500 128.68 -43.26 -184.57
N MET H 501 127.63 -43.45 -185.38
CA MET H 501 127.34 -42.49 -186.44
C MET H 501 126.84 -41.17 -185.90
N LYS H 502 126.26 -41.17 -184.68
CA LYS H 502 125.96 -39.91 -184.00
C LYS H 502 127.22 -39.11 -183.74
N TYR H 503 128.24 -39.72 -183.13
CA TYR H 503 129.44 -38.94 -182.89
C TYR H 503 130.20 -38.68 -184.18
N LEU H 504 129.99 -39.54 -185.20
CA LEU H 504 130.55 -39.29 -186.52
C LEU H 504 129.99 -37.99 -187.11
N GLU H 505 128.66 -37.86 -187.17
CA GLU H 505 128.08 -36.60 -187.61
C GLU H 505 128.30 -35.47 -186.63
N THR H 506 128.53 -35.78 -185.35
CA THR H 506 128.78 -34.73 -184.37
C THR H 506 130.12 -34.07 -184.64
N LEU H 507 131.18 -34.88 -184.74
CA LEU H 507 132.49 -34.38 -185.12
C LEU H 507 132.47 -33.72 -186.48
N LEU H 508 131.76 -34.33 -187.45
CA LEU H 508 131.62 -33.75 -188.78
C LEU H 508 130.98 -32.37 -188.79
N HIS H 509 129.72 -32.26 -188.33
CA HIS H 509 129.03 -30.98 -188.47
C HIS H 509 129.58 -29.95 -187.49
N SER H 510 130.05 -30.41 -186.32
CA SER H 510 130.69 -29.52 -185.36
C SER H 510 131.95 -28.92 -185.95
N GLN H 511 132.81 -29.75 -186.53
CA GLN H 511 134.05 -29.28 -187.11
C GLN H 511 133.80 -28.39 -188.32
N GLN H 512 132.93 -28.83 -189.24
CA GLN H 512 132.75 -28.08 -190.48
C GLN H 512 132.03 -26.76 -190.24
N GLN H 513 130.97 -26.76 -189.43
CA GLN H 513 130.24 -25.53 -189.16
C GLN H 513 131.05 -24.59 -188.28
N LEU H 514 131.62 -25.13 -187.19
CA LEU H 514 132.42 -24.36 -186.24
C LEU H 514 133.63 -23.73 -186.91
N ALA H 515 134.51 -24.56 -187.47
CA ALA H 515 135.68 -24.06 -188.18
C ALA H 515 135.32 -23.31 -189.46
N LYS H 516 134.12 -23.52 -190.01
CA LYS H 516 133.68 -22.74 -191.16
C LYS H 516 133.43 -21.29 -190.76
N TYR H 517 132.71 -21.07 -189.66
CA TYR H 517 132.59 -19.66 -189.28
C TYR H 517 133.83 -19.14 -188.57
N TRP H 518 134.74 -20.03 -188.11
CA TRP H 518 136.07 -19.56 -187.73
C TRP H 518 136.83 -18.98 -188.93
N GLU H 519 136.91 -19.73 -190.02
CA GLU H 519 137.62 -19.27 -191.21
C GLU H 519 136.83 -18.26 -192.02
N ALA H 520 135.56 -18.04 -191.68
CA ALA H 520 134.78 -16.98 -192.29
C ALA H 520 134.70 -15.72 -191.43
N PHE H 521 135.02 -15.83 -190.14
CA PHE H 521 134.89 -14.70 -189.24
C PHE H 521 136.22 -14.20 -188.69
N LEU H 522 137.29 -14.97 -188.81
CA LEU H 522 138.63 -14.41 -188.62
C LEU H 522 139.07 -13.46 -189.74
N PRO H 523 138.82 -13.71 -191.04
CA PRO H 523 139.20 -12.69 -192.04
C PRO H 523 138.40 -11.41 -191.95
N GLU H 524 137.22 -11.42 -191.32
CA GLU H 524 136.62 -10.14 -190.99
C GLU H 524 137.12 -9.62 -189.65
N ALA H 525 137.61 -10.50 -188.78
CA ALA H 525 138.24 -10.06 -187.54
C ALA H 525 139.75 -9.89 -187.67
N LYS H 526 140.24 -9.56 -188.86
CA LYS H 526 141.60 -9.06 -188.99
C LYS H 526 141.76 -7.77 -188.19
N ALA H 527 141.05 -6.70 -188.61
CA ALA H 527 140.66 -5.66 -187.65
C ALA H 527 139.33 -5.05 -188.12
N ILE H 528 138.24 -5.74 -187.78
CA ILE H 528 136.84 -5.28 -187.73
C ILE H 528 136.20 -6.22 -186.71
N SER H 529 135.51 -5.67 -185.71
CA SER H 529 134.90 -6.53 -184.71
C SER H 529 133.52 -7.01 -185.13
N PHE I 150 97.69 -170.08 -148.10
CA PHE I 150 98.26 -168.75 -148.19
C PHE I 150 99.47 -168.64 -147.27
N ASP I 151 100.38 -167.72 -147.59
CA ASP I 151 101.65 -167.52 -146.89
C ASP I 151 101.49 -167.12 -145.44
N LEU I 152 100.36 -166.53 -145.05
CA LEU I 152 100.11 -166.14 -143.67
C LEU I 152 99.55 -167.36 -142.95
N THR I 153 100.40 -168.03 -142.17
CA THR I 153 100.01 -169.19 -141.37
C THR I 153 100.33 -168.87 -139.92
N VAL I 154 99.29 -168.55 -139.13
CA VAL I 154 99.47 -168.14 -137.75
C VAL I 154 98.65 -169.04 -136.83
N GLY I 155 98.85 -168.86 -135.53
CA GLY I 155 98.07 -169.57 -134.53
C GLY I 155 97.99 -168.80 -133.23
N ILE I 156 96.79 -168.55 -132.73
CA ILE I 156 96.56 -167.71 -131.56
C ILE I 156 95.85 -168.55 -130.51
N THR I 157 96.52 -168.78 -129.37
CA THR I 157 95.97 -169.61 -128.31
C THR I 157 96.15 -168.91 -126.97
N ASP I 158 95.80 -169.64 -125.90
CA ASP I 158 96.04 -169.36 -124.48
C ASP I 158 95.55 -167.98 -124.02
N PRO I 159 94.25 -167.81 -123.81
CA PRO I 159 93.78 -166.55 -123.22
C PRO I 159 94.17 -166.39 -121.76
N GLU I 160 95.40 -165.93 -121.54
CA GLU I 160 95.98 -165.86 -120.19
C GLU I 160 95.65 -164.50 -119.58
N LYS I 161 95.02 -164.53 -118.41
CA LYS I 161 94.58 -163.33 -117.72
C LYS I 161 95.73 -162.67 -116.96
N ILE I 162 95.58 -161.38 -116.68
CA ILE I 162 96.65 -160.58 -116.08
C ILE I 162 96.19 -160.19 -114.67
N GLY I 163 95.40 -161.05 -114.05
CA GLY I 163 94.95 -160.83 -112.69
C GLY I 163 93.45 -160.62 -112.63
N ASP I 164 93.03 -159.85 -111.63
CA ASP I 164 91.63 -159.62 -111.34
C ASP I 164 91.23 -158.20 -111.72
N GLY I 165 90.01 -158.07 -112.22
CA GLY I 165 89.44 -156.80 -112.62
C GLY I 165 88.25 -157.04 -113.53
N MET I 166 87.81 -155.97 -114.19
CA MET I 166 86.73 -156.04 -115.16
C MET I 166 87.18 -155.36 -116.45
N ASN I 167 87.37 -156.16 -117.50
CA ASN I 167 87.58 -155.72 -118.88
C ASN I 167 88.86 -154.90 -119.04
N ALA I 168 89.99 -155.50 -118.67
CA ALA I 168 91.27 -154.80 -118.80
C ALA I 168 92.24 -155.44 -119.77
N TYR I 169 92.70 -156.67 -119.50
CA TYR I 169 93.86 -157.21 -120.21
C TYR I 169 93.86 -158.73 -120.13
N VAL I 170 94.04 -159.39 -121.27
CA VAL I 170 94.24 -160.84 -121.36
C VAL I 170 95.35 -161.09 -122.38
N ALA I 171 96.36 -161.87 -121.96
CA ALA I 171 97.48 -162.17 -122.84
C ALA I 171 97.10 -163.23 -123.87
N TYR I 172 97.74 -163.16 -125.05
CA TYR I 172 97.47 -164.05 -126.16
C TYR I 172 98.75 -164.75 -126.59
N LYS I 173 98.77 -166.07 -126.53
CA LYS I 173 99.85 -166.83 -127.14
C LYS I 173 99.63 -166.88 -128.64
N VAL I 174 100.43 -166.11 -129.39
CA VAL I 174 100.27 -165.98 -130.82
C VAL I 174 101.49 -166.59 -131.49
N THR I 175 101.31 -167.74 -132.13
CA THR I 175 102.39 -168.38 -132.86
C THR I 175 102.25 -168.12 -134.36
N THR I 176 103.28 -167.56 -134.97
CA THR I 176 103.25 -167.13 -136.37
C THR I 176 104.30 -167.92 -137.15
N GLN I 177 103.85 -168.64 -138.17
CA GLN I 177 104.70 -169.46 -139.03
C GLN I 177 104.67 -168.96 -140.46
N THR I 178 104.78 -167.63 -140.63
CA THR I 178 104.46 -167.00 -141.90
C THR I 178 105.59 -167.20 -142.90
N SER I 179 105.23 -167.33 -144.18
CA SER I 179 106.16 -167.28 -145.30
C SER I 179 106.48 -165.83 -145.66
N LEU I 180 107.01 -165.59 -146.89
CA LEU I 180 107.30 -164.26 -147.43
C LEU I 180 108.34 -163.53 -146.60
N PRO I 181 109.65 -163.76 -146.87
CA PRO I 181 110.72 -163.56 -145.87
C PRO I 181 110.93 -162.17 -145.27
N MET I 182 110.04 -161.21 -145.57
CA MET I 182 109.88 -160.05 -144.71
C MET I 182 109.51 -160.46 -143.28
N PHE I 183 108.73 -161.52 -143.12
CA PHE I 183 108.69 -162.23 -141.85
C PHE I 183 110.02 -162.94 -141.66
N ARG I 184 110.58 -162.84 -140.44
CA ARG I 184 112.02 -163.01 -140.25
C ARG I 184 112.48 -164.44 -140.46
N SER I 185 112.02 -165.37 -139.61
CA SER I 185 112.69 -166.66 -139.51
C SER I 185 111.75 -167.85 -139.47
N ARG I 186 110.52 -167.73 -140.00
CA ARG I 186 109.54 -168.80 -140.21
C ARG I 186 109.03 -169.46 -138.92
N GLN I 187 109.51 -169.04 -137.76
CA GLN I 187 109.14 -169.65 -136.49
C GLN I 187 109.22 -168.57 -135.42
N PHE I 188 108.10 -167.87 -135.21
CA PHE I 188 107.95 -166.93 -134.11
C PHE I 188 106.72 -167.32 -133.31
N ALA I 189 106.75 -166.98 -132.02
CA ALA I 189 105.66 -167.24 -131.08
C ALA I 189 105.60 -166.06 -130.12
N VAL I 190 104.77 -165.08 -130.45
CA VAL I 190 104.73 -163.83 -129.68
C VAL I 190 103.60 -163.89 -128.66
N LYS I 191 103.85 -163.29 -127.50
CA LYS I 191 102.84 -163.13 -126.45
C LYS I 191 102.41 -161.67 -126.48
N ARG I 192 101.19 -161.41 -126.92
CA ARG I 192 100.72 -160.05 -127.13
C ARG I 192 99.47 -159.81 -126.29
N ARG I 193 99.47 -158.71 -125.55
CA ARG I 193 98.31 -158.29 -124.78
C ARG I 193 97.57 -157.19 -125.52
N PHE I 194 96.26 -157.36 -125.68
CA PHE I 194 95.46 -156.35 -126.35
C PHE I 194 95.16 -155.20 -125.40
N SER I 195 94.38 -154.23 -125.91
CA SER I 195 94.16 -152.91 -125.32
C SER I 195 95.45 -152.13 -125.11
N ASP I 196 96.49 -152.47 -125.87
CA ASP I 196 97.77 -151.77 -125.87
C ASP I 196 98.20 -151.39 -127.26
N PHE I 197 98.01 -152.28 -128.24
CA PHE I 197 98.31 -151.97 -129.63
C PHE I 197 97.11 -151.44 -130.40
N LEU I 198 95.96 -151.25 -129.76
CA LEU I 198 94.95 -150.42 -130.40
C LEU I 198 95.32 -148.95 -130.30
N GLY I 199 96.12 -148.58 -129.29
CA GLY I 199 96.75 -147.27 -129.32
C GLY I 199 97.78 -147.15 -130.44
N LEU I 200 98.48 -148.25 -130.73
CA LEU I 200 99.33 -148.31 -131.92
C LEU I 200 98.49 -148.20 -133.18
N TYR I 201 97.30 -148.81 -133.18
CA TYR I 201 96.37 -148.67 -134.30
C TYR I 201 95.85 -147.25 -134.43
N GLU I 202 95.73 -146.52 -133.33
CA GLU I 202 95.32 -145.13 -133.44
C GLU I 202 96.47 -144.24 -133.87
N LYS I 203 97.70 -144.63 -133.55
CA LYS I 203 98.85 -143.97 -134.15
C LYS I 203 98.88 -144.22 -135.66
N LEU I 204 98.52 -145.44 -136.07
CA LEU I 204 98.32 -145.75 -137.48
C LEU I 204 97.18 -144.93 -138.07
N SER I 205 96.14 -144.67 -137.28
CA SER I 205 94.99 -143.91 -137.75
C SER I 205 95.38 -142.46 -138.03
N GLU I 206 96.05 -141.82 -137.08
CA GLU I 206 96.53 -140.45 -137.32
C GLU I 206 97.61 -140.42 -138.39
N LYS I 207 98.40 -141.49 -138.50
CA LYS I 207 99.43 -141.58 -139.53
C LYS I 207 98.83 -141.57 -140.92
N HIS I 208 97.85 -142.45 -141.18
CA HIS I 208 97.23 -142.41 -142.49
C HIS I 208 96.27 -141.24 -142.63
N SER I 209 95.94 -140.55 -141.55
CA SER I 209 95.28 -139.25 -141.72
C SER I 209 96.26 -138.25 -142.33
N GLN I 210 97.50 -138.21 -141.86
CA GLN I 210 98.42 -137.24 -142.42
C GLN I 210 99.01 -137.66 -143.76
N ASN I 211 99.04 -138.96 -144.09
CA ASN I 211 99.69 -139.33 -145.35
C ASN I 211 98.85 -140.20 -146.28
N GLY I 212 97.60 -140.48 -145.93
CA GLY I 212 96.71 -141.18 -146.85
C GLY I 212 97.03 -142.64 -147.06
N PHE I 213 97.43 -143.35 -146.02
CA PHE I 213 97.72 -144.76 -146.13
C PHE I 213 96.46 -145.58 -145.83
N ILE I 214 96.64 -146.89 -145.64
CA ILE I 214 95.53 -147.82 -145.49
C ILE I 214 95.79 -148.72 -144.28
N VAL I 215 94.84 -148.71 -143.33
CA VAL I 215 94.95 -149.55 -142.10
C VAL I 215 94.05 -150.77 -142.27
N PRO I 216 94.28 -151.87 -141.52
CA PRO I 216 93.43 -153.07 -141.60
C PRO I 216 92.30 -153.10 -140.56
N PRO I 217 91.36 -154.07 -140.60
CA PRO I 217 90.31 -154.24 -139.56
C PRO I 217 90.74 -154.04 -138.10
N PRO I 218 89.80 -153.72 -137.17
CA PRO I 218 90.19 -153.38 -135.80
C PRO I 218 90.85 -154.46 -134.94
N PRO I 219 91.90 -154.12 -134.15
CA PRO I 219 92.47 -155.06 -133.20
C PRO I 219 91.62 -154.79 -131.95
N GLU I 220 90.33 -155.11 -131.98
CA GLU I 220 89.37 -154.79 -130.88
C GLU I 220 89.99 -154.87 -129.49
N LYS I 221 89.79 -153.83 -128.68
CA LYS I 221 90.39 -153.78 -127.33
C LYS I 221 89.38 -154.24 -126.28
N SER I 222 89.62 -153.90 -125.01
CA SER I 222 88.70 -154.30 -123.90
C SER I 222 87.96 -153.07 -123.37
N LEU I 223 87.72 -153.00 -122.05
CA LEU I 223 86.88 -151.95 -121.48
C LEU I 223 85.59 -151.85 -122.30
N ILE I 224 85.05 -153.02 -122.63
CA ILE I 224 83.85 -153.13 -123.45
C ILE I 224 82.73 -153.91 -122.77
N GLY I 225 83.03 -154.70 -121.74
CA GLY I 225 81.99 -155.54 -121.15
C GLY I 225 81.01 -154.75 -120.30
N MET I 226 81.52 -153.77 -119.55
CA MET I 226 80.68 -152.94 -118.70
C MET I 226 80.62 -151.50 -119.15
N THR I 227 81.40 -151.11 -120.15
CA THR I 227 81.40 -149.75 -120.69
C THR I 227 81.27 -149.79 -122.20
N LYS I 228 80.66 -148.73 -122.75
CA LYS I 228 80.70 -148.33 -124.16
C LYS I 228 79.90 -149.24 -125.08
N VAL I 229 79.42 -150.38 -124.57
CA VAL I 229 78.66 -151.35 -125.34
C VAL I 229 77.32 -151.55 -124.62
N LYS I 230 76.27 -151.75 -125.41
CA LYS I 230 74.90 -151.74 -124.89
C LYS I 230 74.11 -153.04 -125.09
N VAL I 231 74.59 -154.21 -124.64
CA VAL I 231 75.64 -154.44 -123.64
C VAL I 231 76.52 -155.62 -124.05
N GLY I 232 77.48 -155.99 -123.20
CA GLY I 232 78.31 -157.16 -123.43
C GLY I 232 78.39 -158.09 -122.24
N LYS I 233 78.47 -159.39 -122.48
CA LYS I 233 78.50 -160.41 -121.43
C LYS I 233 79.84 -161.13 -121.43
N GLU I 234 80.35 -161.42 -120.22
CA GLU I 234 81.70 -161.94 -120.07
C GLU I 234 81.77 -163.47 -120.05
N ASP I 235 80.71 -164.15 -119.61
CA ASP I 235 80.71 -165.60 -119.67
C ASP I 235 80.65 -166.10 -121.11
N SER I 236 79.92 -165.37 -121.97
CA SER I 236 80.00 -165.58 -123.40
C SER I 236 81.28 -165.04 -123.99
N SER I 237 81.97 -164.14 -123.29
CA SER I 237 83.23 -163.63 -123.80
C SER I 237 84.40 -164.55 -123.54
N SER I 238 84.33 -165.28 -122.42
CA SER I 238 85.42 -165.95 -121.70
C SER I 238 86.42 -166.71 -122.58
N ALA I 239 85.94 -167.27 -123.69
CA ALA I 239 86.84 -167.72 -124.74
C ALA I 239 86.32 -167.24 -126.08
N GLU I 240 85.01 -167.02 -126.17
CA GLU I 240 84.38 -166.91 -127.47
C GLU I 240 84.49 -165.50 -128.05
N PHE I 241 84.33 -164.47 -127.24
CA PHE I 241 84.59 -163.14 -127.80
C PHE I 241 86.08 -162.91 -127.98
N LEU I 242 86.90 -163.67 -127.26
CA LEU I 242 88.33 -163.68 -127.56
C LEU I 242 88.60 -164.33 -128.91
N GLU I 243 87.79 -165.34 -129.27
CA GLU I 243 87.83 -165.86 -130.63
C GLU I 243 87.32 -164.84 -131.64
N LYS I 244 86.39 -163.98 -131.22
CA LYS I 244 85.97 -162.89 -132.11
C LYS I 244 87.07 -161.85 -132.28
N ARG I 245 87.87 -161.63 -131.23
CA ARG I 245 89.09 -160.85 -131.35
C ARG I 245 90.06 -161.51 -132.31
N ARG I 246 90.14 -162.85 -132.26
CA ARG I 246 91.00 -163.59 -133.18
C ARG I 246 90.50 -163.47 -134.62
N ALA I 247 89.19 -163.38 -134.81
CA ALA I 247 88.64 -163.21 -136.15
C ALA I 247 88.94 -161.82 -136.70
N ALA I 248 88.73 -160.79 -135.87
CA ALA I 248 89.08 -159.43 -136.26
C ALA I 248 90.59 -159.27 -136.48
N LEU I 249 91.39 -160.02 -135.71
CA LEU I 249 92.84 -160.00 -135.89
C LEU I 249 93.26 -160.78 -137.12
N GLU I 250 92.50 -161.80 -137.51
CA GLU I 250 92.81 -162.49 -138.76
C GLU I 250 92.51 -161.61 -139.94
N ARG I 251 91.42 -160.84 -139.88
CA ARG I 251 91.13 -159.88 -140.93
C ARG I 251 92.15 -158.74 -140.93
N TYR I 252 92.61 -158.35 -139.73
CA TYR I 252 93.73 -157.44 -139.57
C TYR I 252 94.97 -157.95 -140.29
N LEU I 253 95.30 -159.23 -140.11
CA LEU I 253 96.48 -159.81 -140.75
C LEU I 253 96.33 -159.88 -142.26
N GLN I 254 95.14 -160.27 -142.74
CA GLN I 254 94.94 -160.39 -144.17
C GLN I 254 95.00 -159.04 -144.87
N ARG I 255 94.36 -158.02 -144.29
CA ARG I 255 94.41 -156.74 -144.96
C ARG I 255 95.67 -155.95 -144.67
N ILE I 256 96.45 -156.30 -143.63
CA ILE I 256 97.77 -155.70 -143.51
C ILE I 256 98.73 -156.36 -144.49
N VAL I 257 98.35 -157.54 -145.02
CA VAL I 257 99.17 -158.14 -146.11
C VAL I 257 98.67 -157.48 -147.41
N ASN I 258 97.40 -157.05 -147.43
CA ASN I 258 96.79 -156.48 -148.66
C ASN I 258 97.45 -155.16 -149.09
N HIS I 259 98.01 -154.38 -148.15
CA HIS I 259 98.81 -153.19 -148.56
C HIS I 259 100.28 -153.63 -148.43
N PRO I 260 100.97 -154.31 -149.40
CA PRO I 260 102.30 -154.87 -149.14
C PRO I 260 103.41 -153.83 -149.10
N THR I 261 103.28 -152.76 -149.86
CA THR I 261 104.24 -151.66 -149.74
C THR I 261 104.04 -150.92 -148.44
N MET I 262 102.79 -150.71 -148.03
CA MET I 262 102.50 -150.12 -146.74
C MET I 262 102.68 -151.12 -145.61
N LEU I 263 102.63 -152.42 -145.91
CA LEU I 263 103.13 -153.42 -144.97
C LEU I 263 104.63 -153.28 -144.74
N GLN I 264 105.36 -152.77 -145.73
CA GLN I 264 106.79 -152.48 -145.54
C GLN I 264 106.99 -151.08 -144.96
N ASP I 265 106.25 -150.80 -143.89
CA ASP I 265 106.58 -149.82 -142.88
C ASP I 265 107.05 -150.68 -141.73
N PRO I 266 108.35 -151.04 -141.69
CA PRO I 266 108.78 -152.21 -140.88
C PRO I 266 108.76 -151.97 -139.40
N ASP I 267 108.61 -150.73 -138.94
CA ASP I 267 108.57 -150.44 -137.51
C ASP I 267 107.37 -151.10 -136.85
N VAL I 268 106.18 -150.97 -137.44
CA VAL I 268 105.00 -151.56 -136.83
C VAL I 268 104.93 -153.06 -137.07
N ARG I 269 105.57 -153.56 -138.13
CA ARG I 269 105.66 -155.01 -138.32
C ARG I 269 106.54 -155.64 -137.27
N GLU I 270 107.68 -155.00 -136.95
CA GLU I 270 108.51 -155.47 -135.85
C GLU I 270 107.83 -155.24 -134.50
N PHE I 271 106.95 -154.25 -134.42
CA PHE I 271 106.17 -154.07 -133.19
C PHE I 271 105.21 -155.23 -132.99
N LEU I 272 104.61 -155.71 -134.07
CA LEU I 272 103.70 -156.84 -133.97
C LEU I 272 104.43 -158.16 -133.72
N GLU I 273 105.56 -158.40 -134.38
CA GLU I 273 106.23 -159.69 -134.28
C GLU I 273 107.28 -159.73 -133.17
N LYS I 274 107.32 -158.74 -132.29
CA LYS I 274 108.18 -158.79 -131.11
C LYS I 274 107.35 -158.47 -129.88
N GLU I 275 108.02 -158.49 -128.72
CA GLU I 275 107.39 -158.31 -127.41
C GLU I 275 108.11 -157.20 -126.68
N GLU I 276 107.48 -156.02 -126.62
CA GLU I 276 108.02 -154.87 -125.90
C GLU I 276 106.91 -154.17 -125.14
N LEU I 277 105.86 -154.94 -124.79
CA LEU I 277 104.48 -154.59 -124.41
C LEU I 277 104.37 -153.38 -123.50
N PRO I 278 103.46 -152.45 -123.79
CA PRO I 278 103.29 -151.28 -122.92
C PRO I 278 102.63 -151.64 -121.59
N ARG I 279 102.63 -150.67 -120.70
CA ARG I 279 102.08 -150.84 -119.35
C ARG I 279 100.56 -150.69 -119.38
N ALA I 280 99.94 -150.74 -118.21
CA ALA I 280 98.49 -150.86 -118.07
C ALA I 280 97.76 -149.52 -117.97
N VAL I 281 98.27 -148.46 -118.61
CA VAL I 281 97.67 -147.14 -118.52
C VAL I 281 96.72 -146.88 -119.68
N GLY I 282 96.31 -147.95 -120.36
CA GLY I 282 95.52 -147.81 -121.58
C GLY I 282 94.04 -147.55 -121.42
N THR I 283 93.61 -147.01 -120.28
CA THR I 283 92.21 -146.66 -120.05
C THR I 283 92.15 -145.18 -119.66
N GLN I 284 91.96 -144.31 -120.66
CA GLN I 284 91.86 -142.88 -120.43
C GLN I 284 90.98 -142.27 -121.52
N ALA I 285 90.74 -140.96 -121.41
CA ALA I 285 89.93 -140.23 -122.38
C ALA I 285 90.65 -138.94 -122.72
N LEU I 286 91.16 -138.86 -123.95
CA LEU I 286 91.83 -137.67 -124.47
C LEU I 286 91.42 -137.38 -125.90
N SER I 287 90.11 -137.46 -126.19
CA SER I 287 89.57 -137.37 -127.54
C SER I 287 89.32 -135.93 -127.97
N GLY I 288 90.09 -134.98 -127.43
CA GLY I 288 89.98 -133.58 -127.78
C GLY I 288 90.22 -133.26 -129.24
N ALA I 289 90.92 -134.14 -129.96
CA ALA I 289 90.98 -134.02 -131.41
C ALA I 289 89.60 -134.18 -132.04
N GLY I 290 88.84 -135.19 -131.60
CA GLY I 290 87.46 -135.32 -132.03
C GLY I 290 86.57 -134.19 -131.55
N LEU I 291 86.90 -133.61 -130.39
CA LEU I 291 86.22 -132.39 -129.95
C LEU I 291 86.46 -131.23 -130.91
N LEU I 292 87.71 -131.04 -131.37
CA LEU I 292 87.99 -130.01 -132.36
C LEU I 292 87.35 -130.31 -133.72
N LYS I 293 87.16 -131.60 -134.05
CA LYS I 293 86.39 -131.94 -135.23
C LYS I 293 84.93 -131.51 -135.08
N MET I 294 84.36 -131.71 -133.88
CA MET I 294 83.01 -131.24 -133.61
C MET I 294 82.92 -129.71 -133.61
N PHE I 295 84.01 -129.02 -133.24
CA PHE I 295 84.05 -127.57 -133.39
C PHE I 295 84.08 -127.14 -134.85
N ASN I 296 84.87 -127.83 -135.67
CA ASN I 296 85.03 -127.43 -137.07
C ASN I 296 83.87 -127.91 -137.94
N LYS I 297 82.97 -128.72 -137.39
CA LYS I 297 81.77 -129.13 -138.11
C LYS I 297 80.89 -127.94 -138.51
N ALA I 298 80.93 -126.85 -137.74
CA ALA I 298 80.18 -125.65 -138.11
C ALA I 298 80.75 -125.00 -139.37
N THR I 299 82.07 -125.01 -139.54
CA THR I 299 82.67 -124.52 -140.77
C THR I 299 82.43 -125.49 -141.92
N ASP I 300 82.36 -126.79 -141.61
CA ASP I 300 82.02 -127.79 -142.62
C ASP I 300 80.62 -127.56 -143.18
N ALA I 301 79.67 -127.23 -142.29
CA ALA I 301 78.28 -127.05 -142.69
C ALA I 301 78.05 -125.81 -143.55
N VAL I 302 78.98 -124.86 -143.54
CA VAL I 302 78.85 -123.69 -144.41
C VAL I 302 79.79 -123.77 -145.62
N SER I 303 80.78 -124.65 -145.61
CA SER I 303 81.66 -124.79 -146.77
C SER I 303 81.29 -125.96 -147.68
N LYS I 304 80.36 -126.84 -147.26
CA LYS I 304 80.11 -128.08 -147.99
C LYS I 304 79.61 -127.87 -149.42
N MET I 305 78.98 -126.73 -149.73
CA MET I 305 78.57 -126.47 -151.11
C MET I 305 79.78 -126.19 -152.00
N THR I 306 80.72 -125.38 -151.53
CA THR I 306 81.97 -125.13 -152.24
C THR I 306 82.83 -126.39 -152.33
N ILE I 307 82.63 -127.34 -151.41
CA ILE I 307 83.16 -128.69 -151.66
C ILE I 307 82.42 -129.34 -152.82
N LYS I 308 81.08 -129.27 -152.82
CA LYS I 308 80.24 -129.97 -153.80
C LYS I 308 80.37 -129.45 -155.23
N MET I 309 81.08 -128.34 -155.47
CA MET I 309 81.22 -127.88 -156.85
C MET I 309 82.23 -128.67 -157.67
N ASN I 310 82.87 -129.69 -157.09
CA ASN I 310 83.93 -130.44 -157.76
C ASN I 310 83.36 -131.49 -158.72
N GLU I 311 84.21 -132.41 -159.17
CA GLU I 311 83.85 -133.46 -160.12
C GLU I 311 84.09 -134.88 -159.60
N SER I 312 85.07 -135.08 -158.72
CA SER I 312 85.30 -136.42 -158.18
C SER I 312 84.17 -136.84 -157.25
N ASP I 313 83.60 -135.89 -156.50
CA ASP I 313 82.46 -136.20 -155.67
C ASP I 313 81.21 -136.44 -156.51
N ILE I 314 81.20 -135.97 -157.75
CA ILE I 314 80.14 -136.34 -158.67
C ILE I 314 80.28 -137.82 -159.05
N TRP I 315 81.49 -138.35 -159.02
CA TRP I 315 81.68 -139.79 -159.12
C TRP I 315 81.39 -140.48 -157.79
N PHE I 316 81.46 -139.75 -156.68
CA PHE I 316 81.47 -140.41 -155.37
C PHE I 316 80.13 -140.42 -154.65
N GLU I 317 79.27 -139.40 -154.84
CA GLU I 317 78.16 -139.19 -153.91
C GLU I 317 77.04 -140.20 -154.10
N GLU I 318 77.02 -140.89 -155.25
CA GLU I 318 76.11 -142.01 -155.44
C GLU I 318 76.40 -143.09 -154.43
N LYS I 319 77.69 -143.35 -154.18
CA LYS I 319 78.08 -144.30 -153.14
C LYS I 319 77.71 -143.78 -151.77
N LEU I 320 77.68 -142.46 -151.58
CA LEU I 320 77.32 -141.88 -150.29
C LEU I 320 75.84 -142.13 -149.96
N GLN I 321 74.95 -141.78 -150.89
CA GLN I 321 73.52 -142.01 -150.67
C GLN I 321 73.19 -143.50 -150.63
N GLU I 322 73.87 -144.27 -151.48
CA GLU I 322 73.69 -145.71 -151.51
C GLU I 322 74.10 -146.34 -150.19
N VAL I 323 75.25 -145.94 -149.65
CA VAL I 323 75.70 -146.51 -148.40
C VAL I 323 74.90 -145.96 -147.24
N GLU I 324 74.23 -144.82 -147.41
CA GLU I 324 73.30 -144.33 -146.38
C GLU I 324 72.08 -145.23 -146.27
N CYS I 325 71.45 -145.55 -147.40
CA CYS I 325 70.31 -146.46 -147.32
C CYS I 325 70.73 -147.86 -146.92
N GLU I 326 71.95 -148.27 -147.33
CA GLU I 326 72.48 -149.56 -146.90
C GLU I 326 72.72 -149.59 -145.39
N GLU I 327 73.29 -148.53 -144.82
CA GLU I 327 73.58 -148.56 -143.39
C GLU I 327 72.30 -148.48 -142.57
N GLN I 328 71.29 -147.78 -143.08
CA GLN I 328 69.99 -147.76 -142.41
C GLN I 328 69.36 -149.15 -142.38
N ARG I 329 69.36 -149.82 -143.54
CA ARG I 329 68.70 -151.16 -143.63
C ARG I 329 69.56 -152.24 -142.98
N LEU I 330 70.88 -152.02 -142.81
CA LEU I 330 71.67 -153.07 -142.10
C LEU I 330 71.65 -152.84 -140.59
N ARG I 331 71.46 -151.59 -140.13
CA ARG I 331 71.34 -151.37 -138.66
C ARG I 331 69.96 -151.88 -138.22
N LYS I 332 68.96 -151.78 -139.09
CA LYS I 332 67.64 -152.35 -138.77
C LYS I 332 67.68 -153.88 -138.79
N LEU I 333 68.30 -154.47 -139.82
CA LEU I 333 68.45 -155.93 -139.87
C LEU I 333 69.33 -156.45 -138.72
N HIS I 334 70.49 -155.65 -138.27
CA HIS I 334 71.29 -155.94 -137.06
C HIS I 334 70.40 -156.07 -135.84
N ALA I 335 69.50 -155.09 -135.65
CA ALA I 335 68.61 -155.09 -134.49
C ALA I 335 67.66 -156.29 -134.50
N VAL I 336 67.09 -156.61 -135.67
CA VAL I 336 66.14 -157.72 -135.71
C VAL I 336 66.87 -159.08 -135.61
N VAL I 337 68.11 -159.17 -136.11
CA VAL I 337 68.94 -160.36 -135.94
C VAL I 337 69.26 -160.58 -134.46
N GLU I 338 69.64 -159.53 -133.75
CA GLU I 338 69.91 -159.70 -132.32
C GLU I 338 68.62 -159.93 -131.53
N THR I 339 67.49 -159.48 -132.06
CA THR I 339 66.19 -159.84 -131.48
C THR I 339 65.93 -161.35 -131.64
N LEU I 340 66.34 -161.94 -132.76
CA LEU I 340 66.26 -163.39 -132.86
C LEU I 340 67.25 -164.09 -131.94
N VAL I 341 68.42 -163.48 -131.73
CA VAL I 341 69.42 -164.06 -130.83
C VAL I 341 68.90 -164.09 -129.39
N ASN I 342 68.20 -163.03 -128.99
CA ASN I 342 67.47 -163.05 -127.71
C ASN I 342 66.35 -164.11 -127.74
N HIS I 343 65.47 -164.17 -128.95
CA HIS I 343 64.30 -165.04 -129.14
C HIS I 343 64.62 -166.51 -128.93
N ARG I 344 65.76 -166.96 -129.48
CA ARG I 344 66.09 -168.38 -129.47
C ARG I 344 66.35 -168.90 -128.06
N LYS I 345 66.70 -168.02 -127.12
CA LYS I 345 67.03 -168.47 -125.77
C LYS I 345 65.79 -168.96 -125.04
N GLU I 346 64.71 -168.17 -125.07
CA GLU I 346 63.46 -168.67 -124.52
C GLU I 346 62.82 -169.72 -125.42
N LEU I 347 63.15 -169.77 -126.71
CA LEU I 347 62.79 -170.92 -127.53
C LEU I 347 63.39 -172.21 -126.96
N ALA I 348 64.69 -172.17 -126.68
CA ALA I 348 65.41 -173.35 -126.22
C ALA I 348 64.98 -173.74 -124.81
N LEU I 349 64.76 -172.75 -123.95
CA LEU I 349 64.27 -173.04 -122.60
C LEU I 349 62.85 -173.59 -122.64
N ASN I 350 62.01 -173.07 -123.55
CA ASN I 350 60.64 -173.55 -123.69
C ASN I 350 60.59 -175.00 -124.16
N THR I 351 61.36 -175.34 -125.19
CA THR I 351 61.39 -176.71 -125.67
C THR I 351 62.14 -177.67 -124.73
N ALA I 352 63.13 -177.16 -123.99
CA ALA I 352 63.78 -178.00 -122.98
C ALA I 352 62.85 -178.31 -121.83
N LEU I 353 62.06 -177.33 -121.38
CA LEU I 353 61.05 -177.59 -120.38
C LEU I 353 59.90 -178.42 -120.92
N PHE I 354 59.68 -178.39 -122.23
CA PHE I 354 58.76 -179.36 -122.85
C PHE I 354 59.27 -180.78 -122.72
N ALA I 355 60.57 -181.01 -122.97
CA ALA I 355 61.12 -182.35 -122.81
C ALA I 355 61.11 -182.77 -121.34
N LYS I 356 61.38 -181.82 -120.44
CA LYS I 356 61.25 -182.11 -119.02
C LYS I 356 59.82 -182.41 -118.61
N SER I 357 58.84 -181.75 -119.21
CA SER I 357 57.45 -182.04 -118.89
C SER I 357 56.99 -183.35 -119.54
N LEU I 358 57.61 -183.74 -120.65
CA LEU I 358 57.44 -185.09 -121.17
C LEU I 358 57.91 -186.11 -120.15
N ALA I 359 59.10 -185.87 -119.59
CA ALA I 359 59.65 -186.75 -118.54
C ALA I 359 58.78 -186.74 -117.29
N MET I 360 58.14 -185.60 -117.00
CA MET I 360 57.22 -185.53 -115.86
C MET I 360 55.96 -186.35 -116.12
N LEU I 361 55.22 -185.99 -117.17
CA LEU I 361 53.90 -186.58 -117.41
C LEU I 361 53.98 -187.98 -117.97
N GLY I 362 55.18 -188.47 -118.32
CA GLY I 362 55.35 -189.87 -118.62
C GLY I 362 55.45 -190.76 -117.41
N SER I 363 55.35 -190.19 -116.22
CA SER I 363 55.24 -191.00 -115.01
C SER I 363 53.79 -191.40 -114.79
N SER I 364 53.59 -192.26 -113.79
CA SER I 364 52.27 -192.74 -113.34
C SER I 364 51.50 -193.44 -114.46
N GLU I 365 52.23 -194.15 -115.31
CA GLU I 365 51.62 -194.85 -116.43
C GLU I 365 52.49 -196.03 -116.81
N ASP I 366 51.85 -197.10 -117.31
CA ASP I 366 52.56 -198.28 -117.82
C ASP I 366 52.10 -198.47 -119.26
N ASN I 367 52.73 -197.73 -120.17
CA ASN I 367 52.59 -197.89 -121.61
C ASN I 367 53.97 -197.79 -122.23
N THR I 368 54.90 -198.60 -121.71
CA THR I 368 56.37 -198.45 -121.76
C THR I 368 56.98 -198.06 -123.11
N ALA I 369 56.27 -198.31 -124.22
CA ALA I 369 56.57 -197.64 -125.48
C ALA I 369 56.54 -196.13 -125.32
N LEU I 370 55.63 -195.60 -124.51
CA LEU I 370 55.64 -194.18 -124.21
C LEU I 370 56.90 -193.79 -123.42
N SER I 371 57.41 -194.68 -122.56
CA SER I 371 58.62 -194.38 -121.82
C SER I 371 59.84 -194.33 -122.73
N ARG I 372 59.94 -195.26 -123.68
CA ARG I 372 60.99 -195.18 -124.69
C ARG I 372 60.82 -193.96 -125.58
N ALA I 373 59.58 -193.55 -125.84
CA ALA I 373 59.31 -192.34 -126.61
C ALA I 373 59.81 -191.10 -125.88
N LEU I 374 59.58 -191.03 -124.57
CA LEU I 374 60.19 -190.01 -123.72
C LEU I 374 61.71 -190.00 -123.84
N SER I 375 62.33 -191.17 -123.63
CA SER I 375 63.78 -191.27 -123.58
C SER I 375 64.45 -190.99 -124.91
N GLN I 376 63.73 -191.12 -126.01
CA GLN I 376 64.24 -190.79 -127.34
C GLN I 376 63.92 -189.35 -127.75
N LEU I 377 62.71 -188.88 -127.43
CA LEU I 377 62.27 -187.53 -127.79
C LEU I 377 62.99 -186.44 -127.02
N ALA I 378 63.28 -186.64 -125.73
CA ALA I 378 63.99 -185.62 -124.96
C ALA I 378 65.38 -185.37 -125.54
N GLU I 379 66.10 -186.44 -125.87
CA GLU I 379 67.45 -186.26 -126.39
C GLU I 379 67.45 -185.75 -127.84
N VAL I 380 66.49 -186.15 -128.69
CA VAL I 380 66.52 -185.56 -130.03
C VAL I 380 66.04 -184.10 -130.02
N GLU I 381 65.16 -183.74 -129.07
CA GLU I 381 64.85 -182.33 -128.86
C GLU I 381 66.09 -181.56 -128.43
N GLU I 382 66.92 -182.16 -127.57
CA GLU I 382 68.14 -181.48 -127.18
C GLU I 382 69.14 -181.38 -128.32
N LYS I 383 69.14 -182.35 -129.25
CA LYS I 383 69.95 -182.24 -130.45
C LYS I 383 69.52 -181.07 -131.32
N ILE I 384 68.21 -180.94 -131.56
CA ILE I 384 67.67 -179.81 -132.32
C ILE I 384 67.95 -178.50 -131.59
N GLU I 385 67.87 -178.53 -130.25
CA GLU I 385 68.13 -177.38 -129.40
C GLU I 385 69.54 -176.86 -129.57
N GLN I 386 70.53 -177.75 -129.39
CA GLN I 386 71.93 -177.33 -129.52
C GLN I 386 72.27 -176.96 -130.97
N LEU I 387 71.62 -177.60 -131.94
CA LEU I 387 71.88 -177.32 -133.35
C LEU I 387 71.49 -175.89 -133.72
N HIS I 388 70.20 -175.55 -133.54
CA HIS I 388 69.80 -174.21 -133.90
C HIS I 388 70.32 -173.19 -132.90
N GLN I 389 70.70 -173.63 -131.70
CA GLN I 389 71.32 -172.71 -130.74
C GLN I 389 72.71 -172.29 -131.21
N GLU I 390 73.54 -173.25 -131.64
CA GLU I 390 74.90 -172.88 -132.06
C GLU I 390 74.86 -172.09 -133.35
N GLN I 391 73.94 -172.42 -134.27
CA GLN I 391 73.80 -171.59 -135.47
C GLN I 391 73.35 -170.18 -135.10
N ALA I 392 72.22 -170.10 -134.37
CA ALA I 392 71.53 -168.89 -133.98
C ALA I 392 72.38 -167.92 -133.19
N ASN I 393 73.31 -168.41 -132.36
CA ASN I 393 74.23 -167.40 -131.86
C ASN I 393 75.33 -167.14 -132.87
N ASN I 394 76.20 -168.14 -133.16
CA ASN I 394 77.57 -167.82 -133.57
C ASN I 394 77.60 -167.09 -134.90
N ASP I 395 76.78 -167.54 -135.86
CA ASP I 395 76.92 -166.88 -137.15
C ASP I 395 76.20 -165.54 -137.19
N PHE I 396 75.11 -165.43 -136.45
CA PHE I 396 74.33 -164.19 -136.41
C PHE I 396 75.14 -163.07 -135.76
N PHE I 397 75.75 -163.35 -134.60
CA PHE I 397 76.49 -162.28 -133.89
C PHE I 397 77.85 -162.03 -134.58
N LEU I 398 78.32 -162.98 -135.38
CA LEU I 398 79.58 -162.76 -136.14
C LEU I 398 79.25 -161.87 -137.34
N LEU I 399 78.17 -162.16 -138.04
CA LEU I 399 77.75 -161.29 -139.16
C LEU I 399 77.41 -159.91 -138.59
N ALA I 400 76.98 -159.86 -137.33
CA ALA I 400 76.68 -158.58 -136.67
C ALA I 400 77.97 -157.80 -136.37
N GLU I 401 79.00 -158.48 -135.88
CA GLU I 401 80.31 -157.83 -135.70
C GLU I 401 80.91 -157.41 -137.04
N LEU I 402 80.68 -158.21 -138.08
CA LEU I 402 81.14 -157.90 -139.43
C LEU I 402 80.53 -156.60 -139.93
N LEU I 403 79.21 -156.47 -139.84
CA LEU I 403 78.57 -155.22 -140.23
C LEU I 403 78.93 -154.09 -139.27
N SER I 404 79.23 -154.39 -138.01
CA SER I 404 79.53 -153.35 -137.03
C SER I 404 80.87 -152.68 -137.31
N ASP I 405 81.94 -153.48 -137.42
CA ASP I 405 83.20 -152.84 -137.78
C ASP I 405 83.26 -152.44 -139.26
N TYR I 406 82.33 -152.95 -140.08
CA TYR I 406 82.13 -152.37 -141.41
C TYR I 406 81.59 -150.95 -141.30
N ILE I 407 80.63 -150.71 -140.41
CA ILE I 407 80.14 -149.37 -140.12
C ILE I 407 81.25 -148.50 -139.55
N ARG I 408 82.14 -149.09 -138.75
CA ARG I 408 83.31 -148.36 -138.25
C ARG I 408 84.21 -147.94 -139.40
N LEU I 409 84.42 -148.84 -140.37
CA LEU I 409 85.20 -148.51 -141.56
C LEU I 409 84.53 -147.42 -142.38
N LEU I 410 83.19 -147.45 -142.44
CA LEU I 410 82.46 -146.39 -143.13
C LEU I 410 82.63 -145.05 -142.43
N ALA I 411 82.60 -145.04 -141.10
CA ALA I 411 82.77 -143.80 -140.35
C ALA I 411 84.18 -143.25 -140.52
N ILE I 412 85.18 -144.12 -140.52
CA ILE I 412 86.53 -143.60 -140.68
C ILE I 412 86.82 -143.19 -142.11
N VAL I 413 86.13 -143.73 -143.12
CA VAL I 413 86.33 -143.16 -144.45
C VAL I 413 85.51 -141.88 -144.65
N ARG I 414 84.39 -141.72 -143.94
CA ARG I 414 83.75 -140.40 -143.83
C ARG I 414 84.75 -139.38 -143.31
N ALA I 415 85.43 -139.72 -142.21
CA ALA I 415 86.45 -138.85 -141.65
C ALA I 415 87.64 -138.67 -142.58
N ALA I 416 87.91 -139.68 -143.44
CA ALA I 416 89.01 -139.57 -144.40
C ALA I 416 88.75 -138.49 -145.45
N PHE I 417 87.57 -138.52 -146.08
CA PHE I 417 87.36 -137.39 -146.99
C PHE I 417 86.94 -136.12 -146.27
N ASP I 418 86.62 -136.20 -144.97
CA ASP I 418 86.53 -134.96 -144.19
C ASP I 418 87.90 -134.32 -144.01
N GLN I 419 88.94 -135.13 -143.84
CA GLN I 419 90.30 -134.60 -143.81
C GLN I 419 90.71 -134.07 -145.17
N ARG I 420 90.27 -134.74 -146.24
CA ARG I 420 90.45 -134.21 -147.58
C ARG I 420 89.75 -132.87 -147.76
N MET I 421 88.56 -132.74 -147.18
CA MET I 421 87.83 -131.46 -147.16
C MET I 421 88.60 -130.38 -146.41
N LYS I 422 89.18 -130.74 -145.26
CA LYS I 422 89.89 -129.76 -144.45
C LYS I 422 91.15 -129.28 -145.16
N THR I 423 91.89 -130.20 -145.78
CA THR I 423 93.05 -129.79 -146.57
C THR I 423 92.64 -129.06 -147.85
N TRP I 424 91.45 -129.36 -148.38
CA TRP I 424 90.90 -128.61 -149.50
C TRP I 424 90.72 -127.15 -149.13
N GLN I 425 90.03 -126.89 -148.03
CA GLN I 425 89.85 -125.50 -147.61
C GLN I 425 91.15 -124.87 -147.11
N ARG I 426 92.12 -125.69 -146.68
CA ARG I 426 93.46 -125.17 -146.38
C ARG I 426 94.11 -124.56 -147.62
N TRP I 427 94.19 -125.31 -148.72
CA TRP I 427 94.80 -124.68 -149.89
C TRP I 427 93.89 -123.63 -150.51
N GLN I 428 92.58 -123.73 -150.27
CA GLN I 428 91.62 -122.75 -150.76
C GLN I 428 91.84 -121.38 -150.14
N ASP I 429 91.81 -121.29 -148.81
CA ASP I 429 92.05 -119.99 -148.21
C ASP I 429 93.53 -119.62 -148.25
N ALA I 430 94.43 -120.60 -148.45
CA ALA I 430 95.83 -120.29 -148.71
C ALA I 430 96.00 -119.48 -150.00
N GLN I 431 95.41 -119.96 -151.11
CA GLN I 431 95.52 -119.21 -152.35
C GLN I 431 94.69 -117.93 -152.32
N ALA I 432 93.60 -117.91 -151.56
CA ALA I 432 92.81 -116.69 -151.40
C ALA I 432 93.62 -115.59 -150.73
N THR I 433 94.17 -115.88 -149.54
CA THR I 433 95.02 -114.92 -148.83
C THR I 433 96.28 -114.61 -149.61
N LEU I 434 96.82 -115.58 -150.36
CA LEU I 434 97.93 -115.37 -151.28
C LEU I 434 97.64 -114.23 -152.24
N GLN I 435 96.56 -114.37 -153.02
CA GLN I 435 96.18 -113.38 -154.01
C GLN I 435 95.95 -112.02 -153.36
N LYS I 436 95.19 -112.00 -152.25
CA LYS I 436 94.82 -110.73 -151.62
C LYS I 436 96.04 -109.99 -151.04
N LYS I 437 96.73 -110.59 -150.06
CA LYS I 437 97.77 -109.83 -149.41
C LYS I 437 99.03 -109.73 -150.27
N ARG I 438 99.25 -110.67 -151.19
CA ARG I 438 100.41 -110.57 -152.05
C ARG I 438 100.23 -109.52 -153.14
N GLU I 439 98.99 -109.33 -153.64
CA GLU I 439 98.82 -108.19 -154.53
C GLU I 439 98.76 -106.88 -153.75
N SER I 440 98.34 -106.89 -152.50
CA SER I 440 98.43 -105.67 -151.69
C SER I 440 99.87 -105.28 -151.43
N GLU I 441 100.76 -106.27 -151.32
CA GLU I 441 102.20 -105.99 -151.31
C GLU I 441 102.67 -105.49 -152.67
N ALA I 442 102.16 -106.08 -153.75
CA ALA I 442 102.66 -105.78 -155.09
C ALA I 442 102.27 -104.40 -155.59
N ARG I 443 101.10 -103.89 -155.19
CA ARG I 443 100.60 -102.64 -155.73
C ARG I 443 101.30 -101.41 -155.16
N LEU I 444 102.15 -101.56 -154.14
CA LEU I 444 102.87 -100.45 -153.54
C LEU I 444 104.30 -100.35 -154.07
N LEU I 445 104.52 -100.65 -155.34
CA LEU I 445 105.84 -100.75 -155.93
C LEU I 445 106.54 -99.40 -156.10
N TRP I 446 105.79 -98.31 -156.29
CA TRP I 446 106.41 -97.02 -156.54
C TRP I 446 106.91 -96.34 -155.28
N ALA I 447 106.53 -96.84 -154.11
CA ALA I 447 107.36 -96.62 -152.93
C ALA I 447 108.64 -97.39 -153.18
N ASN I 448 109.71 -96.68 -153.52
CA ASN I 448 110.85 -97.25 -154.23
C ASN I 448 111.67 -98.14 -153.29
N LYS I 449 111.16 -99.34 -153.07
CA LYS I 449 111.87 -100.38 -152.34
C LYS I 449 111.56 -101.70 -153.04
N PRO I 450 112.44 -102.15 -153.96
CA PRO I 450 112.14 -103.36 -154.73
C PRO I 450 112.30 -104.66 -153.94
N ASP I 451 112.79 -104.59 -152.71
CA ASP I 451 112.94 -105.79 -151.89
C ASP I 451 111.58 -106.37 -151.52
N LYS I 452 110.59 -105.50 -151.33
CA LYS I 452 109.22 -105.95 -151.11
C LYS I 452 108.69 -106.67 -152.35
N LEU I 453 109.04 -106.17 -153.53
CA LEU I 453 108.66 -106.83 -154.78
C LEU I 453 109.34 -108.20 -154.90
N GLN I 454 110.60 -108.28 -154.47
CA GLN I 454 111.33 -109.54 -154.55
C GLN I 454 110.74 -110.59 -153.61
N GLN I 455 110.45 -110.19 -152.37
CA GLN I 455 109.87 -111.14 -151.43
C GLN I 455 108.44 -111.50 -151.79
N ALA I 456 107.67 -110.57 -152.37
CA ALA I 456 106.34 -110.89 -152.85
C ALA I 456 106.38 -111.84 -154.05
N LYS I 457 107.39 -111.69 -154.91
CA LYS I 457 107.56 -112.61 -156.03
C LYS I 457 107.93 -114.00 -155.53
N ASP I 458 108.80 -114.08 -154.51
CA ASP I 458 109.16 -115.37 -153.94
C ASP I 458 107.95 -116.03 -153.26
N GLU I 459 107.15 -115.21 -152.58
CA GLU I 459 105.91 -115.68 -151.96
C GLU I 459 104.95 -116.26 -152.98
N ILE I 460 104.62 -115.49 -154.02
CA ILE I 460 103.66 -115.97 -155.01
C ILE I 460 104.19 -117.19 -155.75
N THR I 461 105.51 -117.22 -156.04
CA THR I 461 106.08 -118.30 -156.83
C THR I 461 106.10 -119.63 -156.05
N GLU I 462 106.79 -119.64 -154.90
CA GLU I 462 106.93 -120.89 -154.16
C GLU I 462 105.60 -121.31 -153.54
N TRP I 463 104.78 -120.34 -153.15
CA TRP I 463 103.50 -120.66 -152.55
C TRP I 463 102.52 -121.23 -153.57
N GLU I 464 102.51 -120.71 -154.81
CA GLU I 464 101.64 -121.32 -155.83
C GLU I 464 102.18 -122.68 -156.25
N SER I 465 103.50 -122.86 -156.25
CA SER I 465 104.07 -124.16 -156.61
C SER I 465 103.66 -125.22 -155.61
N ARG I 466 103.75 -124.91 -154.31
CA ARG I 466 103.38 -125.90 -153.32
C ARG I 466 101.87 -126.09 -153.24
N VAL I 467 101.06 -125.06 -153.52
CA VAL I 467 99.60 -125.23 -153.48
C VAL I 467 99.11 -126.07 -154.66
N THR I 468 99.66 -125.84 -155.86
CA THR I 468 99.33 -126.68 -157.00
C THR I 468 99.82 -128.11 -156.80
N GLN I 469 101.00 -128.24 -156.16
CA GLN I 469 101.49 -129.54 -155.74
C GLN I 469 100.51 -130.22 -154.79
N TYR I 470 99.93 -129.44 -153.87
CA TYR I 470 98.96 -129.96 -152.92
C TYR I 470 97.71 -130.47 -153.64
N GLU I 471 97.18 -129.71 -154.60
CA GLU I 471 95.91 -130.19 -155.17
C GLU I 471 96.10 -131.35 -156.15
N ARG I 472 97.22 -131.45 -156.87
CA ARG I 472 97.30 -132.68 -157.66
C ARG I 472 97.78 -133.86 -156.82
N ASP I 473 98.43 -133.62 -155.67
CA ASP I 473 98.59 -134.69 -154.72
C ASP I 473 97.26 -135.09 -154.09
N PHE I 474 96.30 -134.17 -154.03
CA PHE I 474 94.97 -134.54 -153.55
C PHE I 474 94.24 -135.36 -154.61
N GLU I 475 94.53 -135.08 -155.88
CA GLU I 475 94.11 -135.98 -156.95
C GLU I 475 94.74 -137.35 -156.79
N ARG I 476 96.02 -137.39 -156.38
CA ARG I 476 96.71 -138.66 -156.16
C ARG I 476 96.09 -139.45 -155.00
N ILE I 477 95.76 -138.75 -153.91
CA ILE I 477 95.17 -139.48 -152.79
C ILE I 477 93.72 -139.84 -153.10
N SER I 478 93.06 -139.10 -153.99
CA SER I 478 91.74 -139.52 -154.46
C SER I 478 91.83 -140.81 -155.27
N THR I 479 92.88 -140.93 -156.09
CA THR I 479 93.09 -142.15 -156.85
C THR I 479 93.41 -143.33 -155.94
N VAL I 480 94.22 -143.12 -154.91
CA VAL I 480 94.54 -144.26 -154.04
C VAL I 480 93.35 -144.59 -153.15
N VAL I 481 92.49 -143.61 -152.86
CA VAL I 481 91.21 -143.89 -152.20
C VAL I 481 90.31 -144.72 -153.10
N ARG I 482 90.31 -144.44 -154.41
CA ARG I 482 89.48 -145.23 -155.32
C ARG I 482 90.01 -146.65 -155.50
N LYS I 483 91.33 -146.83 -155.48
CA LYS I 483 91.87 -148.18 -155.45
C LYS I 483 91.52 -148.89 -154.14
N GLU I 484 91.50 -148.15 -153.02
CA GLU I 484 91.01 -148.72 -151.78
C GLU I 484 89.51 -149.02 -151.85
N VAL I 485 88.77 -148.25 -152.64
CA VAL I 485 87.34 -148.51 -152.84
C VAL I 485 87.15 -149.83 -153.56
N THR I 486 87.93 -150.05 -154.61
CA THR I 486 87.96 -151.35 -155.29
C THR I 486 88.36 -152.46 -154.32
N ARG I 487 89.28 -152.16 -153.40
CA ARG I 487 89.68 -153.13 -152.40
C ARG I 487 88.52 -153.45 -151.44
N PHE I 488 87.72 -152.46 -151.07
CA PHE I 488 86.67 -152.89 -150.16
C PHE I 488 85.40 -153.34 -150.87
N GLU I 489 85.24 -153.12 -152.17
CA GLU I 489 84.28 -153.98 -152.86
C GLU I 489 84.80 -155.40 -153.02
N LYS I 490 86.13 -155.58 -153.03
CA LYS I 490 86.64 -156.93 -152.97
C LYS I 490 86.35 -157.58 -151.62
N GLU I 491 86.40 -156.80 -150.53
CA GLU I 491 85.97 -157.43 -149.28
C GLU I 491 84.45 -157.49 -149.15
N LYS I 492 83.70 -156.70 -149.92
CA LYS I 492 82.27 -156.98 -150.08
C LYS I 492 82.07 -158.37 -150.68
N SER I 493 82.86 -158.68 -151.72
CA SER I 493 82.84 -160.03 -152.27
C SER I 493 83.29 -161.06 -151.24
N LYS I 494 84.23 -160.69 -150.37
CA LYS I 494 84.78 -161.62 -149.38
C LYS I 494 83.77 -161.92 -148.27
N ASP I 495 83.07 -160.90 -147.76
CA ASP I 495 82.16 -161.19 -146.66
C ASP I 495 80.79 -161.67 -147.17
N PHE I 496 80.43 -161.32 -148.41
CA PHE I 496 79.35 -162.03 -149.07
C PHE I 496 79.71 -163.49 -149.27
N LYS I 497 80.98 -163.77 -149.60
CA LYS I 497 81.47 -165.14 -149.66
C LYS I 497 81.48 -165.78 -148.29
N ASN I 498 81.67 -165.00 -147.22
CA ASN I 498 81.55 -165.54 -145.87
C ASN I 498 80.13 -165.98 -145.56
N HIS I 499 79.14 -165.22 -146.01
CA HIS I 499 77.77 -165.70 -145.88
C HIS I 499 77.49 -166.88 -146.82
N VAL I 500 78.15 -166.91 -147.98
CA VAL I 500 78.00 -168.03 -148.91
C VAL I 500 78.55 -169.32 -148.30
N MET I 501 79.76 -169.27 -147.74
CA MET I 501 80.30 -170.44 -147.05
C MET I 501 79.56 -170.72 -145.75
N LYS I 502 78.92 -169.71 -145.15
CA LYS I 502 78.02 -169.95 -144.03
C LYS I 502 76.86 -170.83 -144.44
N TYR I 503 76.16 -170.48 -145.53
CA TYR I 503 75.05 -171.34 -145.91
C TYR I 503 75.55 -172.66 -146.51
N LEU I 504 76.79 -172.67 -147.02
CA LEU I 504 77.40 -173.91 -147.47
C LEU I 504 77.58 -174.88 -146.30
N GLU I 505 78.22 -174.45 -145.21
CA GLU I 505 78.31 -175.29 -144.03
C GLU I 505 76.96 -175.48 -143.35
N THR I 506 76.01 -174.56 -143.54
CA THR I 506 74.70 -174.72 -142.94
C THR I 506 73.95 -175.88 -143.58
N LEU I 507 73.87 -175.88 -144.90
CA LEU I 507 73.28 -176.99 -145.64
C LEU I 507 74.06 -178.28 -145.38
N LEU I 508 75.40 -178.22 -145.37
CA LEU I 508 76.23 -179.37 -145.07
C LEU I 508 75.95 -179.99 -143.70
N HIS I 509 76.18 -179.25 -142.61
CA HIS I 509 76.08 -179.85 -141.30
C HIS I 509 74.63 -180.12 -140.94
N SER I 510 73.70 -179.28 -141.42
CA SER I 510 72.28 -179.51 -141.22
C SER I 510 71.85 -180.81 -141.86
N GLN I 511 72.22 -181.01 -143.14
CA GLN I 511 71.85 -182.21 -143.86
C GLN I 511 72.52 -183.44 -143.26
N GLN I 512 73.83 -183.38 -143.01
CA GLN I 512 74.53 -184.58 -142.57
C GLN I 512 74.14 -184.96 -141.15
N GLN I 513 74.04 -183.99 -140.23
CA GLN I 513 73.67 -184.31 -138.85
C GLN I 513 72.20 -184.70 -138.76
N LEU I 514 71.34 -183.90 -139.38
CA LEU I 514 69.89 -184.13 -139.38
C LEU I 514 69.53 -185.47 -139.99
N ALA I 515 69.89 -185.67 -141.27
CA ALA I 515 69.64 -186.94 -141.93
C ALA I 515 70.45 -188.08 -141.35
N LYS I 516 71.56 -187.79 -140.63
CA LYS I 516 72.31 -188.83 -139.96
C LYS I 516 71.51 -189.41 -138.81
N TYR I 517 70.94 -188.56 -137.97
CA TYR I 517 70.10 -189.16 -136.93
C TYR I 517 68.73 -189.57 -137.46
N TRP I 518 68.31 -189.09 -138.65
CA TRP I 518 67.17 -189.72 -139.30
C TRP I 518 67.46 -191.17 -139.67
N GLU I 519 68.58 -191.42 -140.37
CA GLU I 519 68.92 -192.77 -140.78
C GLU I 519 69.50 -193.60 -139.64
N ALA I 520 69.76 -193.00 -138.49
CA ALA I 520 70.16 -193.74 -137.30
C ALA I 520 69.01 -193.95 -136.33
N PHE I 521 67.92 -193.20 -136.47
CA PHE I 521 66.82 -193.31 -135.54
C PHE I 521 65.54 -193.85 -136.15
N LEU I 522 65.42 -193.87 -137.48
CA LEU I 522 64.39 -194.67 -138.11
C LEU I 522 64.61 -196.19 -137.99
N PRO I 523 65.82 -196.76 -138.15
CA PRO I 523 65.95 -198.21 -137.91
C PRO I 523 65.74 -198.64 -136.48
N GLU I 524 65.85 -197.73 -135.50
CA GLU I 524 65.34 -198.10 -134.19
C GLU I 524 63.86 -197.78 -134.06
N ALA I 525 63.33 -196.87 -134.88
CA ALA I 525 61.89 -196.63 -134.91
C ALA I 525 61.18 -197.46 -135.96
N LYS I 526 61.71 -198.64 -136.29
CA LYS I 526 60.92 -199.62 -137.03
C LYS I 526 59.68 -200.00 -136.22
N ALA I 527 59.88 -200.66 -135.06
CA ALA I 527 58.91 -200.54 -133.97
C ALA I 527 59.65 -200.68 -132.64
N ILE I 528 60.23 -199.55 -132.20
CA ILE I 528 60.69 -199.23 -130.84
C ILE I 528 60.63 -197.71 -130.80
N SER I 529 59.98 -197.13 -129.80
CA SER I 529 59.87 -195.68 -129.74
C SER I 529 61.08 -195.05 -129.06
N PHE J 150 35.48 -199.59 -138.83
CA PHE J 150 34.47 -199.70 -137.78
C PHE J 150 33.09 -199.34 -138.35
N ASP J 151 32.04 -199.84 -137.71
CA ASP J 151 30.66 -199.70 -138.14
C ASP J 151 30.18 -198.26 -138.19
N LEU J 152 30.77 -197.36 -137.42
CA LEU J 152 30.40 -195.94 -137.40
C LEU J 152 31.16 -195.27 -138.55
N THR J 153 30.46 -195.04 -139.66
CA THR J 153 31.00 -194.35 -140.82
C THR J 153 30.14 -193.11 -141.07
N VAL J 154 30.65 -191.93 -140.70
CA VAL J 154 29.90 -190.69 -140.81
C VAL J 154 30.68 -189.69 -141.64
N GLY J 155 30.03 -188.58 -141.95
CA GLY J 155 30.67 -187.47 -142.64
C GLY J 155 30.01 -186.14 -142.33
N ILE J 156 30.79 -185.16 -141.88
CA ILE J 156 30.27 -183.88 -141.41
C ILE J 156 30.89 -182.78 -142.26
N THR J 157 30.06 -182.06 -143.01
CA THR J 157 30.52 -181.03 -143.93
C THR J 157 29.67 -179.79 -143.76
N ASP J 158 29.94 -178.80 -144.63
CA ASP J 158 29.16 -177.58 -144.88
C ASP J 158 28.88 -176.74 -143.64
N PRO J 159 29.85 -175.99 -143.13
CA PRO J 159 29.56 -175.07 -142.03
C PRO J 159 28.70 -173.89 -142.46
N GLU J 160 27.39 -174.11 -142.51
CA GLU J 160 26.43 -173.14 -143.04
C GLU J 160 25.97 -172.22 -141.90
N LYS J 161 26.16 -170.92 -142.08
CA LYS J 161 25.82 -169.92 -141.07
C LYS J 161 24.33 -169.61 -141.08
N ILE J 162 23.85 -169.07 -139.95
CA ILE J 162 22.42 -168.85 -139.77
C ILE J 162 22.21 -167.33 -139.69
N GLY J 163 23.05 -166.59 -140.42
CA GLY J 163 22.91 -165.15 -140.50
C GLY J 163 24.09 -164.45 -139.84
N ASP J 164 23.82 -163.25 -139.33
CA ASP J 164 24.84 -162.39 -138.77
C ASP J 164 24.72 -162.33 -137.24
N GLY J 165 25.86 -162.26 -136.60
CA GLY J 165 25.96 -162.18 -135.16
C GLY J 165 27.36 -162.55 -134.71
N MET J 166 27.51 -162.80 -133.41
CA MET J 166 28.77 -163.23 -132.83
C MET J 166 28.52 -164.46 -131.97
N ASN J 167 29.01 -165.61 -132.44
CA ASN J 167 29.09 -166.87 -131.67
C ASN J 167 27.70 -167.41 -131.30
N ALA J 168 26.87 -167.63 -132.31
CA ALA J 168 25.52 -168.15 -132.03
C ALA J 168 25.26 -169.53 -132.63
N TYR J 169 25.28 -169.67 -133.96
CA TYR J 169 24.73 -170.87 -134.59
C TYR J 169 25.32 -171.04 -135.98
N VAL J 170 25.80 -172.25 -136.28
CA VAL J 170 26.25 -172.66 -137.61
C VAL J 170 25.71 -174.06 -137.89
N ALA J 171 25.04 -174.22 -139.02
CA ALA J 171 24.48 -175.52 -139.38
C ALA J 171 25.56 -176.46 -139.91
N TYR J 172 25.35 -177.77 -139.69
CA TYR J 172 26.30 -178.81 -140.05
C TYR J 172 25.62 -179.83 -140.95
N LYS J 173 26.13 -179.99 -142.17
CA LYS J 173 25.71 -181.11 -143.01
C LYS J 173 26.38 -182.37 -142.52
N VAL J 174 25.62 -183.24 -141.86
CA VAL J 174 26.15 -184.45 -141.24
C VAL J 174 25.56 -185.64 -141.98
N THR J 175 26.39 -186.34 -142.74
CA THR J 175 25.95 -187.53 -143.44
C THR J 175 26.45 -188.77 -142.71
N THR J 176 25.52 -189.65 -142.35
CA THR J 176 25.81 -190.83 -141.53
C THR J 176 25.48 -192.09 -142.32
N GLN J 177 26.49 -192.94 -142.52
CA GLN J 177 26.35 -194.19 -143.26
C GLN J 177 26.63 -195.39 -142.35
N THR J 178 26.06 -195.36 -141.16
CA THR J 178 26.46 -196.27 -140.10
C THR J 178 25.88 -197.67 -140.32
N SER J 179 26.65 -198.69 -139.94
CA SER J 179 26.19 -200.07 -139.84
C SER J 179 25.43 -200.28 -138.54
N LEU J 180 25.27 -201.56 -138.11
CA LEU J 180 24.66 -201.96 -136.85
C LEU J 180 23.20 -201.51 -136.76
N PRO J 181 22.26 -202.32 -137.31
CA PRO J 181 20.95 -201.83 -137.77
C PRO J 181 20.01 -201.15 -136.76
N MET J 182 20.47 -200.91 -135.54
CA MET J 182 19.86 -199.88 -134.71
C MET J 182 19.90 -198.51 -135.39
N PHE J 183 20.96 -198.22 -136.15
CA PHE J 183 20.88 -197.17 -137.16
C PHE J 183 19.97 -197.65 -138.28
N ARG J 184 19.07 -196.78 -138.74
CA ARG J 184 17.83 -197.22 -139.40
C ARG J 184 18.09 -197.83 -140.77
N SER J 185 18.59 -197.03 -141.72
CA SER J 185 18.53 -197.43 -143.12
C SER J 185 19.81 -197.20 -143.91
N ARG J 186 20.97 -197.15 -143.24
CA ARG J 186 22.32 -197.12 -143.83
C ARG J 186 22.62 -195.86 -144.66
N GLN J 187 21.67 -194.94 -144.78
CA GLN J 187 21.84 -193.75 -145.61
C GLN J 187 20.99 -192.64 -144.99
N PHE J 188 21.60 -191.89 -144.07
CA PHE J 188 21.00 -190.69 -143.51
C PHE J 188 21.96 -189.52 -143.72
N ALA J 189 21.37 -188.32 -143.82
CA ALA J 189 22.12 -187.09 -144.00
C ALA J 189 21.39 -186.00 -143.21
N VAL J 190 21.81 -185.79 -141.97
CA VAL J 190 21.10 -184.90 -141.07
C VAL J 190 21.77 -183.52 -141.09
N LYS J 191 20.95 -182.48 -140.98
CA LYS J 191 21.41 -181.11 -140.83
C LYS J 191 21.19 -180.71 -139.38
N ARG J 192 22.27 -180.57 -138.63
CA ARG J 192 22.19 -180.35 -137.19
C ARG J 192 22.89 -179.05 -136.83
N ARG J 193 22.21 -178.19 -136.07
CA ARG J 193 22.79 -176.96 -135.56
C ARG J 193 23.21 -177.15 -134.12
N PHE J 194 24.46 -176.79 -133.81
CA PHE J 194 24.94 -176.90 -132.45
C PHE J 194 24.43 -175.74 -131.61
N SER J 195 24.86 -175.72 -130.33
CA SER J 195 24.33 -174.88 -129.26
C SER J 195 22.84 -175.09 -129.03
N ASP J 196 22.32 -176.26 -129.43
CA ASP J 196 20.94 -176.66 -129.21
C ASP J 196 20.85 -178.03 -128.58
N PHE J 197 21.69 -178.97 -129.00
CA PHE J 197 21.73 -180.29 -128.40
C PHE J 197 22.80 -180.41 -127.32
N LEU J 198 23.50 -179.34 -126.99
CA LEU J 198 24.23 -179.37 -125.72
C LEU J 198 23.28 -179.19 -124.55
N GLY J 199 22.13 -178.55 -124.77
CA GLY J 199 21.06 -178.62 -123.78
C GLY J 199 20.49 -180.02 -123.66
N LEU J 200 20.43 -180.75 -124.78
CA LEU J 200 20.10 -182.17 -124.74
C LEU J 200 21.18 -182.95 -123.99
N TYR J 201 22.44 -182.56 -124.17
CA TYR J 201 23.53 -183.16 -123.41
C TYR J 201 23.43 -182.84 -121.92
N GLU J 202 22.89 -181.68 -121.57
CA GLU J 202 22.71 -181.39 -120.15
C GLU J 202 21.49 -182.10 -119.58
N LYS J 203 20.49 -182.38 -120.42
CA LYS J 203 19.43 -183.28 -120.01
C LYS J 203 19.98 -184.68 -119.78
N LEU J 204 20.91 -185.10 -120.64
CA LEU J 204 21.66 -186.34 -120.42
C LEU J 204 22.49 -186.28 -119.15
N SER J 205 23.03 -185.10 -118.82
CA SER J 205 23.84 -184.92 -117.63
C SER J 205 23.03 -185.10 -116.37
N GLU J 206 21.88 -184.42 -116.30
CA GLU J 206 20.99 -184.60 -115.14
C GLU J 206 20.37 -186.00 -115.13
N LYS J 207 20.17 -186.60 -116.32
CA LYS J 207 19.65 -187.95 -116.40
C LYS J 207 20.61 -188.96 -115.77
N HIS J 208 21.88 -188.94 -116.18
CA HIS J 208 22.81 -189.86 -115.55
C HIS J 208 23.21 -189.41 -114.14
N SER J 209 22.86 -188.17 -113.75
CA SER J 209 22.95 -187.86 -112.33
C SER J 209 21.90 -188.63 -111.55
N GLN J 210 20.67 -188.72 -112.06
CA GLN J 210 19.65 -189.43 -111.30
C GLN J 210 19.75 -190.95 -111.45
N ASN J 211 20.36 -191.46 -112.53
CA ASN J 211 20.35 -192.92 -112.68
C ASN J 211 21.71 -193.55 -112.92
N GLY J 212 22.80 -192.79 -112.87
CA GLY J 212 24.12 -193.36 -112.94
C GLY J 212 24.52 -193.92 -114.29
N PHE J 213 24.12 -193.26 -115.37
CA PHE J 213 24.50 -193.71 -116.71
C PHE J 213 25.81 -193.05 -117.14
N ILE J 214 26.14 -193.18 -118.42
CA ILE J 214 27.43 -192.73 -118.96
C ILE J 214 27.18 -191.90 -120.21
N VAL J 215 27.70 -190.66 -120.20
CA VAL J 215 27.55 -189.73 -121.36
C VAL J 215 28.88 -189.72 -122.12
N PRO J 216 28.90 -189.32 -123.42
CA PRO J 216 30.14 -189.25 -124.19
C PRO J 216 30.79 -187.84 -124.18
N PRO J 217 32.01 -187.66 -124.75
CA PRO J 217 32.65 -186.33 -124.88
C PRO J 217 31.74 -185.16 -125.28
N PRO J 218 32.12 -183.89 -124.99
CA PRO J 218 31.23 -182.75 -125.23
C PRO J 218 30.82 -182.44 -126.67
N PRO J 219 29.55 -182.10 -126.93
CA PRO J 219 29.13 -181.63 -128.25
C PRO J 219 29.36 -180.12 -128.12
N GLU J 220 30.61 -179.67 -128.00
CA GLU J 220 30.95 -178.24 -127.73
C GLU J 220 30.01 -177.25 -128.44
N LYS J 221 29.50 -176.27 -127.69
CA LYS J 221 28.54 -175.29 -128.24
C LYS J 221 29.26 -174.01 -128.66
N SER J 222 28.52 -172.91 -128.82
CA SER J 222 29.12 -171.61 -129.22
C SER J 222 29.08 -170.63 -128.04
N LEU J 223 28.85 -169.34 -128.31
CA LEU J 223 28.97 -168.31 -127.27
C LEU J 223 30.29 -168.50 -126.53
N ILE J 224 31.34 -168.77 -127.30
CA ILE J 224 32.67 -169.03 -126.78
C ILE J 224 33.72 -168.10 -127.32
N GLY J 225 33.47 -167.42 -128.45
CA GLY J 225 34.51 -166.61 -129.05
C GLY J 225 34.76 -165.32 -128.30
N MET J 226 33.69 -164.69 -127.81
CA MET J 226 33.80 -163.45 -127.07
C MET J 226 33.41 -163.59 -125.60
N THR J 227 32.90 -164.75 -125.20
CA THR J 227 32.51 -165.01 -123.82
C THR J 227 33.11 -166.32 -123.34
N LYS J 228 33.38 -166.39 -122.04
CA LYS J 228 33.62 -167.61 -121.24
C LYS J 228 34.98 -168.27 -121.54
N VAL J 229 35.69 -167.79 -122.56
CA VAL J 229 36.98 -168.33 -122.97
C VAL J 229 37.97 -167.18 -122.94
N LYS J 230 39.21 -167.48 -122.54
CA LYS J 230 40.22 -166.46 -122.26
C LYS J 230 41.49 -166.53 -123.13
N VAL J 231 41.41 -166.51 -124.46
CA VAL J 231 40.29 -166.06 -125.31
C VAL J 231 40.15 -167.00 -126.51
N GLY J 232 39.22 -166.67 -127.41
CA GLY J 232 39.05 -167.41 -128.65
C GLY J 232 38.98 -166.54 -129.88
N LYS J 233 39.52 -167.00 -131.01
CA LYS J 233 39.59 -166.23 -132.24
C LYS J 233 38.73 -166.89 -133.31
N GLU J 234 38.03 -166.06 -134.10
CA GLU J 234 37.04 -166.56 -135.04
C GLU J 234 37.59 -166.82 -136.44
N ASP J 235 38.64 -166.11 -136.86
CA ASP J 235 39.26 -166.40 -138.16
C ASP J 235 39.96 -167.75 -138.13
N SER J 236 40.56 -168.10 -136.99
CA SER J 236 41.03 -169.45 -136.76
C SER J 236 39.88 -170.42 -136.50
N SER J 237 38.71 -169.92 -136.12
CA SER J 237 37.59 -170.82 -135.90
C SER J 237 36.88 -171.20 -137.18
N SER J 238 36.88 -170.29 -138.17
CA SER J 238 36.00 -170.20 -139.33
C SER J 238 35.73 -171.51 -140.05
N ALA J 239 36.72 -172.41 -140.07
CA ALA J 239 36.45 -173.79 -140.42
C ALA J 239 37.12 -174.71 -139.42
N GLU J 240 38.19 -174.21 -138.79
CA GLU J 240 39.10 -175.12 -138.10
C GLU J 240 38.61 -175.45 -136.70
N PHE J 241 38.07 -174.49 -135.95
CA PHE J 241 37.48 -174.87 -134.67
C PHE J 241 36.17 -175.60 -134.88
N LEU J 242 35.54 -175.43 -136.04
CA LEU J 242 34.41 -176.27 -136.41
C LEU J 242 34.88 -177.71 -136.66
N GLU J 243 36.10 -177.86 -137.21
CA GLU J 243 36.70 -179.19 -137.28
C GLU J 243 37.05 -179.71 -135.89
N LYS J 244 37.36 -178.83 -134.95
CA LYS J 244 37.55 -179.28 -133.57
C LYS J 244 36.23 -179.71 -132.93
N ARG J 245 35.13 -179.04 -133.31
CA ARG J 245 33.81 -179.53 -132.95
C ARG J 245 33.55 -180.90 -133.56
N ARG J 246 34.01 -181.10 -134.80
CA ARG J 246 33.87 -182.39 -135.46
C ARG J 246 34.70 -183.47 -134.75
N ALA J 247 35.84 -183.09 -134.19
CA ALA J 247 36.67 -184.05 -133.46
C ALA J 247 36.01 -184.43 -132.13
N ALA J 248 35.51 -183.44 -131.40
CA ALA J 248 34.77 -183.71 -130.16
C ALA J 248 33.49 -184.49 -130.44
N LEU J 249 32.87 -184.25 -131.59
CA LEU J 249 31.69 -185.00 -131.98
C LEU J 249 32.02 -186.40 -132.44
N GLU J 250 33.21 -186.61 -132.99
CA GLU J 250 33.62 -187.98 -133.34
C GLU J 250 33.89 -188.78 -132.07
N ARG J 251 34.49 -188.14 -131.07
CA ARG J 251 34.68 -188.82 -129.79
C ARG J 251 33.34 -189.04 -129.08
N TYR J 252 32.42 -188.09 -129.25
CA TYR J 252 31.02 -188.25 -128.84
C TYR J 252 30.40 -189.49 -129.46
N LEU J 253 30.58 -189.66 -130.77
CA LEU J 253 30.01 -190.81 -131.47
C LEU J 253 30.64 -192.12 -131.02
N GLN J 254 31.97 -192.14 -130.86
CA GLN J 254 32.64 -193.36 -130.46
C GLN J 254 32.26 -193.79 -129.05
N ARG J 255 32.20 -192.84 -128.11
CA ARG J 255 31.85 -193.25 -126.77
C ARG J 255 30.36 -193.39 -126.56
N ILE J 256 29.51 -192.83 -127.43
CA ILE J 256 28.09 -193.16 -127.34
C ILE J 256 27.85 -194.54 -127.94
N VAL J 257 28.82 -195.04 -128.71
CA VAL J 257 28.71 -196.45 -129.17
C VAL J 257 29.27 -197.31 -128.04
N ASN J 258 30.20 -196.74 -127.24
CA ASN J 258 30.87 -197.51 -126.16
C ASN J 258 29.90 -197.95 -125.05
N HIS J 259 28.81 -197.21 -124.82
CA HIS J 259 27.77 -197.71 -123.88
C HIS J 259 26.65 -198.26 -124.77
N PRO J 260 26.65 -199.53 -125.30
CA PRO J 260 25.65 -199.92 -126.30
C PRO J 260 24.25 -200.17 -125.74
N THR J 261 24.17 -200.63 -124.49
CA THR J 261 22.87 -200.73 -123.84
C THR J 261 22.31 -199.36 -123.52
N MET J 262 23.18 -198.45 -123.05
CA MET J 262 22.78 -197.07 -122.83
C MET J 262 22.67 -196.29 -124.13
N LEU J 263 23.34 -196.76 -125.20
CA LEU J 263 23.03 -196.29 -126.53
C LEU J 263 21.62 -196.66 -126.95
N GLN J 264 21.09 -197.77 -126.43
CA GLN J 264 19.69 -198.13 -126.66
C GLN J 264 18.76 -197.47 -125.66
N ASP J 265 18.95 -196.16 -125.50
CA ASP J 265 17.94 -195.22 -125.03
C ASP J 265 17.53 -194.52 -126.31
N PRO J 266 16.56 -195.07 -127.05
CA PRO J 266 16.41 -194.72 -128.47
C PRO J 266 15.86 -193.32 -128.72
N ASP J 267 15.34 -192.65 -127.69
CA ASP J 267 14.80 -191.31 -127.86
C ASP J 267 15.89 -190.33 -128.28
N VAL J 268 17.03 -190.35 -127.60
CA VAL J 268 18.11 -189.43 -127.94
C VAL J 268 18.85 -189.86 -129.20
N ARG J 269 18.84 -191.16 -129.53
CA ARG J 269 19.41 -191.60 -130.79
C ARG J 269 18.58 -191.11 -131.96
N GLU J 270 17.25 -191.19 -131.85
CA GLU J 270 16.39 -190.61 -132.87
C GLU J 270 16.45 -189.09 -132.86
N PHE J 271 16.77 -188.48 -131.71
CA PHE J 271 16.99 -187.04 -131.68
C PHE J 271 18.21 -186.66 -132.49
N LEU J 272 19.27 -187.47 -132.39
CA LEU J 272 20.48 -187.19 -133.15
C LEU J 272 20.31 -187.47 -134.64
N GLU J 273 19.64 -188.57 -135.01
CA GLU J 273 19.57 -188.96 -136.41
C GLU J 273 18.33 -188.40 -137.12
N LYS J 274 17.62 -187.46 -136.52
CA LYS J 274 16.53 -186.75 -137.19
C LYS J 274 16.72 -185.26 -137.03
N GLU J 275 15.79 -184.50 -137.60
CA GLU J 275 15.86 -183.04 -137.65
C GLU J 275 14.54 -182.49 -137.09
N GLU J 276 14.59 -181.99 -135.86
CA GLU J 276 13.44 -181.37 -135.21
C GLU J 276 13.86 -180.11 -134.47
N LEU J 277 14.96 -179.51 -134.94
CA LEU J 277 15.87 -178.54 -134.31
C LEU J 277 15.19 -177.48 -133.46
N PRO J 278 15.69 -177.21 -132.26
CA PRO J 278 15.08 -176.18 -131.41
C PRO J 278 15.37 -174.79 -131.93
N ARG J 279 14.70 -173.81 -131.34
CA ARG J 279 14.82 -172.41 -131.73
C ARG J 279 16.07 -171.80 -131.10
N ALA J 280 16.24 -170.49 -131.30
CA ALA J 280 17.50 -169.80 -131.00
C ALA J 280 17.53 -169.19 -129.60
N VAL J 281 16.87 -169.81 -128.61
CA VAL J 281 16.83 -169.26 -127.26
C VAL J 281 17.90 -169.87 -126.38
N GLY J 282 18.90 -170.50 -127.00
CA GLY J 282 19.89 -171.25 -126.25
C GLY J 282 21.01 -170.45 -125.59
N THR J 283 20.81 -169.17 -125.33
CA THR J 283 21.79 -168.33 -124.64
C THR J 283 21.11 -167.73 -123.41
N GLN J 284 21.23 -168.40 -122.27
CA GLN J 284 20.67 -167.92 -121.02
C GLN J 284 21.52 -168.44 -119.87
N ALA J 285 21.15 -168.03 -118.65
CA ALA J 285 21.85 -168.46 -117.44
C ALA J 285 20.81 -168.85 -116.40
N LEU J 286 20.73 -170.14 -116.11
CA LEU J 286 19.83 -170.68 -115.09
C LEU J 286 20.52 -171.77 -114.26
N SER J 287 21.76 -171.50 -113.84
CA SER J 287 22.61 -172.49 -113.17
C SER J 287 22.38 -172.53 -111.67
N GLY J 288 21.16 -172.21 -111.23
CA GLY J 288 20.78 -172.24 -109.82
C GLY J 288 20.91 -173.60 -109.17
N ALA J 289 20.90 -174.68 -109.96
CA ALA J 289 21.26 -175.99 -109.42
C ALA J 289 22.71 -176.01 -108.94
N GLY J 290 23.63 -175.47 -109.74
CA GLY J 290 24.99 -175.32 -109.29
C GLY J 290 25.14 -174.34 -108.15
N LEU J 291 24.26 -173.34 -108.07
CA LEU J 291 24.22 -172.47 -106.90
C LEU J 291 23.83 -173.25 -105.64
N LEU J 292 22.83 -174.13 -105.73
CA LEU J 292 22.49 -174.97 -104.58
C LEU J 292 23.58 -175.98 -104.24
N LYS J 293 24.37 -176.40 -105.23
CA LYS J 293 25.55 -177.21 -104.93
C LYS J 293 26.57 -176.40 -104.13
N MET J 294 26.76 -175.14 -104.51
CA MET J 294 27.64 -174.26 -103.74
C MET J 294 27.09 -173.99 -102.34
N PHE J 295 25.77 -173.97 -102.18
CA PHE J 295 25.19 -173.88 -100.84
C PHE J 295 25.45 -175.15 -100.02
N ASN J 296 25.30 -176.33 -100.64
CA ASN J 296 25.45 -177.57 -99.89
C ASN J 296 26.90 -177.97 -99.69
N LYS J 297 27.84 -177.24 -100.31
CA LYS J 297 29.28 -177.45 -100.08
C LYS J 297 29.65 -177.27 -98.61
N ALA J 298 28.94 -176.42 -97.87
CA ALA J 298 29.20 -176.25 -96.45
C ALA J 298 28.85 -177.51 -95.65
N THR J 299 27.77 -178.19 -96.04
CA THR J 299 27.44 -179.46 -95.40
C THR J 299 28.41 -180.56 -95.85
N ASP J 300 28.90 -180.46 -97.09
CA ASP J 300 29.92 -181.40 -97.57
C ASP J 300 31.20 -181.30 -96.75
N ALA J 301 31.60 -180.06 -96.43
CA ALA J 301 32.84 -179.81 -95.71
C ALA J 301 32.81 -180.29 -94.27
N VAL J 302 31.62 -180.50 -93.69
CA VAL J 302 31.52 -181.04 -92.34
C VAL J 302 31.14 -182.53 -92.34
N SER J 303 30.65 -183.06 -93.45
CA SER J 303 30.31 -184.48 -93.49
C SER J 303 31.39 -185.35 -94.15
N LYS J 304 32.41 -184.74 -94.77
CA LYS J 304 33.37 -185.49 -95.59
C LYS J 304 34.16 -186.54 -94.80
N MET J 305 34.32 -186.37 -93.49
CA MET J 305 35.00 -187.41 -92.70
C MET J 305 34.14 -188.66 -92.56
N THR J 306 32.85 -188.47 -92.26
CA THR J 306 31.90 -189.58 -92.23
C THR J 306 31.71 -190.22 -93.60
N ILE J 307 31.97 -189.47 -94.67
CA ILE J 307 32.16 -190.13 -95.97
C ILE J 307 33.42 -190.98 -95.97
N LYS J 308 34.54 -190.42 -95.48
CA LYS J 308 35.85 -191.07 -95.55
C LYS J 308 35.98 -192.32 -94.69
N MET J 309 35.00 -192.64 -93.84
CA MET J 309 35.12 -193.87 -93.04
C MET J 309 34.83 -195.14 -93.84
N ASN J 310 34.52 -195.06 -95.13
CA ASN J 310 34.12 -196.21 -95.93
C ASN J 310 35.35 -197.01 -96.39
N GLU J 311 35.14 -197.91 -97.36
CA GLU J 311 36.17 -198.78 -97.89
C GLU J 311 36.38 -198.64 -99.40
N SER J 312 35.34 -198.29 -100.17
CA SER J 312 35.53 -198.12 -101.60
C SER J 312 36.37 -196.89 -101.91
N ASP J 313 36.23 -195.83 -101.11
CA ASP J 313 37.08 -194.66 -101.28
C ASP J 313 38.51 -194.95 -100.83
N ILE J 314 38.73 -195.99 -100.03
CA ILE J 314 40.08 -196.45 -99.76
C ILE J 314 40.67 -197.08 -101.00
N TRP J 315 39.84 -197.65 -101.88
CA TRP J 315 40.30 -198.03 -103.20
C TRP J 315 40.41 -196.84 -104.13
N PHE J 316 39.70 -195.74 -103.85
CA PHE J 316 39.55 -194.68 -104.83
C PHE J 316 40.48 -193.49 -104.64
N GLU J 317 40.85 -193.14 -103.40
CA GLU J 317 41.43 -191.82 -103.13
C GLU J 317 42.87 -191.71 -103.64
N GLU J 318 43.52 -192.84 -103.90
CA GLU J 318 44.83 -192.82 -104.56
C GLU J 318 44.70 -192.21 -105.93
N LYS J 319 43.62 -192.55 -106.65
CA LYS J 319 43.34 -191.93 -107.94
C LYS J 319 43.03 -190.46 -107.78
N LEU J 320 42.45 -190.07 -106.64
CA LEU J 320 42.11 -188.66 -106.39
C LEU J 320 43.37 -187.81 -106.26
N GLN J 321 44.29 -188.22 -105.38
CA GLN J 321 45.53 -187.48 -105.20
C GLN J 321 46.42 -187.55 -106.44
N GLU J 322 46.42 -188.72 -107.10
CA GLU J 322 47.18 -188.90 -108.32
C GLU J 322 46.66 -187.98 -109.43
N VAL J 323 45.33 -187.90 -109.59
CA VAL J 323 44.79 -187.06 -110.63
C VAL J 323 44.90 -185.60 -110.24
N GLU J 324 45.06 -185.29 -108.94
CA GLU J 324 45.32 -183.91 -108.53
C GLU J 324 46.70 -183.46 -108.99
N CYS J 325 47.73 -184.29 -108.73
CA CYS J 325 49.06 -183.88 -109.20
C CYS J 325 49.14 -183.93 -110.72
N GLU J 326 48.40 -184.86 -111.35
CA GLU J 326 48.32 -184.89 -112.81
C GLU J 326 47.66 -183.65 -113.37
N GLU J 327 46.56 -183.19 -112.78
CA GLU J 327 45.87 -182.02 -113.33
C GLU J 327 46.68 -180.76 -113.11
N GLN J 328 47.42 -180.68 -112.00
CA GLN J 328 48.32 -179.56 -111.78
C GLN J 328 49.41 -179.51 -112.84
N ARG J 329 50.07 -180.63 -113.08
CA ARG J 329 51.21 -180.61 -114.04
C ARG J 329 50.71 -180.57 -115.49
N LEU J 330 49.45 -180.94 -115.75
CA LEU J 330 48.96 -180.81 -117.15
C LEU J 330 48.40 -179.41 -117.41
N ARG J 331 47.90 -178.72 -116.38
CA ARG J 331 47.45 -177.32 -116.59
C ARG J 331 48.70 -176.44 -116.74
N LYS J 332 49.80 -176.81 -116.09
CA LYS J 332 51.06 -176.08 -116.28
C LYS J 332 51.65 -176.36 -117.66
N LEU J 333 51.68 -177.63 -118.08
CA LEU J 333 52.17 -177.97 -119.41
C LEU J 333 51.27 -177.39 -120.51
N HIS J 334 49.80 -177.31 -120.30
CA HIS J 334 48.85 -176.60 -121.17
C HIS J 334 49.28 -175.17 -121.39
N ALA J 335 49.61 -174.47 -120.28
CA ALA J 335 49.99 -173.07 -120.36
C ALA J 335 51.31 -172.89 -121.13
N VAL J 336 52.29 -173.76 -120.88
CA VAL J 336 53.57 -173.59 -121.57
C VAL J 336 53.47 -174.02 -123.04
N VAL J 337 52.61 -174.99 -123.36
CA VAL J 337 52.32 -175.37 -124.75
C VAL J 337 51.68 -174.21 -125.50
N GLU J 338 50.69 -173.54 -124.89
CA GLU J 338 50.09 -172.40 -125.56
C GLU J 338 51.03 -171.21 -125.61
N THR J 339 52.00 -171.15 -124.68
CA THR J 339 53.06 -170.16 -124.78
C THR J 339 53.94 -170.43 -125.99
N LEU J 340 54.20 -171.71 -126.32
CA LEU J 340 54.89 -172.00 -127.57
C LEU J 340 54.04 -171.69 -128.79
N VAL J 341 52.71 -171.87 -128.67
CA VAL J 341 51.82 -171.58 -129.79
C VAL J 341 51.83 -170.07 -130.09
N ASN J 342 51.87 -169.25 -129.04
CA ASN J 342 52.09 -167.81 -129.22
C ASN J 342 53.50 -167.55 -129.81
N HIS J 343 54.65 -168.29 -129.21
CA HIS J 343 56.08 -168.12 -129.56
C HIS J 343 56.34 -168.32 -131.06
N ARG J 344 55.71 -169.34 -131.65
CA ARG J 344 55.99 -169.70 -133.03
C ARG J 344 55.54 -168.62 -134.01
N LYS J 345 54.59 -167.77 -133.62
CA LYS J 345 54.07 -166.77 -134.53
C LYS J 345 55.11 -165.69 -134.80
N GLU J 346 55.72 -165.15 -133.76
CA GLU J 346 56.81 -164.23 -133.98
C GLU J 346 58.08 -164.93 -134.45
N LEU J 347 58.22 -166.25 -134.20
CA LEU J 347 59.26 -167.02 -134.87
C LEU J 347 59.09 -166.97 -136.39
N ALA J 348 57.87 -167.23 -136.85
CA ALA J 348 57.59 -167.31 -138.28
C ALA J 348 57.67 -165.93 -138.92
N LEU J 349 57.19 -164.90 -138.23
CA LEU J 349 57.30 -163.54 -138.74
C LEU J 349 58.76 -163.08 -138.78
N ASN J 350 59.55 -163.47 -137.77
CA ASN J 350 60.96 -163.12 -137.72
C ASN J 350 61.74 -163.77 -138.86
N THR J 351 61.54 -165.05 -139.10
CA THR J 351 62.23 -165.72 -140.20
C THR J 351 61.69 -165.35 -141.57
N ALA J 352 60.40 -164.99 -141.67
CA ALA J 352 59.86 -164.49 -142.92
C ALA J 352 60.44 -163.12 -143.27
N LEU J 353 60.55 -162.25 -142.27
CA LEU J 353 61.22 -160.96 -142.50
C LEU J 353 62.71 -161.13 -142.71
N PHE J 354 63.31 -162.21 -142.22
CA PHE J 354 64.67 -162.55 -142.61
C PHE J 354 64.78 -162.87 -144.09
N ALA J 355 63.84 -163.66 -144.62
CA ALA J 355 63.86 -163.96 -146.04
C ALA J 355 63.58 -162.71 -146.87
N LYS J 356 62.69 -161.85 -146.38
CA LYS J 356 62.46 -160.57 -147.03
C LYS J 356 63.68 -159.67 -146.98
N SER J 357 64.44 -159.70 -145.89
CA SER J 357 65.66 -158.90 -145.81
C SER J 357 66.79 -159.50 -146.64
N LEU J 358 66.76 -160.82 -146.85
CA LEU J 358 67.62 -161.43 -147.85
C LEU J 358 67.31 -160.88 -149.23
N ALA J 359 66.02 -160.82 -149.57
CA ALA J 359 65.58 -160.24 -150.84
C ALA J 359 65.92 -158.76 -150.94
N MET J 360 65.92 -158.05 -149.80
CA MET J 360 66.33 -156.65 -149.80
C MET J 360 67.81 -156.51 -150.06
N LEU J 361 68.64 -157.08 -149.18
CA LEU J 361 70.08 -156.86 -149.21
C LEU J 361 70.76 -157.62 -150.34
N GLY J 362 70.04 -158.50 -151.04
CA GLY J 362 70.57 -159.08 -152.26
C GLY J 362 70.46 -158.17 -153.47
N SER J 363 69.93 -156.97 -153.29
CA SER J 363 69.98 -155.97 -154.35
C SER J 363 71.32 -155.24 -154.32
N SER J 364 71.52 -154.40 -155.34
CA SER J 364 72.71 -153.54 -155.49
C SER J 364 74.01 -154.34 -155.53
N GLU J 365 73.95 -155.53 -156.14
CA GLU J 365 75.10 -156.40 -156.22
C GLU J 365 74.95 -157.29 -157.45
N ASP J 366 76.10 -157.63 -158.06
CA ASP J 366 76.13 -158.59 -159.18
C ASP J 366 77.06 -159.73 -158.77
N ASN J 367 76.50 -160.67 -158.02
CA ASN J 367 77.13 -161.94 -157.69
C ASN J 367 76.11 -163.05 -157.84
N THR J 368 75.47 -163.09 -159.02
CA THR J 368 74.18 -163.71 -159.33
C THR J 368 73.91 -165.10 -158.76
N ALA J 369 74.98 -165.85 -158.42
CA ALA J 369 74.85 -166.99 -157.53
C ALA J 369 74.19 -166.60 -156.22
N LEU J 370 74.52 -165.41 -155.70
CA LEU J 370 73.82 -164.92 -154.52
C LEU J 370 72.34 -164.65 -154.80
N SER J 371 72.01 -164.24 -156.03
CA SER J 371 70.61 -164.01 -156.37
C SER J 371 69.82 -165.32 -156.42
N ARG J 372 70.42 -166.36 -157.01
CA ARG J 372 69.80 -167.68 -156.96
C ARG J 372 69.73 -168.22 -155.54
N ALA J 373 70.72 -167.88 -154.70
CA ALA J 373 70.69 -168.27 -153.30
C ALA J 373 69.54 -167.61 -152.56
N LEU J 374 69.28 -166.34 -152.83
CA LEU J 374 68.08 -165.66 -152.36
C LEU J 374 66.81 -166.38 -152.80
N SER J 375 66.69 -166.63 -154.11
CA SER J 375 65.46 -167.19 -154.67
C SER J 375 65.19 -168.61 -154.22
N GLN J 376 66.22 -169.33 -153.77
CA GLN J 376 66.06 -170.67 -153.22
C GLN J 376 65.87 -170.68 -151.71
N LEU J 377 66.62 -169.82 -151.00
CA LEU J 377 66.56 -169.75 -149.54
C LEU J 377 65.26 -169.17 -149.02
N ALA J 378 64.69 -168.16 -149.70
CA ALA J 378 63.42 -167.60 -149.24
C ALA J 378 62.31 -168.65 -149.26
N GLU J 379 62.23 -169.40 -150.35
CA GLU J 379 61.17 -170.39 -150.46
C GLU J 379 61.41 -171.62 -149.57
N VAL J 380 62.66 -172.04 -149.36
CA VAL J 380 62.82 -173.17 -148.42
C VAL J 380 62.64 -172.73 -146.97
N GLU J 381 62.94 -171.46 -146.66
CA GLU J 381 62.57 -170.91 -145.36
C GLU J 381 61.06 -170.91 -145.19
N GLU J 382 60.32 -170.58 -146.25
CA GLU J 382 58.87 -170.61 -146.14
C GLU J 382 58.33 -172.02 -146.01
N LYS J 383 59.03 -173.01 -146.61
CA LYS J 383 58.66 -174.41 -146.40
C LYS J 383 58.82 -174.82 -144.95
N ILE J 384 59.97 -174.48 -144.35
CA ILE J 384 60.21 -174.76 -142.93
C ILE J 384 59.19 -174.01 -142.06
N GLU J 385 58.86 -172.78 -142.47
CA GLU J 385 57.91 -171.93 -141.78
C GLU J 385 56.53 -172.58 -141.71
N GLN J 386 55.99 -172.96 -142.87
CA GLN J 386 54.67 -173.58 -142.89
C GLN J 386 54.68 -174.96 -142.24
N LEU J 387 55.81 -175.67 -142.30
CA LEU J 387 55.91 -177.00 -141.71
C LEU J 387 55.77 -176.93 -140.18
N HIS J 388 56.68 -176.20 -139.54
CA HIS J 388 56.59 -176.14 -138.08
C HIS J 388 55.42 -175.29 -137.63
N GLN J 389 54.89 -174.44 -138.51
CA GLN J 389 53.69 -173.68 -138.19
C GLN J 389 52.47 -174.59 -138.10
N GLU J 390 52.29 -175.47 -139.09
CA GLU J 390 51.11 -176.34 -139.05
C GLU J 390 51.22 -177.37 -137.94
N GLN J 391 52.43 -177.88 -137.67
CA GLN J 391 52.60 -178.76 -136.51
C GLN J 391 52.28 -178.01 -135.21
N ALA J 392 52.98 -176.87 -135.01
CA ALA J 392 52.98 -176.04 -133.83
C ALA J 392 51.60 -175.53 -133.47
N ASN J 393 50.73 -175.24 -134.45
CA ASN J 393 49.38 -175.00 -133.99
C ASN J 393 48.64 -176.32 -133.79
N ASN J 394 48.41 -177.09 -134.87
CA ASN J 394 47.23 -177.96 -134.90
C ASN J 394 47.32 -179.05 -133.85
N ASP J 395 48.50 -179.66 -133.69
CA ASP J 395 48.53 -180.77 -132.75
C ASP J 395 48.61 -180.29 -131.30
N PHE J 396 49.27 -179.16 -131.09
CA PHE J 396 49.41 -178.61 -129.75
C PHE J 396 48.06 -178.17 -129.20
N PHE J 397 47.28 -177.42 -130.00
CA PHE J 397 45.99 -176.92 -129.49
C PHE J 397 44.94 -178.04 -129.47
N LEU J 398 45.17 -179.11 -130.24
CA LEU J 398 44.24 -180.27 -130.20
C LEU J 398 44.53 -181.06 -128.92
N LEU J 399 45.80 -181.30 -128.63
CA LEU J 399 46.17 -182.01 -127.37
C LEU J 399 45.71 -181.12 -126.20
N ALA J 400 45.65 -179.81 -126.42
CA ALA J 400 45.18 -178.89 -125.38
C ALA J 400 43.68 -179.02 -125.16
N GLU J 401 42.91 -179.11 -126.25
CA GLU J 401 41.47 -179.37 -126.14
C GLU J 401 41.20 -180.75 -125.54
N LEU J 402 42.06 -181.72 -125.86
CA LEU J 402 41.96 -183.07 -125.32
C LEU J 402 42.11 -183.06 -123.80
N LEU J 403 43.16 -182.42 -123.30
CA LEU J 403 43.32 -182.31 -121.86
C LEU J 403 42.25 -181.41 -121.25
N SER J 404 41.72 -180.44 -122.00
CA SER J 404 40.73 -179.52 -121.44
C SER J 404 39.39 -180.21 -121.20
N ASP J 405 38.84 -180.88 -122.21
CA ASP J 405 37.61 -181.61 -121.92
C ASP J 405 37.87 -182.88 -121.13
N TYR J 406 39.13 -183.34 -121.05
CA TYR J 406 39.47 -184.35 -120.06
C TYR J 406 39.32 -183.81 -118.64
N ILE J 407 39.77 -182.57 -118.40
CA ILE J 407 39.55 -181.89 -117.12
C ILE J 407 38.06 -181.70 -116.87
N ARG J 408 37.29 -181.43 -117.93
CA ARG J 408 35.84 -181.33 -117.81
C ARG J 408 35.25 -182.67 -117.35
N LEU J 409 35.74 -183.78 -117.93
CA LEU J 409 35.32 -185.11 -117.52
C LEU J 409 35.71 -185.39 -116.07
N LEU J 410 36.88 -184.91 -115.66
CA LEU J 410 37.30 -185.06 -114.27
C LEU J 410 36.39 -184.29 -113.33
N ALA J 411 35.99 -183.07 -113.72
CA ALA J 411 35.10 -182.27 -112.88
C ALA J 411 33.72 -182.90 -112.79
N ILE J 412 33.21 -183.46 -113.89
CA ILE J 412 31.89 -184.06 -113.80
C ILE J 412 31.93 -185.41 -113.08
N VAL J 413 33.07 -186.11 -113.04
CA VAL J 413 33.08 -187.30 -112.18
C VAL J 413 33.32 -186.94 -110.71
N ARG J 414 33.99 -185.81 -110.43
CA ARG J 414 33.96 -185.24 -109.09
C ARG J 414 32.53 -185.02 -108.64
N ALA J 415 31.74 -184.36 -109.50
CA ALA J 415 30.33 -184.12 -109.20
C ALA J 415 29.53 -185.43 -109.14
N ALA J 416 29.98 -186.46 -109.85
CA ALA J 416 29.29 -187.75 -109.82
C ALA J 416 29.41 -188.41 -108.45
N PHE J 417 30.64 -188.52 -107.91
CA PHE J 417 30.64 -189.06 -106.55
C PHE J 417 30.26 -188.03 -105.49
N ASP J 418 30.15 -186.75 -105.85
CA ASP J 418 29.47 -185.82 -104.96
C ASP J 418 27.99 -186.10 -104.86
N GLN J 419 27.37 -186.50 -105.99
CA GLN J 419 25.98 -186.94 -105.94
C GLN J 419 25.84 -188.25 -105.18
N ARG J 420 26.83 -189.14 -105.32
CA ARG J 420 26.88 -190.34 -104.49
C ARG J 420 26.99 -189.99 -103.01
N MET J 421 27.77 -188.95 -102.68
CA MET J 421 27.87 -188.44 -101.32
C MET J 421 26.54 -187.90 -100.82
N LYS J 422 25.82 -187.16 -101.67
CA LYS J 422 24.55 -186.57 -101.26
C LYS J 422 23.50 -187.64 -101.02
N THR J 423 23.43 -188.65 -101.89
CA THR J 423 22.53 -189.76 -101.64
C THR J 423 22.98 -190.63 -100.47
N TRP J 424 24.29 -190.67 -100.20
CA TRP J 424 24.81 -191.33 -99.01
C TRP J 424 24.26 -190.68 -97.75
N GLN J 425 24.38 -189.36 -97.64
CA GLN J 425 23.85 -188.70 -96.47
C GLN J 425 22.33 -188.67 -96.46
N ARG J 426 21.68 -188.82 -97.63
CA ARG J 426 20.24 -189.01 -97.68
C ARG J 426 19.81 -190.29 -96.96
N TRP J 427 20.40 -191.43 -97.31
CA TRP J 427 19.99 -192.63 -96.59
C TRP J 427 20.54 -192.64 -95.16
N GLN J 428 21.63 -191.90 -94.92
CA GLN J 428 22.20 -191.81 -93.58
C GLN J 428 21.26 -191.11 -92.61
N ASP J 429 20.83 -189.88 -92.94
CA ASP J 429 19.89 -189.24 -92.03
C ASP J 429 18.49 -189.82 -92.15
N ALA J 430 18.19 -190.53 -93.24
CA ALA J 430 16.94 -191.28 -93.33
C ALA J 430 16.87 -192.36 -92.27
N GLN J 431 17.92 -193.20 -92.17
CA GLN J 431 17.92 -194.24 -91.15
C GLN J 431 18.09 -193.67 -89.75
N ALA J 432 18.78 -192.53 -89.62
CA ALA J 432 18.90 -191.88 -88.32
C ALA J 432 17.54 -191.43 -87.79
N THR J 433 16.82 -190.62 -88.60
CA THR J 433 15.49 -190.18 -88.21
C THR J 433 14.51 -191.34 -88.09
N LEU J 434 14.69 -192.38 -88.91
CA LEU J 434 13.94 -193.63 -88.79
C LEU J 434 14.02 -194.20 -87.38
N GLN J 435 15.26 -194.47 -86.92
CA GLN J 435 15.49 -195.05 -85.62
C GLN J 435 14.93 -194.15 -84.51
N LYS J 436 15.22 -192.85 -84.60
CA LYS J 436 14.81 -191.92 -83.54
C LYS J 436 13.30 -191.78 -83.43
N LYS J 437 12.64 -191.28 -84.48
CA LYS J 437 11.23 -190.99 -84.34
C LYS J 437 10.38 -192.26 -84.38
N ARG J 438 10.87 -193.33 -85.01
CA ARG J 438 10.10 -194.56 -85.02
C ARG J 438 10.17 -195.28 -83.69
N GLU J 439 11.31 -195.21 -82.97
CA GLU J 439 11.27 -195.74 -81.63
C GLU J 439 10.54 -194.82 -80.67
N SER J 440 10.52 -193.50 -80.93
CA SER J 440 9.69 -192.63 -80.10
C SER J 440 8.20 -192.92 -80.29
N GLU J 441 7.81 -193.34 -81.50
CA GLU J 441 6.46 -193.87 -81.69
C GLU J 441 6.28 -195.21 -80.99
N ALA J 442 7.30 -196.07 -81.03
CA ALA J 442 7.17 -197.42 -80.50
C ALA J 442 7.09 -197.49 -78.98
N ARG J 443 7.77 -196.57 -78.28
CA ARG J 443 7.86 -196.64 -76.83
C ARG J 443 6.58 -196.21 -76.13
N LEU J 444 5.59 -195.67 -76.84
CA LEU J 444 4.33 -195.26 -76.25
C LEU J 444 3.22 -196.29 -76.46
N LEU J 445 3.57 -197.57 -76.40
CA LEU J 445 2.65 -198.65 -76.73
C LEU J 445 1.56 -198.87 -75.68
N TRP J 446 1.82 -198.57 -74.41
CA TRP J 446 0.84 -198.82 -73.37
C TRP J 446 -0.26 -197.79 -73.31
N ALA J 447 -0.11 -196.66 -74.00
CA ALA J 447 -1.27 -195.90 -74.41
C ALA J 447 -1.98 -196.78 -75.44
N ASN J 448 -3.08 -197.41 -75.03
CA ASN J 448 -3.60 -198.60 -75.70
C ASN J 448 -4.24 -198.24 -77.02
N LYS J 449 -3.38 -198.02 -78.01
CA LYS J 449 -3.78 -197.83 -79.40
C LYS J 449 -2.76 -198.55 -80.27
N PRO J 450 -3.05 -199.79 -80.67
CA PRO J 450 -2.06 -200.56 -81.43
C PRO J 450 -1.91 -200.13 -82.88
N ASP J 451 -2.75 -199.21 -83.36
CA ASP J 451 -2.64 -198.74 -84.73
C ASP J 451 -1.36 -197.95 -84.94
N LYS J 452 -0.92 -197.22 -83.91
CA LYS J 452 0.37 -196.55 -83.94
C LYS J 452 1.50 -197.55 -84.04
N LEU J 453 1.37 -198.69 -83.34
CA LEU J 453 2.37 -199.75 -83.44
C LEU J 453 2.38 -200.37 -84.83
N GLN J 454 1.20 -200.52 -85.45
CA GLN J 454 1.11 -201.08 -86.79
C GLN J 454 1.74 -200.16 -87.82
N GLN J 455 1.45 -198.87 -87.75
CA GLN J 455 2.03 -197.94 -88.72
C GLN J 455 3.52 -197.75 -88.47
N ALA J 456 3.97 -197.80 -87.21
CA ALA J 456 5.41 -197.74 -86.94
C ALA J 456 6.12 -198.98 -87.43
N LYS J 457 5.48 -200.15 -87.36
CA LYS J 457 6.05 -201.38 -87.90
C LYS J 457 6.15 -201.30 -89.42
N ASP J 458 5.12 -200.76 -90.07
CA ASP J 458 5.16 -200.60 -91.51
C ASP J 458 6.24 -199.61 -91.94
N GLU J 459 6.39 -198.53 -91.15
CA GLU J 459 7.44 -197.54 -91.38
C GLU J 459 8.82 -198.17 -91.29
N ILE J 460 9.12 -198.84 -90.17
CA ILE J 460 10.45 -199.42 -89.99
C ILE J 460 10.72 -200.50 -91.02
N THR J 461 9.70 -201.30 -91.39
CA THR J 461 9.90 -202.41 -92.30
C THR J 461 10.18 -201.94 -93.73
N GLU J 462 9.23 -201.21 -94.32
CA GLU J 462 9.39 -200.79 -95.71
C GLU J 462 10.51 -199.76 -95.86
N TRP J 463 10.69 -198.91 -94.84
CA TRP J 463 11.73 -197.90 -94.91
C TRP J 463 13.12 -198.52 -94.80
N GLU J 464 13.31 -199.54 -93.95
CA GLU J 464 14.62 -200.20 -93.91
C GLU J 464 14.85 -201.02 -95.17
N SER J 465 13.79 -201.59 -95.76
CA SER J 465 13.94 -202.36 -96.99
C SER J 465 14.41 -201.46 -98.13
N ARG J 466 13.80 -200.29 -98.26
CA ARG J 466 14.21 -199.40 -99.34
C ARG J 466 15.57 -198.74 -99.06
N VAL J 467 15.92 -198.50 -97.79
CA VAL J 467 17.23 -197.90 -97.49
C VAL J 467 18.36 -198.90 -97.74
N THR J 468 18.18 -200.16 -97.33
CA THR J 468 19.16 -201.19 -97.65
C THR J 468 19.24 -201.44 -99.14
N GLN J 469 18.10 -201.37 -99.83
CA GLN J 469 18.08 -201.40 -101.28
C GLN J 469 18.90 -200.26 -101.87
N TYR J 470 18.78 -199.07 -101.27
CA TYR J 470 19.54 -197.91 -101.72
C TYR J 470 21.03 -198.12 -101.56
N GLU J 471 21.48 -198.64 -100.42
CA GLU J 471 22.94 -198.72 -100.28
C GLU J 471 23.56 -199.86 -101.08
N ARG J 472 22.87 -200.98 -101.31
CA ARG J 472 23.55 -201.92 -102.19
C ARG J 472 23.36 -201.57 -103.66
N ASP J 473 22.35 -200.76 -103.99
CA ASP J 473 22.35 -200.14 -105.31
C ASP J 473 23.44 -199.10 -105.43
N PHE J 474 23.87 -198.50 -104.32
CA PHE J 474 25.02 -197.60 -104.38
C PHE J 474 26.30 -198.38 -104.56
N GLU J 475 26.35 -199.59 -104.01
CA GLU J 475 27.41 -200.53 -104.36
C GLU J 475 27.38 -200.86 -105.85
N ARG J 476 26.18 -201.03 -106.41
CA ARG J 476 26.04 -201.31 -107.84
C ARG J 476 26.52 -200.16 -108.70
N ILE J 477 26.17 -198.92 -108.30
CA ILE J 477 26.63 -197.79 -109.11
C ILE J 477 28.11 -197.54 -108.89
N SER J 478 28.65 -197.95 -107.74
CA SER J 478 30.10 -197.90 -107.55
C SER J 478 30.80 -198.88 -108.49
N THR J 479 30.21 -200.07 -108.67
CA THR J 479 30.78 -201.03 -109.62
C THR J 479 30.70 -200.53 -111.05
N VAL J 480 29.58 -199.90 -111.44
CA VAL J 480 29.50 -199.44 -112.82
C VAL J 480 30.38 -198.20 -113.02
N VAL J 481 30.63 -197.44 -111.95
CA VAL J 481 31.63 -196.37 -112.01
C VAL J 481 33.02 -196.95 -112.19
N ARG J 482 33.32 -198.08 -111.54
CA ARG J 482 34.64 -198.68 -111.71
C ARG J 482 34.82 -199.29 -113.10
N LYS J 483 33.75 -199.83 -113.68
CA LYS J 483 33.83 -200.25 -115.08
C LYS J 483 34.01 -199.05 -116.00
N GLU J 484 33.38 -197.92 -115.67
CA GLU J 484 33.63 -196.69 -116.41
C GLU J 484 35.06 -196.19 -116.18
N VAL J 485 35.64 -196.48 -115.02
CA VAL J 485 37.03 -196.12 -114.73
C VAL J 485 37.97 -196.90 -115.64
N THR J 486 37.71 -198.21 -115.77
CA THR J 486 38.42 -199.03 -116.73
C THR J 486 38.24 -198.51 -118.16
N ARG J 487 37.04 -198.02 -118.46
CA ARG J 487 36.77 -197.42 -119.77
C ARG J 487 37.60 -196.15 -119.98
N PHE J 488 37.77 -195.33 -118.95
CA PHE J 488 38.55 -194.15 -119.29
C PHE J 488 40.05 -194.34 -119.08
N GLU J 489 40.51 -195.41 -118.43
CA GLU J 489 41.89 -195.78 -118.68
C GLU J 489 42.07 -196.36 -120.07
N LYS J 490 41.03 -196.95 -120.65
CA LYS J 490 41.10 -197.32 -122.05
C LYS J 490 41.19 -196.09 -122.95
N GLU J 491 40.50 -195.01 -122.59
CA GLU J 491 40.72 -193.82 -123.40
C GLU J 491 42.01 -193.08 -123.03
N LYS J 492 42.58 -193.34 -121.84
CA LYS J 492 43.97 -192.96 -121.59
C LYS J 492 44.89 -193.64 -122.59
N SER J 493 44.68 -194.94 -122.80
CA SER J 493 45.40 -195.65 -123.85
C SER J 493 45.12 -195.06 -125.22
N LYS J 494 43.89 -194.61 -125.45
CA LYS J 494 43.50 -194.10 -126.77
C LYS J 494 44.13 -192.75 -127.05
N ASP J 495 44.15 -191.83 -126.08
CA ASP J 495 44.71 -190.52 -126.39
C ASP J 495 46.23 -190.50 -126.23
N PHE J 496 46.79 -191.41 -125.41
CA PHE J 496 48.22 -191.67 -125.52
C PHE J 496 48.56 -192.25 -126.88
N LYS J 497 47.70 -193.11 -127.42
CA LYS J 497 47.85 -193.57 -128.80
C LYS J 497 47.67 -192.45 -129.80
N ASN J 498 46.86 -191.44 -129.48
CA ASN J 498 46.75 -190.28 -130.35
C ASN J 498 48.05 -189.49 -130.39
N HIS J 499 48.73 -189.36 -129.24
CA HIS J 499 50.07 -188.77 -129.29
C HIS J 499 51.08 -189.69 -129.97
N VAL J 500 50.89 -191.01 -129.85
CA VAL J 500 51.76 -191.96 -130.54
C VAL J 500 51.63 -191.84 -132.05
N MET J 501 50.40 -191.82 -132.56
CA MET J 501 50.19 -191.62 -133.98
C MET J 501 50.53 -190.19 -134.40
N LYS J 502 50.48 -189.23 -133.48
CA LYS J 502 51.01 -187.90 -133.75
C LYS J 502 52.49 -187.93 -134.05
N TYR J 503 53.28 -188.57 -133.18
CA TYR J 503 54.70 -188.60 -133.49
C TYR J 503 55.00 -189.56 -134.65
N LEU J 504 54.10 -190.52 -134.89
CA LEU J 504 54.22 -191.37 -136.06
C LEU J 504 54.11 -190.56 -137.35
N GLU J 505 53.03 -189.77 -137.49
CA GLU J 505 52.92 -188.88 -138.64
C GLU J 505 53.94 -187.75 -138.59
N THR J 506 54.45 -187.39 -137.41
CA THR J 506 55.45 -186.35 -137.32
C THR J 506 56.76 -186.80 -137.93
N LEU J 507 57.26 -187.96 -137.50
CA LEU J 507 58.44 -188.57 -138.10
C LEU J 507 58.21 -188.85 -139.57
N LEU J 508 57.04 -189.37 -139.94
CA LEU J 508 56.69 -189.63 -141.33
C LEU J 508 56.76 -188.40 -142.21
N HIS J 509 55.93 -187.39 -141.95
CA HIS J 509 55.85 -186.26 -142.87
C HIS J 509 57.08 -185.38 -142.77
N SER J 510 57.69 -185.31 -141.57
CA SER J 510 58.94 -184.59 -141.39
C SER J 510 60.04 -185.21 -142.22
N GLN J 511 60.20 -186.54 -142.13
CA GLN J 511 61.24 -187.23 -142.88
C GLN J 511 60.98 -187.16 -144.37
N GLN J 512 59.74 -187.45 -144.81
CA GLN J 512 59.50 -187.55 -146.24
C GLN J 512 59.54 -186.17 -146.90
N GLN J 513 58.94 -185.15 -146.28
CA GLN J 513 58.95 -183.82 -146.87
C GLN J 513 60.34 -183.20 -146.79
N LEU J 514 60.96 -183.27 -145.60
CA LEU J 514 62.29 -182.71 -145.35
C LEU J 514 63.34 -183.34 -146.26
N ALA J 515 63.51 -184.66 -146.16
CA ALA J 515 64.45 -185.37 -147.01
C ALA J 515 64.04 -185.36 -148.48
N LYS J 516 62.75 -185.12 -148.77
CA LYS J 516 62.32 -184.99 -150.16
C LYS J 516 62.87 -183.72 -150.78
N TYR J 517 62.76 -182.59 -150.08
CA TYR J 517 63.39 -181.43 -150.69
C TYR J 517 64.90 -181.41 -150.45
N TRP J 518 65.43 -182.22 -149.54
CA TRP J 518 66.88 -182.45 -149.53
C TRP J 518 67.34 -183.13 -150.82
N GLU J 519 66.70 -184.25 -151.18
CA GLU J 519 67.08 -184.99 -152.38
C GLU J 519 66.57 -184.34 -153.66
N ALA J 520 65.73 -183.31 -153.54
CA ALA J 520 65.33 -182.53 -154.70
C ALA J 520 66.09 -181.23 -154.83
N PHE J 521 66.76 -180.77 -153.77
CA PHE J 521 67.46 -179.51 -153.80
C PHE J 521 68.97 -179.63 -153.69
N LEU J 522 69.49 -180.77 -153.26
CA LEU J 522 70.91 -181.05 -153.47
C LEU J 522 71.30 -181.29 -154.93
N PRO J 523 70.54 -182.01 -155.78
CA PRO J 523 70.95 -182.09 -157.20
C PRO J 523 70.86 -180.78 -157.95
N GLU J 524 70.08 -179.81 -157.48
CA GLU J 524 70.25 -178.47 -158.04
C GLU J 524 71.35 -177.70 -157.33
N ALA J 525 71.70 -178.07 -156.10
CA ALA J 525 72.84 -177.47 -155.42
C ALA J 525 74.12 -178.26 -155.61
N LYS J 526 74.25 -178.97 -156.74
CA LYS J 526 75.56 -179.46 -157.14
C LYS J 526 76.53 -178.30 -157.35
N ALA J 527 76.25 -177.45 -158.35
CA ALA J 527 76.70 -176.05 -158.28
C ALA J 527 75.70 -175.19 -159.05
N ILE J 528 74.60 -174.84 -158.35
CA ILE J 528 73.66 -173.75 -158.62
C ILE J 528 73.07 -173.45 -157.24
N SER J 529 73.08 -172.18 -156.83
CA SER J 529 72.56 -171.85 -155.51
C SER J 529 71.05 -171.63 -155.54
N PHE K 150 -15.98 -236.45 -23.40
CA PHE K 150 -14.96 -235.97 -24.32
C PHE K 150 -13.57 -236.07 -23.67
N ASP K 151 -12.54 -236.14 -24.50
CA ASP K 151 -11.16 -236.35 -24.08
C ASP K 151 -10.60 -235.23 -23.20
N LEU K 152 -11.16 -234.03 -23.29
CA LEU K 152 -10.73 -232.89 -22.48
C LEU K 152 -11.47 -232.98 -21.15
N THR K 153 -10.78 -233.47 -20.12
CA THR K 153 -11.32 -233.57 -18.77
C THR K 153 -10.41 -232.75 -17.85
N VAL K 154 -10.85 -231.57 -17.45
CA VAL K 154 -10.05 -230.66 -16.64
C VAL K 154 -10.82 -230.29 -15.38
N GLY K 155 -10.12 -229.61 -14.48
CA GLY K 155 -10.73 -229.09 -13.26
C GLY K 155 -10.00 -227.85 -12.75
N ILE K 156 -10.74 -226.77 -12.52
CA ILE K 156 -10.14 -225.48 -12.16
C ILE K 156 -10.74 -225.06 -10.82
N THR K 157 -9.89 -224.96 -9.80
CA THR K 157 -10.32 -224.64 -8.45
C THR K 157 -9.42 -223.57 -7.87
N ASP K 158 -9.66 -223.27 -6.58
CA ASP K 158 -8.85 -222.47 -5.66
C ASP K 158 -8.50 -221.08 -6.18
N PRO K 159 -9.43 -220.13 -6.14
CA PRO K 159 -9.08 -218.75 -6.50
C PRO K 159 -8.17 -218.09 -5.47
N GLU K 160 -6.88 -218.35 -5.57
CA GLU K 160 -5.90 -217.91 -4.58
C GLU K 160 -5.37 -216.53 -4.97
N LYS K 161 -5.50 -215.57 -4.05
CA LYS K 161 -5.11 -214.19 -4.30
C LYS K 161 -3.61 -214.00 -4.11
N ILE K 162 -3.09 -212.93 -4.72
CA ILE K 162 -1.65 -212.71 -4.77
C ILE K 162 -1.37 -211.46 -3.94
N GLY K 163 -2.18 -211.24 -2.90
CA GLY K 163 -1.99 -210.12 -2.00
C GLY K 163 -3.12 -209.12 -2.10
N ASP K 164 -2.80 -207.86 -1.81
CA ASP K 164 -3.78 -206.78 -1.75
C ASP K 164 -3.62 -205.86 -2.95
N GLY K 165 -4.75 -205.36 -3.43
CA GLY K 165 -4.82 -204.45 -4.55
C GLY K 165 -6.23 -204.43 -5.11
N MET K 166 -6.36 -203.86 -6.31
CA MET K 166 -7.63 -203.81 -7.02
C MET K 166 -7.41 -204.32 -8.43
N ASN K 167 -7.97 -205.50 -8.73
CA ASN K 167 -8.08 -206.07 -10.09
C ASN K 167 -6.71 -206.34 -10.72
N ALA K 168 -5.90 -207.15 -10.05
CA ALA K 168 -4.59 -207.47 -10.58
C ALA K 168 -4.39 -208.94 -10.91
N TYR K 169 -4.44 -209.84 -9.92
CA TYR K 169 -3.95 -211.21 -10.11
C TYR K 169 -4.57 -212.14 -9.08
N VAL K 170 -5.11 -213.26 -9.55
CA VAL K 170 -5.59 -214.36 -8.70
C VAL K 170 -5.12 -215.67 -9.30
N ALA K 171 -4.47 -216.51 -8.49
CA ALA K 171 -3.98 -217.79 -8.96
C ALA K 171 -5.11 -218.81 -9.09
N TYR K 172 -4.95 -219.74 -10.02
CA TYR K 172 -5.95 -220.76 -10.32
C TYR K 172 -5.32 -222.14 -10.20
N LYS K 173 -5.87 -222.96 -9.31
CA LYS K 173 -5.50 -224.38 -9.29
C LYS K 173 -6.22 -225.09 -10.42
N VAL K 174 -5.49 -225.44 -11.46
CA VAL K 174 -6.06 -226.03 -12.68
C VAL K 174 -5.53 -227.45 -12.79
N THR K 175 -6.40 -228.43 -12.55
CA THR K 175 -6.02 -229.82 -12.71
C THR K 175 -6.57 -230.37 -14.02
N THR K 176 -5.67 -230.92 -14.83
CA THR K 176 -5.99 -231.37 -16.19
C THR K 176 -5.73 -232.87 -16.28
N GLN K 177 -6.77 -233.63 -16.62
CA GLN K 177 -6.71 -235.08 -16.75
C GLN K 177 -7.01 -235.51 -18.18
N THR K 178 -6.42 -234.81 -19.14
CA THR K 178 -6.85 -234.90 -20.53
C THR K 178 -6.34 -236.19 -21.17
N SER K 179 -7.14 -236.76 -22.08
CA SER K 179 -6.73 -237.84 -22.97
C SER K 179 -5.97 -237.28 -24.16
N LEU K 180 -5.85 -238.07 -25.25
CA LEU K 180 -5.23 -237.67 -26.51
C LEU K 180 -3.75 -237.34 -26.34
N PRO K 181 -2.86 -238.35 -26.39
CA PRO K 181 -1.53 -238.28 -25.73
C PRO K 181 -0.56 -237.18 -26.16
N MET K 182 -0.98 -236.25 -27.01
CA MET K 182 -0.32 -234.95 -27.08
C MET K 182 -0.31 -234.24 -25.73
N PHE K 183 -1.36 -234.41 -24.93
CA PHE K 183 -1.26 -234.16 -23.50
C PHE K 183 -0.39 -235.25 -22.88
N ARG K 184 0.54 -234.85 -22.00
CA ARG K 184 1.73 -235.65 -21.75
C ARG K 184 1.44 -236.93 -20.99
N SER K 185 0.95 -236.82 -19.75
CA SER K 185 0.98 -237.97 -18.85
C SER K 185 -0.30 -238.18 -18.05
N ARG K 186 -1.45 -237.71 -18.56
CA ARG K 186 -2.80 -237.96 -18.04
C ARG K 186 -3.07 -237.41 -16.64
N GLN K 187 -2.08 -236.79 -16.01
CA GLN K 187 -2.22 -236.30 -14.64
C GLN K 187 -1.31 -235.08 -14.50
N PHE K 188 -1.86 -233.90 -14.79
CA PHE K 188 -1.22 -232.63 -14.55
C PHE K 188 -2.12 -231.77 -13.68
N ALA K 189 -1.50 -230.89 -12.91
CA ALA K 189 -2.19 -229.95 -12.03
C ALA K 189 -1.41 -228.65 -12.04
N VAL K 190 -1.80 -227.73 -12.92
CA VAL K 190 -1.03 -226.51 -13.12
C VAL K 190 -1.64 -225.37 -12.31
N LYS K 191 -0.78 -224.51 -11.79
CA LYS K 191 -1.18 -223.29 -11.10
C LYS K 191 -0.91 -222.13 -12.04
N ARG K 192 -1.97 -221.53 -12.56
CA ARG K 192 -1.85 -220.51 -13.59
C ARG K 192 -2.50 -219.22 -13.11
N ARG K 193 -1.77 -218.11 -13.24
CA ARG K 193 -2.29 -216.79 -12.92
C ARG K 193 -2.69 -216.08 -14.20
N PHE K 194 -3.91 -215.55 -14.22
CA PHE K 194 -4.38 -214.81 -15.39
C PHE K 194 -3.81 -213.40 -15.39
N SER K 195 -4.21 -212.62 -16.40
CA SER K 195 -3.63 -211.33 -16.79
C SER K 195 -2.14 -211.44 -17.11
N ASP K 196 -1.69 -212.64 -17.47
CA ASP K 196 -0.32 -212.90 -17.91
C ASP K 196 -0.27 -213.64 -19.23
N PHE K 197 -1.15 -214.63 -19.41
CA PHE K 197 -1.25 -215.33 -20.68
C PHE K 197 -2.30 -214.75 -21.62
N LEU K 198 -2.95 -213.64 -21.25
CA LEU K 198 -3.66 -212.90 -22.29
C LEU K 198 -2.68 -212.12 -23.14
N GLY K 199 -1.50 -211.78 -22.59
CA GLY K 199 -0.42 -211.31 -23.45
C GLY K 199 0.09 -212.39 -24.38
N LEU K 200 0.10 -213.64 -23.90
CA LEU K 200 0.37 -214.78 -24.76
C LEU K 200 -0.72 -214.92 -25.82
N TYR K 201 -1.97 -214.65 -25.44
CA TYR K 201 -3.08 -214.64 -26.39
C TYR K 201 -2.94 -213.52 -27.41
N GLU K 202 -2.35 -212.40 -27.02
CA GLU K 202 -2.14 -211.34 -28.00
C GLU K 202 -0.93 -211.63 -28.89
N LYS K 203 0.04 -212.40 -28.38
CA LYS K 203 1.08 -212.94 -29.26
C LYS K 203 0.47 -213.91 -30.26
N LEU K 204 -0.50 -214.71 -29.80
CA LEU K 204 -1.30 -215.54 -30.69
C LEU K 204 -2.09 -214.71 -31.69
N SER K 205 -2.57 -213.55 -31.25
CA SER K 205 -3.37 -212.67 -32.09
C SER K 205 -2.53 -212.11 -33.24
N GLU K 206 -1.36 -211.57 -32.90
CA GLU K 206 -0.47 -211.08 -33.96
C GLU K 206 0.10 -212.23 -34.79
N LYS K 207 0.25 -213.42 -34.19
CA LYS K 207 0.72 -214.59 -34.93
C LYS K 207 -0.27 -214.99 -36.01
N HIS K 208 -1.55 -215.15 -35.65
CA HIS K 208 -2.51 -215.48 -36.69
C HIS K 208 -2.86 -214.28 -37.55
N SER K 209 -2.46 -213.07 -37.16
CA SER K 209 -2.50 -211.98 -38.12
C SER K 209 -1.48 -212.20 -39.23
N GLN K 210 -0.25 -212.61 -38.87
CA GLN K 210 0.74 -212.79 -39.92
C GLN K 210 0.58 -214.11 -40.68
N ASN K 211 -0.07 -215.14 -40.11
CA ASN K 211 -0.12 -216.39 -40.85
C ASN K 211 -1.52 -216.98 -41.00
N GLY K 212 -2.56 -216.28 -40.58
CA GLY K 212 -3.92 -216.74 -40.85
C GLY K 212 -4.37 -217.96 -40.08
N PHE K 213 -3.96 -218.08 -38.82
CA PHE K 213 -4.37 -219.21 -38.00
C PHE K 213 -5.67 -218.87 -37.25
N ILE K 214 -6.03 -219.70 -36.28
CA ILE K 214 -7.29 -219.61 -35.57
C ILE K 214 -7.04 -219.67 -34.06
N VAL K 215 -7.51 -218.64 -33.35
CA VAL K 215 -7.34 -218.58 -31.86
C VAL K 215 -8.68 -218.96 -31.22
N PRO K 216 -8.70 -219.39 -29.95
CA PRO K 216 -9.95 -219.73 -29.26
C PRO K 216 -10.55 -218.57 -28.43
N PRO K 217 -11.76 -218.70 -27.85
CA PRO K 217 -12.35 -217.67 -26.96
C PRO K 217 -11.40 -217.00 -25.95
N PRO K 218 -11.72 -215.78 -25.45
CA PRO K 218 -10.78 -215.04 -24.59
C PRO K 218 -10.38 -215.65 -23.25
N PRO K 219 -9.10 -215.58 -22.84
CA PRO K 219 -8.69 -215.99 -21.51
C PRO K 219 -8.85 -214.69 -20.73
N GLU K 220 -10.08 -214.20 -20.55
CA GLU K 220 -10.36 -212.87 -19.93
C GLU K 220 -9.39 -212.53 -18.78
N LYS K 221 -8.83 -211.32 -18.82
CA LYS K 221 -7.84 -210.90 -17.80
C LYS K 221 -8.52 -210.06 -16.71
N SER K 222 -7.73 -209.30 -15.95
CA SER K 222 -8.27 -208.45 -14.85
C SER K 222 -8.17 -206.98 -15.23
N LEU K 223 -7.89 -206.10 -14.26
CA LEU K 223 -7.95 -204.66 -14.50
C LEU K 223 -9.27 -204.32 -15.20
N ILE K 224 -10.34 -204.94 -14.71
CA ILE K 224 -11.67 -204.78 -15.29
C ILE K 224 -12.69 -204.30 -14.28
N GLY K 225 -12.43 -204.43 -12.97
CA GLY K 225 -13.45 -204.08 -11.99
C GLY K 225 -13.63 -202.58 -11.84
N MET K 226 -12.53 -201.83 -11.88
CA MET K 226 -12.57 -200.39 -11.75
C MET K 226 -12.16 -199.67 -13.03
N THR K 227 -11.69 -200.39 -14.04
CA THR K 227 -11.29 -199.80 -15.32
C THR K 227 -11.93 -200.56 -16.46
N LYS K 228 -12.18 -199.84 -17.57
CA LYS K 228 -12.46 -200.36 -18.92
C LYS K 228 -13.86 -200.99 -19.05
N VAL K 229 -14.55 -201.18 -17.93
CA VAL K 229 -15.88 -201.80 -17.91
C VAL K 229 -16.82 -200.80 -17.25
N LYS K 230 -18.06 -200.76 -17.73
CA LYS K 230 -19.03 -199.73 -17.35
C LYS K 230 -20.31 -200.23 -16.69
N VAL K 231 -20.26 -201.00 -15.58
CA VAL K 231 -19.14 -201.19 -14.65
C VAL K 231 -19.05 -202.65 -14.22
N GLY K 232 -18.12 -202.96 -13.31
CA GLY K 232 -18.01 -204.30 -12.75
C GLY K 232 -17.92 -204.31 -11.23
N LYS K 233 -18.50 -205.32 -10.59
CA LYS K 233 -18.55 -205.42 -9.13
C LYS K 233 -17.74 -206.62 -8.66
N GLU K 234 -17.02 -206.44 -7.55
CA GLU K 234 -16.08 -207.45 -7.08
C GLU K 234 -16.66 -208.44 -6.10
N ASP K 235 -17.68 -208.06 -5.33
CA ASP K 235 -18.33 -209.03 -4.45
C ASP K 235 -19.09 -210.07 -5.25
N SER K 236 -19.69 -209.67 -6.38
CA SER K 236 -20.21 -210.61 -7.35
C SER K 236 -19.10 -211.29 -8.14
N SER K 237 -17.90 -210.73 -8.17
CA SER K 237 -16.82 -211.36 -8.89
C SER K 237 -16.15 -212.45 -8.08
N SER K 238 -16.13 -212.29 -6.74
CA SER K 238 -15.27 -212.94 -5.76
C SER K 238 -15.06 -214.44 -5.95
N ALA K 239 -16.07 -215.13 -6.45
CA ALA K 239 -15.88 -216.47 -6.97
C ALA K 239 -16.58 -216.59 -8.32
N GLU K 240 -17.62 -215.77 -8.53
CA GLU K 240 -18.55 -216.06 -9.61
C GLU K 240 -18.04 -215.53 -10.95
N PHE K 241 -17.45 -214.34 -10.98
CA PHE K 241 -16.86 -213.93 -12.26
C PHE K 241 -15.58 -214.70 -12.53
N LEU K 242 -14.97 -215.26 -11.50
CA LEU K 242 -13.88 -216.21 -11.70
C LEU K 242 -14.41 -217.50 -12.33
N GLU K 243 -15.64 -217.88 -11.97
CA GLU K 243 -16.30 -218.98 -12.69
C GLU K 243 -16.65 -218.58 -14.11
N LYS K 244 -16.91 -217.29 -14.35
CA LYS K 244 -17.09 -216.84 -15.73
C LYS K 244 -15.79 -216.87 -16.51
N ARG K 245 -14.66 -216.61 -15.84
CA ARG K 245 -13.35 -216.84 -16.42
C ARG K 245 -13.16 -218.31 -16.74
N ARG K 246 -13.65 -219.19 -15.85
CA ARG K 246 -13.58 -220.63 -16.08
C ARG K 246 -14.43 -221.05 -17.26
N ALA K 247 -15.56 -220.37 -17.48
CA ALA K 247 -16.41 -220.67 -18.63
C ALA K 247 -15.76 -220.24 -19.93
N ALA K 248 -15.19 -219.02 -19.95
CA ALA K 248 -14.45 -218.55 -21.12
C ALA K 248 -13.21 -219.40 -21.36
N LEU K 249 -12.59 -219.91 -20.30
CA LEU K 249 -11.45 -220.79 -20.44
C LEU K 249 -11.86 -222.19 -20.89
N GLU K 250 -13.06 -222.63 -20.55
CA GLU K 250 -13.54 -223.91 -21.06
C GLU K 250 -13.81 -223.81 -22.55
N ARG K 251 -14.37 -222.67 -22.99
CA ARG K 251 -14.56 -222.46 -24.41
C ARG K 251 -13.23 -222.29 -25.13
N TYR K 252 -12.26 -221.66 -24.45
CA TYR K 252 -10.88 -221.62 -24.90
C TYR K 252 -10.31 -223.01 -25.12
N LEU K 253 -10.53 -223.91 -24.16
CA LEU K 253 -10.01 -225.28 -24.28
C LEU K 253 -10.69 -226.04 -25.40
N GLN K 254 -12.01 -225.90 -25.53
CA GLN K 254 -12.74 -226.63 -26.56
C GLN K 254 -12.34 -226.16 -27.96
N ARG K 255 -12.23 -224.85 -28.16
CA ARG K 255 -11.88 -224.41 -29.50
C ARG K 255 -10.38 -224.46 -29.76
N ILE K 256 -9.53 -224.55 -28.74
CA ILE K 256 -8.12 -224.84 -29.02
C ILE K 256 -7.95 -226.32 -29.34
N VAL K 257 -8.95 -227.14 -29.01
CA VAL K 257 -8.91 -228.56 -29.46
C VAL K 257 -9.50 -228.55 -30.88
N ASN K 258 -10.38 -227.59 -31.18
CA ASN K 258 -11.07 -227.55 -32.51
C ASN K 258 -10.09 -227.29 -33.66
N HIS K 259 -8.98 -226.60 -33.43
CA HIS K 259 -7.93 -226.50 -34.50
C HIS K 259 -6.86 -227.52 -34.11
N PRO K 260 -6.91 -228.85 -34.42
CA PRO K 260 -5.95 -229.81 -33.86
C PRO K 260 -4.56 -229.75 -34.47
N THR K 261 -4.47 -229.38 -35.75
CA THR K 261 -3.17 -229.15 -36.35
C THR K 261 -2.55 -227.86 -35.82
N MET K 262 -3.37 -226.83 -35.65
CA MET K 262 -2.90 -225.60 -35.03
C MET K 262 -2.79 -225.73 -33.51
N LEU K 263 -3.49 -226.71 -32.92
CA LEU K 263 -3.18 -227.12 -31.56
C LEU K 263 -1.80 -227.73 -31.45
N GLN K 264 -1.31 -228.34 -32.53
CA GLN K 264 0.07 -228.83 -32.57
C GLN K 264 1.04 -227.75 -33.01
N ASP K 265 0.92 -226.59 -32.36
CA ASP K 265 1.97 -225.60 -32.21
C ASP K 265 2.40 -225.80 -30.77
N PRO K 266 3.32 -226.72 -30.50
CA PRO K 266 3.47 -227.28 -29.14
C PRO K 266 4.06 -226.32 -28.13
N ASP K 267 4.64 -225.20 -28.58
CA ASP K 267 5.22 -224.23 -27.66
C ASP K 267 4.17 -223.64 -26.73
N VAL K 268 3.03 -223.20 -27.28
CA VAL K 268 2.00 -222.61 -26.45
C VAL K 268 1.21 -223.67 -25.68
N ARG K 269 1.16 -224.90 -26.18
CA ARG K 269 0.55 -225.98 -25.41
C ARG K 269 1.38 -226.31 -24.17
N GLU K 270 2.71 -226.37 -24.33
CA GLU K 270 3.57 -226.53 -23.17
C GLU K 270 3.59 -225.29 -22.30
N PHE K 271 3.30 -224.12 -22.86
CA PHE K 271 3.15 -222.93 -22.04
C PHE K 271 1.93 -223.03 -21.15
N LEU K 272 0.84 -223.59 -21.68
CA LEU K 272 -0.36 -223.76 -20.88
C LEU K 272 -0.22 -224.86 -19.85
N GLU K 273 0.38 -226.00 -20.21
CA GLU K 273 0.41 -227.12 -19.30
C GLU K 273 1.65 -227.16 -18.42
N LYS K 274 2.42 -226.07 -18.35
CA LYS K 274 3.53 -225.94 -17.41
C LYS K 274 3.41 -224.62 -16.67
N GLU K 275 4.36 -224.39 -15.76
CA GLU K 275 4.35 -223.23 -14.87
C GLU K 275 5.69 -222.53 -15.01
N GLU K 276 5.69 -221.39 -15.72
CA GLU K 276 6.88 -220.57 -15.89
C GLU K 276 6.52 -219.10 -15.75
N LEU K 277 5.44 -218.82 -15.00
CA LEU K 277 4.58 -217.64 -14.94
C LEU K 277 5.33 -216.31 -15.01
N PRO K 278 4.85 -215.37 -15.82
CA PRO K 278 5.52 -214.07 -15.91
C PRO K 278 5.28 -213.23 -14.66
N ARG K 279 6.00 -212.12 -14.59
CA ARG K 279 5.94 -211.22 -13.44
C ARG K 279 4.73 -210.29 -13.58
N ALA K 280 4.59 -209.35 -12.65
CA ALA K 280 3.39 -208.55 -12.48
C ALA K 280 3.40 -207.25 -13.26
N VAL K 281 4.05 -207.19 -14.41
CA VAL K 281 4.15 -205.95 -15.19
C VAL K 281 3.07 -205.89 -16.26
N GLY K 282 2.02 -206.71 -16.11
CA GLY K 282 1.01 -206.84 -17.14
C GLY K 282 -0.07 -205.76 -17.19
N THR K 283 0.19 -204.58 -16.66
CA THR K 283 -0.73 -203.45 -16.71
C THR K 283 0.00 -202.27 -17.37
N GLN K 284 -0.15 -202.14 -18.68
CA GLN K 284 0.47 -201.04 -19.42
C GLN K 284 -0.37 -200.75 -20.64
N ALA K 285 0.02 -199.72 -21.40
CA ALA K 285 -0.68 -199.33 -22.61
C ALA K 285 0.36 -199.08 -23.70
N LEU K 286 0.40 -199.96 -24.70
CA LEU K 286 1.28 -199.84 -25.85
C LEU K 286 0.57 -200.20 -27.15
N SER K 287 -0.65 -199.68 -27.32
CA SER K 287 -1.53 -200.04 -28.43
C SER K 287 -1.28 -199.21 -29.67
N GLY K 288 -0.03 -198.75 -29.85
CA GLY K 288 0.35 -197.96 -31.02
C GLY K 288 0.19 -198.68 -32.34
N ALA K 289 0.14 -200.01 -32.34
CA ALA K 289 -0.27 -200.75 -33.53
C ALA K 289 -1.70 -200.41 -33.92
N GLY K 290 -2.61 -200.40 -32.95
CA GLY K 290 -3.97 -199.96 -33.21
C GLY K 290 -4.06 -198.49 -33.57
N LEU K 291 -3.13 -197.68 -33.04
CA LEU K 291 -3.02 -196.29 -33.49
C LEU K 291 -2.66 -196.20 -34.96
N LEU K 292 -1.69 -197.01 -35.42
CA LEU K 292 -1.36 -197.03 -36.85
C LEU K 292 -2.49 -197.59 -37.70
N LYS K 293 -3.32 -198.49 -37.13
CA LYS K 293 -4.53 -198.91 -37.85
C LYS K 293 -5.50 -197.75 -38.01
N MET K 294 -5.65 -196.93 -36.96
CA MET K 294 -6.47 -195.73 -37.06
C MET K 294 -5.89 -194.71 -38.03
N PHE K 295 -4.56 -194.67 -38.18
CA PHE K 295 -3.96 -193.84 -39.22
C PHE K 295 -4.25 -194.37 -40.61
N ASN K 296 -4.16 -195.69 -40.81
CA ASN K 296 -4.34 -196.25 -42.14
C ASN K 296 -5.82 -196.40 -42.52
N LYS K 297 -6.73 -196.13 -41.58
CA LYS K 297 -8.17 -196.10 -41.88
C LYS K 297 -8.51 -195.07 -42.96
N ALA K 298 -7.75 -193.98 -43.06
CA ALA K 298 -7.99 -192.99 -44.12
C ALA K 298 -7.68 -193.57 -45.50
N THR K 299 -6.63 -194.39 -45.60
CA THR K 299 -6.35 -195.06 -46.87
C THR K 299 -7.37 -196.16 -47.13
N ASP K 300 -7.88 -196.79 -46.07
CA ASP K 300 -8.94 -197.79 -46.22
C ASP K 300 -10.20 -197.16 -46.81
N ALA K 301 -10.54 -195.96 -46.33
CA ALA K 301 -11.77 -195.28 -46.76
C ALA K 301 -11.72 -194.83 -48.21
N VAL K 302 -10.54 -194.71 -48.81
CA VAL K 302 -10.44 -194.37 -50.23
C VAL K 302 -10.12 -195.58 -51.10
N SER K 303 -9.67 -196.69 -50.51
CA SER K 303 -9.40 -197.88 -51.33
C SER K 303 -10.52 -198.91 -51.29
N LYS K 304 -11.52 -198.73 -50.42
CA LYS K 304 -12.52 -199.78 -50.18
C LYS K 304 -13.33 -200.14 -51.43
N MET K 305 -13.48 -199.23 -52.39
CA MET K 305 -14.19 -199.56 -53.62
C MET K 305 -13.37 -200.54 -54.49
N THR K 306 -12.07 -200.27 -54.62
CA THR K 306 -11.17 -201.20 -55.31
C THR K 306 -11.04 -202.52 -54.58
N ILE K 307 -11.28 -202.53 -53.27
CA ILE K 307 -11.51 -203.81 -52.61
C ILE K 307 -12.81 -204.44 -53.08
N LYS K 308 -13.90 -203.65 -53.15
CA LYS K 308 -15.24 -204.16 -53.46
C LYS K 308 -15.40 -204.66 -54.89
N MET K 309 -14.43 -204.47 -55.78
CA MET K 309 -14.58 -204.99 -57.13
C MET K 309 -14.36 -206.51 -57.25
N ASN K 310 -14.06 -207.20 -56.15
CA ASN K 310 -13.74 -208.63 -56.18
C ASN K 310 -15.00 -209.48 -56.27
N GLU K 311 -14.84 -210.79 -56.01
CA GLU K 311 -15.92 -211.76 -56.08
C GLU K 311 -16.15 -212.52 -54.78
N SER K 312 -15.12 -212.73 -53.96
CA SER K 312 -15.32 -213.42 -52.69
C SER K 312 -16.12 -212.58 -51.71
N ASP K 313 -15.92 -211.25 -51.75
CA ASP K 313 -16.73 -210.38 -50.91
C ASP K 313 -18.15 -210.28 -51.43
N ILE K 314 -18.39 -210.65 -52.68
CA ILE K 314 -19.76 -210.79 -53.16
C ILE K 314 -20.41 -212.01 -52.51
N TRP K 315 -19.61 -213.01 -52.14
CA TRP K 315 -20.11 -214.08 -51.31
C TRP K 315 -20.19 -213.66 -49.84
N PHE K 316 -19.43 -212.64 -49.44
CA PHE K 316 -19.25 -212.36 -48.01
C PHE K 316 -20.12 -211.25 -47.47
N GLU K 317 -20.46 -210.22 -48.25
CA GLU K 317 -20.98 -208.98 -47.70
C GLU K 317 -22.41 -209.11 -47.21
N GLU K 318 -23.12 -210.16 -47.65
CA GLU K 318 -24.43 -210.47 -47.09
C GLU K 318 -24.31 -210.78 -45.62
N LYS K 319 -23.26 -211.53 -45.25
CA LYS K 319 -22.97 -211.80 -43.85
C LYS K 319 -22.59 -210.53 -43.11
N LEU K 320 -21.98 -209.57 -43.82
CA LEU K 320 -21.58 -208.30 -43.19
C LEU K 320 -22.79 -207.48 -42.79
N GLN K 321 -23.72 -207.25 -43.74
CA GLN K 321 -24.92 -206.48 -43.43
C GLN K 321 -25.84 -207.24 -42.46
N GLU K 322 -25.90 -208.57 -42.61
CA GLU K 322 -26.68 -209.41 -41.72
C GLU K 322 -26.14 -209.33 -40.30
N VAL K 323 -24.82 -209.42 -40.13
CA VAL K 323 -24.26 -209.37 -38.79
C VAL K 323 -24.30 -207.94 -38.26
N GLU K 324 -24.42 -206.94 -39.13
CA GLU K 324 -24.62 -205.57 -38.65
C GLU K 324 -25.99 -205.40 -37.99
N CYS K 325 -27.04 -205.88 -38.67
CA CYS K 325 -28.36 -205.77 -38.04
C CYS K 325 -28.48 -206.70 -36.84
N GLU K 326 -27.77 -207.84 -36.88
CA GLU K 326 -27.74 -208.74 -35.72
C GLU K 326 -27.03 -208.09 -34.54
N GLU K 327 -25.90 -207.42 -34.76
CA GLU K 327 -25.17 -206.83 -33.65
C GLU K 327 -25.92 -205.64 -33.07
N GLN K 328 -26.64 -204.90 -33.92
CA GLN K 328 -27.48 -203.81 -33.43
C GLN K 328 -28.60 -204.34 -32.52
N ARG K 329 -29.29 -205.39 -32.99
CA ARG K 329 -30.43 -205.92 -32.21
C ARG K 329 -29.96 -206.76 -31.02
N LEU K 330 -28.71 -207.24 -31.02
CA LEU K 330 -28.26 -207.98 -29.80
C LEU K 330 -27.65 -207.01 -28.78
N ARG K 331 -27.11 -205.87 -29.22
CA ARG K 331 -26.62 -204.87 -28.22
C ARG K 331 -27.82 -204.20 -27.57
N LYS K 332 -28.93 -204.05 -28.31
CA LYS K 332 -30.16 -203.52 -27.71
C LYS K 332 -30.79 -204.53 -26.76
N LEU K 333 -30.87 -205.80 -27.17
CA LEU K 333 -31.40 -206.84 -26.27
C LEU K 333 -30.49 -207.04 -25.05
N HIS K 334 -29.02 -206.93 -25.21
CA HIS K 334 -28.05 -206.91 -24.09
C HIS K 334 -28.43 -205.85 -23.06
N ALA K 335 -28.70 -204.63 -23.55
CA ALA K 335 -29.04 -203.52 -22.66
C ALA K 335 -30.35 -203.77 -21.92
N VAL K 336 -31.37 -204.27 -22.62
CA VAL K 336 -32.66 -204.50 -21.95
C VAL K 336 -32.60 -205.71 -21.00
N VAL K 337 -31.78 -206.71 -21.33
CA VAL K 337 -31.52 -207.84 -20.42
C VAL K 337 -30.85 -207.38 -19.14
N GLU K 338 -29.83 -206.53 -19.26
CA GLU K 338 -29.18 -206.02 -18.04
C GLU K 338 -30.08 -205.04 -17.30
N THR K 339 -31.02 -204.41 -18.00
CA THR K 339 -32.05 -203.63 -17.33
C THR K 339 -32.96 -204.51 -16.50
N LEU K 340 -33.27 -205.72 -16.98
CA LEU K 340 -34.01 -206.67 -16.14
C LEU K 340 -33.15 -207.17 -14.97
N VAL K 341 -31.85 -207.31 -15.19
CA VAL K 341 -30.95 -207.76 -14.13
C VAL K 341 -30.90 -206.72 -13.00
N ASN K 342 -30.89 -205.43 -13.36
CA ASN K 342 -31.06 -204.37 -12.38
C ASN K 342 -32.46 -204.44 -11.73
N HIS K 343 -33.64 -204.64 -12.63
CA HIS K 343 -35.07 -204.65 -12.24
C HIS K 343 -35.35 -205.67 -11.13
N ARG K 344 -34.78 -206.87 -11.26
CA ARG K 344 -35.10 -207.96 -10.35
C ARG K 344 -34.63 -207.68 -8.94
N LYS K 345 -33.63 -206.81 -8.76
CA LYS K 345 -33.08 -206.56 -7.43
C LYS K 345 -34.08 -205.80 -6.57
N GLU K 346 -34.64 -204.71 -7.10
CA GLU K 346 -35.71 -204.04 -6.37
C GLU K 346 -37.01 -204.84 -6.39
N LEU K 347 -37.20 -205.75 -7.36
CA LEU K 347 -38.29 -206.73 -7.26
C LEU K 347 -38.14 -207.57 -6.00
N ALA K 348 -36.94 -208.12 -5.79
CA ALA K 348 -36.69 -209.03 -4.68
C ALA K 348 -36.72 -208.29 -3.35
N LEU K 349 -36.18 -207.06 -3.31
CA LEU K 349 -36.25 -206.26 -2.10
C LEU K 349 -37.68 -205.85 -1.79
N ASN K 350 -38.48 -205.54 -2.82
CA ASN K 350 -39.87 -205.17 -2.65
C ASN K 350 -40.69 -206.32 -2.09
N THR K 351 -40.55 -207.51 -2.66
CA THR K 351 -41.29 -208.66 -2.15
C THR K 351 -40.76 -209.20 -0.82
N ALA K 352 -39.45 -209.02 -0.55
CA ALA K 352 -38.92 -209.38 0.76
C ALA K 352 -39.43 -208.44 1.84
N LEU K 353 -39.51 -207.14 1.56
CA LEU K 353 -40.12 -206.21 2.50
C LEU K 353 -41.63 -206.40 2.59
N PHE K 354 -42.25 -206.97 1.56
CA PHE K 354 -43.64 -207.41 1.69
C PHE K 354 -43.78 -208.53 2.70
N ALA K 355 -42.89 -209.52 2.65
CA ALA K 355 -42.94 -210.60 3.64
C ALA K 355 -42.62 -210.08 5.04
N LYS K 356 -41.69 -209.14 5.13
CA LYS K 356 -41.41 -208.49 6.41
C LYS K 356 -42.60 -207.68 6.91
N SER K 357 -43.35 -207.03 6.02
CA SER K 357 -44.52 -206.28 6.44
C SER K 357 -45.68 -207.20 6.77
N LEU K 358 -45.73 -208.40 6.16
CA LEU K 358 -46.63 -209.44 6.63
C LEU K 358 -46.31 -209.81 8.06
N ALA K 359 -45.02 -210.03 8.35
CA ALA K 359 -44.59 -210.32 9.72
C ALA K 359 -44.87 -209.16 10.67
N MET K 360 -44.82 -207.93 10.17
CA MET K 360 -45.16 -206.77 11.00
C MET K 360 -46.65 -206.74 11.30
N LEU K 361 -47.48 -206.66 10.27
CA LEU K 361 -48.91 -206.43 10.44
C LEU K 361 -49.65 -207.68 10.91
N GLY K 362 -48.97 -208.83 10.96
CA GLY K 362 -49.55 -209.99 11.61
C GLY K 362 -49.42 -209.97 13.11
N SER K 363 -48.84 -208.92 13.67
CA SER K 363 -48.87 -208.73 15.12
C SER K 363 -50.17 -208.06 15.53
N SER K 364 -50.36 -207.97 16.86
CA SER K 364 -51.51 -207.31 17.50
C SER K 364 -52.84 -207.93 17.07
N GLU K 365 -52.84 -209.25 16.87
CA GLU K 365 -54.04 -209.95 16.45
C GLU K 365 -53.94 -211.40 16.91
N ASP K 366 -55.11 -211.97 17.20
CA ASP K 366 -55.21 -213.40 17.56
C ASP K 366 -56.17 -214.04 16.57
N ASN K 367 -55.64 -214.40 15.40
CA ASN K 367 -56.32 -215.19 14.40
C ASN K 367 -55.34 -216.23 13.86
N THR K 368 -54.73 -216.98 14.79
CA THR K 368 -53.48 -217.73 14.66
C THR K 368 -53.25 -218.53 13.38
N ALA K 369 -54.34 -218.88 12.68
CA ALA K 369 -54.25 -219.30 11.29
C ALA K 369 -53.55 -218.24 10.44
N LEU K 370 -53.81 -216.96 10.73
CA LEU K 370 -53.08 -215.89 10.05
C LEU K 370 -51.61 -215.90 10.42
N SER K 371 -51.27 -216.31 11.65
CA SER K 371 -49.86 -216.39 12.05
C SER K 371 -49.14 -217.51 11.32
N ARG K 372 -49.79 -218.67 11.19
CA ARG K 372 -49.23 -219.74 10.36
C ARG K 372 -49.15 -219.35 8.89
N ALA K 373 -50.11 -218.54 8.43
CA ALA K 373 -50.07 -218.02 7.06
C ALA K 373 -48.88 -217.12 6.83
N LEU K 374 -48.57 -216.25 7.80
CA LEU K 374 -47.34 -215.47 7.80
C LEU K 374 -46.10 -216.37 7.72
N SER K 375 -46.02 -217.35 8.63
CA SER K 375 -44.83 -218.19 8.75
C SER K 375 -44.61 -219.09 7.54
N GLN K 376 -45.66 -219.37 6.77
CA GLN K 376 -45.55 -220.14 5.54
C GLN K 376 -45.33 -219.25 4.31
N LEU K 377 -46.04 -218.12 4.24
CA LEU K 377 -45.94 -217.21 3.11
C LEU K 377 -44.62 -216.49 3.01
N ALA K 378 -44.01 -216.10 4.14
CA ALA K 378 -42.72 -215.43 4.09
C ALA K 378 -41.65 -216.34 3.48
N GLU K 379 -41.61 -217.60 3.92
CA GLU K 379 -40.60 -218.51 3.40
C GLU K 379 -40.89 -218.97 1.97
N VAL K 380 -42.15 -219.12 1.56
CA VAL K 380 -42.34 -219.49 0.15
C VAL K 380 -42.10 -218.29 -0.76
N GLU K 381 -42.34 -217.06 -0.27
CA GLU K 381 -41.93 -215.88 -1.01
C GLU K 381 -40.43 -215.84 -1.16
N GLU K 382 -39.70 -216.23 -0.11
CA GLU K 382 -38.24 -216.25 -0.23
C GLU K 382 -37.76 -217.35 -1.17
N LYS K 383 -38.51 -218.46 -1.26
CA LYS K 383 -38.20 -219.49 -2.25
C LYS K 383 -38.36 -218.96 -3.68
N ILE K 384 -39.47 -218.27 -3.95
CA ILE K 384 -39.69 -217.66 -5.26
C ILE K 384 -38.65 -216.59 -5.53
N GLU K 385 -38.26 -215.86 -4.48
CA GLU K 385 -37.26 -214.81 -4.55
C GLU K 385 -35.92 -215.35 -5.01
N GLN K 386 -35.41 -216.35 -4.29
CA GLN K 386 -34.12 -216.93 -4.65
C GLN K 386 -34.17 -217.66 -5.99
N LEU K 387 -35.33 -218.23 -6.35
CA LEU K 387 -35.47 -218.95 -7.61
C LEU K 387 -35.31 -218.01 -8.80
N HIS K 388 -36.18 -217.00 -8.89
CA HIS K 388 -36.06 -216.11 -10.04
C HIS K 388 -34.84 -215.20 -9.91
N GLN K 389 -34.30 -215.05 -8.70
CA GLN K 389 -33.06 -214.31 -8.53
C GLN K 389 -31.88 -215.05 -9.15
N GLU K 390 -31.74 -216.34 -8.87
CA GLU K 390 -30.61 -217.07 -9.42
C GLU K 390 -30.74 -217.25 -10.93
N GLN K 391 -31.97 -217.45 -11.43
CA GLN K 391 -32.16 -217.47 -12.88
C GLN K 391 -31.79 -216.12 -13.50
N ALA K 392 -32.44 -215.06 -12.99
CA ALA K 392 -32.37 -213.68 -13.47
C ALA K 392 -30.97 -213.12 -13.47
N ASN K 393 -30.11 -213.51 -12.51
CA ASN K 393 -28.74 -213.09 -12.75
C ASN K 393 -28.05 -214.09 -13.70
N ASN K 394 -27.87 -215.36 -13.28
CA ASN K 394 -26.73 -216.13 -13.78
C ASN K 394 -26.85 -216.39 -15.27
N ASP K 395 -28.05 -216.74 -15.74
CA ASP K 395 -28.10 -217.08 -17.15
C ASP K 395 -28.14 -215.85 -18.04
N PHE K 396 -28.75 -214.78 -17.54
CA PHE K 396 -28.84 -213.54 -18.31
C PHE K 396 -27.47 -212.91 -18.51
N PHE K 397 -26.67 -212.82 -17.43
CA PHE K 397 -25.34 -212.16 -17.56
C PHE K 397 -24.36 -213.11 -18.24
N LEU K 398 -24.65 -214.41 -18.25
CA LEU K 398 -23.76 -215.37 -18.97
C LEU K 398 -24.06 -215.25 -20.47
N LEU K 399 -25.35 -215.22 -20.83
CA LEU K 399 -25.71 -215.02 -22.26
C LEU K 399 -25.20 -213.65 -22.69
N ALA K 400 -25.09 -212.71 -21.75
CA ALA K 400 -24.56 -211.39 -22.06
C ALA K 400 -23.06 -211.43 -22.32
N GLU K 401 -22.31 -212.17 -21.50
CA GLU K 401 -20.89 -212.39 -21.76
C GLU K 401 -20.67 -213.16 -23.06
N LEU K 402 -21.57 -214.10 -23.35
CA LEU K 402 -21.52 -214.88 -24.59
C LEU K 402 -21.64 -213.97 -25.81
N LEU K 403 -22.65 -213.11 -25.83
CA LEU K 403 -22.78 -212.17 -26.93
C LEU K 403 -21.66 -211.13 -26.92
N SER K 404 -21.10 -210.82 -25.74
CA SER K 404 -20.07 -209.79 -25.66
C SER K 404 -18.75 -210.25 -26.27
N ASP K 405 -18.25 -211.41 -25.86
CA ASP K 405 -17.05 -211.90 -26.53
C ASP K 405 -17.35 -212.45 -27.91
N TYR K 406 -18.62 -212.72 -28.24
CA TYR K 406 -18.99 -212.94 -29.63
C TYR K 406 -18.80 -211.68 -30.46
N ILE K 407 -19.19 -210.51 -29.93
CA ILE K 407 -18.92 -209.23 -30.56
C ILE K 407 -17.42 -208.98 -30.67
N ARG K 408 -16.66 -209.42 -29.66
CA ARG K 408 -15.20 -209.34 -29.73
C ARG K 408 -14.66 -210.18 -30.88
N LEU K 409 -15.21 -211.38 -31.06
CA LEU K 409 -14.84 -212.24 -32.18
C LEU K 409 -15.21 -211.61 -33.51
N LEU K 410 -16.35 -210.93 -33.55
CA LEU K 410 -16.75 -210.21 -34.76
C LEU K 410 -15.79 -209.08 -35.07
N ALA K 411 -15.35 -208.34 -34.05
CA ALA K 411 -14.41 -207.24 -34.26
C ALA K 411 -13.06 -207.75 -34.73
N ILE K 412 -12.60 -208.88 -34.17
CA ILE K 412 -11.30 -209.37 -34.62
C ILE K 412 -11.39 -210.03 -35.98
N VAL K 413 -12.55 -210.53 -36.42
CA VAL K 413 -12.59 -210.99 -37.81
C VAL K 413 -12.80 -209.83 -38.79
N ARG K 414 -13.41 -208.72 -38.35
CA ARG K 414 -13.34 -207.47 -39.10
C ARG K 414 -11.89 -207.08 -39.34
N ALA K 415 -11.09 -207.09 -38.27
CA ALA K 415 -9.66 -206.80 -38.39
C ALA K 415 -8.92 -207.85 -39.21
N ALA K 416 -9.43 -209.08 -39.24
CA ALA K 416 -8.79 -210.14 -40.03
C ALA K 416 -8.92 -209.86 -41.52
N PHE K 417 -10.13 -209.58 -42.01
CA PHE K 417 -10.14 -209.23 -43.44
C PHE K 417 -9.69 -207.79 -43.68
N ASP K 418 -9.53 -206.96 -42.64
CA ASP K 418 -8.81 -205.71 -42.83
C ASP K 418 -7.34 -205.96 -43.08
N GLN K 419 -6.75 -206.96 -42.42
CA GLN K 419 -5.38 -207.35 -42.73
C GLN K 419 -5.28 -207.98 -44.11
N ARG K 420 -6.32 -208.73 -44.51
CA ARG K 420 -6.40 -209.21 -45.89
C ARG K 420 -6.47 -208.06 -46.89
N MET K 421 -7.19 -206.99 -46.53
CA MET K 421 -7.26 -205.78 -47.33
C MET K 421 -5.89 -205.10 -47.43
N LYS K 422 -5.16 -205.04 -46.32
CA LYS K 422 -3.86 -204.37 -46.32
C LYS K 422 -2.85 -205.15 -47.15
N THR K 423 -2.85 -206.47 -47.04
CA THR K 423 -1.98 -207.27 -47.90
C THR K 423 -2.45 -207.26 -49.35
N TRP K 424 -3.76 -207.08 -49.58
CA TRP K 424 -4.28 -206.89 -50.93
C TRP K 424 -3.67 -205.66 -51.58
N GLN K 425 -3.75 -204.52 -50.89
CA GLN K 425 -3.16 -203.31 -51.46
C GLN K 425 -1.64 -203.36 -51.46
N ARG K 426 -1.03 -204.19 -50.61
CA ARG K 426 0.42 -204.44 -50.70
C ARG K 426 0.80 -205.07 -52.02
N TRP K 427 0.15 -206.18 -52.41
CA TRP K 427 0.53 -206.74 -53.70
C TRP K 427 0.00 -205.89 -54.85
N GLN K 428 -1.05 -205.10 -54.61
CA GLN K 428 -1.60 -204.22 -55.63
C GLN K 428 -0.61 -203.12 -56.02
N ASP K 429 -0.15 -202.34 -55.04
CA ASP K 429 0.84 -201.32 -55.41
C ASP K 429 2.22 -201.92 -55.67
N ALA K 430 2.47 -203.16 -55.20
CA ALA K 430 3.68 -203.87 -55.58
C ALA K 430 3.72 -204.14 -57.09
N GLN K 431 2.64 -204.69 -57.64
CA GLN K 431 2.63 -204.95 -59.08
C GLN K 431 2.50 -203.66 -59.88
N ALA K 432 1.85 -202.63 -59.30
CA ALA K 432 1.78 -201.33 -59.97
C ALA K 432 3.17 -200.72 -60.15
N THR K 433 3.91 -200.57 -59.04
CA THR K 433 5.26 -200.04 -59.10
C THR K 433 6.20 -200.96 -59.89
N LEU K 434 5.96 -202.28 -59.84
CA LEU K 434 6.66 -203.25 -60.68
C LEU K 434 6.57 -202.87 -62.15
N GLN K 435 5.34 -202.78 -62.66
CA GLN K 435 5.11 -202.46 -64.07
C GLN K 435 5.72 -201.12 -64.43
N LYS K 436 5.49 -200.09 -63.59
CA LYS K 436 5.94 -198.74 -63.91
C LYS K 436 7.47 -198.64 -63.93
N LYS K 437 8.13 -198.87 -62.80
CA LYS K 437 9.56 -198.62 -62.76
C LYS K 437 10.35 -199.71 -63.47
N ARG K 438 9.80 -200.92 -63.59
CA ARG K 438 10.53 -201.96 -64.31
C ARG K 438 10.44 -201.76 -65.81
N GLU K 439 9.32 -201.23 -66.33
CA GLU K 439 9.35 -200.87 -67.75
C GLU K 439 10.14 -199.59 -67.99
N SER K 440 10.22 -198.69 -67.00
CA SER K 440 11.10 -197.53 -67.16
C SER K 440 12.57 -197.94 -67.20
N GLU K 441 12.92 -199.01 -66.48
CA GLU K 441 14.23 -199.62 -66.65
C GLU K 441 14.37 -200.29 -68.00
N ALA K 442 13.32 -200.96 -68.47
CA ALA K 442 13.41 -201.76 -69.68
C ALA K 442 13.51 -200.92 -70.95
N ARG K 443 12.87 -199.74 -70.97
CA ARG K 443 12.82 -198.94 -72.19
C ARG K 443 14.12 -198.24 -72.53
N LEU K 444 15.12 -198.27 -71.64
CA LEU K 444 16.41 -197.63 -71.89
C LEU K 444 17.46 -198.64 -72.33
N LEU K 445 17.07 -199.63 -73.13
CA LEU K 445 17.93 -200.74 -73.51
C LEU K 445 19.02 -200.35 -74.50
N TRP K 446 18.80 -199.35 -75.34
CA TRP K 446 19.79 -198.99 -76.35
C TRP K 446 20.94 -198.16 -75.81
N ALA K 447 20.82 -197.64 -74.59
CA ALA K 447 22.01 -197.33 -73.82
C ALA K 447 22.66 -198.67 -73.50
N ASN K 448 23.74 -198.99 -74.22
CA ASN K 448 24.19 -200.37 -74.39
C ASN K 448 24.83 -200.88 -73.10
N LYS K 449 23.96 -201.24 -72.17
CA LYS K 449 24.35 -201.93 -70.93
C LYS K 449 23.28 -202.97 -70.65
N PRO K 450 23.51 -204.23 -71.05
CA PRO K 450 22.47 -205.26 -70.87
C PRO K 450 22.32 -205.74 -69.44
N ASP K 451 23.18 -205.33 -68.52
CA ASP K 451 23.07 -205.74 -67.12
C ASP K 451 21.82 -205.15 -66.49
N LYS K 452 21.44 -203.94 -66.90
CA LYS K 452 20.17 -203.37 -66.46
C LYS K 452 18.99 -204.20 -66.95
N LEU K 453 19.09 -204.71 -68.19
CA LEU K 453 18.05 -205.58 -68.72
C LEU K 453 17.99 -206.89 -67.95
N GLN K 454 19.16 -207.42 -67.56
CA GLN K 454 19.19 -208.67 -66.81
C GLN K 454 18.59 -208.51 -65.42
N GLN K 455 18.94 -207.42 -64.72
CA GLN K 455 18.37 -207.22 -63.40
C GLN K 455 16.90 -206.85 -63.45
N ALA K 456 16.46 -206.14 -64.51
CA ALA K 456 15.05 -205.86 -64.68
C ALA K 456 14.26 -207.12 -64.99
N LYS K 457 14.86 -208.05 -65.75
CA LYS K 457 14.23 -209.33 -66.02
C LYS K 457 14.11 -210.16 -64.75
N ASP K 458 15.15 -210.15 -63.91
CA ASP K 458 15.09 -210.86 -62.64
C ASP K 458 14.04 -210.27 -61.72
N GLU K 459 13.96 -208.94 -61.71
CA GLU K 459 12.94 -208.21 -60.94
C GLU K 459 11.54 -208.61 -61.36
N ILE K 460 11.23 -208.48 -62.66
CA ILE K 460 9.87 -208.79 -63.14
C ILE K 460 9.55 -210.26 -62.92
N THR K 461 10.52 -211.16 -63.10
CA THR K 461 10.27 -212.59 -63.02
C THR K 461 9.98 -213.03 -61.59
N GLU K 462 10.95 -212.82 -60.68
CA GLU K 462 10.78 -213.29 -59.31
C GLU K 462 9.71 -212.50 -58.58
N TRP K 463 9.58 -211.21 -58.90
CA TRP K 463 8.57 -210.38 -58.25
C TRP K 463 7.17 -210.76 -58.69
N GLU K 464 6.95 -211.08 -59.97
CA GLU K 464 5.62 -211.54 -60.36
C GLU K 464 5.32 -212.93 -59.82
N SER K 465 6.35 -213.78 -59.70
CA SER K 465 6.15 -215.11 -59.15
C SER K 465 5.69 -215.03 -57.70
N ARG K 466 6.35 -214.18 -56.91
CA ARG K 466 5.96 -214.08 -55.51
C ARG K 466 4.65 -213.33 -55.34
N VAL K 467 4.32 -212.38 -56.21
CA VAL K 467 3.05 -211.66 -56.09
C VAL K 467 1.86 -212.56 -56.46
N THR K 468 2.01 -213.34 -57.53
CA THR K 468 0.97 -214.32 -57.88
C THR K 468 0.86 -215.39 -56.81
N GLN K 469 1.99 -215.79 -56.23
CA GLN K 469 1.98 -216.68 -55.07
C GLN K 469 1.20 -216.06 -53.91
N TYR K 470 1.37 -214.75 -53.71
CA TYR K 470 0.67 -214.04 -52.65
C TYR K 470 -0.84 -214.05 -52.88
N GLU K 471 -1.30 -213.79 -54.11
CA GLU K 471 -2.75 -213.69 -54.26
C GLU K 471 -3.43 -215.06 -54.27
N ARG K 472 -2.79 -216.14 -54.76
CA ARG K 472 -3.53 -217.39 -54.58
C ARG K 472 -3.35 -217.96 -53.18
N ASP K 473 -2.31 -217.55 -52.45
CA ASP K 473 -2.30 -217.82 -51.03
C ASP K 473 -3.36 -217.00 -50.29
N PHE K 474 -3.74 -215.85 -50.84
CA PHE K 474 -4.84 -215.10 -50.26
C PHE K 474 -6.16 -215.79 -50.56
N GLU K 475 -6.25 -216.44 -51.71
CA GLU K 475 -7.36 -217.35 -51.96
C GLU K 475 -7.37 -218.51 -50.95
N ARG K 476 -6.18 -219.02 -50.61
CA ARG K 476 -6.08 -220.09 -49.62
C ARG K 476 -6.53 -219.64 -48.24
N ILE K 477 -6.13 -218.42 -47.84
CA ILE K 477 -6.54 -217.97 -46.52
C ILE K 477 -8.00 -217.57 -46.54
N SER K 478 -8.55 -217.20 -47.70
CA SER K 478 -9.99 -216.98 -47.80
C SER K 478 -10.75 -218.29 -47.61
N THR K 479 -10.21 -219.38 -48.16
CA THR K 479 -10.84 -220.70 -47.96
C THR K 479 -10.76 -221.14 -46.50
N VAL K 480 -9.62 -220.90 -45.83
CA VAL K 480 -9.55 -221.34 -44.44
C VAL K 480 -10.38 -220.42 -43.55
N VAL K 481 -10.58 -219.17 -43.96
CA VAL K 481 -11.53 -218.29 -43.28
C VAL K 481 -12.95 -218.80 -43.47
N ARG K 482 -13.29 -219.33 -44.64
CA ARG K 482 -14.63 -219.85 -44.85
C ARG K 482 -14.86 -221.15 -44.08
N LYS K 483 -13.83 -221.98 -43.94
CA LYS K 483 -13.95 -223.14 -43.05
C LYS K 483 -14.09 -222.70 -41.59
N GLU K 484 -13.41 -221.61 -41.20
CA GLU K 484 -13.63 -221.03 -39.88
C GLU K 484 -15.02 -220.44 -39.76
N VAL K 485 -15.59 -219.96 -40.87
CA VAL K 485 -16.96 -219.44 -40.86
C VAL K 485 -17.94 -220.57 -40.59
N THR K 486 -17.74 -221.71 -41.25
CA THR K 486 -18.52 -222.91 -40.95
C THR K 486 -18.33 -223.33 -39.50
N ARG K 487 -17.11 -223.16 -38.96
CA ARG K 487 -16.85 -223.46 -37.56
C ARG K 487 -17.62 -222.53 -36.63
N PHE K 488 -17.74 -221.24 -36.98
CA PHE K 488 -18.47 -220.44 -36.02
C PHE K 488 -19.97 -220.42 -36.28
N GLU K 489 -20.47 -220.88 -37.42
CA GLU K 489 -21.87 -221.27 -37.42
C GLU K 489 -22.11 -222.55 -36.63
N LYS K 490 -21.09 -223.40 -36.52
CA LYS K 490 -21.22 -224.53 -35.60
C LYS K 490 -21.26 -224.05 -34.16
N GLU K 491 -20.51 -223.00 -33.82
CA GLU K 491 -20.70 -222.50 -32.45
C GLU K 491 -21.95 -221.62 -32.32
N LYS K 492 -22.51 -221.12 -33.43
CA LYS K 492 -23.87 -220.60 -33.39
C LYS K 492 -24.84 -221.69 -32.97
N SER K 493 -24.68 -222.88 -33.56
CA SER K 493 -25.47 -224.04 -33.12
C SER K 493 -25.18 -224.39 -31.67
N LYS K 494 -23.93 -224.20 -31.23
CA LYS K 494 -23.54 -224.58 -29.88
C LYS K 494 -24.12 -223.63 -28.84
N ASP K 495 -24.09 -222.31 -29.09
CA ASP K 495 -24.60 -221.41 -28.06
C ASP K 495 -26.11 -221.23 -28.17
N PHE K 496 -26.69 -221.46 -29.35
CA PHE K 496 -28.13 -221.67 -29.40
C PHE K 496 -28.52 -222.92 -28.64
N LYS K 497 -27.71 -223.98 -28.71
CA LYS K 497 -27.90 -225.16 -27.87
C LYS K 497 -27.69 -224.84 -26.40
N ASN K 498 -26.84 -223.87 -26.08
CA ASN K 498 -26.70 -223.44 -24.69
C ASN K 498 -27.96 -222.77 -24.19
N HIS K 499 -28.61 -221.97 -25.03
CA HIS K 499 -29.92 -221.45 -24.62
C HIS K 499 -30.99 -222.55 -24.61
N VAL K 500 -30.85 -223.56 -25.48
CA VAL K 500 -31.77 -224.69 -25.48
C VAL K 500 -31.66 -225.48 -24.18
N MET K 501 -30.44 -225.82 -23.77
CA MET K 501 -30.25 -226.50 -22.49
C MET K 501 -30.54 -225.58 -21.32
N LYS K 502 -30.42 -224.26 -21.50
CA LYS K 502 -30.90 -223.33 -20.50
C LYS K 502 -32.39 -223.46 -20.25
N TYR K 503 -33.19 -223.43 -21.32
CA TYR K 503 -34.63 -223.58 -21.08
C TYR K 503 -34.97 -225.01 -20.70
N LEU K 504 -34.13 -225.97 -21.08
CA LEU K 504 -34.30 -227.35 -20.63
C LEU K 504 -34.17 -227.44 -19.11
N GLU K 505 -33.07 -226.93 -18.55
CA GLU K 505 -32.95 -226.89 -17.08
C GLU K 505 -33.92 -225.92 -16.45
N THR K 506 -34.38 -224.90 -17.19
CA THR K 506 -35.34 -223.96 -16.64
C THR K 506 -36.68 -224.63 -16.40
N LEU K 507 -37.21 -225.29 -17.43
CA LEU K 507 -38.43 -226.08 -17.28
C LEU K 507 -38.25 -227.18 -16.26
N LEU K 508 -37.10 -227.88 -16.28
CA LEU K 508 -36.79 -228.92 -15.31
C LEU K 508 -36.82 -228.43 -13.87
N HIS K 509 -35.94 -227.50 -13.50
CA HIS K 509 -35.82 -227.13 -12.10
C HIS K 509 -37.02 -226.31 -11.66
N SER K 510 -37.61 -225.51 -12.58
CA SER K 510 -38.82 -224.77 -12.28
C SER K 510 -39.96 -225.72 -11.96
N GLN K 511 -40.17 -226.72 -12.81
CA GLN K 511 -41.26 -227.67 -12.60
C GLN K 511 -41.02 -228.51 -11.35
N GLN K 512 -39.81 -229.06 -11.19
CA GLN K 512 -39.58 -229.98 -10.08
C GLN K 512 -39.59 -229.25 -8.75
N GLN K 513 -38.93 -228.09 -8.65
CA GLN K 513 -38.90 -227.35 -7.40
C GLN K 513 -40.26 -226.75 -7.08
N LEU K 514 -40.86 -226.07 -8.08
CA LEU K 514 -42.15 -225.43 -7.94
C LEU K 514 -43.24 -226.42 -7.56
N ALA K 515 -43.48 -227.42 -8.41
CA ALA K 515 -44.46 -228.45 -8.12
C ALA K 515 -44.07 -229.32 -6.95
N LYS K 516 -42.78 -229.37 -6.57
CA LYS K 516 -42.37 -230.08 -5.38
C LYS K 516 -42.88 -229.41 -4.12
N TYR K 517 -42.70 -228.08 -4.02
CA TYR K 517 -43.29 -227.46 -2.85
C TYR K 517 -44.80 -227.25 -3.01
N TRP K 518 -45.35 -227.34 -4.22
CA TRP K 518 -46.80 -227.47 -4.35
C TRP K 518 -47.31 -228.75 -3.70
N GLU K 519 -46.73 -229.89 -4.07
CA GLU K 519 -47.16 -231.17 -3.52
C GLU K 519 -46.64 -231.42 -2.12
N ALA K 520 -45.77 -230.56 -1.61
CA ALA K 520 -45.35 -230.62 -0.22
C ALA K 520 -46.06 -229.61 0.66
N PHE K 521 -46.69 -228.59 0.07
CA PHE K 521 -47.33 -227.55 0.84
C PHE K 521 -48.84 -227.52 0.70
N LEU K 522 -49.41 -228.18 -0.30
CA LEU K 522 -50.84 -228.46 -0.29
C LEU K 522 -51.26 -229.49 0.76
N PRO K 523 -50.55 -230.61 1.01
CA PRO K 523 -50.99 -231.49 2.11
C PRO K 523 -50.85 -230.87 3.50
N GLU K 524 -50.03 -229.84 3.68
CA GLU K 524 -50.15 -229.08 4.92
C GLU K 524 -51.21 -227.99 4.80
N ALA K 525 -51.54 -227.56 3.59
CA ALA K 525 -52.65 -226.62 3.40
C ALA K 525 -53.96 -227.32 3.12
N LYS K 526 -54.15 -228.55 3.62
CA LYS K 526 -55.48 -229.12 3.66
C LYS K 526 -56.40 -228.27 4.53
N ALA K 527 -56.11 -228.17 5.83
CA ALA K 527 -56.50 -226.98 6.60
C ALA K 527 -55.47 -226.77 7.71
N ILE K 528 -54.35 -226.13 7.35
CA ILE K 528 -53.36 -225.44 8.19
C ILE K 528 -52.74 -224.42 7.24
N SER K 529 -52.68 -223.16 7.65
CA SER K 529 -52.13 -222.14 6.77
C SER K 529 -50.61 -222.04 6.91
N PHE L 150 -77.29 -216.02 2.07
CA PHE L 150 -77.82 -214.97 2.94
C PHE L 150 -79.01 -214.28 2.25
N ASP L 151 -79.87 -213.68 3.06
CA ASP L 151 -81.12 -213.05 2.63
C ASP L 151 -80.92 -211.88 1.68
N LEU L 152 -79.76 -211.24 1.70
CA LEU L 152 -79.46 -210.13 0.82
C LEU L 152 -78.95 -210.71 -0.49
N THR L 153 -79.82 -210.76 -1.50
CA THR L 153 -79.46 -211.25 -2.83
C THR L 153 -79.74 -210.12 -3.82
N VAL L 154 -78.68 -209.45 -4.29
CA VAL L 154 -78.80 -208.29 -5.16
C VAL L 154 -78.00 -208.53 -6.44
N GLY L 155 -78.18 -207.61 -7.39
CA GLY L 155 -77.41 -207.63 -8.62
C GLY L 155 -77.28 -206.25 -9.23
N ILE L 156 -76.05 -205.81 -9.50
CA ILE L 156 -75.78 -204.46 -9.95
C ILE L 156 -75.08 -204.55 -11.31
N THR L 157 -75.73 -204.03 -12.35
CA THR L 157 -75.20 -204.12 -13.71
C THR L 157 -75.33 -202.76 -14.38
N ASP L 158 -74.99 -202.73 -15.68
CA ASP L 158 -75.18 -201.66 -16.65
C ASP L 158 -74.64 -200.31 -16.23
N PRO L 159 -73.33 -200.09 -16.31
CA PRO L 159 -72.79 -198.75 -16.05
C PRO L 159 -73.15 -197.75 -17.14
N GLU L 160 -74.36 -197.19 -17.04
CA GLU L 160 -74.92 -196.32 -18.08
C GLU L 160 -74.51 -194.88 -17.80
N LYS L 161 -73.86 -194.24 -18.77
CA LYS L 161 -73.36 -192.88 -18.61
C LYS L 161 -74.47 -191.86 -18.84
N ILE L 162 -74.26 -190.65 -18.31
CA ILE L 162 -75.29 -189.62 -18.32
C ILE L 162 -74.78 -188.50 -19.22
N GLY L 163 -74.01 -188.86 -20.25
CA GLY L 163 -73.54 -187.92 -21.23
C GLY L 163 -72.02 -187.76 -21.16
N ASP L 164 -71.55 -186.57 -21.54
CA ASP L 164 -70.14 -186.28 -21.64
C ASP L 164 -69.69 -185.37 -20.50
N GLY L 165 -68.47 -185.60 -20.03
CA GLY L 165 -67.86 -184.85 -18.97
C GLY L 165 -66.70 -185.62 -18.39
N MET L 166 -66.23 -185.16 -17.22
CA MET L 166 -65.16 -185.83 -16.50
C MET L 166 -65.61 -186.01 -15.05
N ASN L 167 -65.85 -187.28 -14.67
CA ASN L 167 -66.06 -187.72 -13.29
C ASN L 167 -67.32 -187.09 -12.66
N ALA L 168 -68.47 -187.32 -13.30
CA ALA L 168 -69.71 -186.76 -12.78
C ALA L 168 -70.73 -187.81 -12.36
N TYR L 169 -71.24 -188.63 -13.29
CA TYR L 169 -72.43 -189.44 -13.02
C TYR L 169 -72.49 -190.62 -13.98
N VAL L 170 -72.72 -191.81 -13.43
CA VAL L 170 -72.98 -193.02 -14.20
C VAL L 170 -74.13 -193.76 -13.52
N ALA L 171 -75.16 -194.11 -14.30
CA ALA L 171 -76.30 -194.83 -13.76
C ALA L 171 -75.99 -196.31 -13.55
N TYR L 172 -76.65 -196.90 -12.56
CA TYR L 172 -76.42 -198.29 -12.17
C TYR L 172 -77.75 -199.05 -12.22
N LYS L 173 -77.81 -200.08 -13.05
CA LYS L 173 -78.94 -201.01 -12.99
C LYS L 173 -78.76 -201.93 -11.79
N VAL L 174 -79.53 -201.72 -10.75
CA VAL L 174 -79.39 -202.46 -9.49
C VAL L 174 -80.65 -203.28 -9.31
N THR L 175 -80.53 -204.60 -9.46
CA THR L 175 -81.65 -205.50 -9.23
C THR L 175 -81.51 -206.17 -7.87
N THR L 176 -82.55 -206.03 -7.04
CA THR L 176 -82.52 -206.50 -5.66
C THR L 176 -83.61 -207.56 -5.48
N GLN L 177 -83.20 -208.76 -5.08
CA GLN L 177 -84.12 -209.88 -4.85
C GLN L 177 -84.09 -210.32 -3.39
N THR L 178 -84.14 -209.34 -2.48
CA THR L 178 -83.82 -209.59 -1.08
C THR L 178 -84.98 -210.28 -0.37
N SER L 179 -84.64 -211.16 0.58
CA SER L 179 -85.59 -211.73 1.52
C SER L 179 -85.86 -210.76 2.67
N LEU L 180 -86.39 -211.26 3.81
CA LEU L 180 -86.64 -210.49 5.03
C LEU L 180 -87.64 -209.36 4.80
N PRO L 181 -88.96 -209.64 4.89
CA PRO L 181 -90.00 -208.85 4.20
C PRO L 181 -90.14 -207.37 4.55
N MET L 182 -89.22 -206.81 5.34
CA MET L 182 -89.00 -205.37 5.32
C MET L 182 -88.62 -204.88 3.92
N PHE L 183 -87.87 -205.69 3.15
CA PHE L 183 -87.84 -205.50 1.71
C PHE L 183 -89.20 -205.92 1.15
N ARG L 184 -89.73 -205.10 0.23
CA ARG L 184 -91.17 -205.05 -0.01
C ARG L 184 -91.70 -206.32 -0.68
N SER L 185 -91.27 -206.60 -1.91
CA SER L 185 -91.99 -207.56 -2.74
C SER L 185 -91.08 -208.53 -3.49
N ARG L 186 -89.87 -208.79 -2.99
CA ARG L 186 -88.94 -209.84 -3.46
C ARG L 186 -88.43 -209.63 -4.90
N GLN L 187 -88.87 -208.58 -5.58
CA GLN L 187 -88.51 -208.36 -6.98
C GLN L 187 -88.52 -206.85 -7.21
N PHE L 188 -87.37 -206.22 -6.97
CA PHE L 188 -87.15 -204.81 -7.31
C PHE L 188 -85.93 -204.71 -8.21
N ALA L 189 -85.94 -203.67 -9.05
CA ALA L 189 -84.83 -203.39 -9.97
C ALA L 189 -84.71 -201.87 -10.06
N VAL L 190 -83.85 -201.31 -9.23
CA VAL L 190 -83.73 -199.85 -9.12
C VAL L 190 -82.59 -199.35 -9.99
N LYS L 191 -82.79 -198.18 -10.58
CA LYS L 191 -81.76 -197.48 -11.34
C LYS L 191 -81.27 -196.32 -10.47
N ARG L 192 -80.05 -196.43 -9.98
CA ARG L 192 -79.53 -195.47 -9.01
C ARG L 192 -78.26 -194.84 -9.56
N ARG L 193 -78.19 -193.52 -9.53
CA ARG L 193 -77.00 -192.78 -9.91
C ARG L 193 -76.23 -192.36 -8.66
N PHE L 194 -74.94 -192.65 -8.65
CA PHE L 194 -74.10 -192.26 -7.53
C PHE L 194 -73.73 -190.78 -7.62
N SER L 195 -72.93 -190.33 -6.65
CA SER L 195 -72.64 -188.92 -6.36
C SER L 195 -73.90 -188.12 -6.06
N ASP L 196 -74.96 -188.78 -5.63
CA ASP L 196 -76.21 -188.17 -5.21
C ASP L 196 -76.66 -188.66 -3.85
N PHE L 197 -76.52 -189.95 -3.58
CA PHE L 197 -76.83 -190.50 -2.27
C PHE L 197 -75.62 -190.59 -1.35
N LEU L 198 -74.45 -190.10 -1.78
CA LEU L 198 -73.42 -189.87 -0.77
C LEU L 198 -73.73 -188.59 0.01
N GLY L 199 -74.49 -187.66 -0.58
CA GLY L 199 -75.07 -186.60 0.22
C GLY L 199 -76.11 -187.11 1.20
N LEU L 200 -76.86 -188.14 0.80
CA LEU L 200 -77.73 -188.84 1.73
C LEU L 200 -76.91 -189.54 2.82
N TYR L 201 -75.75 -190.08 2.45
CA TYR L 201 -74.84 -190.67 3.41
C TYR L 201 -74.27 -189.62 4.36
N GLU L 202 -74.09 -188.39 3.89
CA GLU L 202 -73.62 -187.35 4.80
C GLU L 202 -74.75 -186.82 5.68
N LYS L 203 -75.99 -186.89 5.20
CA LYS L 203 -77.13 -186.66 6.09
C LYS L 203 -77.19 -187.74 7.16
N LEU L 204 -76.89 -188.99 6.77
CA LEU L 204 -76.72 -190.08 7.74
C LEU L 204 -75.56 -189.81 8.69
N SER L 205 -74.50 -189.18 8.19
CA SER L 205 -73.32 -188.89 8.99
C SER L 205 -73.65 -187.87 10.08
N GLU L 206 -74.29 -186.76 9.69
CA GLU L 206 -74.70 -185.78 10.69
C GLU L 206 -75.81 -186.32 11.59
N LYS L 207 -76.65 -187.23 11.06
CA LYS L 207 -77.70 -187.85 11.85
C LYS L 207 -77.12 -188.69 12.98
N HIS L 208 -76.19 -189.59 12.66
CA HIS L 208 -75.59 -190.35 13.74
C HIS L 208 -74.58 -189.54 14.54
N SER L 209 -74.19 -188.35 14.06
CA SER L 209 -73.50 -187.44 14.94
C SER L 209 -74.43 -186.94 16.03
N GLN L 210 -75.67 -186.58 15.68
CA GLN L 210 -76.57 -186.08 16.72
C GLN L 210 -77.18 -187.18 17.57
N ASN L 211 -77.28 -188.43 17.07
CA ASN L 211 -77.97 -189.43 17.88
C ASN L 211 -77.18 -190.71 18.12
N GLY L 212 -75.93 -190.80 17.67
CA GLY L 212 -75.10 -191.94 17.99
C GLY L 212 -75.47 -193.24 17.31
N PHE L 213 -75.89 -193.18 16.05
CA PHE L 213 -76.24 -194.37 15.31
C PHE L 213 -75.01 -194.91 14.57
N ILE L 214 -75.23 -195.86 13.66
CA ILE L 214 -74.16 -196.57 12.97
C ILE L 214 -74.45 -196.57 11.47
N VAL L 215 -73.47 -196.06 10.70
CA VAL L 215 -73.60 -196.00 9.22
C VAL L 215 -72.75 -197.14 8.63
N PRO L 216 -73.01 -197.58 7.38
CA PRO L 216 -72.21 -198.63 6.74
C PRO L 216 -71.07 -198.09 5.86
N PRO L 217 -70.17 -198.95 5.31
CA PRO L 217 -69.11 -198.52 4.37
C PRO L 217 -69.50 -197.48 3.31
N PRO L 218 -68.54 -196.73 2.73
CA PRO L 218 -68.88 -195.63 1.81
C PRO L 218 -69.58 -195.97 0.50
N PRO L 219 -70.59 -195.19 0.07
CA PRO L 219 -71.19 -195.37 -1.25
C PRO L 219 -70.31 -194.45 -2.11
N GLU L 220 -69.02 -194.79 -2.28
CA GLU L 220 -68.03 -193.92 -2.99
C GLU L 220 -68.64 -193.15 -4.17
N LYS L 221 -68.38 -191.84 -4.21
CA LYS L 221 -68.95 -190.97 -5.28
C LYS L 221 -67.95 -190.78 -6.41
N SER L 222 -68.15 -189.75 -7.24
CA SER L 222 -67.23 -189.46 -8.37
C SER L 222 -66.43 -188.19 -8.10
N LEU L 223 -66.16 -187.38 -9.12
CA LEU L 223 -65.26 -186.22 -8.98
C LEU L 223 -63.98 -186.68 -8.26
N ILE L 224 -63.49 -187.85 -8.69
CA ILE L 224 -62.31 -188.47 -8.10
C ILE L 224 -61.22 -188.75 -9.11
N GLY L 225 -61.53 -188.77 -10.41
CA GLY L 225 -60.53 -189.15 -11.39
C GLY L 225 -59.50 -188.05 -11.63
N MET L 226 -59.95 -186.81 -11.66
CA MET L 226 -59.07 -185.68 -11.87
C MET L 226 -58.95 -184.77 -10.66
N THR L 227 -59.73 -185.01 -9.61
CA THR L 227 -59.69 -184.23 -8.38
C THR L 227 -59.58 -185.15 -7.18
N LYS L 228 -58.94 -184.65 -6.12
CA LYS L 228 -58.99 -185.14 -4.74
C LYS L 228 -58.24 -186.46 -4.53
N VAL L 229 -57.80 -187.09 -5.62
CA VAL L 229 -57.10 -188.37 -5.58
C VAL L 229 -55.76 -188.17 -6.28
N LYS L 230 -54.72 -188.83 -5.77
CA LYS L 230 -53.34 -188.58 -6.20
C LYS L 230 -52.62 -189.79 -6.81
N VAL L 231 -53.13 -190.45 -7.86
CA VAL L 231 -54.17 -190.00 -8.81
C VAL L 231 -55.11 -191.16 -9.14
N GLY L 232 -56.06 -190.92 -10.05
CA GLY L 232 -56.95 -191.96 -10.53
C GLY L 232 -57.05 -192.02 -12.04
N LYS L 233 -57.20 -193.21 -12.61
CA LYS L 233 -57.24 -193.41 -14.06
C LYS L 233 -58.61 -193.93 -14.47
N GLU L 234 -59.11 -193.44 -15.60
CA GLU L 234 -60.47 -193.72 -16.03
C GLU L 234 -60.61 -194.93 -16.93
N ASP L 235 -59.58 -195.27 -17.70
CA ASP L 235 -59.63 -196.49 -18.50
C ASP L 235 -59.62 -197.73 -17.62
N SER L 236 -58.87 -197.68 -16.52
CA SER L 236 -58.99 -198.68 -15.48
C SER L 236 -60.27 -198.53 -14.67
N SER L 237 -60.90 -197.36 -14.70
CA SER L 237 -62.14 -197.20 -13.96
C SER L 237 -63.34 -197.73 -14.71
N SER L 238 -63.29 -197.68 -16.06
CA SER L 238 -64.40 -197.76 -17.02
C SER L 238 -65.43 -198.83 -16.74
N ALA L 239 -65.00 -199.96 -16.18
CA ALA L 239 -65.94 -200.89 -15.58
C ALA L 239 -65.42 -201.31 -14.21
N GLU L 240 -64.10 -201.25 -14.03
CA GLU L 240 -63.50 -201.96 -12.92
C GLU L 240 -63.56 -201.15 -11.62
N PHE L 241 -63.34 -199.83 -11.67
CA PHE L 241 -63.56 -199.08 -10.44
C PHE L 241 -65.03 -198.94 -10.14
N LEU L 242 -65.89 -199.09 -11.15
CA LEU L 242 -67.31 -199.21 -10.91
C LEU L 242 -67.62 -200.53 -10.20
N GLU L 243 -66.87 -201.58 -10.50
CA GLU L 243 -66.96 -202.80 -9.71
C GLU L 243 -66.41 -202.59 -8.30
N LYS L 244 -65.45 -201.69 -8.13
CA LYS L 244 -65.00 -201.35 -6.78
C LYS L 244 -66.07 -200.56 -6.03
N ARG L 245 -66.83 -199.72 -6.75
CA ARG L 245 -68.01 -199.10 -6.17
C ARG L 245 -69.03 -200.17 -5.77
N ARG L 246 -69.17 -201.21 -6.59
CA ARG L 246 -70.07 -202.32 -6.28
C ARG L 246 -69.60 -203.08 -5.05
N ALA L 247 -68.28 -203.18 -4.85
CA ALA L 247 -67.76 -203.86 -3.67
C ALA L 247 -68.00 -203.03 -2.41
N ALA L 248 -67.74 -201.72 -2.48
CA ALA L 248 -68.04 -200.84 -1.37
C ALA L 248 -69.54 -200.77 -1.09
N LEU L 249 -70.36 -200.89 -2.13
CA LEU L 249 -71.81 -200.92 -1.97
C LEU L 249 -72.29 -202.25 -1.41
N GLU L 250 -71.58 -203.34 -1.71
CA GLU L 250 -71.94 -204.62 -1.09
C GLU L 250 -71.63 -204.61 0.38
N ARG L 251 -70.50 -204.00 0.75
CA ARG L 251 -70.19 -203.85 2.17
C ARG L 251 -71.15 -202.88 2.85
N TYR L 252 -71.58 -201.85 2.11
CA TYR L 252 -72.66 -200.96 2.53
C TYR L 252 -73.93 -201.75 2.83
N LEU L 253 -74.31 -202.66 1.93
CA LEU L 253 -75.52 -203.44 2.12
C LEU L 253 -75.40 -204.39 3.31
N GLN L 254 -74.25 -205.05 3.45
CA GLN L 254 -74.08 -206.00 4.54
C GLN L 254 -74.09 -205.31 5.90
N ARG L 255 -73.41 -204.17 6.01
CA ARG L 255 -73.41 -203.52 7.31
C ARG L 255 -74.64 -202.66 7.56
N ILE L 256 -75.40 -202.30 6.52
CA ILE L 256 -76.69 -201.70 6.79
C ILE L 256 -77.71 -202.76 7.20
N VAL L 257 -77.38 -204.02 6.94
CA VAL L 257 -78.24 -205.12 7.47
C VAL L 257 -77.74 -205.36 8.90
N ASN L 258 -76.46 -205.09 9.16
CA ASN L 258 -75.85 -205.38 10.50
C ASN L 258 -76.45 -204.53 11.61
N HIS L 259 -76.96 -203.33 11.31
CA HIS L 259 -77.72 -202.57 12.35
C HIS L 259 -79.20 -202.78 12.00
N PRO L 260 -79.93 -203.87 12.40
CA PRO L 260 -81.29 -204.11 11.87
C PRO L 260 -82.36 -203.21 12.46
N THR L 261 -82.19 -202.79 13.71
CA THR L 261 -83.10 -201.78 14.26
C THR L 261 -82.85 -200.42 13.64
N MET L 262 -81.59 -200.08 13.42
CA MET L 262 -81.25 -198.85 12.71
C MET L 262 -81.45 -198.99 11.21
N LEU L 263 -81.47 -200.22 10.70
CA LEU L 263 -81.99 -200.46 9.35
C LEU L 263 -83.46 -200.14 9.27
N GLN L 264 -84.20 -200.28 10.37
CA GLN L 264 -85.61 -199.87 10.41
C GLN L 264 -85.74 -198.39 10.76
N ASP L 265 -84.97 -197.58 10.05
CA ASP L 265 -85.24 -196.16 9.81
C ASP L 265 -85.73 -196.17 8.37
N PRO L 266 -87.03 -196.38 8.14
CA PRO L 266 -87.50 -196.83 6.82
C PRO L 266 -87.45 -195.77 5.74
N ASP L 267 -87.24 -194.50 6.10
CA ASP L 267 -87.15 -193.43 5.11
C ASP L 267 -85.97 -193.64 4.17
N VAL L 268 -84.79 -193.92 4.72
CA VAL L 268 -83.62 -194.10 3.87
C VAL L 268 -83.63 -195.45 3.18
N ARG L 269 -84.31 -196.46 3.76
CA ARG L 269 -84.45 -197.74 3.06
C ARG L 269 -85.34 -197.59 1.85
N GLU L 270 -86.45 -196.84 1.97
CA GLU L 270 -87.28 -196.54 0.82
C GLU L 270 -86.57 -195.59 -0.14
N PHE L 271 -85.63 -194.77 0.36
CA PHE L 271 -84.82 -193.95 -0.53
C PHE L 271 -83.92 -194.81 -1.40
N LEU L 272 -83.36 -195.86 -0.80
CA LEU L 272 -82.50 -196.75 -1.56
C LEU L 272 -83.28 -197.63 -2.53
N GLU L 273 -84.42 -198.18 -2.12
CA GLU L 273 -85.14 -199.12 -2.96
C GLU L 273 -86.18 -198.47 -3.86
N LYS L 274 -86.16 -197.14 -4.00
CA LYS L 274 -87.00 -196.46 -4.97
C LYS L 274 -86.14 -195.50 -5.80
N GLU L 275 -86.79 -194.82 -6.74
CA GLU L 275 -86.12 -193.95 -7.70
C GLU L 275 -86.78 -192.58 -7.63
N GLU L 276 -86.11 -191.63 -6.99
CA GLU L 276 -86.58 -190.25 -6.89
C GLU L 276 -85.42 -189.28 -7.12
N LEU L 277 -84.41 -189.74 -7.86
CA LEU L 277 -83.01 -189.30 -7.98
C LEU L 277 -82.84 -187.78 -8.01
N PRO L 278 -81.88 -187.25 -7.25
CA PRO L 278 -81.66 -185.81 -7.26
C PRO L 278 -80.98 -185.35 -8.55
N ARG L 279 -80.92 -184.04 -8.71
CA ARG L 279 -80.37 -183.41 -9.91
C ARG L 279 -78.84 -183.37 -9.80
N ALA L 280 -78.19 -182.74 -10.79
CA ALA L 280 -76.75 -182.83 -10.99
C ALA L 280 -75.98 -181.71 -10.28
N VAL L 281 -76.44 -181.22 -9.14
CA VAL L 281 -75.79 -180.11 -8.46
C VAL L 281 -74.85 -180.64 -7.37
N GLY L 282 -74.49 -181.92 -7.44
CA GLY L 282 -73.72 -182.55 -6.39
C GLY L 282 -72.22 -182.32 -6.37
N THR L 283 -71.76 -181.23 -6.99
CA THR L 283 -70.33 -180.86 -6.98
C THR L 283 -70.22 -179.45 -6.42
N GLN L 284 -70.01 -179.34 -5.11
CA GLN L 284 -69.84 -178.05 -4.46
C GLN L 284 -68.96 -178.23 -3.24
N ALA L 285 -68.66 -177.12 -2.56
CA ALA L 285 -67.84 -177.14 -1.35
C ALA L 285 -68.51 -176.25 -0.31
N LEU L 286 -69.04 -176.89 0.74
CA LEU L 286 -69.66 -176.20 1.87
C LEU L 286 -69.27 -176.83 3.20
N SER L 287 -67.97 -177.11 3.36
CA SER L 287 -67.46 -177.86 4.51
C SER L 287 -67.14 -176.96 5.70
N GLY L 288 -67.87 -175.85 5.82
CA GLY L 288 -67.71 -174.91 6.92
C GLY L 288 -67.96 -175.50 8.29
N ALA L 289 -68.71 -176.61 8.37
CA ALA L 289 -68.79 -177.35 9.62
C ALA L 289 -67.43 -177.91 10.01
N GLY L 290 -66.71 -178.50 9.06
CA GLY L 290 -65.34 -178.92 9.32
C GLY L 290 -64.40 -177.77 9.59
N LEU L 291 -64.67 -176.60 9.00
CA LEU L 291 -63.94 -175.39 9.35
C LEU L 291 -64.16 -175.01 10.81
N LEU L 292 -65.40 -175.07 11.30
CA LEU L 292 -65.65 -174.80 12.72
C LEU L 292 -65.06 -175.87 13.63
N LYS L 293 -64.92 -177.10 13.14
CA LYS L 293 -64.18 -178.11 13.89
C LYS L 293 -62.71 -177.73 14.01
N MET L 294 -62.14 -177.22 12.91
CA MET L 294 -60.76 -176.74 12.95
C MET L 294 -60.61 -175.51 13.85
N PHE L 295 -61.65 -174.69 13.96
CA PHE L 295 -61.63 -173.60 14.94
C PHE L 295 -61.67 -174.12 16.37
N ASN L 296 -62.51 -175.11 16.65
CA ASN L 296 -62.67 -175.60 18.01
C ASN L 296 -61.56 -176.55 18.43
N LYS L 297 -60.68 -176.93 17.49
CA LYS L 297 -59.50 -177.74 17.82
C LYS L 297 -58.59 -177.05 18.84
N ALA L 298 -58.57 -175.71 18.86
CA ALA L 298 -57.78 -174.99 19.86
C ALA L 298 -58.34 -175.18 21.26
N THR L 299 -59.67 -175.22 21.39
CA THR L 299 -60.26 -175.51 22.69
C THR L 299 -60.09 -176.99 23.06
N ASP L 300 -60.06 -177.86 22.04
CA ASP L 300 -59.79 -179.28 22.27
C ASP L 300 -58.39 -179.48 22.84
N ALA L 301 -57.41 -178.74 22.30
CA ALA L 301 -56.02 -178.88 22.72
C ALA L 301 -55.76 -178.40 24.14
N VAL L 302 -56.64 -177.57 24.70
CA VAL L 302 -56.48 -177.15 26.09
C VAL L 302 -57.44 -177.88 27.03
N SER L 303 -58.47 -178.55 26.51
CA SER L 303 -59.37 -179.30 27.38
C SER L 303 -59.07 -180.79 27.44
N LYS L 304 -58.17 -181.30 26.57
CA LYS L 304 -57.99 -182.75 26.43
C LYS L 304 -57.51 -183.43 27.71
N MET L 305 -56.84 -182.72 28.62
CA MET L 305 -56.45 -183.33 29.89
C MET L 305 -57.65 -183.58 30.79
N THR L 306 -58.56 -182.60 30.89
CA THR L 306 -59.80 -182.76 31.62
C THR L 306 -60.71 -183.80 30.96
N ILE L 307 -60.54 -184.03 29.65
CA ILE L 307 -61.12 -185.25 29.08
C ILE L 307 -60.43 -186.49 29.63
N LYS L 308 -59.09 -186.49 29.65
CA LYS L 308 -58.30 -187.67 30.03
C LYS L 308 -58.43 -188.08 31.50
N MET L 309 -59.09 -187.30 32.35
CA MET L 309 -59.24 -187.72 33.74
C MET L 309 -60.31 -188.80 33.94
N ASN L 310 -60.98 -189.26 32.89
CA ASN L 310 -62.09 -190.21 33.00
C ASN L 310 -61.56 -191.64 33.16
N GLU L 311 -62.47 -192.62 32.98
CA GLU L 311 -62.17 -194.04 33.13
C GLU L 311 -62.46 -194.86 31.88
N SER L 312 -63.43 -194.48 31.06
CA SER L 312 -63.70 -195.23 29.85
C SER L 312 -62.58 -195.08 28.83
N ASP L 313 -61.95 -193.89 28.78
CA ASP L 313 -60.81 -193.72 27.90
C ASP L 313 -59.58 -194.45 28.44
N ILE L 314 -59.58 -194.80 29.73
CA ILE L 314 -58.54 -195.69 30.24
C ILE L 314 -58.76 -197.09 29.68
N TRP L 315 -60.00 -197.45 29.37
CA TRP L 315 -60.24 -198.66 28.60
C TRP L 315 -59.96 -198.47 27.12
N PHE L 316 -59.98 -197.23 26.63
CA PHE L 316 -59.99 -196.98 25.20
C PHE L 316 -58.63 -196.63 24.59
N GLU L 317 -57.74 -195.95 25.33
CA GLU L 317 -56.60 -195.28 24.70
C GLU L 317 -55.53 -196.27 24.25
N GLU L 318 -55.57 -197.50 24.78
CA GLU L 318 -54.71 -198.56 24.26
C GLU L 318 -55.02 -198.83 22.80
N LYS L 319 -56.31 -198.84 22.47
CA LYS L 319 -56.73 -198.98 21.08
C LYS L 319 -56.31 -197.77 20.26
N LEU L 320 -56.22 -196.59 20.88
CA LEU L 320 -55.81 -195.38 20.18
C LEU L 320 -54.35 -195.46 19.75
N GLN L 321 -53.45 -195.76 20.70
CA GLN L 321 -52.03 -195.87 20.37
C GLN L 321 -51.76 -197.07 19.47
N GLU L 322 -52.49 -198.16 19.71
CA GLU L 322 -52.37 -199.36 18.88
C GLU L 322 -52.79 -199.07 17.45
N VAL L 323 -53.91 -198.38 17.26
CA VAL L 323 -54.36 -198.09 15.91
C VAL L 323 -53.51 -197.00 15.28
N GLU L 324 -52.80 -196.20 16.09
CA GLU L 324 -51.84 -195.25 15.54
C GLU L 324 -50.65 -195.97 14.90
N CYS L 325 -50.05 -196.92 15.63
CA CYS L 325 -48.94 -197.65 15.02
C CYS L 325 -49.43 -198.54 13.88
N GLU L 326 -50.66 -199.05 13.98
CA GLU L 326 -51.23 -199.82 12.88
C GLU L 326 -51.46 -198.96 11.64
N GLU L 327 -51.98 -197.74 11.81
CA GLU L 327 -52.23 -196.91 10.63
C GLU L 327 -50.94 -196.42 10.00
N GLN L 328 -49.90 -196.20 10.82
CA GLN L 328 -48.59 -195.84 10.27
C GLN L 328 -48.03 -196.99 9.42
N ARG L 329 -48.05 -198.20 9.97
CA ARG L 329 -47.42 -199.33 9.23
C ARG L 329 -48.32 -199.80 8.08
N LEU L 330 -49.63 -199.48 8.10
CA LEU L 330 -50.46 -199.88 6.93
C LEU L 330 -50.40 -198.80 5.84
N ARG L 331 -50.17 -197.53 6.20
CA ARG L 331 -50.01 -196.50 5.14
C ARG L 331 -48.66 -196.70 4.47
N LYS L 332 -47.66 -197.21 5.21
CA LYS L 332 -46.38 -197.54 4.61
C LYS L 332 -46.48 -198.79 3.73
N LEU L 333 -47.15 -199.84 4.22
CA LEU L 333 -47.36 -201.04 3.41
C LEU L 333 -48.23 -200.75 2.18
N HIS L 334 -49.35 -199.78 2.29
CA HIS L 334 -50.14 -199.26 1.16
C HIS L 334 -49.23 -198.69 0.08
N ALA L 335 -48.28 -197.84 0.49
CA ALA L 335 -47.38 -197.20 -0.45
C ALA L 335 -46.48 -198.22 -1.14
N VAL L 336 -45.94 -199.19 -0.40
CA VAL L 336 -45.04 -200.15 -1.03
C VAL L 336 -45.82 -201.17 -1.90
N VAL L 337 -47.07 -201.48 -1.53
CA VAL L 337 -47.96 -202.29 -2.36
C VAL L 337 -48.25 -201.60 -3.69
N GLU L 338 -48.58 -200.31 -3.65
CA GLU L 338 -48.83 -199.59 -4.89
C GLU L 338 -47.54 -199.38 -5.69
N THR L 339 -46.39 -199.38 -5.00
CA THR L 339 -45.11 -199.40 -5.69
C THR L 339 -44.91 -200.70 -6.46
N LEU L 340 -45.36 -201.83 -5.89
CA LEU L 340 -45.35 -203.08 -6.66
C LEU L 340 -46.35 -203.04 -7.80
N VAL L 341 -47.48 -202.37 -7.61
CA VAL L 341 -48.49 -202.28 -8.66
C VAL L 341 -47.95 -201.48 -9.85
N ASN L 342 -47.19 -200.42 -9.57
CA ASN L 342 -46.45 -199.73 -10.63
C ASN L 342 -45.37 -200.64 -11.24
N HIS L 343 -44.52 -201.44 -10.29
CA HIS L 343 -43.38 -202.31 -10.66
C HIS L 343 -43.76 -203.37 -11.68
N ARG L 344 -44.93 -204.00 -11.49
CA ARG L 344 -45.33 -205.12 -12.33
C ARG L 344 -45.57 -204.70 -13.78
N LYS L 345 -45.87 -203.43 -14.02
CA LYS L 345 -46.20 -202.99 -15.37
C LYS L 345 -44.96 -203.01 -16.26
N GLU L 346 -43.85 -202.44 -15.79
CA GLU L 346 -42.62 -202.58 -16.54
C GLU L 346 -42.03 -203.97 -16.44
N LEU L 347 -42.39 -204.76 -15.41
CA LEU L 347 -42.10 -206.19 -15.43
C LEU L 347 -42.73 -206.88 -16.64
N ALA L 348 -44.03 -206.63 -16.83
CA ALA L 348 -44.80 -207.27 -17.89
C ALA L 348 -44.35 -206.78 -19.26
N LEU L 349 -44.08 -205.48 -19.39
CA LEU L 349 -43.57 -204.95 -20.65
C LEU L 349 -42.17 -205.48 -20.96
N ASN L 350 -41.33 -205.63 -19.93
CA ASN L 350 -39.98 -206.16 -20.09
C ASN L 350 -40.01 -207.60 -20.56
N THR L 351 -40.82 -208.45 -19.92
CA THR L 351 -40.90 -209.84 -20.35
C THR L 351 -41.67 -210.04 -21.65
N ALA L 352 -42.63 -209.15 -21.95
CA ALA L 352 -43.30 -209.20 -23.24
C ALA L 352 -42.35 -208.83 -24.38
N LEU L 353 -41.53 -207.80 -24.18
CA LEU L 353 -40.51 -207.47 -25.15
C LEU L 353 -39.40 -208.51 -25.21
N PHE L 354 -39.20 -209.27 -24.13
CA PHE L 354 -38.34 -210.46 -24.21
C PHE L 354 -38.91 -211.51 -25.14
N ALA L 355 -40.21 -211.77 -25.05
CA ALA L 355 -40.82 -212.74 -25.96
C ALA L 355 -40.80 -212.23 -27.40
N LYS L 356 -41.00 -210.92 -27.57
CA LYS L 356 -40.87 -210.32 -28.90
C LYS L 356 -39.45 -210.39 -29.42
N SER L 357 -38.45 -210.25 -28.55
CA SER L 357 -37.07 -210.37 -28.99
C SER L 357 -36.67 -211.81 -29.24
N LEU L 358 -37.33 -212.76 -28.56
CA LEU L 358 -37.23 -214.16 -28.94
C LEU L 358 -37.72 -214.37 -30.35
N ALA L 359 -38.90 -213.79 -30.66
CA ALA L 359 -39.45 -213.87 -32.01
C ALA L 359 -38.56 -213.16 -33.03
N MET L 360 -37.87 -212.10 -32.61
CA MET L 360 -36.92 -211.43 -33.50
C MET L 360 -35.71 -212.29 -33.78
N LEU L 361 -34.96 -212.65 -32.73
CA LEU L 361 -33.68 -213.32 -32.89
C LEU L 361 -33.83 -214.78 -33.26
N GLY L 362 -35.05 -215.32 -33.26
CA GLY L 362 -35.29 -216.64 -33.82
C GLY L 362 -35.41 -216.64 -35.33
N SER L 363 -35.26 -215.49 -35.97
CA SER L 363 -35.16 -215.43 -37.41
C SER L 363 -33.73 -215.69 -37.84
N SER L 364 -33.54 -215.81 -39.16
CA SER L 364 -32.24 -216.00 -39.82
C SER L 364 -31.52 -217.25 -39.33
N GLU L 365 -32.28 -218.30 -39.05
CA GLU L 365 -31.73 -219.55 -38.55
C GLU L 365 -32.66 -220.68 -38.92
N ASP L 366 -32.07 -221.86 -39.16
CA ASP L 366 -32.83 -223.08 -39.42
C ASP L 366 -32.41 -224.11 -38.37
N ASN L 367 -33.02 -224.01 -37.20
CA ASN L 367 -32.93 -224.99 -36.12
C ASN L 367 -34.32 -225.22 -35.55
N THR L 368 -35.27 -225.53 -36.44
CA THR L 368 -36.73 -225.37 -36.29
C THR L 368 -37.35 -225.81 -34.97
N ALA L 369 -36.66 -226.70 -34.23
CA ALA L 369 -36.96 -226.89 -32.81
C ALA L 369 -36.87 -225.57 -32.06
N LEU L 370 -35.91 -224.70 -32.41
CA LEU L 370 -35.86 -223.37 -31.82
C LEU L 370 -37.07 -222.54 -32.22
N SER L 371 -37.61 -222.75 -33.43
CA SER L 371 -38.80 -222.01 -33.85
C SER L 371 -40.04 -222.45 -33.07
N ARG L 372 -40.19 -223.75 -32.85
CA ARG L 372 -41.26 -224.24 -31.96
C ARG L 372 -41.05 -223.78 -30.53
N ALA L 373 -39.79 -223.66 -30.10
CA ALA L 373 -39.49 -223.14 -28.76
C ALA L 373 -39.92 -221.69 -28.62
N LEU L 374 -39.67 -220.87 -29.64
CA LEU L 374 -40.23 -219.52 -29.72
C LEU L 374 -41.74 -219.52 -29.61
N SER L 375 -42.41 -220.31 -30.46
CA SER L 375 -43.86 -220.30 -30.55
C SER L 375 -44.55 -220.82 -29.29
N GLN L 376 -43.84 -221.60 -28.49
CA GLN L 376 -44.37 -222.08 -27.22
C GLN L 376 -44.00 -221.17 -26.04
N LEU L 377 -42.76 -220.66 -26.03
CA LEU L 377 -42.27 -219.80 -24.96
C LEU L 377 -42.93 -218.43 -24.93
N ALA L 378 -43.21 -217.83 -26.10
CA ALA L 378 -43.86 -216.52 -26.12
C ALA L 378 -45.24 -216.60 -25.48
N GLU L 379 -46.02 -217.63 -25.83
CA GLU L 379 -47.36 -217.73 -25.28
C GLU L 379 -47.37 -218.17 -23.83
N VAL L 380 -46.44 -219.02 -23.38
CA VAL L 380 -46.47 -219.33 -21.94
C VAL L 380 -45.94 -218.17 -21.10
N GLU L 381 -45.03 -217.36 -21.67
CA GLU L 381 -44.65 -216.11 -21.02
C GLU L 381 -45.85 -215.18 -20.90
N GLU L 382 -46.69 -215.13 -21.93
CA GLU L 382 -47.86 -214.28 -21.85
C GLU L 382 -48.89 -214.84 -20.85
N LYS L 383 -48.94 -216.16 -20.68
CA LYS L 383 -49.77 -216.75 -19.63
C LYS L 383 -49.31 -216.32 -18.23
N ILE L 384 -48.00 -216.41 -17.99
CA ILE L 384 -47.43 -215.96 -16.71
C ILE L 384 -47.64 -214.46 -16.53
N GLU L 385 -47.54 -213.72 -17.64
CA GLU L 385 -47.72 -212.27 -17.64
C GLU L 385 -49.13 -211.89 -17.19
N GLN L 386 -50.15 -212.45 -17.85
CA GLN L 386 -51.52 -212.14 -17.48
C GLN L 386 -51.87 -212.67 -16.10
N LEU L 387 -51.27 -213.79 -15.69
CA LEU L 387 -51.55 -214.38 -14.37
C LEU L 387 -51.11 -213.45 -13.24
N HIS L 388 -49.80 -213.14 -13.20
CA HIS L 388 -49.36 -212.28 -12.11
C HIS L 388 -49.81 -210.84 -12.33
N GLN L 389 -50.19 -210.47 -13.55
CA GLN L 389 -50.75 -209.15 -13.79
C GLN L 389 -52.13 -209.02 -13.16
N GLU L 390 -53.00 -210.00 -13.36
CA GLU L 390 -54.34 -209.89 -12.79
C GLU L 390 -54.31 -210.01 -11.28
N GLN L 391 -53.42 -210.86 -10.73
CA GLN L 391 -53.26 -210.89 -9.27
C GLN L 391 -52.75 -209.55 -8.75
N ALA L 392 -51.61 -209.11 -9.32
CA ALA L 392 -50.85 -207.93 -8.93
C ALA L 392 -51.65 -206.66 -9.00
N ASN L 393 -52.58 -206.52 -9.93
CA ASN L 393 -53.45 -205.37 -9.75
C ASN L 393 -54.56 -205.70 -8.76
N ASN L 394 -55.47 -206.64 -9.11
CA ASN L 394 -56.84 -206.57 -8.58
C ASN L 394 -56.87 -206.75 -7.07
N ASP L 395 -56.09 -207.71 -6.56
CA ASP L 395 -56.22 -207.93 -5.12
C ASP L 395 -55.44 -206.90 -4.31
N PHE L 396 -54.33 -206.42 -4.86
CA PHE L 396 -53.52 -205.43 -4.18
C PHE L 396 -54.25 -204.11 -4.04
N PHE L 397 -54.85 -203.64 -5.14
CA PHE L 397 -55.54 -202.32 -5.08
C PHE L 397 -56.89 -202.46 -4.36
N LEU L 398 -57.43 -203.68 -4.27
CA LEU L 398 -58.69 -203.89 -3.50
C LEU L 398 -58.35 -203.87 -2.02
N LEU L 399 -57.28 -204.58 -1.62
CA LEU L 399 -56.84 -204.54 -0.21
C LEU L 399 -56.44 -203.11 0.13
N ALA L 400 -55.99 -202.34 -0.87
CA ALA L 400 -55.63 -200.95 -0.65
C ALA L 400 -56.87 -200.08 -0.42
N GLU L 401 -57.93 -200.30 -1.21
CA GLU L 401 -59.20 -199.61 -0.97
C GLU L 401 -59.81 -200.03 0.37
N LEU L 402 -59.63 -201.30 0.75
CA LEU L 402 -60.09 -201.81 2.02
C LEU L 402 -59.45 -201.08 3.19
N LEU L 403 -58.12 -200.98 3.17
CA LEU L 403 -57.44 -200.23 4.21
C LEU L 403 -57.73 -198.73 4.12
N SER L 404 -58.03 -198.22 2.91
CA SER L 404 -58.26 -196.79 2.74
C SER L 404 -59.57 -196.36 3.36
N ASP L 405 -60.68 -197.03 3.00
CA ASP L 405 -61.92 -196.66 3.68
C ASP L 405 -61.98 -197.21 5.11
N TYR L 406 -61.10 -198.14 5.47
CA TYR L 406 -60.89 -198.45 6.88
C TYR L 406 -60.30 -197.27 7.62
N ILE L 407 -59.32 -196.59 7.02
CA ILE L 407 -58.75 -195.35 7.58
C ILE L 407 -59.83 -194.27 7.64
N ARG L 408 -60.72 -194.24 6.64
CA ARG L 408 -61.85 -193.30 6.67
C ARG L 408 -62.75 -193.60 7.87
N LEU L 409 -63.02 -194.88 8.13
CA LEU L 409 -63.80 -195.28 9.29
C LEU L 409 -63.10 -194.90 10.59
N LEU L 410 -61.78 -195.03 10.61
CA LEU L 410 -61.00 -194.61 11.78
C LEU L 410 -61.11 -193.11 12.01
N ALA L 411 -61.05 -192.32 10.92
CA ALA L 411 -61.16 -190.87 11.05
C ALA L 411 -62.55 -190.46 11.52
N ILE L 412 -63.59 -191.12 11.02
CA ILE L 412 -64.92 -190.73 11.47
C ILE L 412 -65.22 -191.23 12.87
N VAL L 413 -64.56 -192.28 13.37
CA VAL L 413 -64.77 -192.60 14.79
C VAL L 413 -63.90 -191.73 15.69
N ARG L 414 -62.76 -191.22 15.19
CA ARG L 414 -62.06 -190.11 15.87
C ARG L 414 -63.01 -188.94 16.05
N ALA L 415 -63.69 -188.54 14.97
CA ALA L 415 -64.66 -187.45 15.04
C ALA L 415 -65.86 -187.82 15.91
N ALA L 416 -66.17 -189.11 16.02
CA ALA L 416 -67.29 -189.54 16.87
C ALA L 416 -67.00 -189.29 18.35
N PHE L 417 -65.84 -189.75 18.84
CA PHE L 417 -65.61 -189.38 20.23
C PHE L 417 -65.12 -187.94 20.38
N ASP L 418 -64.77 -187.25 19.29
CA ASP L 418 -64.62 -185.80 19.38
C ASP L 418 -65.96 -185.12 19.62
N GLN L 419 -67.03 -185.63 19.01
CA GLN L 419 -68.36 -185.12 19.31
C GLN L 419 -68.77 -185.47 20.73
N ARG L 420 -68.37 -186.66 21.20
CA ARG L 420 -68.57 -187.02 22.61
C ARG L 420 -67.81 -186.06 23.53
N MET L 421 -66.61 -185.65 23.12
CA MET L 421 -65.83 -184.66 23.85
C MET L 421 -66.53 -183.30 23.88
N LYS L 422 -67.10 -182.90 22.75
CA LYS L 422 -67.77 -181.59 22.67
C LYS L 422 -69.02 -181.58 23.53
N THR L 423 -69.80 -182.65 23.51
CA THR L 423 -70.95 -182.72 24.40
C THR L 423 -70.54 -182.90 25.86
N TRP L 424 -69.37 -183.51 26.10
CA TRP L 424 -68.82 -183.58 27.45
C TRP L 424 -68.57 -182.19 28.00
N GLN L 425 -67.84 -181.36 27.25
CA GLN L 425 -67.60 -180.01 27.72
C GLN L 425 -68.86 -179.14 27.70
N ARG L 426 -69.86 -179.51 26.88
CA ARG L 426 -71.18 -178.86 26.96
C ARG L 426 -71.82 -179.06 28.32
N TRP L 427 -71.95 -180.30 28.78
CA TRP L 427 -72.55 -180.46 30.10
C TRP L 427 -71.61 -180.01 31.21
N GLN L 428 -70.30 -180.01 30.94
CA GLN L 428 -69.31 -179.55 31.92
C GLN L 428 -69.47 -178.07 32.21
N ASP L 429 -69.41 -177.22 31.18
CA ASP L 429 -69.59 -175.81 31.46
C ASP L 429 -71.05 -175.46 31.73
N ALA L 430 -72.00 -176.33 31.33
CA ALA L 430 -73.38 -176.16 31.73
C ALA L 430 -73.54 -176.27 33.24
N GLN L 431 -72.99 -177.32 33.86
CA GLN L 431 -73.09 -177.45 35.31
C GLN L 431 -72.21 -176.43 36.03
N ALA L 432 -71.10 -176.01 35.41
CA ALA L 432 -70.27 -174.96 35.99
C ALA L 432 -71.02 -173.64 36.10
N THR L 433 -71.55 -173.16 34.97
CA THR L 433 -72.35 -171.93 34.97
C THR L 433 -73.61 -172.07 35.80
N LEU L 434 -74.20 -173.28 35.84
CA LEU L 434 -75.32 -173.60 36.72
C LEU L 434 -75.00 -173.25 38.16
N GLN L 435 -73.94 -173.87 38.69
CA GLN L 435 -73.54 -173.66 40.07
C GLN L 435 -73.24 -172.20 40.34
N LYS L 436 -72.47 -171.56 39.45
CA LYS L 436 -72.03 -170.18 39.68
C LYS L 436 -73.20 -169.19 39.66
N LYS L 437 -73.89 -169.08 38.52
CA LYS L 437 -74.90 -168.03 38.45
C LYS L 437 -76.16 -168.40 39.21
N ARG L 438 -76.45 -169.68 39.41
CA ARG L 438 -77.62 -170.06 40.17
C ARG L 438 -77.40 -169.85 41.67
N GLU L 439 -76.18 -170.04 42.18
CA GLU L 439 -75.97 -169.65 43.56
C GLU L 439 -75.84 -168.14 43.71
N SER L 440 -75.40 -167.43 42.67
CA SER L 440 -75.42 -165.97 42.74
C SER L 440 -76.84 -165.44 42.77
N GLU L 441 -77.78 -166.13 42.10
CA GLU L 441 -79.19 -165.83 42.28
C GLU L 441 -79.67 -166.21 43.68
N ALA L 442 -79.21 -167.34 44.21
CA ALA L 442 -79.72 -167.86 45.47
C ALA L 442 -79.28 -167.05 46.67
N ARG L 443 -78.08 -166.47 46.64
CA ARG L 443 -77.54 -165.78 47.81
C ARG L 443 -78.17 -164.42 48.08
N LEU L 444 -79.01 -163.92 47.16
CA LEU L 444 -79.67 -162.63 47.34
C LEU L 444 -81.11 -162.79 47.83
N LEU L 445 -81.36 -163.78 48.69
CA LEU L 445 -82.71 -164.14 49.13
C LEU L 445 -83.34 -163.12 50.07
N TRP L 446 -82.55 -162.39 50.85
CA TRP L 446 -83.12 -161.46 51.82
C TRP L 446 -83.58 -160.15 51.19
N ALA L 447 -83.20 -159.88 49.95
CA ALA L 447 -83.99 -158.98 49.14
C ALA L 447 -85.31 -159.69 48.90
N ASN L 448 -86.36 -159.27 49.61
CA ASN L 448 -87.53 -160.10 49.85
C ASN L 448 -88.37 -160.23 48.58
N LYS L 449 -87.90 -161.08 47.68
CA LYS L 449 -88.64 -161.48 46.49
C LYS L 449 -88.40 -162.97 46.29
N PRO L 450 -89.31 -163.83 46.77
CA PRO L 450 -89.09 -165.27 46.68
C PRO L 450 -89.26 -165.85 45.29
N ASP L 451 -89.75 -165.05 44.32
CA ASP L 451 -89.93 -165.54 42.97
C ASP L 451 -88.59 -165.85 42.32
N LYS L 452 -87.55 -165.07 42.65
CA LYS L 452 -86.20 -165.38 42.21
C LYS L 452 -85.73 -166.70 42.78
N LEU L 453 -86.08 -166.98 44.04
CA LEU L 453 -85.74 -168.26 44.65
C LEU L 453 -86.49 -169.41 43.97
N GLN L 454 -87.74 -169.17 43.58
CA GLN L 454 -88.53 -170.21 42.90
C GLN L 454 -87.96 -170.52 41.53
N GLN L 455 -87.63 -169.49 40.75
CA GLN L 455 -87.07 -169.74 39.43
C GLN L 455 -85.66 -170.31 39.50
N ALA L 456 -84.87 -169.92 40.51
CA ALA L 456 -83.56 -170.52 40.69
C ALA L 456 -83.66 -171.98 41.11
N LYS L 457 -84.67 -172.32 41.91
CA LYS L 457 -84.92 -173.72 42.26
C LYS L 457 -85.33 -174.54 41.05
N ASP L 458 -86.18 -173.97 40.19
CA ASP L 458 -86.58 -174.66 38.97
C ASP L 458 -85.40 -174.84 38.03
N GLU L 459 -84.54 -173.82 37.95
CA GLU L 459 -83.32 -173.90 37.15
C GLU L 459 -82.40 -175.00 37.63
N ILE L 460 -82.06 -175.00 38.93
CA ILE L 460 -81.13 -176.01 39.44
C ILE L 460 -81.74 -177.41 39.33
N THR L 461 -83.05 -177.54 39.56
CA THR L 461 -83.69 -178.86 39.56
C THR L 461 -83.75 -179.47 38.17
N GLU L 462 -84.43 -178.79 37.23
CA GLU L 462 -84.60 -179.35 35.90
C GLU L 462 -83.27 -179.39 35.14
N TRP L 463 -82.40 -178.42 35.38
CA TRP L 463 -81.12 -178.37 34.69
C TRP L 463 -80.19 -179.48 35.18
N GLU L 464 -80.18 -179.79 36.50
CA GLU L 464 -79.36 -180.91 36.94
C GLU L 464 -79.95 -182.24 36.49
N SER L 465 -81.29 -182.32 36.40
CA SER L 465 -81.92 -183.56 35.94
C SER L 465 -81.54 -183.85 34.51
N ARG L 466 -81.58 -182.83 33.64
CA ARG L 466 -81.24 -183.07 32.25
C ARG L 466 -79.74 -183.25 32.06
N VAL L 467 -78.89 -182.61 32.89
CA VAL L 467 -77.44 -182.79 32.74
C VAL L 467 -77.01 -184.19 33.19
N THR L 468 -77.56 -184.67 34.31
CA THR L 468 -77.29 -186.04 34.73
C THR L 468 -77.85 -187.05 33.73
N GLN L 469 -79.02 -186.74 33.15
CA GLN L 469 -79.55 -187.52 32.05
C GLN L 469 -78.58 -187.56 30.88
N TYR L 470 -77.95 -186.42 30.59
CA TYR L 470 -76.98 -186.33 29.50
C TYR L 470 -75.77 -187.21 29.77
N GLU L 471 -75.23 -187.18 30.99
CA GLU L 471 -73.99 -187.96 31.16
C GLU L 471 -74.24 -189.46 31.27
N ARG L 472 -75.38 -189.91 31.81
CA ARG L 472 -75.52 -191.37 31.73
C ARG L 472 -76.04 -191.81 30.36
N ASP L 473 -76.65 -190.91 29.59
CA ASP L 473 -76.85 -191.22 28.18
C ASP L 473 -75.52 -191.22 27.43
N PHE L 474 -74.53 -190.50 27.91
CA PHE L 474 -73.20 -190.57 27.29
C PHE L 474 -72.53 -191.89 27.66
N GLU L 475 -72.83 -192.39 28.86
CA GLU L 475 -72.46 -193.77 29.20
C GLU L 475 -73.15 -194.75 28.26
N ARG L 476 -74.42 -194.50 27.92
CA ARG L 476 -75.15 -195.36 27.00
C ARG L 476 -74.55 -195.34 25.61
N ILE L 477 -74.17 -194.16 25.12
CA ILE L 477 -73.59 -194.11 23.79
C ILE L 477 -72.17 -194.65 23.81
N SER L 478 -71.49 -194.61 24.95
CA SER L 478 -70.19 -195.28 25.07
C SER L 478 -70.36 -196.78 24.98
N THR L 479 -71.43 -197.32 25.59
CA THR L 479 -71.69 -198.75 25.48
C THR L 479 -72.05 -199.16 24.05
N VAL L 480 -72.84 -198.34 23.35
CA VAL L 480 -73.18 -198.74 21.99
C VAL L 480 -71.99 -198.54 21.05
N VAL L 481 -71.09 -197.62 21.39
CA VAL L 481 -69.82 -197.51 20.68
C VAL L 481 -68.96 -198.76 20.92
N ARG L 482 -68.97 -199.29 22.14
CA ARG L 482 -68.19 -200.50 22.41
C ARG L 482 -68.79 -201.73 21.72
N LYS L 483 -70.11 -201.80 21.60
CA LYS L 483 -70.71 -202.86 20.80
C LYS L 483 -70.37 -202.68 19.31
N GLU L 484 -70.29 -201.43 18.85
CA GLU L 484 -69.80 -201.18 17.50
C GLU L 484 -68.32 -201.52 17.36
N VAL L 485 -67.56 -201.40 18.46
CA VAL L 485 -66.15 -201.79 18.46
C VAL L 485 -66.02 -203.29 18.26
N THR L 486 -66.84 -204.05 18.99
CA THR L 486 -66.93 -205.50 18.78
C THR L 486 -67.35 -205.81 17.36
N ARG L 487 -68.25 -205.00 16.80
CA ARG L 487 -68.67 -205.18 15.40
C ARG L 487 -67.51 -204.93 14.44
N PHE L 488 -66.66 -203.94 14.71
CA PHE L 488 -65.62 -203.79 13.70
C PHE L 488 -64.37 -204.63 14.00
N GLU L 489 -64.24 -205.23 15.18
CA GLU L 489 -63.32 -206.37 15.24
C GLU L 489 -63.90 -207.58 14.54
N LYS L 490 -65.22 -207.68 14.46
CA LYS L 490 -65.81 -208.72 13.61
C LYS L 490 -65.51 -208.46 12.14
N GLU L 491 -65.51 -207.20 11.71
CA GLU L 491 -65.09 -206.99 10.32
C GLU L 491 -63.56 -207.02 10.17
N LYS L 492 -62.80 -206.87 11.25
CA LYS L 492 -61.39 -207.26 11.21
C LYS L 492 -61.26 -208.74 10.88
N SER L 493 -62.07 -209.56 11.54
CA SER L 493 -62.13 -210.98 11.19
C SER L 493 -62.59 -211.19 9.76
N LYS L 494 -63.51 -210.34 9.28
CA LYS L 494 -64.06 -210.49 7.94
C LYS L 494 -63.05 -210.13 6.86
N ASP L 495 -62.31 -209.04 7.03
CA ASP L 495 -61.39 -208.67 5.96
C ASP L 495 -60.05 -209.41 6.08
N PHE L 496 -59.70 -209.87 7.29
CA PHE L 496 -58.66 -210.89 7.40
C PHE L 496 -59.09 -212.17 6.72
N LYS L 497 -60.36 -212.53 6.82
CA LYS L 497 -60.91 -213.65 6.07
C LYS L 497 -60.93 -213.36 4.58
N ASN L 498 -61.07 -212.09 4.18
CA ASN L 498 -60.95 -211.76 2.76
C ASN L 498 -59.54 -211.99 2.25
N HIS L 499 -58.53 -211.67 3.05
CA HIS L 499 -57.18 -212.06 2.64
C HIS L 499 -56.96 -213.57 2.72
N VAL L 500 -57.65 -214.25 3.64
CA VAL L 500 -57.56 -215.70 3.73
C VAL L 500 -58.15 -216.35 2.49
N MET L 501 -59.34 -215.94 2.08
CA MET L 501 -59.92 -216.45 0.84
C MET L 501 -59.17 -215.95 -0.39
N LYS L 502 -58.49 -214.81 -0.29
CA LYS L 502 -57.57 -214.40 -1.34
C LYS L 502 -56.45 -215.40 -1.54
N TYR L 503 -55.76 -215.79 -0.46
CA TYR L 503 -54.69 -216.76 -0.66
C TYR L 503 -55.26 -218.14 -0.95
N LEU L 504 -56.50 -218.40 -0.52
CA LEU L 504 -57.18 -219.64 -0.89
C LEU L 504 -57.37 -219.74 -2.40
N GLU L 505 -57.97 -218.71 -3.02
CA GLU L 505 -58.07 -218.71 -4.47
C GLU L 505 -56.73 -218.52 -5.15
N THR L 506 -55.75 -217.93 -4.46
CA THR L 506 -54.43 -217.76 -5.05
C THR L 506 -53.75 -219.10 -5.22
N LEU L 507 -53.69 -219.89 -4.15
CA LEU L 507 -53.16 -221.26 -4.21
C LEU L 507 -53.98 -222.11 -5.17
N LEU L 508 -55.31 -221.98 -5.13
CA LEU L 508 -56.19 -222.70 -6.04
C LEU L 508 -55.92 -222.42 -7.51
N HIS L 509 -56.10 -221.17 -7.95
CA HIS L 509 -55.99 -220.89 -9.38
C HIS L 509 -54.55 -220.96 -9.84
N SER L 510 -53.59 -220.61 -8.97
CA SER L 510 -52.18 -220.74 -9.29
C SER L 510 -51.82 -222.19 -9.52
N GLN L 511 -52.22 -223.08 -8.60
CA GLN L 511 -51.92 -224.49 -8.73
C GLN L 511 -52.62 -225.11 -9.92
N GLN L 512 -53.92 -224.85 -10.08
CA GLN L 512 -54.67 -225.54 -11.13
C GLN L 512 -54.27 -225.02 -12.51
N GLN L 513 -54.11 -223.71 -12.69
CA GLN L 513 -53.73 -223.18 -13.99
C GLN L 513 -52.28 -223.50 -14.32
N LEU L 514 -51.38 -223.26 -13.35
CA LEU L 514 -49.96 -223.51 -13.51
C LEU L 514 -49.67 -224.97 -13.80
N ALA L 515 -50.06 -225.86 -12.88
CA ALA L 515 -49.87 -227.29 -13.08
C ALA L 515 -50.72 -227.83 -14.22
N LYS L 516 -51.79 -227.14 -14.61
CA LYS L 516 -52.57 -227.55 -15.77
C LYS L 516 -51.78 -227.38 -17.05
N TYR L 517 -51.15 -226.21 -17.22
CA TYR L 517 -50.33 -226.13 -18.43
C TYR L 517 -48.99 -226.83 -18.25
N TRP L 518 -48.57 -227.16 -17.02
CA TRP L 518 -47.47 -228.11 -16.86
C TRP L 518 -47.83 -229.48 -17.41
N GLU L 519 -48.96 -230.04 -16.99
CA GLU L 519 -49.38 -231.36 -17.44
C GLU L 519 -49.96 -231.35 -18.84
N ALA L 520 -50.18 -230.16 -19.42
CA ALA L 520 -50.58 -230.05 -20.81
C ALA L 520 -49.43 -229.71 -21.73
N PHE L 521 -48.31 -229.23 -21.20
CA PHE L 521 -47.19 -228.81 -22.02
C PHE L 521 -45.95 -229.67 -21.85
N LEU L 522 -45.86 -230.47 -20.79
CA LEU L 522 -44.87 -231.54 -20.76
C LEU L 522 -45.16 -232.68 -21.74
N PRO L 523 -46.40 -233.18 -21.94
CA PRO L 523 -46.58 -234.21 -22.97
C PRO L 523 -46.36 -233.73 -24.39
N GLU L 524 -46.41 -232.42 -24.65
CA GLU L 524 -45.89 -231.96 -25.93
C GLU L 524 -44.40 -231.70 -25.87
N ALA L 525 -43.85 -231.46 -24.68
CA ALA L 525 -42.40 -231.35 -24.52
C ALA L 525 -41.74 -232.67 -24.16
N LYS L 526 -42.33 -233.80 -24.59
CA LYS L 526 -41.59 -235.05 -24.57
C LYS L 526 -40.35 -234.95 -25.46
N ALA L 527 -40.57 -234.79 -26.78
CA ALA L 527 -39.57 -234.10 -27.61
C ALA L 527 -40.28 -233.40 -28.76
N ILE L 528 -40.81 -232.21 -28.45
CA ILE L 528 -41.23 -231.13 -29.35
C ILE L 528 -41.11 -229.88 -28.49
N SER L 529 -40.41 -228.85 -28.98
CA SER L 529 -40.25 -227.65 -28.17
C SER L 529 -41.42 -226.69 -28.35
N PHE M 150 -96.00 -149.40 114.14
CA PHE M 150 -95.26 -150.14 113.13
C PHE M 150 -93.92 -150.62 113.71
N ASP M 151 -93.37 -151.69 113.13
CA ASP M 151 -92.16 -152.36 113.60
C ASP M 151 -90.93 -151.47 113.56
N LEU M 152 -90.90 -150.44 112.71
CA LEU M 152 -89.78 -149.52 112.63
C LEU M 152 -89.96 -148.46 113.70
N THR M 153 -89.24 -148.60 114.82
CA THR M 153 -89.27 -147.64 115.91
C THR M 153 -87.84 -147.14 116.11
N VAL M 154 -87.57 -145.91 115.65
CA VAL M 154 -86.23 -145.34 115.70
C VAL M 154 -86.27 -144.01 116.44
N GLY M 155 -85.08 -143.47 116.70
CA GLY M 155 -84.94 -142.16 117.30
C GLY M 155 -83.63 -141.49 116.92
N ILE M 156 -83.70 -140.28 116.39
CA ILE M 156 -82.53 -139.58 115.86
C ILE M 156 -82.38 -138.27 116.62
N THR M 157 -81.28 -138.13 117.35
CA THR M 157 -81.04 -136.96 118.18
C THR M 157 -79.61 -136.46 117.95
N ASP M 158 -79.24 -135.45 118.75
CA ASP M 158 -77.90 -134.89 118.95
C ASP M 158 -77.19 -134.48 117.67
N PRO M 159 -77.54 -133.33 117.08
CA PRO M 159 -76.78 -132.83 115.93
C PRO M 159 -75.39 -132.36 116.31
N GLU M 160 -74.46 -133.30 116.41
CA GLU M 160 -73.11 -133.03 116.90
C GLU M 160 -72.21 -132.64 115.73
N LYS M 161 -71.60 -131.46 115.82
CA LYS M 161 -70.77 -130.92 114.75
C LYS M 161 -69.36 -131.55 114.78
N ILE M 162 -68.67 -131.47 113.64
CA ILE M 162 -67.39 -132.14 113.48
C ILE M 162 -66.34 -131.05 113.31
N GLY M 163 -66.56 -129.91 113.96
CA GLY M 163 -65.61 -128.81 113.95
C GLY M 163 -66.16 -127.60 113.23
N ASP M 164 -65.26 -126.82 112.65
CA ASP M 164 -65.58 -125.57 112.00
C ASP M 164 -65.47 -125.70 110.48
N GLY M 165 -66.37 -125.01 109.79
CA GLY M 165 -66.43 -125.00 108.35
C GLY M 165 -67.78 -124.51 107.89
N MET M 166 -68.07 -124.71 106.61
CA MET M 166 -69.36 -124.36 106.02
C MET M 166 -69.88 -125.56 105.25
N ASN M 167 -70.94 -126.17 105.77
CA ASN M 167 -71.76 -127.19 105.10
C ASN M 167 -70.96 -128.46 104.79
N ALA M 168 -70.39 -129.06 105.83
CA ALA M 168 -69.61 -130.28 105.63
C ALA M 168 -70.19 -131.50 106.32
N TYR M 169 -70.29 -131.53 107.65
CA TYR M 169 -70.53 -132.77 108.38
C TYR M 169 -71.09 -132.48 109.76
N VAL M 170 -72.18 -133.15 110.12
CA VAL M 170 -72.75 -133.12 111.47
C VAL M 170 -73.14 -134.55 111.85
N ALA M 171 -72.68 -135.01 113.00
CA ALA M 171 -72.98 -136.35 113.46
C ALA M 171 -74.40 -136.44 114.01
N TYR M 172 -74.98 -137.63 113.88
CA TYR M 172 -76.37 -137.90 114.29
C TYR M 172 -76.40 -139.06 115.27
N LYS M 173 -76.89 -138.81 116.49
CA LYS M 173 -77.19 -139.90 117.40
C LYS M 173 -78.49 -140.57 116.98
N VAL M 174 -78.39 -141.75 116.40
CA VAL M 174 -79.54 -142.46 115.85
C VAL M 174 -79.75 -143.72 116.67
N THR M 175 -80.82 -143.74 117.46
CA THR M 175 -81.15 -144.92 118.23
C THR M 175 -82.29 -145.68 117.57
N THR M 176 -82.05 -146.96 117.29
CA THR M 176 -82.99 -147.80 116.54
C THR M 176 -83.45 -148.95 117.43
N GLN M 177 -84.76 -149.04 117.64
CA GLN M 177 -85.38 -150.07 118.47
C GLN M 177 -86.31 -150.94 117.64
N THR M 178 -85.85 -151.34 116.46
CA THR M 178 -86.73 -151.90 115.44
C THR M 178 -87.08 -153.35 115.77
N SER M 179 -88.31 -153.76 115.43
CA SER M 179 -88.74 -155.15 115.43
C SER M 179 -88.27 -155.85 114.17
N LEU M 180 -88.89 -157.01 113.84
CA LEU M 180 -88.64 -157.78 112.61
C LEU M 180 -87.21 -158.29 112.54
N PRO M 181 -86.91 -159.45 113.17
CA PRO M 181 -85.55 -159.79 113.63
C PRO M 181 -84.41 -159.85 112.61
N MET M 182 -84.66 -159.47 111.36
CA MET M 182 -83.57 -159.05 110.49
C MET M 182 -82.79 -157.88 111.07
N PHE M 183 -83.47 -156.97 111.78
CA PHE M 183 -82.77 -156.11 112.73
C PHE M 183 -82.30 -156.95 113.91
N ARG M 184 -81.05 -156.73 114.33
CA ARG M 184 -80.31 -157.77 115.05
C ARG M 184 -80.85 -158.02 116.46
N SER M 185 -80.77 -157.01 117.33
CA SER M 185 -80.93 -157.29 118.76
C SER M 185 -81.82 -156.29 119.49
N ARG M 186 -82.75 -155.62 118.80
CA ARG M 186 -83.81 -154.76 119.35
C ARG M 186 -83.31 -153.51 120.08
N GLN M 187 -82.00 -153.32 120.17
CA GLN M 187 -81.43 -152.20 120.91
C GLN M 187 -80.10 -151.84 120.25
N PHE M 188 -80.16 -150.94 119.27
CA PHE M 188 -78.98 -150.36 118.65
C PHE M 188 -79.07 -148.84 118.75
N ALA M 189 -77.89 -148.21 118.79
CA ALA M 189 -77.78 -146.75 118.87
C ALA M 189 -76.56 -146.36 118.04
N VAL M 190 -76.79 -146.04 116.77
CA VAL M 190 -75.71 -145.78 115.84
C VAL M 190 -75.44 -144.29 115.75
N LYS M 191 -74.17 -143.93 115.60
CA LYS M 191 -73.75 -142.56 115.35
C LYS M 191 -73.35 -142.47 113.88
N ARG M 192 -74.15 -141.77 113.09
CA ARG M 192 -73.97 -141.74 111.65
C ARG M 192 -73.80 -140.30 111.19
N ARG M 193 -72.75 -140.07 110.39
CA ARG M 193 -72.51 -138.77 109.80
C ARG M 193 -72.99 -138.78 108.35
N PHE M 194 -73.78 -137.77 107.98
CA PHE M 194 -74.27 -137.67 106.62
C PHE M 194 -73.18 -137.09 105.72
N SER M 195 -73.54 -136.91 104.44
CA SER M 195 -72.62 -136.61 103.33
C SER M 195 -71.54 -137.67 103.15
N ASP M 196 -71.80 -138.88 103.64
CA ASP M 196 -70.93 -140.03 103.49
C ASP M 196 -71.66 -141.24 102.94
N PHE M 197 -72.89 -141.49 103.41
CA PHE M 197 -73.71 -142.56 102.89
C PHE M 197 -74.65 -142.11 101.79
N LEU M 198 -74.60 -140.85 101.36
CA LEU M 198 -75.23 -140.53 100.09
C LEU M 198 -74.37 -141.03 98.94
N GLY M 199 -73.06 -141.17 99.15
CA GLY M 199 -72.25 -141.92 98.19
C GLY M 199 -72.60 -143.40 98.18
N LEU M 200 -72.97 -143.94 99.34
CA LEU M 200 -73.53 -145.29 99.40
C LEU M 200 -74.87 -145.35 98.68
N TYR M 201 -75.67 -144.27 98.79
CA TYR M 201 -76.91 -144.17 98.04
C TYR M 201 -76.67 -144.07 96.54
N GLU M 202 -75.57 -143.47 96.13
CA GLU M 202 -75.27 -143.44 94.71
C GLU M 202 -74.70 -144.76 94.22
N LYS M 203 -74.04 -145.51 95.10
CA LYS M 203 -73.71 -146.90 94.77
C LYS M 203 -74.99 -147.72 94.62
N LEU M 204 -75.98 -147.46 95.48
CA LEU M 204 -77.30 -148.03 95.32
C LEU M 204 -77.96 -147.59 94.01
N SER M 205 -77.71 -146.35 93.61
CA SER M 205 -78.29 -145.80 92.39
C SER M 205 -77.74 -146.51 91.15
N GLU M 206 -76.41 -146.64 91.07
CA GLU M 206 -75.82 -147.38 89.96
C GLU M 206 -76.14 -148.87 90.06
N LYS M 207 -76.32 -149.40 91.28
CA LYS M 207 -76.68 -150.79 91.47
C LYS M 207 -78.05 -151.08 90.88
N HIS M 208 -79.06 -150.30 91.25
CA HIS M 208 -80.37 -150.54 90.65
C HIS M 208 -80.43 -150.03 89.21
N SER M 209 -79.45 -149.27 88.75
CA SER M 209 -79.36 -149.06 87.31
C SER M 209 -78.97 -150.36 86.60
N GLN M 210 -78.01 -151.10 87.16
CA GLN M 210 -77.62 -152.33 86.48
C GLN M 210 -78.59 -153.49 86.72
N ASN M 211 -79.37 -153.48 87.81
CA ASN M 211 -80.21 -154.65 88.05
C ASN M 211 -81.68 -154.35 88.28
N GLY M 212 -82.11 -153.10 88.16
CA GLY M 212 -83.52 -152.78 88.23
C GLY M 212 -84.15 -152.90 89.60
N PHE M 213 -83.43 -152.53 90.65
CA PHE M 213 -83.98 -152.58 92.00
C PHE M 213 -84.64 -151.26 92.35
N ILE M 214 -84.97 -151.07 93.63
CA ILE M 214 -85.74 -149.93 94.10
C ILE M 214 -85.04 -149.31 95.31
N VAL M 215 -84.73 -148.00 95.20
CA VAL M 215 -84.06 -147.27 96.30
C VAL M 215 -85.12 -146.43 97.02
N PRO M 216 -84.89 -146.00 98.28
CA PRO M 216 -85.84 -145.16 99.01
C PRO M 216 -85.55 -143.65 98.90
N PRO M 217 -86.42 -142.75 99.43
CA PRO M 217 -86.16 -141.30 99.46
C PRO M 217 -84.73 -140.85 99.81
N PRO M 218 -84.29 -139.63 99.44
CA PRO M 218 -82.90 -139.23 99.62
C PRO M 218 -82.36 -139.10 101.04
N PRO M 219 -81.11 -139.55 101.31
CA PRO M 219 -80.48 -139.33 102.61
C PRO M 219 -79.78 -137.98 102.38
N GLU M 220 -80.54 -136.90 102.17
CA GLU M 220 -79.99 -135.56 101.81
C GLU M 220 -78.64 -135.26 102.49
N LYS M 221 -77.67 -134.82 101.70
CA LYS M 221 -76.31 -134.55 102.23
C LYS M 221 -76.13 -133.05 102.54
N SER M 222 -74.88 -132.60 102.64
CA SER M 222 -74.59 -131.17 102.94
C SER M 222 -74.00 -130.48 101.72
N LEU M 223 -73.06 -129.56 101.91
CA LEU M 223 -72.56 -128.72 100.79
C LEU M 223 -73.76 -128.16 100.03
N ILE M 224 -74.75 -127.71 100.79
CA ILE M 224 -75.99 -127.18 100.24
C ILE M 224 -76.29 -125.76 100.70
N GLY M 225 -75.68 -125.29 101.79
CA GLY M 225 -76.03 -123.98 102.31
C GLY M 225 -75.49 -122.85 101.47
N MET M 226 -74.27 -123.00 100.96
CA MET M 226 -73.64 -121.98 100.14
C MET M 226 -73.42 -122.42 98.70
N THR M 227 -73.70 -123.69 98.38
CA THR M 227 -73.55 -124.22 97.04
C THR M 227 -74.82 -124.96 96.64
N LYS M 228 -75.10 -124.95 95.33
CA LYS M 228 -76.02 -125.85 94.61
C LYS M 228 -77.50 -125.56 94.90
N VAL M 229 -77.77 -124.69 95.87
CA VAL M 229 -79.14 -124.34 96.28
C VAL M 229 -79.27 -122.84 96.14
N LYS M 230 -80.46 -122.38 95.74
CA LYS M 230 -80.68 -120.99 95.36
C LYS M 230 -81.73 -120.24 96.19
N VAL M 231 -81.64 -120.18 97.53
CA VAL M 231 -80.46 -120.42 98.37
C VAL M 231 -80.87 -121.16 99.63
N GLY M 232 -79.90 -121.40 100.54
CA GLY M 232 -80.19 -122.01 101.83
C GLY M 232 -79.60 -121.25 103.00
N LYS M 233 -80.30 -121.24 104.14
CA LYS M 233 -79.88 -120.49 105.31
C LYS M 233 -79.55 -121.45 106.45
N GLU M 234 -78.50 -121.14 107.21
CA GLU M 234 -77.97 -122.05 108.21
C GLU M 234 -78.55 -121.84 109.61
N ASP M 235 -78.97 -120.63 109.94
CA ASP M 235 -79.62 -120.42 111.23
C ASP M 235 -80.98 -121.09 111.28
N SER M 236 -81.70 -121.10 110.15
CA SER M 236 -82.88 -121.94 109.99
C SER M 236 -82.52 -123.41 109.83
N SER M 237 -81.28 -123.72 109.45
CA SER M 237 -80.90 -125.12 109.32
C SER M 237 -80.52 -125.76 110.64
N SER M 238 -79.99 -124.95 111.56
CA SER M 238 -79.20 -125.31 112.75
C SER M 238 -79.74 -126.48 113.56
N ALA M 239 -81.06 -126.63 113.60
CA ALA M 239 -81.65 -127.87 114.06
C ALA M 239 -82.75 -128.28 113.09
N GLU M 240 -83.33 -127.31 112.40
CA GLU M 240 -84.61 -127.56 111.75
C GLU M 240 -84.43 -128.21 110.38
N PHE M 241 -83.43 -127.79 109.59
CA PHE M 241 -83.20 -128.54 108.36
C PHE M 241 -82.56 -129.88 108.64
N LEU M 242 -81.93 -130.03 109.81
CA LEU M 242 -81.51 -131.34 110.26
C LEU M 242 -82.73 -132.20 110.60
N GLU M 243 -83.79 -131.58 111.11
CA GLU M 243 -85.06 -132.30 111.25
C GLU M 243 -85.67 -132.62 109.90
N LYS M 244 -85.42 -131.78 108.88
CA LYS M 244 -85.86 -132.13 107.53
C LYS M 244 -85.05 -133.29 106.97
N ARG M 245 -83.76 -133.37 107.33
CA ARG M 245 -82.97 -134.57 107.04
C ARG M 245 -83.56 -135.79 107.73
N ARG M 246 -84.03 -135.59 108.97
CA ARG M 246 -84.67 -136.68 109.72
C ARG M 246 -85.98 -137.12 109.06
N ALA M 247 -86.70 -136.17 108.45
CA ALA M 247 -87.93 -136.51 107.75
C ALA M 247 -87.65 -137.29 106.48
N ALA M 248 -86.67 -136.83 105.69
CA ALA M 248 -86.25 -137.57 104.50
C ALA M 248 -85.67 -138.92 104.86
N LEU M 249 -85.00 -139.02 106.01
CA LEU M 249 -84.47 -140.29 106.48
C LEU M 249 -85.56 -141.21 107.01
N GLU M 250 -86.64 -140.64 107.56
CA GLU M 250 -87.76 -141.47 107.96
C GLU M 250 -88.48 -142.05 106.75
N ARG M 251 -88.60 -141.25 105.69
CA ARG M 251 -89.17 -141.77 104.45
C ARG M 251 -88.23 -142.79 103.80
N TYR M 252 -86.91 -142.56 103.93
CA TYR M 252 -85.89 -143.52 103.57
C TYR M 252 -86.10 -144.85 104.29
N LEU M 253 -86.33 -144.79 105.61
CA LEU M 253 -86.53 -146.01 106.39
C LEU M 253 -87.81 -146.73 106.01
N GLN M 254 -88.90 -145.97 105.81
CA GLN M 254 -90.17 -146.60 105.47
C GLN M 254 -90.13 -147.26 104.10
N ARG M 255 -89.55 -146.60 103.11
CA ARG M 255 -89.52 -147.22 101.80
C ARG M 255 -88.39 -148.23 101.64
N ILE M 256 -87.36 -148.20 102.50
CA ILE M 256 -86.41 -149.31 102.47
C ILE M 256 -87.02 -150.53 103.17
N VAL M 257 -88.08 -150.32 103.94
CA VAL M 257 -88.81 -151.49 104.50
C VAL M 257 -89.79 -151.92 103.40
N ASN M 258 -90.22 -150.98 102.55
CA ASN M 258 -91.24 -151.28 101.49
C ASN M 258 -90.72 -152.27 100.45
N HIS M 259 -89.41 -152.34 100.20
CA HIS M 259 -88.87 -153.41 99.31
C HIS M 259 -88.26 -154.45 100.27
N PRO M 260 -88.99 -155.43 100.88
CA PRO M 260 -88.41 -156.27 101.94
C PRO M 260 -87.43 -157.33 101.44
N THR M 261 -87.65 -157.84 100.22
CA THR M 261 -86.67 -158.73 99.62
C THR M 261 -85.41 -157.96 99.22
N MET M 262 -85.59 -156.75 98.68
CA MET M 262 -84.46 -155.89 98.38
C MET M 262 -83.91 -155.23 99.62
N LEU M 263 -84.70 -155.15 100.70
CA LEU M 263 -84.15 -154.85 102.02
C LEU M 263 -83.22 -155.96 102.49
N GLN M 264 -83.45 -157.20 102.06
CA GLN M 264 -82.53 -158.29 102.36
C GLN M 264 -81.40 -158.37 101.33
N ASP M 265 -80.79 -157.20 101.09
CA ASP M 265 -79.42 -157.07 100.59
C ASP M 265 -78.66 -156.66 101.83
N PRO M 266 -78.19 -157.63 102.63
CA PRO M 266 -77.83 -157.33 104.03
C PRO M 266 -76.58 -156.51 104.21
N ASP M 267 -75.77 -156.35 103.15
CA ASP M 267 -74.55 -155.55 103.25
C ASP M 267 -74.86 -154.10 103.58
N VAL M 268 -75.81 -153.49 102.86
CA VAL M 268 -76.12 -152.09 103.12
C VAL M 268 -76.96 -151.93 104.38
N ARG M 269 -77.71 -152.95 104.79
CA ARG M 269 -78.42 -152.89 106.06
C ARG M 269 -77.43 -152.90 107.22
N GLU M 270 -76.41 -153.76 107.15
CA GLU M 270 -75.35 -153.73 108.16
C GLU M 270 -74.51 -152.46 108.04
N PHE M 271 -74.44 -151.86 106.85
CA PHE M 271 -73.77 -150.57 106.72
C PHE M 271 -74.52 -149.48 107.47
N LEU M 272 -75.86 -149.53 107.40
CA LEU M 272 -76.65 -148.55 108.11
C LEU M 272 -76.66 -148.77 109.61
N GLU M 273 -76.77 -150.02 110.07
CA GLU M 273 -76.91 -150.28 111.49
C GLU M 273 -75.58 -150.51 112.21
N LYS M 274 -74.45 -150.21 111.55
CA LYS M 274 -73.15 -150.23 112.22
C LYS M 274 -72.42 -148.92 111.95
N GLU M 275 -71.22 -148.81 112.50
CA GLU M 275 -70.41 -147.59 112.45
C GLU M 275 -69.04 -147.95 111.90
N GLU M 276 -68.81 -147.61 110.64
CA GLU M 276 -67.52 -147.83 110.00
C GLU M 276 -67.13 -146.62 109.16
N LEU M 277 -67.66 -145.45 109.55
CA LEU M 277 -67.85 -144.18 108.83
C LEU M 277 -66.68 -143.77 107.95
N PRO M 278 -66.95 -143.35 106.71
CA PRO M 278 -65.87 -142.93 105.82
C PRO M 278 -65.28 -141.59 106.24
N ARG M 279 -64.17 -141.24 105.61
CA ARG M 279 -63.44 -140.02 105.91
C ARG M 279 -64.09 -138.83 105.20
N ALA M 280 -63.48 -137.65 105.32
CA ALA M 280 -64.09 -136.38 104.93
C ALA M 280 -63.78 -135.97 103.49
N VAL M 281 -63.62 -136.92 102.57
CA VAL M 281 -63.27 -136.59 101.18
C VAL M 281 -64.52 -136.54 100.32
N GLY M 282 -65.69 -136.40 100.94
CA GLY M 282 -66.95 -136.48 100.22
C GLY M 282 -67.40 -135.23 99.48
N THR M 283 -66.48 -134.33 99.14
CA THR M 283 -66.79 -133.12 98.37
C THR M 283 -65.91 -133.12 97.13
N GLN M 284 -66.42 -133.66 96.03
CA GLN M 284 -65.70 -133.69 94.77
C GLN M 284 -66.71 -133.70 93.63
N ALA M 285 -66.19 -133.66 92.40
CA ALA M 285 -67.03 -133.68 91.20
C ALA M 285 -66.42 -134.67 90.22
N LEU M 286 -67.12 -135.78 90.01
CA LEU M 286 -66.73 -136.82 89.06
C LEU M 286 -67.94 -137.35 88.27
N SER M 287 -68.79 -136.43 87.80
CA SER M 287 -70.06 -136.77 87.18
C SER M 287 -69.93 -137.05 85.68
N GLY M 288 -68.75 -137.53 85.26
CA GLY M 288 -68.49 -137.87 83.88
C GLY M 288 -69.41 -138.94 83.30
N ALA M 289 -70.02 -139.77 84.16
CA ALA M 289 -71.07 -140.66 83.70
C ALA M 289 -72.26 -139.86 83.17
N GLY M 290 -72.68 -138.83 83.92
CA GLY M 290 -73.72 -137.94 83.42
C GLY M 290 -73.29 -137.14 82.21
N LEU M 291 -71.97 -136.84 82.10
CA LEU M 291 -71.45 -136.26 80.88
C LEU M 291 -71.61 -137.20 79.68
N LEU M 292 -71.32 -138.49 79.86
CA LEU M 292 -71.54 -139.45 78.77
C LEU M 292 -73.02 -139.64 78.46
N LYS M 293 -73.90 -139.46 79.46
CA LYS M 293 -75.33 -139.44 79.18
C LYS M 293 -75.70 -138.25 78.30
N MET M 294 -75.11 -137.09 78.58
CA MET M 294 -75.32 -135.91 77.74
C MET M 294 -74.74 -136.10 76.34
N PHE M 295 -73.65 -136.88 76.21
CA PHE M 295 -73.16 -137.24 74.89
C PHE M 295 -74.12 -138.16 74.15
N ASN M 296 -74.67 -139.16 74.84
CA ASN M 296 -75.53 -140.13 74.18
C ASN M 296 -76.95 -139.61 73.95
N LYS M 297 -77.27 -138.44 74.50
CA LYS M 297 -78.56 -137.79 74.25
C LYS M 297 -78.78 -137.52 72.75
N ALA M 298 -77.72 -137.30 71.99
CA ALA M 298 -77.86 -137.10 70.55
C ALA M 298 -78.31 -138.38 69.85
N THR M 299 -77.84 -139.53 70.31
CA THR M 299 -78.32 -140.81 69.76
C THR M 299 -79.74 -141.09 70.24
N ASP M 300 -80.06 -140.64 71.47
CA ASP M 300 -81.43 -140.77 71.98
C ASP M 300 -82.42 -139.98 71.12
N ALA M 301 -82.03 -138.78 70.71
CA ALA M 301 -82.90 -137.89 69.93
C ALA M 301 -83.17 -138.41 68.53
N VAL M 302 -82.35 -139.31 68.00
CA VAL M 302 -82.61 -139.90 66.69
C VAL M 302 -83.16 -141.32 66.79
N SER M 303 -83.06 -141.97 67.95
CA SER M 303 -83.62 -143.31 68.09
C SER M 303 -84.98 -143.34 68.77
N LYS M 304 -85.45 -142.20 69.33
CA LYS M 304 -86.65 -142.19 70.16
C LYS M 304 -87.92 -142.63 69.42
N MET M 305 -87.98 -142.48 68.10
CA MET M 305 -89.15 -142.98 67.35
C MET M 305 -89.17 -144.50 67.32
N THR M 306 -88.04 -145.13 67.05
CA THR M 306 -87.92 -146.58 67.11
C THR M 306 -88.11 -147.12 68.53
N ILE M 307 -87.87 -146.28 69.54
CA ILE M 307 -88.38 -146.62 70.87
C ILE M 307 -89.91 -146.56 70.89
N LYS M 308 -90.49 -145.49 70.34
CA LYS M 308 -91.94 -145.24 70.41
C LYS M 308 -92.78 -146.24 69.62
N MET M 309 -92.19 -147.14 68.82
CA MET M 309 -93.01 -148.11 68.11
C MET M 309 -93.52 -149.26 68.99
N ASN M 310 -93.20 -149.27 70.27
CA ASN M 310 -93.54 -150.38 71.16
C ASN M 310 -94.99 -150.28 71.64
N GLU M 311 -95.34 -151.06 72.67
CA GLU M 311 -96.68 -151.14 73.23
C GLU M 311 -96.74 -150.80 74.71
N SER M 312 -95.69 -151.06 75.49
CA SER M 312 -95.71 -150.72 76.90
C SER M 312 -95.67 -149.21 77.11
N ASP M 313 -94.95 -148.50 76.24
CA ASP M 313 -94.96 -147.04 76.32
C ASP M 313 -96.28 -146.46 75.85
N ILE M 314 -97.08 -147.24 75.11
CA ILE M 314 -98.45 -146.83 74.82
C ILE M 314 -99.29 -146.91 76.10
N TRP M 315 -98.92 -147.79 77.02
CA TRP M 315 -99.51 -147.74 78.35
C TRP M 315 -98.89 -146.65 79.21
N PHE M 316 -97.67 -146.20 78.87
CA PHE M 316 -96.91 -145.37 79.79
C PHE M 316 -96.97 -143.87 79.49
N GLU M 317 -97.09 -143.46 78.23
CA GLU M 317 -96.79 -142.08 77.86
C GLU M 317 -97.87 -141.11 78.32
N GLU M 318 -99.07 -141.62 78.63
CA GLU M 318 -100.11 -140.81 79.26
C GLU M 318 -99.62 -140.28 80.59
N LYS M 319 -98.94 -141.14 81.35
CA LYS M 319 -98.33 -140.72 82.61
C LYS M 319 -97.21 -139.72 82.37
N LEU M 320 -96.53 -139.82 81.23
CA LEU M 320 -95.44 -138.90 80.90
C LEU M 320 -95.97 -137.49 80.67
N GLN M 321 -96.96 -137.33 79.80
CA GLN M 321 -97.54 -136.01 79.52
C GLN M 321 -98.28 -135.48 80.75
N GLU M 322 -98.95 -136.38 81.48
CA GLU M 322 -99.66 -136.00 82.70
C GLU M 322 -98.68 -135.49 83.75
N VAL M 323 -97.56 -136.19 83.94
CA VAL M 323 -96.61 -135.75 84.95
C VAL M 323 -95.84 -134.53 84.45
N GLU M 324 -95.82 -134.28 83.14
CA GLU M 324 -95.23 -133.04 82.64
C GLU M 324 -96.08 -131.83 83.02
N CYS M 325 -97.40 -131.91 82.79
CA CYS M 325 -98.22 -130.78 83.20
C CYS M 325 -98.30 -130.67 84.72
N GLU M 326 -98.23 -131.81 85.42
CA GLU M 326 -98.18 -131.78 86.88
C GLU M 326 -96.90 -131.13 87.39
N GLU M 327 -95.74 -131.44 86.79
CA GLU M 327 -94.50 -130.86 87.29
C GLU M 327 -94.42 -129.38 86.97
N GLN M 328 -94.99 -128.97 85.83
CA GLN M 328 -95.05 -127.54 85.51
C GLN M 328 -95.90 -126.79 86.54
N ARG M 329 -97.09 -127.32 86.84
CA ARG M 329 -98.01 -126.61 87.76
C ARG M 329 -97.56 -126.77 89.23
N LEU M 330 -96.72 -127.76 89.54
CA LEU M 330 -96.23 -127.84 90.95
C LEU M 330 -94.96 -127.01 91.13
N ARG M 331 -94.17 -126.80 90.07
CA ARG M 331 -92.98 -125.92 90.20
C ARG M 331 -93.47 -124.47 90.27
N LYS M 332 -94.59 -124.15 89.59
CA LYS M 332 -95.18 -122.83 89.71
C LYS M 332 -95.80 -122.61 91.08
N LEU M 333 -96.56 -123.59 91.58
CA LEU M 333 -97.13 -123.49 92.92
C LEU M 333 -96.05 -123.46 94.00
N HIS M 334 -94.82 -124.29 93.82
CA HIS M 334 -93.63 -124.21 94.67
C HIS M 334 -93.12 -122.78 94.79
N ALA M 335 -93.00 -122.10 93.63
CA ALA M 335 -92.50 -120.73 93.60
C ALA M 335 -93.44 -119.77 94.32
N VAL M 336 -94.75 -119.90 94.10
CA VAL M 336 -95.68 -118.98 94.75
C VAL M 336 -95.83 -119.28 96.26
N VAL M 337 -95.69 -120.55 96.65
CA VAL M 337 -95.66 -120.93 98.07
C VAL M 337 -94.44 -120.32 98.76
N GLU M 338 -93.27 -120.40 98.15
CA GLU M 338 -92.10 -119.78 98.76
C GLU M 338 -92.16 -118.26 98.69
N THR M 339 -92.92 -117.71 97.74
CA THR M 339 -93.21 -116.29 97.75
C THR M 339 -94.06 -115.91 98.95
N LEU M 340 -95.00 -116.76 99.35
CA LEU M 340 -95.73 -116.51 100.59
C LEU M 340 -94.83 -116.68 101.82
N VAL M 341 -93.88 -117.61 101.75
CA VAL M 341 -92.95 -117.82 102.86
C VAL M 341 -92.07 -116.59 103.07
N ASN M 342 -91.64 -115.96 101.97
CA ASN M 342 -90.98 -114.66 102.05
C ASN M 342 -91.95 -113.58 102.58
N HIS M 343 -93.34 -113.54 102.01
CA HIS M 343 -94.39 -112.56 102.31
C HIS M 343 -94.69 -112.46 103.80
N ARG M 344 -94.77 -113.61 104.47
CA ARG M 344 -95.20 -113.64 105.86
C ARG M 344 -94.19 -112.96 106.79
N LYS M 345 -92.92 -112.86 106.37
CA LYS M 345 -91.90 -112.29 107.23
C LYS M 345 -92.10 -110.79 107.41
N GLU M 346 -92.29 -110.08 106.30
CA GLU M 346 -92.64 -108.67 106.44
C GLU M 346 -94.07 -108.47 106.91
N LEU M 347 -94.96 -109.47 106.74
CA LEU M 347 -96.25 -109.44 107.44
C LEU M 347 -96.06 -109.38 108.94
N ALA M 348 -95.22 -110.28 109.46
CA ALA M 348 -95.01 -110.41 110.90
C ALA M 348 -94.26 -109.20 111.46
N LEU M 349 -93.28 -108.70 110.71
CA LEU M 349 -92.56 -107.50 111.13
C LEU M 349 -93.47 -106.27 111.09
N ASN M 350 -94.36 -106.20 110.10
CA ASN M 350 -95.30 -105.10 109.99
C ASN M 350 -96.29 -105.08 111.14
N THR M 351 -96.88 -106.23 111.47
CA THR M 351 -97.82 -106.28 112.59
C THR M 351 -97.14 -106.20 113.95
N ALA M 352 -95.88 -106.67 114.06
CA ALA M 352 -95.13 -106.49 115.30
C ALA M 352 -94.79 -105.03 115.54
N LEU M 353 -94.39 -104.31 114.48
CA LEU M 353 -94.18 -102.87 114.61
C LEU M 353 -95.48 -102.12 114.79
N PHE M 354 -96.61 -102.68 114.34
CA PHE M 354 -97.91 -102.12 114.71
C PHE M 354 -98.16 -102.22 116.21
N ALA M 355 -97.85 -103.38 116.82
CA ALA M 355 -98.02 -103.51 118.26
C ALA M 355 -97.05 -102.61 119.01
N LYS M 356 -95.83 -102.46 118.49
CA LYS M 356 -94.88 -101.52 119.06
C LYS M 356 -95.34 -100.08 118.93
N SER M 357 -96.00 -99.74 117.82
CA SER M 357 -96.51 -98.39 117.65
C SER M 357 -97.77 -98.15 118.49
N LEU M 358 -98.52 -99.22 118.78
CA LEU M 358 -99.57 -99.15 119.79
C LEU M 358 -98.96 -98.78 121.15
N ALA M 359 -97.87 -99.47 121.51
CA ALA M 359 -97.17 -99.17 122.75
C ALA M 359 -96.58 -97.76 122.75
N MET M 360 -96.18 -97.27 121.58
CA MET M 360 -95.68 -95.90 121.47
C MET M 360 -96.80 -94.90 121.67
N LEU M 361 -97.81 -94.93 120.82
CA LEU M 361 -98.85 -93.91 120.80
C LEU M 361 -99.84 -94.05 121.95
N GLY M 362 -99.75 -95.14 122.73
CA GLY M 362 -100.50 -95.21 123.96
C GLY M 362 -99.87 -94.46 125.12
N SER M 363 -98.73 -93.81 124.87
CA SER M 363 -98.18 -92.90 125.86
C SER M 363 -98.84 -91.53 125.75
N SER M 364 -98.49 -90.66 126.71
CA SER M 364 -98.95 -89.26 126.76
C SER M 364 -100.47 -89.15 126.82
N GLU M 365 -101.10 -90.10 127.51
CA GLU M 365 -102.55 -90.13 127.62
C GLU M 365 -102.94 -90.85 128.90
N ASP M 366 -104.05 -90.42 129.49
CA ASP M 366 -104.62 -91.08 130.67
C ASP M 366 -106.05 -91.49 130.31
N ASN M 367 -106.16 -92.64 129.65
CA ASN M 367 -107.42 -93.32 129.37
C ASN M 367 -107.24 -94.80 129.63
N THR M 368 -106.74 -95.13 130.83
CA THR M 368 -106.05 -96.36 131.21
C THR M 368 -106.65 -97.68 130.74
N ALA M 369 -107.96 -97.68 130.42
CA ALA M 369 -108.54 -98.75 129.60
C ALA M 369 -107.79 -98.90 128.28
N LEU M 370 -107.36 -97.78 127.69
CA LEU M 370 -106.53 -97.86 126.49
C LEU M 370 -105.17 -98.50 126.80
N SER M 371 -104.64 -98.28 128.00
CA SER M 371 -103.36 -98.89 128.37
C SER M 371 -103.50 -100.40 128.54
N ARG M 372 -104.59 -100.86 129.17
CA ARG M 372 -104.86 -102.29 129.22
C ARG M 372 -105.14 -102.87 127.83
N ALA M 373 -105.75 -102.06 126.95
CA ALA M 373 -105.98 -102.49 125.58
C ALA M 373 -104.66 -102.70 124.83
N LEU M 374 -103.71 -101.78 125.02
CA LEU M 374 -102.33 -101.98 124.55
C LEU M 374 -101.73 -103.27 125.07
N SER M 375 -101.75 -103.46 126.39
CA SER M 375 -101.08 -104.58 127.03
C SER M 375 -101.72 -105.93 126.67
N GLN M 376 -102.97 -105.94 126.25
CA GLN M 376 -103.63 -107.16 125.79
C GLN M 376 -103.50 -107.37 124.28
N LEU M 377 -103.62 -106.29 123.50
CA LEU M 377 -103.54 -106.37 122.05
C LEU M 377 -102.16 -106.70 121.52
N ALA M 378 -101.09 -106.17 122.14
CA ALA M 378 -99.75 -106.48 121.69
C ALA M 378 -99.46 -107.98 121.82
N GLU M 379 -99.82 -108.57 122.95
CA GLU M 379 -99.54 -109.99 123.14
C GLU M 379 -100.47 -110.89 122.34
N VAL M 380 -101.74 -110.51 122.10
CA VAL M 380 -102.54 -111.40 121.25
C VAL M 380 -102.15 -111.24 119.79
N GLU M 381 -101.66 -110.06 119.38
CA GLU M 381 -101.06 -109.94 118.06
C GLU M 381 -99.83 -110.82 117.93
N GLU M 382 -99.03 -110.91 118.99
CA GLU M 382 -97.87 -111.79 118.92
C GLU M 382 -98.26 -113.26 118.90
N LYS M 383 -99.39 -113.61 119.54
CA LYS M 383 -99.92 -114.97 119.43
C LYS M 383 -100.31 -115.31 118.00
N ILE M 384 -101.06 -114.40 117.35
CA ILE M 384 -101.43 -114.58 115.94
C ILE M 384 -100.18 -114.62 115.06
N GLU M 385 -99.19 -113.80 115.40
CA GLU M 385 -97.93 -113.71 114.68
C GLU M 385 -97.20 -115.05 114.69
N GLN M 386 -96.95 -115.59 115.89
CA GLN M 386 -96.25 -116.87 115.99
C GLN M 386 -97.08 -118.01 115.42
N LEU M 387 -98.41 -117.94 115.50
CA LEU M 387 -99.28 -119.00 114.99
C LEU M 387 -99.15 -119.12 113.47
N HIS M 388 -99.47 -118.04 112.74
CA HIS M 388 -99.39 -118.15 111.30
C HIS M 388 -97.93 -118.17 110.83
N GLN M 389 -96.99 -117.73 111.66
CA GLN M 389 -95.58 -117.85 111.33
C GLN M 389 -95.13 -119.30 111.34
N GLU M 390 -95.48 -120.06 112.39
CA GLU M 390 -95.04 -121.45 112.43
C GLU M 390 -95.74 -122.29 111.38
N GLN M 391 -97.03 -122.00 111.11
CA GLN M 391 -97.69 -122.71 110.01
C GLN M 391 -97.02 -122.37 108.68
N ALA M 392 -96.93 -121.06 108.38
CA ALA M 392 -96.45 -120.48 107.15
C ALA M 392 -95.04 -120.89 106.80
N ASN M 393 -94.16 -121.10 107.77
CA ASN M 393 -92.92 -121.72 107.34
C ASN M 393 -93.10 -123.24 107.25
N ASN M 394 -93.35 -123.92 108.40
CA ASN M 394 -92.91 -125.31 108.51
C ASN M 394 -93.63 -126.22 107.53
N ASP M 395 -94.95 -126.03 107.37
CA ASP M 395 -95.64 -126.98 106.50
C ASP M 395 -95.44 -126.63 105.03
N PHE M 396 -95.32 -125.34 104.72
CA PHE M 396 -95.13 -124.91 103.35
C PHE M 396 -93.78 -125.39 102.81
N PHE M 397 -92.71 -125.18 103.58
CA PHE M 397 -91.37 -125.56 103.07
C PHE M 397 -91.17 -127.08 103.16
N LEU M 398 -91.98 -127.77 103.99
CA LEU M 398 -91.90 -129.25 104.05
C LEU M 398 -92.62 -129.80 102.82
N LEU M 399 -93.81 -129.27 102.50
CA LEU M 399 -94.52 -129.71 101.28
C LEU M 399 -93.65 -129.35 100.08
N ALA M 400 -92.84 -128.30 100.20
CA ALA M 400 -91.93 -127.91 99.12
C ALA M 400 -90.79 -128.91 98.96
N GLU M 401 -90.20 -129.36 100.08
CA GLU M 401 -89.20 -130.42 100.02
C GLU M 401 -89.80 -131.73 99.52
N LEU M 402 -91.05 -131.99 99.88
CA LEU M 402 -91.77 -133.18 99.42
C LEU M 402 -91.91 -133.19 97.91
N LEU M 403 -92.39 -132.09 97.33
CA LEU M 403 -92.47 -132.00 95.88
C LEU M 403 -91.09 -131.95 95.24
N SER M 404 -90.08 -131.43 95.95
CA SER M 404 -88.75 -131.29 95.37
C SER M 404 -88.07 -132.65 95.20
N ASP M 405 -88.00 -133.45 96.27
CA ASP M 405 -87.44 -134.78 96.06
C ASP M 405 -88.41 -135.71 95.35
N TYR M 406 -89.70 -135.35 95.26
CA TYR M 406 -90.58 -136.03 94.33
C TYR M 406 -90.16 -135.78 92.88
N ILE M 407 -89.80 -134.53 92.55
CA ILE M 407 -89.24 -134.19 91.24
C ILE M 407 -87.93 -134.92 91.01
N ARG M 408 -87.13 -135.08 92.08
CA ARG M 408 -85.90 -135.88 91.99
C ARG M 408 -86.22 -137.33 91.63
N LEU M 409 -87.24 -137.89 92.26
CA LEU M 409 -87.70 -139.24 91.96
C LEU M 409 -88.19 -139.34 90.52
N LEU M 410 -88.87 -138.30 90.04
CA LEU M 410 -89.31 -138.26 88.66
C LEU M 410 -88.13 -138.24 87.69
N ALA M 411 -87.10 -137.46 88.01
CA ALA M 411 -85.92 -137.40 87.16
C ALA M 411 -85.17 -138.72 87.14
N ILE M 412 -85.07 -139.39 88.29
CA ILE M 412 -84.36 -140.66 88.28
C ILE M 412 -85.19 -141.77 87.64
N VAL M 413 -86.52 -141.67 87.61
CA VAL M 413 -87.24 -142.69 86.83
C VAL M 413 -87.25 -142.36 85.34
N ARG M 414 -87.13 -141.07 84.97
CA ARG M 414 -86.79 -140.72 83.59
C ARG M 414 -85.51 -141.40 83.17
N ALA M 415 -84.47 -141.28 84.01
CA ALA M 415 -83.20 -141.94 83.74
C ALA M 415 -83.32 -143.46 83.79
N ALA M 416 -84.27 -143.99 84.55
CA ALA M 416 -84.47 -145.43 84.61
C ALA M 416 -84.97 -145.99 83.28
N PHE M 417 -86.03 -145.40 82.72
CA PHE M 417 -86.37 -145.93 81.40
C PHE M 417 -85.48 -145.39 80.29
N ASP M 418 -84.63 -144.39 80.57
CA ASP M 418 -83.55 -144.09 79.64
C ASP M 418 -82.52 -145.20 79.61
N GLN M 419 -82.23 -145.81 80.77
CA GLN M 419 -81.36 -146.98 80.79
C GLN M 419 -82.03 -148.17 80.12
N ARG M 420 -83.35 -148.29 80.28
CA ARG M 420 -84.10 -149.30 79.53
C ARG M 420 -84.01 -149.06 78.03
N MET M 421 -84.05 -147.78 77.61
CA MET M 421 -83.84 -147.41 76.22
C MET M 421 -82.46 -147.78 75.72
N LYS M 422 -81.44 -147.54 76.55
CA LYS M 422 -80.06 -147.84 76.14
C LYS M 422 -79.84 -149.33 75.99
N THR M 423 -80.37 -150.12 76.93
CA THR M 423 -80.29 -151.57 76.78
C THR M 423 -81.18 -152.09 75.65
N TRP M 424 -82.27 -151.37 75.35
CA TRP M 424 -83.09 -151.68 74.19
C TRP M 424 -82.28 -151.58 72.91
N GLN M 425 -81.62 -150.44 72.71
CA GLN M 425 -80.80 -150.29 71.50
C GLN M 425 -79.55 -151.16 71.55
N ARG M 426 -79.11 -151.58 72.74
CA ARG M 426 -78.04 -152.58 72.84
C ARG M 426 -78.45 -153.90 72.22
N TRP M 427 -79.59 -154.46 72.63
CA TRP M 427 -79.98 -155.72 71.99
C TRP M 427 -80.44 -155.50 70.56
N GLN M 428 -80.91 -154.29 70.23
CA GLN M 428 -81.33 -153.97 68.87
C GLN M 428 -80.18 -154.02 67.89
N ASP M 429 -79.10 -153.26 68.15
CA ASP M 429 -77.99 -153.35 67.23
C ASP M 429 -77.18 -154.63 67.43
N ALA M 430 -77.34 -155.31 68.57
CA ALA M 430 -76.75 -156.64 68.74
C ALA M 430 -77.36 -157.63 67.75
N GLN M 431 -78.70 -157.69 67.68
CA GLN M 431 -79.32 -158.62 66.73
C GLN M 431 -79.15 -158.15 65.29
N ALA M 432 -79.04 -156.83 65.07
CA ALA M 432 -78.78 -156.31 63.72
C ALA M 432 -77.42 -156.78 63.22
N THR M 433 -76.36 -156.50 63.98
CA THR M 433 -75.02 -156.94 63.61
C THR M 433 -74.92 -158.46 63.59
N LEU M 434 -75.66 -159.15 64.46
CA LEU M 434 -75.78 -160.61 64.45
C LEU M 434 -76.20 -161.10 63.08
N GLN M 435 -77.36 -160.64 62.61
CA GLN M 435 -77.91 -161.06 61.32
C GLN M 435 -76.95 -160.74 60.19
N LYS M 436 -76.41 -159.50 60.17
CA LYS M 436 -75.56 -159.06 59.07
C LYS M 436 -74.25 -159.85 59.00
N LYS M 437 -73.41 -159.75 60.04
CA LYS M 437 -72.09 -160.36 59.91
C LYS M 437 -72.15 -161.88 60.06
N ARG M 438 -73.16 -162.41 60.74
CA ARG M 438 -73.26 -163.86 60.86
C ARG M 438 -73.77 -164.49 59.57
N GLU M 439 -74.65 -163.82 58.82
CA GLU M 439 -74.96 -164.37 57.51
C GLU M 439 -73.83 -164.11 56.52
N SER M 440 -73.05 -163.05 56.70
CA SER M 440 -71.87 -162.87 55.84
C SER M 440 -70.84 -163.96 56.09
N GLU M 441 -70.75 -164.45 57.32
CA GLU M 441 -69.96 -165.66 57.60
C GLU M 441 -70.61 -166.90 56.98
N ALA M 442 -71.94 -166.99 57.04
CA ALA M 442 -72.64 -168.20 56.61
C ALA M 442 -72.63 -168.39 55.10
N ARG M 443 -72.66 -167.31 54.33
CA ARG M 443 -72.79 -167.42 52.88
C ARG M 443 -71.50 -167.86 52.18
N LEU M 444 -70.38 -167.95 52.89
CA LEU M 444 -69.12 -168.40 52.31
C LEU M 444 -68.83 -169.86 52.61
N LEU M 445 -69.86 -170.71 52.64
CA LEU M 445 -69.75 -172.09 53.06
C LEU M 445 -69.01 -172.97 52.05
N TRP M 446 -69.05 -172.66 50.76
CA TRP M 446 -68.43 -173.52 49.77
C TRP M 446 -66.93 -173.33 49.67
N ALA M 447 -66.39 -172.28 50.28
CA ALA M 447 -64.99 -172.32 50.68
C ALA M 447 -64.91 -173.37 51.78
N ASN M 448 -64.40 -174.56 51.44
CA ASN M 448 -64.67 -175.78 52.19
C ASN M 448 -63.91 -175.77 53.52
N LYS M 449 -64.48 -175.02 54.46
CA LYS M 449 -64.02 -175.01 55.85
C LYS M 449 -65.25 -174.93 56.73
N PRO M 450 -65.74 -176.08 57.22
CA PRO M 450 -66.99 -176.07 58.01
C PRO M 450 -66.83 -175.53 59.41
N ASP M 451 -65.60 -175.25 59.86
CA ASP M 451 -65.39 -174.71 61.20
C ASP M 451 -65.97 -173.30 61.32
N LYS M 452 -65.91 -172.53 60.22
CA LYS M 452 -66.56 -171.24 60.18
C LYS M 452 -68.06 -171.38 60.31
N LEU M 453 -68.64 -172.42 59.69
CA LEU M 453 -70.07 -172.69 59.83
C LEU M 453 -70.42 -173.08 61.25
N GLN M 454 -69.53 -173.85 61.91
CA GLN M 454 -69.78 -174.27 63.29
C GLN M 454 -69.73 -173.09 64.25
N GLN M 455 -68.73 -172.21 64.09
CA GLN M 455 -68.65 -171.06 64.98
C GLN M 455 -69.75 -170.04 64.69
N ALA M 456 -70.17 -169.91 63.43
CA ALA M 456 -71.30 -169.05 63.09
C ALA M 456 -72.60 -169.60 63.65
N LYS M 457 -72.76 -170.92 63.66
CA LYS M 457 -73.93 -171.54 64.27
C LYS M 457 -73.95 -171.31 65.78
N ASP M 458 -72.79 -171.43 66.43
CA ASP M 458 -72.70 -171.18 67.86
C ASP M 458 -73.00 -169.72 68.18
N GLU M 459 -72.50 -168.82 67.33
CA GLU M 459 -72.76 -167.39 67.47
C GLU M 459 -74.25 -167.09 67.37
N ILE M 460 -74.91 -167.55 66.29
CA ILE M 460 -76.32 -167.24 66.11
C ILE M 460 -77.16 -167.88 67.21
N THR M 461 -76.80 -169.10 67.65
CA THR M 461 -77.60 -169.82 68.63
C THR M 461 -77.53 -169.18 70.00
N GLU M 462 -76.31 -169.11 70.57
CA GLU M 462 -76.18 -168.58 71.94
C GLU M 462 -76.48 -167.08 71.98
N TRP M 463 -76.16 -166.36 70.91
CA TRP M 463 -76.40 -164.93 70.88
C TRP M 463 -77.89 -164.62 70.77
N GLU M 464 -78.66 -165.40 69.98
CA GLU M 464 -80.10 -165.16 69.96
C GLU M 464 -80.76 -165.61 71.27
N SER M 465 -80.22 -166.65 71.91
CA SER M 465 -80.77 -167.09 73.18
C SER M 465 -80.61 -166.01 74.24
N ARG M 466 -79.43 -165.42 74.32
CA ARG M 466 -79.22 -164.39 75.33
C ARG M 466 -79.94 -163.08 74.97
N VAL M 467 -80.10 -162.77 73.68
CA VAL M 467 -80.81 -161.54 73.31
C VAL M 467 -82.32 -161.66 73.59
N THR M 468 -82.91 -162.82 73.27
CA THR M 468 -84.31 -163.05 73.62
C THR M 468 -84.50 -163.10 75.12
N GLN M 469 -83.52 -163.67 75.84
CA GLN M 469 -83.50 -163.61 77.29
C GLN M 469 -83.49 -162.16 77.77
N TYR M 470 -82.71 -161.31 77.11
CA TYR M 470 -82.63 -159.90 77.46
C TYR M 470 -83.97 -159.21 77.28
N GLU M 471 -84.66 -159.44 76.16
CA GLU M 471 -85.88 -158.66 75.97
C GLU M 471 -87.05 -159.17 76.82
N ARG M 472 -87.15 -160.46 77.14
CA ARG M 472 -88.23 -160.76 78.07
C ARG M 472 -87.84 -160.48 79.52
N ASP M 473 -86.54 -160.40 79.82
CA ASP M 473 -86.16 -159.81 81.10
C ASP M 473 -86.43 -158.33 81.13
N PHE M 474 -86.46 -157.66 79.97
CA PHE M 474 -86.85 -156.26 79.93
C PHE M 474 -88.35 -156.13 80.13
N GLU M 475 -89.10 -157.13 79.66
CA GLU M 475 -90.51 -157.23 80.04
C GLU M 475 -90.66 -157.42 81.55
N ARG M 476 -89.76 -158.22 82.15
CA ARG M 476 -89.81 -158.43 83.59
C ARG M 476 -89.50 -157.15 84.37
N ILE M 477 -88.51 -156.38 83.90
CA ILE M 477 -88.21 -155.16 84.63
C ILE M 477 -89.26 -154.10 84.35
N SER M 478 -89.96 -154.19 83.21
CA SER M 478 -91.11 -153.32 82.99
C SER M 478 -92.23 -153.64 83.96
N THR M 479 -92.45 -154.92 84.24
CA THR M 479 -93.46 -155.30 85.22
C THR M 479 -93.08 -154.85 86.63
N VAL M 480 -91.81 -154.97 87.00
CA VAL M 480 -91.44 -154.54 88.36
C VAL M 480 -91.42 -153.02 88.44
N VAL M 481 -91.19 -152.33 87.32
CA VAL M 481 -91.38 -150.88 87.28
C VAL M 481 -92.85 -150.53 87.46
N ARG M 482 -93.76 -151.30 86.88
CA ARG M 482 -95.18 -151.01 87.05
C ARG M 482 -95.67 -151.29 88.46
N LYS M 483 -95.11 -152.32 89.12
CA LYS M 483 -95.40 -152.52 90.53
C LYS M 483 -94.82 -151.38 91.37
N GLU M 484 -93.66 -150.86 90.99
CA GLU M 484 -93.13 -149.67 91.64
C GLU M 484 -93.99 -148.44 91.34
N VAL M 485 -94.65 -148.41 90.18
CA VAL M 485 -95.57 -147.33 89.83
C VAL M 485 -96.78 -147.35 90.76
N THR M 486 -97.33 -148.55 90.98
CA THR M 486 -98.38 -148.74 91.97
C THR M 486 -97.90 -148.32 93.37
N ARG M 487 -96.63 -148.61 93.67
CA ARG M 487 -96.06 -148.19 94.94
C ARG M 487 -95.98 -146.66 95.05
N PHE M 488 -95.64 -145.97 93.96
CA PHE M 488 -95.58 -144.54 94.20
C PHE M 488 -96.91 -143.83 93.97
N GLU M 489 -97.92 -144.48 93.38
CA GLU M 489 -99.26 -143.94 93.61
C GLU M 489 -99.72 -144.21 95.03
N LYS M 490 -99.20 -145.26 95.67
CA LYS M 490 -99.48 -145.42 97.09
C LYS M 490 -98.81 -144.31 97.90
N GLU M 491 -97.61 -143.87 97.51
CA GLU M 491 -97.09 -142.71 98.23
C GLU M 491 -97.71 -141.40 97.77
N LYS M 492 -98.33 -141.36 96.59
CA LYS M 492 -99.24 -140.24 96.28
C LYS M 492 -100.37 -140.19 97.29
N SER M 493 -100.96 -141.35 97.59
CA SER M 493 -101.95 -141.43 98.66
C SER M 493 -101.36 -141.03 100.01
N LYS M 494 -100.08 -141.37 100.24
CA LYS M 494 -99.45 -141.09 101.52
C LYS M 494 -99.17 -139.61 101.70
N ASP M 495 -98.66 -138.92 100.68
CA ASP M 495 -98.35 -137.51 100.88
C ASP M 495 -99.56 -136.62 100.68
N PHE M 496 -100.56 -137.09 99.91
CA PHE M 496 -101.87 -136.46 99.99
C PHE M 496 -102.47 -136.62 101.38
N LYS M 497 -102.27 -137.78 102.01
CA LYS M 497 -102.64 -137.98 103.39
C LYS M 497 -101.82 -137.11 104.33
N ASN M 498 -100.57 -136.80 103.96
CA ASN M 498 -99.79 -135.85 104.76
C ASN M 498 -100.39 -134.45 104.71
N HIS M 499 -100.88 -134.03 103.55
CA HIS M 499 -101.61 -132.76 103.52
C HIS M 499 -102.97 -132.88 104.23
N VAL M 500 -103.59 -134.06 104.20
CA VAL M 500 -104.85 -134.26 104.92
C VAL M 500 -104.64 -134.14 106.42
N MET M 501 -103.63 -134.81 106.96
CA MET M 501 -103.32 -134.67 108.37
C MET M 501 -102.75 -133.29 108.70
N LYS M 502 -102.16 -132.62 107.72
CA LYS M 502 -101.80 -131.21 107.89
C LYS M 502 -103.02 -130.35 108.15
N TYR M 503 -104.05 -130.46 107.30
CA TYR M 503 -105.22 -129.63 107.57
C TYR M 503 -105.99 -130.16 108.77
N LEU M 504 -105.84 -131.44 109.10
CA LEU M 504 -106.41 -131.98 110.32
C LEU M 504 -105.82 -131.30 111.55
N GLU M 505 -104.49 -131.28 111.68
CA GLU M 505 -103.87 -130.54 112.77
C GLU M 505 -104.03 -129.03 112.62
N THR M 506 -104.24 -128.53 111.40
CA THR M 506 -104.44 -127.11 111.22
C THR M 506 -105.76 -126.66 111.82
N LEU M 507 -106.85 -127.35 111.46
CA LEU M 507 -108.15 -127.10 112.05
C LEU M 507 -108.12 -127.36 113.55
N LEU M 508 -107.46 -128.44 113.97
CA LEU M 508 -107.32 -128.76 115.40
C LEU M 508 -106.64 -127.67 116.20
N HIS M 509 -105.37 -127.36 115.89
CA HIS M 509 -104.63 -126.43 116.74
C HIS M 509 -105.12 -125.02 116.54
N SER M 510 -105.59 -124.68 115.33
CA SER M 510 -106.18 -123.37 115.07
C SER M 510 -107.43 -123.17 115.91
N GLN M 511 -108.33 -124.15 115.90
CA GLN M 511 -109.57 -124.06 116.66
C GLN M 511 -109.30 -124.06 118.15
N GLN M 512 -108.47 -124.98 118.64
CA GLN M 512 -108.30 -125.11 120.08
C GLN M 512 -107.52 -123.93 120.65
N GLN M 513 -106.44 -123.49 119.98
CA GLN M 513 -105.67 -122.36 120.48
C GLN M 513 -106.43 -121.05 120.33
N LEU M 514 -106.99 -120.83 119.13
CA LEU M 514 -107.73 -119.63 118.81
C LEU M 514 -108.95 -119.46 119.72
N ALA M 515 -109.87 -120.43 119.70
CA ALA M 515 -111.02 -120.38 120.57
C ALA M 515 -110.67 -120.53 122.05
N LYS M 516 -109.48 -121.07 122.37
CA LYS M 516 -109.03 -121.12 123.75
C LYS M 516 -108.73 -119.73 124.27
N TYR M 517 -107.98 -118.93 123.50
CA TYR M 517 -107.80 -117.58 124.02
C TYR M 517 -109.02 -116.69 123.74
N TRP M 518 -109.95 -117.10 122.86
CA TRP M 518 -111.25 -116.44 122.83
C TRP M 518 -112.00 -116.64 124.15
N GLU M 519 -112.14 -117.89 124.60
CA GLU M 519 -112.85 -118.18 125.83
C GLU M 519 -112.04 -117.86 127.07
N ALA M 520 -110.76 -117.53 126.92
CA ALA M 520 -109.96 -117.06 128.03
C ALA M 520 -109.81 -115.55 128.06
N PHE M 521 -110.11 -114.87 126.95
CA PHE M 521 -109.93 -113.43 126.89
C PHE M 521 -111.22 -112.65 126.74
N LEU M 522 -112.32 -113.30 126.38
CA LEU M 522 -113.64 -112.68 126.56
C LEU M 522 -114.06 -112.54 128.03
N PRO M 523 -113.86 -113.51 128.94
CA PRO M 523 -114.22 -113.25 130.35
C PRO M 523 -113.37 -112.18 131.02
N GLU M 524 -112.17 -111.89 130.50
CA GLU M 524 -111.53 -110.67 130.98
C GLU M 524 -111.98 -109.45 130.18
N ALA M 525 -112.49 -109.64 128.97
CA ALA M 525 -113.07 -108.53 128.21
C ALA M 525 -114.57 -108.41 128.43
N LYS M 526 -115.07 -108.81 129.60
CA LYS M 526 -116.43 -108.42 129.99
C LYS M 526 -116.52 -106.91 130.10
N ALA M 527 -115.78 -106.31 131.05
CA ALA M 527 -115.33 -104.93 130.88
C ALA M 527 -113.99 -104.76 131.61
N ILE M 528 -112.92 -105.17 130.93
CA ILE M 528 -111.51 -104.82 131.15
C ILE M 528 -110.88 -105.01 129.78
N SER M 529 -110.15 -104.02 129.28
CA SER M 529 -109.56 -104.15 127.96
C SER M 529 -108.21 -104.85 128.01
N PHE N 150 -129.54 -88.87 120.22
CA PHE N 150 -129.22 -87.44 120.22
C PHE N 150 -130.16 -86.71 119.25
N ASP N 151 -130.34 -85.41 119.48
CA ASP N 151 -131.27 -84.56 118.74
C ASP N 151 -130.93 -84.43 117.26
N LEU N 152 -129.68 -84.63 116.87
CA LEU N 152 -129.25 -84.57 115.48
C LEU N 152 -129.52 -85.93 114.85
N THR N 153 -130.62 -86.03 114.11
CA THR N 153 -131.00 -87.25 113.38
C THR N 153 -131.08 -86.90 111.90
N VAL N 154 -130.08 -87.30 111.13
CA VAL N 154 -129.99 -86.96 109.71
C VAL N 154 -129.86 -88.24 108.89
N GLY N 155 -129.95 -88.07 107.57
CA GLY N 155 -129.74 -89.16 106.64
C GLY N 155 -129.24 -88.68 105.29
N ILE N 156 -128.14 -89.22 104.82
CA ILE N 156 -127.47 -88.75 103.60
C ILE N 156 -127.40 -89.91 102.62
N THR N 157 -128.08 -89.78 101.49
CA THR N 157 -128.16 -90.85 100.50
C THR N 157 -127.91 -90.27 99.11
N ASP N 158 -128.06 -91.15 98.11
CA ASP N 158 -128.11 -90.87 96.67
C ASP N 158 -126.92 -90.08 96.13
N PRO N 159 -125.76 -90.71 95.95
CA PRO N 159 -124.65 -90.01 95.29
C PRO N 159 -124.90 -89.75 93.82
N GLU N 160 -125.63 -88.68 93.52
CA GLU N 160 -126.07 -88.37 92.17
C GLU N 160 -125.03 -87.51 91.47
N LYS N 161 -124.53 -87.98 90.32
CA LYS N 161 -123.49 -87.31 89.58
C LYS N 161 -124.05 -86.16 88.75
N ILE N 162 -123.18 -85.23 88.38
CA ILE N 162 -123.58 -84.00 87.71
C ILE N 162 -123.00 -84.04 86.29
N GLY N 163 -122.88 -85.26 85.74
CA GLY N 163 -122.41 -85.44 84.39
C GLY N 163 -121.06 -86.14 84.35
N ASP N 164 -120.29 -85.84 83.32
CA ASP N 164 -119.01 -86.49 83.06
C ASP N 164 -117.86 -85.54 83.36
N GLY N 165 -116.78 -86.12 83.88
CA GLY N 165 -115.58 -85.40 84.22
C GLY N 165 -114.74 -86.22 85.17
N MET N 166 -113.75 -85.57 85.78
CA MET N 166 -112.89 -86.19 86.78
C MET N 166 -112.85 -85.29 88.00
N ASN N 167 -113.45 -85.76 89.10
CA ASN N 167 -113.34 -85.18 90.44
C ASN N 167 -113.90 -83.76 90.52
N ALA N 168 -115.18 -83.61 90.15
CA ALA N 168 -115.79 -82.28 90.20
C ALA N 168 -116.95 -82.17 91.18
N TYR N 169 -118.05 -82.91 90.98
CA TYR N 169 -119.29 -82.62 91.69
C TYR N 169 -120.19 -83.86 91.71
N VAL N 170 -120.70 -84.20 92.89
CA VAL N 170 -121.71 -85.25 93.06
C VAL N 170 -122.75 -84.73 94.05
N ALA N 171 -124.02 -84.80 93.66
CA ALA N 171 -125.09 -84.33 94.53
C ALA N 171 -125.40 -85.34 95.63
N TYR N 172 -125.86 -84.83 96.77
CA TYR N 172 -126.14 -85.62 97.97
C TYR N 172 -127.59 -85.41 98.40
N LYS N 173 -128.36 -86.48 98.41
CA LYS N 173 -129.69 -86.42 99.04
C LYS N 173 -129.52 -86.48 100.55
N VAL N 174 -129.70 -85.35 101.21
CA VAL N 174 -129.47 -85.23 102.65
C VAL N 174 -130.81 -84.95 103.31
N THR N 175 -131.33 -85.95 104.04
CA THR N 175 -132.57 -85.78 104.78
C THR N 175 -132.27 -85.56 106.25
N THR N 176 -132.78 -84.46 106.79
CA THR N 176 -132.49 -84.03 108.16
C THR N 176 -133.79 -84.01 108.97
N GLN N 177 -133.83 -84.78 110.04
CA GLN N 177 -134.99 -84.88 110.93
C GLN N 177 -134.64 -84.39 112.33
N THR N 178 -133.96 -83.26 112.41
CA THR N 178 -133.32 -82.84 113.64
C THR N 178 -134.34 -82.27 114.62
N SER N 179 -134.10 -82.50 115.92
CA SER N 179 -134.80 -81.83 117.01
C SER N 179 -134.22 -80.45 117.26
N LEU N 180 -134.48 -79.87 118.45
CA LEU N 180 -133.93 -78.59 118.90
C LEU N 180 -134.36 -77.43 117.99
N PRO N 181 -135.56 -76.85 118.23
CA PRO N 181 -136.32 -76.13 117.20
C PRO N 181 -135.68 -74.92 116.51
N MET N 182 -134.40 -74.65 116.77
CA MET N 182 -133.61 -73.85 115.84
C MET N 182 -133.55 -74.50 114.45
N PHE N 183 -133.55 -75.83 114.39
CA PHE N 183 -133.95 -76.52 113.16
C PHE N 183 -135.45 -76.33 112.98
N ARG N 184 -135.86 -76.01 111.74
CA ARG N 184 -137.12 -75.30 111.52
C ARG N 184 -138.34 -76.18 111.80
N SER N 185 -138.52 -77.26 111.03
CA SER N 185 -139.82 -77.92 111.01
C SER N 185 -139.75 -79.44 111.05
N ARG N 186 -138.68 -80.02 111.62
CA ARG N 186 -138.52 -81.45 111.92
C ARG N 186 -138.50 -82.36 110.70
N GLN N 187 -138.66 -81.81 109.49
CA GLN N 187 -138.73 -82.63 108.28
C GLN N 187 -138.18 -81.77 107.14
N PHE N 188 -136.87 -81.88 106.92
CA PHE N 188 -136.21 -81.29 105.77
C PHE N 188 -135.45 -82.37 105.02
N ALA N 189 -135.30 -82.16 103.72
CA ALA N 189 -134.59 -83.08 102.83
C ALA N 189 -133.86 -82.22 101.80
N VAL N 190 -132.60 -81.89 102.08
CA VAL N 190 -131.84 -80.97 101.25
C VAL N 190 -130.98 -81.74 100.26
N LYS N 191 -130.85 -81.20 99.06
CA LYS N 191 -129.95 -81.72 98.04
C LYS N 191 -128.75 -80.79 97.97
N ARG N 192 -127.60 -81.27 98.44
CA ARG N 192 -126.42 -80.42 98.57
C ARG N 192 -125.27 -81.01 97.76
N ARG N 193 -124.64 -80.18 96.94
CA ARG N 193 -123.46 -80.57 96.18
C ARG N 193 -122.21 -80.07 96.89
N PHE N 194 -121.25 -80.96 97.08
CA PHE N 194 -120.00 -80.57 97.71
C PHE N 194 -119.09 -79.88 96.70
N SER N 195 -117.89 -79.51 97.17
CA SER N 195 -116.94 -78.61 96.50
C SER N 195 -117.54 -77.25 96.20
N ASP N 196 -118.57 -76.86 96.95
CA ASP N 196 -119.20 -75.55 96.86
C ASP N 196 -119.31 -74.89 98.23
N PHE N 197 -119.65 -75.65 99.26
CA PHE N 197 -119.70 -75.12 100.62
C PHE N 197 -118.41 -75.36 101.38
N LEU N 198 -117.38 -75.92 100.76
CA LEU N 198 -116.06 -75.79 101.39
C LEU N 198 -115.51 -74.39 101.18
N GLY N 199 -115.95 -73.69 100.13
CA GLY N 199 -115.69 -72.27 100.06
C GLY N 199 -116.44 -71.50 101.13
N LEU N 200 -117.65 -71.95 101.48
CA LEU N 200 -118.36 -71.42 102.64
C LEU N 200 -117.60 -71.74 103.92
N TYR N 201 -116.98 -72.92 103.99
CA TYR N 201 -116.14 -73.29 105.12
C TYR N 201 -114.88 -72.43 105.18
N GLU N 202 -114.37 -71.98 104.04
CA GLU N 202 -113.22 -71.10 104.08
C GLU N 202 -113.63 -69.67 104.41
N LYS N 203 -114.87 -69.28 104.07
CA LYS N 203 -115.40 -68.03 104.61
C LYS N 203 -115.55 -68.12 106.12
N LEU N 204 -115.96 -69.28 106.61
CA LEU N 204 -115.96 -69.56 108.05
C LEU N 204 -114.55 -69.52 108.63
N SER N 205 -113.56 -69.97 107.85
CA SER N 205 -112.18 -69.99 108.29
C SER N 205 -111.64 -68.59 108.47
N GLU N 206 -111.82 -67.73 107.47
CA GLU N 206 -111.41 -66.34 107.61
C GLU N 206 -112.26 -65.60 108.63
N LYS N 207 -113.53 -66.00 108.79
CA LYS N 207 -114.39 -65.39 109.80
C LYS N 207 -113.87 -65.64 111.20
N HIS N 208 -113.60 -66.91 111.54
CA HIS N 208 -113.05 -67.15 112.86
C HIS N 208 -111.59 -66.76 112.96
N SER N 209 -110.92 -66.46 111.84
CA SER N 209 -109.64 -65.80 111.96
C SER N 209 -109.82 -64.37 112.46
N GLN N 210 -110.83 -63.65 111.96
CA GLN N 210 -111.00 -62.27 112.42
C GLN N 210 -111.70 -62.19 113.78
N ASN N 211 -112.48 -63.20 114.19
CA ASN N 211 -113.20 -63.02 115.44
C ASN N 211 -113.02 -64.15 116.45
N GLY N 212 -112.17 -65.14 116.17
CA GLY N 212 -111.85 -66.15 117.16
C GLY N 212 -112.96 -67.14 117.45
N PHE N 213 -113.72 -67.54 116.44
CA PHE N 213 -114.78 -68.51 116.64
C PHE N 213 -114.24 -69.93 116.42
N ILE N 214 -115.15 -70.90 116.32
CA ILE N 214 -114.80 -72.32 116.25
C ILE N 214 -115.55 -72.97 115.09
N VAL N 215 -114.79 -73.59 114.17
CA VAL N 215 -115.38 -74.28 113.00
C VAL N 215 -115.37 -75.78 113.28
N PRO N 216 -116.21 -76.60 112.59
CA PRO N 216 -116.21 -78.05 112.77
C PRO N 216 -115.34 -78.81 111.77
N PRO N 217 -115.15 -80.15 111.90
CA PRO N 217 -114.41 -80.96 110.90
C PRO N 217 -114.65 -80.64 109.42
N PRO N 218 -113.73 -81.01 108.51
CA PRO N 218 -113.86 -80.61 107.10
C PRO N 218 -115.04 -81.14 106.30
N PRO N 219 -115.70 -80.31 105.46
CA PRO N 219 -116.73 -80.79 104.54
C PRO N 219 -115.90 -81.16 103.31
N GLU N 220 -115.04 -82.18 103.40
CA GLU N 220 -114.08 -82.54 102.31
C GLU N 220 -114.66 -82.36 100.91
N LYS N 221 -113.90 -81.69 100.04
CA LYS N 221 -114.38 -81.38 98.66
C LYS N 221 -113.84 -82.43 97.67
N SER N 222 -113.85 -82.09 96.38
CA SER N 222 -113.36 -83.02 95.33
C SER N 222 -112.05 -82.50 94.74
N LEU N 223 -111.84 -82.68 93.44
CA LEU N 223 -110.53 -82.37 92.82
C LEU N 223 -109.42 -82.98 93.67
N ILE N 224 -109.66 -84.22 94.08
CA ILE N 224 -108.73 -84.95 94.95
C ILE N 224 -108.30 -86.28 94.35
N GLY N 225 -109.01 -86.81 93.36
CA GLY N 225 -108.68 -88.14 92.86
C GLY N 225 -107.44 -88.14 91.99
N MET N 226 -107.28 -87.10 91.16
CA MET N 226 -106.14 -86.98 90.29
C MET N 226 -105.23 -85.81 90.65
N THR N 227 -105.62 -84.98 91.61
CA THR N 227 -104.82 -83.84 92.05
C THR N 227 -104.72 -83.84 93.57
N LYS N 228 -103.59 -83.31 94.07
CA LYS N 228 -103.37 -82.85 95.44
C LYS N 228 -103.24 -84.01 96.45
N VAL N 229 -103.52 -85.23 96.02
CA VAL N 229 -103.47 -86.42 96.87
C VAL N 229 -102.51 -87.40 96.21
N LYS N 230 -101.76 -88.14 97.03
CA LYS N 230 -100.65 -88.97 96.56
C LYS N 230 -100.78 -90.45 96.87
N VAL N 231 -101.85 -91.16 96.47
CA VAL N 231 -102.85 -90.80 95.46
C VAL N 231 -104.25 -91.21 95.92
N GLY N 232 -105.25 -91.00 95.06
CA GLY N 232 -106.60 -91.45 95.35
C GLY N 232 -107.24 -92.23 94.21
N LYS N 233 -108.07 -93.23 94.55
CA LYS N 233 -108.69 -94.10 93.55
C LYS N 233 -110.20 -93.90 93.56
N GLU N 234 -110.80 -93.91 92.37
CA GLU N 234 -112.20 -93.57 92.21
C GLU N 234 -113.15 -94.75 92.28
N ASP N 235 -112.70 -95.96 91.91
CA ASP N 235 -113.56 -97.13 92.07
C ASP N 235 -113.77 -97.46 93.54
N SER N 236 -112.74 -97.25 94.37
CA SER N 236 -112.91 -97.27 95.81
C SER N 236 -113.63 -96.04 96.32
N SER N 237 -113.67 -94.96 95.55
CA SER N 237 -114.38 -93.77 96.00
C SER N 237 -115.87 -93.86 95.75
N SER N 238 -116.27 -94.56 94.69
CA SER N 238 -117.55 -94.52 93.99
C SER N 238 -118.78 -94.49 94.88
N ALA N 239 -118.72 -95.14 96.03
CA ALA N 239 -119.69 -94.90 97.08
C ALA N 239 -118.96 -94.73 98.41
N GLU N 240 -117.77 -95.32 98.51
CA GLU N 240 -117.18 -95.51 99.83
C GLU N 240 -116.45 -94.27 100.31
N PHE N 241 -115.71 -93.57 99.44
CA PHE N 241 -115.14 -92.31 99.90
C PHE N 241 -116.21 -91.24 100.02
N LEU N 242 -117.34 -91.42 99.34
CA LEU N 242 -118.49 -90.57 99.59
C LEU N 242 -119.07 -90.86 100.98
N GLU N 243 -119.00 -92.11 101.41
CA GLU N 243 -119.32 -92.41 102.81
C GLU N 243 -118.30 -91.83 103.77
N LYS N 244 -117.04 -91.69 103.32
CA LYS N 244 -116.05 -91.01 104.15
C LYS N 244 -116.34 -89.51 104.22
N ARG N 245 -116.87 -88.94 103.13
CA ARG N 245 -117.40 -87.57 103.17
C ARG N 245 -118.56 -87.48 104.14
N ARG N 246 -119.42 -88.52 104.17
CA ARG N 246 -120.52 -88.55 105.12
C ARG N 246 -120.03 -88.65 106.56
N ALA N 247 -118.91 -89.33 106.79
CA ALA N 247 -118.35 -89.42 108.13
C ALA N 247 -117.77 -88.09 108.57
N ALA N 248 -117.01 -87.43 107.68
CA ALA N 248 -116.49 -86.10 107.98
C ALA N 248 -117.62 -85.08 108.13
N LEU N 249 -118.72 -85.27 107.40
CA LEU N 249 -119.88 -84.40 107.54
C LEU N 249 -120.66 -84.69 108.80
N GLU N 250 -120.64 -85.94 109.28
CA GLU N 250 -121.28 -86.23 110.56
C GLU N 250 -120.50 -85.60 111.70
N ARG N 251 -119.17 -85.62 111.61
CA ARG N 251 -118.35 -84.94 112.61
C ARG N 251 -118.51 -83.43 112.50
N TYR N 252 -118.67 -82.93 111.27
CA TYR N 252 -119.05 -81.55 111.01
C TYR N 252 -120.34 -81.19 111.73
N LEU N 253 -121.36 -82.03 111.63
CA LEU N 253 -122.65 -81.77 112.26
C LEU N 253 -122.54 -81.81 113.78
N GLN N 254 -121.82 -82.78 114.31
CA GLN N 254 -121.70 -82.91 115.76
C GLN N 254 -120.95 -81.74 116.36
N ARG N 255 -119.84 -81.32 115.73
CA ARG N 255 -119.11 -80.21 116.33
C ARG N 255 -119.69 -78.86 115.96
N ILE N 256 -120.53 -78.76 114.92
CA ILE N 256 -121.25 -77.51 114.73
C ILE N 256 -122.41 -77.41 115.72
N VAL N 257 -122.78 -78.54 116.32
CA VAL N 257 -123.78 -78.47 117.43
C VAL N 257 -122.97 -78.15 118.69
N ASN N 258 -121.69 -78.54 118.72
CA ASN N 258 -120.84 -78.35 119.94
C ASN N 258 -120.60 -76.87 120.26
N HIS N 259 -120.61 -75.98 119.26
CA HIS N 259 -120.55 -74.53 119.57
C HIS N 259 -122.01 -74.03 119.41
N PRO N 260 -122.94 -74.11 120.41
CA PRO N 260 -124.36 -73.79 120.15
C PRO N 260 -124.66 -72.31 120.01
N THR N 261 -123.91 -71.47 120.70
CA THR N 261 -124.04 -70.03 120.49
C THR N 261 -123.47 -69.63 119.14
N MET N 262 -122.34 -70.23 118.77
CA MET N 262 -121.77 -70.01 117.45
C MET N 262 -122.51 -70.79 116.37
N LEU N 263 -123.25 -71.84 116.76
CA LEU N 263 -124.24 -72.43 115.87
C LEU N 263 -125.38 -71.46 115.59
N GLN N 264 -125.67 -70.55 116.52
CA GLN N 264 -126.65 -69.49 116.28
C GLN N 264 -126.01 -68.28 115.60
N ASP N 265 -125.26 -68.57 114.54
CA ASP N 265 -124.96 -67.64 113.45
C ASP N 265 -125.87 -68.15 112.34
N PRO N 266 -127.13 -67.69 112.29
CA PRO N 266 -128.17 -68.42 111.56
C PRO N 266 -128.04 -68.35 110.05
N ASP N 267 -127.19 -67.46 109.53
CA ASP N 267 -127.02 -67.35 108.08
C ASP N 267 -126.44 -68.64 107.49
N VAL N 268 -125.39 -69.17 108.11
CA VAL N 268 -124.78 -70.40 107.59
C VAL N 268 -125.61 -71.63 107.92
N ARG N 269 -126.40 -71.59 108.99
CA ARG N 269 -127.31 -72.69 109.27
C ARG N 269 -128.42 -72.76 108.23
N GLU N 270 -128.98 -71.60 107.85
CA GLU N 270 -129.93 -71.57 106.76
C GLU N 270 -129.27 -71.86 105.42
N PHE N 271 -127.97 -71.59 105.29
CA PHE N 271 -127.24 -71.98 104.08
C PHE N 271 -127.16 -73.50 103.98
N LEU N 272 -126.94 -74.17 105.11
CA LEU N 272 -126.86 -75.62 105.11
C LEU N 272 -128.23 -76.26 104.91
N GLU N 273 -129.28 -75.75 105.56
CA GLU N 273 -130.57 -76.42 105.52
C GLU N 273 -131.47 -75.92 104.39
N LYS N 274 -130.93 -75.15 103.44
CA LYS N 274 -131.68 -74.77 102.25
C LYS N 274 -130.83 -75.08 101.01
N GLU N 275 -131.40 -74.79 99.84
CA GLU N 275 -130.81 -75.10 98.56
C GLU N 275 -130.75 -73.83 97.73
N GLU N 276 -129.55 -73.25 97.61
CA GLU N 276 -129.32 -72.06 96.81
C GLU N 276 -128.02 -72.20 96.03
N LEU N 277 -127.62 -73.45 95.76
CA LEU N 277 -126.32 -73.99 95.40
C LEU N 277 -125.52 -73.15 94.41
N PRO N 278 -124.25 -72.91 94.67
CA PRO N 278 -123.43 -72.13 93.74
C PRO N 278 -123.13 -72.89 92.46
N ARG N 279 -122.57 -72.18 91.50
CA ARG N 279 -122.25 -72.72 90.18
C ARG N 279 -120.92 -73.48 90.25
N ALA N 280 -120.46 -73.97 89.10
CA ALA N 280 -119.35 -74.92 89.01
C ALA N 280 -117.99 -74.27 88.85
N VAL N 281 -117.77 -73.07 89.40
CA VAL N 281 -116.51 -72.36 89.24
C VAL N 281 -115.58 -72.64 90.42
N GLY N 282 -115.85 -73.69 91.17
CA GLY N 282 -115.12 -73.95 92.40
C GLY N 282 -113.77 -74.62 92.27
N THR N 283 -113.11 -74.52 91.11
CA THR N 283 -111.78 -75.06 90.90
C THR N 283 -110.88 -73.92 90.42
N GLN N 284 -110.20 -73.27 91.36
CA GLN N 284 -109.28 -72.19 91.04
C GLN N 284 -108.20 -72.13 92.11
N ALA N 285 -107.25 -71.23 91.93
CA ALA N 285 -106.15 -71.05 92.88
C ALA N 285 -105.97 -69.56 93.11
N LEU N 286 -106.31 -69.10 94.32
CA LEU N 286 -106.14 -67.72 94.74
C LEU N 286 -105.63 -67.62 96.17
N SER N 287 -104.61 -68.43 96.49
CA SER N 287 -104.11 -68.58 97.85
C SER N 287 -103.04 -67.55 98.20
N GLY N 288 -103.13 -66.36 97.58
CA GLY N 288 -102.21 -65.27 97.83
C GLY N 288 -102.20 -64.77 99.26
N ALA N 289 -103.28 -65.01 100.02
CA ALA N 289 -103.23 -64.79 101.46
C ALA N 289 -102.19 -65.68 102.13
N GLY N 290 -102.17 -66.97 101.78
CA GLY N 290 -101.13 -67.85 102.26
C GLY N 290 -99.75 -67.49 101.74
N LEU N 291 -99.69 -66.90 100.53
CA LEU N 291 -98.44 -66.35 100.04
C LEU N 291 -97.94 -65.20 100.92
N LEU N 292 -98.83 -64.29 101.32
CA LEU N 292 -98.44 -63.23 102.24
C LEU N 292 -98.09 -63.75 103.62
N LYS N 293 -98.68 -64.87 104.04
CA LYS N 293 -98.23 -65.53 105.27
C LYS N 293 -96.80 -66.04 105.13
N MET N 294 -96.48 -66.62 103.97
CA MET N 294 -95.11 -67.05 103.71
C MET N 294 -94.15 -65.86 103.62
N PHE N 295 -94.63 -64.70 103.16
CA PHE N 295 -93.81 -63.49 103.21
C PHE N 295 -93.57 -63.03 104.65
N ASN N 296 -94.60 -63.06 105.49
CA ASN N 296 -94.47 -62.55 106.86
C ASN N 296 -93.80 -63.54 107.79
N LYS N 297 -93.56 -64.78 107.32
CA LYS N 297 -92.80 -65.76 108.09
C LYS N 297 -91.40 -65.27 108.45
N ALA N 298 -90.80 -64.43 107.61
CA ALA N 298 -89.48 -63.86 107.92
C ALA N 298 -89.55 -62.93 109.12
N THR N 299 -90.63 -62.15 109.24
CA THR N 299 -90.80 -61.31 110.43
C THR N 299 -91.15 -62.16 111.64
N ASP N 300 -91.86 -63.28 111.42
CA ASP N 300 -92.16 -64.21 112.51
C ASP N 300 -90.89 -64.80 113.09
N ALA N 301 -89.94 -65.16 112.22
CA ALA N 301 -88.70 -65.80 112.62
C ALA N 301 -87.78 -64.88 113.42
N VAL N 302 -87.96 -63.55 113.32
CA VAL N 302 -87.17 -62.63 114.11
C VAL N 302 -87.95 -62.07 115.30
N SER N 303 -89.28 -62.21 115.32
CA SER N 303 -90.05 -61.71 116.46
C SER N 303 -90.42 -62.81 117.45
N LYS N 304 -90.20 -64.09 117.12
CA LYS N 304 -90.71 -65.20 117.93
C LYS N 304 -90.17 -65.22 119.36
N MET N 305 -88.98 -64.64 119.61
CA MET N 305 -88.48 -64.57 120.98
C MET N 305 -89.28 -63.59 121.83
N THR N 306 -89.57 -62.41 121.27
CA THR N 306 -90.43 -61.43 121.93
C THR N 306 -91.86 -61.94 122.07
N ILE N 307 -92.28 -62.88 121.22
CA ILE N 307 -93.48 -63.64 121.55
C ILE N 307 -93.25 -64.53 122.77
N LYS N 308 -92.12 -65.26 122.79
CA LYS N 308 -91.84 -66.25 123.85
C LYS N 308 -91.61 -65.65 125.23
N MET N 309 -91.53 -64.32 125.38
CA MET N 309 -91.36 -63.77 126.72
C MET N 309 -92.65 -63.77 127.56
N ASN N 310 -93.76 -64.25 127.03
CA ASN N 310 -95.06 -64.19 127.72
C ASN N 310 -95.18 -65.31 128.76
N GLU N 311 -96.42 -65.53 129.24
CA GLU N 311 -96.72 -66.52 130.26
C GLU N 311 -97.75 -67.56 129.82
N SER N 312 -98.68 -67.22 128.94
CA SER N 312 -99.66 -68.20 128.48
C SER N 312 -99.00 -69.26 127.61
N ASP N 313 -98.00 -68.88 126.82
CA ASP N 313 -97.26 -69.86 126.04
C ASP N 313 -96.37 -70.72 126.93
N ILE N 314 -96.07 -70.26 128.15
CA ILE N 314 -95.42 -71.12 129.12
C ILE N 314 -96.39 -72.21 129.58
N TRP N 315 -97.69 -71.92 129.55
CA TRP N 315 -98.67 -72.97 129.74
C TRP N 315 -98.87 -73.80 128.46
N PHE N 316 -98.52 -73.24 127.30
CA PHE N 316 -98.93 -73.86 126.04
C PHE N 316 -97.85 -74.70 125.36
N GLU N 317 -96.55 -74.36 125.50
CA GLU N 317 -95.54 -74.90 124.61
C GLU N 317 -95.23 -76.37 124.90
N GLU N 318 -95.60 -76.85 126.09
CA GLU N 318 -95.52 -78.28 126.37
C GLU N 318 -96.40 -79.06 125.42
N LYS N 319 -97.59 -78.54 125.16
CA LYS N 319 -98.48 -79.14 124.17
C LYS N 319 -97.90 -79.03 122.77
N LEU N 320 -97.11 -77.99 122.50
CA LEU N 320 -96.49 -77.83 121.19
C LEU N 320 -95.45 -78.91 120.92
N GLN N 321 -94.50 -79.09 121.85
CA GLN N 321 -93.48 -80.12 121.69
C GLN N 321 -94.08 -81.51 121.76
N GLU N 322 -95.07 -81.69 122.63
CA GLU N 322 -95.77 -82.96 122.76
C GLU N 322 -96.49 -83.32 121.47
N VAL N 323 -97.20 -82.36 120.87
CA VAL N 323 -97.92 -82.64 119.65
C VAL N 323 -96.95 -82.75 118.48
N GLU N 324 -95.74 -82.21 118.60
CA GLU N 324 -94.73 -82.42 117.56
C GLU N 324 -94.26 -83.87 117.55
N CYS N 325 -93.93 -84.42 118.72
CA CYS N 325 -93.52 -85.83 118.73
C CYS N 325 -94.70 -86.74 118.41
N GLU N 326 -95.91 -86.33 118.80
CA GLU N 326 -97.11 -87.09 118.44
C GLU N 326 -97.35 -87.08 116.94
N GLU N 327 -97.19 -85.93 116.27
CA GLU N 327 -97.46 -85.89 114.84
C GLU N 327 -96.40 -86.63 114.06
N GLN N 328 -95.15 -86.61 114.54
CA GLN N 328 -94.09 -87.40 113.92
C GLN N 328 -94.41 -88.90 114.00
N ARG N 329 -94.76 -89.38 115.20
CA ARG N 329 -94.97 -90.84 115.34
C ARG N 329 -96.32 -91.26 114.74
N LEU N 330 -97.27 -90.33 114.55
CA LEU N 330 -98.53 -90.74 113.88
C LEU N 330 -98.40 -90.68 112.36
N ARG N 331 -97.55 -89.79 111.82
CA ARG N 331 -97.33 -89.79 110.36
C ARG N 331 -96.54 -91.04 109.99
N LYS N 332 -95.67 -91.50 110.90
CA LYS N 332 -94.94 -92.75 110.66
C LYS N 332 -95.86 -93.96 110.77
N LEU N 333 -96.70 -93.99 111.81
CA LEU N 333 -97.67 -95.08 111.95
C LEU N 333 -98.70 -95.07 110.82
N HIS N 334 -99.18 -93.78 110.28
CA HIS N 334 -100.02 -93.61 109.07
C HIS N 334 -99.38 -94.33 107.87
N ALA N 335 -98.09 -94.09 107.66
CA ALA N 335 -97.39 -94.69 106.53
C ALA N 335 -97.31 -96.21 106.65
N VAL N 336 -97.02 -96.72 107.85
CA VAL N 336 -96.91 -98.17 107.99
C VAL N 336 -98.29 -98.85 107.96
N VAL N 337 -99.33 -98.16 108.43
CA VAL N 337 -100.72 -98.65 108.31
C VAL N 337 -101.12 -98.75 106.84
N GLU N 338 -100.83 -97.72 106.05
CA GLU N 338 -101.16 -97.80 104.63
C GLU N 338 -100.26 -98.79 103.89
N THR N 339 -99.07 -99.06 104.42
CA THR N 339 -98.25 -100.15 103.90
C THR N 339 -98.91 -101.50 104.16
N LEU N 340 -99.57 -101.67 105.31
CA LEU N 340 -100.36 -102.88 105.51
C LEU N 340 -101.58 -102.93 104.61
N VAL N 341 -102.17 -101.77 104.31
CA VAL N 341 -103.34 -101.72 103.44
C VAL N 341 -102.95 -102.14 102.02
N ASN N 342 -101.77 -101.73 101.56
CA ASN N 342 -101.22 -102.25 100.31
C ASN N 342 -100.92 -103.76 100.44
N HIS N 343 -100.22 -104.24 101.67
CA HIS N 343 -99.78 -105.62 101.96
C HIS N 343 -100.91 -106.64 101.84
N ARG N 344 -102.09 -106.30 102.38
CA ARG N 344 -103.20 -107.24 102.45
C ARG N 344 -103.72 -107.61 101.06
N LYS N 345 -103.50 -106.76 100.06
CA LYS N 345 -104.05 -107.02 98.74
C LYS N 345 -103.34 -108.20 98.08
N GLU N 346 -102.01 -108.18 98.09
CA GLU N 346 -101.29 -109.36 97.61
C GLU N 346 -101.37 -110.53 98.58
N LEU N 347 -101.65 -110.27 99.87
CA LEU N 347 -102.03 -111.37 100.77
C LEU N 347 -103.27 -112.10 100.27
N ALA N 348 -104.31 -111.32 99.94
CA ALA N 348 -105.59 -111.88 99.54
C ALA N 348 -105.49 -112.54 98.17
N LEU N 349 -104.75 -111.94 97.25
CA LEU N 349 -104.53 -112.55 95.94
C LEU N 349 -103.70 -113.83 96.06
N ASN N 350 -102.71 -113.84 96.96
CA ASN N 350 -101.87 -115.01 97.18
C ASN N 350 -102.67 -116.18 97.73
N THR N 351 -103.49 -115.93 98.76
CA THR N 351 -104.30 -117.00 99.33
C THR N 351 -105.48 -117.39 98.44
N ALA N 352 -106.00 -116.45 97.62
CA ALA N 352 -107.04 -116.81 96.66
C ALA N 352 -106.47 -117.70 95.55
N LEU N 353 -105.27 -117.38 95.07
CA LEU N 353 -104.62 -118.27 94.10
C LEU N 353 -104.16 -119.57 94.75
N PHE N 354 -103.95 -119.59 96.07
CA PHE N 354 -103.76 -120.86 96.76
C PHE N 354 -105.01 -121.73 96.71
N ALA N 355 -106.18 -121.13 96.93
CA ALA N 355 -107.43 -121.90 96.84
C ALA N 355 -107.69 -122.35 95.41
N LYS N 356 -107.36 -121.49 94.44
CA LYS N 356 -107.45 -121.89 93.04
C LYS N 356 -106.47 -123.00 92.70
N SER N 357 -105.27 -123.00 93.28
CA SER N 357 -104.33 -124.07 93.03
C SER N 357 -104.71 -125.35 93.76
N LEU N 358 -105.42 -125.23 94.89
CA LEU N 358 -106.07 -126.38 95.49
C LEU N 358 -107.07 -127.00 94.52
N ALA N 359 -107.90 -126.15 93.91
CA ALA N 359 -108.86 -126.61 92.92
C ALA N 359 -108.17 -127.20 91.69
N MET N 360 -107.00 -126.68 91.34
CA MET N 360 -106.22 -127.24 90.24
C MET N 360 -105.67 -128.61 90.58
N LEU N 361 -104.84 -128.69 91.62
CA LEU N 361 -104.12 -129.91 91.94
C LEU N 361 -105.01 -130.97 92.59
N GLY N 362 -106.25 -130.63 92.93
CA GLY N 362 -107.21 -131.65 93.32
C GLY N 362 -107.83 -132.40 92.16
N SER N 363 -107.44 -132.07 90.93
CA SER N 363 -107.83 -132.87 89.79
C SER N 363 -106.89 -134.05 89.64
N SER N 364 -107.25 -134.95 88.70
CA SER N 364 -106.46 -136.13 88.31
C SER N 364 -106.23 -137.06 89.50
N GLU N 365 -107.23 -137.16 90.38
CA GLU N 365 -107.13 -138.01 91.56
C GLU N 365 -108.53 -138.42 92.00
N ASP N 366 -108.62 -139.63 92.57
CA ASP N 366 -109.87 -140.13 93.13
C ASP N 366 -109.59 -140.45 94.60
N ASN N 367 -109.66 -139.41 95.44
CA ASN N 367 -109.63 -139.52 96.89
C ASN N 367 -110.68 -138.60 97.48
N THR N 368 -111.92 -138.74 96.97
CA THR N 368 -113.01 -137.77 96.97
C THR N 368 -113.26 -136.99 98.27
N ALA N 369 -112.81 -137.54 99.42
CA ALA N 369 -112.65 -136.75 100.61
C ALA N 369 -111.75 -135.54 100.37
N LEU N 370 -110.70 -135.71 99.54
CA LEU N 370 -109.89 -134.57 99.15
C LEU N 370 -110.68 -133.57 98.30
N SER N 371 -111.63 -134.06 97.50
CA SER N 371 -112.45 -133.16 96.69
C SER N 371 -113.40 -132.34 97.56
N ARG N 372 -114.02 -132.97 98.57
CA ARG N 372 -114.80 -132.22 99.55
C ARG N 372 -113.93 -131.27 100.37
N ALA N 373 -112.69 -131.66 100.63
CA ALA N 373 -111.75 -130.78 101.33
C ALA N 373 -111.44 -129.54 100.51
N LEU N 374 -111.24 -129.70 99.20
CA LEU N 374 -111.15 -128.58 98.27
C LEU N 374 -112.38 -127.67 98.34
N SER N 375 -113.56 -128.27 98.19
CA SER N 375 -114.80 -127.51 98.10
C SER N 375 -115.15 -126.79 99.40
N GLN N 376 -114.63 -127.25 100.53
CA GLN N 376 -114.83 -126.58 101.81
C GLN N 376 -113.72 -125.58 102.13
N LEU N 377 -112.47 -125.93 101.83
CA LEU N 377 -111.33 -125.08 102.11
C LEU N 377 -111.27 -123.82 101.26
N ALA N 378 -111.64 -123.92 99.96
CA ALA N 378 -111.64 -122.72 99.12
C ALA N 378 -112.61 -121.67 99.64
N GLU N 379 -113.82 -122.08 100.02
CA GLU N 379 -114.79 -121.11 100.49
C GLU N 379 -114.48 -120.61 101.90
N VAL N 380 -113.91 -121.43 102.79
CA VAL N 380 -113.58 -120.85 104.10
C VAL N 380 -112.34 -119.95 104.00
N GLU N 381 -111.43 -120.23 103.06
CA GLU N 381 -110.36 -119.29 102.77
C GLU N 381 -110.92 -117.98 102.26
N GLU N 382 -111.95 -118.04 101.42
CA GLU N 382 -112.54 -116.79 100.94
C GLU N 382 -113.28 -116.06 102.05
N LYS N 383 -113.83 -116.77 103.03
CA LYS N 383 -114.41 -116.12 104.21
C LYS N 383 -113.37 -115.37 105.01
N ILE N 384 -112.23 -116.02 105.27
CA ILE N 384 -111.11 -115.36 105.97
C ILE N 384 -110.58 -114.19 105.15
N GLU N 385 -110.57 -114.36 103.83
CA GLU N 385 -110.10 -113.34 102.89
C GLU N 385 -110.95 -112.07 103.00
N GLN N 386 -112.27 -112.22 102.83
CA GLN N 386 -113.15 -111.06 102.91
C GLN N 386 -113.20 -110.47 104.31
N LEU N 387 -113.03 -111.30 105.35
CA LEU N 387 -113.06 -110.82 106.72
C LEU N 387 -111.90 -109.87 107.01
N HIS N 388 -110.67 -110.36 106.84
CA HIS N 388 -109.55 -109.48 107.14
C HIS N 388 -109.38 -108.42 106.05
N GLN N 389 -109.96 -108.63 104.87
CA GLN N 389 -109.95 -107.61 103.84
C GLN N 389 -110.82 -106.41 104.24
N GLU N 390 -112.05 -106.68 104.71
CA GLU N 390 -112.92 -105.55 105.06
C GLU N 390 -112.41 -104.84 106.30
N GLN N 391 -111.85 -105.59 107.27
CA GLN N 391 -111.23 -104.92 108.42
C GLN N 391 -110.04 -104.07 107.97
N ALA N 392 -109.10 -104.71 107.26
CA ALA N 392 -107.83 -104.17 106.82
C ALA N 392 -107.97 -102.94 105.94
N ASN N 393 -109.01 -102.85 105.13
CA ASN N 393 -109.18 -101.52 104.53
C ASN N 393 -109.91 -100.60 105.49
N ASN N 394 -111.19 -100.89 105.82
CA ASN N 394 -112.11 -99.81 106.17
C ASN N 394 -111.70 -99.10 107.45
N ASP N 395 -111.27 -99.88 108.46
CA ASP N 395 -110.98 -99.17 109.70
C ASP N 395 -109.61 -98.51 109.67
N PHE N 396 -108.66 -99.11 108.96
CA PHE N 396 -107.33 -98.56 108.86
C PHE N 396 -107.33 -97.23 108.12
N PHE N 397 -108.01 -97.19 106.96
CA PHE N 397 -108.00 -95.93 106.16
C PHE N 397 -108.93 -94.90 106.79
N LEU N 398 -109.86 -95.32 107.65
CA LEU N 398 -110.74 -94.35 108.34
C LEU N 398 -109.93 -93.73 109.49
N LEU N 399 -109.22 -94.56 110.25
CA LEU N 399 -108.35 -94.02 111.33
C LEU N 399 -107.28 -93.15 110.67
N ALA N 400 -106.92 -93.45 109.42
CA ALA N 400 -105.94 -92.64 108.70
C ALA N 400 -106.53 -91.27 108.31
N GLU N 401 -107.77 -91.25 107.83
CA GLU N 401 -108.46 -89.98 107.57
C GLU N 401 -108.68 -89.19 108.86
N LEU N 402 -108.94 -89.90 109.97
CA LEU N 402 -109.11 -89.30 111.27
C LEU N 402 -107.85 -88.55 111.71
N LEU N 403 -106.70 -89.23 111.64
CA LEU N 403 -105.45 -88.57 111.97
C LEU N 403 -105.09 -87.51 110.93
N SER N 404 -105.54 -87.67 109.69
CA SER N 404 -105.17 -86.71 108.64
C SER N 404 -105.88 -85.37 108.83
N ASP N 405 -107.20 -85.38 108.97
CA ASP N 405 -107.84 -84.11 109.25
C ASP N 405 -107.63 -83.65 110.69
N TYR N 406 -107.18 -84.55 111.57
CA TYR N 406 -106.65 -84.10 112.86
C TYR N 406 -105.39 -83.27 112.69
N ILE N 407 -104.48 -83.71 111.81
CA ILE N 407 -103.30 -82.93 111.44
C ILE N 407 -103.71 -81.61 110.79
N ARG N 408 -104.78 -81.63 109.99
CA ARG N 408 -105.32 -80.40 109.41
C ARG N 408 -105.78 -79.44 110.52
N LEU N 409 -106.46 -79.98 111.53
CA LEU N 409 -106.88 -79.18 112.67
C LEU N 409 -105.69 -78.63 113.45
N LEU N 410 -104.62 -79.43 113.55
CA LEU N 410 -103.40 -78.96 114.19
C LEU N 410 -102.76 -77.83 113.41
N ALA N 411 -102.74 -77.93 112.07
CA ALA N 411 -102.17 -76.88 111.24
C ALA N 411 -102.99 -75.59 111.33
N ILE N 412 -104.32 -75.71 111.36
CA ILE N 412 -105.11 -74.48 111.45
C ILE N 412 -105.08 -73.89 112.84
N VAL N 413 -104.81 -74.67 113.90
CA VAL N 413 -104.63 -73.99 115.19
C VAL N 413 -103.21 -73.43 115.34
N ARG N 414 -102.22 -74.00 114.63
CA ARG N 414 -100.94 -73.32 114.46
C ARG N 414 -101.15 -71.95 113.85
N ALA N 415 -101.92 -71.90 112.76
CA ALA N 415 -102.24 -70.63 112.11
C ALA N 415 -103.10 -69.73 113.00
N ALA N 416 -103.88 -70.32 113.91
CA ALA N 416 -104.70 -69.53 114.83
C ALA N 416 -103.84 -68.74 115.81
N PHE N 417 -102.90 -69.41 116.48
CA PHE N 417 -102.05 -68.55 117.33
C PHE N 417 -100.98 -67.82 116.53
N ASP N 418 -100.77 -68.15 115.25
CA ASP N 418 -99.99 -67.26 114.40
C ASP N 418 -100.73 -65.96 114.14
N GLN N 419 -102.05 -66.02 113.98
CA GLN N 419 -102.85 -64.80 113.87
C GLN N 419 -102.85 -64.03 115.19
N ARG N 420 -102.86 -64.77 116.31
CA ARG N 420 -102.69 -64.14 117.62
C ARG N 420 -101.33 -63.45 117.73
N MET N 421 -100.30 -64.07 117.17
CA MET N 421 -98.96 -63.48 117.10
C MET N 421 -98.96 -62.20 116.25
N LYS N 422 -99.65 -62.23 115.12
CA LYS N 422 -99.67 -61.08 114.23
C LYS N 422 -100.41 -59.91 114.87
N THR N 423 -101.54 -60.18 115.52
CA THR N 423 -102.22 -59.12 116.25
C THR N 423 -101.44 -58.67 117.49
N TRP N 424 -100.66 -59.58 118.07
CA TRP N 424 -99.75 -59.21 119.15
C TRP N 424 -98.75 -58.16 118.71
N GLN N 425 -98.05 -58.43 117.59
CA GLN N 425 -97.11 -57.45 117.11
C GLN N 425 -97.79 -56.22 116.53
N ARG N 426 -99.07 -56.33 116.11
CA ARG N 426 -99.85 -55.15 115.76
C ARG N 426 -100.01 -54.19 116.92
N TRP N 427 -100.49 -54.67 118.08
CA TRP N 427 -100.60 -53.72 119.19
C TRP N 427 -99.24 -53.37 119.75
N GLN N 428 -98.24 -54.24 119.56
CA GLN N 428 -96.88 -53.97 120.03
C GLN N 428 -96.26 -52.77 119.31
N ASP N 429 -96.21 -52.82 117.97
CA ASP N 429 -95.66 -51.66 117.28
C ASP N 429 -96.64 -50.49 117.26
N ALA N 430 -97.93 -50.74 117.50
CA ALA N 430 -98.88 -49.65 117.69
C ALA N 430 -98.53 -48.82 118.91
N GLN N 431 -98.31 -49.47 120.07
CA GLN N 431 -97.95 -48.72 121.27
C GLN N 431 -96.53 -48.16 121.17
N ALA N 432 -95.64 -48.85 120.45
CA ALA N 432 -94.30 -48.33 120.23
C ALA N 432 -94.32 -47.01 119.47
N THR N 433 -94.96 -47.01 118.29
CA THR N 433 -95.08 -45.79 117.50
C THR N 433 -95.91 -44.73 118.22
N LEU N 434 -96.91 -45.16 119.00
CA LEU N 434 -97.68 -44.27 119.88
C LEU N 434 -96.76 -43.46 120.77
N GLN N 435 -95.95 -44.15 121.59
CA GLN N 435 -95.05 -43.50 122.53
C GLN N 435 -94.08 -42.58 121.80
N LYS N 436 -93.46 -43.09 120.71
CA LYS N 436 -92.44 -42.33 120.00
C LYS N 436 -93.00 -41.05 119.36
N LYS N 437 -93.92 -41.20 118.40
CA LYS N 437 -94.33 -40.01 117.66
C LYS N 437 -95.28 -39.14 118.48
N ARG N 438 -95.99 -39.72 119.45
CA ARG N 438 -96.86 -38.89 120.27
C ARG N 438 -96.08 -38.08 121.29
N GLU N 439 -94.97 -38.61 121.82
CA GLU N 439 -94.15 -37.73 122.63
C GLU N 439 -93.34 -36.75 121.78
N SER N 440 -93.03 -37.10 120.53
CA SER N 440 -92.39 -36.12 119.66
C SER N 440 -93.34 -34.97 119.33
N GLU N 441 -94.64 -35.26 119.25
CA GLU N 441 -95.64 -34.19 119.19
C GLU N 441 -95.72 -33.42 120.49
N ALA N 442 -95.64 -34.12 121.63
CA ALA N 442 -95.85 -33.49 122.93
C ALA N 442 -94.71 -32.57 123.34
N ARG N 443 -93.47 -32.88 122.96
CA ARG N 443 -92.32 -32.11 123.42
C ARG N 443 -92.18 -30.75 122.75
N LEU N 444 -92.97 -30.46 121.72
CA LEU N 444 -92.91 -29.17 121.04
C LEU N 444 -94.01 -28.22 121.51
N LEU N 445 -94.34 -28.25 122.80
CA LEU N 445 -95.47 -27.51 123.34
C LEU N 445 -95.24 -26.00 123.42
N TRP N 446 -93.99 -25.54 123.56
CA TRP N 446 -93.73 -24.11 123.71
C TRP N 446 -93.77 -23.37 122.38
N ALA N 447 -93.77 -24.07 121.26
CA ALA N 447 -94.32 -23.49 120.04
C ALA N 447 -95.81 -23.34 120.31
N ASN N 448 -96.25 -22.12 120.57
CA ASN N 448 -97.51 -21.87 121.29
C ASN N 448 -98.70 -22.17 120.39
N LYS N 449 -98.99 -23.45 120.25
CA LYS N 449 -100.19 -23.95 119.58
C LYS N 449 -100.70 -25.14 120.37
N PRO N 450 -101.66 -24.93 121.27
CA PRO N 450 -102.12 -26.02 122.14
C PRO N 450 -103.01 -27.03 121.43
N ASP N 451 -103.40 -26.78 120.18
CA ASP N 451 -104.23 -27.72 119.43
C ASP N 451 -103.47 -29.01 119.14
N LYS N 452 -102.16 -28.89 118.92
CA LYS N 452 -101.31 -30.08 118.78
C LYS N 452 -101.29 -30.88 120.07
N LEU N 453 -101.27 -30.19 121.22
CA LEU N 453 -101.33 -30.87 122.51
C LEU N 453 -102.67 -31.55 122.70
N GLN N 454 -103.75 -30.93 122.24
CA GLN N 454 -105.09 -31.50 122.38
C GLN N 454 -105.22 -32.76 121.52
N GLN N 455 -104.77 -32.69 120.27
CA GLN N 455 -104.89 -33.87 119.41
C GLN N 455 -103.92 -34.98 119.84
N ALA N 456 -102.74 -34.62 120.38
CA ALA N 456 -101.84 -35.64 120.91
C ALA N 456 -102.42 -36.29 122.17
N LYS N 457 -103.13 -35.52 122.99
CA LYS N 457 -103.80 -36.09 124.15
C LYS N 457 -104.92 -37.03 123.74
N ASP N 458 -105.68 -36.65 122.70
CA ASP N 458 -106.73 -37.53 122.20
C ASP N 458 -106.16 -38.81 121.61
N GLU N 459 -105.03 -38.68 120.90
CA GLU N 459 -104.32 -39.81 120.34
C GLU N 459 -103.86 -40.77 121.42
N ILE N 460 -103.13 -40.28 122.43
CA ILE N 460 -102.61 -41.15 123.48
C ILE N 460 -103.75 -41.77 124.27
N THR N 461 -104.83 -41.01 124.52
CA THR N 461 -105.92 -41.50 125.36
C THR N 461 -106.72 -42.60 124.67
N GLU N 462 -107.32 -42.29 123.52
CA GLU N 462 -108.16 -43.28 122.84
C GLU N 462 -107.34 -44.44 122.30
N TRP N 463 -106.11 -44.16 121.86
CA TRP N 463 -105.26 -45.21 121.32
C TRP N 463 -104.79 -46.17 122.41
N GLU N 464 -104.46 -45.67 123.61
CA GLU N 464 -104.11 -46.60 124.69
C GLU N 464 -105.32 -47.36 125.18
N SER N 465 -106.51 -46.73 125.16
CA SER N 465 -107.72 -47.42 125.58
C SER N 465 -108.02 -48.59 124.66
N ARG N 466 -107.93 -48.36 123.35
CA ARG N 466 -108.22 -49.46 122.43
C ARG N 466 -107.11 -50.50 122.41
N VAL N 467 -105.84 -50.12 122.64
CA VAL N 467 -104.76 -51.12 122.66
C VAL N 467 -104.85 -52.01 123.91
N THR N 468 -105.13 -51.42 125.07
CA THR N 468 -105.35 -52.21 126.27
C THR N 468 -106.59 -53.08 126.14
N GLN N 469 -107.63 -52.55 125.49
CA GLN N 469 -108.80 -53.35 125.12
C GLN N 469 -108.41 -54.53 124.26
N TYR N 470 -107.50 -54.31 123.31
CA TYR N 470 -107.03 -55.36 122.43
C TYR N 470 -106.31 -56.45 123.20
N GLU N 471 -105.40 -56.09 124.13
CA GLU N 471 -104.65 -57.16 124.76
C GLU N 471 -105.47 -57.93 125.81
N ARG N 472 -106.43 -57.30 126.51
CA ARG N 472 -107.20 -58.20 127.37
C ARG N 472 -108.29 -58.93 126.59
N ASP N 473 -108.69 -58.43 125.42
CA ASP N 473 -109.47 -59.27 124.53
C ASP N 473 -108.64 -60.41 123.96
N PHE N 474 -107.32 -60.23 123.87
CA PHE N 474 -106.46 -61.34 123.46
C PHE N 474 -106.34 -62.35 124.59
N GLU N 475 -106.38 -61.88 125.84
CA GLU N 475 -106.56 -62.78 126.96
C GLU N 475 -107.88 -63.53 126.88
N ARG N 476 -108.94 -62.85 126.44
CA ARG N 476 -110.24 -63.48 126.28
C ARG N 476 -110.21 -64.56 125.19
N ILE N 477 -109.56 -64.27 124.06
CA ILE N 477 -109.52 -65.28 123.02
C ILE N 477 -108.56 -66.40 123.39
N SER N 478 -107.57 -66.11 124.25
CA SER N 478 -106.74 -67.20 124.78
C SER N 478 -107.56 -68.12 125.67
N THR N 479 -108.47 -67.55 126.46
CA THR N 479 -109.33 -68.38 127.29
C THR N 479 -110.31 -69.20 126.45
N VAL N 480 -110.85 -68.63 125.38
CA VAL N 480 -111.79 -69.42 124.58
C VAL N 480 -111.03 -70.45 123.74
N VAL N 481 -109.76 -70.18 123.43
CA VAL N 481 -108.90 -71.19 122.82
C VAL N 481 -108.65 -72.32 123.81
N ARG N 482 -108.46 -72.01 125.09
CA ARG N 482 -108.24 -73.08 126.07
C ARG N 482 -109.49 -73.91 126.33
N LYS N 483 -110.67 -73.28 126.27
CA LYS N 483 -111.91 -74.05 126.31
C LYS N 483 -112.06 -74.92 125.07
N GLU N 484 -111.62 -74.42 123.92
CA GLU N 484 -111.57 -75.25 122.71
C GLU N 484 -110.53 -76.35 122.84
N VAL N 485 -109.47 -76.11 123.62
CA VAL N 485 -108.46 -77.14 123.86
C VAL N 485 -109.06 -78.27 124.68
N THR N 486 -109.81 -77.92 125.72
CA THR N 486 -110.58 -78.90 126.47
C THR N 486 -111.58 -79.64 125.57
N ARG N 487 -112.17 -78.92 124.61
CA ARG N 487 -113.07 -79.55 123.65
C ARG N 487 -112.33 -80.55 122.76
N PHE N 488 -111.10 -80.25 122.34
CA PHE N 488 -110.52 -81.27 121.50
C PHE N 488 -109.74 -82.33 122.26
N GLU N 489 -109.47 -82.15 123.56
CA GLU N 489 -109.18 -83.35 124.33
C GLU N 489 -110.43 -84.19 124.56
N LYS N 490 -111.60 -83.56 124.55
CA LYS N 490 -112.83 -84.36 124.56
C LYS N 490 -112.98 -85.13 123.26
N GLU N 491 -112.58 -84.56 122.13
CA GLU N 491 -112.62 -85.41 120.93
C GLU N 491 -111.42 -86.35 120.84
N LYS N 492 -110.34 -86.10 121.59
CA LYS N 492 -109.34 -87.15 121.81
C LYS N 492 -109.99 -88.34 122.49
N SER N 493 -110.79 -88.07 123.54
CA SER N 493 -111.57 -89.13 124.17
C SER N 493 -112.55 -89.77 123.19
N LYS N 494 -113.10 -88.98 122.27
CA LYS N 494 -114.10 -89.48 121.34
C LYS N 494 -113.47 -90.39 120.28
N ASP N 495 -112.32 -90.01 119.72
CA ASP N 495 -111.77 -90.86 118.67
C ASP N 495 -110.93 -92.00 119.24
N PHE N 496 -110.41 -91.85 120.47
CA PHE N 496 -109.94 -93.01 121.21
C PHE N 496 -111.09 -93.96 121.50
N LYS N 497 -112.28 -93.44 121.80
CA LYS N 497 -113.47 -94.24 121.93
C LYS N 497 -113.88 -94.86 120.60
N ASN N 498 -113.58 -94.18 119.49
CA ASN N 498 -113.83 -94.79 118.17
C ASN N 498 -112.93 -95.98 117.94
N HIS N 499 -111.68 -95.92 118.37
CA HIS N 499 -110.86 -97.13 118.31
C HIS N 499 -111.31 -98.17 119.33
N VAL N 500 -111.84 -97.73 120.47
CA VAL N 500 -112.37 -98.66 121.47
C VAL N 500 -113.57 -99.43 120.92
N MET N 501 -114.53 -98.71 120.32
CA MET N 501 -115.66 -99.39 119.70
C MET N 501 -115.25 -100.14 118.44
N LYS N 502 -114.15 -99.74 117.80
CA LYS N 502 -113.57 -100.53 116.73
C LYS N 502 -113.14 -101.90 117.23
N TYR N 503 -112.35 -101.95 118.30
CA TYR N 503 -111.96 -103.27 118.78
C TYR N 503 -113.13 -104.00 119.44
N LEU N 504 -114.12 -103.25 119.92
CA LEU N 504 -115.35 -103.86 120.42
C LEU N 504 -116.07 -104.62 119.32
N GLU N 505 -116.34 -103.97 118.19
CA GLU N 505 -116.94 -104.68 117.06
C GLU N 505 -115.96 -105.67 116.43
N THR N 506 -114.65 -105.47 116.59
CA THR N 506 -113.69 -106.40 116.04
C THR N 506 -113.75 -107.74 116.78
N LEU N 507 -113.67 -107.70 118.11
CA LEU N 507 -113.84 -108.89 118.92
C LEU N 507 -115.22 -109.50 118.72
N LEU N 508 -116.27 -108.66 118.66
CA LEU N 508 -117.62 -109.12 118.42
C LEU N 508 -117.77 -109.87 117.11
N HIS N 509 -117.54 -109.22 115.97
CA HIS N 509 -117.83 -109.86 114.69
C HIS N 509 -116.82 -110.95 114.39
N SER N 510 -115.57 -110.78 114.85
CA SER N 510 -114.55 -111.82 114.70
C SER N 510 -114.96 -113.07 115.45
N GLN N 511 -115.36 -112.93 116.71
CA GLN N 511 -115.75 -114.06 117.52
C GLN N 511 -117.02 -114.72 116.99
N GLN N 512 -118.05 -113.91 116.69
CA GLN N 512 -119.33 -114.50 116.30
C GLN N 512 -119.26 -115.14 114.93
N GLN N 513 -118.63 -114.47 113.95
CA GLN N 513 -118.53 -115.04 112.61
C GLN N 513 -117.57 -116.22 112.59
N LEU N 514 -116.38 -116.04 113.18
CA LEU N 514 -115.35 -117.07 113.23
C LEU N 514 -115.84 -118.32 113.94
N ALA N 515 -116.22 -118.19 115.21
CA ALA N 515 -116.75 -119.31 115.96
C ALA N 515 -118.10 -119.80 115.44
N LYS N 516 -118.82 -118.97 114.67
CA LYS N 516 -120.05 -119.42 114.05
C LYS N 516 -119.77 -120.43 112.95
N TYR N 517 -118.80 -120.13 112.08
CA TYR N 517 -118.50 -121.18 111.12
C TYR N 517 -117.62 -122.28 111.70
N TRP N 518 -116.99 -122.06 112.87
CA TRP N 518 -116.41 -123.19 113.60
C TRP N 518 -117.50 -124.16 114.05
N GLU N 519 -118.53 -123.67 114.72
CA GLU N 519 -119.60 -124.52 115.21
C GLU N 519 -120.57 -124.94 114.11
N ALA N 520 -120.45 -124.38 112.91
CA ALA N 520 -121.22 -124.83 111.78
C ALA N 520 -120.43 -125.74 110.85
N PHE N 521 -119.10 -125.76 110.97
CA PHE N 521 -118.27 -126.56 110.08
C PHE N 521 -117.55 -127.69 110.77
N LEU N 522 -117.45 -127.68 112.09
CA LEU N 522 -117.07 -128.90 112.80
C LEU N 522 -118.14 -130.01 112.78
N PRO N 523 -119.46 -129.74 112.93
CA PRO N 523 -120.41 -130.85 112.79
C PRO N 523 -120.51 -131.42 111.38
N GLU N 524 -120.09 -130.70 110.35
CA GLU N 524 -119.91 -131.37 109.09
C GLU N 524 -118.52 -131.99 108.97
N ALA N 525 -117.54 -131.51 109.75
CA ALA N 525 -116.23 -132.16 109.81
C ALA N 525 -116.13 -133.18 110.93
N LYS N 526 -117.25 -133.80 111.31
CA LYS N 526 -117.16 -135.00 112.14
C LYS N 526 -116.40 -136.09 111.40
N ALA N 527 -116.97 -136.58 110.28
CA ALA N 527 -116.12 -137.13 109.21
C ALA N 527 -116.82 -136.90 107.87
N ILE N 528 -116.64 -135.68 107.34
CA ILE N 528 -116.84 -135.25 105.95
C ILE N 528 -115.90 -134.05 105.82
N SER N 529 -115.05 -134.04 104.80
CA SER N 529 -114.11 -132.93 104.65
C SER N 529 -114.75 -131.76 103.89
N PHE O 150 -77.60 24.03 163.99
CA PHE O 150 -77.65 22.61 163.69
C PHE O 150 -76.55 21.88 164.46
N ASP O 151 -76.75 20.58 164.69
CA ASP O 151 -75.87 19.73 165.49
C ASP O 151 -74.46 19.60 164.91
N LEU O 152 -74.29 19.78 163.60
CA LEU O 152 -72.98 19.71 162.95
C LEU O 152 -72.32 21.07 163.11
N THR O 153 -71.39 21.17 164.05
CA THR O 153 -70.62 22.39 164.29
C THR O 153 -69.15 22.03 164.14
N VAL O 154 -68.55 22.42 163.01
CA VAL O 154 -67.17 22.07 162.69
C VAL O 154 -66.38 23.34 162.41
N GLY O 155 -65.06 23.16 162.27
CA GLY O 155 -64.18 24.25 161.89
C GLY O 155 -62.93 23.75 161.19
N ILE O 156 -62.65 24.29 160.01
CA ILE O 156 -61.56 23.79 159.17
C ILE O 156 -60.61 24.95 158.91
N THR O 157 -59.37 24.83 159.39
CA THR O 157 -58.39 25.89 159.29
C THR O 157 -57.06 25.30 158.81
N ASP O 158 -56.04 26.17 158.78
CA ASP O 158 -54.61 25.89 158.60
C ASP O 158 -54.28 25.08 157.35
N PRO O 159 -54.29 25.70 156.17
CA PRO O 159 -53.84 24.98 154.96
C PRO O 159 -52.34 24.72 154.97
N GLU O 160 -51.93 23.65 155.65
CA GLU O 160 -50.52 23.34 155.87
C GLU O 160 -50.01 22.47 154.72
N LYS O 161 -48.96 22.94 154.04
CA LYS O 161 -48.41 22.24 152.89
C LYS O 161 -47.50 21.10 153.32
N ILE O 162 -47.29 20.16 152.41
CA ILE O 162 -46.57 18.92 152.71
C ILE O 162 -45.27 18.96 151.91
N GLY O 163 -44.75 20.16 151.67
CA GLY O 163 -43.49 20.32 150.97
C GLY O 163 -43.68 21.02 149.64
N ASP O 164 -42.78 20.70 148.70
CA ASP O 164 -42.74 21.34 147.40
C ASP O 164 -43.23 20.39 146.32
N GLY O 165 -43.92 20.95 145.34
CA GLY O 165 -44.47 20.22 144.21
C GLY O 165 -45.54 21.03 143.54
N MET O 166 -46.31 20.38 142.67
CA MET O 166 -47.45 21.00 141.99
C MET O 166 -48.66 20.10 142.16
N ASN O 167 -49.63 20.59 142.94
CA ASN O 167 -50.98 20.01 143.06
C ASN O 167 -50.96 18.60 143.64
N ALA O 168 -50.39 18.45 144.83
CA ALA O 168 -50.33 17.15 145.46
C ALA O 168 -51.11 17.04 146.77
N TYR O 169 -50.73 17.80 147.82
CA TYR O 169 -51.22 17.53 149.17
C TYR O 169 -51.07 18.77 150.03
N VAL O 170 -52.15 19.12 150.73
CA VAL O 170 -52.15 20.18 151.74
C VAL O 170 -52.95 19.68 152.94
N ALA O 171 -52.36 19.75 154.13
CA ALA O 171 -53.03 19.31 155.33
C ALA O 171 -54.07 20.33 155.81
N TYR O 172 -55.12 19.82 156.46
CA TYR O 172 -56.24 20.64 156.94
C TYR O 172 -56.42 20.44 158.43
N LYS O 173 -56.31 21.51 159.20
CA LYS O 173 -56.70 21.47 160.60
C LYS O 173 -58.22 21.54 160.68
N VAL O 174 -58.85 20.41 161.00
CA VAL O 174 -60.30 20.29 161.01
C VAL O 174 -60.74 20.05 162.44
N THR O 175 -61.35 21.04 163.06
CA THR O 175 -61.87 20.89 164.41
C THR O 175 -63.39 20.68 164.37
N THR O 176 -63.84 19.59 164.98
CA THR O 176 -65.24 19.16 164.92
C THR O 176 -65.81 19.15 166.34
N GLN O 177 -66.86 19.94 166.56
CA GLN O 177 -67.53 20.06 167.84
C GLN O 177 -68.97 19.57 167.75
N THR O 178 -69.17 18.42 167.10
CA THR O 178 -70.50 18.01 166.66
C THR O 178 -71.30 17.45 167.84
N SER O 179 -72.61 17.69 167.83
CA SER O 179 -73.57 17.04 168.72
C SER O 179 -73.92 15.65 168.20
N LEU O 180 -75.05 15.08 168.66
CA LEU O 180 -75.59 13.79 168.21
C LEU O 180 -74.64 12.64 168.49
N PRO O 181 -74.68 12.06 169.71
CA PRO O 181 -73.52 11.35 170.30
C PRO O 181 -72.95 10.13 169.57
N MET O 182 -73.44 9.84 168.36
CA MET O 182 -72.65 9.04 167.42
C MET O 182 -71.30 9.68 167.13
N PHE O 183 -71.22 11.01 167.11
CA PHE O 183 -69.94 11.69 167.28
C PHE O 183 -69.50 11.51 168.74
N ARG O 184 -68.23 11.20 168.94
CA ARG O 184 -67.80 10.49 170.15
C ARG O 184 -67.87 11.39 171.39
N SER O 185 -67.07 12.46 171.43
CA SER O 185 -66.83 13.14 172.70
C SER O 185 -66.88 14.66 172.62
N ARG O 186 -67.61 15.23 171.65
CA ARG O 186 -67.93 16.65 171.52
C ARG O 186 -66.73 17.57 171.29
N GLN O 187 -65.51 17.02 171.25
CA GLN O 187 -64.31 17.81 171.11
C GLN O 187 -63.27 16.95 170.38
N PHE O 188 -63.29 17.04 169.06
CA PHE O 188 -62.26 16.44 168.21
C PHE O 188 -61.65 17.51 167.33
N ALA O 189 -60.39 17.29 166.97
CA ALA O 189 -59.63 18.19 166.10
C ALA O 189 -58.74 17.33 165.22
N VAL O 190 -59.22 16.99 164.03
CA VAL O 190 -58.53 16.06 163.16
C VAL O 190 -57.70 16.82 162.14
N LYS O 191 -56.55 16.26 161.81
CA LYS O 191 -55.69 16.77 160.74
C LYS O 191 -55.83 15.83 159.56
N ARG O 192 -56.47 16.29 158.50
CA ARG O 192 -56.81 15.44 157.36
C ARG O 192 -56.20 16.01 156.10
N ARG O 193 -55.51 15.16 155.34
CA ARG O 193 -54.95 15.54 154.06
C ARG O 193 -55.86 15.03 152.94
N PHE O 194 -56.21 15.91 152.01
CA PHE O 194 -57.05 15.51 150.89
C PHE O 194 -56.20 14.81 149.84
N SER O 195 -56.86 14.43 148.73
CA SER O 195 -56.37 13.52 147.70
C SER O 195 -55.98 12.15 148.25
N ASP O 196 -56.55 11.78 149.39
CA ASP O 196 -56.36 10.48 150.02
C ASP O 196 -57.69 9.82 150.36
N PHE O 197 -58.65 10.60 150.87
CA PHE O 197 -59.98 10.08 151.14
C PHE O 197 -60.95 10.30 150.00
N LEU O 198 -60.51 10.85 148.87
CA LEU O 198 -61.34 10.72 147.68
C LEU O 198 -61.24 9.31 147.12
N GLY O 199 -60.14 8.61 147.38
CA GLY O 199 -60.11 7.18 147.14
C GLY O 199 -61.05 6.43 148.06
N LEU O 200 -61.18 6.89 149.30
CA LEU O 200 -62.21 6.38 150.20
C LEU O 200 -63.60 6.70 149.66
N TYR O 201 -63.76 7.87 149.06
CA TYR O 201 -65.02 8.23 148.41
C TYR O 201 -65.30 7.37 147.19
N GLU O 202 -64.26 6.91 146.50
CA GLU O 202 -64.49 6.01 145.38
C GLU O 202 -64.75 4.58 145.85
N LYS O 203 -64.23 4.21 147.02
CA LYS O 203 -64.66 2.97 147.65
C LYS O 203 -66.12 3.06 148.05
N LEU O 204 -66.54 4.24 148.53
CA LEU O 204 -67.96 4.52 148.77
C LEU O 204 -68.76 4.47 147.47
N SER O 205 -68.15 4.90 146.37
CA SER O 205 -68.83 4.92 145.07
C SER O 205 -69.10 3.50 144.59
N GLU O 206 -68.08 2.65 144.61
CA GLU O 206 -68.30 1.26 144.24
C GLU O 206 -69.17 0.52 145.26
N LYS O 207 -69.11 0.94 146.53
CA LYS O 207 -69.95 0.35 147.56
C LYS O 207 -71.42 0.60 147.29
N HIS O 208 -71.80 1.87 147.06
CA HIS O 208 -73.20 2.11 146.73
C HIS O 208 -73.54 1.70 145.31
N SER O 209 -72.55 1.40 144.47
CA SER O 209 -72.88 0.71 143.23
C SER O 209 -73.36 -0.71 143.52
N GLN O 210 -72.69 -1.42 144.43
CA GLN O 210 -73.13 -2.78 144.69
C GLN O 210 -74.35 -2.86 145.61
N ASN O 211 -74.62 -1.84 146.44
CA ASN O 211 -75.74 -2.00 147.36
C ASN O 211 -76.75 -0.86 147.34
N GLY O 212 -76.61 0.11 146.44
CA GLY O 212 -77.63 1.13 146.28
C GLY O 212 -77.74 2.13 147.41
N PHE O 213 -76.61 2.53 147.99
CA PHE O 213 -76.62 3.52 149.06
C PHE O 213 -76.49 4.92 148.48
N ILE O 214 -76.23 5.90 149.34
CA ILE O 214 -76.22 7.32 148.97
C ILE O 214 -74.95 7.97 149.51
N VAL O 215 -74.19 8.58 148.60
CA VAL O 215 -72.92 9.27 148.98
C VAL O 215 -73.18 10.77 149.01
N PRO O 216 -72.37 11.59 149.70
CA PRO O 216 -72.53 13.04 149.72
C PRO O 216 -71.69 13.79 148.68
N PRO O 217 -71.84 15.12 148.50
CA PRO O 217 -70.99 15.93 147.59
C PRO O 217 -69.49 15.61 147.59
N PRO O 218 -68.73 15.94 146.52
CA PRO O 218 -67.33 15.54 146.41
C PRO O 218 -66.34 16.08 147.45
N PRO O 219 -65.40 15.26 147.95
CA PRO O 219 -64.33 15.75 148.81
C PRO O 219 -63.24 16.10 147.78
N GLU O 220 -63.48 17.12 146.94
CA GLU O 220 -62.57 17.47 145.81
C GLU O 220 -61.08 17.27 146.15
N LYS O 221 -60.36 16.59 145.26
CA LYS O 221 -58.92 16.29 145.51
C LYS O 221 -58.03 17.31 144.80
N SER O 222 -56.76 16.98 144.59
CA SER O 222 -55.80 17.89 143.92
C SER O 222 -55.44 17.35 142.53
N LEU O 223 -54.19 17.51 142.10
CA LEU O 223 -53.81 17.19 140.72
C LEU O 223 -54.83 17.79 139.76
N ILE O 224 -55.19 19.04 140.05
CA ILE O 224 -56.19 19.76 139.28
C ILE O 224 -55.67 21.08 138.73
N GLY O 225 -54.58 21.63 139.27
CA GLY O 225 -54.13 22.94 138.84
C GLY O 225 -53.48 22.93 137.47
N MET O 226 -52.70 21.87 137.19
CA MET O 226 -52.03 21.74 135.91
C MET O 226 -52.54 20.57 135.08
N THR O 227 -53.42 19.75 135.64
CA THR O 227 -53.99 18.60 134.94
C THR O 227 -55.50 18.61 135.10
N LYS O 228 -56.19 18.07 134.08
CA LYS O 228 -57.59 17.62 134.10
C LYS O 228 -58.60 18.78 134.13
N VAL O 229 -58.13 20.00 134.32
CA VAL O 229 -58.97 21.19 134.39
C VAL O 229 -58.47 22.16 133.33
N LYS O 230 -59.41 22.89 132.71
CA LYS O 230 -59.13 23.70 131.54
C LYS O 230 -59.39 25.20 131.69
N VAL O 231 -58.83 25.91 132.68
CA VAL O 231 -57.66 25.55 133.50
C VAL O 231 -57.88 25.99 134.94
N GLY O 232 -56.86 25.79 135.79
CA GLY O 232 -56.92 26.24 137.18
C GLY O 232 -55.69 27.03 137.60
N LYS O 233 -55.87 28.03 138.46
CA LYS O 233 -54.79 28.90 138.90
C LYS O 233 -54.55 28.73 140.39
N GLU O 234 -53.27 28.74 140.78
CA GLU O 234 -52.87 28.41 142.14
C GLU O 234 -52.79 29.60 143.07
N ASP O 235 -52.49 30.79 142.56
CA ASP O 235 -52.50 31.98 143.41
C ASP O 235 -53.91 32.32 143.87
N SER O 236 -54.90 32.10 143.00
CA SER O 236 -56.30 32.13 143.40
C SER O 236 -56.69 30.91 144.21
N SER O 237 -55.92 29.82 144.13
CA SER O 237 -56.24 28.65 144.92
C SER O 237 -55.75 28.74 146.35
N SER O 238 -54.63 29.46 146.55
CA SER O 238 -53.73 29.42 147.70
C SER O 238 -54.39 29.40 149.07
N ALA O 239 -55.54 30.07 149.18
CA ALA O 239 -56.42 29.84 150.33
C ALA O 239 -57.85 29.66 149.84
N GLU O 240 -58.15 30.24 148.68
CA GLU O 240 -59.55 30.44 148.31
C GLU O 240 -60.15 29.19 147.68
N PHE O 241 -59.41 28.48 146.81
CA PHE O 241 -59.97 27.21 146.34
C PHE O 241 -59.92 26.16 147.43
N LEU O 242 -59.05 26.34 148.42
CA LEU O 242 -59.11 25.51 149.61
C LEU O 242 -60.38 25.81 150.41
N GLU O 243 -60.82 27.07 150.40
CA GLU O 243 -62.13 27.38 150.96
C GLU O 243 -63.26 26.79 150.11
N LYS O 244 -63.03 26.64 148.80
CA LYS O 244 -64.01 25.95 147.97
C LYS O 244 -64.04 24.45 148.29
N ARG O 245 -62.88 23.88 148.63
CA ARG O 245 -62.83 22.53 149.17
C ARG O 245 -63.60 22.45 150.48
N ARG O 246 -63.48 23.49 151.31
CA ARG O 246 -64.23 23.55 152.57
C ARG O 246 -65.72 23.64 152.33
N ALA O 247 -66.13 24.32 151.25
CA ALA O 247 -67.55 24.41 150.92
C ALA O 247 -68.10 23.07 150.44
N ALA O 248 -67.35 22.40 149.55
CA ALA O 248 -67.73 21.06 149.10
C ALA O 248 -67.70 20.07 150.25
N LEU O 249 -66.79 20.25 151.20
CA LEU O 249 -66.73 19.40 152.39
C LEU O 249 -67.85 19.71 153.37
N GLU O 250 -68.33 20.95 153.41
CA GLU O 250 -69.47 21.26 154.25
C GLU O 250 -70.73 20.62 153.67
N ARG O 251 -70.86 20.64 152.35
CA ARG O 251 -71.99 19.95 151.72
C ARG O 251 -71.86 18.45 151.87
N TYR O 252 -70.62 17.94 151.84
CA TYR O 252 -70.31 16.55 152.18
C TYR O 252 -70.81 16.21 153.58
N LEU O 253 -70.52 17.07 154.56
CA LEU O 253 -70.94 16.83 155.93
C LEU O 253 -72.44 16.87 156.09
N GLN O 254 -73.09 17.85 155.44
CA GLN O 254 -74.55 17.97 155.58
C GLN O 254 -75.27 16.79 154.94
N ARG O 255 -74.84 16.36 153.76
CA ARG O 255 -75.54 15.25 153.15
C ARG O 255 -75.08 13.90 153.66
N ILE O 256 -73.93 13.80 154.32
CA ILE O 256 -73.62 12.56 155.02
C ILE O 256 -74.40 12.48 156.33
N VAL O 257 -74.93 13.62 156.78
CA VAL O 257 -75.85 13.57 157.95
C VAL O 257 -77.23 13.24 157.38
N ASN O 258 -77.48 13.62 156.11
CA ASN O 258 -78.83 13.43 155.48
C ASN O 258 -79.18 11.95 155.32
N HIS O 259 -78.19 11.06 155.17
CA HIS O 259 -78.51 9.60 155.18
C HIS O 259 -78.13 9.12 156.59
N PRO O 260 -78.95 9.21 157.68
CA PRO O 260 -78.46 8.92 159.04
C PRO O 260 -78.27 7.43 159.32
N THR O 261 -79.09 6.58 158.71
CA THR O 261 -78.86 5.15 158.82
C THR O 261 -77.62 4.73 158.03
N MET O 262 -77.44 5.31 156.85
CA MET O 262 -76.24 5.08 156.07
C MET O 262 -75.05 5.87 156.61
N LEU O 263 -75.31 6.92 157.39
CA LEU O 263 -74.27 7.51 158.22
C LEU O 263 -73.80 6.56 159.30
N GLN O 264 -74.68 5.65 159.75
CA GLN O 264 -74.27 4.61 160.68
C GLN O 264 -73.72 3.39 159.95
N ASP O 265 -72.80 3.66 159.03
CA ASP O 265 -71.78 2.73 158.58
C ASP O 265 -70.54 3.24 159.28
N PRO O 266 -70.27 2.78 160.51
CA PRO O 266 -69.37 3.53 161.40
C PRO O 266 -67.91 3.44 161.03
N ASP O 267 -67.53 2.55 160.11
CA ASP O 267 -66.14 2.43 159.70
C ASP O 267 -65.65 3.70 159.01
N VAL O 268 -66.43 4.24 158.07
CA VAL O 268 -66.01 5.44 157.38
C VAL O 268 -66.20 6.69 158.24
N ARG O 269 -67.12 6.66 159.20
CA ARG O 269 -67.24 7.77 160.13
C ARG O 269 -66.03 7.84 161.04
N GLU O 270 -65.56 6.69 161.54
CA GLU O 270 -64.33 6.67 162.30
C GLU O 270 -63.12 6.95 161.42
N PHE O 271 -63.21 6.66 160.11
CA PHE O 271 -62.14 7.04 159.20
C PHE O 271 -62.04 8.55 159.08
N LEU O 272 -63.20 9.22 159.04
CA LEU O 272 -63.20 10.67 158.96
C LEU O 272 -62.78 11.34 160.26
N GLU O 273 -63.24 10.84 161.41
CA GLU O 273 -62.98 11.51 162.67
C GLU O 273 -61.72 11.02 163.37
N LYS O 274 -60.88 10.24 162.69
CA LYS O 274 -59.57 9.86 163.23
C LYS O 274 -58.50 10.15 162.19
N GLU O 275 -57.26 9.85 162.55
CA GLU O 275 -56.08 10.16 161.74
C GLU O 275 -55.28 8.88 161.56
N GLU O 276 -55.37 8.30 160.37
CA GLU O 276 -54.62 7.09 160.03
C GLU O 276 -54.06 7.21 158.61
N LEU O 277 -53.87 8.46 158.16
CA LEU O 277 -53.73 9.00 156.80
C LEU O 277 -52.88 8.13 155.87
N PRO O 278 -53.36 7.89 154.65
CA PRO O 278 -52.58 7.09 153.70
C PRO O 278 -51.37 7.84 153.18
N ARG O 279 -50.51 7.11 152.47
CA ARG O 279 -49.27 7.65 151.93
C ARG O 279 -49.56 8.39 150.62
N ALA O 280 -48.50 8.87 149.97
CA ALA O 280 -48.60 9.82 148.87
C ALA O 280 -48.66 9.15 147.49
N VAL O 281 -49.25 7.95 147.38
CA VAL O 281 -49.30 7.23 146.12
C VAL O 281 -50.62 7.49 145.39
N GLY O 282 -51.32 8.56 145.78
CA GLY O 282 -52.65 8.81 145.26
C GLY O 282 -52.75 9.48 143.90
N THR O 283 -51.72 9.36 143.07
CA THR O 283 -51.73 9.88 141.70
C THR O 283 -51.42 8.74 140.75
N GLN O 284 -52.46 8.08 140.25
CA GLN O 284 -52.30 6.99 139.30
C GLN O 284 -53.54 6.93 138.41
N ALA O 285 -53.52 6.02 137.45
CA ALA O 285 -54.65 5.83 136.53
C ALA O 285 -54.91 4.33 136.41
N LEU O 286 -56.04 3.89 136.95
CA LEU O 286 -56.49 2.50 136.88
C LEU O 286 -57.99 2.42 136.61
N SER O 287 -58.47 3.21 135.66
CA SER O 287 -59.90 3.37 135.38
C SER O 287 -60.42 2.32 134.40
N GLY O 288 -59.79 1.13 134.40
CA GLY O 288 -60.21 0.03 133.54
C GLY O 288 -61.62 -0.46 133.79
N ALA O 289 -62.19 -0.19 134.97
CA ALA O 289 -63.62 -0.42 135.16
C ALA O 289 -64.45 0.47 134.24
N GLY O 290 -64.10 1.75 134.16
CA GLY O 290 -64.74 2.64 133.19
C GLY O 290 -64.46 2.25 131.76
N LEU O 291 -63.29 1.67 131.50
CA LEU O 291 -63.02 1.09 130.18
C LEU O 291 -63.97 -0.05 129.85
N LEU O 292 -64.22 -0.95 130.81
CA LEU O 292 -65.20 -2.02 130.59
C LEU O 292 -66.62 -1.50 130.48
N LYS O 293 -66.92 -0.36 131.11
CA LYS O 293 -68.21 0.29 130.87
C LYS O 293 -68.31 0.79 129.44
N MET O 294 -67.22 1.36 128.91
CA MET O 294 -67.18 1.77 127.51
C MET O 294 -67.26 0.57 126.56
N PHE O 295 -66.74 -0.58 126.98
CA PHE O 295 -66.94 -1.80 126.18
C PHE O 295 -68.39 -2.25 126.19
N ASN O 296 -69.05 -2.21 127.35
CA ASN O 296 -70.41 -2.71 127.47
C ASN O 296 -71.45 -1.72 126.94
N LYS O 297 -71.02 -0.50 126.61
CA LYS O 297 -71.90 0.49 125.98
C LYS O 297 -72.49 0.00 124.67
N ALA O 298 -71.77 -0.87 123.95
CA ALA O 298 -72.30 -1.43 122.71
C ALA O 298 -73.47 -2.37 122.98
N THR O 299 -73.42 -3.13 124.07
CA THR O 299 -74.56 -3.97 124.46
C THR O 299 -75.69 -3.10 125.00
N ASP O 300 -75.34 -1.98 125.65
CA ASP O 300 -76.36 -1.04 126.12
C ASP O 300 -77.15 -0.46 124.95
N ALA O 301 -76.44 -0.12 123.86
CA ALA O 301 -77.06 0.52 122.70
C ALA O 301 -78.00 -0.41 121.94
N VAL O 302 -77.87 -1.73 122.12
CA VAL O 302 -78.80 -2.67 121.48
C VAL O 302 -79.83 -3.22 122.46
N SER O 303 -79.63 -3.06 123.78
CA SER O 303 -80.63 -3.53 124.73
C SER O 303 -81.55 -2.43 125.26
N LYS O 304 -81.24 -1.16 124.95
CA LYS O 304 -81.95 -0.04 125.58
C LYS O 304 -83.45 -0.02 125.29
N MET O 305 -83.90 -0.61 124.17
CA MET O 305 -85.34 -0.68 123.90
C MET O 305 -86.04 -1.64 124.85
N THR O 306 -85.44 -2.83 125.05
CA THR O 306 -85.95 -3.78 126.03
C THR O 306 -85.85 -3.26 127.45
N ILE O 307 -84.94 -2.32 127.71
CA ILE O 307 -85.06 -1.54 128.94
C ILE O 307 -86.30 -0.65 128.90
N LYS O 308 -86.51 0.06 127.79
CA LYS O 308 -87.59 1.05 127.68
C LYS O 308 -89.00 0.47 127.70
N MET O 309 -89.17 -0.86 127.65
CA MET O 309 -90.51 -1.40 127.72
C MET O 309 -91.13 -1.40 129.13
N ASN O 310 -90.42 -0.90 130.14
CA ASN O 310 -90.88 -0.94 131.52
C ASN O 310 -91.88 0.19 131.81
N GLU O 311 -92.14 0.42 133.10
CA GLU O 311 -93.10 1.41 133.57
C GLU O 311 -92.49 2.47 134.50
N SER O 312 -91.46 2.12 135.27
CA SER O 312 -90.84 3.11 136.14
C SER O 312 -90.08 4.17 135.33
N ASP O 313 -89.48 3.77 134.22
CA ASP O 313 -88.83 4.74 133.35
C ASP O 313 -89.85 5.59 132.61
N ILE O 314 -91.10 5.14 132.53
CA ILE O 314 -92.17 6.00 132.04
C ILE O 314 -92.46 7.10 133.06
N TRP O 315 -92.22 6.81 134.34
CA TRP O 315 -92.23 7.88 135.33
C TRP O 315 -90.93 8.70 135.30
N PHE O 316 -89.85 8.14 134.77
CA PHE O 316 -88.54 8.75 134.95
C PHE O 316 -88.05 9.57 133.77
N GLU O 317 -88.40 9.22 132.52
CA GLU O 317 -87.69 9.75 131.36
C GLU O 317 -88.01 11.21 131.09
N GLU O 318 -89.13 11.72 131.65
CA GLU O 318 -89.42 13.14 131.60
C GLU O 318 -88.33 13.93 132.30
N LYS O 319 -87.87 13.41 133.44
CA LYS O 319 -86.74 14.01 134.14
C LYS O 319 -85.47 13.90 133.33
N LEU O 320 -85.34 12.84 132.51
CA LEU O 320 -84.15 12.66 131.69
C LEU O 320 -84.05 13.73 130.61
N GLN O 321 -85.13 13.91 129.83
CA GLN O 321 -85.13 14.93 128.78
C GLN O 321 -85.10 16.34 129.37
N GLU O 322 -85.79 16.52 130.50
CA GLU O 322 -85.80 17.80 131.19
C GLU O 322 -84.40 18.16 131.68
N VAL O 323 -83.69 17.20 132.29
CA VAL O 323 -82.37 17.50 132.79
C VAL O 323 -81.38 17.58 131.65
N GLU O 324 -81.70 17.02 130.47
CA GLU O 324 -80.85 17.22 129.30
C GLU O 324 -80.91 18.67 128.81
N CYS O 325 -82.12 19.22 128.68
CA CYS O 325 -82.18 20.62 128.27
C CYS O 325 -81.67 21.55 129.36
N GLU O 326 -81.86 21.16 130.63
CA GLU O 326 -81.29 21.93 131.74
C GLU O 326 -79.77 21.91 131.72
N GLU O 327 -79.15 20.75 131.47
CA GLU O 327 -77.69 20.70 131.50
C GLU O 327 -77.10 21.42 130.31
N GLN O 328 -77.79 21.40 129.17
CA GLN O 328 -77.35 22.18 128.01
C GLN O 328 -77.36 23.68 128.31
N ARG O 329 -78.49 24.15 128.87
CA ARG O 329 -78.62 25.61 129.13
C ARG O 329 -77.81 26.04 130.35
N LEU O 330 -77.43 25.11 131.24
CA LEU O 330 -76.57 25.55 132.38
C LEU O 330 -75.08 25.47 131.99
N ARG O 331 -74.71 24.60 131.05
CA ARG O 331 -73.29 24.59 130.60
C ARG O 331 -73.05 25.82 129.72
N LYS O 332 -74.09 26.28 128.99
CA LYS O 332 -73.97 27.51 128.24
C LYS O 332 -73.92 28.73 129.14
N LEU O 333 -74.80 28.78 130.15
CA LEU O 333 -74.78 29.88 131.11
C LEU O 333 -73.48 29.87 131.94
N HIS O 334 -72.87 28.58 132.34
CA HIS O 334 -71.54 28.42 132.96
C HIS O 334 -70.47 29.12 132.13
N ALA O 335 -70.48 28.87 130.81
CA ALA O 335 -69.48 29.45 129.93
C ALA O 335 -69.61 30.97 129.86
N VAL O 336 -70.83 31.49 129.77
CA VAL O 336 -70.99 32.94 129.67
C VAL O 336 -70.72 33.63 131.02
N VAL O 337 -71.01 32.96 132.13
CA VAL O 337 -70.65 33.46 133.47
C VAL O 337 -69.14 33.55 133.63
N GLU O 338 -68.41 32.52 133.20
CA GLU O 338 -66.95 32.59 133.29
C GLU O 338 -66.37 33.57 132.27
N THR O 339 -67.10 33.83 131.19
CA THR O 339 -66.73 34.90 130.28
C THR O 339 -66.86 36.27 130.96
N LEU O 340 -67.88 36.45 131.81
CA LEU O 340 -67.95 37.67 132.60
C LEU O 340 -66.84 37.72 133.66
N VAL O 341 -66.46 36.57 134.20
CA VAL O 341 -65.39 36.53 135.20
C VAL O 341 -64.07 36.94 134.57
N ASN O 342 -63.81 36.51 133.34
CA ASN O 342 -62.68 37.03 132.58
C ASN O 342 -62.85 38.53 132.29
N HIS O 343 -64.18 39.00 131.82
CA HIS O 343 -64.53 40.38 131.40
C HIS O 343 -64.22 41.41 132.48
N ARG O 344 -64.55 41.08 133.74
CA ARG O 344 -64.44 42.05 134.83
C ARG O 344 -62.98 42.40 135.11
N LYS O 345 -62.03 41.55 134.74
CA LYS O 345 -60.63 41.81 135.06
C LYS O 345 -60.10 42.98 134.23
N GLU O 346 -60.33 42.95 132.92
CA GLU O 346 -59.97 44.11 132.12
C GLU O 346 -60.91 45.29 132.36
N LEU O 347 -62.14 45.04 132.85
CA LEU O 347 -62.96 46.15 133.35
C LEU O 347 -62.26 46.89 134.49
N ALA O 348 -61.77 46.12 135.47
CA ALA O 348 -61.14 46.69 136.65
C ALA O 348 -59.81 47.35 136.33
N LEU O 349 -59.03 46.72 135.43
CA LEU O 349 -57.78 47.33 135.00
C LEU O 349 -58.02 48.60 134.19
N ASN O 350 -59.08 48.60 133.36
CA ASN O 350 -59.42 49.76 132.56
C ASN O 350 -59.84 50.94 133.43
N THR O 351 -60.71 50.71 134.41
CA THR O 351 -61.13 51.79 135.30
C THR O 351 -60.06 52.19 136.31
N ALA O 352 -59.17 51.26 136.69
CA ALA O 352 -58.04 51.62 137.55
C ALA O 352 -57.05 52.49 136.79
N LEU O 353 -56.76 52.16 135.53
CA LEU O 353 -55.93 53.04 134.72
C LEU O 353 -56.62 54.34 134.36
N PHE O 354 -57.96 54.36 134.37
CA PHE O 354 -58.68 55.63 134.29
C PHE O 354 -58.42 56.50 135.50
N ALA O 355 -58.44 55.92 136.70
CA ALA O 355 -58.13 56.71 137.90
C ALA O 355 -56.68 57.15 137.92
N LYS O 356 -55.78 56.29 137.44
CA LYS O 356 -54.39 56.68 137.28
C LYS O 356 -54.21 57.78 136.25
N SER O 357 -54.98 57.77 135.17
CA SER O 357 -54.90 58.83 134.18
C SER O 357 -55.55 60.12 134.67
N LEU O 358 -56.53 60.00 135.56
CA LEU O 358 -57.02 61.17 136.29
C LEU O 358 -55.90 61.79 137.10
N ALA O 359 -55.15 60.95 137.83
CA ALA O 359 -54.00 61.42 138.60
C ALA O 359 -52.91 61.98 137.71
N MET O 360 -52.77 61.45 136.50
CA MET O 360 -51.81 62.00 135.55
C MET O 360 -52.23 63.37 135.05
N LEU O 361 -53.40 63.45 134.40
CA LEU O 361 -53.82 64.66 133.73
C LEU O 361 -54.32 65.73 134.71
N GLY O 362 -54.44 65.41 135.99
CA GLY O 362 -54.67 66.44 136.99
C GLY O 362 -53.42 67.18 137.40
N SER O 363 -52.27 66.84 136.81
CA SER O 363 -51.08 67.64 137.00
C SER O 363 -51.07 68.82 136.03
N SER O 364 -50.09 69.71 136.21
CA SER O 364 -49.84 70.88 135.36
C SER O 364 -51.05 71.83 135.33
N GLU O 365 -51.74 71.94 136.46
CA GLU O 365 -52.93 72.78 136.55
C GLU O 365 -53.10 73.21 137.99
N ASP O 366 -53.66 74.42 138.16
CA ASP O 366 -54.01 74.94 139.49
C ASP O 366 -55.49 75.27 139.47
N ASN O 367 -56.31 74.25 139.67
CA ASN O 367 -57.75 74.36 139.89
C ASN O 367 -58.15 73.45 141.03
N THR O 368 -57.45 73.60 142.16
CA THR O 368 -57.27 72.64 143.26
C THR O 368 -58.51 71.88 143.73
N ALA O 369 -59.70 72.42 143.48
CA ALA O 369 -60.92 71.62 143.52
C ALA O 369 -60.83 70.41 142.60
N LEU O 370 -60.20 70.57 141.44
CA LEU O 370 -59.95 69.41 140.58
C LEU O 370 -58.99 68.43 141.23
N SER O 371 -58.03 68.92 142.03
CA SER O 371 -57.10 68.02 142.72
C SER O 371 -57.81 67.22 143.80
N ARG O 372 -58.69 67.86 144.56
CA ARG O 372 -59.52 67.13 145.52
C ARG O 372 -60.48 66.17 144.82
N ALA O 373 -60.94 66.54 143.62
CA ALA O 373 -61.80 65.66 142.82
C ALA O 373 -61.06 64.41 142.39
N LEU O 374 -59.79 64.56 141.97
CA LEU O 374 -58.90 63.42 141.74
C LEU O 374 -58.76 62.54 142.96
N SER O 375 -58.41 63.15 144.10
CA SER O 375 -58.12 62.39 145.32
C SER O 375 -59.34 61.69 145.90
N GLN O 376 -60.55 62.15 145.57
CA GLN O 376 -61.77 61.49 145.99
C GLN O 376 -62.28 60.48 144.96
N LEU O 377 -62.19 60.82 143.67
CA LEU O 377 -62.66 59.95 142.59
C LEU O 377 -61.83 58.69 142.41
N ALA O 378 -60.50 58.78 142.56
CA ALA O 378 -59.67 57.58 142.43
C ALA O 378 -60.03 56.55 143.47
N GLU O 379 -60.19 56.98 144.73
CA GLU O 379 -60.49 56.02 145.78
C GLU O 379 -61.94 55.52 145.73
N VAL O 380 -62.91 56.33 145.30
CA VAL O 380 -64.26 55.76 145.19
C VAL O 380 -64.37 54.85 143.98
N GLU O 381 -63.59 55.12 142.91
CA GLU O 381 -63.50 54.17 141.82
C GLU O 381 -62.91 52.85 142.29
N GLU O 382 -61.90 52.92 143.17
CA GLU O 382 -61.33 51.68 143.69
C GLU O 382 -62.31 50.95 144.61
N LYS O 383 -63.18 51.69 145.31
CA LYS O 383 -64.24 51.05 146.09
C LYS O 383 -65.22 50.29 145.19
N ILE O 384 -65.67 50.92 144.12
CA ILE O 384 -66.54 50.26 143.14
C ILE O 384 -65.83 49.08 142.50
N GLU O 385 -64.53 49.24 142.26
CA GLU O 385 -63.69 48.21 141.65
C GLU O 385 -63.65 46.96 142.51
N GLN O 386 -63.27 47.11 143.79
CA GLN O 386 -63.20 45.97 144.69
C GLN O 386 -64.58 45.38 144.97
N LEU O 387 -65.63 46.22 144.96
CA LEU O 387 -66.98 45.74 145.24
C LEU O 387 -67.46 44.78 144.15
N HIS O 388 -67.50 45.26 142.90
CA HIS O 388 -67.98 44.37 141.86
C HIS O 388 -66.95 43.30 141.52
N GLN O 389 -65.68 43.51 141.90
CA GLN O 389 -64.67 42.48 141.72
C GLN O 389 -64.92 41.30 142.66
N GLU O 390 -65.18 41.58 143.94
CA GLU O 390 -65.38 40.47 144.87
C GLU O 390 -66.70 39.76 144.59
N GLN O 391 -67.74 40.50 144.19
CA GLN O 391 -68.97 39.83 143.77
C GLN O 391 -68.74 38.96 142.54
N ALA O 392 -68.19 39.60 141.49
CA ALA O 392 -67.98 39.04 140.16
C ALA O 392 -67.10 37.81 140.17
N ASN O 393 -66.12 37.72 141.07
CA ASN O 393 -65.50 36.40 141.14
C ASN O 393 -66.34 35.49 142.03
N ASN O 394 -66.44 35.79 143.35
CA ASN O 394 -66.63 34.71 144.33
C ASN O 394 -67.97 34.01 144.14
N ASP O 395 -69.03 34.79 143.89
CA ASP O 395 -70.30 34.09 143.81
C ASP O 395 -70.51 33.41 142.47
N PHE O 396 -69.96 34.01 141.41
CA PHE O 396 -70.09 33.44 140.08
C PHE O 396 -69.36 32.11 139.97
N PHE O 397 -68.11 32.06 140.45
CA PHE O 397 -67.33 30.81 140.30
C PHE O 397 -67.79 29.77 141.35
N LEU O 398 -68.48 30.22 142.42
CA LEU O 398 -69.03 29.27 143.40
C LEU O 398 -70.29 28.65 142.81
N LEU O 399 -71.16 29.47 142.22
CA LEU O 399 -72.37 28.93 141.55
C LEU O 399 -71.91 28.03 140.39
N ALA O 400 -70.73 28.33 139.82
CA ALA O 400 -70.19 27.50 138.76
C ALA O 400 -69.71 26.15 139.27
N GLU O 401 -69.04 26.13 140.43
CA GLU O 401 -68.67 24.86 141.07
C GLU O 401 -69.90 24.08 141.50
N LEU O 402 -70.94 24.81 141.95
CA LEU O 402 -72.20 24.20 142.34
C LEU O 402 -72.85 23.45 141.18
N LEU O 403 -72.98 24.13 140.04
CA LEU O 403 -73.52 23.44 138.87
C LEU O 403 -72.56 22.38 138.34
N SER O 404 -71.25 22.53 138.57
CA SER O 404 -70.29 21.57 138.05
C SER O 404 -70.35 20.24 138.79
N ASP O 405 -70.28 20.26 140.12
CA ASP O 405 -70.44 19.00 140.81
C ASP O 405 -71.90 18.55 140.85
N TYR O 406 -72.86 19.44 140.54
CA TYR O 406 -74.21 18.99 140.24
C TYR O 406 -74.26 18.15 138.97
N ILE O 407 -73.53 18.57 137.93
CA ILE O 407 -73.38 17.78 136.71
C ILE O 407 -72.67 16.47 137.01
N ARG O 408 -71.71 16.49 137.94
CA ARG O 408 -71.05 15.26 138.39
C ARG O 408 -72.06 14.32 139.03
N LEU O 409 -72.94 14.87 139.88
CA LEU O 409 -74.01 14.08 140.49
C LEU O 409 -74.96 13.52 139.45
N LEU O 410 -75.24 14.31 138.40
CA LEU O 410 -76.08 13.83 137.31
C LEU O 410 -75.42 12.68 136.56
N ALA O 411 -74.11 12.78 136.33
CA ALA O 411 -73.40 11.72 135.63
C ALA O 411 -73.34 10.44 136.46
N ILE O 412 -73.15 10.57 137.78
CA ILE O 412 -73.11 9.36 138.59
C ILE O 412 -74.50 8.77 138.80
N VAL O 413 -75.57 9.55 138.71
CA VAL O 413 -76.87 8.88 138.75
C VAL O 413 -77.26 8.29 137.39
N ARG O 414 -76.74 8.86 136.28
CA ARG O 414 -76.79 8.16 134.99
C ARG O 414 -76.15 6.79 135.11
N ALA O 415 -74.95 6.75 135.69
CA ALA O 415 -74.26 5.48 135.91
C ALA O 415 -75.00 4.59 136.91
N ALA O 416 -75.75 5.19 137.83
CA ALA O 416 -76.52 4.41 138.80
C ALA O 416 -77.64 3.62 138.13
N PHE O 417 -78.46 4.29 137.31
CA PHE O 417 -79.44 3.43 136.63
C PHE O 417 -78.84 2.68 135.44
N ASP O 418 -77.61 3.01 135.02
CA ASP O 418 -76.91 2.10 134.12
C ASP O 418 -76.53 0.80 134.82
N GLN O 419 -76.15 0.87 136.10
CA GLN O 419 -75.92 -0.34 136.87
C GLN O 419 -77.23 -1.09 137.10
N ARG O 420 -78.32 -0.36 137.30
CA ARG O 420 -79.64 -0.98 137.36
C ARG O 420 -79.98 -1.68 136.04
N MET O 421 -79.60 -1.07 134.92
CA MET O 421 -79.75 -1.68 133.60
C MET O 421 -78.93 -2.96 133.46
N LYS O 422 -77.69 -2.93 133.96
CA LYS O 422 -76.82 -4.09 133.84
C LYS O 422 -77.33 -5.24 134.69
N THR O 423 -77.78 -4.96 135.90
CA THR O 423 -78.39 -6.02 136.71
C THR O 423 -79.74 -6.46 136.17
N TRP O 424 -80.45 -5.56 135.47
CA TRP O 424 -81.67 -5.92 134.76
C TRP O 424 -81.39 -6.98 133.71
N GLN O 425 -80.42 -6.73 132.84
CA GLN O 425 -80.10 -7.73 131.83
C GLN O 425 -79.42 -8.96 132.43
N ARG O 426 -78.80 -8.83 133.61
CA ARG O 426 -78.30 -10.00 134.34
C ARG O 426 -79.44 -10.96 134.70
N TRP O 427 -80.49 -10.46 135.36
CA TRP O 427 -81.57 -11.40 135.67
C TRP O 427 -82.37 -11.77 134.42
N GLN O 428 -82.34 -10.91 133.40
CA GLN O 428 -83.03 -11.20 132.14
C GLN O 428 -82.42 -12.41 131.43
N ASP O 429 -81.12 -12.36 131.15
CA ASP O 429 -80.54 -13.53 130.50
C ASP O 429 -80.35 -14.68 131.48
N ALA O 430 -80.37 -14.42 132.79
CA ALA O 430 -80.40 -15.50 133.77
C ALA O 430 -81.68 -16.33 133.64
N GLN O 431 -82.85 -15.68 133.61
CA GLN O 431 -84.09 -16.43 133.46
C GLN O 431 -84.25 -17.00 132.05
N ALA O 432 -83.67 -16.33 131.05
CA ALA O 432 -83.69 -16.86 129.69
C ALA O 432 -82.94 -18.18 129.60
N THR O 433 -81.66 -18.18 130.02
CA THR O 433 -80.87 -19.41 130.03
C THR O 433 -81.44 -20.45 130.99
N LEU O 434 -82.05 -20.00 132.09
CA LEU O 434 -82.79 -20.87 133.00
C LEU O 434 -83.82 -21.70 132.26
N GLN O 435 -84.76 -21.00 131.60
CA GLN O 435 -85.84 -21.66 130.87
C GLN O 435 -85.29 -22.59 129.80
N LYS O 436 -84.32 -22.10 129.01
CA LYS O 436 -83.80 -22.89 127.89
C LYS O 436 -83.07 -24.14 128.34
N LYS O 437 -81.97 -24.00 129.09
CA LYS O 437 -81.18 -25.18 129.39
C LYS O 437 -81.83 -26.04 130.46
N ARG O 438 -82.66 -25.46 131.32
CA ARG O 438 -83.33 -26.27 132.33
C ARG O 438 -84.47 -27.08 131.74
N GLU O 439 -85.17 -26.56 130.73
CA GLU O 439 -86.12 -27.44 130.06
C GLU O 439 -85.42 -28.43 129.14
N SER O 440 -84.24 -28.09 128.61
CA SER O 440 -83.48 -29.09 127.84
C SER O 440 -83.01 -30.22 128.75
N GLU O 441 -82.71 -29.93 130.01
CA GLU O 441 -82.49 -30.98 130.99
C GLU O 441 -83.77 -31.75 131.30
N ALA O 442 -84.90 -31.04 131.39
CA ALA O 442 -86.14 -31.66 131.84
C ALA O 442 -86.74 -32.60 130.79
N ARG O 443 -86.57 -32.30 129.51
CA ARG O 443 -87.22 -33.08 128.46
C ARG O 443 -86.60 -34.44 128.22
N LEU O 444 -85.45 -34.73 128.83
CA LEU O 444 -84.79 -36.02 128.67
C LEU O 444 -85.07 -36.96 129.84
N LEU O 445 -86.29 -36.92 130.39
CA LEU O 445 -86.64 -37.65 131.59
C LEU O 445 -86.75 -39.15 131.39
N TRP O 446 -87.10 -39.62 130.20
CA TRP O 446 -87.30 -41.05 129.98
C TRP O 446 -85.99 -41.81 129.80
N ALA O 447 -84.88 -41.11 129.60
CA ALA O 447 -83.60 -41.69 129.94
C ALA O 447 -83.61 -41.82 131.46
N ASN O 448 -83.80 -43.04 131.97
CA ASN O 448 -84.29 -43.27 133.32
C ASN O 448 -83.20 -42.97 134.34
N LYS O 449 -83.01 -41.68 134.59
CA LYS O 449 -82.14 -41.18 135.66
C LYS O 449 -82.83 -39.98 136.28
N PRO O 450 -83.57 -40.18 137.38
CA PRO O 450 -84.34 -39.07 137.97
C PRO O 450 -83.49 -38.06 138.71
N ASP O 451 -82.18 -38.31 138.88
CA ASP O 451 -81.31 -37.37 139.57
C ASP O 451 -81.14 -36.09 138.76
N LYS O 452 -81.15 -36.22 137.43
CA LYS O 452 -81.15 -35.05 136.56
C LYS O 452 -82.42 -34.24 136.74
N LEU O 453 -83.56 -34.92 136.93
CA LEU O 453 -84.81 -34.23 137.19
C LEU O 453 -84.78 -33.53 138.54
N GLN O 454 -84.15 -34.15 139.54
CA GLN O 454 -84.06 -33.55 140.87
C GLN O 454 -83.18 -32.31 140.85
N GLN O 455 -82.02 -32.38 140.20
CA GLN O 455 -81.16 -31.21 140.14
C GLN O 455 -81.73 -30.12 139.26
N ALA O 456 -82.47 -30.48 138.19
CA ALA O 456 -83.14 -29.47 137.38
C ALA O 456 -84.27 -28.80 138.15
N LYS O 457 -84.97 -29.56 139.00
CA LYS O 457 -86.00 -28.98 139.85
C LYS O 457 -85.40 -28.02 140.87
N ASP O 458 -84.26 -28.40 141.45
CA ASP O 458 -83.58 -27.51 142.40
C ASP O 458 -83.09 -26.26 141.71
N GLU O 459 -82.58 -26.40 140.48
CA GLU O 459 -82.14 -25.27 139.68
C GLU O 459 -83.28 -24.30 139.40
N ILE O 460 -84.40 -24.81 138.85
CA ILE O 460 -85.51 -23.93 138.51
C ILE O 460 -86.11 -23.29 139.76
N THR O 461 -86.17 -24.04 140.87
CA THR O 461 -86.82 -23.54 142.08
C THR O 461 -86.00 -22.43 142.75
N GLU O 462 -84.76 -22.74 143.14
CA GLU O 462 -83.95 -21.75 143.85
C GLU O 462 -83.54 -20.61 142.93
N TRP O 463 -83.32 -20.89 141.65
CA TRP O 463 -82.93 -19.86 140.72
C TRP O 463 -84.07 -18.89 140.43
N GLU O 464 -85.32 -19.39 140.31
CA GLU O 464 -86.43 -18.46 140.12
C GLU O 464 -86.72 -17.69 141.40
N SER O 465 -86.49 -18.31 142.57
CA SER O 465 -86.70 -17.60 143.84
C SER O 465 -85.75 -16.43 143.96
N ARG O 466 -84.47 -16.66 143.65
CA ARG O 466 -83.51 -15.58 143.77
C ARG O 466 -83.67 -14.55 142.66
N VAL O 467 -84.12 -14.94 141.46
CA VAL O 467 -84.31 -13.95 140.39
C VAL O 467 -85.51 -13.06 140.67
N THR O 468 -86.62 -13.64 141.15
CA THR O 468 -87.77 -12.83 141.55
C THR O 468 -87.43 -11.95 142.75
N GLN O 469 -86.60 -12.47 143.67
CA GLN O 469 -86.06 -11.67 144.75
C GLN O 469 -85.26 -10.50 144.21
N TYR O 470 -84.48 -10.73 143.16
CA TYR O 470 -83.68 -9.69 142.53
C TYR O 470 -84.57 -8.60 141.94
N GLU O 471 -85.63 -8.97 141.21
CA GLU O 471 -86.38 -7.89 140.57
C GLU O 471 -87.27 -7.12 141.53
N ARG O 472 -87.79 -7.72 142.61
CA ARG O 472 -88.52 -6.82 143.50
C ARG O 472 -87.56 -6.08 144.44
N ASP O 473 -86.34 -6.59 144.64
CA ASP O 473 -85.32 -5.74 145.25
C ASP O 473 -84.91 -4.61 144.31
N PHE O 474 -85.05 -4.80 143.01
CA PHE O 474 -84.78 -3.70 142.08
C PHE O 474 -85.91 -2.69 142.13
N GLU O 475 -87.12 -3.15 142.40
CA GLU O 475 -88.21 -2.24 142.75
C GLU O 475 -87.90 -1.48 144.03
N ARG O 476 -87.28 -2.16 145.01
CA ARG O 476 -86.91 -1.50 146.26
C ARG O 476 -85.84 -0.44 146.05
N ILE O 477 -84.85 -0.74 145.21
CA ILE O 477 -83.81 0.26 144.98
C ILE O 477 -84.33 1.36 144.09
N SER O 478 -85.34 1.09 143.26
CA SER O 478 -86.00 2.16 142.52
C SER O 478 -86.74 3.10 143.46
N THR O 479 -87.38 2.55 144.50
CA THR O 479 -88.05 3.38 145.49
C THR O 479 -87.04 4.22 146.29
N VAL O 480 -85.91 3.63 146.66
CA VAL O 480 -84.95 4.43 147.44
C VAL O 480 -84.25 5.45 146.54
N VAL O 481 -84.15 5.17 145.24
CA VAL O 481 -83.70 6.17 144.28
C VAL O 481 -84.70 7.30 144.18
N ARG O 482 -86.00 7.00 144.21
CA ARG O 482 -87.00 8.06 144.15
C ARG O 482 -87.04 8.90 145.41
N LYS O 483 -86.79 8.29 146.58
CA LYS O 483 -86.62 9.08 147.80
C LYS O 483 -85.36 9.93 147.72
N GLU O 484 -84.31 9.42 147.10
CA GLU O 484 -83.12 10.24 146.85
C GLU O 484 -83.42 11.34 145.82
N VAL O 485 -84.36 11.10 144.90
CA VAL O 485 -84.78 12.11 143.95
C VAL O 485 -85.47 13.26 144.66
N THR O 486 -86.37 12.92 145.59
CA THR O 486 -86.99 13.92 146.46
C THR O 486 -85.92 14.66 147.28
N ARG O 487 -84.88 13.95 147.71
CA ARG O 487 -83.79 14.57 148.43
C ARG O 487 -83.03 15.56 147.54
N PHE O 488 -82.82 15.24 146.26
CA PHE O 488 -82.08 16.25 145.53
C PHE O 488 -82.95 17.30 144.89
N GLU O 489 -84.28 17.13 144.83
CA GLU O 489 -85.09 18.34 144.66
C GLU O 489 -85.10 19.18 145.93
N LYS O 490 -84.90 18.57 147.09
CA LYS O 490 -84.70 19.38 148.29
C LYS O 490 -83.39 20.16 148.21
N GLU O 491 -82.34 19.56 147.63
CA GLU O 491 -81.15 20.41 147.46
C GLU O 491 -81.26 21.34 146.25
N LYS O 492 -82.18 21.08 145.32
CA LYS O 492 -82.56 22.12 144.37
C LYS O 492 -83.13 23.32 145.10
N SER O 493 -84.01 23.07 146.06
CA SER O 493 -84.51 24.14 146.93
C SER O 493 -83.37 24.78 147.73
N LYS O 494 -82.38 23.99 148.13
CA LYS O 494 -81.28 24.50 148.95
C LYS O 494 -80.35 25.40 148.14
N ASP O 495 -80.00 25.00 146.92
CA ASP O 495 -79.05 25.84 146.19
C ASP O 495 -79.74 26.97 145.45
N PHE O 496 -81.04 26.82 145.14
CA PHE O 496 -81.84 27.99 144.79
C PHE O 496 -81.93 28.95 145.97
N LYS O 497 -82.05 28.43 147.18
CA LYS O 497 -81.96 29.26 148.38
C LYS O 497 -80.57 29.86 148.55
N ASN O 498 -79.52 29.18 148.08
CA ASN O 498 -78.20 29.78 148.10
C ASN O 498 -78.12 30.98 147.16
N HIS O 499 -78.74 30.89 145.99
CA HIS O 499 -78.82 32.09 145.16
C HIS O 499 -79.75 33.15 145.76
N VAL O 500 -80.78 32.72 146.49
CA VAL O 500 -81.68 33.66 147.16
C VAL O 500 -80.93 34.44 148.25
N MET O 501 -80.18 33.73 149.10
CA MET O 501 -79.37 34.41 150.11
C MET O 501 -78.20 35.15 149.48
N LYS O 502 -77.75 34.73 148.29
CA LYS O 502 -76.79 35.52 147.53
C LYS O 502 -77.35 36.89 147.18
N TYR O 503 -78.54 36.93 146.58
CA TYR O 503 -79.07 38.25 146.25
C TYR O 503 -79.53 39.00 147.51
N LEU O 504 -79.83 38.25 148.58
CA LEU O 504 -80.12 38.88 149.86
C LEU O 504 -78.91 39.66 150.39
N GLU O 505 -77.75 38.99 150.47
CA GLU O 505 -76.53 39.70 150.85
C GLU O 505 -76.07 40.67 149.78
N THR O 506 -76.46 40.47 148.52
CA THR O 506 -76.08 41.39 147.47
C THR O 506 -76.78 42.72 147.64
N LEU O 507 -78.10 42.69 147.78
CA LEU O 507 -78.87 43.88 148.08
C LEU O 507 -78.44 44.51 149.39
N LEU O 508 -78.21 43.68 150.42
CA LEU O 508 -77.74 44.15 151.71
C LEU O 508 -76.42 44.91 151.64
N HIS O 509 -75.34 44.24 151.22
CA HIS O 509 -74.03 44.88 151.28
C HIS O 509 -73.90 45.96 150.23
N SER O 510 -74.56 45.78 149.07
CA SER O 510 -74.58 46.80 148.04
C SER O 510 -75.25 48.06 148.55
N GLN O 511 -76.43 47.92 149.16
CA GLN O 511 -77.15 49.08 149.66
C GLN O 511 -76.41 49.73 150.82
N GLN O 512 -75.95 48.94 151.79
CA GLN O 512 -75.36 49.54 152.99
C GLN O 512 -74.00 50.17 152.68
N GLN O 513 -73.15 49.50 151.89
CA GLN O 513 -71.84 50.05 151.57
C GLN O 513 -71.98 51.22 150.61
N LEU O 514 -72.75 51.04 149.53
CA LEU O 514 -72.98 52.05 148.51
C LEU O 514 -73.59 53.32 149.10
N ALA O 515 -74.78 53.19 149.70
CA ALA O 515 -75.44 54.32 150.34
C ALA O 515 -74.68 54.82 151.57
N LYS O 516 -73.81 53.99 152.16
CA LYS O 516 -72.99 54.45 153.26
C LYS O 516 -71.95 55.46 152.79
N TYR O 517 -71.25 55.14 151.70
CA TYR O 517 -70.35 56.18 151.22
C TYR O 517 -71.07 57.27 150.43
N TRP O 518 -72.32 57.05 150.01
CA TRP O 518 -73.14 58.18 149.56
C TRP O 518 -73.40 59.17 150.69
N GLU O 519 -73.89 58.69 151.84
CA GLU O 519 -74.18 59.56 152.96
C GLU O 519 -72.94 59.98 153.73
N ALA O 520 -71.78 59.41 153.40
CA ALA O 520 -70.53 59.86 153.97
C ALA O 520 -69.75 60.76 153.03
N PHE O 521 -70.08 60.76 151.74
CA PHE O 521 -69.34 61.55 150.77
C PHE O 521 -70.14 62.68 150.15
N LEU O 522 -71.47 62.68 150.28
CA LEU O 522 -72.22 63.90 150.01
C LEU O 522 -72.01 65.01 151.06
N PRO O 523 -71.95 64.76 152.39
CA PRO O 523 -71.65 65.88 153.29
C PRO O 523 -70.24 66.45 153.13
N GLU O 524 -69.30 65.71 152.55
CA GLU O 524 -68.07 66.37 152.16
C GLU O 524 -68.20 66.98 150.77
N ALA O 525 -69.13 66.50 149.94
CA ALA O 525 -69.40 67.13 148.65
C ALA O 525 -70.52 68.15 148.73
N LYS O 526 -70.71 68.78 149.88
CA LYS O 526 -71.53 69.99 149.93
C LYS O 526 -70.93 71.07 149.04
N ALA O 527 -69.72 71.56 149.40
CA ALA O 527 -68.81 72.10 148.39
C ALA O 527 -67.37 71.87 148.85
N ILE O 528 -66.89 70.64 148.60
CA ILE O 528 -65.48 70.21 148.56
C ILE O 528 -65.51 69.00 147.62
N SER O 529 -64.65 68.97 146.63
CA SER O 529 -64.67 67.85 145.70
C SER O 529 -63.82 66.68 146.19
N PHE P 150 -77.45 84.52 129.82
CA PHE P 150 -76.57 85.26 128.92
C PHE P 150 -77.38 85.73 127.70
N ASP P 151 -76.88 86.78 127.04
CA ASP P 151 -77.55 87.43 125.92
C ASP P 151 -77.73 86.54 124.71
N LEU P 152 -76.90 85.51 124.55
CA LEU P 152 -77.01 84.58 123.43
C LEU P 152 -78.04 83.52 123.82
N THR P 153 -79.26 83.66 123.29
CA THR P 153 -80.33 82.70 123.52
C THR P 153 -80.77 82.19 122.14
N VAL P 154 -80.38 80.96 121.82
CA VAL P 154 -80.64 80.37 120.51
C VAL P 154 -81.37 79.05 120.69
N GLY P 155 -81.83 78.49 119.57
CA GLY P 155 -82.44 77.18 119.55
C GLY P 155 -82.30 76.50 118.20
N ILE P 156 -81.76 75.28 118.19
CA ILE P 156 -81.44 74.57 116.96
C ILE P 156 -82.22 73.26 116.95
N THR P 157 -83.12 73.11 115.98
CA THR P 157 -83.99 71.94 115.91
C THR P 157 -84.01 71.43 114.47
N ASP P 158 -84.86 70.42 114.25
CA ASP P 158 -85.28 69.84 112.97
C ASP P 158 -84.14 69.41 112.06
N PRO P 159 -83.51 68.27 112.32
CA PRO P 159 -82.50 67.76 111.39
C PRO P 159 -83.11 67.27 110.08
N GLU P 160 -83.36 68.21 109.16
CA GLU P 160 -84.08 67.92 107.92
C GLU P 160 -83.07 67.52 106.84
N LYS P 161 -83.27 66.34 106.26
CA LYS P 161 -82.36 65.78 105.27
C LYS P 161 -82.63 66.39 103.89
N ILE P 162 -81.62 66.30 103.02
CA ILE P 162 -81.67 66.96 101.72
C ILE P 162 -81.69 65.85 100.66
N GLY P 163 -82.29 64.71 101.01
CA GLY P 163 -82.45 63.61 100.08
C GLY P 163 -81.64 62.40 100.52
N ASP P 164 -81.22 61.61 99.53
CA ASP P 164 -80.53 60.36 99.76
C ASP P 164 -79.06 60.49 99.40
N GLY P 165 -78.23 59.80 100.17
CA GLY P 165 -76.80 59.78 99.99
C GLY P 165 -76.12 59.30 101.25
N MET P 166 -74.80 59.50 101.30
CA MET P 166 -74.01 59.16 102.49
C MET P 166 -73.16 60.36 102.86
N ASN P 167 -73.49 60.98 104.00
CA ASN P 167 -72.68 62.01 104.67
C ASN P 167 -72.50 63.27 103.81
N ALA P 168 -73.64 63.88 103.42
CA ALA P 168 -73.57 65.09 102.61
C ALA P 168 -74.14 66.32 103.28
N TYR P 169 -75.45 66.35 103.60
CA TYR P 169 -76.11 67.59 103.95
C TYR P 169 -77.38 67.31 104.73
N VAL P 170 -77.54 68.00 105.86
CA VAL P 170 -78.77 67.99 106.65
C VAL P 170 -79.08 69.42 107.08
N ALA P 171 -80.30 69.88 106.81
CA ALA P 171 -80.70 71.23 107.18
C ALA P 171 -81.00 71.34 108.67
N TYR P 172 -80.77 72.53 109.21
CA TYR P 172 -80.94 72.81 110.63
C TYR P 172 -81.89 73.98 110.82
N LYS P 173 -83.01 73.74 111.51
CA LYS P 173 -83.86 74.84 111.95
C LYS P 173 -83.22 75.52 113.16
N VAL P 174 -82.66 76.70 112.94
CA VAL P 174 -81.92 77.42 113.97
C VAL P 174 -82.69 78.68 114.30
N THR P 175 -83.29 78.72 115.48
CA THR P 175 -84.00 79.91 115.94
C THR P 175 -83.15 80.67 116.94
N THR P 176 -82.91 81.95 116.64
CA THR P 176 -82.01 82.79 117.43
C THR P 176 -82.81 83.96 118.02
N GLN P 177 -82.80 84.05 119.35
CA GLN P 177 -83.51 85.10 120.08
C GLN P 177 -82.52 85.99 120.85
N THR P 178 -81.43 86.37 120.19
CA THR P 178 -80.28 86.93 120.88
C THR P 178 -80.55 88.40 121.27
N SER P 179 -80.01 88.81 122.41
CA SER P 179 -79.93 90.21 122.82
C SER P 179 -78.76 90.90 122.14
N LEU P 180 -78.32 92.06 122.68
CA LEU P 180 -77.15 92.81 122.22
C LEU P 180 -77.33 93.30 120.78
N PRO P 181 -77.99 94.47 120.58
CA PRO P 181 -78.68 94.79 119.32
C PRO P 181 -77.87 94.84 118.03
N MET P 182 -76.59 94.46 118.06
CA MET P 182 -75.91 94.02 116.85
C MET P 182 -76.62 92.84 116.20
N PHE P 183 -77.22 91.95 116.99
CA PHE P 183 -78.26 91.08 116.47
C PHE P 183 -79.50 91.93 116.20
N ARG P 184 -80.14 91.70 115.04
CA ARG P 184 -80.96 92.73 114.42
C ARG P 184 -82.26 92.99 115.18
N SER P 185 -83.14 92.00 115.27
CA SER P 185 -84.51 92.27 115.66
C SER P 185 -85.09 91.29 116.67
N ARG P 186 -84.25 90.63 117.48
CA ARG P 186 -84.61 89.78 118.63
C ARG P 186 -85.43 88.53 118.28
N GLN P 187 -85.74 88.32 117.00
CA GLN P 187 -86.58 87.20 116.57
C GLN P 187 -86.14 86.83 115.15
N PHE P 188 -85.16 85.92 115.06
CA PHE P 188 -84.75 85.32 113.81
C PHE P 188 -84.85 83.80 113.93
N ALA P 189 -85.08 83.16 112.78
CA ALA P 189 -85.19 81.71 112.70
C ALA P 189 -84.57 81.30 111.36
N VAL P 190 -83.29 80.96 111.39
CA VAL P 190 -82.56 80.70 110.15
C VAL P 190 -82.51 79.20 109.90
N LYS P 191 -82.58 78.83 108.62
CA LYS P 191 -82.40 77.45 108.18
C LYS P 191 -81.03 77.35 107.54
N ARG P 192 -80.12 76.66 108.21
CA ARG P 192 -78.73 76.62 107.79
C ARG P 192 -78.30 75.17 107.55
N ARG P 193 -77.70 74.92 106.39
CA ARG P 193 -77.15 73.61 106.06
C ARG P 193 -75.65 73.63 106.29
N PHE P 194 -75.16 72.63 107.03
CA PHE P 194 -73.73 72.53 107.27
C PHE P 194 -73.04 71.92 106.06
N SER P 195 -71.71 71.74 106.20
CA SER P 195 -70.76 71.43 105.12
C SER P 195 -70.77 72.49 104.01
N ASP P 196 -71.21 73.70 104.33
CA ASP P 196 -71.20 74.83 103.42
C ASP P 196 -70.53 76.05 104.05
N PHE P 197 -70.80 76.31 105.33
CA PHE P 197 -70.13 77.39 106.04
C PHE P 197 -68.89 76.95 106.80
N LEU P 198 -68.49 75.68 106.68
CA LEU P 198 -67.13 75.37 107.10
C LEU P 198 -66.13 75.84 106.04
N GLY P 199 -66.57 75.98 104.79
CA GLY P 199 -65.76 76.71 103.82
C GLY P 199 -65.67 78.20 104.15
N LEU P 200 -66.76 78.75 104.70
CA LEU P 200 -66.72 80.10 105.25
C LEU P 200 -65.78 80.16 106.44
N TYR P 201 -65.75 79.10 107.26
CA TYR P 201 -64.81 79.01 108.36
C TYR P 201 -63.38 78.90 107.88
N GLU P 202 -63.16 78.29 106.72
CA GLU P 202 -61.80 78.24 106.19
C GLU P 202 -61.41 79.56 105.53
N LYS P 203 -62.40 80.31 105.02
CA LYS P 203 -62.12 81.69 104.63
C LYS P 203 -61.75 82.52 105.85
N LEU P 204 -62.43 82.28 106.97
CA LEU P 204 -62.05 82.86 108.25
C LEU P 204 -60.65 82.42 108.68
N SER P 205 -60.30 81.17 108.38
CA SER P 205 -58.99 80.63 108.74
C SER P 205 -57.88 81.33 107.99
N GLU P 206 -58.02 81.44 106.68
CA GLU P 206 -57.02 82.17 105.90
C GLU P 206 -57.06 83.67 106.20
N LYS P 207 -58.23 84.20 106.58
CA LYS P 207 -58.35 85.60 106.95
C LYS P 207 -57.54 85.91 108.20
N HIS P 208 -57.73 85.13 109.27
CA HIS P 208 -56.92 85.38 110.45
C HIS P 208 -55.49 84.87 110.29
N SER P 209 -55.20 84.09 109.24
CA SER P 209 -53.80 83.87 108.91
C SER P 209 -53.17 85.16 108.40
N GLN P 210 -53.88 85.91 107.53
CA GLN P 210 -53.27 87.12 107.02
C GLN P 210 -53.34 88.29 107.99
N ASN P 211 -54.28 88.30 108.96
CA ASN P 211 -54.37 89.48 109.81
C ASN P 211 -54.36 89.19 111.30
N GLY P 212 -54.17 87.94 111.72
CA GLY P 212 -54.00 87.65 113.13
C GLY P 212 -55.24 87.79 113.98
N PHE P 213 -56.41 87.41 113.45
CA PHE P 213 -57.64 87.47 114.21
C PHE P 213 -57.88 86.15 114.95
N ILE P 214 -59.08 85.97 115.48
CA ILE P 214 -59.42 84.84 116.34
C ILE P 214 -60.73 84.23 115.85
N VAL P 215 -60.68 82.92 115.55
CA VAL P 215 -61.88 82.18 115.08
C VAL P 215 -62.42 81.35 116.24
N PRO P 216 -63.70 80.94 116.23
CA PRO P 216 -64.27 80.11 117.30
C PRO P 216 -64.21 78.59 117.01
N PRO P 217 -64.58 77.71 117.96
CA PRO P 217 -64.66 76.25 117.73
C PRO P 217 -65.25 75.78 116.38
N PRO P 218 -64.95 74.55 115.91
CA PRO P 218 -65.37 74.13 114.58
C PRO P 218 -66.87 74.01 114.29
N PRO P 219 -67.34 74.46 113.11
CA PRO P 219 -68.73 74.23 112.71
C PRO P 219 -68.63 72.88 111.99
N GLU P 220 -68.31 71.80 112.72
CA GLU P 220 -68.05 70.46 112.12
C GLU P 220 -68.94 70.14 110.92
N LYS P 221 -68.32 69.68 109.83
CA LYS P 221 -69.06 69.41 108.57
C LYS P 221 -69.41 67.92 108.47
N SER P 222 -69.72 67.44 107.27
CA SER P 222 -70.08 66.01 107.05
C SER P 222 -68.96 65.31 106.28
N LEU P 223 -69.31 64.38 105.39
CA LEU P 223 -68.31 63.53 104.72
C LEU P 223 -67.34 62.98 105.78
N ILE P 224 -67.94 62.54 106.89
CA ILE P 224 -67.18 62.03 108.02
C ILE P 224 -67.59 60.61 108.41
N GLY P 225 -68.77 60.14 107.99
CA GLY P 225 -69.23 58.83 108.44
C GLY P 225 -68.50 57.68 107.78
N MET P 226 -68.20 57.83 106.49
CA MET P 226 -67.50 56.79 105.74
C MET P 226 -66.11 57.23 105.29
N THR P 227 -65.76 58.50 105.49
CA THR P 227 -64.45 59.02 105.11
C THR P 227 -63.83 59.78 106.28
N LYS P 228 -62.49 59.76 106.34
CA LYS P 228 -61.64 60.67 107.11
C LYS P 228 -61.67 60.40 108.62
N VAL P 229 -62.59 59.54 109.07
CA VAL P 229 -62.76 59.21 110.49
C VAL P 229 -62.60 57.70 110.61
N LYS P 230 -62.01 57.25 111.72
CA LYS P 230 -61.61 55.85 111.89
C LYS P 230 -62.25 55.13 113.08
N VAL P 231 -63.58 55.07 113.21
CA VAL P 231 -64.61 55.30 112.19
C VAL P 231 -65.79 56.06 112.80
N GLY P 232 -66.84 56.28 112.00
CA GLY P 232 -68.05 56.90 112.49
C GLY P 232 -69.32 56.15 112.11
N LYS P 233 -70.32 56.15 112.99
CA LYS P 233 -71.56 55.40 112.78
C LYS P 233 -72.73 56.36 112.65
N GLU P 234 -73.64 56.04 111.73
CA GLU P 234 -74.72 56.96 111.37
C GLU P 234 -76.00 56.77 112.18
N ASP P 235 -76.27 55.55 112.67
CA ASP P 235 -77.43 55.36 113.53
C ASP P 235 -77.24 56.04 114.88
N SER P 236 -76.01 56.06 115.38
CA SER P 236 -75.65 56.91 116.50
C SER P 236 -75.54 58.37 116.11
N SER P 237 -75.39 58.67 114.83
CA SER P 237 -75.31 60.06 114.41
C SER P 237 -76.67 60.70 114.26
N SER P 238 -77.68 59.88 113.89
CA SER P 238 -78.98 60.25 113.31
C SER P 238 -79.69 61.43 113.96
N ALA P 239 -79.51 61.59 115.27
CA ALA P 239 -79.85 62.84 115.92
C ALA P 239 -78.71 63.27 116.83
N GLU P 240 -77.93 62.29 117.31
CA GLU P 240 -77.07 62.55 118.45
C GLU P 240 -75.75 63.19 118.03
N PHE P 241 -75.15 62.76 116.92
CA PHE P 241 -73.97 63.50 116.49
C PHE P 241 -74.36 64.83 115.89
N LEU P 242 -75.61 64.99 115.46
CA LEU P 242 -76.12 66.30 115.11
C LEU P 242 -76.25 67.17 116.35
N GLU P 243 -76.58 66.57 117.49
CA GLU P 243 -76.50 67.30 118.75
C GLU P 243 -75.05 67.62 119.13
N LYS P 244 -74.10 66.78 118.71
CA LYS P 244 -72.69 67.12 118.92
C LYS P 244 -72.27 68.27 118.01
N ARG P 245 -72.84 68.34 116.81
CA ARG P 245 -72.68 69.52 115.96
C ARG P 245 -73.28 70.75 116.64
N ARG P 246 -74.42 70.57 117.32
CA ARG P 246 -75.03 71.66 118.06
C ARG P 246 -74.16 72.10 119.23
N ALA P 247 -73.45 71.17 119.85
CA ALA P 247 -72.55 71.52 120.95
C ALA P 247 -71.34 72.30 120.45
N ALA P 248 -70.73 71.82 119.35
CA ALA P 248 -69.62 72.54 118.73
C ALA P 248 -70.08 73.90 118.20
N LEU P 249 -71.32 73.99 117.74
CA LEU P 249 -71.87 75.25 117.28
C LEU P 249 -72.21 76.18 118.44
N GLU P 250 -72.55 75.63 119.60
CA GLU P 250 -72.77 76.48 120.76
C GLU P 250 -71.46 77.07 121.25
N ARG P 251 -70.39 76.26 121.21
CA ARG P 251 -69.07 76.78 121.55
C ARG P 251 -68.58 77.78 120.50
N TYR P 252 -68.93 77.53 119.24
CA TYR P 252 -68.75 78.48 118.16
C TYR P 252 -69.42 79.83 118.47
N LEU P 253 -70.67 79.78 118.91
CA LEU P 253 -71.41 81.00 119.23
C LEU P 253 -70.82 81.73 120.42
N GLN P 254 -70.44 80.98 121.46
CA GLN P 254 -69.89 81.62 122.66
C GLN P 254 -68.55 82.28 122.38
N ARG P 255 -67.68 81.60 121.65
CA ARG P 255 -66.38 82.22 121.39
C ARG P 255 -66.41 83.21 120.23
N ILE P 256 -67.43 83.17 119.37
CA ILE P 256 -67.57 84.28 118.42
C ILE P 256 -68.14 85.50 119.11
N VAL P 257 -68.72 85.31 120.30
CA VAL P 257 -69.14 86.50 121.10
C VAL P 257 -67.90 86.93 121.87
N ASN P 258 -66.98 85.99 122.16
CA ASN P 258 -65.78 86.30 122.98
C ASN P 258 -64.83 87.28 122.28
N HIS P 259 -64.80 87.32 120.94
CA HIS P 259 -64.03 88.39 120.25
C HIS P 259 -65.07 89.42 119.82
N PRO P 260 -65.54 90.43 120.63
CA PRO P 260 -66.68 91.26 120.22
C PRO P 260 -66.34 92.30 119.15
N THR P 261 -65.11 92.80 119.16
CA THR P 261 -64.68 93.68 118.08
C THR P 261 -64.49 92.90 116.79
N MET P 262 -63.94 91.69 116.88
CA MET P 262 -63.83 90.81 115.73
C MET P 262 -65.16 90.14 115.40
N LEU P 263 -66.09 90.08 116.36
CA LEU P 263 -67.47 89.79 116.05
C LEU P 263 -68.10 90.89 115.20
N GLN P 264 -67.63 92.12 115.34
CA GLN P 264 -68.07 93.21 114.47
C GLN P 264 -67.25 93.27 113.18
N ASP P 265 -67.12 92.11 112.55
CA ASP P 265 -66.85 91.95 111.12
C ASP P 265 -68.21 91.54 110.58
N PRO P 266 -69.08 92.50 110.24
CA PRO P 266 -70.52 92.21 110.13
C PRO P 266 -70.91 91.38 108.92
N ASP P 267 -70.00 91.20 107.96
CA ASP P 267 -70.30 90.39 106.78
C ASP P 267 -70.58 88.95 107.15
N VAL P 268 -69.72 88.34 107.97
CA VAL P 268 -69.93 86.95 108.35
C VAL P 268 -71.03 86.79 109.39
N ARG P 269 -71.30 87.84 110.18
CA ARG P 269 -72.43 87.78 111.10
C ARG P 269 -73.75 87.79 110.33
N GLU P 270 -73.85 88.63 109.30
CA GLU P 270 -75.02 88.60 108.42
C GLU P 270 -75.05 87.32 107.59
N PHE P 271 -73.89 86.72 107.32
CA PHE P 271 -73.88 85.43 106.65
C PHE P 271 -74.49 84.35 107.53
N LEU P 272 -74.20 84.40 108.83
CA LEU P 272 -74.77 83.43 109.75
C LEU P 272 -76.25 83.67 110.01
N GLU P 273 -76.67 84.93 110.18
CA GLU P 273 -78.05 85.19 110.55
C GLU P 273 -78.98 85.41 109.36
N LYS P 274 -78.53 85.09 108.15
CA LYS P 274 -79.40 85.11 106.98
C LYS P 274 -79.26 83.78 106.23
N GLU P 275 -80.01 83.66 105.13
CA GLU P 275 -80.10 82.43 104.35
C GLU P 275 -79.78 82.77 102.90
N GLU P 276 -78.59 82.42 102.46
CA GLU P 276 -78.17 82.63 101.07
C GLU P 276 -77.40 81.40 100.57
N LEU P 277 -77.70 80.24 101.17
CA LEU P 277 -76.98 78.97 101.25
C LEU P 277 -76.30 78.55 99.95
N PRO P 278 -75.04 78.13 100.02
CA PRO P 278 -74.34 77.69 98.80
C PRO P 278 -74.86 76.34 98.31
N ARG P 279 -74.42 75.98 97.11
CA ARG P 279 -74.85 74.76 96.45
C ARG P 279 -74.04 73.57 96.99
N ALA P 280 -74.26 72.39 96.42
CA ALA P 280 -73.78 71.13 96.97
C ALA P 280 -72.41 70.71 96.44
N VAL P 281 -71.53 71.65 96.11
CA VAL P 281 -70.23 71.30 95.54
C VAL P 281 -69.16 71.25 96.62
N GLY P 282 -69.58 71.14 97.88
CA GLY P 282 -68.66 71.22 99.00
C GLY P 282 -67.87 69.98 99.34
N THR P 283 -67.68 69.07 98.39
CA THR P 283 -66.87 67.86 98.57
C THR P 283 -65.80 67.84 97.49
N GLN P 284 -64.63 68.38 97.81
CA GLN P 284 -63.51 68.40 96.88
C GLN P 284 -62.21 68.41 97.68
N ALA P 285 -61.09 68.36 96.97
CA ALA P 285 -59.76 68.38 97.59
C ALA P 285 -58.89 69.36 96.82
N LEU P 286 -58.57 70.49 97.46
CA LEU P 286 -57.69 71.51 96.90
C LEU P 286 -56.72 72.05 97.95
N SER P 287 -56.11 71.14 98.72
CA SER P 287 -55.28 71.49 99.87
C SER P 287 -53.83 71.76 99.48
N GLY P 288 -53.61 72.22 98.25
CA GLY P 288 -52.28 72.55 97.75
C GLY P 288 -51.56 73.63 98.54
N ALA P 289 -52.30 74.47 99.28
CA ALA P 289 -51.66 75.37 100.23
C ALA P 289 -50.95 74.57 101.33
N GLY P 290 -51.61 73.56 101.88
CA GLY P 290 -50.95 72.67 102.82
C GLY P 290 -49.83 71.87 102.20
N LEU P 291 -49.96 71.56 100.90
CA LEU P 291 -48.83 70.96 100.18
C LEU P 291 -47.63 71.89 100.13
N LEU P 292 -47.84 73.18 99.86
CA LEU P 292 -46.74 74.14 99.88
C LEU P 292 -46.18 74.35 101.28
N LYS P 293 -47.02 74.18 102.31
CA LYS P 293 -46.50 74.17 103.69
C LYS P 293 -45.57 72.98 103.91
N MET P 294 -45.96 71.81 103.39
CA MET P 294 -45.09 70.64 103.47
C MET P 294 -43.81 70.82 102.65
N PHE P 295 -43.87 71.59 101.56
CA PHE P 295 -42.64 71.93 100.84
C PHE P 295 -41.75 72.86 101.65
N ASN P 296 -42.33 73.87 102.31
CA ASN P 296 -41.54 74.85 103.04
C ASN P 296 -41.07 74.34 104.40
N LYS P 297 -41.56 73.17 104.82
CA LYS P 297 -41.10 72.54 106.05
C LYS P 297 -39.59 72.25 106.03
N ALA P 298 -39.01 72.02 104.84
CA ALA P 298 -37.57 71.82 104.74
C ALA P 298 -36.80 73.10 105.06
N THR P 299 -37.33 74.25 104.65
CA THR P 299 -36.71 75.53 105.03
C THR P 299 -36.94 75.83 106.50
N ASP P 300 -38.09 75.38 107.04
CA ASP P 300 -38.36 75.53 108.47
C ASP P 300 -37.35 74.76 109.30
N ALA P 301 -37.02 73.54 108.87
CA ALA P 301 -36.11 72.67 109.61
C ALA P 301 -34.68 73.17 109.63
N VAL P 302 -34.29 74.06 108.71
CA VAL P 302 -32.96 74.65 108.75
C VAL P 302 -32.96 76.08 109.29
N SER P 303 -34.12 76.73 109.38
CA SER P 303 -34.16 78.08 109.94
C SER P 303 -34.60 78.12 111.40
N LYS P 304 -35.07 76.99 111.97
CA LYS P 304 -35.70 76.99 113.29
C LYS P 304 -34.76 77.46 114.41
N MET P 305 -33.43 77.30 114.25
CA MET P 305 -32.51 77.80 115.26
C MET P 305 -32.47 79.33 115.28
N THR P 306 -32.39 79.94 114.09
CA THR P 306 -32.47 81.39 113.98
C THR P 306 -33.82 81.93 114.39
N ILE P 307 -34.87 81.11 114.34
CA ILE P 307 -36.09 81.46 115.07
C ILE P 307 -35.85 81.41 116.57
N LYS P 308 -35.21 80.35 117.07
CA LYS P 308 -35.04 80.12 118.51
C LYS P 308 -34.11 81.11 119.20
N MET P 309 -33.43 81.99 118.47
CA MET P 309 -32.59 82.97 119.15
C MET P 309 -33.36 84.13 119.78
N ASN P 310 -34.68 84.16 119.68
CA ASN P 310 -35.49 85.28 120.16
C ASN P 310 -35.72 85.19 121.67
N GLU P 311 -36.68 85.98 122.17
CA GLU P 311 -37.00 86.07 123.59
C GLU P 311 -38.46 85.73 123.91
N SER P 312 -39.39 86.00 122.99
CA SER P 312 -40.79 85.66 123.26
C SER P 312 -41.00 84.15 123.27
N ASP P 313 -40.27 83.42 122.42
CA ASP P 313 -40.35 81.97 122.46
C ASP P 313 -39.67 81.40 123.70
N ILE P 314 -38.80 82.19 124.34
CA ILE P 314 -38.28 81.79 125.65
C ILE P 314 -39.41 81.88 126.69
N TRP P 315 -40.37 82.77 126.47
CA TRP P 315 -41.59 82.74 127.28
C TRP P 315 -42.54 81.64 126.82
N PHE P 316 -42.42 81.18 125.58
CA PHE P 316 -43.46 80.34 125.00
C PHE P 316 -43.15 78.84 125.01
N GLU P 317 -41.89 78.42 124.92
CA GLU P 317 -41.58 77.03 124.58
C GLU P 317 -41.85 76.08 125.74
N GLU P 318 -41.96 76.60 126.97
CA GLU P 318 -42.40 75.80 128.10
C GLU P 318 -43.80 75.28 127.85
N LYS P 319 -44.67 76.14 127.30
CA LYS P 319 -46.00 75.71 126.91
C LYS P 319 -45.96 74.71 125.78
N LEU P 320 -44.94 74.79 124.91
CA LEU P 320 -44.81 73.86 123.80
C LEU P 320 -44.50 72.45 124.30
N GLN P 321 -43.47 72.30 125.14
CA GLN P 321 -43.11 70.99 125.67
C GLN P 321 -44.19 70.47 126.61
N GLU P 322 -44.79 71.38 127.39
CA GLU P 322 -45.88 71.01 128.29
C GLU P 322 -47.08 70.49 127.52
N VAL P 323 -47.46 71.19 126.44
CA VAL P 323 -48.60 70.74 125.67
C VAL P 323 -48.26 69.51 124.85
N GLU P 324 -46.97 69.25 124.61
CA GLU P 324 -46.57 68.01 123.95
C GLU P 324 -46.81 66.81 124.86
N CYS P 325 -46.37 66.90 126.13
CA CYS P 325 -46.63 65.78 127.02
C CYS P 325 -48.11 65.67 127.36
N GLU P 326 -48.82 66.81 127.40
CA GLU P 326 -50.26 66.80 127.58
C GLU P 326 -50.99 66.13 126.42
N GLU P 327 -50.59 66.43 125.18
CA GLU P 327 -51.28 65.85 124.04
C GLU P 327 -50.99 64.36 123.92
N GLN P 328 -49.78 63.95 124.30
CA GLN P 328 -49.45 62.52 124.33
C GLN P 328 -50.32 61.78 125.33
N ARG P 329 -50.41 62.31 126.56
CA ARG P 329 -51.17 61.57 127.61
C ARG P 329 -52.68 61.73 127.40
N LEU P 330 -53.14 62.74 126.65
CA LEU P 330 -54.60 62.82 126.40
C LEU P 330 -54.99 61.98 125.18
N ARG P 331 -54.08 61.79 124.22
CA ARG P 331 -54.42 60.88 123.08
C ARG P 331 -54.40 59.45 123.59
N LYS P 332 -53.56 59.15 124.59
CA LYS P 332 -53.58 57.82 125.21
C LYS P 332 -54.83 57.61 126.06
N LEU P 333 -55.19 58.62 126.88
CA LEU P 333 -56.42 58.53 127.68
C LEU P 333 -57.67 58.50 126.78
N HIS P 334 -57.69 59.30 125.54
CA HIS P 334 -58.74 59.21 124.50
C HIS P 334 -58.93 57.78 124.04
N ALA P 335 -57.83 57.10 123.73
CA ALA P 335 -57.89 55.72 123.25
C ALA P 335 -58.44 54.78 124.31
N VAL P 336 -58.00 54.93 125.56
CA VAL P 336 -58.48 54.01 126.60
C VAL P 336 -59.93 54.33 127.00
N VAL P 337 -60.35 55.60 126.90
CA VAL P 337 -61.75 55.97 127.11
C VAL P 337 -62.64 55.35 126.05
N GLU P 338 -62.22 55.42 124.78
CA GLU P 338 -63.03 54.80 123.73
C GLU P 338 -62.96 53.27 123.80
N THR P 339 -61.90 52.73 124.40
CA THR P 339 -61.86 51.30 124.70
C THR P 339 -62.90 50.94 125.75
N LEU P 340 -63.13 51.81 126.73
CA LEU P 340 -64.24 51.58 127.67
C LEU P 340 -65.59 51.74 126.99
N VAL P 341 -65.69 52.65 126.01
CA VAL P 341 -66.95 52.86 125.29
C VAL P 341 -67.29 51.62 124.47
N ASN P 342 -66.29 50.98 123.87
CA ASN P 342 -66.49 49.67 123.24
C ASN P 342 -66.85 48.61 124.31
N HIS P 343 -66.04 48.59 125.58
CA HIS P 343 -66.17 47.61 126.67
C HIS P 343 -67.58 47.51 127.22
N ARG P 344 -68.23 48.68 127.41
CA ARG P 344 -69.54 48.72 128.05
C ARG P 344 -70.61 48.03 127.22
N LYS P 345 -70.41 47.92 125.91
CA LYS P 345 -71.44 47.34 125.05
C LYS P 345 -71.59 45.85 125.30
N GLU P 346 -70.46 45.12 125.30
CA GLU P 346 -70.54 43.72 125.69
C GLU P 346 -70.77 43.55 127.18
N LEU P 347 -70.45 44.55 128.02
CA LEU P 347 -70.92 44.53 129.41
C LEU P 347 -72.44 44.49 129.47
N ALA P 348 -73.09 45.38 128.72
CA ALA P 348 -74.54 45.52 128.76
C ALA P 348 -75.21 44.31 128.12
N LEU P 349 -74.65 43.79 127.03
CA LEU P 349 -75.19 42.57 126.42
C LEU P 349 -75.01 41.37 127.32
N ASN P 350 -73.87 41.29 128.03
CA ASN P 350 -73.60 40.20 128.95
C ASN P 350 -74.58 40.20 130.12
N THR P 351 -74.79 41.35 130.75
CA THR P 351 -75.74 41.42 131.85
C THR P 351 -77.19 41.34 131.41
N ALA P 352 -77.51 41.80 130.19
CA ALA P 352 -78.87 41.62 129.66
C ALA P 352 -79.16 40.15 129.39
N LEU P 353 -78.19 39.42 128.82
CA LEU P 353 -78.36 37.99 128.65
C LEU P 353 -78.31 37.25 129.97
N PHE P 354 -77.69 37.81 131.01
CA PHE P 354 -77.84 37.28 132.36
C PHE P 354 -79.28 37.39 132.85
N ALA P 355 -79.92 38.53 132.64
CA ALA P 355 -81.31 38.69 133.04
C ALA P 355 -82.22 37.77 132.22
N LYS P 356 -81.91 37.61 130.94
CA LYS P 356 -82.64 36.66 130.10
C LYS P 356 -82.42 35.22 130.56
N SER P 357 -81.22 34.89 131.02
CA SER P 357 -80.98 33.54 131.52
C SER P 357 -81.59 33.33 132.89
N LEU P 358 -81.74 34.39 133.68
CA LEU P 358 -82.58 34.34 134.88
C LEU P 358 -84.00 33.98 134.51
N ALA P 359 -84.55 34.65 133.49
CA ALA P 359 -85.89 34.35 133.01
C ALA P 359 -85.99 32.95 132.44
N MET P 360 -84.91 32.44 131.86
CA MET P 360 -84.89 31.06 131.37
C MET P 360 -84.91 30.07 132.51
N LEU P 361 -83.89 30.12 133.37
CA LEU P 361 -83.69 29.11 134.40
C LEU P 361 -84.66 29.27 135.57
N GLY P 362 -85.44 30.35 135.60
CA GLY P 362 -86.54 30.43 136.55
C GLY P 362 -87.78 29.69 136.12
N SER P 363 -87.73 29.02 134.97
CA SER P 363 -88.80 28.11 134.59
C SER P 363 -88.59 26.75 135.24
N SER P 364 -89.59 25.88 135.08
CA SER P 364 -89.57 24.49 135.55
C SER P 364 -89.37 24.39 137.07
N GLU P 365 -89.94 25.35 137.79
CA GLU P 365 -89.81 25.39 139.25
C GLU P 365 -91.01 26.13 139.82
N ASP P 366 -91.40 25.72 141.03
CA ASP P 366 -92.47 26.39 141.79
C ASP P 366 -91.87 26.82 143.12
N ASN P 367 -91.18 27.96 143.11
CA ASN P 367 -90.70 28.64 144.30
C ASN P 367 -90.98 30.13 144.14
N THR P 368 -92.24 30.45 143.84
CA THR P 368 -92.73 31.68 143.22
C THR P 368 -92.16 33.01 143.72
N ALA P 369 -91.63 33.02 144.95
CA ALA P 369 -90.73 34.09 145.37
C ALA P 369 -89.56 34.23 144.41
N LEU P 370 -89.04 33.11 143.91
CA LEU P 370 -88.01 33.17 142.87
C LEU P 370 -88.53 33.79 141.59
N SER P 371 -89.81 33.57 141.27
CA SER P 371 -90.39 34.17 140.06
C SER P 371 -90.52 35.69 140.20
N ARG P 372 -90.96 36.16 141.38
CA ARG P 372 -90.96 37.59 141.64
C ARG P 372 -89.55 38.17 141.68
N ALA P 373 -88.57 37.37 142.14
CA ALA P 373 -87.18 37.79 142.12
C ALA P 373 -86.66 37.98 140.71
N LEU P 374 -87.02 37.05 139.81
CA LEU P 374 -86.78 37.23 138.37
C LEU P 374 -87.39 38.52 137.84
N SER P 375 -88.69 38.71 138.10
CA SER P 375 -89.44 39.83 137.53
C SER P 375 -88.96 41.18 138.07
N GLN P 376 -88.34 41.20 139.24
CA GLN P 376 -87.77 42.43 139.79
C GLN P 376 -86.30 42.63 139.41
N LEU P 377 -85.52 41.55 139.41
CA LEU P 377 -84.10 41.61 139.09
C LEU P 377 -83.82 41.93 137.64
N ALA P 378 -84.60 41.39 136.70
CA ALA P 378 -84.39 41.70 135.29
C ALA P 378 -84.55 43.18 135.01
N GLU P 379 -85.62 43.78 135.56
CA GLU P 379 -85.85 45.20 135.29
C GLU P 379 -84.88 46.11 136.06
N VAL P 380 -84.45 45.75 137.27
CA VAL P 380 -83.46 46.63 137.91
C VAL P 380 -82.09 46.47 137.28
N GLU P 381 -81.77 45.29 136.74
CA GLU P 381 -80.58 45.14 135.93
C GLU P 381 -80.65 46.01 134.70
N GLU P 382 -81.83 46.10 134.07
CA GLU P 382 -81.96 46.96 132.91
C GLU P 382 -81.87 48.44 133.28
N LYS P 383 -82.30 48.80 134.50
CA LYS P 383 -82.11 50.17 134.98
C LYS P 383 -80.62 50.50 135.12
N ILE P 384 -79.86 49.60 135.75
CA ILE P 384 -78.41 49.77 135.89
C ILE P 384 -77.75 49.81 134.50
N GLU P 385 -78.26 48.97 133.60
CA GLU P 385 -77.76 48.87 132.23
C GLU P 385 -77.90 50.20 131.49
N GLN P 386 -79.11 50.74 131.46
CA GLN P 386 -79.32 52.02 130.76
C GLN P 386 -78.62 53.17 131.47
N LEU P 387 -78.48 53.09 132.80
CA LEU P 387 -77.82 54.17 133.55
C LEU P 387 -76.34 54.28 133.17
N HIS P 388 -75.59 53.20 133.38
CA HIS P 388 -74.17 53.30 133.05
C HIS P 388 -73.95 53.31 131.54
N GLN P 389 -74.94 52.86 130.76
CA GLN P 389 -74.84 52.96 129.31
C GLN P 389 -74.92 54.41 128.85
N GLU P 390 -75.89 55.18 129.35
CA GLU P 390 -76.02 56.56 128.91
C GLU P 390 -74.85 57.40 129.42
N GLN P 391 -74.37 57.13 130.65
CA GLN P 391 -73.18 57.83 131.11
C GLN P 391 -71.97 57.48 130.23
N ALA P 392 -71.71 56.17 130.11
CA ALA P 392 -70.56 55.57 129.43
C ALA P 392 -70.46 55.97 127.98
N ASN P 393 -71.58 56.17 127.27
CA ASN P 393 -71.35 56.79 125.97
C ASN P 393 -71.22 58.30 126.12
N ASN P 394 -72.31 59.00 126.54
CA ASN P 394 -72.49 60.39 126.11
C ASN P 394 -71.39 61.29 126.65
N ASP P 395 -71.02 61.10 127.93
CA ASP P 395 -70.05 62.06 128.43
C ASP P 395 -68.63 61.72 128.00
N PHE P 396 -68.36 60.42 127.85
CA PHE P 396 -67.03 59.97 127.43
C PHE P 396 -66.72 60.43 126.01
N PHE P 397 -67.67 60.22 125.09
CA PHE P 397 -67.39 60.59 123.67
C PHE P 397 -67.51 62.11 123.49
N LEU P 398 -68.18 62.80 124.41
CA LEU P 398 -68.25 64.28 124.33
C LEU P 398 -66.92 64.84 124.82
N LEU P 399 -66.40 64.32 125.93
CA LEU P 399 -65.08 64.76 126.44
C LEU P 399 -64.04 64.39 125.38
N ALA P 400 -64.31 63.32 124.61
CA ALA P 400 -63.39 62.92 123.54
C ALA P 400 -63.42 63.90 122.37
N GLU P 401 -64.62 64.36 121.97
CA GLU P 401 -64.73 65.41 120.96
C GLU P 401 -64.14 66.72 121.45
N LEU P 402 -64.27 67.00 122.75
CA LEU P 402 -63.70 68.18 123.37
C LEU P 402 -62.18 68.19 123.25
N LEU P 403 -61.54 67.09 123.64
CA LEU P 403 -60.10 67.00 123.48
C LEU P 403 -59.70 66.93 122.01
N SER P 404 -60.57 66.40 121.13
CA SER P 404 -60.22 66.25 119.73
C SER P 404 -60.17 67.60 119.01
N ASP P 405 -61.23 68.40 119.12
CA ASP P 405 -61.11 69.72 118.52
C ASP P 405 -60.24 70.67 119.34
N TYR P 406 -59.94 70.32 120.60
CA TYR P 406 -58.87 71.00 121.30
C TYR P 406 -57.52 70.74 120.65
N ILE P 407 -57.26 69.49 120.26
CA ILE P 407 -56.06 69.14 119.49
C ILE P 407 -56.06 69.86 118.14
N ARG P 408 -57.24 70.01 117.54
CA ARG P 408 -57.36 70.79 116.30
C ARG P 408 -56.94 72.24 116.53
N LEU P 409 -57.40 72.82 117.65
CA LEU P 409 -57.01 74.17 118.02
C LEU P 409 -55.51 74.27 118.28
N LEU P 410 -54.93 73.23 118.87
CA LEU P 410 -53.49 73.20 119.08
C LEU P 410 -52.74 73.15 117.75
N ALA P 411 -53.24 72.37 116.79
CA ALA P 411 -52.59 72.28 115.49
C ALA P 411 -52.69 73.59 114.73
N ILE P 412 -53.84 74.27 114.82
CA ILE P 412 -53.94 75.53 114.10
C ILE P 412 -53.17 76.65 114.79
N VAL P 413 -52.92 76.57 116.11
CA VAL P 413 -52.02 77.59 116.67
C VAL P 413 -50.56 77.25 116.43
N ARG P 414 -50.21 75.96 116.27
CA ARG P 414 -48.91 75.60 115.71
C ARG P 414 -48.72 76.26 114.36
N ALA P 415 -49.71 76.14 113.48
CA ALA P 415 -49.66 76.78 112.17
C ALA P 415 -49.68 78.30 112.28
N ALA P 416 -50.27 78.84 113.35
CA ALA P 416 -50.30 80.29 113.55
C ALA P 416 -48.90 80.85 113.81
N PHE P 417 -48.17 80.26 114.75
CA PHE P 417 -46.81 80.80 114.87
C PHE P 417 -45.88 80.24 113.80
N ASP P 418 -46.29 79.23 113.03
CA ASP P 418 -45.54 78.92 111.81
C ASP P 418 -45.69 80.01 110.77
N GLN P 419 -46.88 80.63 110.68
CA GLN P 419 -47.05 81.79 109.81
C GLN P 419 -46.27 82.98 110.34
N ARG P 420 -46.22 83.12 111.67
CA ARG P 420 -45.34 84.13 112.28
C ARG P 420 -43.87 83.87 111.94
N MET P 421 -43.47 82.60 111.91
CA MET P 421 -42.13 82.22 111.49
C MET P 421 -41.87 82.57 110.02
N LYS P 422 -42.85 82.33 109.17
CA LYS P 422 -42.68 82.60 107.73
C LYS P 422 -42.57 84.10 107.48
N THR P 423 -43.40 84.90 108.15
CA THR P 423 -43.26 86.34 108.03
C THR P 423 -42.00 86.87 108.70
N TRP P 424 -41.52 86.16 109.74
CA TRP P 424 -40.24 86.48 110.35
C TRP P 424 -39.10 86.35 109.34
N GLN P 425 -39.03 85.21 108.66
CA GLN P 425 -37.97 85.05 107.66
C GLN P 425 -38.23 85.90 106.43
N ARG P 426 -39.48 86.32 106.18
CA ARG P 426 -39.76 87.31 105.14
C ARG P 426 -39.06 88.64 105.42
N TRP P 427 -39.28 89.21 106.61
CA TRP P 427 -38.58 90.47 106.86
C TRP P 427 -37.09 90.25 107.08
N GLN P 428 -36.70 89.03 107.50
CA GLN P 428 -35.29 88.71 107.70
C GLN P 428 -34.51 88.75 106.39
N ASP P 429 -34.95 87.98 105.39
CA ASP P 429 -34.23 88.05 104.12
C ASP P 429 -34.56 89.32 103.36
N ALA P 430 -35.66 90.01 103.69
CA ALA P 430 -35.92 91.33 103.14
C ALA P 430 -34.84 92.33 103.55
N GLN P 431 -34.54 92.40 104.86
CA GLN P 431 -33.50 93.32 105.31
C GLN P 431 -32.11 92.85 104.89
N ALA P 432 -31.91 91.53 104.77
CA ALA P 432 -30.64 91.00 104.28
C ALA P 432 -30.35 91.45 102.85
N THR P 433 -31.29 91.17 101.94
CA THR P 433 -31.15 91.60 100.55
C THR P 433 -31.14 93.11 100.43
N LEU P 434 -31.88 93.81 101.29
CA LEU P 434 -31.84 95.27 101.40
C LEU P 434 -30.42 95.76 101.58
N GLN P 435 -29.76 95.31 102.66
CA GLN P 435 -28.40 95.73 102.97
C GLN P 435 -27.44 95.39 101.84
N LYS P 436 -27.52 94.16 101.32
CA LYS P 436 -26.59 93.69 100.30
C LYS P 436 -26.73 94.47 98.98
N LYS P 437 -27.90 94.37 98.34
CA LYS P 437 -27.99 94.97 97.00
C LYS P 437 -28.12 96.48 97.07
N ARG P 438 -28.62 97.03 98.18
CA ARG P 438 -28.72 98.48 98.27
C ARG P 438 -27.36 99.11 98.56
N GLU P 439 -26.47 98.44 99.31
CA GLU P 439 -25.14 98.98 99.38
C GLU P 439 -24.33 98.71 98.11
N SER P 440 -24.65 97.64 97.37
CA SER P 440 -24.01 97.46 96.07
C SER P 440 -24.42 98.54 95.09
N GLU P 441 -25.65 99.03 95.20
CA GLU P 441 -26.05 100.22 94.45
C GLU P 441 -25.33 101.47 94.97
N ALA P 442 -25.17 101.58 96.29
CA ALA P 442 -24.63 102.79 96.90
C ALA P 442 -23.14 102.98 96.64
N ARG P 443 -22.37 101.88 96.54
CA ARG P 443 -20.92 101.99 96.42
C ARG P 443 -20.45 102.42 95.04
N LEU P 444 -21.34 102.50 94.05
CA LEU P 444 -20.97 102.92 92.71
C LEU P 444 -21.31 104.38 92.45
N LEU P 445 -21.16 105.24 93.47
CA LEU P 445 -21.59 106.64 93.40
C LEU P 445 -20.73 107.51 92.50
N TRP P 446 -19.45 107.19 92.33
CA TRP P 446 -18.56 108.03 91.53
C TRP P 446 -18.72 107.83 90.04
N ALA P 447 -19.42 106.77 89.62
CA ALA P 447 -20.05 106.80 88.31
C ALA P 447 -21.14 107.86 88.41
N ASN P 448 -20.89 109.03 87.83
CA ASN P 448 -21.59 110.27 88.21
C ASN P 448 -23.02 110.24 87.69
N LYS P 449 -23.86 109.51 88.41
CA LYS P 449 -25.31 109.50 88.19
C LYS P 449 -25.96 109.45 89.56
N PRO P 450 -26.36 110.60 90.11
CA PRO P 450 -26.92 110.60 91.47
C PRO P 450 -28.34 110.07 91.56
N ASP P 451 -28.99 109.78 90.43
CA ASP P 451 -30.34 109.24 90.46
C ASP P 451 -30.36 107.84 91.05
N LYS P 452 -29.30 107.07 90.83
CA LYS P 452 -29.15 105.78 91.47
C LYS P 452 -29.03 105.94 92.98
N LEU P 453 -28.32 106.98 93.42
CA LEU P 453 -28.21 107.27 94.85
C LEU P 453 -29.56 107.68 95.43
N GLN P 454 -30.35 108.43 94.66
CA GLN P 454 -31.67 108.86 95.13
C GLN P 454 -32.63 107.69 95.27
N GLN P 455 -32.64 106.80 94.26
CA GLN P 455 -33.54 105.65 94.34
C GLN P 455 -33.06 104.64 95.39
N ALA P 456 -31.75 104.51 95.59
CA ALA P 456 -31.24 103.65 96.66
C ALA P 456 -31.56 104.21 98.03
N LYS P 457 -31.54 105.55 98.17
CA LYS P 457 -31.95 106.18 99.42
C LYS P 457 -33.43 105.97 99.70
N ASP P 458 -34.26 106.07 98.66
CA ASP P 458 -35.69 105.83 98.82
C ASP P 458 -35.95 104.38 99.18
N GLU P 459 -35.20 103.46 98.56
CA GLU P 459 -35.31 102.04 98.86
C GLU P 459 -34.96 101.75 100.31
N ILE P 460 -33.78 102.21 100.77
CA ILE P 460 -33.36 101.92 102.15
C ILE P 460 -34.30 102.57 103.14
N THR P 461 -34.80 103.78 102.84
CA THR P 461 -35.63 104.53 103.79
C THR P 461 -36.99 103.89 103.96
N GLU P 462 -37.77 103.80 102.86
CA GLU P 462 -39.13 103.29 102.97
C GLU P 462 -39.13 101.79 103.29
N TRP P 463 -38.13 101.06 102.79
CA TRP P 463 -38.06 99.63 103.04
C TRP P 463 -37.71 99.34 104.50
N GLU P 464 -36.80 100.12 105.12
CA GLU P 464 -36.53 99.90 106.54
C GLU P 464 -37.70 100.35 107.39
N SER P 465 -38.42 101.39 106.96
CA SER P 465 -39.59 101.86 107.71
C SER P 465 -40.66 100.78 107.75
N ARG P 466 -40.94 100.17 106.61
CA ARG P 466 -41.97 99.14 106.59
C ARG P 466 -41.51 97.84 107.24
N VAL P 467 -40.21 97.52 107.19
CA VAL P 467 -39.73 96.29 107.85
C VAL P 467 -39.74 96.44 109.37
N THR P 468 -39.33 97.60 109.88
CA THR P 468 -39.43 97.85 111.32
C THR P 468 -40.88 97.91 111.77
N GLN P 469 -41.75 98.47 110.91
CA GLN P 469 -43.19 98.42 111.14
C GLN P 469 -43.68 96.98 111.23
N TYR P 470 -43.15 96.11 110.35
CA TYR P 470 -43.51 94.70 110.36
C TYR P 470 -43.11 94.02 111.65
N GLU P 471 -41.89 94.27 112.14
CA GLU P 471 -41.50 93.50 113.32
C GLU P 471 -42.15 94.01 114.61
N ARG P 472 -42.44 95.31 114.74
CA ARG P 472 -43.17 95.63 115.97
C ARG P 472 -44.66 95.35 115.83
N ASP P 473 -45.18 95.26 114.60
CA ASP P 473 -46.51 94.68 114.45
C ASP P 473 -46.49 93.19 114.74
N PHE P 474 -45.35 92.52 114.57
CA PHE P 474 -45.25 91.12 114.97
C PHE P 474 -45.20 91.01 116.48
N GLU P 475 -44.60 92.00 117.13
CA GLU P 475 -44.73 92.13 118.58
C GLU P 475 -46.19 92.33 118.99
N ARG P 476 -46.93 93.12 118.20
CA ARG P 476 -48.36 93.35 118.47
C ARG P 476 -49.17 92.06 118.32
N ILE P 477 -48.89 91.28 117.28
CA ILE P 477 -49.65 90.06 117.10
C ILE P 477 -49.20 89.01 118.11
N SER P 478 -47.96 89.10 118.61
CA SER P 478 -47.55 88.23 119.72
C SER P 478 -48.32 88.58 120.98
N THR P 479 -48.55 89.86 121.23
CA THR P 479 -49.35 90.26 122.38
C THR P 479 -50.80 89.81 122.25
N VAL P 480 -51.39 89.92 121.05
CA VAL P 480 -52.79 89.49 120.93
C VAL P 480 -52.88 87.97 120.95
N VAL P 481 -51.82 87.27 120.55
CA VAL P 481 -51.75 85.83 120.73
C VAL P 481 -51.68 85.48 122.22
N ARG P 482 -50.95 86.27 123.01
CA ARG P 482 -50.87 85.99 124.44
C ARG P 482 -52.20 86.30 125.16
N LYS P 483 -52.93 87.31 124.70
CA LYS P 483 -54.28 87.52 125.22
C LYS P 483 -55.20 86.38 124.82
N GLU P 484 -55.02 85.85 123.60
CA GLU P 484 -55.75 84.64 123.21
C GLU P 484 -55.31 83.43 124.03
N VAL P 485 -54.06 83.41 124.47
CA VAL P 485 -53.57 82.33 125.33
C VAL P 485 -54.27 82.37 126.68
N THR P 486 -54.40 83.57 127.24
CA THR P 486 -55.20 83.77 128.45
C THR P 486 -56.65 83.37 128.22
N ARG P 487 -57.16 83.64 127.01
CA ARG P 487 -58.52 83.22 126.67
C ARG P 487 -58.64 81.70 126.63
N PHE P 488 -57.63 80.99 126.12
CA PHE P 488 -57.89 79.56 126.11
C PHE P 488 -57.42 78.87 127.39
N GLU P 489 -56.68 79.52 128.28
CA GLU P 489 -56.67 79.00 129.64
C GLU P 489 -58.00 79.29 130.34
N LYS P 490 -58.72 80.33 129.93
CA LYS P 490 -60.07 80.50 130.44
C LYS P 490 -60.99 79.39 129.93
N GLU P 491 -60.79 78.93 128.68
CA GLU P 491 -61.60 77.77 128.31
C GLU P 491 -61.04 76.46 128.84
N LYS P 492 -59.78 76.43 129.27
CA LYS P 492 -59.33 75.32 130.12
C LYS P 492 -60.13 75.29 131.41
N SER P 493 -60.33 76.44 132.02
CA SER P 493 -61.21 76.54 133.18
C SER P 493 -62.64 76.15 132.83
N LYS P 494 -63.07 76.47 131.61
CA LYS P 494 -64.46 76.20 131.21
C LYS P 494 -64.68 74.71 130.98
N ASP P 495 -63.75 74.01 130.31
CA ASP P 495 -64.02 72.60 130.05
C ASP P 495 -63.62 71.71 131.22
N PHE P 496 -62.70 72.19 132.07
CA PHE P 496 -62.55 71.58 133.38
C PHE P 496 -63.82 71.76 134.20
N LYS P 497 -64.47 72.91 134.10
CA LYS P 497 -65.78 73.13 134.70
C LYS P 497 -66.84 72.25 134.05
N ASN P 498 -66.69 71.92 132.77
CA ASN P 498 -67.60 70.97 132.15
C ASN P 498 -67.46 69.58 132.74
N HIS P 499 -66.24 69.16 133.04
CA HIS P 499 -66.09 67.91 133.77
C HIS P 499 -66.56 68.03 135.21
N VAL P 500 -66.42 69.22 135.81
CA VAL P 500 -66.90 69.45 137.17
C VAL P 500 -68.43 69.33 137.23
N MET P 501 -69.13 69.99 136.30
CA MET P 501 -70.58 69.85 136.24
C MET P 501 -71.00 68.48 135.76
N LYS P 502 -70.12 67.78 135.01
CA LYS P 502 -70.36 66.37 134.70
C LYS P 502 -70.42 65.53 135.96
N TYR P 503 -69.41 65.64 136.82
CA TYR P 503 -69.47 64.83 138.03
C TYR P 503 -70.53 65.36 139.00
N LEU P 504 -70.87 66.64 138.88
CA LEU P 504 -71.98 67.20 139.65
C LEU P 504 -73.30 66.52 139.29
N GLU P 505 -73.65 66.49 137.99
CA GLU P 505 -74.83 65.75 137.57
C GLU P 505 -74.66 64.25 137.72
N THR P 506 -73.43 63.74 137.73
CA THR P 506 -73.21 62.31 137.92
C THR P 506 -73.59 61.89 139.32
N LEU P 507 -73.04 62.58 140.32
CA LEU P 507 -73.41 62.35 141.71
C LEU P 507 -74.88 62.62 141.93
N LEU P 508 -75.42 63.70 141.35
CA LEU P 508 -76.84 64.02 141.43
C LEU P 508 -77.75 62.92 140.91
N HIS P 509 -77.66 62.60 139.61
CA HIS P 509 -78.63 61.67 139.04
C HIS P 509 -78.35 60.25 139.51
N SER P 510 -77.07 59.91 139.77
CA SER P 510 -76.73 58.61 140.31
C SER P 510 -77.35 58.43 141.69
N GLN P 511 -77.18 59.43 142.57
CA GLN P 511 -77.72 59.35 143.92
C GLN P 511 -79.23 59.35 143.91
N GLN P 512 -79.85 60.27 143.16
CA GLN P 512 -81.31 60.40 143.23
C GLN P 512 -82.00 59.21 142.57
N GLN P 513 -81.53 58.76 141.40
CA GLN P 513 -82.15 57.63 140.73
C GLN P 513 -81.86 56.33 141.47
N LEU P 514 -80.59 56.10 141.82
CA LEU P 514 -80.16 54.90 142.53
C LEU P 514 -80.85 54.76 143.87
N ALA P 515 -80.68 55.74 144.77
CA ALA P 515 -81.34 55.71 146.06
C ALA P 515 -82.86 55.86 145.95
N LYS P 516 -83.37 56.38 144.82
CA LYS P 516 -84.81 56.43 144.62
C LYS P 516 -85.37 55.05 144.42
N TYR P 517 -84.75 54.23 143.56
CA TYR P 517 -85.28 52.88 143.49
C TYR P 517 -84.81 52.01 144.65
N TRP P 518 -83.79 52.42 145.41
CA TRP P 518 -83.54 51.78 146.71
C TRP P 518 -84.72 51.99 147.66
N GLU P 519 -85.13 53.24 147.86
CA GLU P 519 -86.23 53.55 148.77
C GLU P 519 -87.59 53.23 148.18
N ALA P 520 -87.66 52.88 146.90
CA ALA P 520 -88.89 52.40 146.31
C ALA P 520 -88.94 50.89 146.18
N PHE P 521 -87.80 50.21 146.29
CA PHE P 521 -87.77 48.77 146.12
C PHE P 521 -87.41 48.01 147.38
N LEU P 522 -86.86 48.66 148.40
CA LEU P 522 -86.82 48.07 149.73
C LEU P 522 -88.20 47.94 150.40
N PRO P 523 -89.14 48.92 150.34
CA PRO P 523 -90.46 48.65 150.94
C PRO P 523 -91.26 47.58 150.22
N GLU P 524 -90.96 47.27 148.96
CA GLU P 524 -91.54 46.05 148.41
C GLU P 524 -90.69 44.84 148.74
N ALA P 525 -89.40 45.02 149.04
CA ALA P 525 -88.57 43.92 149.50
C ALA P 525 -88.53 43.80 151.01
N LYS P 526 -89.59 44.23 151.70
CA LYS P 526 -89.75 43.85 153.10
C LYS P 526 -89.84 42.34 153.23
N ALA P 527 -90.91 41.74 152.68
CA ALA P 527 -90.82 40.35 152.21
C ALA P 527 -91.77 40.17 151.02
N ILE P 528 -91.28 40.56 149.84
CA ILE P 528 -91.74 40.21 148.49
C ILE P 528 -90.49 40.38 147.64
N SER P 529 -90.13 39.38 146.85
CA SER P 529 -88.93 39.50 146.04
C SER P 529 -89.20 40.18 144.71
N PHE Q 150 29.52 151.46 92.08
CA PHE Q 150 28.76 150.42 92.75
C PHE Q 150 29.64 149.76 93.82
N ASP Q 151 29.00 149.16 94.82
CA ASP Q 151 29.65 148.55 95.98
C ASP Q 151 30.56 147.39 95.64
N LEU Q 152 30.33 146.71 94.51
CA LEU Q 152 31.16 145.60 94.06
C LEU Q 152 32.35 146.18 93.32
N THR Q 153 33.50 146.25 94.00
CA THR Q 153 34.74 146.73 93.41
C THR Q 153 35.78 145.61 93.53
N VAL Q 154 36.04 144.92 92.42
CA VAL Q 154 36.94 143.77 92.40
C VAL Q 154 38.04 143.99 91.39
N GLY Q 155 39.02 143.09 91.40
CA GLY Q 155 40.09 143.09 90.42
C GLY Q 155 40.67 141.72 90.22
N ILE Q 156 40.73 141.26 88.97
CA ILE Q 156 41.14 139.90 88.63
C ILE Q 156 42.35 139.98 87.71
N THR Q 157 43.49 139.47 88.17
CA THR Q 157 44.74 139.55 87.42
C THR Q 157 45.42 138.20 87.44
N ASP Q 158 46.63 138.18 86.87
CA ASP Q 158 47.64 137.11 86.91
C ASP Q 158 47.13 135.75 86.47
N PRO Q 159 46.99 135.51 85.16
CA PRO Q 159 46.63 134.16 84.70
C PRO Q 159 47.78 133.16 84.88
N GLU Q 160 47.90 132.63 86.09
CA GLU Q 160 49.02 131.77 86.47
C GLU Q 160 48.67 130.31 86.15
N LYS Q 161 49.52 129.67 85.34
CA LYS Q 161 49.28 128.30 84.89
C LYS Q 161 49.70 127.30 85.96
N ILE Q 162 49.16 126.09 85.86
CA ILE Q 162 49.34 125.07 86.89
C ILE Q 162 50.15 123.94 86.26
N GLY Q 163 51.03 124.30 85.32
CA GLY Q 163 51.91 123.34 84.68
C GLY Q 163 51.59 123.17 83.21
N ASP Q 164 51.87 121.98 82.69
CA ASP Q 164 51.72 121.66 81.28
C ASP Q 164 50.54 120.74 81.06
N GLY Q 165 49.86 120.96 79.93
CA GLY Q 165 48.71 120.19 79.53
C GLY Q 165 47.93 120.95 78.49
N MET Q 166 46.70 120.48 78.23
CA MET Q 166 45.79 121.13 77.30
C MET Q 166 44.44 121.33 77.99
N ASN Q 167 44.12 122.59 78.27
CA ASN Q 167 42.79 123.02 78.72
C ASN Q 167 42.39 122.42 80.07
N ALA Q 168 43.23 122.66 81.08
CA ALA Q 168 42.92 122.12 82.41
C ALA Q 168 42.69 123.19 83.47
N TYR Q 169 43.69 124.01 83.79
CA TYR Q 169 43.63 124.84 85.01
C TYR Q 169 44.58 126.02 84.89
N VAL Q 170 44.08 127.21 85.19
CA VAL Q 170 44.88 128.42 85.29
C VAL Q 170 44.42 129.20 86.53
N ALA Q 171 45.35 129.55 87.41
CA ALA Q 171 45.01 130.28 88.61
C ALA Q 171 44.75 131.76 88.32
N TYR Q 172 43.88 132.36 89.14
CA TYR Q 172 43.46 133.76 88.98
C TYR Q 172 43.74 134.52 90.25
N LYS Q 173 44.56 135.56 90.15
CA LYS Q 173 44.69 136.51 91.26
C LYS Q 173 43.49 137.43 91.28
N VAL Q 174 42.59 137.22 92.23
CA VAL Q 174 41.33 137.95 92.30
C VAL Q 174 41.35 138.80 93.56
N THR Q 175 41.48 140.11 93.40
CA THR Q 175 41.45 141.03 94.53
C THR Q 175 40.09 141.70 94.63
N THR Q 176 39.45 141.56 95.78
CA THR Q 176 38.09 142.03 96.00
C THR Q 176 38.09 143.10 97.09
N GLN Q 177 37.62 144.30 96.75
CA GLN Q 177 37.55 145.44 97.65
C GLN Q 177 36.11 145.87 97.88
N THR Q 178 35.22 144.90 98.11
CA THR Q 178 33.79 145.13 98.03
C THR Q 178 33.29 145.85 99.29
N SER Q 179 32.30 146.71 99.12
CA SER Q 179 31.53 147.30 100.21
C SER Q 179 30.46 146.32 100.69
N LEU Q 180 29.43 146.83 101.41
CA LEU Q 180 28.27 146.06 101.87
C LEU Q 180 28.67 144.95 102.83
N PRO Q 181 28.81 145.25 104.15
CA PRO Q 181 29.67 144.48 105.06
C PRO Q 181 29.37 142.99 105.27
N MET Q 182 28.43 142.43 104.52
CA MET Q 182 28.41 140.98 104.31
C MET Q 182 29.72 140.48 103.70
N PHE Q 183 30.35 141.28 102.82
CA PHE Q 183 31.76 141.10 102.54
C PHE Q 183 32.55 141.53 103.77
N ARG Q 184 33.55 140.72 104.15
CA ARG Q 184 34.04 140.70 105.52
C ARG Q 184 34.79 141.97 105.91
N SER Q 185 35.93 142.25 105.27
CA SER Q 185 36.86 143.22 105.81
C SER Q 185 37.44 144.19 104.78
N ARG Q 186 36.74 144.43 103.67
CA ARG Q 186 37.03 145.45 102.65
C ARG Q 186 38.35 145.25 101.90
N GLN Q 187 39.11 144.21 102.24
CA GLN Q 187 40.42 143.97 101.63
C GLN Q 187 40.66 142.46 101.63
N PHE Q 188 40.23 141.82 100.55
CA PHE Q 188 40.53 140.41 100.29
C PHE Q 188 41.20 140.30 98.93
N ALA Q 189 42.03 139.26 98.80
CA ALA Q 189 42.75 138.97 97.56
C ALA Q 189 42.82 137.44 97.44
N VAL Q 190 41.85 136.86 96.74
CA VAL Q 190 41.73 135.42 96.67
C VAL Q 190 42.39 134.90 95.41
N LYS Q 191 43.01 133.73 95.52
CA LYS Q 191 43.58 133.01 94.38
C LYS Q 191 42.65 131.85 94.06
N ARG Q 192 41.94 131.93 92.95
CA ARG Q 192 40.90 130.97 92.62
C ARG Q 192 41.22 130.32 91.27
N ARG Q 193 41.17 129.00 91.24
CA ARG Q 193 41.36 128.24 90.01
C ARG Q 193 40.00 127.80 89.48
N PHE Q 194 39.76 128.08 88.20
CA PHE Q 194 38.51 127.68 87.58
C PHE Q 194 38.54 126.19 87.21
N SER Q 195 37.44 125.74 86.61
CA SER Q 195 37.11 124.32 86.39
C SER Q 195 37.03 123.53 87.69
N ASP Q 196 36.81 124.21 88.81
CA ASP Q 196 36.61 123.61 90.12
C ASP Q 196 35.34 124.10 90.78
N PHE Q 197 35.05 125.40 90.68
CA PHE Q 197 33.81 125.95 91.21
C PHE Q 197 32.70 126.02 90.18
N LEU Q 198 32.91 125.52 88.96
CA LEU Q 198 31.75 125.26 88.12
C LEU Q 198 31.04 124.00 88.59
N GLY Q 199 31.75 123.07 89.25
CA GLY Q 199 31.07 122.02 89.97
C GLY Q 199 30.28 122.54 91.16
N LEU Q 200 30.81 123.58 91.81
CA LEU Q 200 30.03 124.30 92.82
C LEU Q 200 28.82 124.97 92.20
N TYR Q 201 28.99 125.50 90.98
CA TYR Q 201 27.86 126.08 90.24
C TYR Q 201 26.84 125.01 89.86
N GLU Q 202 27.27 123.78 89.63
CA GLU Q 202 26.30 122.74 89.34
C GLU Q 202 25.64 122.22 90.60
N LYS Q 203 26.33 122.32 91.74
CA LYS Q 203 25.65 122.10 93.02
C LYS Q 203 24.61 123.18 93.25
N LEU Q 204 24.93 124.42 92.88
CA LEU Q 204 23.95 125.51 92.86
C LEU Q 204 22.81 125.23 91.89
N SER Q 205 23.11 124.58 90.76
CA SER Q 205 22.11 124.26 89.76
C SER Q 205 21.11 123.25 90.29
N GLU Q 206 21.60 122.16 90.86
CA GLU Q 206 20.70 121.18 91.45
C GLU Q 206 20.02 121.73 92.70
N LYS Q 207 20.68 122.65 93.41
CA LYS Q 207 20.08 123.28 94.58
C LYS Q 207 18.86 124.11 94.20
N HIS Q 208 19.01 125.00 93.21
CA HIS Q 208 17.84 125.77 92.80
C HIS Q 208 16.88 124.93 91.96
N SER Q 209 17.29 123.73 91.51
CA SER Q 209 16.29 122.81 90.99
C SER Q 209 15.38 122.33 92.10
N GLN Q 210 15.95 121.98 93.27
CA GLN Q 210 15.09 121.49 94.33
C GLN Q 210 14.37 122.60 95.09
N ASN Q 211 14.86 123.85 95.07
CA ASN Q 211 14.17 124.86 95.87
C ASN Q 211 13.81 126.14 95.12
N GLY Q 212 14.02 126.20 93.82
CA GLY Q 212 13.55 127.33 93.03
C GLY Q 212 14.29 128.63 93.27
N PHE Q 213 15.60 128.58 93.46
CA PHE Q 213 16.39 129.79 93.65
C PHE Q 213 16.90 130.30 92.31
N ILE Q 214 17.83 131.25 92.36
CA ILE Q 214 18.32 131.95 91.17
C ILE Q 214 19.84 131.96 91.19
N VAL Q 215 20.43 131.44 90.10
CA VAL Q 215 21.92 131.39 89.97
C VAL Q 215 22.35 132.51 89.01
N PRO Q 216 23.62 132.96 89.03
CA PRO Q 216 24.09 134.00 88.13
C PRO Q 216 24.76 133.44 86.85
N PRO Q 217 25.15 134.29 85.86
CA PRO Q 217 25.89 133.84 84.66
C PRO Q 217 27.01 132.82 84.87
N PRO Q 218 27.42 132.05 83.83
CA PRO Q 218 28.37 130.96 84.03
C PRO Q 218 29.80 131.31 84.49
N PRO Q 219 30.39 130.55 85.42
CA PRO Q 219 31.80 130.74 85.78
C PRO Q 219 32.49 129.81 84.77
N GLU Q 220 32.44 130.12 83.47
CA GLU Q 220 32.96 129.24 82.39
C GLU Q 220 34.23 128.47 82.78
N LYS Q 221 34.24 127.16 82.53
CA LYS Q 221 35.40 126.31 82.92
C LYS Q 221 36.32 126.09 81.72
N SER Q 222 37.19 125.08 81.80
CA SER Q 222 38.15 124.77 80.70
C SER Q 222 37.73 123.49 79.99
N LEU Q 223 38.70 122.68 79.55
CA LEU Q 223 38.40 121.52 78.70
C LEU Q 223 37.48 121.95 77.57
N ILE Q 224 37.81 123.11 76.99
CA ILE Q 224 37.01 123.71 75.93
C ILE Q 224 37.82 123.98 74.67
N GLY Q 225 39.16 124.01 74.74
CA GLY Q 225 39.94 124.38 73.57
C GLY Q 225 40.00 123.27 72.54
N MET Q 226 40.12 122.02 73.00
CA MET Q 226 40.17 120.88 72.10
C MET Q 226 38.96 119.97 72.22
N THR Q 227 38.07 120.23 73.16
CA THR Q 227 36.86 119.44 73.35
C THR Q 227 35.65 120.36 73.45
N LYS Q 228 34.49 119.84 73.01
CA LYS Q 228 33.14 120.32 73.29
C LYS Q 228 32.80 121.64 72.57
N VAL Q 229 33.79 122.27 71.94
CA VAL Q 229 33.63 123.54 71.23
C VAL Q 229 34.08 123.31 69.80
N LYS Q 230 33.39 123.97 68.85
CA LYS Q 230 33.58 123.70 67.43
C LYS Q 230 34.05 124.90 66.59
N VAL Q 231 35.17 125.57 66.91
CA VAL Q 231 36.28 125.13 67.77
C VAL Q 231 36.77 126.30 68.61
N GLY Q 232 37.83 126.07 69.39
CA GLY Q 232 38.46 127.13 70.17
C GLY Q 232 39.97 127.19 70.01
N LYS Q 233 40.54 128.39 70.03
CA LYS Q 233 41.97 128.59 69.81
C LYS Q 233 42.61 129.13 71.09
N GLU Q 234 43.83 128.65 71.38
CA GLU Q 234 44.48 128.94 72.65
C GLU Q 234 45.39 130.17 72.61
N ASP Q 235 45.96 130.50 71.45
CA ASP Q 235 46.76 131.71 71.36
C ASP Q 235 45.89 132.95 71.48
N SER Q 236 44.67 132.89 70.94
CA SER Q 236 43.66 133.90 71.22
C SER Q 236 43.08 133.77 72.62
N SER Q 237 43.23 132.61 73.25
CA SER Q 237 42.73 132.45 74.61
C SER Q 237 43.67 133.01 75.66
N SER Q 238 44.98 132.96 75.36
CA SER Q 238 46.12 133.04 76.28
C SER Q 238 46.03 134.14 77.34
N ALA Q 239 45.40 135.25 77.00
CA ALA Q 239 44.97 136.20 78.01
C ALA Q 239 43.53 136.62 77.74
N GLU Q 240 43.12 136.53 76.47
CA GLU Q 240 41.91 137.23 76.05
C GLU Q 240 40.66 136.42 76.36
N PHE Q 241 40.66 135.10 76.15
CA PHE Q 241 39.49 134.35 76.59
C PHE Q 241 39.47 134.22 78.10
N LEU Q 242 40.60 134.39 78.76
CA LEU Q 242 40.61 134.53 80.20
C LEU Q 242 39.96 135.84 80.61
N GLU Q 243 40.13 136.89 79.81
CA GLU Q 243 39.36 138.12 80.02
C GLU Q 243 37.87 137.89 79.73
N LYS Q 244 37.54 136.98 78.82
CA LYS Q 244 36.14 136.64 78.62
C LYS Q 244 35.59 135.86 79.82
N ARG Q 245 36.44 135.04 80.45
CA ARG Q 245 36.08 134.43 81.73
C ARG Q 245 35.85 135.50 82.79
N ARG Q 246 36.69 136.56 82.76
CA ARG Q 246 36.53 137.68 83.69
C ARG Q 246 35.23 138.43 83.43
N ALA Q 247 34.81 138.51 82.17
CA ALA Q 247 33.55 139.18 81.85
C ALA Q 247 32.36 138.35 82.33
N ALA Q 248 32.39 137.04 82.07
CA ALA Q 248 31.34 136.16 82.58
C ALA Q 248 31.32 136.11 84.10
N LEU Q 249 32.50 136.24 84.72
CA LEU Q 249 32.59 136.30 86.17
C LEU Q 249 32.13 137.63 86.72
N GLU Q 250 32.28 138.71 85.95
CA GLU Q 250 31.75 139.99 86.40
C GLU Q 250 30.23 139.98 86.35
N ARG Q 251 29.67 139.35 85.33
CA ARG Q 251 28.21 139.20 85.27
C ARG Q 251 27.73 138.24 86.35
N TYR Q 252 28.53 137.22 86.65
CA TYR Q 252 28.31 136.34 87.80
C TYR Q 252 28.24 137.14 89.10
N LEU Q 253 29.19 138.06 89.30
CA LEU Q 253 29.21 138.87 90.52
C LEU Q 253 28.02 139.81 90.59
N GLN Q 254 27.67 140.44 89.47
CA GLN Q 254 26.57 141.39 89.48
C GLN Q 254 25.24 140.69 89.74
N ARG Q 255 25.00 139.56 89.10
CA ARG Q 255 23.73 138.90 89.34
C ARG Q 255 23.71 138.06 90.61
N ILE Q 256 24.86 137.71 91.18
CA ILE Q 256 24.82 137.12 92.51
C ILE Q 256 24.59 138.20 93.56
N VAL Q 257 24.79 139.46 93.18
CA VAL Q 257 24.42 140.56 94.11
C VAL Q 257 22.92 140.81 93.86
N ASN Q 258 22.43 140.52 92.64
CA ASN Q 258 21.01 140.79 92.27
C ASN Q 258 20.03 139.95 93.08
N HIS Q 259 20.41 138.76 93.54
CA HIS Q 259 19.53 138.01 94.48
C HIS Q 259 20.13 138.24 95.88
N PRO Q 260 19.86 139.33 96.65
CA PRO Q 260 20.61 139.60 97.89
C PRO Q 260 20.24 138.70 99.06
N THR Q 261 18.98 138.28 99.13
CA THR Q 261 18.59 137.29 100.12
C THR Q 261 19.17 135.93 99.79
N MET Q 262 19.17 135.56 98.50
CA MET Q 262 19.80 134.34 98.07
C MET Q 262 21.31 134.47 97.99
N LEU Q 263 21.82 135.71 97.92
CA LEU Q 263 23.23 135.96 98.19
C LEU Q 263 23.58 135.67 99.63
N GLN Q 264 22.62 135.81 100.54
CA GLN Q 264 22.84 135.42 101.94
C GLN Q 264 22.52 133.94 102.16
N ASP Q 265 23.08 133.11 101.28
CA ASP Q 265 23.38 131.72 101.53
C ASP Q 265 24.88 131.73 101.76
N PRO Q 266 25.33 131.95 102.99
CA PRO Q 266 26.72 132.41 103.22
C PRO Q 266 27.77 131.36 102.99
N ASP Q 267 27.38 130.08 102.86
CA ASP Q 267 28.34 129.02 102.63
C ASP Q 267 29.07 129.20 101.30
N VAL Q 268 28.32 129.47 100.22
CA VAL Q 268 28.95 129.63 98.93
C VAL Q 268 29.62 130.99 98.79
N ARG Q 269 29.17 132.00 99.55
CA ARG Q 269 29.87 133.28 99.55
C ARG Q 269 31.23 133.15 100.21
N GLU Q 270 31.30 132.42 101.33
CA GLU Q 270 32.59 132.13 101.95
C GLU Q 270 33.41 131.18 101.10
N PHE Q 271 32.75 130.34 100.28
CA PHE Q 271 33.50 129.51 99.34
C PHE Q 271 34.17 130.36 98.28
N LEU Q 272 33.50 131.40 97.82
CA LEU Q 272 34.08 132.29 96.82
C LEU Q 272 35.16 133.17 97.42
N GLU Q 273 34.96 133.73 98.61
CA GLU Q 273 35.91 134.69 99.16
C GLU Q 273 36.99 134.06 100.03
N LYS Q 274 37.12 132.73 100.00
CA LYS Q 274 38.23 132.06 100.66
C LYS Q 274 38.90 131.09 99.69
N GLU Q 275 39.93 130.42 100.17
CA GLU Q 275 40.77 129.53 99.35
C GLU Q 275 40.82 128.17 100.03
N GLU Q 276 40.09 127.21 99.50
CA GLU Q 276 40.08 125.84 100.00
C GLU Q 276 40.10 124.85 98.84
N LEU Q 277 40.64 125.31 97.70
CA LEU Q 277 40.52 124.85 96.32
C LEU Q 277 40.53 123.33 96.15
N PRO Q 278 39.61 122.78 95.36
CA PRO Q 278 39.59 121.33 95.14
C PRO Q 278 40.74 120.86 94.28
N ARG Q 279 40.89 119.55 94.20
CA ARG Q 279 41.98 118.92 93.45
C ARG Q 279 41.61 118.86 91.96
N ALA Q 280 42.46 118.22 91.17
CA ALA Q 280 42.41 118.29 89.71
C ALA Q 280 41.59 117.17 89.08
N VAL Q 281 40.55 116.67 89.76
CA VAL Q 281 39.77 115.56 89.24
C VAL Q 281 38.53 116.06 88.50
N GLY Q 282 38.53 117.33 88.12
CA GLY Q 282 37.35 117.96 87.54
C GLY Q 282 37.08 117.70 86.07
N THR Q 283 37.60 116.61 85.52
CA THR Q 283 37.36 116.23 84.13
C THR Q 283 36.79 114.80 84.13
N GLN Q 284 35.46 114.69 84.14
CA GLN Q 284 34.80 113.40 84.12
C GLN Q 284 33.44 113.57 83.46
N ALA Q 285 32.73 112.46 83.30
CA ALA Q 285 31.39 112.46 82.70
C ALA Q 285 30.49 111.58 83.57
N LEU Q 286 29.54 112.22 84.26
CA LEU Q 286 28.54 111.53 85.08
C LEU Q 286 27.16 112.17 84.92
N SER Q 287 26.77 112.42 83.67
CA SER Q 287 25.55 113.16 83.35
C SER Q 287 24.33 112.26 83.26
N GLY Q 288 24.34 111.15 84.01
CA GLY Q 288 23.23 110.21 84.06
C GLY Q 288 21.92 110.80 84.54
N ALA Q 289 21.97 111.92 85.27
CA ALA Q 289 20.75 112.66 85.56
C ALA Q 289 20.12 113.19 84.28
N GLY Q 290 20.93 113.79 83.39
CA GLY Q 290 20.44 114.19 82.09
C GLY Q 290 20.01 113.02 81.23
N LEU Q 291 20.65 111.86 81.42
CA LEU Q 291 20.17 110.63 80.77
C LEU Q 291 18.77 110.26 81.24
N LEU Q 292 18.51 110.33 82.55
CA LEU Q 292 17.17 110.06 83.06
C LEU Q 292 16.16 111.12 82.61
N LYS Q 293 16.62 112.35 82.38
CA LYS Q 293 15.74 113.36 81.77
C LYS Q 293 15.36 112.95 80.34
N MET Q 294 16.34 112.44 79.58
CA MET Q 294 16.06 111.93 78.24
C MET Q 294 15.17 110.71 78.27
N PHE Q 295 15.24 109.90 79.33
CA PHE Q 295 14.28 108.80 79.49
C PHE Q 295 12.88 109.32 79.79
N ASN Q 296 12.75 110.32 80.65
CA ASN Q 296 11.43 110.81 81.04
C ASN Q 296 10.82 111.74 80.00
N LYS Q 297 11.58 112.12 78.97
CA LYS Q 297 11.05 112.90 77.85
C LYS Q 297 9.88 112.20 77.14
N ALA Q 298 9.87 110.86 77.14
CA ALA Q 298 8.76 110.12 76.54
C ALA Q 298 7.47 110.31 77.35
N THR Q 299 7.57 110.39 78.67
CA THR Q 299 6.40 110.68 79.49
C THR Q 299 6.01 112.15 79.35
N ASP Q 300 6.99 113.02 79.14
CA ASP Q 300 6.72 114.44 78.89
C ASP Q 300 5.90 114.62 77.61
N ALA Q 301 6.26 113.87 76.57
CA ALA Q 301 5.62 113.99 75.26
C ALA Q 301 4.17 113.51 75.26
N VAL Q 302 3.77 112.69 76.24
CA VAL Q 302 2.38 112.26 76.34
C VAL Q 302 1.62 113.00 77.43
N SER Q 303 2.31 113.69 78.34
CA SER Q 303 1.61 114.45 79.38
C SER Q 303 1.49 115.94 79.07
N LYS Q 304 2.19 116.43 78.03
CA LYS Q 304 2.29 117.87 77.80
C LYS Q 304 0.95 118.56 77.54
N MET Q 305 -0.07 117.83 77.05
CA MET Q 305 -1.38 118.44 76.88
C MET Q 305 -2.05 118.71 78.22
N THR Q 306 -2.00 117.73 79.14
CA THR Q 306 -2.50 117.92 80.50
C THR Q 306 -1.70 118.96 81.26
N ILE Q 307 -0.45 119.20 80.86
CA ILE Q 307 0.22 120.42 81.31
C ILE Q 307 -0.44 121.65 80.71
N LYS Q 308 -0.71 121.64 79.40
CA LYS Q 308 -1.22 122.80 78.67
C LYS Q 308 -2.64 123.21 79.05
N MET Q 309 -3.36 122.42 79.86
CA MET Q 309 -4.70 122.85 80.24
C MET Q 309 -4.72 123.95 81.31
N ASN Q 310 -3.56 124.42 81.79
CA ASN Q 310 -3.49 125.38 82.88
C ASN Q 310 -3.74 126.81 82.38
N GLU Q 311 -3.42 127.80 83.23
CA GLU Q 311 -3.63 129.21 82.93
C GLU Q 311 -2.35 130.05 82.99
N SER Q 312 -1.37 129.68 83.80
CA SER Q 312 -0.12 130.44 83.85
C SER Q 312 0.68 130.26 82.57
N ASP Q 313 0.63 129.08 81.97
CA ASP Q 313 1.28 128.88 80.68
C ASP Q 313 0.54 129.59 79.56
N ILE Q 314 -0.73 129.94 79.78
CA ILE Q 314 -1.42 130.83 78.84
C ILE Q 314 -0.83 132.23 78.93
N TRP Q 315 -0.31 132.60 80.09
CA TRP Q 315 0.48 133.82 80.18
C TRP Q 315 1.89 133.63 79.65
N PHE Q 316 2.38 132.38 79.60
CA PHE Q 316 3.80 132.14 79.36
C PHE Q 316 4.16 131.76 77.92
N GLU Q 317 3.28 131.08 77.19
CA GLU Q 317 3.70 130.40 75.97
C GLU Q 317 3.95 131.37 74.82
N GLU Q 318 3.43 132.59 74.92
CA GLU Q 318 3.78 133.65 73.97
C GLU Q 318 5.27 133.92 74.02
N LYS Q 319 5.83 133.95 75.23
CA LYS Q 319 7.27 134.09 75.40
C LYS Q 319 8.01 132.88 74.85
N LEU Q 320 7.38 131.70 74.90
CA LEU Q 320 8.01 130.49 74.38
C LEU Q 320 8.17 130.54 72.87
N GLN Q 321 7.08 130.83 72.15
CA GLN Q 321 7.16 130.92 70.69
C GLN Q 321 7.99 132.13 70.25
N GLU Q 322 7.88 133.22 71.00
CA GLU Q 322 8.67 134.42 70.72
C GLU Q 322 10.16 134.14 70.88
N VAL Q 323 10.54 133.46 71.96
CA VAL Q 323 11.95 133.19 72.17
C VAL Q 323 12.42 132.09 71.24
N GLU Q 324 11.50 131.28 70.69
CA GLU Q 324 11.88 130.30 69.67
C GLU Q 324 12.29 131.01 68.37
N CYS Q 325 11.47 131.95 67.90
CA CYS Q 325 11.87 132.66 66.68
C CYS Q 325 13.07 133.57 66.95
N GLU Q 326 13.20 134.10 68.18
CA GLU Q 326 14.38 134.87 68.54
C GLU Q 326 15.64 134.02 68.55
N GLU Q 327 15.57 132.80 69.10
CA GLU Q 327 16.77 131.97 69.17
C GLU Q 327 17.18 131.48 67.79
N GLN Q 328 16.19 131.23 66.92
CA GLN Q 328 16.50 130.87 65.53
C GLN Q 328 17.23 132.00 64.81
N ARG Q 329 16.69 133.22 64.94
CA ARG Q 329 17.29 134.37 64.20
C ARG Q 329 18.57 134.85 64.87
N LEU Q 330 18.80 134.53 66.16
CA LEU Q 330 20.11 134.93 66.76
C LEU Q 330 21.17 133.87 66.52
N ARG Q 331 20.78 132.60 66.36
CA ARG Q 331 21.80 131.56 66.03
C ARG Q 331 22.22 131.75 64.57
N LYS Q 332 21.31 132.22 63.72
CA LYS Q 332 21.67 132.54 62.34
C LYS Q 332 22.56 133.79 62.26
N LEU Q 333 22.19 134.84 63.00
CA LEU Q 333 23.01 136.04 63.04
C LEU Q 333 24.38 135.78 63.69
N HIS Q 334 24.47 134.83 64.83
CA HIS Q 334 25.72 134.32 65.41
C HIS Q 334 26.64 133.73 64.34
N ALA Q 335 26.06 132.87 63.50
CA ALA Q 335 26.84 132.22 62.45
C ALA Q 335 27.36 133.23 61.42
N VAL Q 336 26.53 134.18 61.00
CA VAL Q 336 26.98 135.14 60.00
C VAL Q 336 27.97 136.17 60.61
N VAL Q 337 27.83 136.49 61.89
CA VAL Q 337 28.79 137.32 62.60
C VAL Q 337 30.16 136.64 62.67
N GLU Q 338 30.18 135.35 63.01
CA GLU Q 338 31.46 134.65 63.05
C GLU Q 338 32.01 134.41 61.65
N THR Q 339 31.13 134.39 60.64
CA THR Q 339 31.59 134.39 59.26
C THR Q 339 32.31 135.70 58.92
N LEU Q 340 31.82 136.82 59.44
CA LEU Q 340 32.57 138.08 59.27
C LEU Q 340 33.86 138.06 60.06
N VAL Q 341 33.88 137.41 61.22
CA VAL Q 341 35.10 137.32 62.03
C VAL Q 341 36.17 136.52 61.29
N ASN Q 342 35.77 135.45 60.61
CA ASN Q 342 36.67 134.74 59.71
C ASN Q 342 37.08 135.65 58.53
N HIS Q 343 36.01 136.43 57.84
CA HIS Q 343 36.16 137.28 56.65
C HIS Q 343 37.24 138.35 56.83
N ARG Q 344 37.26 139.00 58.00
CA ARG Q 344 38.14 140.13 58.24
C ARG Q 344 39.60 139.71 58.23
N LYS Q 345 39.91 138.45 58.50
CA LYS Q 345 41.30 138.01 58.58
C LYS Q 345 41.96 138.02 57.21
N GLU Q 346 41.30 137.43 56.21
CA GLU Q 346 41.81 137.55 54.86
C GLU Q 346 41.61 138.94 54.29
N LEU Q 347 40.65 139.73 54.81
CA LEU Q 347 40.62 141.16 54.49
C LEU Q 347 41.91 141.84 54.90
N ALA Q 348 42.34 141.62 56.15
CA ALA Q 348 43.51 142.28 56.70
C ALA Q 348 44.79 141.78 56.04
N LEU Q 349 44.86 140.48 55.75
CA LEU Q 349 46.02 139.94 55.05
C LEU Q 349 46.08 140.45 53.61
N ASN Q 350 44.91 140.59 52.96
CA ASN Q 350 44.85 141.10 51.60
C ASN Q 350 45.30 142.56 51.52
N THR Q 351 44.81 143.41 52.41
CA THR Q 351 45.23 144.81 52.40
C THR Q 351 46.65 145.01 52.93
N ALA Q 352 47.13 144.13 53.83
CA ALA Q 352 48.52 144.20 54.27
C ALA Q 352 49.46 143.81 53.14
N LEU Q 353 49.12 142.77 52.38
CA LEU Q 353 49.91 142.43 51.20
C LEU Q 353 49.76 143.46 50.10
N PHE Q 354 48.66 144.21 50.08
CA PHE Q 354 48.58 145.38 49.20
C PHE Q 354 49.60 146.45 49.58
N ALA Q 355 49.74 146.73 50.88
CA ALA Q 355 50.74 147.70 51.30
C ALA Q 355 52.15 147.19 51.04
N LYS Q 356 52.36 145.89 51.22
CA LYS Q 356 53.64 145.29 50.87
C LYS Q 356 53.91 145.34 49.38
N SER Q 357 52.88 145.18 48.54
CA SER Q 357 53.07 145.29 47.10
C SER Q 357 53.24 146.73 46.66
N LEU Q 358 52.68 147.68 47.40
CA LEU Q 358 53.03 149.09 47.22
C LEU Q 358 54.51 149.29 47.45
N ALA Q 359 55.02 148.74 48.57
CA ALA Q 359 56.45 148.82 48.87
C ALA Q 359 57.30 148.10 47.83
N MET Q 360 56.77 147.04 47.23
CA MET Q 360 57.48 146.34 46.16
C MET Q 360 57.54 147.19 44.90
N LEU Q 361 56.38 147.54 44.35
CA LEU Q 361 56.30 148.19 43.05
C LEU Q 361 56.69 149.66 43.11
N GLY Q 362 56.90 150.22 44.30
CA GLY Q 362 57.49 151.54 44.42
C GLY Q 362 59.00 151.54 44.28
N SER Q 363 59.60 150.38 44.04
CA SER Q 363 61.01 150.34 43.68
C SER Q 363 61.17 150.57 42.19
N SER Q 364 62.45 150.69 41.78
CA SER Q 364 62.86 150.86 40.38
C SER Q 364 62.24 152.10 39.73
N GLU Q 365 62.10 153.16 40.53
CA GLU Q 365 61.50 154.40 40.05
C GLU Q 365 62.04 155.55 40.88
N ASP Q 366 62.16 156.72 40.24
CA ASP Q 366 62.55 157.95 40.94
C ASP Q 366 61.43 158.97 40.70
N ASN Q 367 60.38 158.88 41.50
CA ASN Q 367 59.31 159.86 41.58
C ASN Q 367 58.98 160.10 43.04
N THR Q 368 60.02 160.42 43.82
CA THR Q 368 60.14 160.29 45.28
C THR Q 368 58.94 160.74 46.12
N ALA Q 369 58.10 161.62 45.56
CA ALA Q 369 56.75 161.81 46.10
C ALA Q 369 55.99 160.48 46.17
N LEU Q 370 56.17 159.61 45.17
CA LEU Q 370 55.59 158.28 45.25
C LEU Q 370 56.20 157.46 46.39
N SER Q 371 57.48 157.68 46.69
CA SER Q 371 58.11 156.96 47.80
C SER Q 371 57.55 157.41 49.14
N ARG Q 372 57.36 158.71 49.32
CA ARG Q 372 56.68 159.21 50.52
C ARG Q 372 55.22 158.75 50.57
N ALA Q 373 54.58 158.61 49.41
CA ALA Q 373 53.22 158.08 49.35
C ALA Q 373 53.16 156.65 49.82
N LEU Q 374 54.13 155.83 49.41
CA LEU Q 374 54.31 154.48 49.97
C LEU Q 374 54.47 154.49 51.47
N SER Q 375 55.42 155.30 51.97
CA SER Q 375 55.76 155.31 53.38
C SER Q 375 54.64 155.84 54.27
N GLN Q 376 53.71 156.62 53.71
CA GLN Q 376 52.56 157.10 54.44
C GLN Q 376 51.34 156.18 54.29
N LEU Q 377 51.11 155.65 53.09
CA LEU Q 377 49.98 154.79 52.81
C LEU Q 377 50.07 153.43 53.48
N ALA Q 378 51.27 152.83 53.55
CA ALA Q 378 51.41 151.53 54.22
C ALA Q 378 51.02 151.63 55.68
N GLU Q 379 51.50 152.67 56.37
CA GLU Q 379 51.20 152.78 57.79
C GLU Q 379 49.76 153.23 58.06
N VAL Q 380 49.15 154.05 57.20
CA VAL Q 380 47.74 154.37 57.48
C VAL Q 380 46.83 153.20 57.11
N GLU Q 381 47.24 152.38 56.13
CA GLU Q 381 46.53 151.12 55.89
C GLU Q 381 46.63 150.21 57.10
N GLU Q 382 47.79 150.17 57.74
CA GLU Q 382 47.91 149.35 58.94
C GLU Q 382 47.11 149.91 60.10
N LYS Q 383 46.94 151.23 60.17
CA LYS Q 383 46.06 151.83 61.17
C LYS Q 383 44.61 151.40 60.96
N ILE Q 384 44.13 151.47 59.71
CA ILE Q 384 42.78 151.01 59.38
C ILE Q 384 42.64 149.51 59.64
N GLU Q 385 43.72 148.77 59.36
CA GLU Q 385 43.76 147.32 59.56
C GLU Q 385 43.56 146.96 61.02
N GLN Q 386 44.38 147.53 61.91
CA GLN Q 386 44.27 147.24 63.33
C GLN Q 386 42.96 147.77 63.91
N LEU Q 387 42.44 148.89 63.37
CA LEU Q 387 41.20 149.47 63.87
C LEU Q 387 40.01 148.54 63.64
N HIS Q 388 39.75 148.21 62.38
CA HIS Q 388 38.60 147.34 62.14
C HIS Q 388 38.90 145.91 62.56
N GLN Q 389 40.17 145.54 62.73
CA GLN Q 389 40.52 144.24 63.26
C GLN Q 389 40.12 144.12 64.73
N GLU Q 390 40.48 145.12 65.55
CA GLU Q 390 40.15 145.02 66.97
C GLU Q 390 38.65 145.14 67.19
N GLN Q 391 37.97 145.98 66.40
CA GLN Q 391 36.50 146.01 66.50
C GLN Q 391 35.90 144.66 66.10
N ALA Q 392 36.26 144.20 64.89
CA ALA Q 392 35.74 143.01 64.23
C ALA Q 392 35.95 141.74 65.02
N ASN Q 393 37.04 141.63 65.77
CA ASN Q 393 37.02 140.49 66.68
C ASN Q 393 36.24 140.84 67.95
N ASN Q 394 36.74 141.79 68.77
CA ASN Q 394 36.45 141.74 70.20
C ASN Q 394 34.98 141.91 70.49
N ASP Q 395 34.33 142.86 69.79
CA ASP Q 395 32.94 143.09 70.18
C ASP Q 395 32.02 142.04 69.58
N PHE Q 396 32.36 141.55 68.38
CA PHE Q 396 31.55 140.54 67.72
C PHE Q 396 31.55 139.24 68.49
N PHE Q 397 32.74 138.77 68.89
CA PHE Q 397 32.80 137.46 69.59
C PHE Q 397 32.33 137.62 71.06
N LEU Q 398 32.33 138.84 71.58
CA LEU Q 398 31.80 139.07 72.94
C LEU Q 398 30.27 139.05 72.87
N LEU Q 399 29.70 139.74 71.88
CA LEU Q 399 28.22 139.70 71.70
C LEU Q 399 27.82 138.25 71.39
N ALA Q 400 28.74 137.49 70.78
CA ALA Q 400 28.46 136.08 70.48
C ALA Q 400 28.46 135.23 71.75
N GLU Q 401 29.42 135.47 72.65
CA GLU Q 401 29.41 134.81 73.96
C GLU Q 401 28.19 135.22 74.78
N LEU Q 402 27.78 136.49 74.65
CA LEU Q 402 26.61 137.01 75.33
C LEU Q 402 25.36 136.26 74.91
N LEU Q 403 25.14 136.15 73.60
CA LEU Q 403 23.99 135.38 73.12
C LEU Q 403 24.15 133.89 73.41
N SER Q 404 25.39 133.39 73.50
CA SER Q 404 25.60 131.96 73.72
C SER Q 404 25.22 131.55 75.13
N ASP Q 405 25.76 132.23 76.14
CA ASP Q 405 25.32 131.88 77.49
C ASP Q 405 23.93 132.42 77.79
N TYR Q 406 23.41 133.35 76.97
CA TYR Q 406 21.98 133.66 77.01
C TYR Q 406 21.15 132.45 76.58
N ILE Q 407 21.57 131.77 75.51
CA ILE Q 407 20.93 130.52 75.08
C ILE Q 407 21.06 129.45 76.15
N ARG Q 408 22.20 129.44 76.86
CA ARG Q 408 22.38 128.53 78.00
C ARG Q 408 21.35 128.82 79.09
N LEU Q 409 21.14 130.12 79.37
CA LEU Q 409 20.13 130.52 80.34
C LEU Q 409 18.73 130.13 79.89
N LEU Q 410 18.48 130.24 78.59
CA LEU Q 410 17.20 129.80 78.04
C LEU Q 410 17.00 128.31 78.20
N ALA Q 411 18.05 127.52 77.97
CA ALA Q 411 17.95 126.08 78.11
C ALA Q 411 17.74 125.68 79.57
N ILE Q 412 18.40 126.36 80.50
CA ILE Q 412 18.20 125.99 81.90
C ILE Q 412 16.86 126.48 82.42
N VAL Q 413 16.26 127.53 81.84
CA VAL Q 413 14.90 127.84 82.29
C VAL Q 413 13.86 126.96 81.61
N ARG Q 414 14.16 126.43 80.40
CA ARG Q 414 13.37 125.32 79.86
C ARG Q 414 13.36 124.16 80.83
N ALA Q 415 14.55 123.77 81.32
CA ALA Q 415 14.65 122.70 82.30
C ALA Q 415 14.01 123.08 83.63
N ALA Q 416 13.94 124.38 83.95
CA ALA Q 416 13.31 124.82 85.19
C ALA Q 416 11.80 124.56 85.16
N PHE Q 417 11.11 125.00 84.11
CA PHE Q 417 9.69 124.63 84.12
C PHE Q 417 9.47 123.18 83.68
N ASP Q 418 10.49 122.49 83.16
CA ASP Q 418 10.38 121.03 83.05
C ASP Q 418 10.38 120.38 84.42
N GLN Q 419 11.17 120.89 85.36
CA GLN Q 419 11.11 120.41 86.74
C GLN Q 419 9.77 120.76 87.38
N ARG Q 420 9.24 121.95 87.05
CA ARG Q 420 7.89 122.30 87.49
C ARG Q 420 6.85 121.33 86.91
N MET Q 421 7.04 120.91 85.67
CA MET Q 421 6.20 119.90 85.04
C MET Q 421 6.29 118.56 85.75
N LYS Q 422 7.51 118.16 86.12
CA LYS Q 422 7.70 116.88 86.79
C LYS Q 422 7.08 116.87 88.17
N THR Q 423 7.24 117.95 88.93
CA THR Q 423 6.56 118.04 90.21
C THR Q 423 5.05 118.21 90.06
N TRP Q 424 4.61 118.81 88.95
CA TRP Q 424 3.18 118.87 88.63
C TRP Q 424 2.60 117.48 88.50
N GLN Q 425 3.22 116.63 87.67
CA GLN Q 425 2.70 115.28 87.53
C GLN Q 425 2.95 114.43 88.77
N ARG Q 426 3.93 114.80 89.62
CA ARG Q 426 4.10 114.18 90.92
C ARG Q 426 2.86 114.38 91.80
N TRP Q 427 2.43 115.63 91.99
CA TRP Q 427 1.23 115.79 92.82
C TRP Q 427 -0.02 115.32 92.08
N GLN Q 428 0.02 115.31 90.75
CA GLN Q 428 -1.11 114.83 89.95
C GLN Q 428 -1.38 113.35 90.18
N ASP Q 429 -0.36 112.51 89.95
CA ASP Q 429 -0.60 111.10 90.20
C ASP Q 429 -0.60 110.77 91.69
N ALA Q 430 -0.05 111.66 92.54
CA ALA Q 430 -0.20 111.50 93.97
C ALA Q 430 -1.67 111.60 94.39
N GLN Q 431 -2.37 112.66 93.95
CA GLN Q 431 -3.78 112.78 94.30
C GLN Q 431 -4.64 111.74 93.58
N ALA Q 432 -4.23 111.31 92.38
CA ALA Q 432 -4.94 110.25 91.67
C ALA Q 432 -4.91 108.94 92.45
N THR Q 433 -3.71 108.47 92.79
CA THR Q 433 -3.56 107.26 93.58
C THR Q 433 -4.15 107.41 94.97
N LEU Q 434 -4.09 108.63 95.54
CA LEU Q 434 -4.76 108.96 96.79
C LEU Q 434 -6.24 108.61 96.74
N GLN Q 435 -6.95 109.20 95.77
CA GLN Q 435 -8.39 109.00 95.62
C GLN Q 435 -8.70 107.52 95.40
N LYS Q 436 -7.95 106.87 94.49
CA LYS Q 436 -8.24 105.49 94.12
C LYS Q 436 -8.02 104.53 95.28
N LYS Q 437 -6.77 104.41 95.76
CA LYS Q 437 -6.52 103.38 96.76
C LYS Q 437 -7.05 103.76 98.14
N ARG Q 438 -7.21 105.06 98.42
CA ARG Q 438 -7.75 105.44 99.71
C ARG Q 438 -9.26 105.24 99.75
N GLU Q 439 -9.98 105.42 98.64
CA GLU Q 439 -11.37 105.02 98.69
C GLU Q 439 -11.54 103.50 98.61
N SER Q 440 -10.58 102.79 98.00
CA SER Q 440 -10.65 101.32 98.04
C SER Q 440 -10.43 100.81 99.47
N GLU Q 441 -9.61 101.52 100.25
CA GLU Q 441 -9.53 101.25 101.68
C GLU Q 441 -10.83 101.62 102.40
N ALA Q 442 -11.43 102.75 102.01
CA ALA Q 442 -12.59 103.28 102.74
C ALA Q 442 -13.85 102.46 102.53
N ARG Q 443 -14.02 101.86 101.35
CA ARG Q 443 -15.27 101.16 101.03
C ARG Q 443 -15.40 99.81 101.72
N LEU Q 444 -14.36 99.32 102.38
CA LEU Q 444 -14.42 98.05 103.09
C LEU Q 444 -14.65 98.22 104.59
N LEU Q 445 -15.46 99.21 104.98
CA LEU Q 445 -15.65 99.59 106.37
C LEU Q 445 -16.46 98.58 107.18
N TRP Q 446 -17.37 97.83 106.54
CA TRP Q 446 -18.22 96.91 107.28
C TRP Q 446 -17.52 95.61 107.64
N ALA Q 447 -16.35 95.34 107.05
CA ALA Q 447 -15.41 94.44 107.71
C ALA Q 447 -14.94 95.18 108.95
N ASN Q 448 -15.46 94.77 110.11
CA ASN Q 448 -15.50 95.62 111.30
C ASN Q 448 -14.10 95.76 111.91
N LYS Q 449 -13.31 96.62 111.28
CA LYS Q 449 -12.01 97.02 111.79
C LYS Q 449 -11.85 98.51 111.48
N PRO Q 450 -12.17 99.37 112.46
CA PRO Q 450 -12.12 100.82 112.20
C PRO Q 450 -10.73 101.40 112.14
N ASP Q 451 -9.70 100.61 112.44
CA ASP Q 451 -8.32 101.10 112.37
C ASP Q 451 -7.92 101.40 110.94
N LYS Q 452 -8.44 100.60 109.99
CA LYS Q 452 -8.23 100.89 108.57
C LYS Q 452 -8.88 102.21 108.20
N LEU Q 453 -10.06 102.50 108.76
CA LEU Q 453 -10.72 103.76 108.51
C LEU Q 453 -9.93 104.92 109.11
N GLN Q 454 -9.33 104.70 110.29
CA GLN Q 454 -8.53 105.76 110.93
C GLN Q 454 -7.27 106.07 110.12
N GLN Q 455 -6.57 105.02 109.67
CA GLN Q 455 -5.35 105.27 108.89
C GLN Q 455 -5.68 105.81 107.51
N ALA Q 456 -6.82 105.42 106.91
CA ALA Q 456 -7.23 106.00 105.64
C ALA Q 456 -7.61 107.46 105.80
N LYS Q 457 -8.23 107.81 106.93
CA LYS Q 457 -8.55 109.21 107.21
C LYS Q 457 -7.28 110.04 107.39
N ASP Q 458 -6.29 109.48 108.09
CA ASP Q 458 -5.01 110.17 108.25
C ASP Q 458 -4.30 110.36 106.92
N GLU Q 459 -4.37 109.32 106.09
CA GLU Q 459 -3.80 109.37 104.74
C GLU Q 459 -4.43 110.46 103.90
N ILE Q 460 -5.77 110.46 103.80
CA ILE Q 460 -6.44 111.45 102.95
C ILE Q 460 -6.23 112.86 103.51
N THR Q 461 -6.22 113.02 104.84
CA THR Q 461 -6.12 114.34 105.45
C THR Q 461 -4.74 114.95 105.25
N GLU Q 462 -3.70 114.28 105.78
CA GLU Q 462 -2.36 114.85 105.69
C GLU Q 462 -1.84 114.87 104.27
N TRP Q 463 -2.23 113.89 103.45
CA TRP Q 463 -1.78 113.82 102.08
C TRP Q 463 -2.43 114.92 101.24
N GLU Q 464 -3.72 115.22 101.45
CA GLU Q 464 -4.31 116.33 100.70
C GLU Q 464 -3.78 117.66 101.19
N SER Q 465 -3.44 117.77 102.49
CA SER Q 465 -2.88 119.01 103.02
C SER Q 465 -1.54 119.31 102.38
N ARG Q 466 -0.68 118.29 102.29
CA ARG Q 466 0.63 118.53 101.71
C ARG Q 466 0.56 118.68 100.18
N VAL Q 467 -0.40 118.03 99.50
CA VAL Q 467 -0.51 118.19 98.05
C VAL Q 467 -1.04 119.59 97.69
N THR Q 468 -2.04 120.07 98.42
CA THR Q 468 -2.51 121.44 98.21
C THR Q 468 -1.44 122.45 98.57
N GLN Q 469 -0.66 122.16 99.62
CA GLN Q 469 0.51 122.95 99.94
C GLN Q 469 1.50 122.98 98.78
N TYR Q 470 1.69 121.83 98.14
CA TYR Q 470 2.58 121.73 96.99
C TYR Q 470 2.10 122.58 95.83
N GLU Q 471 0.80 122.55 95.50
CA GLU Q 471 0.41 123.30 94.31
C GLU Q 471 0.34 124.81 94.56
N ARG Q 472 0.01 125.29 95.77
CA ARG Q 472 0.11 126.74 95.87
C ARG Q 472 1.54 127.20 96.13
N ASP Q 473 2.41 126.31 96.62
CA ASP Q 473 3.83 126.62 96.56
C ASP Q 473 4.35 126.60 95.13
N PHE Q 474 3.71 125.86 94.23
CA PHE Q 474 4.08 125.92 92.82
C PHE Q 474 3.59 127.22 92.21
N GLU Q 475 2.46 127.73 92.70
CA GLU Q 475 2.06 129.09 92.38
C GLU Q 475 3.10 130.10 92.88
N ARG Q 476 3.65 129.86 94.07
CA ARG Q 476 4.68 130.74 94.62
C ARG Q 476 5.95 130.71 93.79
N ILE Q 477 6.37 129.52 93.34
CA ILE Q 477 7.58 129.47 92.54
C ILE Q 477 7.31 129.99 91.14
N SER Q 478 6.06 129.93 90.66
CA SER Q 478 5.72 130.58 89.41
C SER Q 478 5.82 132.10 89.53
N THR Q 479 5.41 132.64 90.68
CA THR Q 479 5.56 134.07 90.90
C THR Q 479 7.03 134.49 91.00
N VAL Q 480 7.86 133.69 91.66
CA VAL Q 480 9.26 134.09 91.76
C VAL Q 480 9.97 133.87 90.43
N VAL Q 481 9.48 132.94 89.60
CA VAL Q 481 9.96 132.82 88.22
C VAL Q 481 9.58 134.05 87.42
N ARG Q 482 8.37 134.58 87.63
CA ARG Q 482 7.97 135.79 86.89
C ARG Q 482 8.74 137.03 87.34
N LYS Q 483 9.08 137.11 88.62
CA LYS Q 483 9.98 138.18 89.06
C LYS Q 483 11.38 138.00 88.47
N GLU Q 484 11.83 136.75 88.33
CA GLU Q 484 13.07 136.49 87.61
C GLU Q 484 12.94 136.81 86.13
N VAL Q 485 11.74 136.68 85.56
CA VAL Q 485 11.49 137.05 84.17
C VAL Q 485 11.65 138.55 83.99
N THR Q 486 11.08 139.32 84.91
CA THR Q 486 11.29 140.77 84.95
C THR Q 486 12.77 141.09 85.11
N ARG Q 487 13.49 140.29 85.90
CA ARG Q 487 14.92 140.48 86.07
C ARG Q 487 15.67 140.21 84.76
N PHE Q 488 15.27 139.21 83.98
CA PHE Q 488 16.07 139.05 82.79
C PHE Q 488 15.56 139.88 81.60
N GLU Q 489 14.36 140.46 81.67
CA GLU Q 489 14.14 141.59 80.76
C GLU Q 489 14.94 142.81 81.19
N LYS Q 490 15.25 142.93 82.48
CA LYS Q 490 16.17 143.98 82.89
C LYS Q 490 17.57 143.72 82.34
N GLU Q 491 17.99 142.46 82.28
CA GLU Q 491 19.28 142.25 81.63
C GLU Q 491 19.17 142.25 80.10
N LYS Q 492 17.98 142.09 79.54
CA LYS Q 492 17.77 142.46 78.14
C LYS Q 492 18.07 143.94 77.93
N SER Q 493 17.56 144.78 78.83
CA SER Q 493 17.90 146.20 78.81
C SER Q 493 19.40 146.41 79.02
N LYS Q 494 20.02 145.57 79.85
CA LYS Q 494 21.44 145.74 80.16
C LYS Q 494 22.33 145.36 78.97
N ASP Q 495 22.03 144.26 78.29
CA ASP Q 495 22.93 143.88 77.20
C ASP Q 495 22.57 144.60 75.89
N PHE Q 496 21.31 145.05 75.75
CA PHE Q 496 21.03 146.05 74.73
C PHE Q 496 21.78 147.34 75.02
N LYS Q 497 21.88 147.73 76.29
CA LYS Q 497 22.72 148.85 76.69
C LYS Q 497 24.20 148.57 76.44
N ASN Q 498 24.61 147.30 76.52
CA ASN Q 498 25.98 146.96 76.16
C ASN Q 498 26.24 147.18 74.68
N HIS Q 499 25.28 146.84 73.83
CA HIS Q 499 25.45 147.21 72.42
C HIS Q 499 25.33 148.72 72.21
N VAL Q 500 24.53 149.41 73.03
CA VAL Q 500 24.42 150.86 72.94
C VAL Q 500 25.75 151.53 73.30
N MET Q 501 26.36 151.12 74.40
CA MET Q 501 27.68 151.65 74.75
C MET Q 501 28.76 151.14 73.81
N LYS Q 502 28.55 149.99 73.16
CA LYS Q 502 29.42 149.56 72.08
C LYS Q 502 29.41 150.55 70.93
N TYR Q 503 28.24 150.92 70.43
CA TYR Q 503 28.25 151.88 69.33
C TYR Q 503 28.62 153.28 69.82
N LEU Q 504 28.42 153.55 71.11
CA LEU Q 504 28.89 154.80 71.70
C LEU Q 504 30.41 154.90 71.63
N GLU Q 505 31.13 153.89 72.12
CA GLU Q 505 32.58 153.88 71.97
C GLU Q 505 33.01 153.67 70.53
N THR Q 506 32.17 153.07 69.69
CA THR Q 506 32.51 152.89 68.29
C THR Q 506 32.56 154.22 67.57
N LEU Q 507 31.48 155.01 67.69
CA LEU Q 507 31.46 156.35 67.14
C LEU Q 507 32.54 157.22 67.77
N LEU Q 508 32.73 157.11 69.09
CA LEU Q 508 33.78 157.85 69.78
C LEU Q 508 35.18 157.57 69.26
N HIS Q 509 35.65 156.32 69.37
CA HIS Q 509 37.03 156.05 69.03
C HIS Q 509 37.24 156.10 67.52
N SER Q 510 36.21 155.73 66.74
CA SER Q 510 36.27 155.84 65.30
C SER Q 510 36.44 157.29 64.87
N GLN Q 511 35.60 158.18 65.42
CA GLN Q 511 35.67 159.59 65.08
C GLN Q 511 36.96 160.22 65.56
N GLN Q 512 37.35 159.97 66.81
CA GLN Q 512 38.51 160.67 67.36
C GLN Q 512 39.80 160.16 66.72
N GLN Q 513 39.96 158.84 66.56
CA GLN Q 513 41.18 158.31 65.96
C GLN Q 513 41.24 158.62 64.48
N LEU Q 514 40.13 158.35 63.76
CA LEU Q 514 40.02 158.58 62.33
C LEU Q 514 40.26 160.04 61.97
N ALA Q 515 39.41 160.94 62.50
CA ALA Q 515 39.58 162.36 62.26
C ALA Q 515 40.84 162.92 62.90
N LYS Q 516 41.43 162.23 63.89
CA LYS Q 516 42.70 162.66 64.45
C LYS Q 516 43.81 162.48 63.45
N TYR Q 517 43.89 161.31 62.81
CA TYR Q 517 44.93 161.22 61.80
C TYR Q 517 44.52 161.90 60.50
N TRP Q 518 43.23 162.22 60.30
CA TRP Q 518 42.88 163.16 59.22
C TRP Q 518 43.48 164.53 59.46
N GLU Q 519 43.25 165.11 60.65
CA GLU Q 519 43.77 166.43 60.96
C GLU Q 519 45.26 166.43 61.29
N ALA Q 520 45.86 165.25 61.42
CA ALA Q 520 47.31 165.15 61.58
C ALA Q 520 48.01 164.79 60.28
N PHE Q 521 47.29 164.29 59.28
CA PHE Q 521 47.91 163.86 58.04
C PHE Q 521 47.52 164.70 56.83
N LEU Q 522 46.45 165.49 56.92
CA LEU Q 522 46.25 166.55 55.94
C LEU Q 522 47.26 167.71 56.02
N PRO Q 523 47.67 168.22 57.21
CA PRO Q 523 48.72 169.25 57.19
C PRO Q 523 50.08 168.77 56.73
N GLU Q 524 50.35 167.46 56.77
CA GLU Q 524 51.52 167.00 56.04
C GLU Q 524 51.19 166.71 54.58
N ALA Q 525 49.92 166.47 54.25
CA ALA Q 525 49.52 166.33 52.85
C ALA Q 525 49.05 167.64 52.24
N LYS Q 526 49.55 168.78 52.73
CA LYS Q 526 49.41 170.03 51.99
C LYS Q 526 50.07 169.91 50.62
N ALA Q 527 51.41 169.75 50.60
CA ALA Q 527 52.05 169.05 49.48
C ALA Q 527 53.31 168.36 50.00
N ILE Q 528 53.10 167.17 50.59
CA ILE Q 528 54.07 166.10 50.85
C ILE Q 528 53.21 164.85 50.90
N SER Q 529 53.58 163.81 50.15
CA SER Q 529 52.76 162.60 50.14
C SER Q 529 53.13 161.66 51.28
N PHE R 150 43.74 171.82 27.19
CA PHE R 150 44.47 171.33 26.04
C PHE R 150 43.57 171.41 24.79
N ASP R 151 44.21 171.47 23.61
CA ASP R 151 43.55 171.65 22.33
C ASP R 151 42.61 170.53 21.96
N LEU R 152 42.79 169.33 22.50
CA LEU R 152 41.92 168.18 22.24
C LEU R 152 40.74 168.28 23.20
N THR R 153 39.61 168.77 22.69
CA THR R 153 38.36 168.87 23.47
C THR R 153 37.31 168.04 22.74
N VAL R 154 37.00 166.86 23.27
CA VAL R 154 36.07 165.93 22.64
C VAL R 154 34.96 165.57 23.62
N GLY R 155 33.95 164.87 23.10
CA GLY R 155 32.87 164.36 23.91
C GLY R 155 32.23 163.13 23.32
N ILE R 156 32.16 162.05 24.08
CA ILE R 156 31.70 160.75 23.60
C ILE R 156 30.48 160.33 24.41
N THR R 157 29.33 160.22 23.76
CA THR R 157 28.08 159.90 24.43
C THR R 157 27.35 158.82 23.66
N ASP R 158 26.12 158.52 24.13
CA ASP R 158 25.09 157.71 23.50
C ASP R 158 25.54 156.31 23.08
N PRO R 159 25.68 155.37 24.02
CA PRO R 159 25.97 153.99 23.64
C PRO R 159 24.79 153.32 22.93
N GLU R 160 24.66 153.56 21.63
CA GLU R 160 23.52 153.11 20.85
C GLU R 160 23.82 151.72 20.29
N LYS R 161 22.95 150.75 20.59
CA LYS R 161 23.12 149.37 20.18
C LYS R 161 22.68 149.16 18.74
N ILE R 162 23.19 148.09 18.12
CA ILE R 162 22.97 147.84 16.70
C ILE R 162 22.12 146.58 16.60
N GLY R 163 21.25 146.37 17.58
CA GLY R 163 20.32 145.26 17.57
C GLY R 163 20.63 144.27 18.68
N ASP R 164 20.29 143.00 18.43
CA ASP R 164 20.42 141.94 19.42
C ASP R 164 21.57 141.01 19.06
N GLY R 165 22.25 140.53 20.10
CA GLY R 165 23.36 139.63 19.99
C GLY R 165 24.16 139.63 21.26
N MET R 166 25.36 139.06 21.20
CA MET R 166 26.29 139.04 22.33
C MET R 166 27.64 139.54 21.85
N ASN R 167 28.03 140.74 22.33
CA ASN R 167 29.37 141.30 22.19
C ASN R 167 29.76 141.55 20.73
N ALA R 168 28.94 142.36 20.04
CA ALA R 168 29.24 142.66 18.64
C ALA R 168 29.53 144.12 18.38
N TYR R 169 28.56 145.03 18.59
CA TYR R 169 28.65 146.39 18.06
C TYR R 169 27.74 147.32 18.84
N VAL R 170 28.29 148.46 19.26
CA VAL R 170 27.53 149.55 19.87
C VAL R 170 28.04 150.86 19.29
N ALA R 171 27.13 151.68 18.78
CA ALA R 171 27.49 152.96 18.19
C ALA R 171 27.81 154.00 19.27
N TYR R 172 28.70 154.93 18.93
CA TYR R 172 29.17 155.96 19.85
C TYR R 172 28.94 157.34 19.24
N LYS R 173 28.15 158.17 19.91
CA LYS R 173 28.05 159.57 19.54
C LYS R 173 29.29 160.30 20.04
N VAL R 174 30.19 160.63 19.13
CA VAL R 174 31.47 161.24 19.47
C VAL R 174 31.50 162.65 18.91
N THR R 175 31.42 163.64 19.80
CA THR R 175 31.48 165.03 19.38
C THR R 175 32.87 165.59 19.67
N THR R 176 33.52 166.12 18.64
CA THR R 176 34.90 166.59 18.71
C THR R 176 34.94 168.09 18.42
N GLN R 177 35.45 168.86 19.38
CA GLN R 177 35.56 170.30 19.27
C GLN R 177 37.02 170.74 19.30
N THR R 178 37.87 170.04 18.56
CA THR R 178 39.32 170.14 18.73
C THR R 178 39.85 171.42 18.11
N SER R 179 40.87 172.01 18.73
CA SER R 179 41.68 173.08 18.15
C SER R 179 42.72 172.51 17.20
N LEU R 180 43.77 173.30 16.89
CA LEU R 180 44.91 172.90 16.06
C LEU R 180 44.47 172.54 14.63
N PRO R 181 44.36 173.54 13.73
CA PRO R 181 43.48 173.45 12.55
C PRO R 181 43.73 172.34 11.52
N MET R 182 44.64 171.41 11.81
CA MET R 182 44.60 170.11 11.15
C MET R 182 43.28 169.39 11.40
N PHE R 183 42.68 169.58 12.58
CA PHE R 183 41.25 169.32 12.72
C PHE R 183 40.49 170.40 11.95
N ARG R 184 39.46 169.98 11.21
CA ARG R 184 38.99 170.76 10.06
C ARG R 184 38.29 172.05 10.47
N SER R 185 37.16 171.94 11.18
CA SER R 185 36.26 173.09 11.29
C SER R 185 35.70 173.31 12.69
N ARG R 186 36.41 172.87 13.74
CA ARG R 186 36.13 173.14 15.16
C ARG R 186 34.81 172.59 15.68
N GLN R 187 34.01 171.95 14.82
CA GLN R 187 32.69 171.46 15.20
C GLN R 187 32.40 170.22 14.35
N PHE R 188 32.79 169.07 14.87
CA PHE R 188 32.44 167.77 14.29
C PHE R 188 31.75 166.92 15.34
N ALA R 189 30.88 166.03 14.87
CA ALA R 189 30.14 165.11 15.73
C ALA R 189 30.02 163.79 14.97
N VAL R 190 30.96 162.88 15.20
CA VAL R 190 31.03 161.65 14.43
C VAL R 190 30.35 160.52 15.19
N LYS R 191 29.69 159.64 14.45
CA LYS R 191 29.08 158.43 14.98
C LYS R 191 29.97 157.26 14.57
N ARG R 192 30.66 156.67 15.53
CA ARG R 192 31.67 155.66 15.24
C ARG R 192 31.32 154.38 15.98
N ARG R 193 31.31 153.26 15.25
CA ARG R 193 31.10 151.95 15.84
C ARG R 193 32.43 151.24 16.02
N PHE R 194 32.66 150.73 17.23
CA PHE R 194 33.90 150.01 17.49
C PHE R 194 33.82 148.59 16.95
N SER R 195 34.88 147.82 17.18
CA SER R 195 35.17 146.52 16.55
C SER R 195 35.23 146.61 15.03
N ASP R 196 35.49 147.80 14.50
CA ASP R 196 35.67 148.04 13.07
C ASP R 196 36.97 148.79 12.79
N PHE R 197 37.30 149.78 13.61
CA PHE R 197 38.56 150.49 13.47
C PHE R 197 39.67 149.92 14.35
N LEU R 198 39.43 148.82 15.06
CA LEU R 198 40.57 148.11 15.60
C LEU R 198 41.24 147.30 14.49
N GLY R 199 40.51 146.95 13.43
CA GLY R 199 41.16 146.46 12.23
C GLY R 199 41.97 147.54 11.54
N LEU R 200 41.50 148.79 11.60
CA LEU R 200 42.30 149.92 11.17
C LEU R 200 43.53 150.08 12.06
N TYR R 201 43.38 149.83 13.35
CA TYR R 201 44.50 149.84 14.28
C TYR R 201 45.49 148.72 13.97
N GLU R 202 45.01 147.59 13.48
CA GLU R 202 45.94 146.53 13.11
C GLU R 202 46.60 146.80 11.76
N LYS R 203 45.93 147.55 10.89
CA LYS R 203 46.60 148.07 9.71
C LYS R 203 47.69 149.07 10.12
N LEU R 204 47.41 149.88 11.14
CA LEU R 204 48.42 150.73 11.75
C LEU R 204 49.55 149.90 12.37
N SER R 205 49.21 148.75 12.94
CA SER R 205 50.18 147.89 13.58
C SER R 205 51.16 147.31 12.57
N GLU R 206 50.63 146.74 11.47
CA GLU R 206 51.51 146.25 10.42
C GLU R 206 52.23 147.39 9.70
N LYS R 207 51.60 148.58 9.64
CA LYS R 207 52.23 149.74 9.03
C LYS R 207 53.48 150.17 9.81
N HIS R 208 53.35 150.35 11.13
CA HIS R 208 54.54 150.69 11.88
C HIS R 208 55.46 149.50 12.09
N SER R 209 55.00 148.27 11.79
CA SER R 209 55.97 147.19 11.68
C SER R 209 56.86 147.39 10.47
N GLN R 210 56.30 147.79 9.33
CA GLN R 210 57.15 147.96 8.16
C GLN R 210 57.93 149.28 8.16
N ASN R 211 57.47 150.32 8.89
CA ASN R 211 58.20 151.58 8.79
C ASN R 211 58.60 152.18 10.13
N GLY R 212 58.37 151.50 11.24
CA GLY R 212 58.88 151.98 12.52
C GLY R 212 58.19 153.20 13.08
N PHE R 213 56.88 153.31 12.90
CA PHE R 213 56.14 154.45 13.44
C PHE R 213 55.63 154.12 14.84
N ILE R 214 54.73 154.96 15.36
CA ILE R 214 54.26 154.88 16.74
C ILE R 214 52.74 154.95 16.75
N VAL R 215 52.12 153.92 17.35
CA VAL R 215 50.63 153.85 17.45
C VAL R 215 50.23 154.25 18.88
N PRO R 216 48.98 154.68 19.12
CA PRO R 216 48.52 155.03 20.46
C PRO R 216 47.81 153.88 21.21
N PRO R 217 47.46 154.02 22.51
CA PRO R 217 46.69 153.00 23.26
C PRO R 217 45.53 152.31 22.51
N PRO R 218 45.10 151.11 22.93
CA PRO R 218 44.10 150.34 22.17
C PRO R 218 42.70 150.95 22.01
N PRO R 219 42.08 150.86 20.82
CA PRO R 219 40.69 151.26 20.64
C PRO R 219 39.95 149.95 20.95
N GLU R 220 40.00 149.48 22.20
CA GLU R 220 39.44 148.16 22.60
C GLU R 220 38.14 147.80 21.85
N LYS R 221 38.09 146.58 21.32
CA LYS R 221 36.91 146.14 20.51
C LYS R 221 35.95 145.32 21.39
N SER R 222 35.07 144.54 20.76
CA SER R 222 34.09 143.71 21.51
C SER R 222 34.45 142.23 21.37
N LEU R 223 33.45 141.35 21.26
CA LEU R 223 33.69 139.90 21.30
C LEU R 223 34.63 139.58 22.48
N ILE R 224 34.33 140.22 23.61
CA ILE R 224 35.13 140.09 24.82
C ILE R 224 34.32 139.61 26.02
N GLY R 225 33.00 139.73 25.99
CA GLY R 225 32.21 139.40 27.17
C GLY R 225 32.10 137.90 27.39
N MET R 226 31.95 137.14 26.31
CA MET R 226 31.84 135.70 26.39
C MET R 226 33.02 134.97 25.78
N THR R 227 33.93 135.68 25.13
CA THR R 227 35.12 135.09 24.51
C THR R 227 36.36 135.87 24.94
N LYS R 228 37.49 135.15 25.01
CA LYS R 228 38.87 135.67 25.03
C LYS R 228 39.24 136.34 26.36
N VAL R 229 38.27 136.53 27.25
CA VAL R 229 38.48 137.16 28.55
C VAL R 229 38.00 136.18 29.61
N LYS R 230 38.69 136.15 30.75
CA LYS R 230 38.48 135.14 31.78
C LYS R 230 38.05 135.66 33.14
N VAL R 231 36.95 136.42 33.28
CA VAL R 231 35.84 136.59 32.34
C VAL R 231 35.40 138.06 32.31
N GLY R 232 34.34 138.34 31.55
CA GLY R 232 33.75 139.68 31.51
C GLY R 232 32.25 139.69 31.70
N LYS R 233 31.71 140.71 32.37
CA LYS R 233 30.28 140.80 32.67
C LYS R 233 29.67 141.99 31.95
N GLU R 234 28.45 141.80 31.44
CA GLU R 234 27.82 142.78 30.57
C GLU R 234 26.95 143.80 31.31
N ASP R 235 26.38 143.43 32.46
CA ASP R 235 25.62 144.40 33.23
C ASP R 235 26.55 145.46 33.83
N SER R 236 27.75 145.06 34.22
CA SER R 236 28.80 146.02 34.56
C SER R 236 29.39 146.69 33.32
N SER R 237 29.20 146.09 32.14
CA SER R 237 29.72 146.72 30.93
C SER R 237 28.79 147.80 30.39
N SER R 238 27.49 147.63 30.62
CA SER R 238 26.35 148.27 29.93
C SER R 238 26.50 149.77 29.68
N ALA R 239 27.17 150.47 30.58
CA ALA R 239 27.64 151.81 30.29
C ALA R 239 29.09 151.95 30.72
N GLU R 240 29.48 151.14 31.71
CA GLU R 240 30.71 151.45 32.44
C GLU R 240 31.94 150.92 31.72
N PHE R 241 31.88 149.71 31.13
CA PHE R 241 33.03 149.29 30.34
C PHE R 241 33.07 150.04 29.03
N LEU R 242 31.94 150.60 28.59
CA LEU R 242 31.95 151.53 27.48
C LEU R 242 32.65 152.83 27.88
N GLU R 243 32.51 153.23 29.14
CA GLU R 243 33.33 154.34 29.65
C GLU R 243 34.80 153.95 29.75
N LYS R 244 35.09 152.67 29.97
CA LYS R 244 36.48 152.21 29.92
C LYS R 244 37.01 152.24 28.49
N ARG R 245 36.15 151.95 27.51
CA ARG R 245 36.50 152.16 26.11
C ARG R 245 36.77 153.64 25.85
N ARG R 246 35.97 154.51 26.47
CA ARG R 246 36.17 155.96 26.35
C ARG R 246 37.50 156.39 26.97
N ALA R 247 37.91 155.72 28.05
CA ALA R 247 39.19 156.05 28.69
C ALA R 247 40.36 155.60 27.81
N ALA R 248 40.28 154.38 27.27
CA ALA R 248 41.31 153.90 26.35
C ALA R 248 41.32 154.73 25.07
N LEU R 249 40.16 155.23 24.65
CA LEU R 249 40.09 156.10 23.48
C LEU R 249 40.60 157.49 23.78
N GLU R 250 40.48 157.96 25.02
CA GLU R 250 41.06 159.24 25.38
C GLU R 250 42.58 159.16 25.39
N ARG R 251 43.11 158.03 25.88
CA ARG R 251 44.56 157.82 25.82
C ARG R 251 45.02 157.63 24.38
N TYR R 252 44.19 156.99 23.56
CA TYR R 252 44.38 156.92 22.12
C TYR R 252 44.50 158.30 21.50
N LEU R 253 43.59 159.21 21.87
CA LEU R 253 43.60 160.57 21.32
C LEU R 253 44.83 161.34 21.78
N GLN R 254 45.19 161.21 23.06
CA GLN R 254 46.32 161.97 23.58
C GLN R 254 47.63 161.49 22.96
N ARG R 255 47.81 160.19 22.83
CA ARG R 255 49.07 159.74 22.25
C ARG R 255 49.07 159.77 20.73
N ILE R 256 47.91 159.85 20.07
CA ILE R 256 47.94 160.11 18.64
C ILE R 256 48.22 161.59 18.39
N VAL R 257 48.07 162.42 19.42
CA VAL R 257 48.49 163.83 19.29
C VAL R 257 49.99 163.85 19.60
N ASN R 258 50.45 162.90 20.44
CA ASN R 258 51.87 162.87 20.88
C ASN R 258 52.84 162.60 19.73
N HIS R 259 52.42 161.89 18.66
CA HIS R 259 53.29 161.78 17.46
C HIS R 259 52.71 162.78 16.46
N PRO R 260 53.02 164.12 16.43
CA PRO R 260 52.29 165.06 15.57
C PRO R 260 52.65 164.98 14.09
N THR R 261 53.90 164.62 13.79
CA THR R 261 54.26 164.37 12.41
C THR R 261 53.63 163.07 11.92
N MET R 262 53.61 162.05 12.75
CA MET R 262 52.92 160.81 12.43
C MET R 262 51.42 160.94 12.59
N LEU R 263 50.95 161.92 13.36
CA LEU R 263 49.56 162.33 13.30
C LEU R 263 49.21 162.92 11.94
N GLN R 264 50.18 163.53 11.26
CA GLN R 264 49.97 164.00 9.89
C GLN R 264 50.24 162.90 8.87
N ASP R 265 49.63 161.74 9.13
CA ASP R 265 49.30 160.73 8.13
C ASP R 265 47.80 160.93 7.96
N PRO R 266 47.37 161.84 7.09
CA PRO R 266 46.00 162.39 7.18
C PRO R 266 44.91 161.42 6.78
N ASP R 267 45.25 160.29 6.16
CA ASP R 267 44.25 159.31 5.75
C ASP R 267 43.52 158.73 6.96
N VAL R 268 44.27 158.31 7.98
CA VAL R 268 43.63 157.74 9.16
C VAL R 268 43.00 158.80 10.05
N ARG R 269 43.50 160.04 10.00
CA ARG R 269 42.84 161.12 10.72
C ARG R 269 41.49 161.43 10.12
N GLU R 270 41.41 161.48 8.78
CA GLU R 270 40.12 161.63 8.12
C GLU R 270 39.25 160.38 8.30
N PHE R 271 39.87 159.21 8.48
CA PHE R 271 39.09 158.02 8.80
C PHE R 271 38.43 158.15 10.15
N LEU R 272 39.14 158.71 11.12
CA LEU R 272 38.57 158.90 12.44
C LEU R 272 37.52 160.01 12.48
N GLU R 273 37.77 161.13 11.81
CA GLU R 273 36.85 162.26 11.92
C GLU R 273 35.76 162.27 10.85
N LYS R 274 35.58 161.16 10.13
CA LYS R 274 34.46 161.03 9.20
C LYS R 274 33.75 159.71 9.48
N GLU R 275 32.69 159.45 8.69
CA GLU R 275 31.81 158.30 8.88
C GLU R 275 31.72 157.57 7.54
N GLU R 276 32.42 156.44 7.43
CA GLU R 276 32.38 155.60 6.25
C GLU R 276 32.32 154.14 6.64
N LEU R 277 31.78 153.88 7.84
CA LEU R 277 31.87 152.71 8.71
C LEU R 277 31.81 151.37 7.99
N PRO R 278 32.71 150.43 8.32
CA PRO R 278 32.68 149.12 7.68
C PRO R 278 31.50 148.28 8.14
N ARG R 279 31.29 147.16 7.46
CA ARG R 279 30.19 146.26 7.73
C ARG R 279 30.54 145.35 8.91
N ALA R 280 29.65 144.41 9.22
CA ALA R 280 29.70 143.64 10.45
C ALA R 280 30.47 142.32 10.32
N VAL R 281 31.50 142.26 9.48
CA VAL R 281 32.24 141.02 9.26
C VAL R 281 33.49 140.98 10.14
N GLY R 282 33.52 141.81 11.18
CA GLY R 282 34.71 141.96 11.99
C GLY R 282 34.97 140.90 13.06
N THR R 283 34.39 139.71 12.91
CA THR R 283 34.63 138.59 13.82
C THR R 283 35.14 137.41 13.01
N GLN R 284 36.46 137.28 12.92
CA GLN R 284 37.08 136.17 12.20
C GLN R 284 38.44 135.89 12.82
N ALA R 285 39.11 134.86 12.32
CA ALA R 285 40.44 134.49 12.79
C ALA R 285 41.33 134.22 11.57
N LEU R 286 42.30 135.11 11.36
CA LEU R 286 43.27 134.97 10.28
C LEU R 286 44.68 135.35 10.75
N SER R 287 45.06 134.84 11.93
CA SER R 287 46.31 135.23 12.59
C SER R 287 47.50 134.39 12.14
N GLY R 288 47.45 133.91 10.89
CA GLY R 288 48.53 133.13 10.31
C GLY R 288 49.86 133.85 10.23
N ALA R 289 49.86 135.18 10.26
CA ALA R 289 51.10 135.92 10.44
C ALA R 289 51.74 135.60 11.79
N GLY R 290 50.94 135.62 12.85
CA GLY R 290 51.44 135.18 14.15
C GLY R 290 51.81 133.72 14.20
N LEU R 291 51.13 132.89 13.39
CA LEU R 291 51.56 131.50 13.22
C LEU R 291 52.96 131.41 12.60
N LEU R 292 53.23 132.20 11.56
CA LEU R 292 54.57 132.22 10.99
C LEU R 292 55.61 132.81 11.94
N LYS R 293 55.20 133.71 12.83
CA LYS R 293 56.10 134.15 13.89
C LYS R 293 56.44 133.00 14.83
N MET R 294 55.45 132.18 15.18
CA MET R 294 55.69 131.00 16.00
C MET R 294 56.56 129.98 15.26
N PHE R 295 56.45 129.91 13.93
CA PHE R 295 57.38 129.07 13.17
C PHE R 295 58.80 129.61 13.20
N ASN R 296 58.98 130.92 13.06
CA ASN R 296 60.31 131.51 13.00
C ASN R 296 60.95 131.66 14.38
N LYS R 297 60.18 131.41 15.45
CA LYS R 297 60.74 131.40 16.81
C LYS R 297 61.86 130.38 16.98
N ALA R 298 61.83 129.28 16.22
CA ALA R 298 62.91 128.30 16.28
C ALA R 298 64.22 128.87 15.72
N THR R 299 64.13 129.68 14.67
CA THR R 299 65.32 130.35 14.15
C THR R 299 65.76 131.46 15.09
N ASP R 300 64.80 132.09 15.77
CA ASP R 300 65.13 133.11 16.78
C ASP R 300 65.93 132.50 17.93
N ALA R 301 65.54 131.31 18.36
CA ALA R 301 66.17 130.65 19.50
C ALA R 301 67.60 130.19 19.21
N VAL R 302 67.99 130.06 17.93
CA VAL R 302 69.36 129.73 17.60
C VAL R 302 70.15 130.92 17.11
N SER R 303 69.50 132.04 16.75
CA SER R 303 70.24 133.21 16.33
C SER R 303 70.39 134.27 17.42
N LYS R 304 69.71 134.10 18.56
CA LYS R 304 69.66 135.16 19.58
C LYS R 304 71.02 135.54 20.16
N MET R 305 72.00 134.63 20.14
CA MET R 305 73.35 134.98 20.61
C MET R 305 74.05 135.94 19.65
N THR R 306 73.95 135.66 18.34
CA THR R 306 74.47 136.57 17.32
C THR R 306 73.72 137.89 17.30
N ILE R 307 72.47 137.90 17.78
CA ILE R 307 71.85 139.18 18.10
C ILE R 307 72.56 139.83 19.29
N LYS R 308 72.80 139.06 20.36
CA LYS R 308 73.34 139.60 21.62
C LYS R 308 74.77 140.09 21.52
N MET R 309 75.48 139.90 20.40
CA MET R 309 76.84 140.41 20.31
C MET R 309 76.91 141.93 20.05
N ASN R 310 75.77 142.62 19.95
CA ASN R 310 75.74 144.03 19.59
C ASN R 310 76.04 144.92 20.81
N GLU R 311 75.75 146.22 20.68
CA GLU R 311 76.01 147.21 21.73
C GLU R 311 74.76 147.96 22.17
N SER R 312 73.78 148.16 21.28
CA SER R 312 72.56 148.85 21.70
C SER R 312 71.74 148.01 22.67
N ASP R 313 71.74 146.69 22.49
CA ASP R 313 71.07 145.82 23.44
C ASP R 313 71.83 145.74 24.76
N ILE R 314 73.10 146.11 24.76
CA ILE R 314 73.82 146.28 26.03
C ILE R 314 73.28 147.51 26.76
N TRP R 315 72.78 148.50 26.02
CA TRP R 315 72.03 149.57 26.65
C TRP R 315 70.61 149.16 26.99
N PHE R 316 70.08 148.12 26.33
CA PHE R 316 68.66 147.84 26.41
C PHE R 316 68.27 146.72 27.38
N GLU R 317 69.11 145.71 27.59
CA GLU R 317 68.66 144.47 28.21
C GLU R 317 68.43 144.63 29.71
N GLU R 318 68.99 145.68 30.31
CA GLU R 318 68.67 146.02 31.70
C GLU R 318 67.19 146.32 31.83
N LYS R 319 66.64 147.05 30.86
CA LYS R 319 65.22 147.32 30.82
C LYS R 319 64.43 146.03 30.58
N LEU R 320 65.01 145.07 29.87
CA LEU R 320 64.34 143.79 29.61
C LEU R 320 64.17 142.99 30.89
N GLN R 321 65.25 142.78 31.63
CA GLN R 321 65.17 142.03 32.89
C GLN R 321 64.38 142.80 33.94
N GLU R 322 64.53 144.12 33.95
CA GLU R 322 63.77 144.97 34.87
C GLU R 322 62.28 144.89 34.60
N VAL R 323 61.89 144.96 33.32
CA VAL R 323 60.47 144.90 33.01
C VAL R 323 59.95 143.47 33.16
N GLU R 324 60.84 142.46 33.14
CA GLU R 324 60.41 141.11 33.43
C GLU R 324 60.01 140.95 34.90
N CYS R 325 60.87 141.44 35.82
CA CYS R 325 60.47 141.35 37.23
C CYS R 325 59.30 142.28 37.54
N GLU R 326 59.22 143.42 36.83
CA GLU R 326 58.07 144.30 36.98
C GLU R 326 56.77 143.65 36.50
N GLU R 327 56.81 142.96 35.35
CA GLU R 327 55.58 142.36 34.85
C GLU R 327 55.15 141.18 35.71
N GLN R 328 56.12 140.45 36.28
CA GLN R 328 55.78 139.38 37.20
C GLN R 328 55.09 139.92 38.45
N ARG R 329 55.66 140.96 39.06
CA ARG R 329 55.07 141.46 40.33
C ARG R 329 53.81 142.30 40.05
N LEU R 330 53.61 142.80 38.82
CA LEU R 330 52.34 143.52 38.57
C LEU R 330 51.23 142.54 38.16
N ARG R 331 51.57 141.40 37.55
CA ARG R 331 50.51 140.39 37.24
C ARG R 331 50.09 139.73 38.56
N LYS R 332 51.00 139.62 39.53
CA LYS R 332 50.63 139.11 40.84
C LYS R 332 49.79 140.13 41.63
N LEU R 333 50.21 141.40 41.62
CA LEU R 333 49.43 142.44 42.28
C LEU R 333 48.06 142.64 41.60
N HIS R 334 47.95 142.50 40.12
CA HIS R 334 46.68 142.46 39.37
C HIS R 334 45.74 141.40 39.93
N ALA R 335 46.27 140.19 40.13
CA ALA R 335 45.46 139.09 40.64
C ALA R 335 44.96 139.35 42.06
N VAL R 336 45.82 139.87 42.93
CA VAL R 336 45.39 140.11 44.31
C VAL R 336 44.45 141.33 44.40
N VAL R 337 44.61 142.32 43.53
CA VAL R 337 43.68 143.44 43.42
C VAL R 337 42.30 142.97 42.99
N GLU R 338 42.24 142.10 41.98
CA GLU R 338 40.93 141.59 41.56
C GLU R 338 40.36 140.61 42.59
N THR R 339 41.23 140.00 43.40
CA THR R 339 40.75 139.22 44.55
C THR R 339 40.08 140.12 45.57
N LEU R 340 40.61 141.34 45.78
CA LEU R 340 39.91 142.29 46.63
C LEU R 340 38.61 142.78 45.99
N VAL R 341 38.59 142.90 44.67
CA VAL R 341 37.37 143.33 43.97
C VAL R 341 36.27 142.29 44.13
N ASN R 342 36.63 141.01 44.07
CA ASN R 342 35.69 139.95 44.43
C ASN R 342 35.30 140.03 45.91
N HIS R 343 36.39 140.25 46.92
CA HIS R 343 36.26 140.28 48.39
C HIS R 343 35.22 141.29 48.85
N ARG R 344 35.24 142.50 48.25
CA ARG R 344 34.39 143.59 48.72
C ARG R 344 32.92 143.30 48.50
N LYS R 345 32.57 142.41 47.56
CA LYS R 345 31.18 142.15 47.26
C LYS R 345 30.50 141.40 48.40
N GLU R 346 31.13 140.33 48.89
CA GLU R 346 30.61 139.68 50.07
C GLU R 346 30.84 140.49 51.33
N LEU R 347 31.83 141.41 51.34
CA LEU R 347 31.91 142.39 52.41
C LEU R 347 30.65 143.24 52.48
N ALA R 348 30.23 143.77 51.33
CA ALA R 348 29.09 144.67 51.26
C ALA R 348 27.79 143.92 51.54
N LEU R 349 27.66 142.70 51.03
CA LEU R 349 26.48 141.89 51.33
C LEU R 349 26.43 141.49 52.79
N ASN R 350 27.59 141.21 53.40
CA ASN R 350 27.67 140.85 54.80
C ASN R 350 27.26 142.01 55.71
N THR R 351 27.78 143.21 55.44
CA THR R 351 27.41 144.36 56.25
C THR R 351 26.01 144.88 55.94
N ALA R 352 25.51 144.69 54.72
CA ALA R 352 24.13 145.03 54.41
C ALA R 352 23.15 144.10 55.12
N LEU R 353 23.46 142.81 55.16
CA LEU R 353 22.64 141.89 55.94
C LEU R 353 22.81 142.10 57.43
N PHE R 354 23.94 142.67 57.86
CA PHE R 354 24.05 143.13 59.25
C PHE R 354 23.07 144.25 59.56
N ALA R 355 22.95 145.23 58.65
CA ALA R 355 21.99 146.31 58.87
C ALA R 355 20.57 145.79 58.81
N LYS R 356 20.30 144.83 57.92
CA LYS R 356 19.01 144.18 57.88
C LYS R 356 18.72 143.38 59.14
N SER R 357 19.74 142.75 59.73
CA SER R 357 19.54 142.02 60.97
C SER R 357 19.41 142.95 62.16
N LEU R 358 20.01 144.15 62.08
CA LEU R 358 19.71 145.20 63.04
C LEU R 358 18.24 145.57 62.97
N ALA R 359 17.73 145.75 61.75
CA ALA R 359 16.30 146.05 61.57
C ALA R 359 15.42 144.90 62.02
N MET R 360 15.91 143.66 61.90
CA MET R 360 15.17 142.50 62.40
C MET R 360 15.12 142.49 63.92
N LEU R 361 16.29 142.42 64.55
CA LEU R 361 16.37 142.22 66.00
C LEU R 361 16.04 143.48 66.78
N GLY R 362 15.86 144.62 66.11
CA GLY R 362 15.31 145.78 66.78
C GLY R 362 13.80 145.76 66.92
N SER R 363 13.16 144.69 66.46
CA SER R 363 11.75 144.50 66.74
C SER R 363 11.58 143.86 68.11
N SER R 364 10.30 143.76 68.53
CA SER R 364 9.88 143.12 69.78
C SER R 364 10.53 143.75 71.01
N GLU R 365 10.72 145.07 70.95
CA GLU R 365 11.35 145.80 72.05
C GLU R 365 10.87 147.24 72.02
N ASP R 366 10.78 147.84 73.21
CA ASP R 366 10.44 149.26 73.34
C ASP R 366 11.59 149.92 74.11
N ASN R 367 12.63 150.27 73.38
CA ASN R 367 13.74 151.08 73.87
C ASN R 367 14.10 152.11 72.80
N THR R 368 13.07 152.85 72.34
CA THR R 368 12.97 153.57 71.07
C THR R 368 14.19 154.37 70.63
N ALA R 369 15.06 154.74 71.57
CA ALA R 369 16.42 155.17 71.22
C ALA R 369 17.14 154.09 70.40
N LEU R 370 16.91 152.81 70.72
CA LEU R 370 17.45 151.74 69.90
C LEU R 370 16.82 151.73 68.51
N SER R 371 15.55 152.13 68.39
CA SER R 371 14.91 152.19 67.08
C SER R 371 15.50 153.30 66.22
N ARG R 372 15.74 154.47 66.82
CA ARG R 372 16.45 155.54 66.12
C ARG R 372 17.88 155.14 65.78
N ALA R 373 18.51 154.33 66.65
CA ALA R 373 19.86 153.84 66.39
C ALA R 373 19.87 152.90 65.18
N LEU R 374 18.87 152.03 65.06
CA LEU R 374 18.65 151.24 63.86
C LEU R 374 18.51 152.13 62.62
N SER R 375 17.59 153.10 62.68
CA SER R 375 17.26 153.92 61.52
C SER R 375 18.41 154.82 61.08
N GLN R 376 19.35 155.11 61.98
CA GLN R 376 20.54 155.88 61.62
C GLN R 376 21.72 155.00 61.22
N LEU R 377 21.91 153.88 61.91
CA LEU R 377 23.01 152.96 61.63
C LEU R 377 22.88 152.23 60.31
N ALA R 378 21.67 151.82 59.93
CA ALA R 378 21.49 151.13 58.65
C ALA R 378 21.89 152.03 57.49
N GLU R 379 21.46 153.29 57.51
CA GLU R 379 21.77 154.19 56.41
C GLU R 379 23.23 154.65 56.42
N VAL R 380 23.86 154.84 57.60
CA VAL R 380 25.27 155.19 57.53
C VAL R 380 26.14 154.00 57.15
N GLU R 381 25.71 152.77 57.50
CA GLU R 381 26.37 151.59 56.98
C GLU R 381 26.25 151.53 55.46
N GLU R 382 25.09 151.90 54.93
CA GLU R 382 24.96 151.90 53.48
C GLU R 382 25.79 153.00 52.83
N LYS R 383 26.00 154.12 53.52
CA LYS R 383 26.92 155.15 53.03
C LYS R 383 28.34 154.61 52.94
N ILE R 384 28.82 153.96 54.00
CA ILE R 384 30.15 153.34 54.00
C ILE R 384 30.24 152.26 52.93
N GLU R 385 29.14 151.52 52.75
CA GLU R 385 29.04 150.45 51.77
C GLU R 385 29.25 150.97 50.36
N GLN R 386 28.45 151.97 49.97
CA GLN R 386 28.57 152.53 48.63
C GLN R 386 29.90 153.26 48.44
N LEU R 387 30.45 153.85 49.51
CA LEU R 387 31.72 154.58 49.41
C LEU R 387 32.86 153.64 49.06
N HIS R 388 33.10 152.63 49.91
CA HIS R 388 34.22 151.74 49.60
C HIS R 388 33.88 150.82 48.44
N GLN R 389 32.60 150.66 48.11
CA GLN R 389 32.22 149.89 46.94
C GLN R 389 32.62 150.62 45.66
N GLU R 390 32.30 151.93 45.56
CA GLU R 390 32.64 152.63 44.33
C GLU R 390 34.16 152.81 44.19
N GLN R 391 34.86 153.03 45.31
CA GLN R 391 36.33 153.06 45.23
C GLN R 391 36.87 151.70 44.79
N ALA R 392 36.49 150.65 45.53
CA ALA R 392 36.95 149.28 45.40
C ALA R 392 36.70 148.69 44.03
N ASN R 393 35.62 149.06 43.34
CA ASN R 393 35.62 148.63 41.95
C ASN R 393 36.42 149.62 41.10
N ASN R 394 35.96 150.88 40.97
CA ASN R 394 36.26 151.64 39.75
C ASN R 394 37.75 151.91 39.61
N ASP R 395 38.42 152.27 40.71
CA ASP R 395 39.81 152.62 40.50
C ASP R 395 40.70 151.38 40.40
N PHE R 396 40.33 150.32 41.11
CA PHE R 396 41.09 149.09 41.07
C PHE R 396 41.06 148.44 39.69
N PHE R 397 39.86 148.33 39.11
CA PHE R 397 39.75 147.66 37.79
C PHE R 397 40.25 148.59 36.68
N LEU R 398 40.30 149.90 36.94
CA LEU R 398 40.84 150.85 35.94
C LEU R 398 42.37 150.74 35.97
N LEU R 399 42.96 150.72 37.16
CA LEU R 399 44.43 150.54 37.27
C LEU R 399 44.77 149.16 36.71
N ALA R 400 43.83 148.21 36.79
CA ALA R 400 44.05 146.88 36.22
C ALA R 400 44.03 146.91 34.70
N GLU R 401 43.09 147.64 34.10
CA GLU R 401 43.11 147.83 32.65
C GLU R 401 44.33 148.60 32.20
N LEU R 402 44.78 149.55 33.02
CA LEU R 402 45.98 150.33 32.74
C LEU R 402 47.21 149.44 32.66
N LEU R 403 47.41 148.59 33.66
CA LEU R 403 48.53 147.65 33.60
C LEU R 403 48.32 146.59 32.52
N SER R 404 47.07 146.27 32.18
CA SER R 404 46.80 145.23 31.20
C SER R 404 47.18 145.68 29.79
N ASP R 405 46.68 146.83 29.35
CA ASP R 405 47.12 147.30 28.04
C ASP R 405 48.53 147.87 28.08
N TYR R 406 49.08 148.14 29.28
CA TYR R 406 50.51 148.37 29.40
C TYR R 406 51.30 147.10 29.07
N ILE R 407 50.85 145.95 29.57
CA ILE R 407 51.43 144.65 29.21
C ILE R 407 51.27 144.40 27.71
N ARG R 408 50.14 144.82 27.13
CA ARG R 408 49.95 144.72 25.69
C ARG R 408 51.00 145.56 24.95
N LEU R 409 51.25 146.76 25.44
CA LEU R 409 52.28 147.62 24.86
C LEU R 409 53.66 146.99 25.00
N LEU R 410 53.91 146.33 26.13
CA LEU R 410 55.17 145.62 26.32
C LEU R 410 55.32 144.47 25.34
N ALA R 411 54.24 143.73 25.09
CA ALA R 411 54.29 142.62 24.15
C ALA R 411 54.51 143.12 22.72
N ILE R 412 53.87 144.22 22.35
CA ILE R 412 54.08 144.70 20.99
C ILE R 412 55.43 145.37 20.82
N VAL R 413 56.06 145.88 21.88
CA VAL R 413 57.44 146.34 21.68
C VAL R 413 58.44 145.19 21.72
N ARG R 414 58.12 144.09 22.42
CA ARG R 414 58.86 142.84 22.23
C ARG R 414 58.85 142.44 20.77
N ALA R 415 57.65 142.43 20.17
CA ALA R 415 57.52 142.12 18.75
C ALA R 415 58.19 143.15 17.86
N ALA R 416 58.29 144.40 18.33
CA ALA R 416 58.96 145.44 17.56
C ALA R 416 60.45 145.17 17.42
N PHE R 417 61.15 144.90 18.53
CA PHE R 417 62.55 144.56 18.29
C PHE R 417 62.72 143.11 17.83
N ASP R 418 61.67 142.29 17.87
CA ASP R 418 61.74 141.02 17.14
C ASP R 418 61.72 141.25 15.63
N GLN R 419 60.96 142.24 15.18
CA GLN R 419 61.03 142.62 13.76
C GLN R 419 62.37 143.24 13.41
N ARG R 420 62.94 144.00 14.35
CA ARG R 420 64.31 144.49 14.18
C ARG R 420 65.30 143.34 14.09
N MET R 421 65.09 142.29 14.89
CA MET R 421 65.90 141.07 14.82
C MET R 421 65.76 140.38 13.47
N LYS R 422 64.53 140.31 12.95
CA LYS R 422 64.30 139.62 11.68
C LYS R 422 64.95 140.38 10.53
N THR R 423 64.83 141.71 10.52
CA THR R 423 65.52 142.49 9.50
C THR R 423 67.04 142.49 9.70
N TRP R 424 67.49 142.33 10.96
CA TRP R 424 68.90 142.15 11.23
C TRP R 424 69.44 140.91 10.55
N GLN R 425 68.79 139.77 10.75
CA GLN R 425 69.25 138.56 10.09
C GLN R 425 68.98 138.58 8.59
N ARG R 426 68.03 139.41 8.12
CA ARG R 426 67.86 139.63 6.69
C ARG R 426 69.10 140.25 6.07
N TRP R 427 69.59 141.38 6.63
CA TRP R 427 70.79 141.94 6.02
C TRP R 427 72.02 141.09 6.35
N GLN R 428 71.97 140.33 7.44
CA GLN R 428 73.08 139.45 7.81
C GLN R 428 73.29 138.34 6.77
N ASP R 429 72.24 137.55 6.50
CA ASP R 429 72.44 136.53 5.49
C ASP R 429 72.45 137.10 4.08
N ALA R 430 71.93 138.33 3.89
CA ALA R 430 72.09 139.02 2.62
C ALA R 430 73.56 139.29 2.32
N GLN R 431 74.30 139.87 3.27
CA GLN R 431 75.72 140.13 3.03
C GLN R 431 76.54 138.84 3.03
N ALA R 432 76.09 137.82 3.78
CA ALA R 432 76.76 136.53 3.76
C ALA R 432 76.69 135.89 2.37
N THR R 433 75.47 135.73 1.83
CA THR R 433 75.30 135.19 0.49
C THR R 433 75.91 136.08 -0.57
N LEU R 434 75.89 137.41 -0.34
CA LEU R 434 76.59 138.37 -1.19
C LEU R 434 78.05 138.00 -1.36
N GLN R 435 78.77 137.92 -0.24
CA GLN R 435 80.20 137.61 -0.26
C GLN R 435 80.46 136.26 -0.91
N LYS R 436 79.68 135.24 -0.52
CA LYS R 436 79.91 133.89 -1.00
C LYS R 436 79.67 133.75 -2.51
N LYS R 437 78.43 133.99 -2.96
CA LYS R 437 78.14 133.71 -4.36
C LYS R 437 78.71 134.78 -5.27
N ARG R 438 78.91 136.00 -4.77
CA ARG R 438 79.49 137.03 -5.63
C ARG R 438 80.98 136.84 -5.80
N GLU R 439 81.70 136.33 -4.79
CA GLU R 439 83.08 135.98 -5.07
C GLU R 439 83.19 134.68 -5.87
N SER R 440 82.20 133.77 -5.75
CA SER R 440 82.22 132.60 -6.64
C SER R 440 82.00 133.00 -8.09
N GLU R 441 81.21 134.06 -8.32
CA GLU R 441 81.14 134.64 -9.66
C GLU R 441 82.45 135.31 -10.05
N ALA R 442 83.10 136.00 -9.09
CA ALA R 442 84.27 136.80 -9.41
C ALA R 442 85.50 135.97 -9.71
N ARG R 443 85.65 134.80 -9.08
CA ARG R 443 86.86 134.00 -9.23
C ARG R 443 86.96 133.27 -10.57
N LEU R 444 85.91 133.28 -11.38
CA LEU R 444 85.94 132.64 -12.69
C LEU R 444 86.18 133.63 -13.82
N LEU R 445 87.03 134.64 -13.59
CA LEU R 445 87.25 135.73 -14.53
C LEU R 445 88.02 135.32 -15.77
N TRP R 446 88.91 134.32 -15.69
CA TRP R 446 89.73 133.95 -16.83
C TRP R 446 88.98 133.12 -17.85
N ALA R 447 87.81 132.60 -17.51
CA ALA R 447 86.84 132.26 -18.54
C ALA R 447 86.42 133.59 -19.14
N ASN R 448 86.92 133.90 -20.34
CA ASN R 448 87.01 135.26 -20.84
C ASN R 448 85.63 135.77 -21.24
N LYS R 449 84.85 136.15 -20.22
CA LYS R 449 83.57 136.82 -20.40
C LYS R 449 83.47 137.87 -19.31
N PRO R 450 83.82 139.13 -19.62
CA PRO R 450 83.82 140.17 -18.59
C PRO R 450 82.45 140.66 -18.18
N ASP R 451 81.39 140.22 -18.88
CA ASP R 451 80.03 140.63 -18.53
C ASP R 451 79.63 140.07 -17.17
N LYS R 452 80.10 138.87 -16.85
CA LYS R 452 79.90 138.31 -15.52
C LYS R 452 80.59 139.15 -14.46
N LEU R 453 81.78 139.66 -14.78
CA LEU R 453 82.48 140.56 -13.86
C LEU R 453 81.74 141.87 -13.68
N GLN R 454 81.14 142.37 -14.77
CA GLN R 454 80.38 143.62 -14.69
C GLN R 454 79.13 143.47 -13.84
N GLN R 455 78.39 142.37 -14.05
CA GLN R 455 77.17 142.18 -13.26
C GLN R 455 77.50 141.83 -11.81
N ALA R 456 78.62 141.13 -11.56
CA ALA R 456 79.04 140.87 -10.20
C ALA R 456 79.48 142.15 -9.50
N LYS R 457 80.12 143.06 -10.23
CA LYS R 457 80.49 144.36 -9.67
C LYS R 457 79.25 145.19 -9.34
N ASP R 458 78.24 145.15 -10.22
CA ASP R 458 77.00 145.87 -9.94
C ASP R 458 76.28 145.28 -8.74
N GLU R 459 76.30 143.95 -8.64
CA GLU R 459 75.72 143.26 -7.50
C GLU R 459 76.38 143.66 -6.19
N ILE R 460 77.72 143.55 -6.12
CA ILE R 460 78.42 143.87 -4.88
C ILE R 460 78.26 145.35 -4.53
N THR R 461 78.26 146.23 -5.54
CA THR R 461 78.22 147.67 -5.29
C THR R 461 76.85 148.11 -4.77
N GLU R 462 75.79 147.88 -5.56
CA GLU R 462 74.47 148.35 -5.16
C GLU R 462 73.95 147.58 -3.96
N TRP R 463 74.30 146.29 -3.86
CA TRP R 463 73.82 145.48 -2.76
C TRP R 463 74.50 145.88 -1.44
N GLU R 464 75.81 146.20 -1.47
CA GLU R 464 76.43 146.68 -0.23
C GLU R 464 75.95 148.07 0.13
N SER R 465 75.64 148.90 -0.87
CA SER R 465 75.12 150.24 -0.60
C SER R 465 73.77 150.17 0.11
N ARG R 466 72.89 149.31 -0.39
CA ARG R 466 71.58 149.20 0.25
C ARG R 466 71.64 148.47 1.58
N VAL R 467 72.57 147.52 1.77
CA VAL R 467 72.67 146.83 3.05
C VAL R 467 73.24 147.74 4.13
N THR R 468 74.27 148.53 3.79
CA THR R 468 74.79 149.52 4.74
C THR R 468 73.75 150.60 5.03
N GLN R 469 72.98 150.98 4.01
CA GLN R 469 71.83 151.85 4.21
C GLN R 469 70.83 151.25 5.19
N TYR R 470 70.61 149.93 5.07
CA TYR R 470 69.69 149.23 5.97
C TYR R 470 70.18 149.27 7.41
N GLU R 471 71.48 149.01 7.64
CA GLU R 471 71.88 148.94 9.05
C GLU R 471 72.01 150.32 9.70
N ARG R 472 72.38 151.39 8.97
CA ARG R 472 72.32 152.65 9.71
C ARG R 472 70.91 153.21 9.76
N ASP R 473 70.01 152.78 8.87
CA ASP R 473 68.60 153.06 9.12
C ASP R 473 68.08 152.25 10.30
N PHE R 474 68.68 151.10 10.60
CA PHE R 474 68.31 150.37 11.80
C PHE R 474 68.83 151.07 13.03
N GLU R 475 69.98 151.73 12.90
CA GLU R 475 70.42 152.66 13.94
C GLU R 475 69.42 153.81 14.11
N ARG R 476 68.87 154.30 13.00
CA ARG R 476 67.88 155.37 13.05
C ARG R 476 66.60 154.92 13.75
N ILE R 477 66.14 153.70 13.45
CA ILE R 477 64.92 153.26 14.08
C ILE R 477 65.19 152.87 15.54
N SER R 478 66.44 152.52 15.87
CA SER R 478 66.79 152.33 17.27
C SER R 478 66.73 153.64 18.03
N THR R 479 67.17 154.74 17.39
CA THR R 479 67.08 156.04 18.03
C THR R 479 65.63 156.48 18.19
N VAL R 480 64.77 156.24 17.20
CA VAL R 480 63.39 156.67 17.37
C VAL R 480 62.65 155.75 18.35
N VAL R 481 63.11 154.51 18.50
CA VAL R 481 62.60 153.64 19.56
C VAL R 481 63.03 154.17 20.92
N ARG R 482 64.25 154.70 21.04
CA ARG R 482 64.69 155.25 22.32
C ARG R 482 63.97 156.56 22.67
N LYS R 483 63.64 157.37 21.67
CA LYS R 483 62.77 158.52 21.92
C LYS R 483 61.38 158.08 22.32
N GLU R 484 60.88 156.99 21.74
CA GLU R 484 59.62 156.41 22.19
C GLU R 484 59.74 155.83 23.59
N VAL R 485 60.94 155.37 23.96
CA VAL R 485 61.18 154.86 25.32
C VAL R 485 61.07 156.01 26.32
N THR R 486 61.69 157.14 26.00
CA THR R 486 61.52 158.35 26.79
C THR R 486 60.05 158.78 26.86
N ARG R 487 59.32 158.58 25.75
CA ARG R 487 57.89 158.88 25.74
C ARG R 487 57.12 157.95 26.68
N PHE R 488 57.49 156.66 26.74
CA PHE R 488 56.67 155.89 27.65
C PHE R 488 57.19 155.88 29.08
N GLU R 489 58.41 156.36 29.35
CA GLU R 489 58.65 156.75 30.73
C GLU R 489 57.91 158.04 31.09
N LYS R 490 57.62 158.87 30.09
CA LYS R 490 56.73 160.01 30.36
C LYS R 490 55.32 159.52 30.67
N GLU R 491 54.85 158.46 30.00
CA GLU R 491 53.54 157.96 30.45
C GLU R 491 53.64 157.10 31.71
N LYS R 492 54.83 156.61 32.07
CA LYS R 492 55.03 156.10 33.43
C LYS R 492 54.79 157.22 34.43
N SER R 493 55.34 158.40 34.17
CA SER R 493 55.04 159.56 34.99
C SER R 493 53.55 159.91 34.96
N LYS R 494 52.91 159.71 33.81
CA LYS R 494 51.50 160.07 33.67
C LYS R 494 50.59 159.13 34.43
N ASP R 495 50.83 157.82 34.37
CA ASP R 495 49.92 156.91 35.07
C ASP R 495 50.29 156.76 36.54
N PHE R 496 51.55 157.00 36.90
CA PHE R 496 51.86 157.24 38.30
C PHE R 496 51.17 158.50 38.81
N LYS R 497 51.08 159.53 37.99
CA LYS R 497 50.29 160.71 38.31
C LYS R 497 48.81 160.39 38.36
N ASN R 498 48.35 159.41 37.58
CA ASN R 498 46.96 158.97 37.70
C ASN R 498 46.69 158.32 39.04
N HIS R 499 47.63 157.53 39.54
CA HIS R 499 47.47 157.03 40.91
C HIS R 499 47.64 158.15 41.95
N VAL R 500 48.47 159.15 41.65
CA VAL R 500 48.62 160.29 42.55
C VAL R 500 47.33 161.09 42.65
N MET R 501 46.70 161.41 41.51
CA MET R 501 45.41 162.08 41.55
C MET R 501 44.30 161.16 42.04
N LYS R 502 44.47 159.84 41.92
CA LYS R 502 43.57 158.91 42.58
C LYS R 502 43.59 159.07 44.09
N TYR R 503 44.79 159.04 44.69
CA TYR R 503 44.80 159.22 46.14
C TYR R 503 44.47 160.65 46.53
N LEU R 504 44.70 161.61 45.62
CA LEU R 504 44.28 162.98 45.85
C LEU R 504 42.77 163.07 45.99
N GLU R 505 42.02 162.55 45.01
CA GLU R 505 40.56 162.51 45.14
C GLU R 505 40.11 161.53 46.23
N THR R 506 40.92 160.53 46.56
CA THR R 506 40.56 159.60 47.62
C THR R 506 40.55 160.29 48.97
N LEU R 507 41.65 160.96 49.30
CA LEU R 507 41.72 161.76 50.52
C LEU R 507 40.68 162.87 50.51
N LEU R 508 40.50 163.54 49.35
CA LEU R 508 39.48 164.57 49.22
C LEU R 508 38.07 164.09 49.50
N HIS R 509 37.56 163.14 48.71
CA HIS R 509 36.16 162.77 48.85
C HIS R 509 35.94 161.97 50.12
N SER R 510 36.95 161.18 50.54
CA SER R 510 36.88 160.46 51.80
C SER R 510 36.75 161.41 52.97
N GLN R 511 37.62 162.42 53.01
CA GLN R 511 37.60 163.39 54.10
C GLN R 511 36.34 164.22 54.08
N GLN R 512 35.95 164.75 52.91
CA GLN R 512 34.82 165.68 52.87
C GLN R 512 33.51 164.94 53.11
N GLN R 513 33.30 163.77 52.51
CA GLN R 513 32.07 163.03 52.70
C GLN R 513 32.00 162.44 54.11
N LEU R 514 33.09 161.78 54.53
CA LEU R 514 33.19 161.15 55.84
C LEU R 514 33.00 162.15 56.96
N ALA R 515 33.88 163.16 57.03
CA ALA R 515 33.76 164.21 58.03
C ALA R 515 32.52 165.07 57.85
N LYS R 516 31.93 165.09 56.64
CA LYS R 516 30.68 165.81 56.44
C LYS R 516 29.54 165.13 57.17
N TYR R 517 29.42 163.81 57.03
CA TYR R 517 28.37 163.20 57.83
C TYR R 517 28.79 163.00 59.28
N TRP R 518 30.08 163.10 59.61
CA TRP R 518 30.47 163.24 61.02
C TRP R 518 29.91 164.54 61.62
N GLU R 519 30.16 165.67 60.96
CA GLU R 519 29.70 166.96 61.47
C GLU R 519 28.22 167.19 61.21
N ALA R 520 27.57 166.31 60.44
CA ALA R 520 26.13 166.37 60.27
C ALA R 520 25.40 165.37 61.14
N PHE R 521 26.09 164.36 61.67
CA PHE R 521 25.44 163.33 62.46
C PHE R 521 25.86 163.32 63.92
N LEU R 522 26.94 163.99 64.29
CA LEU R 522 27.17 164.29 65.70
C LEU R 522 26.21 165.33 66.28
N PRO R 523 25.83 166.43 65.61
CA PRO R 523 24.81 167.32 66.23
C PRO R 523 23.43 166.70 66.34
N GLU R 524 23.12 165.65 65.58
CA GLU R 524 21.92 164.90 65.93
C GLU R 524 22.23 163.82 66.96
N ALA R 525 23.48 163.40 67.08
CA ALA R 525 23.87 162.47 68.15
C ALA R 525 24.38 163.20 69.39
N LYS R 526 23.91 164.42 69.63
CA LYS R 526 24.10 165.02 70.95
C LYS R 526 23.42 164.17 72.02
N ALA R 527 22.07 164.07 71.97
CA ALA R 527 21.41 162.88 72.49
C ALA R 527 20.12 162.65 71.69
N ILE R 528 20.29 162.00 70.53
CA ILE R 528 19.29 161.31 69.71
C ILE R 528 20.12 160.27 68.96
N SER R 529 19.71 159.01 68.99
CA SER R 529 20.48 157.98 68.30
C SER R 529 20.08 157.86 66.83
#